data_5XXB
#
_entry.id   5XXB
#
loop_
_entity.id
_entity.type
_entity.pdbx_description
1 polymer '25S RNA'
2 polymer '5S RNA'
3 polymer '5.8S RNA'
4 polymer 'Ribosomal protein uL2'
5 polymer 'Ribosomal protein uL3'
6 polymer 'Ribosomal protein uL4'
7 polymer 'Ribosomal protein uL18'
8 polymer 'Ribosomal protein eL6'
9 polymer 'Ribosomal protein uL30'
10 polymer 'Ribosomal protein eL8'
11 polymer 'Ribosomal protein uL6'
12 polymer 'Ribosomal protein uL16'
13 polymer 'Ribosomal protein uL5'
14 polymer 'Ribosomal protein eL13'
15 polymer 'Ribosomal protein eL14'
16 polymer 'Ribosomal protein eL15'
17 polymer 'Ribosomal protein uL13'
18 polymer 'Ribosomal protein uL22'
19 polymer 'Ribosomal protein eL18'
20 polymer 'Ribosomal protein eL19'
21 polymer 'Ribosomal protein eL20'
22 polymer 'Ribosomal protein eL21'
23 polymer 'Ribosomal protein eL22'
24 polymer 'Ribosomal protein uL14'
25 polymer 'Ribosomal protein eL24'
26 polymer 'Ribosomal protein uL23'
27 polymer 'Ribosomal protein uL24'
28 polymer 'Ribosomal protein eL27'
29 polymer 'Ribosomal protein uL15'
30 polymer 'Ribosomal protein eL29'
31 polymer 'Ribosomal protein eL30'
32 polymer 'Ribosomal protein eL31'
33 polymer 'Ribosomal protein eL32'
34 polymer 'Ribosomal protein eL33'
35 polymer 'Ribosomal protein eL34'
36 polymer 'Ribosomal protein uL29'
37 polymer 'Ribosomal protein eL36'
38 polymer 'Ribosomal protein eL37'
39 polymer 'Ribosomal protein eL38'
40 polymer 'Ribosomal protein eL39'
41 polymer 'Ribosomal protein eL40'
42 polymer 'Ribosomal protein eL42'
43 polymer 'Ribosomal protein eL43'
44 polymer 'Ribosomal protein eL28'
#
loop_
_entity_poly.entity_id
_entity_poly.type
_entity_poly.pdbx_seq_one_letter_code
_entity_poly.pdbx_strand_id
1 'polyribonucleotide'
;AUCAGACCUGAAAUCAGGCGAGGUUACCCGCUGAACUUAAGCAUAUUAUUAAGCGGAGGAGAAGAAAAUAACUAUGAUUC
CCUUAGUAACGGCGAGUGAACCGGGAUCAGCUCAAAGUGGAAAUCAACUGCUCUUUCCGAGCUGUUGACUUGUAGCCUCG
AGAGGCGUUACCAGUGGAAGCGCAGGGUUAAGUUUCUUGGGAAAGAACAUCAUAGAGGGUGAGAAUCCCGUCCUUCCCCU
GCGUUUUUUGUUCCACGUACGGUACGCUUUUAUAGAGUCGCGUUCAUCGGGAUUUGAGCGCAAAAUGUGUGGUAGGUUUC
ACAUAAAGCUAAGUACUGGCGCGAGACCGAUAGCAAACAAGUACCGUGAGGGAAAGAUGAAAAGUUCUUUGGAAAGAGAG
UUAAAAGUGCCUGAAAUUGCUGAAAAGGAAGCGAUUGGGACCUUUUUGAUUCCAAGAAGUGCCGCCGGUUUGCCAUCUAU
CCCUUUGCCUUCUCUCUCUCACCAGGUUUAGGCUUUGGUUUCUUGAUGUAUUUCCGGUUCAUCUUUUUGGAGAGGUCAGC
AUCAGCUACUCGGAAUUGAUUUCGUUCAAAGAAGGUAGGUUCCUUGUGGACCGUUAUAUCUUUGUUCUUUCCUUUUCCUU
GUGGCUGAGGAGUGUUCCUGUUUCCGAGCUCCACUUUCGAGUACUCGGUUUCUGUGAUGCUGGCUUAAUCGGUUCCAACC
GACCCGUCUUGAAACACGGACCAAGGAGUCUAACAUAUGUGCGAGUAUGCGGGUUUUACUCCUGUAUGCGCAAUGAAAGU
GAGAGUAGGGAGAUUUUGCUUUGCCAUUCUUCGCACCUACGACCGACCACGAUCUCUGAGAGAGGUUUGAGUUGGAGCAU
AUCUGUUAGGACCCGAAAGAUGGUGAACUAUGCCUGAGUAGAAUGAAGUCAGGGGAAACCCUGAUGGAGGUUCGUAGCGA
UACUGACGUGCAAAUCGUUCGUCAAACUUGGGUAUAGGGGCGAAAGACUAAUCGAACCAUCUAGUAGCUGGUUUCUUCCG
AAGUUUCUCUCAGGAUAGCUGGAGUUUUGUUAGUUUUAUCAGGUAAAGCGAAUGAUUAGAGGCAUCGGGGGCGCGUCGCC
CUCGACCUAUUCUCAAACUUUAAAUGGGUAAGAUCCAGUGGUUACUUCAUUGAACUGCUGGGAUUAAUAUGAACUCCAAG
UGGGCCAUUUUUGGUAAGCAGAACUGGCGAUGAGGGAUGCUCCUAACGCUUGGUUAAGGUGCCAAAAUGCUCGCUCAUCA
GAUACCAUAAAAGGUGUUGGUUCAUUUUGACAGCAGGACGGUGGUCAUGGAAGUCGAAAUCCGCUAAGGAGUGUGUAACA
ACUCACCUGCCGAAUGAACCAGCCCUGAAAAUGGAUGGCGCUGAAGCGGGCUACCGAUACCAGGCCAUUGCUACUAAUUA
UCACUCGACCUUUUGUAGCAAUGAGUAGGAAGACGUGGGGAUUGUGACGAAGCGUUCGGCGUAAGCCUGCGUGGAACAGU
CUCUAGUGCAGAUCUUGGUGGUAGUAGCAAAUAUUCAAAUGAGAACUUUGAAGACUGAAGUGGAGAAGGGUUCCAUGUGA
ACAGCAAUUGGACAUGGGUUAGCCGGUCCUAAGCGACAGCUUAACUGCGUAUACGUUAGGUUUCUUUACCUCGUUUCGCG
AAAGGGAAUCGGGUUAAUAUUCCCGAGCCAGGACGUGGAUACUGUACGGUAACGUAAGUGAACUCCUCGACGCAGGCAGG
UGCUCCGGGAAGCGUUGUCUUUGCUUUUUAACAGCCUUUUCUUUUAUACCCUGGAAUCAGUUUAGCUGGAGAUAGGGUUA
GCUGGCUGGUAGAGCACCUUGGUUUCCAAGGUGUCCGGUGCGCUCCUGACUGCCCUUGAAAAGAGGAGGGAAAGUUGUUA
UUUACACCCCUGGCCGUACCAAUAACCGCAUCAGGUCUCCAAGGUUAGUAGCCUCUGGUCGAUAGAAUAAGGUAGAUAAG
GGAAGUCGGCAAAAUAGAUCCGUAACUUCGGGAAAAGGAUUGGCUCUGAGGGCUGGGUACAUUGCGCCCCAGUGGCCUGU
AUUUGACGGAGCUUGGGACUGCUUCAUGCUUCGCGGCGUGUUGCGGACCCGAGCACUGUCUGUAUUGCGCUCUGGGGAAA
AGGUCCAUCUCCCUUUCCGGGGUCUUGGGCUGUGCGUGUACGGUGAACAGCUAACUCAGAACUGGAGCGGACAAGGGGAA
UCCGACUGUUUAAUUAAAACAAAGCAUUGCGAUGGCCAUAACUGGUGUUGACGCAAUGUGAUUUCUGCCCAGUGCUCUGA
AUGUCAAUGUGAUGAAAUUCAAUCAAGCGCGGGUAAACGGCGGGAGUAACUAUGACUCUCUUAAGGUAGCCAAAUGCCUC
GUCAUCUAAUUAGUGACGCGCAUGAAUGGAUUAACGAGAUUCCCACUGUCCCUAUCUACUAUCUAGCGAAACCACAGCCA
AGGGAACGGGCUUGGCAGAAUCAGCGGGGAAAGAAGACCCUGUUGAGCUUGACUCUAGUCCGACUUUGUGAAAUGACUUA
GGAGGUGUAGCAUAAGUGGGAGCUUCGGCGCUCGUGAAAUACCACUACUCUUAAUGUCGUUUUACUUAUUCCGUUAAGUU
GAGACUCAUGCUCUGCAUGUGUUUUGGUUUUAAGGUGGCUUUUGCCGCUGAUCUACGCGGAAGACACAGUCAGGUUGGGA
GUUUGGCUGGGGCGGCACAUCUGUGAAACAAUAGCGCAGGUGUCCUAAGGCAAGCUCAAUGAGAACAGAAAUCUCAUGUU
GACCAAAAGGGGAAAAGCUUGCUUGAUUUUGAUUUUCAGUACGAAUACAAACUGUGAAAGCAUGGCCUAUCGAUCCUUUA
GGUCUGAGAAACUUUCAGCUAGAGGUGUCAGAAAAGUUACCACAGGGAUAACUGGCUUGUGGCAGCCAAGCGUUCAUAGC
GACGUUGCUUUUUGAUCCUUCGAUGUCGGCUCUUCCUAUCAUUGAGACGCAGAAGUCUCAAAGUGUCGGAUUGUUCACCC
GCCAAUAGGGAACGUGAGCUGGGUUUAGACCGUCGUGAGACAGGUUAGUUUUACCCUACUGAUGACUUGAUACUGCGACA
GUAAUCCAACUUAGUACGAGAGGAACAGUUGGGUCGGAUACUUGGUAAAUGCGGCUAGCUGAAAAGCUAGUGCCGCGACG
CUACCAUCCGUUGGAUUAUGACUGAACGCCUCUAAGUCAGAAUCCAUGCUGGAUAUGCAGUGUUAUUCACCGCCUCCUUU
GUUUCAUGCAAUGAUACAGGCCUCUGGCCUGCUUCUCAUCAAAGCCCUCCGCUUCAUGCUUUUGGGCGAGAAUCUCAAUU
UCUAACAUUGGAGGUGAUACAUCCAUUGCAGACGACUUUGUUGCAACCGGGUAUUGUAAGUAUGAGAGUAGGCUUGUCUA
CGAUCUACUAAGAUUUUUCCUGCGUUGUUCGAUGUGG
;
1
2 'polyribonucleotide'
;GCUGUCGGUCAUACUGCGUCGAAUACACCGGAUCCCUUCAGACCUCCGAAGUUAAGCGGCGCAAGGCCCGGUUAGUACUU
GGGUGGGGGACUCCCAGGGAAUACCCUCGGGUGCUGACAGCUUU
;
3
3 'polyribonucleotide'
;AAAUUUUCAGCAAUGGAUGUCUUGGCUCGCGCAACGAUGAAGGACGCAGCGAACUGCGAAACGCAAUGUGAAUUGCAGAA
UUCAGUGAAUCAUCAGAUUUCUGAACGCAAAUGGCACCUUGGGGAUAUUCUCCUUGGUACGUCUGUUUCAGUGUCUUU
;
4
4 'polypeptide(L)'
;MGRVIRAQRKGRGSVFRAHTHKRKGEAKLRPLDFAERRGYIKGLVKDILHDPGRGAPLAEVSFRDAYRYKLNKQRMVAVE
GMYTGQFIYCGKNAALTIGNILPLNKMPEGTVVSNVEEKAGDRGTLARTSGTYATIVGHSDDGSKTRIRLPSGARKTVSG
YSRGMVGIVAGGGRIDKPMLKAGNAYHKYKVKRNCWPKVRGVAMNPVEHPHGGGNHQHIGHPSTVSRMAAPGQKVGLIAA
RRTGLLRGGRKTKLAGKSQE
;
A
5 'polypeptide(L)'
;MSHRKFERPRHGSLGFLPRKRCKRHRGKVKAFPKDDPSKPPHLTAFMGYKAGMTHVVRELDKPGSKLHKKEIVEAVTVVD
TPPMVCVGVVGYIETPRGLRALVTVWAGHLSDECKRRFYKNWYKSKRKAFTKYAKRYGDNNKMEAELTRMKNYCSVIRAI
CHTQPSKTPIGSKKAHVMEIQVNGGSIAEKVDFCTKMFETAVPVKAVFTEGEMIDVIGVTKGHGVKGVVSRWGVTRLPRK
THRGLRKIACIGAWHPARVQFQVPRHGQKGYFHRTEMNKKVYRVGNGADPRNATTESDLTEKRITPMGGFPHYGTVNNDF
LLLKGCIVGCKKRPITFRKTLVPRTTRRALEPVNLKFIDTSAKWGHGRFQTSEEKAKFYGPLKSRAAAM
;
B
6 'polypeptide(L)'
;MATARPLVSVYKPEDGTASGTSLMPSVFLSPLRPDLVRFVHTNMAKNRRQPYGVAPNAGYQTSAESWGTGRAVSRIPRVP
GGGTHRAGQAAFGNMCRGGGMFAPNKTWRRWHRKVNVTQKRHAVASAVAATGLPALVMARGHRIDEVPELPLVVSEKLEK
VSKTREAVKILETLGCTAELERVRASAKKLRAGKGKMRGRRTHMRRGPLVVYAEDNGVTRAFRNIPGVELCKVDSLNLLQ
LAPGGALGRFCLYTASAFKRLQLLFGRHTGTGTAQLKKGYHLPRALMSNADLSRIVNSEEIQRVVRPARVAPQKKRGQKK
NLLKNHAVLCRVNPAARNLKILARLAQTEGTKQRALVLRKKQANREEHKKHRQSARRFAAEIRQAFSDKMAAELEAAARR
KAEEAGAIAQASAEEE
;
C
7 'polypeptide(L)'
;MAFVKALKNKAYFKRYQVKYRRRRQGKTDYAARRALVLQDRNKYNAHKHRLVVRLTNKRIICQVVYSTIEGDRVLATAES
TELPRYGVKIGLTNYAAAYCTGLLLARRVLKQLGMSETFEGVEATGEEYHIEENFGERRPFKVLLDVGIVRTTVGNRVFG
AMKGAADGGLHVPHGIKKFPGYSKPEGEGEGSYDPEAHRARILGLHVADYMRQLKEEDPEKYSAQFSQYIKNKIEADDIE
AMYKNAHAQIRKNPDAVKKERAANVQNVRQGNVIKTAKGQYVRHVKLTKAQRRERVQQKIAMIAEQMAEA
;
D
8 'polypeptide(L)'
;MAPTAAALAKKRLRTRKPKRQLYKSPAGAAKRMAKLRSSITPGTVLILLSGGHRGKRVVFLKQLAPSGLLLVTGPFKVNG
VPLRRVNQRYVIATTTKVDISGVDVSSIKDEQFGASKKEKFAERKLRKKQDEGMFVQQSDSKAKQALPAQFKQLQDSVDK
ALLASLSKDKLLTQYLKTRFTLRGNMRPHEMKF
;
E
9 'polypeptide(L)'
;MADRYSVKLLRPMEGVPVPERTKTKIARDVKLLNKMKQAKEAHAKKVHAQRHALKMRTYKYVSEYRKERENLIKLKREAK
AKGGFYKEPEAKVILATRIKGINKLAPKPKMILRLFRLRQLHNAVFIKVNKATIEMLKAVQPFITYGYPTLKTIRQLIYK
RGYAKVGKPGAHSRIRLQANDIVSQHLGKYGIHGVEDLVHEIYTCGPYFKQANNFLWPFKLNSPRKGFTSKRHGYNEPRK
GDWGNREEMINELVQRMI
;
F
10 'polypeptide(L)'
;MASMKKGSAAAKGSSGGKKKLPAAPLAGKSGKKVQKSPIFAKTPRSFRVGGNIQPRRDLSRFVKWPKYILLQRQRRVLMQ
RLKVPPAINQFTHTLDKNQTSQLMRLLAKYKPETRAEKKQRLLQEAERQSAGGAAGGKKPVMIKYGINHVTDLIEIKKAK
LVVIAHDVTPVELVCFIPQLCRKKEVPYCIVKGKSRLGQLVHQKNCPVLAIDNVRKEDQAELEAQCKIYRAMFNDNSEVR
RRWGGGINGIKSQHAQQKKEKLINIELKKKMGLQLA
;
G
11 'polypeptide(L)'
;MKSVYACETITIPAGVTVDVKSRVVTVKGKYGEITRAFRHLPVDIQKTKSGNRLKVEMWYGTCTDLSCIRTLCSHIKNMF
TGVMKKFQYKMRFVYAHFPINVNISGNGTVVEIRNFLGEKRVRIVKMLPGVKCEKATNVKDEIALTGTDVELVSRSAALI
HQSTLVRRKDIRKFLDGIYVSETSTVEQDA
;
H
12 'polypeptide(L)'
;MGRRPARCYRYCKNKPYPKSRFCRGVPDAKIRIYDAGRKRADVDEFPGVAHLVSDEYEQISSEALEAARVCANKYMIKNC
GKDNFHLRIRVHPFHVLRINKMLSCAGADRLQTGMRGAFGKPMGLVARVDIGQILMSIRTRESNVATAVTALRRAAFKFP
GRQKVFVSNKWGFTKFTKVEYKKWQAEGRIVSDGVGAKWISTKGPLANTFPSAADITLPVA
;
I
13 'polypeptide(L)'
;MVKKGEENPMRKIRIEKLTLNICVGESGDRLTRAARVLEQLTGQRPQFSKARFTIRSFGIRRNEKIACYVTVRGKKAEDI
LEKGLKVKEYELKKKNFSDSGNFGFGIQEHIDLGIKYDPSTGIYGMDFYVQLTRPGNRVAHRKRARGRVGHSHRVTKEDS
IKWFQQTYDGIVLNH
;
J
14 'polypeptide(L)'
;MQVDTGFTKSISVHWSLLPLSSDSVGLHNFLSRPQNMRCDITRGVDESSIFRCGSRLLLFRRVTAGGARLAQRKGNSTAF
RGAPYGCSTLHPDNFLLFLSVSLSQISASWTQHLGRASAEHLLVPAISWRKQSLSVVCFSSVKMVSKNNVLPNVHLHKWW
QRYVKTWFNQPGRKQSRRLRRQEKAAKLGVVPSGLLRPIVHPPTQRYNLKVRAGRGFTLEELKSVGLSPRVALSIGVAVD
HRRRNRSAESLNANVTRLKAYLAKLVLFQRGSKAKKGLAGIPADTPKSQIQNVKHVKISTAMPIPKASKRCKPRAITAEE
QKFMAYATLRKALRDCKNVGKHEKKLAAEKEANQK
;
K
15 'polypeptide(L)'
;MGLFTRYYQPGRLCVVQYGPDAGKLCFVVDIINQTRVLVDGAGVTGVKRQSMPVRRIALTDQYLKIPRSVRSATLKKALE
KDDVIAKFNQSSWGKRRLAKEQRANMSDFDRFKLMVILKQRRKVMQQKLKSLKK
;
L
16 'polypeptide(L)'
;MGAYKYLEELWKKKQSDVLRFLLRVRTWEYRQLPAVHRCTQSTRPDKARRLGYKKKQGFVIYRVRVRRGDRKKQVHKGIV
YGKPKNQGVRKQKSTRNLRAVAEEKVGRKICGGLRVLNSYWVGQDAVYKYYEVILVDPAHNAIRNDPRINWLCKPVMKHR
ECRGLTSAGKKYRGLRTKGSGAARLRPSRRACWKKRQAVRLRRYR
;
M
17 'polypeptide(L)'
;MWALRMYRLIFCATRGRPRRACVGSFRRTEEISSFLCLLFFCCLERRSSEKRVQLSKDLFTRRFSKMTFKKVVVIDCQGH
LLGRLASVVAKELLKGQQIICVRCEDINISGSLHRNRLKYQRFLRLRMNSNPRRGPYHLRAPSRILWRTIRGMLRHKVER
GQKALARLQVYEGVPTMVERKKRMVVPSALRIVRLKPKRNFCRLGDLSSQVGWSHGDLVARLEEKRKTRSSAYYQKKKER
TKMQTEAKQFAQTTLPKDQVAFLQQYGHA
;
N
18 'polypeptide(L)'
;MVKYAKEPSNENKCCKAFGQDLRVHFKNTHATVQAIKKDKKGNPMKLSAAKKFLEDVMEKKRCVPFRKFTGCIGRKAQAK
EFKHTQGRWPVKSCKFVLDLLRNAESNAEMKNLDVDNLVIEHIQVNRAPKGRRRTYRAHGRINPYMSQPCHIEVILREQE
QAVEKPSVEGVKAKTIRLTKKALARSRVRVGGGSN
;
O
19 'polypeptide(L)'
;MGIDLERNGRKKKGGRRTVKSQNPYLRLLVKLYQFLARRTNSRFNAVVLKRLMNPKRLKAPMSLSKLARHMKGKEDHIAV
LVGSVTDDIRMVHAPKLTVCALRFSETARRRLEKAGGECLTFDQLALRRPKGSKCVLLRAATKSREADKHFGAAPGTPGS
KARPYVRSTGRKFEKARGRRKSRGYKN
;
P
20 'polypeptide(L)'
;MSLQLQKRLAASILKCGRRRVWMDPNEASDISMANSRFSIRKLVKDNLIIRKAVAVHSRYRVRLYHEAKRAGRHMGKGKR
KGTREARLPAKVLWMRRQRVLRRLLKKYRDSKKIDKHMYHSMYMRCKGNQFKNKRVLIEAIHNEKNLKLKEKALQEQLEA
RKSKAAAQKEKRRMKELKKEADSPASA
;
Q
21 'polypeptide(L)'
;MKADPTLQQKISQYQVVGRKQPTEAEPNPSLFRMRLFARNKVLAVSKFWYLLKKMKKVKKSTGEILAVNEIREKRPTFVK
NFGVWLRYDSRTGTHNMYKEVRDISQNGAVSQLYAEMAGRHRALPSNIQIIRVAEIKASQCRRAHMQQLFDSKLKLPAIR
RIFPTPKDKKSVFCARKPTLFLH
;
R
22 'polypeptide(L)'
;MPTSFGKRARTRQKFSKGFRRHGMPAVSRLLVIHKKGDYVDIVCDPSVQKGMPYSYYHGRTGIVFNVTQRAVGVEVNKVV
GNRVIKKRIHVRLEHVRKSRCNELFLRRVKENDAAHHEAHLKGESIKTKRQIPGPKPGCFVSGTMEVLEPAPFVESY
;
S
23 'polypeptide(L)'
;MAKAHMRAAGSGRGAGGKKGAAAKPVKVKFTVDCQKPVDDNIIEAKGLERFLQTHIKVDGKCNNLGDRVQVSREKAKVFV
TAELPFSKRYIKYLTKKYLKKQMLRDFMRVVSSRDTVYELRYFQMPQEDETAA
;
T
24 'polypeptide(L)'
;MKRGRGGVGGSKMRVTLGLPVGALINCCDNSGAKNLYIIAVKGWGSCLNRLPACSLGDLVLATVKKGKPDLRKKVHMAII
VRQRRAWRRAEGYFIYFEDNAGVVANNKGEMKGSAVTGPVGKECAELWPKISAAATAIC
;
U
25 'polypeptide(L)'
;MSAVKTTIKTDMCSFSEYRIYPGRGQRFVAKDGKVHTFIHRKEASLFRQKIKPVKLHWTLVWRRMNKKGGKDAVNKRRSR
KATKTVQKAIVGLSLEDIKRTRAQKPETKAKSATAVKDAKEKSKKSKAAGVRPQSGPAQKVQIPKQQKQATRGRK
;
V
26 'polypeptide(L)'
;MAPKAGASAGAKASAKKAVAGKVKKAQQAAKGLKASSSFKKARVRTNVHFFRPHTLRKSRQPKVVRRCYEAATCTFPKLA
KTDKYTIVRQPLTTESAMKKIEETNTLVFLVDPRSNKRQIKQAVKELYDVDTQRVNTLIRPDGLKKAYVRLTSDYDALDV
ANKIGII
;
W
27 'polypeptide(L)'
;MKFSSQVSSSRRKSRKAHFSAPSSVRRKIMTAPLCKELRKKYNVRSLPIRKDDEVMVVRGHHHDREGKVTKVYRKKWVIH
IERVTRDKANGETVTIGIHPSKVVITKAKLDKDRKALLERKSRATTKGKYTEKDVAMSQVD
;
X
28 'polypeptide(L)'
;MVKLLKSGRVVVVLNGRHAGKKGVVVNTWEGSKERQFAFCLVAGIEKAPLKVHKKMPAKKIEKRMRVKPFLKYINVNHLM
PTRYTVSSDMDVKTMVPEDAMRTVDDRKAAKKGLKKIFYEKFTNPVNEKVGKVSKDLLFLRKKLRF
;
Y
29 'polypeptide(L)'
;MTTRLRKTRKRRGHVSAGYGRVGKHRKHPGGRGKAGGMHHMRINYDKYHPGYFGKVGMRHYHLLKNQYTCPTVNVDKLWS
LVSPATLEKAEQSKDKAAVIDVTKSGYFKVLGKGDLPKIPVIVKARFFSKIAEKKIKAAGGACVLTG
;
Z
30 'polypeptide(L)' MAKSKNHTNHNQNKKAHRNGIKKPQRKRKMSTKGMCPKFLRNQRACKRGMMKSD a
31 'polypeptide(L)'
;MAKKAKKSGSEGINSRLQLVMKSGKVNLGCKTAIHALRTGKAKLIIISNNCPALRKSEIEYYAMLSKCGVHHYHGDNNEL
GTACGKLFRVSCLAVTDPGDSDIIRSVE
;
b
32 'polypeptide(L)'
;MKGTTRKAQNKSLQPVCRDYTIHLHKLIHGIQFKKRAPRALREIRRFAQKTMHTKDVRIDTKLNKFIWSGGIRNVPRRVR
VRIARRRNDDEDSKEKFYTLVQHVPVASFENLKTEYVNEE
;
c
33 'polypeptide(L)'
;MAPVSTVKRSIVKKRVKSFPRFQSDRYKRVKSSWRKPKGIDCRVRRKFKGTNTMPNIGYGSNKKTRHMLPNGFFKFLVSS
PKDIELLLMHNTKFAAEIAHNISSRKRREILERADQLNVLVLNRSARLDTAEDE
;
d
34 'polypeptide(L)'
;MKKSGTKQPVRLYVRGIVLGYKRSKVNQYPSCSLLQLEGVNDRKDTQFYLGKRVAYVYKAKTEKQGSKYRVIWGRIRRPH
GNGGIVRAKFRSNLPPSSIAGRVRVFLYPSNI
;
e
35 'polypeptide(L)'
;MAPRLVYRRHNHYATGSNRVRRVRTPGAKVVFHNVGKQPSRPKCGNCHRALPGIPAVAPHRLRLLKKRERTVHRAYGGSR
CHACVRERIVRAFLVEEQKCVKQVLQVKEKQKKDEMKAESKKSKQKKSSKTAKA
;
f
36 'polypeptide(L)'
;MVKIRAYELRGKSQKELVKQLEDLKKELAQLRVAKVTGSAASKLSKVTEVRKGIARVLTVYTQKQREEARAAFKGKKFIP
NDLRAKKTRAIRRRLTASQTRKMTVRKMKRTQNVPKRKFALIA
;
g
37 'polypeptide(L)'
;MSGIAVGLKRGYVVTKKATPARPSRRPRKLSPRMSSIREIIRQVAGFAPYERRIIELLKIGTAATTKRALKFAKKRLGTH
RRGKGKREELQNVVSAQRRKA
;
h
38 'polypeptide(L)'
;MGKAGKGTGSFGKRHGKTHFLCIRCGRRAYHTQKKTCGACGYPNAKKRTYNWSEKAKRRHTTGTGRCRHLKDMPRRAKNN
FREGTKATPVKKRKTQQK
;
i
39 'polypeptide(L)'
;MAKEIRDLRKFLLTARRPDAKRVTIVRQHKKPRATGGGASTVTKFKIRCSRYLYTFVVEDREKAQKLEGSLPPSLEKVSI
PGKK
;
j
40 'polypeptide(L)' MGSIKGLSLKKHLGRKQKQNRPIPPWIRMRTGSKIRYNAKRRHWRRTKLGM k
41 'polypeptide(L)'
;MQIFVKTLTGKTITLDVEPSDTIENVKAKIQDKEGIPPDQQRLIFAGKQLEDGRTLSDYNIQKESTLHLVLRLRGGIIEP
SLALLAQKYNCEKKVCRKCYARLPPRATNCRKKKCGHSNQLRPKKKPKN
;
l
42 'polypeptide(L)'
;MVNVPKLRNTFCKGPKCRKHQPHKVSQYKKGKDSLVVQGKRRYDRKQKGFGGQTKPIFRKKAKTTKKIVLKLECTKCKTK
RLLPIKRCKSFELGAEKKSKGGPGY
;
n
43 'polypeptide(L)'
;MAKRTKKVGVVGKYGTRYGASLRKQVKKIELQQHAKYSCPFCGKMATKRQAVGIWKCRGCSKVMTGGAWTLQTAAAATVR
STVARLRKQAGEAQAA
;
o
44 'polypeptide(L)'
;MVSSELLWQCVRRNHCFIRKFNGITLSAERMNLTNKNTLKYSGIAHKQPLGLNRHGANNGCIALVTVQKCSRAMRKPTRA
VQVRKFKKSKKEMSKVMKAVAERRPDLLKVANKKMKKLIRTGNSSNKKE
;
p
#
# COMPACT_ATOMS: atom_id res chain seq x y z
N GLY D 2 -5.18 14.50 30.70
CA GLY D 2 -6.25 13.68 31.33
C GLY D 2 -5.78 12.89 32.54
N ARG D 3 -6.60 11.94 32.94
CA ARG D 3 -6.45 11.15 34.18
C ARG D 3 -6.61 11.96 35.45
N VAL D 4 -7.27 11.33 36.41
CA VAL D 4 -7.70 11.97 37.64
C VAL D 4 -6.61 11.75 38.69
N ILE D 5 -6.33 12.77 39.48
CA ILE D 5 -5.22 12.76 40.43
C ILE D 5 -5.71 12.07 41.70
N ARG D 6 -4.81 11.40 42.44
CA ARG D 6 -5.21 10.69 43.65
C ARG D 6 -5.67 11.59 44.81
N ALA D 7 -5.37 12.89 44.72
CA ALA D 7 -6.13 13.94 45.42
C ALA D 7 -7.62 13.89 45.13
N GLN D 8 -7.97 13.87 43.84
CA GLN D 8 -9.37 13.81 43.39
C GLN D 8 -10.07 12.47 43.62
N ARG D 9 -9.32 11.37 43.53
CA ARG D 9 -9.90 10.03 43.76
C ARG D 9 -10.30 9.77 45.22
N LYS D 10 -9.80 10.58 46.15
CA LYS D 10 -10.03 10.36 47.58
C LYS D 10 -11.46 10.67 48.06
N GLY D 11 -12.10 11.65 47.44
CA GLY D 11 -13.51 11.93 47.70
C GLY D 11 -14.47 10.89 47.15
N ARG D 12 -14.04 10.17 46.12
CA ARG D 12 -14.91 9.18 45.46
C ARG D 12 -15.32 8.03 46.38
N GLY D 13 -14.53 7.78 47.43
CA GLY D 13 -14.87 6.84 48.49
C GLY D 13 -14.08 5.57 48.28
N SER D 14 -14.79 4.46 48.08
CA SER D 14 -14.22 3.22 47.53
C SER D 14 -13.04 2.71 48.37
N VAL D 15 -11.82 3.03 47.93
CA VAL D 15 -10.62 2.43 48.50
C VAL D 15 -9.94 3.35 49.53
N PHE D 16 -10.38 4.61 49.60
CA PHE D 16 -9.85 5.60 50.55
C PHE D 16 -10.75 5.83 51.77
N ARG D 17 -11.72 4.94 51.98
CA ARG D 17 -12.59 5.02 53.17
C ARG D 17 -11.83 4.60 54.42
N ALA D 18 -12.37 4.97 55.57
CA ALA D 18 -11.72 4.73 56.86
C ALA D 18 -11.94 3.30 57.33
N HIS D 19 -10.92 2.74 57.98
CA HIS D 19 -10.94 1.34 58.41
C HIS D 19 -11.51 1.23 59.82
N THR D 20 -12.83 1.12 59.91
CA THR D 20 -13.57 1.39 61.15
C THR D 20 -13.87 0.15 62.01
N HIS D 21 -13.46 -1.03 61.56
CA HIS D 21 -14.16 -2.26 61.91
C HIS D 21 -13.97 -2.67 63.38
N LYS D 22 -12.73 -2.65 63.85
CA LYS D 22 -12.42 -2.99 65.24
C LYS D 22 -12.33 -1.78 66.18
N ARG D 23 -12.69 -0.59 65.68
CA ARG D 23 -12.90 0.58 66.55
C ARG D 23 -14.12 0.40 67.45
N LYS D 24 -14.01 0.87 68.69
CA LYS D 24 -14.94 0.54 69.75
C LYS D 24 -15.84 1.73 70.09
N GLY D 25 -16.61 2.16 69.09
CA GLY D 25 -17.71 3.10 69.29
C GLY D 25 -17.27 4.56 69.29
N GLU D 26 -18.12 5.43 68.77
CA GLU D 26 -17.82 6.86 68.69
C GLU D 26 -17.83 7.49 70.08
N ALA D 27 -16.76 8.20 70.42
CA ALA D 27 -16.54 8.68 71.77
C ALA D 27 -17.24 10.03 71.95
N LYS D 28 -17.98 10.16 73.05
CA LYS D 28 -18.92 11.28 73.25
C LYS D 28 -19.14 11.53 74.74
N LEU D 29 -19.68 12.70 75.05
CA LEU D 29 -20.25 12.98 76.37
C LEU D 29 -21.70 12.52 76.42
N ARG D 30 -22.25 12.47 77.63
CA ARG D 30 -23.59 11.93 77.87
C ARG D 30 -24.65 12.94 77.40
N PRO D 31 -25.63 12.52 76.58
CA PRO D 31 -26.51 13.48 75.89
C PRO D 31 -27.37 14.32 76.85
N LEU D 32 -27.33 15.66 76.63
CA LEU D 32 -27.84 16.66 77.62
C LEU D 32 -29.22 16.35 78.22
N ASP D 33 -29.25 15.98 79.48
CA ASP D 33 -30.46 15.53 80.18
C ASP D 33 -31.06 16.69 81.00
N PHE D 34 -32.20 16.44 81.63
CA PHE D 34 -32.67 17.20 82.79
C PHE D 34 -31.71 17.12 83.97
N ALA D 35 -31.27 15.91 84.30
CA ALA D 35 -30.44 15.66 85.49
C ALA D 35 -29.13 16.44 85.47
N GLU D 36 -28.50 16.51 84.30
CA GLU D 36 -27.23 17.21 84.13
C GLU D 36 -27.34 18.73 84.27
N ARG D 37 -28.50 19.30 83.96
CA ARG D 37 -28.69 20.75 83.97
C ARG D 37 -29.56 21.27 85.13
N ARG D 38 -29.92 20.41 86.09
CA ARG D 38 -30.55 20.84 87.35
C ARG D 38 -29.93 20.10 88.53
N GLY D 39 -28.61 19.99 88.55
CA GLY D 39 -27.89 19.12 89.48
C GLY D 39 -26.93 18.23 88.74
N TYR D 40 -26.74 17.00 89.25
CA TYR D 40 -25.66 16.13 88.78
C TYR D 40 -26.02 14.66 88.86
N ILE D 41 -25.21 13.84 88.19
CA ILE D 41 -25.48 12.43 87.99
C ILE D 41 -24.18 11.63 88.13
N LYS D 42 -24.15 10.69 89.08
CA LYS D 42 -22.93 9.96 89.43
C LYS D 42 -22.66 8.85 88.42
N GLY D 43 -21.63 9.03 87.60
CA GLY D 43 -21.04 7.95 86.82
C GLY D 43 -20.09 7.08 87.63
N LEU D 44 -19.79 5.90 87.09
CA LEU D 44 -18.70 5.05 87.57
C LEU D 44 -17.89 4.53 86.38
N VAL D 45 -16.58 4.75 86.42
CA VAL D 45 -15.67 4.24 85.40
C VAL D 45 -15.46 2.75 85.61
N LYS D 46 -15.90 1.95 84.65
CA LYS D 46 -15.81 0.49 84.68
C LYS D 46 -14.59 -0.04 83.93
N ASP D 47 -14.29 0.54 82.78
CA ASP D 47 -13.19 0.09 81.94
C ASP D 47 -12.40 1.25 81.36
N ILE D 48 -11.13 0.99 81.02
CA ILE D 48 -10.32 1.89 80.20
C ILE D 48 -9.72 1.08 79.03
N LEU D 49 -9.88 1.61 77.82
CA LEU D 49 -9.76 0.86 76.58
C LEU D 49 -8.82 1.56 75.64
N HIS D 50 -7.96 0.79 74.97
CA HIS D 50 -7.29 1.27 73.77
C HIS D 50 -8.25 1.16 72.60
N ASP D 51 -8.75 2.31 72.13
CA ASP D 51 -9.39 2.38 70.82
C ASP D 51 -8.31 2.47 69.74
N PRO D 52 -8.34 1.56 68.74
CA PRO D 52 -7.34 1.63 67.67
C PRO D 52 -7.60 2.79 66.70
N GLY D 53 -6.53 3.27 66.09
CA GLY D 53 -6.57 4.47 65.25
C GLY D 53 -6.79 5.78 66.00
N ARG D 54 -6.42 5.82 67.28
CA ARG D 54 -6.24 7.08 68.00
C ARG D 54 -5.29 6.94 69.20
N GLY D 55 -4.68 8.06 69.57
CA GLY D 55 -3.76 8.12 70.71
C GLY D 55 -4.43 8.05 72.06
N ALA D 56 -5.59 8.68 72.19
CA ALA D 56 -6.33 8.71 73.46
C ALA D 56 -6.89 7.34 73.83
N PRO D 57 -6.89 7.00 75.13
CA PRO D 57 -7.82 6.03 75.70
C PRO D 57 -9.27 6.47 75.70
N LEU D 58 -10.18 5.50 75.71
CA LEU D 58 -11.58 5.71 76.05
C LEU D 58 -11.89 5.11 77.41
N ALA D 59 -12.47 5.92 78.30
CA ALA D 59 -13.13 5.41 79.50
C ALA D 59 -14.55 4.96 79.14
N GLU D 60 -14.93 3.78 79.65
CA GLU D 60 -16.30 3.29 79.60
C GLU D 60 -16.98 3.50 80.96
N VAL D 61 -18.10 4.23 80.95
CA VAL D 61 -18.69 4.81 82.15
C VAL D 61 -20.14 4.35 82.28
N SER D 62 -20.55 4.02 83.52
CA SER D 62 -21.83 3.35 83.78
C SER D 62 -22.73 4.22 84.65
N PHE D 63 -23.64 4.94 84.01
CA PHE D 63 -24.66 5.73 84.71
C PHE D 63 -25.91 4.91 84.97
N ARG D 64 -26.62 5.26 86.04
CA ARG D 64 -28.01 4.80 86.26
C ARG D 64 -28.95 5.68 85.44
N ASP D 65 -29.93 5.05 84.78
CA ASP D 65 -30.98 5.78 84.07
C ASP D 65 -31.97 6.39 85.06
N ALA D 66 -32.44 7.59 84.75
CA ALA D 66 -33.34 8.34 85.65
C ALA D 66 -34.78 7.82 85.61
N TYR D 67 -35.23 7.35 84.44
CA TYR D 67 -36.65 7.11 84.17
C TYR D 67 -37.02 5.64 84.23
N ARG D 68 -36.21 4.79 83.60
CA ARG D 68 -36.40 3.34 83.62
C ARG D 68 -35.51 2.67 84.67
N TYR D 69 -35.67 1.35 84.82
CA TYR D 69 -34.82 0.54 85.70
C TYR D 69 -33.42 0.30 85.14
N LYS D 70 -33.26 0.34 83.82
CA LYS D 70 -32.03 -0.12 83.16
C LYS D 70 -30.81 0.76 83.44
N LEU D 71 -29.64 0.27 83.03
CA LEU D 71 -28.35 0.88 83.36
C LEU D 71 -27.61 1.22 82.06
N ASN D 72 -27.37 2.51 81.83
CA ASN D 72 -26.80 2.99 80.56
C ASN D 72 -25.28 2.94 80.58
N LYS D 73 -24.66 3.02 79.40
CA LYS D 73 -23.20 3.02 79.28
C LYS D 73 -22.73 3.93 78.14
N GLN D 74 -22.09 5.04 78.53
CA GLN D 74 -21.44 5.94 77.58
C GLN D 74 -19.93 5.69 77.57
N ARG D 75 -19.31 5.97 76.42
CA ARG D 75 -17.85 5.91 76.25
C ARG D 75 -17.29 7.30 75.95
N MET D 76 -16.52 7.85 76.88
CA MET D 76 -15.87 9.16 76.71
C MET D 76 -14.45 8.99 76.20
N VAL D 77 -13.85 10.11 75.78
CA VAL D 77 -12.40 10.23 75.67
C VAL D 77 -11.82 10.57 77.04
N ALA D 78 -10.85 9.78 77.49
CA ALA D 78 -10.40 9.80 78.87
C ALA D 78 -9.39 10.92 79.10
N VAL D 79 -9.81 11.90 79.88
CA VAL D 79 -8.88 12.77 80.61
C VAL D 79 -7.94 11.94 81.50
N GLU D 80 -6.69 12.36 81.58
CA GLU D 80 -5.68 11.61 82.31
C GLU D 80 -5.75 11.91 83.82
N GLY D 81 -5.30 10.94 84.61
CA GLY D 81 -5.55 10.92 86.05
C GLY D 81 -6.92 10.37 86.39
N MET D 82 -7.26 9.25 85.75
CA MET D 82 -8.62 8.71 85.75
C MET D 82 -8.54 7.19 85.74
N TYR D 83 -9.12 6.57 86.76
CA TYR D 83 -8.79 5.18 87.12
C TYR D 83 -10.05 4.33 87.25
N THR D 84 -9.84 3.01 87.24
CA THR D 84 -10.92 2.04 87.11
C THR D 84 -11.49 1.72 88.49
N GLY D 85 -12.70 2.21 88.76
CA GLY D 85 -13.23 2.35 90.11
C GLY D 85 -13.61 3.76 90.51
N GLN D 86 -13.15 4.75 89.74
CA GLN D 86 -13.38 6.16 90.05
C GLN D 86 -14.81 6.55 89.71
N PHE D 87 -15.45 7.30 90.61
CA PHE D 87 -16.69 8.02 90.28
C PHE D 87 -16.39 9.29 89.49
N ILE D 88 -16.99 9.39 88.31
CA ILE D 88 -17.13 10.66 87.61
C ILE D 88 -18.50 11.26 87.99
N TYR D 89 -18.55 12.59 88.05
CA TYR D 89 -19.78 13.33 88.30
C TYR D 89 -20.04 14.33 87.18
N CYS D 90 -20.94 13.95 86.26
CA CYS D 90 -21.43 14.87 85.23
C CYS D 90 -22.52 15.78 85.81
N GLY D 91 -22.50 17.05 85.43
CA GLY D 91 -23.65 17.94 85.57
C GLY D 91 -23.28 19.34 86.04
N LYS D 92 -24.31 20.15 86.24
CA LYS D 92 -24.16 21.59 86.53
C LYS D 92 -23.54 21.82 87.90
N ASN D 93 -24.07 21.12 88.91
CA ASN D 93 -23.63 21.30 90.29
C ASN D 93 -22.70 20.19 90.77
N ALA D 94 -21.69 19.92 89.94
CA ALA D 94 -20.57 19.04 90.31
C ALA D 94 -19.34 19.87 90.67
N ALA D 95 -18.44 19.28 91.45
CA ALA D 95 -17.22 19.95 91.88
C ALA D 95 -16.23 20.10 90.73
N LEU D 96 -15.43 21.17 90.77
CA LEU D 96 -14.36 21.38 89.81
C LEU D 96 -13.14 20.52 90.19
N THR D 97 -13.19 19.27 89.78
CA THR D 97 -12.06 18.34 89.92
C THR D 97 -11.93 17.50 88.66
N ILE D 98 -10.78 16.82 88.53
CA ILE D 98 -10.41 16.16 87.29
C ILE D 98 -11.28 14.90 87.11
N GLY D 99 -11.73 14.70 85.87
CA GLY D 99 -12.83 13.77 85.58
C GLY D 99 -14.06 14.55 85.17
N ASN D 100 -14.55 15.39 86.07
CA ASN D 100 -15.96 15.82 86.07
C ASN D 100 -16.30 16.71 84.88
N ILE D 101 -17.58 16.74 84.54
CA ILE D 101 -18.06 17.41 83.33
C ILE D 101 -18.96 18.55 83.76
N LEU D 102 -18.36 19.73 83.92
CA LEU D 102 -19.09 20.95 84.24
C LEU D 102 -19.47 21.69 82.96
N PRO D 103 -20.54 22.51 83.00
CA PRO D 103 -20.68 23.59 82.02
C PRO D 103 -19.58 24.65 82.17
N LEU D 104 -19.23 25.30 81.06
CA LEU D 104 -18.07 26.19 81.03
C LEU D 104 -18.23 27.43 81.91
N ASN D 105 -19.47 27.93 82.03
CA ASN D 105 -19.74 29.09 82.90
C ASN D 105 -19.47 28.85 84.39
N LYS D 106 -19.63 27.62 84.85
CA LYS D 106 -19.26 27.24 86.23
C LYS D 106 -17.75 27.20 86.47
N MET D 107 -16.97 26.86 85.44
CA MET D 107 -15.51 26.78 85.55
C MET D 107 -14.90 28.17 85.69
N PRO D 108 -14.12 28.41 86.76
CA PRO D 108 -13.47 29.71 86.94
C PRO D 108 -12.23 29.84 86.06
N GLU D 109 -12.07 31.00 85.43
CA GLU D 109 -11.14 31.15 84.30
C GLU D 109 -9.68 30.93 84.68
N GLY D 110 -8.90 30.46 83.72
CA GLY D 110 -7.64 29.74 83.97
C GLY D 110 -7.76 28.23 84.04
N THR D 111 -8.97 27.69 83.93
CA THR D 111 -9.19 26.25 84.00
C THR D 111 -8.80 25.58 82.69
N VAL D 112 -8.07 24.47 82.80
CA VAL D 112 -7.83 23.55 81.69
C VAL D 112 -9.06 22.66 81.47
N VAL D 113 -9.54 22.62 80.22
CA VAL D 113 -10.68 21.79 79.83
C VAL D 113 -10.33 20.98 78.60
N SER D 114 -10.88 19.77 78.50
CA SER D 114 -10.77 18.93 77.30
C SER D 114 -12.13 18.39 76.89
N ASN D 115 -12.26 18.10 75.61
CA ASN D 115 -13.47 17.50 75.03
C ASN D 115 -14.66 18.45 75.19
N VAL D 116 -14.53 19.63 74.60
CA VAL D 116 -15.47 20.73 74.80
C VAL D 116 -16.50 20.74 73.66
N GLU D 117 -17.71 21.16 73.99
CA GLU D 117 -18.81 21.27 73.03
C GLU D 117 -18.82 22.66 72.40
N GLU D 118 -18.85 22.73 71.07
CA GLU D 118 -18.95 24.02 70.35
C GLU D 118 -20.27 24.72 70.67
N LYS D 119 -21.36 24.00 70.41
CA LYS D 119 -22.71 24.45 70.73
C LYS D 119 -23.14 23.85 72.07
N ALA D 120 -24.37 24.13 72.50
CA ALA D 120 -25.01 23.38 73.57
C ALA D 120 -25.51 22.04 73.04
N GLY D 121 -25.29 20.96 73.82
CA GLY D 121 -25.71 19.61 73.43
C GLY D 121 -25.04 19.06 72.19
N ASP D 122 -23.79 19.48 71.96
CA ASP D 122 -23.03 19.10 70.77
C ASP D 122 -22.43 17.70 70.91
N ARG D 123 -22.23 17.25 72.16
CA ARG D 123 -21.68 15.94 72.54
C ARG D 123 -20.14 15.87 72.62
N GLY D 124 -19.45 16.79 71.95
CA GLY D 124 -18.09 17.20 72.35
C GLY D 124 -17.10 17.13 71.20
N THR D 125 -16.77 18.30 70.63
CA THR D 125 -15.99 18.39 69.39
C THR D 125 -14.53 18.79 69.59
N LEU D 126 -14.27 19.75 70.48
CA LEU D 126 -12.98 20.46 70.53
C LEU D 126 -12.03 19.79 71.53
N ALA D 127 -10.74 19.70 71.17
CA ALA D 127 -9.65 19.33 72.08
C ALA D 127 -9.76 17.88 72.60
N ARG D 128 -9.83 16.96 71.64
CA ARG D 128 -10.05 15.53 71.91
C ARG D 128 -8.81 14.66 71.72
N THR D 129 -7.87 15.14 70.91
CA THR D 129 -6.63 14.43 70.64
C THR D 129 -5.77 14.31 71.90
N SER D 130 -4.85 13.33 71.89
CA SER D 130 -3.97 13.08 73.04
C SER D 130 -3.10 14.30 73.40
N GLY D 131 -3.07 14.61 74.69
CA GLY D 131 -2.20 15.67 75.21
C GLY D 131 -2.80 17.07 75.21
N THR D 132 -3.85 17.28 74.41
CA THR D 132 -4.33 18.63 74.12
C THR D 132 -5.23 19.14 75.23
N TYR D 133 -5.44 20.45 75.24
CA TYR D 133 -6.51 21.06 76.03
C TYR D 133 -6.91 22.42 75.48
N ALA D 134 -8.11 22.85 75.85
CA ALA D 134 -8.57 24.21 75.63
C ALA D 134 -8.69 24.91 76.98
N THR D 135 -7.97 26.03 77.11
CA THR D 135 -7.97 26.81 78.35
C THR D 135 -9.04 27.91 78.29
N ILE D 136 -9.73 28.13 79.41
CA ILE D 136 -10.71 29.22 79.52
C ILE D 136 -9.99 30.54 79.77
N VAL D 137 -10.44 31.58 79.06
CA VAL D 137 -9.86 32.92 79.15
C VAL D 137 -10.71 33.80 80.07
N GLY D 138 -11.99 33.91 79.78
CA GLY D 138 -12.88 34.83 80.48
C GLY D 138 -14.33 34.76 80.05
N HIS D 139 -15.22 35.15 80.95
CA HIS D 139 -16.66 35.01 80.78
C HIS D 139 -17.29 36.30 80.27
N SER D 140 -18.58 36.24 79.98
CA SER D 140 -19.43 37.42 79.85
C SER D 140 -19.82 37.97 81.23
N ASP D 141 -20.53 39.10 81.22
CA ASP D 141 -21.13 39.66 82.43
C ASP D 141 -22.24 38.78 83.00
N ASP D 142 -23.10 38.25 82.12
CA ASP D 142 -24.20 37.37 82.51
C ASP D 142 -23.72 35.99 82.97
N GLY D 143 -22.74 35.43 82.26
CA GLY D 143 -22.50 33.98 82.22
C GLY D 143 -23.14 33.25 81.05
N SER D 144 -23.56 34.01 80.03
CA SER D 144 -24.24 33.46 78.86
C SER D 144 -23.23 32.88 77.88
N LYS D 145 -22.20 33.67 77.54
CA LYS D 145 -21.13 33.26 76.62
C LYS D 145 -19.76 33.33 77.30
N THR D 146 -18.80 32.62 76.71
CA THR D 146 -17.50 32.36 77.34
C THR D 146 -16.40 32.33 76.26
N ARG D 147 -15.23 32.89 76.60
CA ARG D 147 -14.03 32.79 75.75
C ARG D 147 -13.26 31.51 76.06
N ILE D 148 -12.74 30.87 75.00
CA ILE D 148 -11.86 29.71 75.11
C ILE D 148 -10.66 29.93 74.20
N ARG D 149 -9.50 29.40 74.60
CA ARG D 149 -8.31 29.37 73.75
C ARG D 149 -8.00 27.94 73.31
N LEU D 150 -7.97 27.72 71.99
CA LEU D 150 -7.88 26.36 71.42
C LEU D 150 -6.43 25.88 71.33
N PRO D 151 -6.23 24.54 71.15
CA PRO D 151 -4.89 23.98 70.94
C PRO D 151 -4.07 24.55 69.77
N SER D 152 -4.76 25.09 68.77
CA SER D 152 -4.13 25.89 67.71
C SER D 152 -3.44 27.13 68.29
N GLY D 153 -4.20 27.94 69.01
CA GLY D 153 -3.85 29.35 69.24
C GLY D 153 -5.05 30.27 69.26
N ALA D 154 -6.03 29.98 68.41
CA ALA D 154 -7.16 30.89 68.15
C ALA D 154 -8.10 30.98 69.34
N ARG D 155 -8.91 32.05 69.34
CA ARG D 155 -9.80 32.36 70.46
C ARG D 155 -11.25 32.36 70.02
N LYS D 156 -12.06 31.58 70.74
CA LYS D 156 -13.37 31.16 70.28
C LYS D 156 -14.41 31.58 71.32
N THR D 157 -15.42 32.34 70.90
CA THR D 157 -16.62 32.56 71.70
C THR D 157 -17.53 31.33 71.66
N VAL D 158 -17.95 30.87 72.83
CA VAL D 158 -18.73 29.64 72.99
C VAL D 158 -19.80 29.86 74.05
N SER D 159 -20.97 29.23 73.86
CA SER D 159 -22.07 29.31 74.84
C SER D 159 -21.70 28.65 76.16
N GLY D 160 -22.06 29.31 77.26
CA GLY D 160 -21.66 28.88 78.60
C GLY D 160 -22.32 27.60 79.07
N TYR D 161 -23.49 27.29 78.52
CA TYR D 161 -24.21 26.06 78.84
C TYR D 161 -23.66 24.83 78.11
N SER D 162 -22.78 25.05 77.13
CA SER D 162 -21.86 24.01 76.66
C SER D 162 -20.89 23.57 77.76
N ARG D 163 -20.40 22.35 77.65
CA ARG D 163 -19.68 21.66 78.75
C ARG D 163 -18.45 20.90 78.24
N GLY D 164 -17.62 20.46 79.18
CA GLY D 164 -16.49 19.59 78.86
C GLY D 164 -15.81 19.04 80.10
N MET D 165 -14.87 18.12 79.90
CA MET D 165 -14.15 17.47 81.00
C MET D 165 -13.00 18.33 81.52
N VAL D 166 -12.87 18.41 82.83
CA VAL D 166 -11.79 19.15 83.48
C VAL D 166 -10.53 18.31 83.46
N GLY D 167 -9.48 18.81 82.80
CA GLY D 167 -8.16 18.14 82.77
C GLY D 167 -7.71 17.82 81.36
N ILE D 168 -6.49 17.29 81.25
CA ILE D 168 -5.84 17.08 79.95
C ILE D 168 -6.18 15.68 79.46
N VAL D 169 -6.30 15.53 78.14
CA VAL D 169 -6.55 14.23 77.52
C VAL D 169 -5.31 13.34 77.63
N ALA D 170 -5.52 12.05 77.90
CA ALA D 170 -4.43 11.10 78.16
C ALA D 170 -3.69 10.70 76.88
N GLY D 171 -2.59 9.99 77.06
CA GLY D 171 -1.66 9.68 75.97
C GLY D 171 -0.76 10.85 75.60
N GLY D 172 -0.44 11.68 76.60
CA GLY D 172 0.26 12.93 76.38
C GLY D 172 1.70 12.75 75.92
N GLY D 173 2.06 13.47 74.86
CA GLY D 173 3.43 13.53 74.37
C GLY D 173 3.86 12.27 73.64
N ARG D 174 3.03 11.83 72.69
CA ARG D 174 3.30 10.63 71.90
C ARG D 174 3.86 10.90 70.50
N ILE D 175 4.34 12.13 70.26
CA ILE D 175 5.03 12.48 69.01
C ILE D 175 6.53 12.75 69.23
N ASP D 176 6.98 12.70 70.49
CA ASP D 176 8.37 13.05 70.83
C ASP D 176 9.35 11.93 70.48
N LYS D 177 8.83 10.72 70.33
CA LYS D 177 9.58 9.59 69.78
C LYS D 177 9.67 9.77 68.27
N PRO D 178 10.74 9.25 67.66
CA PRO D 178 10.72 8.95 66.25
C PRO D 178 10.29 7.52 65.98
N MET D 179 9.36 7.35 65.05
CA MET D 179 9.20 6.07 64.37
C MET D 179 10.46 5.87 63.54
N LEU D 180 11.26 4.86 63.86
CA LEU D 180 12.53 4.66 63.13
C LEU D 180 12.30 4.01 61.78
N LYS D 181 11.33 3.09 61.73
CA LYS D 181 11.12 2.18 60.61
C LYS D 181 9.98 2.66 59.71
N ALA D 182 10.03 2.26 58.44
CA ALA D 182 8.85 2.27 57.58
C ALA D 182 7.73 1.38 58.12
N GLY D 183 8.10 0.23 58.66
CA GLY D 183 7.18 -0.66 59.35
C GLY D 183 6.34 -0.01 60.44
N ASN D 184 6.95 0.87 61.23
CA ASN D 184 6.22 1.57 62.29
C ASN D 184 5.29 2.65 61.75
N ALA D 185 5.61 3.21 60.60
CA ALA D 185 4.66 4.04 59.85
C ALA D 185 3.53 3.23 59.24
N TYR D 186 3.86 2.06 58.71
CA TYR D 186 2.87 1.16 58.09
C TYR D 186 1.81 0.69 59.07
N HIS D 187 2.24 0.23 60.24
CA HIS D 187 1.32 -0.22 61.30
C HIS D 187 0.46 0.91 61.87
N LYS D 188 0.94 2.15 61.76
CA LYS D 188 0.16 3.33 62.15
C LYS D 188 -1.03 3.57 61.24
N TYR D 189 -0.76 3.64 59.92
CA TYR D 189 -1.78 4.02 58.94
C TYR D 189 -2.60 2.85 58.39
N LYS D 190 -2.33 1.62 58.83
CA LYS D 190 -3.16 0.48 58.48
C LYS D 190 -4.51 0.50 59.19
N VAL D 191 -4.50 0.86 60.47
CA VAL D 191 -5.74 0.97 61.26
C VAL D 191 -6.42 2.36 61.19
N LYS D 192 -5.86 3.26 60.37
CA LYS D 192 -6.60 4.39 59.81
C LYS D 192 -6.84 4.14 58.31
N ARG D 193 -7.18 5.17 57.54
CA ARG D 193 -7.27 5.05 56.06
C ARG D 193 -5.94 4.75 55.38
N ASN D 194 -6.00 4.32 54.12
CA ASN D 194 -4.78 4.14 53.29
C ASN D 194 -4.27 5.46 52.66
N CYS D 195 -3.46 6.18 53.45
CA CYS D 195 -2.89 7.46 53.05
C CYS D 195 -1.37 7.36 52.88
N TRP D 196 -0.86 6.14 52.69
CA TRP D 196 0.55 5.83 52.95
C TRP D 196 0.94 4.55 52.21
N PRO D 197 2.07 4.52 51.49
CA PRO D 197 3.01 5.62 51.32
C PRO D 197 2.61 6.62 50.24
N LYS D 198 2.80 7.90 50.49
CA LYS D 198 2.60 8.95 49.48
C LYS D 198 3.74 8.93 48.46
N VAL D 199 3.39 8.93 47.18
CA VAL D 199 4.36 9.17 46.11
C VAL D 199 4.48 10.66 45.84
N ARG D 200 5.71 11.13 45.61
CA ARG D 200 5.95 12.51 45.17
C ARG D 200 5.39 12.69 43.78
N GLY D 201 4.63 13.77 43.60
CA GLY D 201 4.10 14.12 42.29
C GLY D 201 5.12 14.43 41.19
N VAL D 202 6.37 14.69 41.56
CA VAL D 202 7.42 14.99 40.57
C VAL D 202 7.89 13.70 39.89
N ALA D 203 7.92 12.61 40.64
CA ALA D 203 8.19 11.27 40.11
C ALA D 203 7.17 10.78 39.08
N MET D 204 5.94 11.28 39.16
CA MET D 204 4.86 10.87 38.26
C MET D 204 5.04 11.48 36.87
N ASN D 205 4.28 10.97 35.89
CA ASN D 205 4.26 11.53 34.53
C ASN D 205 3.26 12.69 34.44
N PRO D 206 3.31 13.48 33.36
CA PRO D 206 2.52 14.72 33.34
C PRO D 206 1.02 14.51 33.16
N VAL D 207 0.61 13.30 32.79
CA VAL D 207 -0.78 12.86 32.95
C VAL D 207 -1.23 12.99 34.39
N GLU D 208 -0.52 12.34 35.29
CA GLU D 208 -1.07 11.91 36.57
C GLU D 208 -1.08 13.03 37.60
N HIS D 209 -0.22 14.04 37.40
CA HIS D 209 -0.05 15.15 38.33
C HIS D 209 0.37 16.42 37.58
N PRO D 210 0.05 17.61 38.13
CA PRO D 210 0.53 18.85 37.50
C PRO D 210 2.04 19.14 37.53
N HIS D 211 2.74 18.63 38.55
CA HIS D 211 4.20 18.79 38.64
C HIS D 211 4.98 17.85 37.70
N GLY D 212 4.46 16.65 37.47
CA GLY D 212 5.24 15.55 36.90
C GLY D 212 5.58 15.75 35.44
N GLY D 213 6.60 15.00 34.99
CA GLY D 213 7.17 15.15 33.64
C GLY D 213 8.56 15.78 33.65
N GLY D 214 9.16 15.84 32.46
CA GLY D 214 10.43 16.55 32.24
C GLY D 214 11.66 15.66 32.39
N ASN D 215 12.72 16.04 31.67
CA ASN D 215 13.98 15.28 31.68
C ASN D 215 14.86 15.54 32.92
N HIS D 216 14.57 16.62 33.64
CA HIS D 216 14.97 16.76 35.04
C HIS D 216 13.76 16.81 35.94
N GLN D 217 13.96 16.41 37.19
CA GLN D 217 12.88 16.13 38.12
C GLN D 217 12.59 17.39 38.94
N HIS D 218 11.87 18.32 38.30
CA HIS D 218 11.55 19.64 38.88
C HIS D 218 10.07 19.97 38.65
N ILE D 219 9.60 21.03 39.31
CA ILE D 219 8.17 21.33 39.38
C ILE D 219 7.71 22.13 38.17
N GLY D 220 8.39 23.26 37.92
CA GLY D 220 8.34 23.92 36.60
C GLY D 220 7.42 25.13 36.51
N HIS D 221 6.40 25.18 37.36
CA HIS D 221 5.67 26.40 37.64
C HIS D 221 5.61 26.58 39.16
N PRO D 222 5.23 27.79 39.65
CA PRO D 222 5.04 28.03 41.08
C PRO D 222 4.29 26.91 41.81
N SER D 223 4.88 26.40 42.90
CA SER D 223 4.18 25.46 43.80
C SER D 223 2.97 26.10 44.50
N THR D 224 2.97 27.42 44.63
CA THR D 224 1.88 28.15 45.25
C THR D 224 0.70 28.35 44.28
N VAL D 225 -0.51 28.08 44.77
CA VAL D 225 -1.73 28.01 43.95
C VAL D 225 -2.87 28.76 44.65
N SER D 226 -3.79 29.32 43.87
CA SER D 226 -4.87 30.15 44.40
C SER D 226 -5.91 29.33 45.16
N ARG D 227 -6.68 30.01 46.00
CA ARG D 227 -7.92 29.46 46.54
C ARG D 227 -8.96 29.22 45.43
N MET D 228 -8.99 30.11 44.43
CA MET D 228 -9.99 30.06 43.35
C MET D 228 -9.78 28.93 42.33
N ALA D 229 -8.59 28.30 42.31
CA ALA D 229 -8.30 27.23 41.35
C ALA D 229 -9.18 26.00 41.56
N ALA D 230 -9.37 25.24 40.49
CA ALA D 230 -10.40 24.20 40.42
C ALA D 230 -9.96 22.91 41.11
N PRO D 231 -10.83 21.88 41.12
CA PRO D 231 -10.38 20.51 41.43
C PRO D 231 -9.32 19.98 40.46
N GLY D 232 -8.13 19.69 40.98
CA GLY D 232 -7.06 19.10 40.20
C GLY D 232 -5.99 20.08 39.74
N GLN D 233 -6.26 21.39 39.87
CA GLN D 233 -5.19 22.39 40.00
C GLN D 233 -4.65 22.44 41.43
N LYS D 234 -5.53 22.43 42.43
CA LYS D 234 -5.14 22.67 43.83
C LYS D 234 -4.26 21.54 44.37
N VAL D 235 -2.97 21.66 44.03
CA VAL D 235 -1.91 20.81 44.56
C VAL D 235 -0.72 21.70 44.95
N GLY D 236 0.14 21.20 45.82
CA GLY D 236 1.18 22.02 46.43
C GLY D 236 0.61 22.94 47.49
N LEU D 237 1.13 24.17 47.55
CA LEU D 237 0.89 25.06 48.69
C LEU D 237 -0.33 25.93 48.42
N ILE D 238 -1.44 25.56 49.04
CA ILE D 238 -2.76 26.10 48.67
C ILE D 238 -2.96 27.43 49.38
N ALA D 239 -3.23 28.48 48.59
CA ALA D 239 -3.70 29.77 49.10
C ALA D 239 -2.74 30.40 50.11
N ALA D 240 -1.45 30.27 49.84
CA ALA D 240 -0.40 30.47 50.83
C ALA D 240 -0.10 31.95 50.98
N ARG D 241 -0.20 32.45 52.21
CA ARG D 241 0.18 33.84 52.49
C ARG D 241 1.69 34.05 52.37
N ARG D 242 2.47 33.02 52.67
CA ARG D 242 3.87 33.18 53.04
C ARG D 242 4.59 31.84 52.86
N THR D 243 5.85 31.88 52.45
CA THR D 243 6.62 30.67 52.15
C THR D 243 8.02 30.75 52.74
N GLY D 244 8.77 29.65 52.65
CA GLY D 244 10.14 29.60 53.14
C GLY D 244 10.20 29.33 54.63
N LEU D 245 11.42 29.20 55.15
CA LEU D 245 11.64 28.87 56.56
C LEU D 245 11.16 30.01 57.46
N LEU D 246 10.49 29.66 58.56
CA LEU D 246 9.95 30.66 59.49
C LEU D 246 11.08 31.30 60.30
N ARG D 247 11.39 32.56 59.98
CA ARG D 247 12.39 33.35 60.70
C ARG D 247 13.80 32.76 60.58
N SER E 2 38.23 -4.99 2.34
CA SER E 2 39.29 -4.56 3.28
C SER E 2 40.38 -5.62 3.38
N HIS E 3 41.61 -5.18 3.52
CA HIS E 3 42.75 -6.07 3.83
C HIS E 3 42.62 -6.79 5.18
N ARG E 4 43.57 -7.68 5.47
CA ARG E 4 43.38 -8.77 6.44
C ARG E 4 43.47 -8.33 7.91
N LYS E 5 44.35 -7.35 8.19
CA LYS E 5 44.67 -6.79 9.53
C LYS E 5 46.06 -7.23 9.97
N PHE E 6 46.25 -8.53 10.18
CA PHE E 6 47.55 -9.10 10.56
C PHE E 6 47.89 -10.29 9.68
N GLU E 7 48.90 -10.13 8.83
CA GLU E 7 49.09 -11.02 7.68
C GLU E 7 49.84 -12.27 8.14
N ARG E 8 49.07 -13.30 8.48
CA ARG E 8 49.55 -14.64 8.87
C ARG E 8 49.78 -15.50 7.62
N PRO E 9 50.64 -16.54 7.70
CA PRO E 9 50.69 -17.52 6.61
C PRO E 9 49.47 -18.44 6.54
N ARG E 10 49.45 -19.29 5.51
CA ARG E 10 48.30 -20.12 5.16
C ARG E 10 48.21 -21.34 6.07
N HIS E 11 46.98 -21.82 6.33
CA HIS E 11 46.77 -23.12 6.97
C HIS E 11 46.82 -24.25 5.93
N GLY E 12 47.79 -25.14 6.07
CA GLY E 12 47.90 -26.33 5.22
C GLY E 12 48.46 -26.00 3.86
N SER E 13 49.03 -27.00 3.19
CA SER E 13 49.52 -26.84 1.81
C SER E 13 48.38 -27.09 0.81
N LEU E 14 48.44 -26.37 -0.31
CA LEU E 14 47.65 -26.69 -1.50
C LEU E 14 48.34 -27.71 -2.43
N GLY E 15 49.54 -28.14 -2.03
CA GLY E 15 50.30 -29.10 -2.78
C GLY E 15 49.59 -30.43 -2.83
N PHE E 16 49.03 -30.86 -1.70
CA PHE E 16 48.33 -32.13 -1.65
C PHE E 16 46.84 -31.91 -1.66
N LEU E 17 46.22 -32.14 -2.81
CA LEU E 17 44.79 -31.99 -2.93
C LEU E 17 44.32 -32.82 -4.12
N PRO E 18 43.03 -33.37 -4.14
CA PRO E 18 42.19 -33.14 -2.95
C PRO E 18 42.57 -34.13 -1.84
N ARG E 19 42.14 -33.84 -0.61
CA ARG E 19 42.43 -34.73 0.51
C ARG E 19 41.40 -35.86 0.55
N LYS E 20 41.58 -36.86 -0.29
CA LYS E 20 40.66 -37.98 -0.38
C LYS E 20 41.36 -39.33 -0.35
N ARG E 21 40.71 -40.37 0.15
CA ARG E 21 41.36 -41.67 0.20
C ARG E 21 41.66 -42.12 -1.23
N CYS E 22 42.90 -42.56 -1.45
CA CYS E 22 43.33 -43.00 -2.77
C CYS E 22 42.84 -44.39 -3.16
N LYS E 23 42.83 -44.66 -4.46
CA LYS E 23 42.39 -45.95 -4.96
C LYS E 23 43.59 -46.88 -5.11
N ARG E 24 44.09 -47.35 -3.98
CA ARG E 24 45.25 -48.26 -3.94
C ARG E 24 45.68 -48.53 -2.50
N HIS E 25 45.94 -49.80 -2.17
CA HIS E 25 46.31 -50.19 -0.81
C HIS E 25 47.81 -50.26 -0.62
N ARG E 26 48.53 -50.73 -1.64
CA ARG E 26 49.99 -50.53 -1.71
C ARG E 26 50.31 -49.20 -2.37
N GLY E 27 51.48 -48.65 -2.04
CA GLY E 27 52.01 -47.48 -2.72
C GLY E 27 52.40 -47.79 -4.15
N LYS E 28 51.77 -47.12 -5.10
CA LYS E 28 52.29 -47.04 -6.46
C LYS E 28 53.50 -46.11 -6.49
N VAL E 29 54.52 -46.49 -7.26
CA VAL E 29 55.83 -45.86 -7.17
C VAL E 29 55.76 -44.44 -7.75
N LYS E 30 55.47 -44.35 -9.05
CA LYS E 30 55.67 -43.14 -9.87
C LYS E 30 57.15 -42.73 -9.94
N ALA E 31 57.64 -42.50 -11.16
CA ALA E 31 58.97 -41.93 -11.39
C ALA E 31 60.09 -42.77 -10.78
N PHE E 32 60.51 -43.80 -11.53
CA PHE E 32 61.76 -44.51 -11.26
C PHE E 32 62.98 -43.64 -11.61
N PRO E 33 64.14 -43.94 -11.01
CA PRO E 33 65.34 -43.15 -11.31
C PRO E 33 65.88 -43.39 -12.73
N LYS E 34 66.68 -42.46 -13.22
CA LYS E 34 67.09 -42.43 -14.63
C LYS E 34 68.20 -43.44 -14.92
N ASP E 35 68.23 -43.90 -16.17
CA ASP E 35 69.07 -45.02 -16.59
C ASP E 35 70.48 -44.55 -16.91
N ASP E 36 71.46 -45.15 -16.25
CA ASP E 36 72.87 -45.05 -16.64
C ASP E 36 73.29 -46.28 -17.45
N PRO E 37 73.41 -46.15 -18.78
CA PRO E 37 74.01 -47.24 -19.56
C PRO E 37 75.53 -47.29 -19.34
N SER E 38 75.94 -48.00 -18.30
CA SER E 38 77.21 -47.74 -17.60
C SER E 38 77.34 -48.64 -16.38
N LYS E 39 76.31 -48.63 -15.53
CA LYS E 39 76.20 -49.57 -14.41
C LYS E 39 75.81 -50.96 -14.94
N PRO E 40 76.05 -52.01 -14.14
CA PRO E 40 75.34 -53.28 -14.37
C PRO E 40 73.82 -53.18 -14.11
N PRO E 41 73.04 -54.16 -14.59
CA PRO E 41 71.59 -54.14 -14.38
C PRO E 41 71.21 -54.54 -12.95
N HIS E 42 70.34 -53.73 -12.34
CA HIS E 42 69.87 -53.97 -10.97
C HIS E 42 68.43 -53.49 -10.78
N LEU E 43 67.76 -54.04 -9.79
CA LEU E 43 66.42 -53.60 -9.39
C LEU E 43 66.49 -52.32 -8.55
N THR E 44 65.49 -51.45 -8.71
CA THR E 44 65.49 -50.09 -8.16
C THR E 44 64.39 -49.86 -7.11
N ALA E 45 63.82 -50.94 -6.59
CA ALA E 45 62.68 -50.85 -5.66
C ALA E 45 62.45 -52.16 -4.93
N PHE E 46 61.63 -52.10 -3.89
CA PHE E 46 61.25 -53.27 -3.10
C PHE E 46 59.89 -53.08 -2.42
N MET E 47 59.34 -54.16 -1.87
CA MET E 47 58.12 -54.13 -1.07
C MET E 47 58.36 -54.84 0.25
N GLY E 48 57.74 -54.34 1.32
CA GLY E 48 57.90 -54.92 2.63
C GLY E 48 56.71 -54.53 3.48
N TYR E 49 56.55 -55.19 4.62
CA TYR E 49 55.45 -54.89 5.52
C TYR E 49 55.92 -54.17 6.76
N LYS E 50 55.24 -53.09 7.12
CA LYS E 50 55.59 -52.32 8.30
C LYS E 50 55.27 -53.14 9.53
N ALA E 51 56.12 -53.04 10.55
CA ALA E 51 55.90 -53.79 11.78
C ALA E 51 55.64 -52.88 12.97
N GLY E 52 56.71 -52.49 13.62
CA GLY E 52 56.65 -51.61 14.78
C GLY E 52 58.00 -50.95 14.90
N MET E 53 58.11 -49.88 15.67
CA MET E 53 59.39 -49.22 15.79
C MET E 53 59.92 -49.18 17.21
N THR E 54 61.25 -49.30 17.33
CA THR E 54 61.94 -49.28 18.61
C THR E 54 63.20 -48.45 18.50
N HIS E 55 63.67 -47.89 19.61
CA HIS E 55 64.88 -47.08 19.62
C HIS E 55 66.19 -47.90 19.58
N VAL E 56 67.27 -47.25 19.15
CA VAL E 56 68.56 -47.90 19.05
C VAL E 56 69.64 -46.90 19.48
N VAL E 57 70.80 -47.39 19.92
CA VAL E 57 71.87 -46.48 20.35
C VAL E 57 73.05 -46.54 19.37
N ARG E 58 73.48 -45.38 18.90
CA ARG E 58 74.58 -45.31 17.95
C ARG E 58 75.52 -44.15 18.25
N GLU E 59 76.77 -44.25 17.80
CA GLU E 59 77.73 -43.19 18.07
C GLU E 59 77.82 -42.23 16.88
N LEU E 60 77.52 -40.96 17.15
CA LEU E 60 77.54 -39.93 16.14
C LEU E 60 78.94 -39.64 15.61
N ASP E 61 79.04 -39.38 14.32
CA ASP E 61 80.32 -39.07 13.70
C ASP E 61 80.11 -37.81 12.87
N LYS E 62 79.91 -36.69 13.57
CA LYS E 62 79.66 -35.39 12.95
C LYS E 62 80.58 -34.32 13.55
N GLY E 64 82.39 -30.62 13.52
CA GLY E 64 82.26 -30.50 14.97
C GLY E 64 80.88 -30.00 15.38
N SER E 65 79.93 -30.94 15.50
CA SER E 65 78.79 -30.80 16.41
C SER E 65 79.23 -31.04 17.85
N LYS E 66 78.43 -30.60 18.80
CA LYS E 66 78.63 -30.94 20.21
C LYS E 66 78.32 -32.42 20.54
N LEU E 67 77.53 -33.07 19.68
CA LEU E 67 77.24 -34.50 19.80
C LEU E 67 78.23 -35.42 19.07
N HIS E 68 79.35 -34.87 18.57
CA HIS E 68 80.46 -35.68 18.05
C HIS E 68 81.01 -36.59 19.14
N LYS E 69 81.13 -37.89 18.83
CA LYS E 69 81.69 -38.89 19.74
C LYS E 69 80.82 -39.17 20.98
N LYS E 70 79.50 -38.95 20.85
CA LYS E 70 78.53 -39.19 21.95
C LYS E 70 77.47 -40.20 21.52
N GLU E 71 76.74 -40.72 22.51
CA GLU E 71 75.90 -41.92 22.34
C GLU E 71 74.42 -41.57 22.31
N ILE E 72 73.87 -41.46 21.10
CA ILE E 72 72.54 -40.92 20.88
C ILE E 72 71.54 -42.06 20.71
N VAL E 73 70.44 -42.01 21.46
CA VAL E 73 69.26 -42.85 21.20
C VAL E 73 68.49 -42.31 20.00
N GLU E 74 67.99 -43.22 19.17
CA GLU E 74 67.21 -42.88 17.98
C GLU E 74 66.05 -43.85 17.78
N ALA E 75 64.88 -43.30 17.44
CA ALA E 75 63.72 -44.08 17.06
C ALA E 75 63.91 -44.69 15.67
N VAL E 76 63.44 -45.93 15.49
CA VAL E 76 63.80 -46.75 14.34
C VAL E 76 62.66 -47.73 14.03
N THR E 77 62.13 -47.69 12.80
CA THR E 77 61.11 -48.64 12.35
C THR E 77 61.72 -49.92 11.81
N VAL E 78 61.24 -51.05 12.33
CA VAL E 78 61.47 -52.35 11.71
C VAL E 78 60.43 -52.54 10.61
N VAL E 79 60.90 -52.98 9.44
CA VAL E 79 60.05 -53.33 8.31
C VAL E 79 60.36 -54.76 7.92
N ASP E 80 59.35 -55.63 7.97
CA ASP E 80 59.49 -57.03 7.61
C ASP E 80 59.51 -57.18 6.09
N THR E 81 60.57 -57.80 5.57
CA THR E 81 60.80 -57.91 4.13
C THR E 81 61.26 -59.33 3.77
N PRO E 82 60.30 -60.27 3.63
CA PRO E 82 60.65 -61.57 3.07
C PRO E 82 60.80 -61.49 1.55
N PRO E 83 61.60 -62.39 0.96
CA PRO E 83 62.19 -62.16 -0.36
C PRO E 83 61.15 -62.18 -1.48
N MET E 84 61.23 -61.20 -2.39
CA MET E 84 60.22 -61.01 -3.44
C MET E 84 60.58 -61.86 -4.65
N VAL E 85 59.66 -62.74 -5.05
CA VAL E 85 59.91 -63.69 -6.13
C VAL E 85 59.62 -63.00 -7.47
N CYS E 86 60.64 -62.93 -8.33
CA CYS E 86 60.48 -62.43 -9.69
C CYS E 86 59.72 -63.44 -10.54
N VAL E 87 58.83 -62.91 -11.40
CA VAL E 87 57.91 -63.72 -12.19
C VAL E 87 58.04 -63.34 -13.67
N GLY E 88 57.59 -62.14 -14.01
CA GLY E 88 57.38 -61.75 -15.41
C GLY E 88 58.47 -60.81 -15.92
N VAL E 89 58.20 -60.22 -17.09
CA VAL E 89 58.96 -59.07 -17.58
C VAL E 89 58.15 -58.29 -18.62
N VAL E 90 58.30 -56.96 -18.63
CA VAL E 90 57.44 -56.07 -19.42
C VAL E 90 58.29 -55.09 -20.23
N GLY E 91 58.15 -55.15 -21.56
CA GLY E 91 58.68 -54.11 -22.45
C GLY E 91 57.80 -52.88 -22.46
N TYR E 92 58.40 -51.74 -22.82
CA TYR E 92 57.69 -50.47 -22.92
C TYR E 92 58.20 -49.65 -24.12
N ILE E 93 57.36 -49.50 -25.15
CA ILE E 93 57.67 -48.61 -26.27
C ILE E 93 57.54 -47.17 -25.78
N GLU E 94 58.42 -46.29 -26.28
CA GLU E 94 58.28 -44.85 -26.09
C GLU E 94 57.56 -44.24 -27.30
N THR E 95 56.28 -43.89 -27.11
CA THR E 95 55.47 -43.20 -28.12
C THR E 95 55.42 -41.69 -27.83
N PRO E 96 54.92 -40.88 -28.80
CA PRO E 96 54.64 -39.46 -28.52
C PRO E 96 53.48 -39.19 -27.56
N ARG E 97 52.56 -40.15 -27.39
CA ARG E 97 51.54 -40.06 -26.34
C ARG E 97 52.15 -40.25 -24.95
N GLY E 98 52.86 -41.37 -24.77
CA GLY E 98 53.58 -41.64 -23.52
C GLY E 98 54.47 -42.86 -23.62
N LEU E 99 54.66 -43.55 -22.50
CA LEU E 99 55.08 -44.96 -22.52
C LEU E 99 53.89 -45.86 -22.80
N ARG E 100 54.17 -47.05 -23.31
CA ARG E 100 53.13 -47.97 -23.78
C ARG E 100 53.66 -49.40 -23.73
N ALA E 101 52.93 -50.29 -23.09
CA ALA E 101 53.36 -51.68 -22.91
C ALA E 101 53.26 -52.45 -24.22
N LEU E 102 54.38 -53.04 -24.66
CA LEU E 102 54.44 -53.77 -25.92
C LEU E 102 53.99 -55.21 -25.70
N VAL E 103 54.65 -55.90 -24.77
CA VAL E 103 54.39 -57.31 -24.52
C VAL E 103 54.86 -57.74 -23.12
N THR E 104 53.94 -58.34 -22.37
CA THR E 104 54.26 -58.99 -21.10
C THR E 104 54.54 -60.48 -21.32
N VAL E 105 55.70 -60.92 -20.86
CA VAL E 105 56.01 -62.35 -20.73
C VAL E 105 55.91 -62.76 -19.27
N TRP E 106 55.50 -64.00 -19.02
CA TRP E 106 55.37 -64.56 -17.66
C TRP E 106 56.16 -65.85 -17.50
N ALA E 107 56.28 -66.30 -16.26
CA ALA E 107 57.01 -67.53 -15.94
C ALA E 107 56.21 -68.79 -16.26
N GLY E 108 56.84 -69.94 -16.10
CA GLY E 108 56.19 -71.24 -16.27
C GLY E 108 55.24 -71.59 -15.14
N HIS E 109 55.74 -71.51 -13.91
CA HIS E 109 55.07 -72.07 -12.74
C HIS E 109 54.96 -71.02 -11.63
N LEU E 110 53.78 -70.42 -11.51
CA LEU E 110 53.45 -69.55 -10.38
C LEU E 110 52.85 -70.38 -9.25
N SER E 111 53.16 -69.99 -8.01
CA SER E 111 52.55 -70.61 -6.83
C SER E 111 51.13 -70.09 -6.62
N ASP E 112 50.40 -70.76 -5.73
CA ASP E 112 49.08 -70.29 -5.26
C ASP E 112 49.15 -69.01 -4.43
N GLU E 113 50.33 -68.69 -3.92
CA GLU E 113 50.62 -67.40 -3.30
C GLU E 113 50.38 -66.21 -4.24
N CYS E 114 50.99 -66.27 -5.43
CA CYS E 114 50.79 -65.25 -6.47
C CYS E 114 49.38 -65.29 -7.08
N LYS E 115 48.86 -66.51 -7.25
CA LYS E 115 47.65 -66.74 -8.05
C LYS E 115 46.37 -66.21 -7.36
N ARG E 116 46.40 -66.11 -6.04
CA ARG E 116 45.30 -65.50 -5.27
C ARG E 116 44.97 -64.07 -5.67
N ARG E 117 45.98 -63.31 -6.12
CA ARG E 117 45.78 -61.91 -6.52
C ARG E 117 44.76 -61.76 -7.65
N PHE E 118 44.71 -62.74 -8.56
CA PHE E 118 43.84 -62.65 -9.74
C PHE E 118 42.37 -63.00 -9.48
N TYR E 119 42.06 -63.58 -8.31
CA TYR E 119 40.68 -63.86 -7.90
C TYR E 119 40.24 -62.99 -6.74
N LYS E 120 38.98 -62.58 -6.75
CA LYS E 120 38.31 -62.01 -5.59
C LYS E 120 37.63 -63.07 -4.72
N ASN E 121 37.26 -64.21 -5.33
CA ASN E 121 36.83 -65.41 -4.58
C ASN E 121 37.67 -66.63 -4.96
N TRP E 122 38.65 -66.95 -4.11
CA TRP E 122 39.53 -68.10 -4.35
C TRP E 122 38.87 -69.43 -3.97
N TYR E 123 38.08 -69.40 -2.89
CA TYR E 123 37.48 -70.62 -2.33
C TYR E 123 36.48 -71.30 -3.27
N LYS E 124 35.73 -70.50 -4.03
CA LYS E 124 34.80 -71.03 -5.04
C LYS E 124 35.50 -71.60 -6.26
N SER E 125 36.43 -70.81 -6.81
CA SER E 125 36.87 -71.00 -8.19
C SER E 125 37.62 -72.31 -8.41
N LYS E 126 37.66 -72.75 -9.67
CA LYS E 126 38.44 -73.91 -10.09
C LYS E 126 39.91 -73.58 -10.40
N ARG E 127 40.29 -72.31 -10.26
CA ARG E 127 41.69 -71.88 -10.17
C ARG E 127 42.43 -72.10 -11.48
N LYS E 128 41.95 -71.41 -12.51
CA LYS E 128 42.38 -71.65 -13.89
C LYS E 128 43.53 -70.75 -14.36
N ALA E 129 43.94 -69.77 -13.53
CA ALA E 129 44.82 -68.69 -13.99
C ALA E 129 46.20 -69.22 -14.35
N PHE E 130 46.66 -68.89 -15.55
CA PHE E 130 47.87 -69.47 -16.16
C PHE E 130 47.85 -71.01 -16.18
N THR E 131 46.83 -71.58 -16.81
CA THR E 131 46.80 -73.02 -17.13
C THR E 131 46.91 -73.28 -18.64
N LYS E 132 46.22 -72.48 -19.44
CA LYS E 132 46.45 -72.45 -20.90
C LYS E 132 47.82 -71.87 -21.24
N TYR E 133 48.28 -70.90 -20.44
CA TYR E 133 49.61 -70.31 -20.61
C TYR E 133 50.75 -71.28 -20.29
N ALA E 134 50.54 -72.18 -19.32
CA ALA E 134 51.60 -73.10 -18.88
C ALA E 134 51.89 -74.20 -19.91
N LYS E 135 50.86 -74.72 -20.56
CA LYS E 135 51.03 -75.67 -21.69
C LYS E 135 51.59 -74.98 -22.95
N ARG E 136 51.20 -73.73 -23.17
CA ARG E 136 51.80 -72.88 -24.21
C ARG E 136 53.29 -72.60 -23.97
N TYR E 137 53.69 -72.50 -22.70
CA TYR E 137 55.07 -72.22 -22.31
C TYR E 137 56.01 -73.42 -22.54
N GLY E 138 55.53 -74.61 -22.23
CA GLY E 138 56.30 -75.85 -22.43
C GLY E 138 56.49 -76.19 -23.89
N ASP E 139 55.41 -76.07 -24.66
CA ASP E 139 55.49 -75.99 -26.13
C ASP E 139 56.21 -74.70 -26.58
N LYS E 142 59.88 -71.91 -25.49
CA LYS E 142 59.03 -70.98 -24.72
C LYS E 142 58.71 -69.66 -25.46
N MET E 143 59.18 -68.51 -24.97
CA MET E 143 58.67 -67.21 -25.43
C MET E 143 59.76 -66.39 -26.13
N GLU E 144 60.72 -67.07 -26.76
CA GLU E 144 61.83 -66.40 -27.45
C GLU E 144 61.44 -65.84 -28.83
N ALA E 145 60.18 -66.01 -29.22
CA ALA E 145 59.52 -65.09 -30.15
C ALA E 145 59.29 -63.72 -29.52
N GLU E 146 58.60 -63.71 -28.38
CA GLU E 146 58.10 -62.47 -27.77
C GLU E 146 59.17 -61.69 -26.98
N LEU E 147 60.22 -62.36 -26.52
CA LEU E 147 61.40 -61.69 -25.95
C LEU E 147 62.26 -61.00 -27.01
N THR E 148 62.27 -61.52 -28.24
CA THR E 148 62.96 -60.88 -29.35
C THR E 148 62.38 -59.50 -29.70
N ARG E 149 61.07 -59.34 -29.57
CA ARG E 149 60.41 -58.03 -29.66
C ARG E 149 61.00 -56.99 -28.70
N MET E 150 61.15 -57.37 -27.43
CA MET E 150 61.63 -56.46 -26.39
C MET E 150 63.10 -56.05 -26.57
N LYS E 151 63.90 -56.93 -27.18
CA LYS E 151 65.29 -56.61 -27.54
C LYS E 151 65.37 -55.66 -28.74
N ASN E 152 64.50 -55.85 -29.73
CA ASN E 152 64.49 -55.01 -30.92
C ASN E 152 63.99 -53.59 -30.62
N TYR E 153 62.77 -53.51 -30.11
CA TYR E 153 62.13 -52.23 -29.78
C TYR E 153 62.40 -51.92 -28.29
N CYS E 154 61.57 -51.08 -27.68
CA CYS E 154 61.45 -50.96 -26.21
C CYS E 154 62.67 -50.30 -25.54
N SER E 155 62.50 -49.04 -25.15
CA SER E 155 63.51 -48.32 -24.37
C SER E 155 63.60 -48.79 -22.91
N VAL E 156 62.47 -49.16 -22.31
CA VAL E 156 62.36 -49.42 -20.87
C VAL E 156 61.94 -50.88 -20.62
N ILE E 157 62.49 -51.49 -19.58
CA ILE E 157 62.15 -52.86 -19.17
C ILE E 157 61.90 -52.91 -17.65
N ARG E 158 60.88 -53.68 -17.26
CA ARG E 158 60.47 -53.81 -15.86
C ARG E 158 60.15 -55.25 -15.51
N ALA E 159 60.80 -55.76 -14.46
CA ALA E 159 60.48 -57.08 -13.93
C ALA E 159 59.20 -57.00 -13.10
N ILE E 160 58.25 -57.89 -13.38
CA ILE E 160 57.13 -58.15 -12.48
C ILE E 160 57.56 -59.08 -11.35
N CYS E 161 57.64 -58.54 -10.13
CA CYS E 161 57.87 -59.33 -8.92
C CYS E 161 56.59 -59.44 -8.09
N HIS E 162 56.65 -60.24 -7.02
CA HIS E 162 55.54 -60.35 -6.07
C HIS E 162 56.00 -60.79 -4.67
N THR E 163 55.12 -60.60 -3.70
CA THR E 163 55.45 -60.76 -2.28
C THR E 163 55.31 -62.22 -1.83
N GLN E 164 55.61 -62.49 -0.55
CA GLN E 164 55.40 -63.81 0.06
C GLN E 164 54.77 -63.70 1.46
N PRO E 165 53.51 -63.24 1.52
CA PRO E 165 52.89 -62.90 2.80
C PRO E 165 52.34 -64.10 3.61
N SER E 166 52.42 -65.31 3.07
CA SER E 166 52.30 -66.53 3.89
C SER E 166 53.43 -66.67 4.93
N LYS E 167 54.62 -66.20 4.59
CA LYS E 167 55.76 -66.20 5.50
C LYS E 167 55.66 -65.12 6.59
N THR E 168 54.93 -64.04 6.29
CA THR E 168 54.59 -63.01 7.27
C THR E 168 53.51 -63.52 8.25
N PRO E 169 53.45 -62.96 9.48
CA PRO E 169 52.33 -63.20 10.41
C PRO E 169 51.13 -62.23 10.27
N ILE E 170 50.88 -61.73 9.06
CA ILE E 170 49.56 -61.25 8.67
C ILE E 170 48.77 -62.46 8.19
N GLY E 171 47.45 -62.43 8.35
CA GLY E 171 46.58 -63.51 7.87
C GLY E 171 46.17 -63.35 6.42
N SER E 172 47.15 -63.18 5.53
CA SER E 172 46.92 -62.58 4.22
C SER E 172 46.87 -63.63 3.10
N LYS E 173 48.01 -64.23 2.78
CA LYS E 173 48.17 -65.16 1.64
C LYS E 173 48.11 -64.57 0.22
N LYS E 174 47.54 -63.38 0.03
CA LYS E 174 47.04 -62.96 -1.29
C LYS E 174 48.15 -62.45 -2.23
N ALA E 175 49.11 -61.70 -1.68
CA ALA E 175 50.39 -61.36 -2.35
C ALA E 175 50.25 -60.29 -3.43
N HIS E 176 50.98 -59.19 -3.23
CA HIS E 176 50.90 -58.03 -4.12
C HIS E 176 51.85 -58.23 -5.30
N VAL E 177 51.33 -58.04 -6.51
CA VAL E 177 52.14 -57.99 -7.72
C VAL E 177 52.57 -56.55 -7.98
N MET E 178 53.78 -56.39 -8.50
CA MET E 178 54.45 -55.09 -8.57
C MET E 178 55.44 -55.07 -9.73
N GLU E 179 55.34 -54.07 -10.59
CA GLU E 179 56.41 -53.75 -11.55
C GLU E 179 57.57 -53.05 -10.84
N ILE E 180 58.79 -53.50 -11.15
CA ILE E 180 60.02 -52.86 -10.70
C ILE E 180 60.93 -52.69 -11.92
N GLN E 181 61.43 -51.47 -12.12
CA GLN E 181 62.24 -51.16 -13.30
C GLN E 181 63.66 -51.68 -13.13
N VAL E 182 64.29 -51.98 -14.25
CA VAL E 182 65.69 -52.43 -14.29
C VAL E 182 66.55 -51.32 -14.92
N ASN E 183 67.41 -50.73 -14.09
CA ASN E 183 68.35 -49.69 -14.53
C ASN E 183 69.78 -50.20 -14.53
N GLY E 184 70.18 -50.78 -15.66
CA GLY E 184 71.58 -50.78 -16.10
C GLY E 184 71.68 -50.54 -17.59
N GLY E 185 72.75 -51.05 -18.20
CA GLY E 185 73.06 -50.81 -19.61
C GLY E 185 72.59 -51.92 -20.52
N SER E 186 72.39 -51.57 -21.79
CA SER E 186 72.17 -52.53 -22.90
C SER E 186 70.86 -53.30 -22.78
N ILE E 187 69.94 -53.02 -23.70
CA ILE E 187 68.55 -53.47 -23.59
C ILE E 187 68.40 -55.00 -23.69
N ALA E 188 69.35 -55.65 -24.36
CA ALA E 188 69.45 -57.13 -24.34
C ALA E 188 69.73 -57.69 -22.94
N GLU E 189 70.68 -57.09 -22.23
CA GLU E 189 71.17 -57.62 -20.95
C GLU E 189 70.20 -57.38 -19.78
N LYS E 190 69.36 -56.35 -19.91
CA LYS E 190 68.20 -56.18 -19.00
C LYS E 190 67.23 -57.35 -19.05
N VAL E 191 66.98 -57.89 -20.25
CA VAL E 191 66.10 -59.04 -20.43
C VAL E 191 66.77 -60.33 -19.93
N ASP E 192 68.08 -60.47 -20.17
CA ASP E 192 68.87 -61.59 -19.64
C ASP E 192 69.00 -61.58 -18.10
N PHE E 193 69.01 -60.39 -17.51
CA PHE E 193 68.87 -60.23 -16.06
C PHE E 193 67.51 -60.73 -15.55
N CYS E 194 66.44 -60.31 -16.23
CA CYS E 194 65.07 -60.68 -15.85
C CYS E 194 64.78 -62.16 -16.07
N THR E 195 65.21 -62.71 -17.21
CA THR E 195 64.98 -64.11 -17.57
C THR E 195 65.53 -65.09 -16.52
N LYS E 196 66.73 -64.83 -16.02
CA LYS E 196 67.40 -65.72 -15.07
C LYS E 196 66.89 -65.58 -13.62
N MET E 197 66.08 -64.56 -13.35
CA MET E 197 65.35 -64.43 -12.07
C MET E 197 64.02 -65.21 -12.02
N PHE E 198 63.53 -65.71 -13.15
CA PHE E 198 62.22 -66.37 -13.23
C PHE E 198 62.13 -67.56 -12.27
N GLU E 199 61.16 -67.51 -11.36
CA GLU E 199 61.01 -68.46 -10.26
C GLU E 199 62.26 -68.53 -9.37
N THR E 200 62.82 -67.37 -9.04
CA THR E 200 63.89 -67.25 -8.05
C THR E 200 63.52 -66.16 -7.05
N ALA E 201 63.70 -66.45 -5.76
CA ALA E 201 63.49 -65.48 -4.70
C ALA E 201 64.62 -64.45 -4.71
N VAL E 202 64.27 -63.18 -4.90
CA VAL E 202 65.22 -62.07 -4.76
C VAL E 202 65.24 -61.65 -3.29
N PRO E 203 66.40 -61.74 -2.62
CA PRO E 203 66.52 -61.25 -1.25
C PRO E 203 66.76 -59.74 -1.21
N VAL E 204 66.74 -59.18 0.00
CA VAL E 204 66.78 -57.73 0.19
C VAL E 204 68.20 -57.19 0.05
N LYS E 205 69.19 -58.00 0.44
CA LYS E 205 70.59 -57.64 0.33
C LYS E 205 71.09 -57.46 -1.12
N ALA E 206 70.40 -58.10 -2.07
CA ALA E 206 70.61 -57.82 -3.50
C ALA E 206 70.33 -56.36 -3.89
N VAL E 207 69.31 -55.76 -3.28
CA VAL E 207 68.87 -54.40 -3.61
C VAL E 207 69.62 -53.37 -2.74
N PHE E 208 69.33 -53.37 -1.43
CA PHE E 208 69.75 -52.28 -0.53
C PHE E 208 70.93 -52.66 0.36
N THR E 209 71.59 -51.64 0.93
CA THR E 209 72.80 -51.80 1.73
C THR E 209 72.70 -50.96 3.02
N GLU E 210 73.52 -51.31 4.02
CA GLU E 210 73.72 -50.46 5.21
C GLU E 210 74.29 -49.10 4.82
N GLY E 211 73.75 -48.04 5.41
CA GLY E 211 74.11 -46.67 5.05
C GLY E 211 73.69 -46.33 3.64
N GLU E 212 72.40 -46.05 3.48
CA GLU E 212 71.83 -45.67 2.18
C GLU E 212 70.53 -44.91 2.39
N MET E 213 70.40 -43.78 1.72
CA MET E 213 69.14 -43.03 1.72
C MET E 213 68.13 -43.75 0.83
N ILE E 214 66.92 -43.94 1.36
CA ILE E 214 65.81 -44.58 0.66
C ILE E 214 64.59 -43.67 0.69
N ASP E 215 63.88 -43.61 -0.43
CA ASP E 215 62.62 -42.87 -0.53
C ASP E 215 61.45 -43.82 -0.33
N VAL E 216 60.63 -43.54 0.68
CA VAL E 216 59.64 -44.50 1.19
C VAL E 216 58.25 -44.13 0.73
N ILE E 217 57.60 -45.03 -0.02
CA ILE E 217 56.23 -44.84 -0.51
C ILE E 217 55.28 -45.63 0.38
N GLY E 218 54.10 -45.08 0.65
CA GLY E 218 53.05 -45.82 1.33
C GLY E 218 51.72 -45.09 1.35
N VAL E 219 50.82 -45.55 2.22
CA VAL E 219 49.54 -44.90 2.46
C VAL E 219 49.42 -44.57 3.95
N THR E 220 48.91 -43.38 4.26
CA THR E 220 48.81 -42.91 5.64
C THR E 220 47.70 -43.61 6.38
N LYS E 221 47.77 -43.64 7.71
CA LYS E 221 46.77 -44.36 8.50
C LYS E 221 45.49 -43.54 8.65
N GLY E 222 44.35 -44.18 8.41
CA GLY E 222 43.07 -43.52 8.26
C GLY E 222 42.48 -43.02 9.56
N HIS E 223 41.81 -41.86 9.50
CA HIS E 223 41.05 -41.32 10.61
C HIS E 223 39.58 -41.01 10.27
N GLY E 224 39.14 -41.38 9.08
CA GLY E 224 37.77 -41.13 8.64
C GLY E 224 37.50 -39.67 8.32
N VAL E 225 36.26 -39.25 8.52
CA VAL E 225 35.87 -37.86 8.31
C VAL E 225 36.23 -37.05 9.56
N LYS E 226 37.25 -36.20 9.43
CA LYS E 226 37.65 -35.30 10.50
C LYS E 226 37.37 -33.86 10.10
N GLY E 227 37.13 -33.02 11.11
CA GLY E 227 36.78 -31.63 10.89
C GLY E 227 37.97 -30.76 10.56
N VAL E 228 37.66 -29.54 10.11
CA VAL E 228 38.64 -28.47 9.83
C VAL E 228 39.87 -28.46 10.74
N VAL E 229 39.64 -28.51 12.06
CA VAL E 229 40.69 -28.27 13.06
C VAL E 229 41.79 -29.32 12.94
N SER E 230 41.41 -30.59 13.08
CA SER E 230 42.34 -31.71 12.90
C SER E 230 42.84 -31.85 11.47
N ARG E 231 41.95 -31.68 10.50
CA ARG E 231 42.24 -31.97 9.08
C ARG E 231 43.20 -30.94 8.46
N TRP E 232 42.99 -29.66 8.76
CA TRP E 232 43.74 -28.56 8.15
C TRP E 232 44.67 -27.79 9.09
N GLY E 233 44.55 -28.01 10.40
CA GLY E 233 45.29 -27.22 11.38
C GLY E 233 44.82 -25.78 11.42
N VAL E 234 43.71 -25.55 12.10
CA VAL E 234 43.01 -24.27 12.11
C VAL E 234 42.80 -23.84 13.55
N THR E 235 42.74 -22.53 13.78
CA THR E 235 42.48 -22.00 15.11
C THR E 235 41.08 -22.37 15.61
N ARG E 236 41.04 -22.84 16.85
CA ARG E 236 39.80 -23.12 17.54
C ARG E 236 39.15 -21.79 17.95
N LEU E 237 37.85 -21.65 17.69
CA LEU E 237 37.10 -20.41 17.99
C LEU E 237 36.84 -20.27 19.50
N PRO E 238 36.57 -19.03 19.98
CA PRO E 238 36.47 -18.81 21.43
C PRO E 238 35.21 -19.39 22.06
N ARG E 239 35.21 -19.43 23.38
CA ARG E 239 34.24 -20.26 24.15
C ARG E 239 32.79 -19.86 23.91
N THR E 241 30.88 -19.06 21.56
CA THR E 241 30.43 -18.93 20.19
C THR E 241 29.18 -19.79 19.97
N HIS E 242 28.07 -19.13 19.66
CA HIS E 242 26.79 -19.79 19.38
C HIS E 242 26.93 -20.68 18.15
N ARG E 243 26.12 -21.74 18.09
CA ARG E 243 26.16 -22.76 17.04
C ARG E 243 27.31 -23.74 17.31
N GLY E 244 28.55 -23.29 17.24
CA GLY E 244 29.71 -24.08 17.69
C GLY E 244 31.04 -23.42 17.39
N LEU E 245 32.13 -24.09 17.79
CA LEU E 245 33.49 -23.49 17.78
C LEU E 245 34.65 -24.35 17.27
N ARG E 246 34.37 -25.53 16.68
CA ARG E 246 35.40 -26.34 16.06
C ARG E 246 35.35 -26.16 14.54
N LYS E 247 35.36 -24.91 14.10
CA LYS E 247 35.13 -24.58 12.69
C LYS E 247 35.58 -23.17 12.34
N ILE E 248 35.78 -22.94 11.05
CA ILE E 248 36.02 -21.61 10.50
C ILE E 248 34.75 -20.76 10.68
N ALA E 249 34.96 -19.47 10.85
CA ALA E 249 33.86 -18.50 10.94
C ALA E 249 33.48 -18.01 9.53
N CYS E 250 34.42 -17.37 8.86
CA CYS E 250 34.22 -16.84 7.52
C CYS E 250 34.84 -17.77 6.50
N ILE E 251 34.01 -18.45 5.71
CA ILE E 251 34.46 -19.09 4.47
C ILE E 251 35.12 -18.06 3.55
N GLY E 252 34.36 -17.04 3.16
CA GLY E 252 34.61 -16.31 1.93
C GLY E 252 34.14 -14.86 2.00
N ALA E 253 34.74 -14.03 1.15
CA ALA E 253 34.16 -12.73 0.80
C ALA E 253 32.93 -12.90 -0.10
N TRP E 254 32.11 -11.85 -0.13
CA TRP E 254 30.90 -11.82 -0.95
C TRP E 254 31.20 -12.19 -2.39
N HIS E 255 32.10 -11.44 -3.03
CA HIS E 255 32.56 -11.73 -4.40
C HIS E 255 33.99 -12.27 -4.32
N PRO E 256 34.31 -13.36 -5.03
CA PRO E 256 33.42 -14.05 -5.95
C PRO E 256 32.27 -14.78 -5.27
N ALA E 257 31.10 -14.75 -5.92
CA ALA E 257 29.86 -15.26 -5.35
C ALA E 257 29.79 -16.78 -5.46
N ARG E 258 30.70 -17.41 -4.73
CA ARG E 258 31.18 -18.76 -4.97
C ARG E 258 32.20 -19.05 -3.88
N VAL E 259 32.26 -20.29 -3.42
CA VAL E 259 33.26 -20.69 -2.43
C VAL E 259 34.51 -21.12 -3.19
N GLN E 260 35.66 -20.61 -2.78
CA GLN E 260 36.92 -20.90 -3.46
C GLN E 260 37.48 -22.24 -2.98
N PHE E 261 38.32 -22.87 -3.79
CA PHE E 261 38.91 -24.17 -3.44
C PHE E 261 40.02 -24.08 -2.37
N GLN E 262 40.60 -22.89 -2.21
CA GLN E 262 41.69 -22.66 -1.25
C GLN E 262 41.23 -22.64 0.21
N VAL E 263 39.96 -22.32 0.46
CA VAL E 263 39.43 -22.33 1.82
C VAL E 263 39.35 -23.78 2.33
N PRO E 264 39.70 -24.01 3.62
CA PRO E 264 39.63 -25.38 4.16
C PRO E 264 38.26 -25.78 4.72
N ARG E 265 37.84 -27.03 4.44
CA ARG E 265 36.50 -27.55 4.77
C ARG E 265 36.61 -28.82 5.63
N HIS E 266 35.48 -29.42 5.97
CA HIS E 266 35.43 -30.73 6.65
C HIS E 266 35.51 -31.85 5.63
N GLY E 267 36.19 -32.93 5.97
CA GLY E 267 36.16 -34.14 5.14
C GLY E 267 37.12 -35.24 5.55
N GLN E 268 37.57 -36.03 4.56
CA GLN E 268 38.43 -37.20 4.82
C GLN E 268 39.77 -36.76 5.36
N LYS E 269 40.30 -37.56 6.29
CA LYS E 269 41.67 -37.41 6.78
C LYS E 269 42.31 -38.77 6.99
N GLY E 270 43.55 -38.92 6.53
CA GLY E 270 44.22 -40.20 6.46
C GLY E 270 43.74 -41.06 5.30
N TYR E 271 44.43 -42.20 5.12
CA TYR E 271 44.39 -42.99 3.88
C TYR E 271 44.83 -42.22 2.61
N PHE E 272 45.75 -41.26 2.77
CA PHE E 272 46.35 -40.56 1.64
C PHE E 272 47.64 -41.24 1.21
N HIS E 273 47.81 -41.42 -0.10
CA HIS E 273 49.08 -41.87 -0.66
C HIS E 273 50.13 -40.79 -0.48
N ARG E 274 51.27 -41.15 0.14
CA ARG E 274 52.40 -40.25 0.29
C ARG E 274 53.69 -40.93 -0.14
N GLU E 276 57.93 -40.26 1.14
CA GLU E 276 58.94 -39.39 1.74
C GLU E 276 60.28 -39.63 1.04
N MET E 277 61.28 -38.83 1.37
CA MET E 277 62.62 -38.97 0.79
C MET E 277 63.73 -38.71 1.80
N ASN E 278 64.87 -39.36 1.57
CA ASN E 278 66.03 -39.32 2.46
C ASN E 278 65.74 -39.84 3.88
N LYS E 279 65.60 -41.16 4.00
CA LYS E 279 65.48 -41.84 5.30
C LYS E 279 66.46 -43.00 5.36
N LYS E 280 67.44 -42.89 6.25
CA LYS E 280 68.66 -43.71 6.19
C LYS E 280 68.39 -45.14 6.68
N VAL E 281 68.91 -46.12 5.95
CA VAL E 281 68.91 -47.52 6.39
C VAL E 281 70.08 -47.77 7.35
N TYR E 282 69.78 -48.32 8.52
CA TYR E 282 70.80 -48.62 9.53
C TYR E 282 71.29 -50.06 9.49
N ARG E 283 70.38 -51.01 9.31
CA ARG E 283 70.70 -52.43 9.38
C ARG E 283 69.86 -53.23 8.40
N VAL E 284 70.52 -53.98 7.53
CA VAL E 284 69.89 -55.12 6.84
C VAL E 284 70.13 -56.38 7.65
N GLY E 285 69.06 -57.13 7.92
CA GLY E 285 69.09 -58.30 8.80
C GLY E 285 68.92 -59.61 8.08
N ASN E 286 68.93 -60.71 8.85
CA ASN E 286 68.69 -62.05 8.32
C ASN E 286 67.75 -62.85 9.23
N GLY E 287 66.75 -63.48 8.64
CA GLY E 287 65.90 -64.45 9.33
C GLY E 287 66.54 -65.80 9.60
N ALA E 288 67.64 -66.10 8.91
CA ALA E 288 68.25 -67.43 8.96
C ALA E 288 68.88 -67.74 10.32
N PRO E 290 70.08 -66.83 14.50
CA PRO E 290 69.98 -65.93 15.64
C PRO E 290 71.12 -64.90 15.65
N ARG E 291 71.11 -64.01 16.63
CA ARG E 291 71.96 -62.80 16.63
C ARG E 291 71.69 -61.91 15.42
N ASN E 292 70.50 -61.31 15.40
CA ASN E 292 70.17 -60.19 14.52
C ASN E 292 70.38 -58.86 15.23
N ALA E 293 69.79 -58.75 16.42
CA ALA E 293 69.93 -57.57 17.26
C ALA E 293 71.26 -57.49 18.02
N THR E 294 72.03 -58.58 18.03
CA THR E 294 73.39 -58.59 18.58
C THR E 294 74.34 -57.73 17.74
N THR E 295 75.22 -57.00 18.42
CA THR E 295 76.17 -56.08 17.80
C THR E 295 77.59 -56.40 18.32
N GLU E 296 78.56 -55.55 18.02
CA GLU E 296 79.90 -55.62 18.60
C GLU E 296 79.93 -55.38 20.12
N SER E 297 79.13 -54.42 20.59
CA SER E 297 79.25 -53.91 21.97
C SER E 297 78.65 -54.86 23.00
N ASP E 298 77.36 -55.21 22.83
CA ASP E 298 76.59 -55.89 23.89
C ASP E 298 76.85 -57.41 23.96
N LEU E 299 76.98 -58.06 22.80
CA LEU E 299 77.33 -59.50 22.70
C LEU E 299 76.40 -60.41 23.51
N THR E 300 75.09 -60.21 23.34
CA THR E 300 74.06 -61.06 23.94
C THR E 300 73.08 -61.51 22.87
N GLU E 301 72.67 -62.78 22.93
CA GLU E 301 72.00 -63.44 21.81
C GLU E 301 70.52 -63.04 21.75
N LYS E 302 70.12 -62.40 20.65
CA LYS E 302 68.80 -61.79 20.51
C LYS E 302 68.24 -61.99 19.10
N ARG E 303 66.91 -61.94 19.01
CA ARG E 303 66.21 -61.71 17.75
C ARG E 303 65.47 -60.38 17.85
N ILE E 304 65.21 -59.75 16.71
CA ILE E 304 64.65 -58.38 16.69
C ILE E 304 63.13 -58.32 16.94
N THR E 305 62.48 -59.46 17.16
CA THR E 305 61.21 -59.50 17.88
C THR E 305 61.43 -58.98 19.30
N PRO E 306 60.65 -57.98 19.73
CA PRO E 306 60.61 -57.68 21.17
C PRO E 306 59.76 -58.70 21.93
N MET E 307 59.89 -58.68 23.25
CA MET E 307 59.08 -59.55 24.11
C MET E 307 57.59 -59.26 23.97
N GLY E 308 56.78 -60.33 23.99
CA GLY E 308 55.35 -60.23 23.72
C GLY E 308 54.97 -59.79 22.32
N GLY E 309 55.85 -60.02 21.35
CA GLY E 309 55.64 -59.58 19.96
C GLY E 309 55.72 -58.08 19.74
N PHE E 310 55.75 -57.69 18.47
CA PHE E 310 55.27 -56.37 18.05
C PHE E 310 53.76 -56.32 18.22
N PRO E 311 53.25 -55.34 19.00
CA PRO E 311 51.81 -55.33 19.26
C PRO E 311 51.01 -55.01 18.00
N HIS E 312 50.01 -55.83 17.70
CA HIS E 312 49.40 -55.91 16.37
C HIS E 312 50.46 -56.14 15.28
N GLY E 314 52.61 -60.18 14.42
CA GLY E 314 53.25 -60.07 15.74
C GLY E 314 54.75 -60.34 15.76
N THR E 315 55.17 -61.46 15.18
CA THR E 315 56.52 -62.00 15.39
C THR E 315 57.58 -61.24 14.57
N VAL E 316 57.67 -61.52 13.26
CA VAL E 316 58.90 -61.41 12.43
C VAL E 316 59.87 -62.56 12.69
N ASN E 317 59.98 -63.46 11.72
CA ASN E 317 61.13 -64.37 11.62
C ASN E 317 61.61 -64.50 10.18
N ASN E 318 61.82 -63.35 9.54
CA ASN E 318 62.27 -63.25 8.15
C ASN E 318 63.46 -62.31 8.07
N ASP E 319 63.93 -62.03 6.86
CA ASP E 319 64.79 -60.86 6.62
C ASP E 319 64.02 -59.57 6.87
N PHE E 320 64.70 -58.58 7.43
CA PHE E 320 64.12 -57.26 7.69
C PHE E 320 65.09 -56.17 7.27
N LEU E 321 64.68 -54.92 7.44
CA LEU E 321 65.63 -53.81 7.48
C LEU E 321 65.15 -52.64 8.35
N LEU E 322 66.04 -52.17 9.22
CA LEU E 322 65.80 -50.98 10.03
C LEU E 322 65.91 -49.73 9.19
N LEU E 323 65.34 -48.63 9.67
CA LEU E 323 65.70 -47.30 9.18
C LEU E 323 65.27 -46.18 10.12
N LYS E 324 65.82 -44.99 9.89
CA LYS E 324 65.52 -43.77 10.68
C LYS E 324 64.03 -43.47 10.80
N GLY E 329 52.81 -45.15 7.42
CA GLY E 329 51.52 -45.83 7.43
C GLY E 329 51.29 -46.66 8.68
N CYS E 330 50.11 -47.29 8.73
CA CYS E 330 49.71 -48.16 9.83
C CYS E 330 50.55 -49.44 9.88
N LYS E 331 50.39 -50.22 10.94
CA LYS E 331 51.00 -51.56 11.04
C LYS E 331 50.36 -52.52 10.04
N LYS E 332 51.17 -53.47 9.56
CA LYS E 332 50.79 -54.41 8.49
C LYS E 332 50.45 -53.77 7.13
N ARG E 333 50.94 -52.55 6.87
CA ARG E 333 50.81 -51.94 5.54
C ARG E 333 51.90 -52.45 4.64
N PRO E 334 51.60 -52.64 3.34
CA PRO E 334 52.66 -52.80 2.35
C PRO E 334 53.27 -51.46 1.96
N ILE E 335 54.43 -51.16 2.56
CA ILE E 335 55.36 -50.14 2.07
C ILE E 335 55.97 -50.59 0.74
N THR E 336 56.33 -49.62 -0.10
CA THR E 336 57.41 -49.82 -1.08
C THR E 336 58.58 -48.89 -0.79
N PHE E 337 59.79 -49.39 -1.06
CA PHE E 337 61.00 -48.58 -1.02
C PHE E 337 61.46 -48.25 -2.44
N ARG E 338 62.27 -47.21 -2.56
CA ARG E 338 62.83 -46.79 -3.83
C ARG E 338 64.28 -46.37 -3.65
N LYS E 339 65.08 -46.62 -4.68
CA LYS E 339 66.46 -46.14 -4.74
C LYS E 339 66.43 -44.68 -5.19
N THR E 340 67.18 -43.83 -4.48
CA THR E 340 66.97 -42.38 -4.52
C THR E 340 67.29 -41.80 -5.91
N LEU E 341 66.55 -40.77 -6.29
CA LEU E 341 66.50 -40.32 -7.69
C LEU E 341 67.82 -39.72 -8.19
N VAL E 342 68.60 -39.14 -7.28
CA VAL E 342 70.03 -38.88 -7.51
C VAL E 342 70.86 -39.32 -6.29
N PRO E 343 72.04 -39.94 -6.53
CA PRO E 343 72.89 -40.36 -5.41
C PRO E 343 73.61 -39.18 -4.76
N ARG E 344 73.15 -38.78 -3.57
CA ARG E 344 73.49 -37.49 -2.98
C ARG E 344 74.37 -37.63 -1.74
N THR E 345 75.21 -36.61 -1.50
CA THR E 345 76.24 -36.66 -0.47
C THR E 345 76.24 -35.35 0.33
N THR E 346 75.64 -35.38 1.51
CA THR E 346 75.30 -34.18 2.29
C THR E 346 75.99 -34.18 3.67
N ARG E 347 77.07 -34.94 3.82
CA ARG E 347 77.69 -35.26 5.12
C ARG E 347 76.77 -35.98 6.12
N ARG E 348 75.63 -35.37 6.45
CA ARG E 348 74.47 -36.07 7.02
C ARG E 348 74.13 -37.39 6.32
N ALA E 349 74.02 -37.35 4.99
CA ALA E 349 74.10 -38.55 4.16
C ALA E 349 75.56 -38.84 3.80
N LEU E 350 75.86 -40.12 3.54
CA LEU E 350 77.23 -40.65 3.54
C LEU E 350 77.86 -40.52 4.93
N GLU E 351 77.20 -41.12 5.91
CA GLU E 351 77.63 -41.13 7.31
C GLU E 351 78.10 -42.54 7.69
N PRO E 352 79.19 -42.64 8.48
CA PRO E 352 79.45 -43.88 9.21
C PRO E 352 78.38 -44.19 10.26
N VAL E 353 77.60 -45.24 10.02
CA VAL E 353 76.69 -45.79 11.02
C VAL E 353 77.48 -46.72 11.95
N ASN E 354 77.26 -46.57 13.25
CA ASN E 354 77.77 -47.52 14.25
C ASN E 354 76.70 -47.82 15.30
N LEU E 355 76.09 -49.01 15.23
CA LEU E 355 75.06 -49.43 16.19
C LEU E 355 75.72 -50.07 17.41
N LYS E 356 75.61 -49.41 18.56
CA LYS E 356 75.97 -50.02 19.83
C LYS E 356 74.95 -51.07 20.28
N PHE E 357 73.66 -50.73 20.24
CA PHE E 357 72.65 -51.43 21.03
C PHE E 357 71.26 -51.28 20.44
N ILE E 358 70.64 -52.41 20.07
CA ILE E 358 69.24 -52.45 19.62
C ILE E 358 68.35 -52.95 20.77
N ASP E 359 67.22 -52.27 20.96
CA ASP E 359 66.29 -52.56 22.05
C ASP E 359 65.31 -53.65 21.63
N THR E 360 65.18 -54.69 22.44
CA THR E 360 64.17 -55.73 22.24
C THR E 360 63.37 -56.01 23.52
N SER E 361 63.24 -55.00 24.37
CA SER E 361 62.35 -55.06 25.53
C SER E 361 60.91 -54.81 25.10
N GLY E 365 53.20 -53.66 27.54
CA GLY E 365 53.26 -52.22 27.75
C GLY E 365 54.66 -51.68 27.96
N HIS E 366 55.03 -51.45 29.22
CA HIS E 366 56.28 -50.77 29.56
C HIS E 366 57.36 -51.77 29.98
N GLY E 367 58.19 -52.16 29.03
CA GLY E 367 59.16 -53.24 29.23
C GLY E 367 60.36 -52.77 30.01
N ARG E 368 60.79 -53.59 30.98
CA ARG E 368 62.10 -53.43 31.63
C ARG E 368 63.15 -54.27 30.93
N PHE E 369 62.89 -55.56 30.80
CA PHE E 369 63.92 -56.56 30.53
C PHE E 369 64.08 -56.74 29.02
N GLN E 370 65.31 -56.96 28.58
CA GLN E 370 65.60 -57.16 27.15
C GLN E 370 65.15 -58.53 26.63
N THR E 371 65.34 -59.57 27.45
CA THR E 371 65.02 -60.95 27.08
C THR E 371 64.21 -61.64 28.18
N SER E 372 63.49 -62.69 27.80
CA SER E 372 62.54 -63.36 28.71
C SER E 372 63.21 -64.23 29.76
N GLU E 373 64.38 -64.79 29.43
CA GLU E 373 65.24 -65.45 30.42
C GLU E 373 65.87 -64.50 31.45
N GLU E 374 66.06 -63.23 31.08
CA GLU E 374 66.49 -62.19 32.03
C GLU E 374 65.40 -61.89 33.08
N LYS E 375 64.14 -61.87 32.65
CA LYS E 375 62.99 -61.77 33.57
C LYS E 375 62.94 -62.95 34.55
N ALA E 376 63.19 -64.16 34.05
CA ALA E 376 63.15 -65.38 34.87
C ALA E 376 64.23 -65.41 35.97
N LYS E 377 65.41 -64.87 35.65
CA LYS E 377 66.47 -64.69 36.66
C LYS E 377 66.08 -63.74 37.79
N PHE E 378 65.40 -62.65 37.46
CA PHE E 378 65.04 -61.63 38.45
C PHE E 378 64.01 -62.14 39.46
N TYR E 379 62.89 -62.65 38.95
CA TYR E 379 61.81 -63.15 39.82
C TYR E 379 62.13 -64.49 40.49
N GLY E 380 63.02 -65.28 39.89
CA GLY E 380 63.51 -66.52 40.52
C GLY E 380 62.54 -67.67 40.37
N PRO E 381 62.62 -68.67 41.27
CA PRO E 381 61.59 -69.73 41.33
C PRO E 381 60.20 -69.21 41.76
N LEU E 382 59.36 -68.95 40.75
CA LEU E 382 57.94 -68.61 40.96
C LEU E 382 57.08 -69.82 41.35
N LYS E 383 55.83 -69.56 41.72
CA LYS E 383 54.91 -70.57 42.25
C LYS E 383 54.04 -71.19 41.16
N SER E 384 54.00 -72.52 41.08
CA SER E 384 53.26 -73.25 40.04
C SER E 384 51.75 -73.21 40.28
N ALA F 2 -51.29 1.32 -49.62
CA ALA F 2 -52.59 0.91 -50.22
C ALA F 2 -53.42 2.14 -50.58
N THR F 3 -53.59 2.39 -51.88
CA THR F 3 -54.28 3.59 -52.40
C THR F 3 -55.65 3.23 -53.01
N ALA F 4 -56.48 2.54 -52.24
CA ALA F 4 -57.87 2.29 -52.61
C ALA F 4 -58.68 1.80 -51.41
N ARG F 5 -59.99 1.96 -51.48
CA ARG F 5 -60.93 1.44 -50.47
C ARG F 5 -61.91 0.47 -51.12
N PRO F 6 -61.52 -0.81 -51.24
CA PRO F 6 -62.40 -1.77 -51.93
C PRO F 6 -63.58 -2.21 -51.09
N LEU F 7 -64.56 -2.83 -51.74
CA LEU F 7 -65.69 -3.44 -51.05
C LEU F 7 -65.26 -4.82 -50.54
N VAL F 8 -65.37 -5.02 -49.23
CA VAL F 8 -64.99 -6.28 -48.57
C VAL F 8 -66.20 -7.21 -48.49
N SER F 9 -66.01 -8.46 -48.87
CA SER F 9 -67.03 -9.49 -48.71
C SER F 9 -67.12 -9.96 -47.25
N VAL F 10 -68.29 -9.76 -46.63
CA VAL F 10 -68.59 -10.31 -45.30
C VAL F 10 -69.15 -11.72 -45.46
N TYR F 11 -68.68 -12.64 -44.61
CA TYR F 11 -69.00 -14.07 -44.73
C TYR F 11 -69.93 -14.54 -43.61
N LYS F 12 -70.52 -15.72 -43.81
CA LYS F 12 -71.35 -16.37 -42.78
C LYS F 12 -70.47 -17.06 -41.73
N PRO F 13 -71.08 -17.42 -40.58
CA PRO F 13 -70.51 -18.52 -39.77
C PRO F 13 -70.66 -19.91 -40.41
N GLU F 14 -71.84 -20.19 -40.99
CA GLU F 14 -72.14 -21.52 -41.54
C GLU F 14 -71.41 -21.85 -42.86
N ASP F 15 -70.91 -20.83 -43.56
CA ASP F 15 -70.74 -20.89 -45.02
C ASP F 15 -69.61 -19.95 -45.48
N GLY F 16 -68.90 -20.38 -46.52
CA GLY F 16 -67.70 -19.68 -46.99
C GLY F 16 -67.94 -18.46 -47.87
N THR F 17 -69.19 -18.25 -48.31
CA THR F 17 -69.61 -17.02 -49.00
C THR F 17 -70.82 -16.39 -48.32
N ALA F 18 -70.97 -15.08 -48.48
CA ALA F 18 -72.24 -14.40 -48.15
C ALA F 18 -72.42 -13.10 -48.93
N SER F 19 -73.69 -12.74 -49.15
CA SER F 19 -74.06 -11.60 -49.97
C SER F 19 -73.86 -10.26 -49.26
N GLY F 20 -73.76 -10.28 -47.93
CA GLY F 20 -73.37 -9.10 -47.16
C GLY F 20 -71.99 -8.59 -47.55
N THR F 21 -71.90 -7.30 -47.87
CA THR F 21 -70.62 -6.62 -48.11
C THR F 21 -70.57 -5.27 -47.39
N SER F 22 -69.37 -4.72 -47.31
CA SER F 22 -69.13 -3.45 -46.63
C SER F 22 -67.85 -2.78 -47.14
N LEU F 23 -67.81 -1.45 -47.01
CA LEU F 23 -66.69 -0.65 -47.48
C LEU F 23 -65.54 -0.68 -46.48
N MET F 24 -64.30 -0.68 -46.98
CA MET F 24 -63.11 -0.59 -46.13
C MET F 24 -63.02 0.78 -45.47
N PRO F 25 -62.66 0.84 -44.18
CA PRO F 25 -62.99 1.96 -43.33
C PRO F 25 -61.86 3.02 -43.21
N SER F 26 -60.93 3.03 -44.17
CA SER F 26 -59.92 4.09 -44.31
C SER F 26 -58.81 4.05 -43.23
N VAL F 27 -58.73 2.96 -42.47
CA VAL F 27 -57.56 2.66 -41.64
C VAL F 27 -56.54 1.88 -42.45
N PHE F 28 -57.01 1.03 -43.35
CA PHE F 28 -56.11 0.16 -44.14
C PHE F 28 -55.42 0.93 -45.29
N LEU F 29 -55.83 2.16 -45.54
CA LEU F 29 -55.00 3.12 -46.29
C LEU F 29 -53.70 3.53 -45.59
N SER F 30 -53.67 3.44 -44.26
CA SER F 30 -52.70 4.17 -43.42
C SER F 30 -51.25 3.80 -43.76
N PRO F 31 -50.32 4.77 -43.65
CA PRO F 31 -48.93 4.49 -44.01
C PRO F 31 -48.26 3.55 -43.01
N ARG F 33 -45.47 1.05 -41.17
CA ARG F 33 -44.51 1.83 -40.39
C ARG F 33 -43.85 0.97 -39.29
N PRO F 34 -42.94 0.06 -39.69
CA PRO F 34 -42.28 -0.86 -38.75
C PRO F 34 -41.10 -0.25 -37.98
N ASP F 35 -40.55 0.86 -38.50
CA ASP F 35 -39.82 1.85 -37.69
C ASP F 35 -40.48 2.12 -36.33
N LEU F 36 -41.74 2.53 -36.39
CA LEU F 36 -42.46 3.10 -35.26
C LEU F 36 -43.10 2.03 -34.38
N VAL F 37 -43.65 0.98 -35.00
CA VAL F 37 -44.30 -0.11 -34.27
C VAL F 37 -43.30 -0.91 -33.41
N ARG F 38 -42.07 -1.07 -33.90
CA ARG F 38 -40.97 -1.58 -33.06
C ARG F 38 -40.80 -0.71 -31.82
N PHE F 39 -40.55 0.57 -32.03
CA PHE F 39 -40.25 1.53 -30.94
C PHE F 39 -41.32 1.52 -29.86
N VAL F 40 -42.58 1.48 -30.28
CA VAL F 40 -43.70 1.56 -29.34
C VAL F 40 -43.82 0.24 -28.59
N HIS F 41 -43.96 -0.86 -29.32
CA HIS F 41 -44.12 -2.19 -28.72
C HIS F 41 -43.00 -2.53 -27.72
N THR F 42 -41.76 -2.24 -28.10
CA THR F 42 -40.60 -2.25 -27.19
C THR F 42 -40.93 -1.60 -25.85
N ASN F 43 -41.25 -0.30 -25.88
CA ASN F 43 -41.51 0.48 -24.66
C ASN F 43 -42.83 0.13 -23.97
N MET F 44 -43.82 -0.27 -24.75
CA MET F 44 -45.13 -0.61 -24.21
C MET F 44 -45.17 -1.99 -23.54
N ALA F 45 -44.27 -2.90 -23.96
CA ALA F 45 -44.16 -4.24 -23.36
C ALA F 45 -43.50 -4.21 -21.98
N LYS F 46 -42.71 -3.17 -21.72
CA LYS F 46 -42.12 -2.96 -20.40
C LYS F 46 -43.15 -2.66 -19.28
N ASN F 47 -44.35 -2.23 -19.63
CA ASN F 47 -45.31 -1.73 -18.65
C ASN F 47 -46.01 -2.78 -17.78
N ARG F 48 -45.86 -4.06 -18.14
CA ARG F 48 -46.36 -5.16 -17.32
C ARG F 48 -45.27 -5.82 -16.45
N ARG F 49 -44.10 -5.18 -16.34
CA ARG F 49 -43.02 -5.71 -15.48
C ARG F 49 -43.36 -5.57 -14.01
N GLN F 50 -43.30 -6.69 -13.28
CA GLN F 50 -43.17 -6.66 -11.83
C GLN F 50 -41.75 -6.30 -11.44
N PRO F 51 -41.58 -5.45 -10.41
CA PRO F 51 -40.24 -5.09 -9.97
C PRO F 51 -39.61 -6.20 -9.14
N TYR F 52 -38.33 -6.48 -9.41
CA TYR F 52 -37.51 -7.35 -8.57
C TYR F 52 -36.38 -6.56 -7.90
N GLY F 53 -35.76 -7.18 -6.92
CA GLY F 53 -34.64 -6.58 -6.22
C GLY F 53 -34.14 -7.44 -5.09
N VAL F 54 -32.89 -7.19 -4.71
CA VAL F 54 -32.14 -8.04 -3.79
C VAL F 54 -32.12 -7.40 -2.42
N ALA F 55 -32.30 -8.23 -1.39
CA ALA F 55 -32.69 -7.78 -0.06
C ALA F 55 -31.67 -6.79 0.51
N PRO F 56 -32.12 -5.61 0.98
CA PRO F 56 -31.18 -4.61 1.47
C PRO F 56 -30.61 -4.99 2.83
N ASN F 57 -29.28 -5.13 2.89
CA ASN F 57 -28.52 -5.78 4.00
C ASN F 57 -28.07 -7.24 3.75
N ALA F 58 -28.42 -7.82 2.60
CA ALA F 58 -27.82 -9.10 2.17
C ALA F 58 -26.34 -8.88 1.84
N GLY F 59 -25.48 -9.67 2.46
CA GLY F 59 -24.02 -9.47 2.41
C GLY F 59 -23.48 -8.82 3.67
N TYR F 60 -24.11 -7.72 4.09
CA TYR F 60 -23.52 -6.81 5.06
C TYR F 60 -23.97 -7.02 6.51
N GLN F 61 -24.66 -8.14 6.80
CA GLN F 61 -25.08 -8.42 8.18
C GLN F 61 -24.07 -9.33 8.89
N THR F 62 -23.06 -8.68 9.47
CA THR F 62 -21.84 -9.31 9.97
C THR F 62 -21.02 -8.18 10.61
N SER F 63 -20.26 -8.50 11.66
CA SER F 63 -19.33 -7.55 12.28
C SER F 63 -17.89 -7.90 11.91
N ALA F 64 -17.56 -7.71 10.64
CA ALA F 64 -16.19 -7.90 10.14
C ALA F 64 -15.38 -6.60 10.23
N GLU F 65 -14.08 -6.75 10.42
CA GLU F 65 -13.11 -5.65 10.25
C GLU F 65 -11.86 -6.15 9.53
N SER F 66 -11.06 -5.20 9.02
CA SER F 66 -9.75 -5.50 8.46
C SER F 66 -8.76 -5.84 9.57
N TRP F 67 -8.04 -6.96 9.41
CA TRP F 67 -6.81 -7.20 10.17
C TRP F 67 -5.72 -6.25 9.71
N GLY F 68 -5.52 -6.22 8.39
CA GLY F 68 -4.82 -5.12 7.73
C GLY F 68 -3.38 -5.42 7.40
N THR F 69 -2.57 -4.37 7.42
CA THR F 69 -1.12 -4.48 7.21
C THR F 69 -0.47 -5.26 8.35
N GLY F 70 0.52 -6.08 8.02
CA GLY F 70 1.44 -6.65 9.00
C GLY F 70 1.25 -8.13 9.28
N ARG F 71 0.10 -8.68 8.88
CA ARG F 71 -0.25 -10.09 9.16
C ARG F 71 -0.27 -10.97 7.91
N ALA F 72 0.38 -10.52 6.82
CA ALA F 72 0.68 -11.37 5.66
C ALA F 72 -0.55 -11.95 4.97
N VAL F 73 -1.62 -11.16 4.91
CA VAL F 73 -2.80 -11.46 4.09
C VAL F 73 -3.26 -10.20 3.37
N SER F 74 -4.24 -10.36 2.49
CA SER F 74 -5.05 -9.24 1.99
C SER F 74 -5.67 -8.38 3.11
N ARG F 75 -5.97 -7.14 2.79
CA ARG F 75 -6.52 -6.16 3.75
C ARG F 75 -8.05 -6.19 3.87
N ILE F 76 -8.70 -7.03 3.07
CA ILE F 76 -10.15 -7.16 3.03
C ILE F 76 -10.71 -7.46 4.45
N PRO F 77 -11.94 -7.01 4.77
CA PRO F 77 -12.47 -7.26 6.12
C PRO F 77 -12.79 -8.72 6.40
N ARG F 78 -12.39 -9.21 7.57
CA ARG F 78 -12.56 -10.61 7.95
C ARG F 78 -13.46 -10.82 9.16
N VAL F 79 -14.11 -11.98 9.19
CA VAL F 79 -15.03 -12.35 10.25
C VAL F 79 -14.24 -12.71 11.50
N PRO F 80 -14.55 -12.08 12.65
CA PRO F 80 -13.78 -12.31 13.87
C PRO F 80 -14.21 -13.56 14.64
N GLY F 81 -13.48 -13.87 15.71
CA GLY F 81 -13.84 -14.94 16.64
C GLY F 81 -13.03 -16.21 16.43
N GLY F 82 -13.62 -17.33 16.85
CA GLY F 82 -13.06 -18.66 16.57
C GLY F 82 -14.12 -19.73 16.56
N THR F 84 -15.16 -21.82 14.33
CA THR F 84 -16.30 -21.90 13.44
C THR F 84 -15.96 -22.41 12.04
N HIS F 85 -14.77 -22.08 11.54
CA HIS F 85 -14.37 -22.19 10.12
C HIS F 85 -14.65 -20.90 9.36
N ARG F 86 -15.88 -20.40 9.47
CA ARG F 86 -16.23 -19.03 9.06
C ARG F 86 -15.40 -17.94 9.75
N ALA F 87 -14.84 -18.22 10.92
CA ALA F 87 -13.95 -17.28 11.61
C ALA F 87 -12.63 -17.17 10.87
N GLY F 88 -12.19 -15.93 10.62
CA GLY F 88 -11.07 -15.65 9.72
C GLY F 88 -11.45 -15.34 8.28
N GLN F 89 -12.59 -15.87 7.81
CA GLN F 89 -12.97 -15.74 6.39
C GLN F 89 -13.42 -14.34 6.04
N ALA F 90 -13.05 -13.91 4.83
CA ALA F 90 -13.28 -12.54 4.37
C ALA F 90 -14.73 -12.33 3.98
N GLY F 93 -17.10 -7.93 0.95
CA GLY F 93 -16.66 -7.31 -0.27
C GLY F 93 -17.65 -7.61 -1.37
N ASN F 94 -17.37 -7.02 -2.52
CA ASN F 94 -17.93 -7.43 -3.80
C ASN F 94 -17.61 -8.88 -4.18
N MET F 95 -16.39 -9.31 -3.88
CA MET F 95 -15.77 -10.49 -4.51
C MET F 95 -15.72 -11.74 -3.63
N CYS F 96 -15.97 -11.60 -2.33
CA CYS F 96 -15.88 -12.71 -1.39
C CYS F 96 -17.07 -13.65 -1.49
N ARG F 97 -16.86 -14.89 -1.05
CA ARG F 97 -17.95 -15.81 -0.78
C ARG F 97 -18.78 -15.27 0.37
N GLY F 98 -20.10 -15.24 0.17
CA GLY F 98 -21.02 -14.59 1.10
C GLY F 98 -20.85 -13.09 1.19
N GLY F 99 -20.45 -12.47 0.09
CA GLY F 99 -20.25 -11.03 0.03
C GLY F 99 -21.52 -10.34 -0.43
N GLY F 100 -21.46 -9.01 -0.50
CA GLY F 100 -22.46 -8.22 -1.23
C GLY F 100 -22.32 -8.45 -2.72
N MET F 101 -23.41 -8.23 -3.46
CA MET F 101 -23.34 -7.99 -4.90
C MET F 101 -22.89 -6.55 -5.13
N PHE F 102 -22.15 -6.29 -6.21
CA PHE F 102 -21.83 -4.92 -6.62
C PHE F 102 -23.05 -4.26 -7.22
N ALA F 103 -23.39 -3.08 -6.69
CA ALA F 103 -24.58 -2.34 -7.12
C ALA F 103 -25.82 -3.25 -7.04
N PRO F 104 -26.26 -3.55 -5.82
CA PRO F 104 -27.39 -4.44 -5.65
C PRO F 104 -28.67 -3.82 -6.16
N ASN F 105 -29.51 -4.65 -6.79
CA ASN F 105 -30.62 -4.16 -7.61
C ASN F 105 -31.69 -3.58 -6.71
N LYS F 106 -31.87 -2.27 -6.77
CA LYS F 106 -32.88 -1.59 -5.94
C LYS F 106 -34.23 -1.77 -6.60
N THR F 107 -35.28 -1.52 -5.82
CA THR F 107 -36.64 -1.62 -6.32
C THR F 107 -37.04 -0.39 -7.15
N TRP F 108 -36.33 0.72 -7.02
CA TRP F 108 -36.76 2.00 -7.61
C TRP F 108 -36.30 2.18 -9.06
N ARG F 109 -35.46 1.26 -9.56
CA ARG F 109 -35.19 1.14 -10.99
C ARG F 109 -36.46 1.38 -11.77
N ARG F 110 -36.42 2.32 -12.72
CA ARG F 110 -37.64 2.79 -13.37
C ARG F 110 -38.02 1.79 -14.48
N TRP F 111 -39.11 1.07 -14.25
CA TRP F 111 -39.46 -0.11 -15.05
C TRP F 111 -40.31 0.27 -16.26
N HIS F 112 -41.17 1.28 -16.09
CA HIS F 112 -42.24 1.59 -17.03
C HIS F 112 -41.81 2.73 -17.93
N ARG F 113 -42.28 2.71 -19.17
CA ARG F 113 -42.21 3.87 -20.07
C ARG F 113 -43.59 4.46 -20.33
N LYS F 114 -43.68 5.79 -20.22
CA LYS F 114 -44.69 6.58 -20.90
C LYS F 114 -44.30 6.74 -22.36
N VAL F 115 -45.09 6.14 -23.25
CA VAL F 115 -45.10 6.49 -24.67
C VAL F 115 -46.21 7.52 -24.88
N ASN F 116 -46.03 8.40 -25.84
CA ASN F 116 -47.01 9.45 -26.15
C ASN F 116 -48.24 8.86 -26.81
N VAL F 117 -49.39 9.50 -26.59
CA VAL F 117 -50.69 8.91 -26.95
C VAL F 117 -50.88 8.93 -28.47
N THR F 118 -50.34 9.95 -29.12
CA THR F 118 -50.36 10.08 -30.57
C THR F 118 -49.50 9.02 -31.28
N GLN F 119 -48.29 8.80 -30.78
CA GLN F 119 -47.42 7.71 -31.28
C GLN F 119 -48.00 6.31 -31.03
N LYS F 120 -48.73 6.15 -29.94
CA LYS F 120 -49.46 4.90 -29.66
C LYS F 120 -50.56 4.66 -30.68
N ARG F 121 -51.28 5.72 -31.06
CA ARG F 121 -52.38 5.63 -32.03
C ARG F 121 -51.92 5.39 -33.46
N HIS F 122 -50.93 6.18 -33.91
CA HIS F 122 -50.26 5.95 -35.19
C HIS F 122 -49.76 4.52 -35.35
N ALA F 123 -49.25 3.95 -34.26
CA ALA F 123 -48.75 2.57 -34.25
C ALA F 123 -49.87 1.56 -34.48
N VAL F 124 -50.98 1.73 -33.77
CA VAL F 124 -52.11 0.79 -33.88
C VAL F 124 -52.73 0.86 -35.28
N ALA F 125 -52.83 2.07 -35.83
CA ALA F 125 -53.27 2.26 -37.21
C ALA F 125 -52.39 1.50 -38.21
N SER F 126 -51.08 1.70 -38.11
CA SER F 126 -50.09 1.01 -38.92
C SER F 126 -50.18 -0.52 -38.78
N ALA F 127 -50.37 -0.99 -37.55
CA ALA F 127 -50.54 -2.42 -37.27
C ALA F 127 -51.84 -2.99 -37.85
N VAL F 128 -52.91 -2.20 -37.80
CA VAL F 128 -54.20 -2.57 -38.40
C VAL F 128 -54.13 -2.58 -39.93
N ALA F 129 -53.38 -1.66 -40.53
CA ALA F 129 -53.11 -1.69 -41.98
C ALA F 129 -52.47 -3.00 -42.44
N ALA F 130 -51.52 -3.49 -41.64
CA ALA F 130 -50.84 -4.76 -41.93
C ALA F 130 -51.72 -6.01 -41.73
N THR F 131 -52.88 -5.87 -41.12
CA THR F 131 -53.90 -6.93 -41.08
C THR F 131 -54.45 -7.27 -42.46
N GLY F 132 -54.74 -6.25 -43.27
CA GLY F 132 -54.84 -6.40 -44.72
C GLY F 132 -53.46 -6.54 -45.36
N LEU F 133 -53.43 -6.90 -46.64
CA LEU F 133 -52.20 -7.34 -47.33
C LEU F 133 -51.78 -8.74 -46.86
N PRO F 134 -52.02 -9.77 -47.68
CA PRO F 134 -51.38 -11.09 -47.49
C PRO F 134 -49.87 -11.16 -47.72
N ALA F 135 -49.25 -10.08 -48.21
CA ALA F 135 -47.79 -9.92 -48.14
C ALA F 135 -47.27 -10.03 -46.71
N LEU F 136 -47.77 -9.13 -45.85
CA LEU F 136 -47.24 -8.99 -44.49
C LEU F 136 -47.72 -10.08 -43.52
N VAL F 137 -48.88 -10.65 -43.78
CA VAL F 137 -49.45 -11.68 -42.90
C VAL F 137 -48.78 -13.03 -43.15
N MET F 138 -48.54 -13.35 -44.43
CA MET F 138 -47.77 -14.54 -44.81
C MET F 138 -46.30 -14.43 -44.39
N ALA F 139 -45.76 -13.21 -44.43
CA ALA F 139 -44.35 -12.99 -44.08
C ALA F 139 -44.08 -13.20 -42.59
N ARG F 140 -44.95 -12.67 -41.73
CA ARG F 140 -44.73 -12.70 -40.29
C ARG F 140 -44.89 -14.11 -39.71
N HIS F 142 -47.94 -17.81 -40.05
CA HIS F 142 -49.32 -18.06 -40.52
C HIS F 142 -49.41 -18.88 -41.81
N ARG F 143 -50.61 -19.39 -42.05
CA ARG F 143 -50.90 -20.27 -43.18
C ARG F 143 -52.21 -19.79 -43.81
N ILE F 144 -52.11 -19.24 -45.01
CA ILE F 144 -53.20 -18.47 -45.61
C ILE F 144 -53.56 -19.10 -46.96
N ASP F 145 -53.65 -20.42 -46.96
CA ASP F 145 -53.85 -21.20 -48.18
C ASP F 145 -55.33 -21.34 -48.48
N GLU F 146 -56.09 -21.72 -47.44
CA GLU F 146 -57.53 -21.94 -47.55
C GLU F 146 -58.38 -20.69 -47.26
N VAL F 147 -57.73 -19.59 -46.85
CA VAL F 147 -58.46 -18.39 -46.39
C VAL F 147 -58.95 -17.59 -47.60
N PRO F 148 -60.27 -17.34 -47.70
CA PRO F 148 -60.82 -16.72 -48.91
C PRO F 148 -60.43 -15.25 -49.11
N GLU F 149 -60.31 -14.49 -48.03
CA GLU F 149 -60.07 -13.04 -48.10
C GLU F 149 -59.31 -12.53 -46.89
N LEU F 150 -58.59 -11.41 -47.08
CA LEU F 150 -58.23 -10.51 -45.99
C LEU F 150 -58.72 -9.09 -46.31
N PRO F 151 -59.08 -8.28 -45.30
CA PRO F 151 -59.32 -8.72 -43.92
C PRO F 151 -60.58 -9.58 -43.79
N LEU F 152 -60.48 -10.65 -43.02
CA LEU F 152 -61.52 -11.68 -42.98
C LEU F 152 -62.66 -11.23 -42.08
N VAL F 153 -63.70 -10.64 -42.68
CA VAL F 153 -64.87 -10.16 -41.94
C VAL F 153 -65.94 -11.25 -41.90
N VAL F 154 -66.66 -11.34 -40.80
CA VAL F 154 -67.82 -12.24 -40.65
C VAL F 154 -68.98 -11.53 -39.96
N SER F 155 -70.18 -12.11 -40.09
CA SER F 155 -71.42 -11.44 -39.70
C SER F 155 -71.60 -11.40 -38.18
N GLU F 156 -72.57 -10.62 -37.73
CA GLU F 156 -72.80 -10.36 -36.30
C GLU F 156 -73.54 -11.50 -35.58
N LYS F 157 -73.99 -12.52 -36.32
CA LYS F 157 -74.40 -13.80 -35.71
C LYS F 157 -73.27 -14.61 -35.06
N LEU F 158 -72.02 -14.28 -35.38
CA LEU F 158 -70.86 -14.78 -34.62
C LEU F 158 -70.87 -14.37 -33.15
N GLU F 159 -71.33 -13.15 -32.86
CA GLU F 159 -71.34 -12.63 -31.48
C GLU F 159 -72.18 -13.47 -30.51
N LYS F 160 -73.28 -14.04 -31.01
CA LYS F 160 -74.20 -14.84 -30.20
C LYS F 160 -73.74 -16.29 -29.93
N VAL F 161 -72.68 -16.75 -30.61
CA VAL F 161 -72.22 -18.14 -30.50
C VAL F 161 -71.54 -18.36 -29.14
N SER F 162 -71.98 -19.39 -28.42
CA SER F 162 -71.58 -19.64 -27.04
C SER F 162 -70.49 -20.71 -26.92
N LYS F 163 -70.68 -21.84 -27.60
CA LYS F 163 -69.92 -23.06 -27.33
C LYS F 163 -68.65 -23.13 -28.17
N THR F 164 -67.65 -23.86 -27.68
CA THR F 164 -66.38 -24.03 -28.38
C THR F 164 -66.47 -25.04 -29.53
N ARG F 165 -67.30 -26.06 -29.35
CA ARG F 165 -67.78 -26.95 -30.43
C ARG F 165 -68.07 -26.21 -31.74
N GLU F 166 -68.94 -25.20 -31.66
CA GLU F 166 -69.34 -24.40 -32.84
C GLU F 166 -68.23 -23.49 -33.34
N ALA F 167 -67.46 -22.91 -32.40
CA ALA F 167 -66.39 -21.97 -32.73
C ALA F 167 -65.10 -22.62 -33.25
N VAL F 168 -65.03 -23.95 -33.24
CA VAL F 168 -64.01 -24.68 -34.01
C VAL F 168 -64.47 -24.90 -35.44
N LYS F 169 -65.71 -25.34 -35.61
CA LYS F 169 -66.24 -25.69 -36.93
C LYS F 169 -66.39 -24.48 -37.87
N ILE F 170 -66.58 -23.29 -37.30
CA ILE F 170 -66.49 -22.04 -38.05
C ILE F 170 -65.11 -21.80 -38.68
N LEU F 171 -64.04 -22.09 -37.94
CA LEU F 171 -62.68 -21.81 -38.40
C LEU F 171 -62.14 -22.88 -39.37
N GLU F 172 -62.74 -24.07 -39.35
CA GLU F 172 -62.55 -25.06 -40.42
C GLU F 172 -63.19 -24.61 -41.75
N THR F 173 -64.37 -23.99 -41.67
CA THR F 173 -65.08 -23.49 -42.85
C THR F 173 -64.38 -22.31 -43.50
N LEU F 174 -64.00 -21.32 -42.69
CA LEU F 174 -63.24 -20.16 -43.16
C LEU F 174 -61.80 -20.50 -43.55
N GLY F 175 -61.29 -21.62 -43.07
CA GLY F 175 -60.05 -22.21 -43.58
C GLY F 175 -58.84 -21.69 -42.84
N CYS F 176 -58.88 -21.80 -41.51
CA CYS F 176 -57.73 -21.51 -40.64
C CYS F 176 -57.13 -22.79 -40.06
N THR F 177 -57.30 -23.92 -40.75
CA THR F 177 -57.01 -25.25 -40.21
C THR F 177 -55.51 -25.51 -40.16
N ALA F 178 -54.78 -24.97 -41.14
CA ALA F 178 -53.32 -25.11 -41.20
C ALA F 178 -52.59 -24.34 -40.09
N GLU F 179 -53.04 -23.11 -39.80
CA GLU F 179 -52.45 -22.30 -38.71
C GLU F 179 -53.02 -22.59 -37.32
N LEU F 180 -54.17 -23.27 -37.25
CA LEU F 180 -54.64 -23.89 -36.02
C LEU F 180 -54.02 -25.27 -35.75
N GLU F 181 -53.30 -25.81 -36.72
CA GLU F 181 -52.41 -26.96 -36.50
C GLU F 181 -51.05 -26.55 -35.92
N ARG F 182 -50.47 -25.45 -36.39
CA ARG F 182 -49.09 -25.08 -36.03
C ARG F 182 -48.95 -24.59 -34.58
N VAL F 183 -50.03 -24.08 -34.00
CA VAL F 183 -50.12 -23.91 -32.52
C VAL F 183 -50.14 -25.24 -31.77
N ARG F 184 -50.85 -26.24 -32.30
CA ARG F 184 -50.95 -27.57 -31.68
C ARG F 184 -49.68 -28.41 -31.86
N ALA F 185 -48.86 -28.08 -32.86
CA ALA F 185 -47.49 -28.61 -32.97
C ALA F 185 -46.57 -28.09 -31.87
N SER F 186 -46.65 -26.77 -31.61
CA SER F 186 -45.82 -26.12 -30.57
C SER F 186 -46.43 -26.16 -29.15
N ALA F 187 -47.54 -26.87 -28.97
CA ALA F 187 -48.26 -26.89 -27.70
C ALA F 187 -47.54 -27.67 -26.61
N LYS F 188 -46.87 -28.76 -26.99
CA LYS F 188 -46.41 -29.77 -26.03
C LYS F 188 -44.94 -29.61 -25.62
N LYS F 189 -44.18 -28.80 -26.35
CA LYS F 189 -42.73 -28.70 -26.17
C LYS F 189 -42.36 -27.90 -24.93
N LEU F 190 -41.52 -28.50 -24.08
CA LEU F 190 -40.84 -27.76 -23.00
C LEU F 190 -39.80 -26.82 -23.60
N ARG F 191 -40.20 -25.56 -23.77
CA ARG F 191 -39.32 -24.38 -23.73
C ARG F 191 -37.86 -24.57 -23.29
N ALA F 192 -36.93 -24.06 -24.08
CA ALA F 192 -35.51 -24.01 -23.71
C ALA F 192 -35.25 -22.99 -22.61
N GLY F 193 -34.48 -23.39 -21.60
CA GLY F 193 -33.91 -22.47 -20.61
C GLY F 193 -34.64 -22.46 -19.26
N LYS F 194 -34.18 -21.59 -18.37
CA LYS F 194 -34.51 -21.69 -16.93
C LYS F 194 -35.91 -21.17 -16.58
N GLY F 195 -36.62 -20.58 -17.54
CA GLY F 195 -38.02 -20.22 -17.39
C GLY F 195 -39.02 -21.34 -17.14
N LYS F 196 -38.62 -22.59 -17.33
CA LYS F 196 -39.46 -23.75 -16.95
C LYS F 196 -39.68 -23.90 -15.44
N MET F 197 -38.70 -23.47 -14.64
CA MET F 197 -38.87 -23.40 -13.18
C MET F 197 -39.93 -22.38 -12.77
N ARG F 198 -40.03 -21.28 -13.53
CA ARG F 198 -40.71 -20.08 -13.10
C ARG F 198 -42.04 -19.87 -13.85
N GLY F 199 -42.83 -20.93 -13.96
CA GLY F 199 -44.17 -20.85 -14.54
C GLY F 199 -44.27 -20.93 -16.07
N ARG F 200 -43.26 -20.40 -16.77
CA ARG F 200 -43.23 -20.39 -18.23
C ARG F 200 -42.73 -21.74 -18.77
N ARG F 201 -43.57 -22.76 -18.72
CA ARG F 201 -43.19 -24.10 -19.17
C ARG F 201 -43.06 -24.19 -20.69
N THR F 202 -43.84 -23.38 -21.41
CA THR F 202 -44.25 -23.68 -22.78
C THR F 202 -44.29 -22.38 -23.61
N HIS F 203 -43.94 -22.51 -24.89
CA HIS F 203 -43.76 -21.37 -25.79
C HIS F 203 -44.57 -21.60 -27.05
N MET F 204 -45.87 -21.36 -26.96
CA MET F 204 -46.80 -21.56 -28.07
C MET F 204 -46.67 -20.45 -29.12
N ARG F 205 -47.20 -20.72 -30.31
CA ARG F 205 -47.33 -19.71 -31.37
C ARG F 205 -48.60 -18.90 -31.18
N ARG F 206 -48.77 -17.88 -32.02
CA ARG F 206 -49.95 -17.01 -31.99
C ARG F 206 -50.84 -17.27 -33.20
N GLY F 207 -52.14 -17.42 -32.95
CA GLY F 207 -53.10 -17.79 -33.99
C GLY F 207 -53.96 -16.61 -34.44
N PRO F 208 -55.20 -16.90 -34.89
CA PRO F 208 -56.23 -15.88 -35.12
C PRO F 208 -56.46 -14.92 -33.95
N LEU F 209 -56.69 -13.64 -34.28
CA LEU F 209 -57.15 -12.64 -33.31
C LEU F 209 -58.55 -12.16 -33.70
N VAL F 210 -59.58 -12.68 -33.02
CA VAL F 210 -60.96 -12.24 -33.28
C VAL F 210 -61.21 -10.88 -32.62
N VAL F 211 -61.95 -10.02 -33.32
CA VAL F 211 -62.16 -8.63 -32.92
C VAL F 211 -63.65 -8.32 -33.02
N TYR F 212 -64.23 -7.82 -31.93
CA TYR F 212 -65.67 -7.90 -31.68
C TYR F 212 -66.21 -6.62 -31.05
N ALA F 213 -67.45 -6.29 -31.39
CA ALA F 213 -68.08 -5.02 -30.98
C ALA F 213 -68.63 -5.09 -29.55
N GLU F 214 -69.31 -6.19 -29.23
CA GLU F 214 -69.83 -6.42 -27.87
C GLU F 214 -69.97 -7.91 -27.56
N ASP F 215 -69.79 -8.25 -26.29
CA ASP F 215 -69.73 -9.64 -25.84
C ASP F 215 -71.14 -10.20 -25.61
N ASN F 216 -71.51 -11.19 -26.41
CA ASN F 216 -72.64 -12.09 -26.09
C ASN F 216 -72.22 -13.57 -26.07
N GLY F 217 -71.00 -13.84 -25.60
CA GLY F 217 -70.49 -15.19 -25.39
C GLY F 217 -69.47 -15.71 -26.39
N VAL F 218 -68.98 -14.85 -27.28
CA VAL F 218 -67.72 -15.12 -28.02
C VAL F 218 -66.52 -15.33 -27.10
N THR F 219 -66.44 -14.53 -26.03
CA THR F 219 -65.34 -14.64 -25.07
C THR F 219 -65.33 -15.99 -24.35
N ARG F 220 -66.51 -16.55 -24.12
CA ARG F 220 -66.63 -17.94 -23.68
C ARG F 220 -66.12 -18.95 -24.72
N ALA F 221 -66.59 -18.82 -25.96
CA ALA F 221 -66.33 -19.81 -27.01
C ALA F 221 -64.83 -19.90 -27.33
N PHE F 222 -64.27 -18.79 -27.77
CA PHE F 222 -62.99 -18.78 -28.47
C PHE F 222 -61.77 -18.86 -27.55
N ARG F 223 -61.93 -18.61 -26.25
CA ARG F 223 -60.78 -18.52 -25.34
C ARG F 223 -60.04 -19.85 -25.18
N ASN F 224 -60.78 -20.95 -25.07
CA ASN F 224 -60.19 -22.26 -24.78
C ASN F 224 -59.56 -22.95 -26.00
N ILE F 225 -59.83 -22.44 -27.20
CA ILE F 225 -59.11 -22.85 -28.41
C ILE F 225 -57.63 -22.44 -28.29
N PRO F 226 -56.68 -23.36 -28.60
CA PRO F 226 -55.28 -23.09 -28.25
C PRO F 226 -54.67 -21.97 -29.08
N GLY F 227 -54.24 -20.90 -28.40
CA GLY F 227 -53.49 -19.82 -29.02
C GLY F 227 -54.29 -18.93 -29.96
N VAL F 228 -55.57 -18.68 -29.62
CA VAL F 228 -56.37 -17.66 -30.30
C VAL F 228 -57.00 -16.69 -29.30
N GLU F 229 -56.76 -15.40 -29.50
CA GLU F 229 -57.08 -14.36 -28.53
C GLU F 229 -58.28 -13.55 -28.98
N LEU F 230 -58.95 -12.93 -28.01
CA LEU F 230 -59.98 -11.94 -28.27
C LEU F 230 -59.49 -10.54 -27.93
N CYS F 231 -60.20 -9.54 -28.45
CA CYS F 231 -59.80 -8.13 -28.33
C CYS F 231 -60.98 -7.24 -28.72
N LYS F 232 -61.53 -6.53 -27.75
CA LYS F 232 -62.58 -5.53 -28.01
C LYS F 232 -61.99 -4.33 -28.74
N VAL F 233 -62.80 -3.70 -29.59
CA VAL F 233 -62.28 -2.80 -30.65
C VAL F 233 -61.95 -1.42 -30.06
N ASP F 234 -62.73 -0.99 -29.07
CA ASP F 234 -62.41 0.20 -28.28
C ASP F 234 -61.00 0.14 -27.69
N SER F 235 -60.64 -1.02 -27.14
CA SER F 235 -59.33 -1.26 -26.54
C SER F 235 -58.44 -2.12 -27.44
N LEU F 236 -58.10 -1.59 -28.62
CA LEU F 236 -57.11 -2.22 -29.50
C LEU F 236 -55.71 -2.00 -28.95
N ASN F 237 -55.22 -2.98 -28.19
CA ASN F 237 -53.81 -3.01 -27.78
C ASN F 237 -52.88 -3.36 -28.96
N LEU F 238 -51.73 -2.71 -28.99
CA LEU F 238 -50.68 -3.01 -29.95
C LEU F 238 -50.00 -4.37 -29.69
N LEU F 239 -49.99 -4.80 -28.44
CA LEU F 239 -49.21 -5.98 -28.01
C LEU F 239 -49.80 -7.31 -28.51
N GLN F 240 -51.09 -7.31 -28.88
CA GLN F 240 -51.71 -8.41 -29.63
C GLN F 240 -51.68 -8.23 -31.14
N LEU F 241 -51.85 -6.98 -31.61
CA LEU F 241 -51.88 -6.70 -33.06
C LEU F 241 -50.53 -6.86 -33.75
N ALA F 242 -49.47 -6.44 -33.07
CA ALA F 242 -48.09 -6.52 -33.60
C ALA F 242 -47.18 -7.23 -32.59
N PRO F 243 -47.30 -8.57 -32.50
CA PRO F 243 -46.54 -9.30 -31.48
C PRO F 243 -45.07 -9.45 -31.87
N GLY F 244 -44.17 -9.25 -30.89
CA GLY F 244 -42.73 -9.28 -31.14
C GLY F 244 -42.19 -8.12 -31.97
N GLY F 245 -42.85 -6.96 -31.89
CA GLY F 245 -42.41 -5.75 -32.59
C GLY F 245 -42.56 -5.83 -34.10
N ALA F 246 -43.51 -6.64 -34.55
CA ALA F 246 -43.52 -7.19 -35.92
C ALA F 246 -44.92 -7.11 -36.52
N LEU F 247 -45.02 -6.54 -37.71
CA LEU F 247 -46.31 -6.15 -38.29
C LEU F 247 -47.11 -7.34 -38.80
N GLY F 248 -48.43 -7.23 -38.74
CA GLY F 248 -49.31 -7.99 -39.60
C GLY F 248 -49.69 -9.33 -39.02
N ARG F 249 -50.54 -9.30 -38.00
CA ARG F 249 -51.21 -10.51 -37.52
C ARG F 249 -52.43 -10.84 -38.38
N PHE F 250 -52.75 -12.13 -38.42
CA PHE F 250 -53.99 -12.62 -39.02
C PHE F 250 -55.15 -12.38 -38.05
N CYS F 251 -56.09 -11.53 -38.44
CA CYS F 251 -57.27 -11.21 -37.62
C CYS F 251 -58.56 -11.74 -38.24
N LEU F 252 -59.64 -11.66 -37.46
CA LEU F 252 -60.95 -12.14 -37.87
C LEU F 252 -62.04 -11.21 -37.31
N TYR F 253 -62.39 -10.20 -38.09
CA TYR F 253 -63.30 -9.15 -37.63
C TYR F 253 -64.76 -9.61 -37.67
N THR F 254 -65.53 -9.19 -36.68
CA THR F 254 -67.00 -9.15 -36.76
C THR F 254 -67.42 -7.97 -37.64
N ALA F 255 -68.60 -8.06 -38.24
CA ALA F 255 -69.09 -7.04 -39.18
C ALA F 255 -69.30 -5.68 -38.53
N SER F 256 -69.90 -5.67 -37.34
CA SER F 256 -70.08 -4.44 -36.56
C SER F 256 -68.75 -3.89 -36.04
N ALA F 257 -67.84 -4.78 -35.66
CA ALA F 257 -66.47 -4.41 -35.28
C ALA F 257 -65.66 -3.77 -36.41
N PHE F 258 -65.78 -4.35 -37.61
CA PHE F 258 -65.17 -3.80 -38.83
C PHE F 258 -65.75 -2.43 -39.18
N LYS F 259 -67.05 -2.27 -38.97
CA LYS F 259 -67.76 -1.01 -39.25
C LYS F 259 -67.35 0.12 -38.30
N ARG F 260 -67.19 -0.21 -37.02
CA ARG F 260 -66.83 0.79 -35.99
C ARG F 260 -65.43 1.38 -36.14
N LEU F 261 -64.54 0.72 -36.89
CA LEU F 261 -63.18 1.23 -37.12
C LEU F 261 -63.13 2.62 -37.74
N GLN F 262 -64.09 2.94 -38.60
CA GLN F 262 -64.17 4.28 -39.21
C GLN F 262 -64.60 5.35 -38.21
N LEU F 263 -65.49 5.01 -37.29
CA LEU F 263 -65.87 5.91 -36.19
C LEU F 263 -64.71 6.23 -35.23
N LEU F 264 -63.78 5.28 -35.08
CA LEU F 264 -62.59 5.46 -34.24
C LEU F 264 -61.52 6.30 -34.95
N PHE F 265 -61.07 5.83 -36.11
CA PHE F 265 -59.82 6.32 -36.72
C PHE F 265 -60.02 7.43 -37.76
N GLY F 266 -61.14 7.40 -38.48
CA GLY F 266 -61.58 8.54 -39.28
C GLY F 266 -61.28 8.39 -40.76
N ARG F 267 -60.91 9.50 -41.39
CA ARG F 267 -61.18 9.74 -42.83
C ARG F 267 -59.97 9.50 -43.75
N HIS F 268 -58.76 9.53 -43.20
CA HIS F 268 -57.49 9.62 -43.96
C HIS F 268 -57.30 10.97 -44.66
N THR F 269 -58.01 11.19 -45.77
CA THR F 269 -57.86 12.41 -46.57
C THR F 269 -58.88 13.46 -46.15
N THR F 271 -59.09 17.30 -43.81
CA THR F 271 -58.31 17.68 -42.64
C THR F 271 -58.99 17.46 -41.28
N GLY F 272 -60.31 17.23 -41.28
CA GLY F 272 -61.08 17.12 -40.05
C GLY F 272 -60.84 15.82 -39.28
N THR F 273 -61.28 15.81 -38.03
CA THR F 273 -60.81 14.86 -37.01
C THR F 273 -61.71 13.63 -36.96
N ALA F 274 -61.40 12.68 -36.06
CA ALA F 274 -61.89 11.30 -36.16
C ALA F 274 -62.93 10.92 -35.08
N GLN F 275 -63.75 11.89 -34.66
CA GLN F 275 -64.92 11.64 -33.80
C GLN F 275 -64.58 11.16 -32.38
N LEU F 276 -64.20 9.89 -32.23
CA LEU F 276 -64.13 9.24 -30.91
C LEU F 276 -62.81 9.53 -30.20
N LYS F 277 -61.70 9.33 -30.90
CA LYS F 277 -60.44 9.99 -30.56
C LYS F 277 -60.55 11.50 -30.85
N LYS F 278 -60.71 12.29 -29.78
CA LYS F 278 -60.85 13.74 -29.90
C LYS F 278 -59.55 14.35 -30.42
N GLY F 279 -59.66 15.20 -31.44
CA GLY F 279 -58.52 15.92 -31.99
C GLY F 279 -57.52 15.10 -32.79
N TYR F 280 -57.87 13.83 -33.08
CA TYR F 280 -56.94 12.91 -33.74
C TYR F 280 -57.22 12.90 -35.23
N HIS F 281 -56.15 12.82 -36.03
CA HIS F 281 -56.24 12.48 -37.44
C HIS F 281 -55.27 11.36 -37.77
N LEU F 282 -55.64 10.53 -38.74
CA LEU F 282 -54.75 9.48 -39.24
C LEU F 282 -53.49 10.07 -39.86
N PRO F 283 -52.35 9.36 -39.76
CA PRO F 283 -51.08 9.93 -40.22
C PRO F 283 -50.96 9.98 -41.74
N ARG F 284 -50.11 10.88 -42.21
CA ARG F 284 -49.89 11.10 -43.64
C ARG F 284 -48.41 10.85 -43.92
N ALA F 285 -48.12 10.05 -44.95
CA ALA F 285 -46.74 9.74 -45.32
C ALA F 285 -46.04 10.96 -45.95
N LEU F 286 -44.71 10.90 -46.00
CA LEU F 286 -43.91 11.89 -46.71
C LEU F 286 -44.13 11.82 -48.22
N MET F 287 -44.40 10.63 -48.74
CA MET F 287 -44.93 10.44 -50.08
C MET F 287 -46.47 10.38 -50.09
N SER F 288 -47.06 10.67 -51.25
CA SER F 288 -48.39 10.18 -51.60
C SER F 288 -48.31 8.78 -52.19
N ASN F 289 -47.64 8.65 -53.34
CA ASN F 289 -47.46 7.36 -54.01
C ASN F 289 -46.33 6.59 -53.34
N ALA F 290 -46.61 5.36 -52.93
CA ALA F 290 -45.72 4.60 -52.05
C ALA F 290 -44.39 4.19 -52.69
N ASP F 291 -44.40 3.93 -54.00
CA ASP F 291 -43.29 3.27 -54.69
C ASP F 291 -42.37 4.25 -55.45
N LEU F 292 -41.29 3.72 -56.00
CA LEU F 292 -40.45 4.43 -56.99
C LEU F 292 -40.91 4.13 -58.41
N SER F 293 -41.04 2.83 -58.73
CA SER F 293 -40.95 2.36 -60.12
C SER F 293 -42.06 2.91 -61.03
N ARG F 294 -43.24 3.12 -60.46
CA ARG F 294 -44.32 3.85 -61.14
C ARG F 294 -43.94 5.31 -61.44
N ILE F 295 -43.34 5.99 -60.45
CA ILE F 295 -42.96 7.40 -60.57
C ILE F 295 -41.73 7.59 -61.45
N VAL F 296 -40.66 6.85 -61.13
CA VAL F 296 -39.38 6.94 -61.85
C VAL F 296 -39.55 6.57 -63.32
N ASN F 297 -40.34 5.53 -63.60
CA ASN F 297 -40.60 5.08 -64.98
C ASN F 297 -41.98 5.54 -65.50
N SER F 298 -42.32 6.79 -65.23
CA SER F 298 -43.30 7.54 -66.03
C SER F 298 -42.61 8.47 -67.02
N GLU F 299 -43.38 8.98 -67.98
CA GLU F 299 -42.84 9.71 -69.13
C GLU F 299 -42.36 11.13 -68.78
N GLU F 300 -42.85 11.69 -67.68
CA GLU F 300 -42.46 13.03 -67.24
C GLU F 300 -41.03 13.07 -66.70
N ILE F 301 -40.62 12.02 -65.98
CA ILE F 301 -39.24 11.86 -65.52
C ILE F 301 -38.33 11.50 -66.69
N GLN F 302 -38.72 10.48 -67.44
CA GLN F 302 -37.76 9.64 -68.17
C GLN F 302 -37.23 10.29 -69.46
N ARG F 303 -38.03 11.15 -70.08
CA ARG F 303 -37.58 11.95 -71.23
C ARG F 303 -36.46 12.96 -70.89
N VAL F 304 -36.48 13.49 -69.67
CA VAL F 304 -35.54 14.55 -69.26
C VAL F 304 -34.23 13.96 -68.75
N VAL F 305 -34.33 12.83 -68.05
CA VAL F 305 -33.21 11.92 -67.77
C VAL F 305 -32.24 11.69 -68.96
N ARG F 306 -30.95 11.62 -68.64
CA ARG F 306 -29.88 11.40 -69.62
C ARG F 306 -29.85 9.92 -70.09
N PRO F 307 -28.99 9.57 -71.07
CA PRO F 307 -29.07 8.21 -71.67
C PRO F 307 -28.35 7.06 -70.93
N ALA F 308 -28.00 7.23 -69.65
CA ALA F 308 -27.14 6.29 -68.90
C ALA F 308 -25.67 6.31 -69.36
N ARG F 309 -24.82 5.60 -68.60
CA ARG F 309 -23.39 5.44 -68.95
C ARG F 309 -22.85 4.09 -68.46
N VAL F 310 -21.61 3.77 -68.84
CA VAL F 310 -20.91 2.56 -68.37
C VAL F 310 -19.47 2.89 -67.97
N ALA F 311 -19.03 2.35 -66.82
CA ALA F 311 -17.74 2.67 -66.19
C ALA F 311 -17.53 4.18 -65.99
N ARG F 316 -8.43 -4.17 -65.68
CA ARG F 316 -7.04 -4.02 -66.10
C ARG F 316 -6.26 -5.32 -65.95
N GLY F 317 -5.87 -5.92 -67.07
CA GLY F 317 -4.99 -7.09 -67.09
C GLY F 317 -3.54 -6.74 -66.84
N GLN F 318 -2.92 -6.05 -67.80
CA GLN F 318 -1.57 -5.50 -67.65
C GLN F 318 -1.42 -4.16 -68.37
N LYS F 319 -0.49 -3.34 -67.89
CA LYS F 319 -0.10 -2.09 -68.56
C LYS F 319 1.12 -2.33 -69.45
N LYS F 320 0.94 -2.13 -70.76
CA LYS F 320 1.88 -2.62 -71.76
C LYS F 320 3.01 -1.62 -72.02
N ASN F 321 4.12 -2.12 -72.54
CA ASN F 321 5.39 -1.40 -72.52
C ASN F 321 5.56 -0.50 -73.74
N LEU F 322 6.07 0.72 -73.49
CA LEU F 322 6.57 1.60 -74.55
C LEU F 322 8.08 1.33 -74.74
N LEU F 323 8.70 2.00 -75.71
CA LEU F 323 10.02 1.61 -76.25
C LEU F 323 10.02 0.22 -76.90
N LYS F 324 9.94 -0.83 -76.07
CA LYS F 324 9.77 -2.22 -76.55
C LYS F 324 8.29 -2.48 -76.91
N ASN F 325 7.98 -3.70 -77.34
CA ASN F 325 6.77 -4.00 -78.14
C ASN F 325 6.88 -3.36 -79.54
N HIS F 326 5.77 -3.26 -80.28
CA HIS F 326 5.76 -2.51 -81.54
C HIS F 326 4.39 -1.91 -81.90
N ALA F 327 3.35 -2.75 -81.92
CA ALA F 327 1.97 -2.28 -82.08
C ALA F 327 1.55 -1.28 -81.00
N VAL F 328 1.97 -1.53 -79.76
CA VAL F 328 1.66 -0.68 -78.62
C VAL F 328 2.50 0.61 -78.63
N LEU F 329 3.75 0.51 -79.08
CA LEU F 329 4.60 1.69 -79.33
C LEU F 329 3.92 2.67 -80.29
N CYS F 330 3.74 2.24 -81.54
CA CYS F 330 3.47 3.16 -82.66
C CYS F 330 2.09 3.86 -82.62
N ARG F 331 1.25 3.51 -81.64
CA ARG F 331 0.15 4.37 -81.22
C ARG F 331 0.67 5.69 -80.63
N VAL F 332 1.56 5.60 -79.65
CA VAL F 332 2.20 6.76 -79.02
C VAL F 332 3.49 7.13 -79.77
N ASN F 333 3.55 8.35 -80.30
CA ASN F 333 4.51 8.74 -81.34
C ASN F 333 4.37 7.86 -82.59
N PRO F 334 3.51 8.26 -83.55
CA PRO F 334 3.38 7.51 -84.80
C PRO F 334 4.54 7.69 -85.80
N ALA F 335 5.42 8.66 -85.55
CA ALA F 335 6.68 8.80 -86.32
C ALA F 335 7.78 7.80 -85.96
N ALA F 336 7.58 7.00 -84.91
CA ALA F 336 8.61 6.10 -84.38
C ALA F 336 8.95 4.91 -85.29
N ARG F 337 7.98 4.44 -86.07
CA ARG F 337 8.21 3.38 -87.07
C ARG F 337 9.29 3.75 -88.09
N ASN F 338 9.24 4.98 -88.59
CA ASN F 338 10.08 5.42 -89.70
C ASN F 338 11.49 5.85 -89.27
N LEU F 339 11.59 6.44 -88.07
CA LEU F 339 12.89 6.74 -87.45
C LEU F 339 13.66 5.48 -87.00
N LYS F 340 12.94 4.39 -86.70
CA LYS F 340 13.56 3.07 -86.50
C LYS F 340 14.20 2.53 -87.78
N ILE F 341 13.48 2.62 -88.90
CA ILE F 341 13.97 2.14 -90.20
C ILE F 341 15.07 3.08 -90.75
N LEU F 342 15.06 4.35 -90.35
CA LEU F 342 16.09 5.31 -90.74
C LEU F 342 17.47 4.95 -90.17
N ALA F 343 17.53 4.74 -88.86
CA ALA F 343 18.79 4.41 -88.17
C ALA F 343 19.29 3.00 -88.46
N ARG F 344 18.37 2.06 -88.68
CA ARG F 344 18.69 0.67 -88.99
C ARG F 344 19.34 0.51 -90.36
N LEU F 345 18.71 1.13 -91.36
CA LEU F 345 19.16 1.04 -92.76
C LEU F 345 20.39 1.93 -93.06
N ALA F 346 20.60 2.98 -92.24
CA ALA F 346 21.76 3.88 -92.39
C ALA F 346 23.06 3.32 -91.82
N GLN F 347 22.95 2.38 -90.89
CA GLN F 347 24.07 1.48 -90.54
C GLN F 347 24.43 0.56 -91.71
N THR F 348 23.42 -0.16 -92.21
CA THR F 348 23.63 -1.30 -93.11
C THR F 348 23.97 -0.82 -94.52
N GLU F 349 24.63 -1.67 -95.31
CA GLU F 349 25.18 -1.31 -96.63
C GLU F 349 24.14 -1.31 -97.77
N GLY F 350 22.85 -1.40 -97.45
CA GLY F 350 21.78 -0.87 -98.31
C GLY F 350 21.96 0.60 -98.61
N THR F 351 22.19 0.92 -99.89
CA THR F 351 22.97 2.09 -100.27
C THR F 351 22.17 3.40 -100.42
N LYS F 352 20.84 3.34 -100.24
CA LYS F 352 19.97 4.50 -100.43
C LYS F 352 20.24 5.58 -99.38
N GLN F 353 20.18 5.18 -98.11
CA GLN F 353 20.47 6.06 -96.98
C GLN F 353 21.96 6.05 -96.58
N ARG F 354 22.65 4.95 -96.87
CA ARG F 354 24.09 4.82 -96.56
C ARG F 354 24.96 5.77 -97.40
N ALA F 355 24.49 6.16 -98.57
CA ALA F 355 25.14 7.21 -99.37
C ALA F 355 25.17 8.57 -98.68
N LEU F 356 24.06 8.94 -98.03
CA LEU F 356 23.97 10.19 -97.25
C LEU F 356 24.90 10.21 -96.03
N VAL F 357 25.12 9.04 -95.43
CA VAL F 357 26.02 8.91 -94.27
C VAL F 357 27.48 9.09 -94.72
N LEU F 358 27.88 8.34 -95.75
CA LEU F 358 29.26 8.36 -96.25
C LEU F 358 29.64 9.68 -96.95
N ARG F 359 28.66 10.36 -97.55
CA ARG F 359 28.86 11.72 -98.09
C ARG F 359 29.10 12.74 -96.98
N LYS F 360 28.25 12.72 -95.95
CA LYS F 360 28.38 13.62 -94.81
C LYS F 360 29.61 13.34 -93.94
N LYS F 361 30.07 12.09 -93.93
CA LYS F 361 31.31 11.73 -93.22
C LYS F 361 32.55 12.29 -93.93
N GLN F 362 32.62 12.11 -95.24
CA GLN F 362 33.74 12.63 -96.05
C GLN F 362 33.72 14.15 -96.21
N ALA F 363 32.52 14.75 -96.20
CA ALA F 363 32.37 16.21 -96.15
C ALA F 363 32.95 16.82 -94.88
N ASN F 364 32.75 16.13 -93.74
CA ASN F 364 33.45 16.46 -92.50
C ASN F 364 34.94 16.14 -92.55
N ARG F 365 35.26 14.91 -92.99
CA ARG F 365 36.62 14.36 -92.88
C ARG F 365 37.68 15.19 -93.63
N GLU F 366 37.28 15.82 -94.73
CA GLU F 366 38.11 16.83 -95.40
C GLU F 366 38.21 18.13 -94.59
N GLU F 367 37.09 18.58 -94.01
CA GLU F 367 37.07 19.74 -93.11
C GLU F 367 37.77 19.51 -91.76
N HIS F 368 37.96 18.26 -91.36
CA HIS F 368 38.87 17.92 -90.26
C HIS F 368 40.33 18.24 -90.62
N LYS F 369 40.78 17.81 -91.80
CA LYS F 369 42.14 18.10 -92.28
C LYS F 369 42.40 19.60 -92.58
N LYS F 370 41.33 20.36 -92.79
CA LYS F 370 41.41 21.81 -93.03
C LYS F 370 42.02 22.56 -91.83
N HIS F 371 41.40 22.40 -90.65
CA HIS F 371 41.71 23.21 -89.47
C HIS F 371 42.77 22.60 -88.53
N ARG F 372 43.35 21.46 -88.90
CA ARG F 372 44.22 20.69 -88.01
C ARG F 372 45.60 21.34 -87.80
N GLN F 373 45.94 22.31 -88.65
CA GLN F 373 47.00 23.28 -88.35
C GLN F 373 46.68 24.13 -87.12
N SER F 374 45.47 24.70 -87.08
CA SER F 374 45.04 25.56 -85.97
C SER F 374 44.76 24.82 -84.65
N ALA F 375 44.54 23.51 -84.73
CA ALA F 375 44.31 22.69 -83.53
C ALA F 375 45.54 22.59 -82.63
N ARG F 376 46.70 22.32 -83.24
CA ARG F 376 47.98 22.31 -82.53
C ARG F 376 48.40 23.67 -81.98
N ARG F 377 47.98 24.75 -82.65
CA ARG F 377 48.22 26.12 -82.16
C ARG F 377 47.49 26.46 -80.86
N PHE F 378 46.37 25.78 -80.60
CA PHE F 378 45.68 25.88 -79.31
C PHE F 378 46.42 25.12 -78.18
N ALA F 379 47.00 23.98 -78.52
CA ALA F 379 47.85 23.22 -77.58
C ALA F 379 49.11 23.99 -77.15
N ALA F 380 49.70 24.72 -78.09
CA ALA F 380 50.83 25.61 -77.80
C ALA F 380 50.43 26.84 -77.00
N GLU F 381 49.29 27.45 -77.36
CA GLU F 381 48.76 28.64 -76.66
C GLU F 381 48.50 28.42 -75.18
N ILE F 382 48.14 27.19 -74.80
CA ILE F 382 48.09 26.77 -73.40
C ILE F 382 49.51 26.66 -72.85
N ARG F 383 50.28 25.69 -73.36
CA ARG F 383 51.53 25.23 -72.72
C ARG F 383 52.61 26.30 -72.62
N GLN F 384 52.64 27.22 -73.58
CA GLN F 384 53.50 28.41 -73.51
C GLN F 384 53.17 29.28 -72.30
N ALA F 385 51.89 29.55 -72.10
CA ALA F 385 51.44 30.57 -71.14
C ALA F 385 51.74 30.18 -69.68
N PHE F 386 51.51 28.91 -69.35
CA PHE F 386 51.79 28.39 -68.00
C PHE F 386 53.27 28.05 -67.76
N SER F 387 54.00 27.70 -68.83
CA SER F 387 55.45 27.54 -68.75
C SER F 387 56.20 28.87 -68.54
N ASP F 388 55.64 29.97 -69.05
CA ASP F 388 56.14 31.32 -68.73
C ASP F 388 55.86 31.74 -67.29
N LYS F 389 54.69 31.36 -66.76
CA LYS F 389 54.35 31.63 -65.35
C LYS F 389 55.15 30.75 -64.38
N MET F 390 55.26 29.46 -64.71
CA MET F 390 56.24 28.53 -64.12
C MET F 390 57.64 29.16 -64.00
N ALA F 391 58.12 29.76 -65.08
CA ALA F 391 59.43 30.43 -65.09
C ALA F 391 59.43 31.72 -64.27
N ALA F 392 58.38 32.53 -64.42
CA ALA F 392 58.30 33.85 -63.77
C ALA F 392 58.12 33.76 -62.25
N GLU F 393 57.39 32.75 -61.79
CA GLU F 393 57.21 32.51 -60.34
C GLU F 393 58.51 32.11 -59.63
N LEU F 394 59.33 31.29 -60.27
CA LEU F 394 60.60 30.83 -59.69
C LEU F 394 61.64 31.95 -59.53
N GLU F 395 61.63 32.92 -60.46
CA GLU F 395 62.49 34.10 -60.36
C GLU F 395 62.08 35.06 -59.24
N ALA F 396 60.80 35.08 -58.87
CA ALA F 396 60.32 35.82 -57.69
C ALA F 396 60.83 35.22 -56.38
N ALA F 397 60.89 33.89 -56.30
CA ALA F 397 61.50 33.19 -55.16
C ALA F 397 63.01 33.42 -55.03
N ALA F 398 63.69 33.59 -56.16
CA ALA F 398 65.13 33.91 -56.17
C ALA F 398 65.45 35.30 -55.63
N ARG F 399 64.59 36.28 -55.91
CA ARG F 399 64.81 37.67 -55.49
C ARG F 399 64.62 37.91 -53.98
N ARG F 400 63.65 37.20 -53.37
CA ARG F 400 63.37 37.34 -51.94
C ARG F 400 64.48 36.77 -51.04
N LYS F 401 65.14 35.71 -51.50
CA LYS F 401 66.35 35.19 -50.83
C LYS F 401 67.52 36.17 -50.88
N ALA F 402 67.70 36.84 -52.02
CA ALA F 402 68.80 37.79 -52.22
C ALA F 402 68.60 39.11 -51.48
N GLU F 403 67.41 39.69 -51.61
CA GLU F 403 67.14 41.05 -51.12
C GLU F 403 67.06 41.15 -49.60
N GLU F 404 66.48 40.14 -48.96
CA GLU F 404 66.38 40.08 -47.48
C GLU F 404 67.73 39.83 -46.82
N ALA F 405 68.44 38.81 -47.30
CA ALA F 405 69.81 38.52 -46.85
C ALA F 405 70.79 39.52 -47.46
N VAL G 4 47.25 73.69 -18.73
CA VAL G 4 45.86 73.12 -18.62
C VAL G 4 45.37 72.56 -19.95
N LYS G 5 44.30 71.76 -19.88
CA LYS G 5 43.84 70.92 -21.01
C LYS G 5 43.33 71.74 -22.20
N ALA G 6 42.77 72.92 -21.92
CA ALA G 6 42.37 73.90 -22.94
C ALA G 6 41.11 73.47 -23.70
N LEU G 7 40.55 74.42 -24.45
CA LEU G 7 39.17 74.32 -24.94
C LEU G 7 39.12 73.46 -26.19
N LYS G 8 38.01 72.72 -26.36
CA LYS G 8 37.61 72.16 -27.66
C LYS G 8 38.62 71.14 -28.20
N ASN G 9 38.51 69.90 -27.72
CA ASN G 9 39.36 68.80 -28.12
C ASN G 9 39.07 68.38 -29.58
N LYS G 10 39.92 67.52 -30.13
CA LYS G 10 39.59 66.74 -31.33
C LYS G 10 38.33 65.88 -31.14
N ALA G 11 38.25 65.20 -30.00
CA ALA G 11 37.10 64.34 -29.67
C ALA G 11 35.83 65.08 -29.23
N TYR G 12 35.96 66.37 -28.93
CA TYR G 12 34.78 67.23 -28.67
C TYR G 12 33.95 67.43 -29.93
N PHE G 13 34.60 67.73 -31.05
CA PHE G 13 33.92 67.90 -32.33
C PHE G 13 33.31 66.62 -32.89
N LYS G 14 33.86 65.46 -32.52
CA LYS G 14 33.24 64.17 -32.85
C LYS G 14 31.86 64.00 -32.23
N ARG G 15 31.75 64.32 -30.94
CA ARG G 15 30.47 64.19 -30.20
C ARG G 15 29.45 65.25 -30.64
N TYR G 16 29.93 66.43 -31.03
CA TYR G 16 29.13 67.65 -31.10
C TYR G 16 28.01 67.55 -32.12
N GLN G 17 26.78 67.43 -31.63
CA GLN G 17 25.59 67.63 -32.45
C GLN G 17 25.40 69.11 -32.73
N VAL G 18 24.76 69.40 -33.86
CA VAL G 18 24.36 70.77 -34.21
C VAL G 18 22.86 70.97 -33.96
N LYS G 19 22.52 72.13 -33.41
CA LYS G 19 21.16 72.68 -33.57
C LYS G 19 20.91 73.04 -35.03
N TYR G 20 19.62 73.14 -35.40
CA TYR G 20 19.17 72.97 -36.79
C TYR G 20 19.92 73.90 -37.76
N ARG G 21 19.49 75.16 -37.83
CA ARG G 21 20.27 76.22 -38.46
C ARG G 21 19.71 77.59 -38.10
N ARG G 22 18.39 77.74 -38.16
CA ARG G 22 17.72 78.97 -37.76
C ARG G 22 17.55 79.07 -36.23
N ARG G 23 18.00 78.06 -35.49
CA ARG G 23 18.41 78.24 -34.09
C ARG G 23 19.87 78.70 -33.97
N ARG G 24 20.77 78.11 -34.75
CA ARG G 24 22.18 78.57 -34.82
C ARG G 24 22.30 80.01 -35.32
N GLN G 25 21.47 80.35 -36.31
CA GLN G 25 21.42 81.69 -36.90
C GLN G 25 20.69 82.65 -35.97
N GLY G 26 19.72 82.14 -35.21
CA GLY G 26 19.09 82.88 -34.11
C GLY G 26 17.86 83.61 -34.59
N LYS G 27 16.89 82.85 -35.11
CA LYS G 27 15.70 83.40 -35.77
C LYS G 27 14.43 82.65 -35.41
N THR G 28 14.35 81.38 -35.79
CA THR G 28 13.19 80.55 -35.51
C THR G 28 13.25 80.02 -34.08
N ASP G 29 12.11 80.07 -33.39
CA ASP G 29 11.85 79.24 -32.22
C ASP G 29 11.07 78.00 -32.66
N TYR G 30 11.75 76.85 -32.69
CA TYR G 30 11.13 75.59 -33.11
C TYR G 30 10.18 74.98 -32.07
N ALA G 31 10.26 75.44 -30.82
CA ALA G 31 9.25 75.12 -29.81
C ALA G 31 7.87 75.67 -30.20
N ALA G 32 7.81 76.97 -30.42
CA ALA G 32 6.56 77.66 -30.78
C ALA G 32 6.10 77.35 -32.20
N ARG G 33 7.03 76.94 -33.08
CA ARG G 33 6.69 76.56 -34.44
C ARG G 33 5.83 75.30 -34.50
N ARG G 34 6.19 74.29 -33.69
CA ARG G 34 5.43 73.03 -33.64
C ARG G 34 4.00 73.19 -33.15
N ALA G 35 3.77 74.15 -32.25
CA ALA G 35 2.42 74.47 -31.78
C ALA G 35 1.55 75.15 -32.85
N LEU G 36 2.16 76.02 -33.66
CA LEU G 36 1.44 76.73 -34.73
C LEU G 36 1.09 75.85 -35.91
N VAL G 37 2.01 74.98 -36.32
CA VAL G 37 1.96 74.32 -37.63
C VAL G 37 1.03 73.09 -37.61
N LEU G 38 0.98 72.37 -36.49
CA LEU G 38 -0.05 71.33 -36.26
C LEU G 38 -1.47 71.86 -36.51
N GLN G 39 -2.29 71.06 -37.20
CA GLN G 39 -3.71 71.37 -37.40
C GLN G 39 -4.60 70.14 -37.28
N ASP G 40 -4.23 69.21 -36.39
CA ASP G 40 -4.97 67.97 -36.14
C ASP G 40 -5.04 67.05 -37.37
N ARG G 41 -5.58 65.85 -37.17
CA ARG G 41 -5.77 64.88 -38.27
C ARG G 41 -7.24 64.56 -38.57
N ASN G 42 -8.17 65.12 -37.80
CA ASN G 42 -9.56 65.27 -38.24
C ASN G 42 -9.73 66.22 -39.43
N LYS G 43 -8.88 67.26 -39.49
CA LYS G 43 -8.90 68.21 -40.61
C LYS G 43 -8.24 67.68 -41.89
N TYR G 44 -7.39 66.65 -41.76
CA TYR G 44 -6.64 66.07 -42.88
C TYR G 44 -5.72 67.08 -43.57
N ASN G 45 -6.24 67.79 -44.58
CA ASN G 45 -5.42 68.57 -45.50
C ASN G 45 -5.90 70.03 -45.63
N ALA G 46 -6.49 70.55 -44.55
CA ALA G 46 -6.62 71.99 -44.36
C ALA G 46 -5.25 72.60 -44.10
N HIS G 47 -5.13 73.90 -44.38
CA HIS G 47 -3.89 74.65 -44.23
C HIS G 47 -4.07 75.75 -43.19
N LYS G 48 -3.33 75.65 -42.09
CA LYS G 48 -3.44 76.61 -40.99
C LYS G 48 -2.62 77.85 -41.33
N HIS G 49 -3.30 78.96 -41.56
CA HIS G 49 -2.66 80.21 -41.95
C HIS G 49 -2.19 80.93 -40.69
N ARG G 50 -1.10 81.68 -40.80
CA ARG G 50 -0.63 82.54 -39.70
C ARG G 50 -0.05 83.87 -40.17
N LEU G 51 -0.39 84.93 -39.43
CA LEU G 51 0.19 86.26 -39.64
C LEU G 51 1.60 86.27 -39.06
N VAL G 52 2.56 86.74 -39.87
CA VAL G 52 3.95 86.80 -39.49
C VAL G 52 4.40 88.26 -39.50
N VAL G 53 4.45 88.87 -38.32
CA VAL G 53 4.90 90.26 -38.16
C VAL G 53 6.34 90.24 -37.65
N ARG G 54 7.24 90.93 -38.37
CA ARG G 54 8.67 90.98 -38.02
C ARG G 54 9.17 92.41 -38.05
N LEU G 55 9.64 92.89 -36.90
CA LEU G 55 10.20 94.23 -36.77
C LEU G 55 11.71 94.18 -37.03
N THR G 56 12.10 94.56 -38.25
CA THR G 56 13.47 94.97 -38.55
C THR G 56 13.63 96.47 -38.24
N ASN G 57 14.86 96.96 -38.40
CA ASN G 57 15.13 98.40 -38.40
C ASN G 57 14.59 99.02 -39.70
N LYS G 58 14.00 100.21 -39.57
CA LYS G 58 13.60 101.06 -40.71
C LYS G 58 12.42 100.52 -41.56
N ARG G 59 11.77 99.44 -41.11
CA ARG G 59 10.90 98.64 -41.98
C ARG G 59 10.13 97.59 -41.18
N ILE G 60 8.88 97.34 -41.59
CA ILE G 60 8.01 96.34 -40.93
C ILE G 60 7.42 95.40 -41.98
N ILE G 61 7.88 94.15 -41.98
CA ILE G 61 7.38 93.11 -42.89
C ILE G 61 6.18 92.41 -42.26
N CYS G 62 5.19 92.07 -43.09
CA CYS G 62 3.95 91.44 -42.64
C CYS G 62 3.43 90.47 -43.70
N GLN G 63 3.32 89.18 -43.34
CA GLN G 63 3.05 88.10 -44.30
C GLN G 63 1.96 87.17 -43.77
N VAL G 64 1.13 86.66 -44.68
CA VAL G 64 0.26 85.50 -44.39
C VAL G 64 0.88 84.25 -45.02
N VAL G 65 0.98 83.19 -44.23
CA VAL G 65 1.81 82.02 -44.56
C VAL G 65 1.10 80.75 -44.09
N TYR G 66 1.05 79.75 -44.97
CA TYR G 66 0.79 78.35 -44.58
C TYR G 66 1.99 77.45 -44.91
N SER G 67 2.01 76.27 -44.31
CA SER G 67 3.16 75.35 -44.37
C SER G 67 2.92 74.22 -45.37
N THR G 68 3.99 73.78 -46.02
CA THR G 68 4.03 72.55 -46.82
C THR G 68 5.31 71.77 -46.52
N ILE G 69 5.37 70.52 -46.97
CA ILE G 69 6.55 69.65 -46.75
C ILE G 69 7.84 70.15 -47.42
N GLU G 70 7.71 70.81 -48.57
CA GLU G 70 8.86 71.39 -49.27
C GLU G 70 9.33 72.66 -48.59
N GLY G 71 8.38 73.53 -48.25
CA GLY G 71 8.65 74.68 -47.39
C GLY G 71 7.37 75.48 -47.13
N ASP G 72 7.53 76.58 -46.41
CA ASP G 72 6.43 77.52 -46.18
C ASP G 72 6.15 78.35 -47.44
N ARG G 73 4.90 78.82 -47.54
CA ARG G 73 4.35 79.36 -48.80
C ARG G 73 3.54 80.61 -48.53
N VAL G 74 3.97 81.74 -49.12
CA VAL G 74 3.44 83.06 -48.77
C VAL G 74 2.20 83.36 -49.60
N LEU G 75 1.15 83.85 -48.94
CA LEU G 75 -0.14 84.11 -49.57
C LEU G 75 -0.21 85.55 -50.08
N ALA G 76 0.17 86.50 -49.20
CA ALA G 76 0.37 87.89 -49.60
C ALA G 76 1.28 88.63 -48.62
N THR G 77 2.24 89.39 -49.15
CA THR G 77 3.18 90.18 -48.33
C THR G 77 2.69 91.62 -48.18
N ALA G 78 3.23 92.31 -47.17
CA ALA G 78 3.07 93.75 -47.02
C ALA G 78 4.33 94.36 -46.40
N GLU G 79 4.63 95.59 -46.79
CA GLU G 79 5.79 96.33 -46.25
C GLU G 79 5.41 97.77 -45.95
N SER G 80 6.02 98.33 -44.90
CA SER G 80 5.85 99.74 -44.54
C SER G 80 6.53 100.70 -45.54
N THR G 81 7.53 100.20 -46.27
CA THR G 81 8.14 100.96 -47.37
C THR G 81 7.21 101.20 -48.59
N GLU G 82 6.10 100.47 -48.66
CA GLU G 82 5.02 100.78 -49.60
C GLU G 82 4.27 102.10 -49.31
N LEU G 83 4.20 102.49 -48.04
CA LEU G 83 3.26 103.53 -47.57
C LEU G 83 3.49 104.96 -48.09
N PRO G 84 4.70 105.30 -48.56
CA PRO G 84 4.88 106.48 -49.44
C PRO G 84 3.97 106.57 -50.68
N ARG G 85 3.45 105.44 -51.15
CA ARG G 85 2.33 105.43 -52.10
C ARG G 85 1.07 106.06 -51.51
N TYR G 86 0.64 105.58 -50.34
CA TYR G 86 -0.67 105.89 -49.77
C TYR G 86 -0.62 107.04 -48.74
N GLY G 87 0.18 108.08 -49.02
CA GLY G 87 0.14 109.33 -48.25
C GLY G 87 1.25 109.47 -47.23
N VAL G 88 1.53 108.39 -46.48
CA VAL G 88 2.44 108.45 -45.34
C VAL G 88 3.89 108.40 -45.82
N LYS G 89 4.58 109.54 -45.71
CA LYS G 89 5.93 109.69 -46.26
C LYS G 89 6.98 109.04 -45.37
N ILE G 90 6.89 109.30 -44.06
CA ILE G 90 7.94 108.96 -43.09
C ILE G 90 7.36 108.54 -41.73
N GLY G 91 8.21 107.94 -40.90
CA GLY G 91 7.77 107.31 -39.66
C GLY G 91 7.32 105.89 -39.93
N LEU G 92 8.19 105.11 -40.56
CA LEU G 92 7.84 103.78 -41.06
C LEU G 92 7.91 102.70 -39.98
N THR G 93 8.79 102.89 -39.00
CA THR G 93 9.02 101.91 -37.93
C THR G 93 7.95 101.94 -36.83
N ASN G 94 7.23 103.05 -36.69
CA ASN G 94 6.42 103.33 -35.49
C ASN G 94 5.13 102.50 -35.38
N TYR G 95 4.42 102.64 -34.26
CA TYR G 95 3.19 101.90 -33.97
C TYR G 95 2.05 102.23 -34.93
N ALA G 96 1.98 103.49 -35.35
CA ALA G 96 1.01 103.95 -36.36
C ALA G 96 1.18 103.23 -37.69
N ALA G 97 2.43 103.16 -38.16
CA ALA G 97 2.76 102.45 -39.41
C ALA G 97 2.56 100.93 -39.31
N ALA G 98 2.73 100.38 -38.11
CA ALA G 98 2.43 98.97 -37.85
C ALA G 98 0.95 98.64 -38.04
N TYR G 99 0.08 99.51 -37.52
CA TYR G 99 -1.36 99.41 -37.74
C TYR G 99 -1.74 99.56 -39.22
N CYS G 100 -1.09 100.50 -39.91
CA CYS G 100 -1.35 100.75 -41.32
C CYS G 100 -0.87 99.62 -42.24
N THR G 101 0.20 98.93 -41.86
CA THR G 101 0.69 97.76 -42.59
C THR G 101 -0.25 96.55 -42.43
N GLY G 102 -0.69 96.30 -41.19
CA GLY G 102 -1.62 95.21 -40.91
C GLY G 102 -2.99 95.35 -41.54
N LEU G 103 -3.47 96.59 -41.64
CA LEU G 103 -4.67 96.92 -42.43
C LEU G 103 -4.45 96.72 -43.93
N LEU G 104 -3.33 97.22 -44.43
CA LEU G 104 -3.00 97.17 -45.86
C LEU G 104 -2.78 95.73 -46.36
N LEU G 105 -2.26 94.87 -45.47
CA LEU G 105 -2.23 93.42 -45.71
C LEU G 105 -3.63 92.81 -45.80
N ALA G 106 -4.46 93.12 -44.81
CA ALA G 106 -5.74 92.42 -44.59
C ALA G 106 -6.76 92.61 -45.71
N ARG G 107 -6.69 93.74 -46.42
CA ARG G 107 -7.50 93.95 -47.63
C ARG G 107 -7.11 93.01 -48.77
N ARG G 108 -5.80 92.87 -49.00
CA ARG G 108 -5.29 92.13 -50.16
C ARG G 108 -5.12 90.62 -49.91
N VAL G 109 -5.52 90.15 -48.74
CA VAL G 109 -5.95 88.76 -48.55
C VAL G 109 -7.36 88.58 -49.12
N LEU G 110 -8.26 89.49 -48.76
CA LEU G 110 -9.68 89.40 -49.16
C LEU G 110 -9.88 89.63 -50.67
N LYS G 111 -9.18 90.63 -51.22
CA LYS G 111 -9.23 90.91 -52.67
C LYS G 111 -8.66 89.78 -53.53
N GLN G 112 -7.69 89.05 -53.00
CA GLN G 112 -7.11 87.87 -53.68
C GLN G 112 -8.12 86.73 -53.77
N LEU G 113 -8.78 86.43 -52.65
CA LEU G 113 -9.83 85.41 -52.60
C LEU G 113 -11.12 85.86 -53.32
N GLY G 114 -11.40 87.17 -53.29
CA GLY G 114 -12.58 87.76 -53.95
C GLY G 114 -13.70 88.03 -52.96
N MET G 115 -13.36 88.65 -51.84
CA MET G 115 -14.20 88.72 -50.65
C MET G 115 -14.13 90.12 -50.03
N SER G 116 -14.16 91.14 -50.89
CA SER G 116 -13.87 92.52 -50.50
C SER G 116 -15.12 93.25 -50.00
N GLU G 117 -16.24 93.04 -50.68
CA GLU G 117 -17.51 93.72 -50.37
C GLU G 117 -18.10 93.23 -49.05
N THR G 118 -18.09 91.91 -48.86
CA THR G 118 -18.25 91.30 -47.55
C THR G 118 -17.03 91.63 -46.68
N PHE G 119 -17.26 91.78 -45.37
CA PHE G 119 -16.24 92.20 -44.40
C PHE G 119 -15.64 93.57 -44.73
N GLU G 120 -16.43 94.61 -44.53
CA GLU G 120 -15.91 95.97 -44.33
C GLU G 120 -15.09 96.08 -43.03
N GLY G 121 -15.51 95.36 -42.00
CA GLY G 121 -14.90 95.45 -40.67
C GLY G 121 -15.39 96.69 -39.94
N VAL G 122 -14.50 97.35 -39.20
CA VAL G 122 -14.88 98.41 -38.26
C VAL G 122 -13.77 99.46 -38.12
N GLU G 123 -13.90 100.56 -38.85
CA GLU G 123 -12.91 101.65 -38.82
C GLU G 123 -12.79 102.33 -37.45
N THR G 125 -12.40 104.35 -34.08
CA THR G 125 -11.07 103.74 -34.17
C THR G 125 -10.55 103.45 -32.77
N GLY G 126 -9.95 102.26 -32.59
CA GLY G 126 -9.32 101.88 -31.33
C GLY G 126 -10.24 101.26 -30.28
N GLU G 127 -11.55 101.19 -30.57
CA GLU G 127 -12.49 100.47 -29.72
C GLU G 127 -12.32 98.96 -29.91
N GLU G 128 -12.71 98.19 -28.89
CA GLU G 128 -12.54 96.73 -28.90
C GLU G 128 -13.49 96.06 -29.89
N TYR G 129 -13.03 94.96 -30.49
CA TYR G 129 -13.79 94.26 -31.54
C TYR G 129 -13.30 92.82 -31.72
N HIS G 130 -14.25 91.88 -31.69
CA HIS G 130 -14.09 90.54 -32.28
C HIS G 130 -15.13 90.32 -33.37
N ILE G 131 -14.91 89.30 -34.21
CA ILE G 131 -15.88 88.90 -35.23
C ILE G 131 -16.66 87.68 -34.74
N GLU G 132 -17.64 87.94 -33.89
CA GLU G 132 -18.85 87.12 -33.77
C GLU G 132 -19.91 87.46 -34.83
N GLU G 133 -19.82 88.65 -35.42
CA GLU G 133 -20.87 89.19 -36.30
C GLU G 133 -20.90 88.47 -37.67
N ASN G 134 -21.97 88.72 -38.42
CA ASN G 134 -22.33 87.95 -39.63
C ASN G 134 -22.80 86.53 -39.29
N PHE G 135 -24.11 86.32 -39.43
CA PHE G 135 -24.76 85.04 -39.08
C PHE G 135 -25.54 84.50 -40.27
N GLY G 136 -25.62 83.17 -40.36
CA GLY G 136 -26.31 82.49 -41.46
C GLY G 136 -25.60 82.62 -42.79
N GLU G 137 -24.27 82.61 -42.75
CA GLU G 137 -23.44 83.13 -43.85
C GLU G 137 -21.99 82.67 -43.71
N ARG G 138 -21.17 83.03 -44.69
CA ARG G 138 -19.79 82.53 -44.78
C ARG G 138 -18.92 83.09 -43.65
N ARG G 139 -18.11 82.22 -43.05
CA ARG G 139 -17.38 82.53 -41.82
C ARG G 139 -16.12 83.31 -42.16
N PRO G 140 -15.68 84.26 -41.29
CA PRO G 140 -14.53 85.11 -41.61
C PRO G 140 -13.20 84.37 -41.64
N PHE G 141 -12.24 84.91 -42.39
CA PHE G 141 -11.01 84.20 -42.74
C PHE G 141 -10.06 84.07 -41.54
N LYS G 142 -9.84 82.83 -41.08
CA LYS G 142 -9.09 82.56 -39.86
C LYS G 142 -7.58 82.66 -40.10
N VAL G 143 -6.88 83.28 -39.16
CA VAL G 143 -5.43 83.46 -39.27
C VAL G 143 -4.84 83.75 -37.88
N LEU G 144 -3.79 83.02 -37.51
CA LEU G 144 -3.14 83.14 -36.20
C LEU G 144 -2.12 84.27 -36.21
N LEU G 145 -1.42 84.47 -35.08
CA LEU G 145 -0.34 85.44 -34.98
C LEU G 145 0.93 84.78 -34.47
N ASP G 146 1.97 84.77 -35.31
CA ASP G 146 3.32 84.34 -34.91
C ASP G 146 4.21 85.58 -34.71
N VAL G 147 4.48 85.90 -33.45
CA VAL G 147 5.44 86.97 -33.09
C VAL G 147 6.89 86.64 -33.45
N GLY G 148 7.24 85.36 -33.45
CA GLY G 148 8.62 84.91 -33.69
C GLY G 148 9.40 84.80 -32.39
N ILE G 149 10.46 85.60 -32.26
CA ILE G 149 11.14 85.82 -30.98
C ILE G 149 11.29 87.33 -30.70
N VAL G 150 10.23 88.08 -31.01
CA VAL G 150 9.99 89.39 -30.42
C VAL G 150 9.38 89.18 -29.04
N ARG G 151 10.01 89.76 -28.01
CA ARG G 151 9.59 89.56 -26.63
C ARG G 151 8.30 90.34 -26.34
N THR G 152 7.34 89.65 -25.74
CA THR G 152 5.93 90.04 -25.82
C THR G 152 5.53 90.88 -24.62
N THR G 153 5.69 92.20 -24.76
CA THR G 153 5.32 93.17 -23.72
C THR G 153 3.94 93.79 -23.99
N VAL G 154 3.45 94.53 -23.01
CA VAL G 154 2.25 95.35 -23.19
C VAL G 154 2.61 96.57 -24.06
N GLY G 155 1.76 96.85 -25.05
CA GLY G 155 2.19 97.59 -26.23
C GLY G 155 2.98 96.69 -27.17
N ASN G 156 4.23 97.09 -27.44
CA ASN G 156 4.98 96.76 -28.67
C ASN G 156 4.23 96.90 -30.02
N ARG G 157 4.99 96.88 -31.11
CA ARG G 157 4.47 97.21 -32.44
C ARG G 157 3.64 96.08 -33.08
N VAL G 158 3.80 94.85 -32.58
CA VAL G 158 3.23 93.68 -33.24
C VAL G 158 1.71 93.64 -33.05
N PHE G 159 1.26 93.95 -31.84
CA PHE G 159 -0.18 94.04 -31.54
C PHE G 159 -0.83 95.32 -32.07
N GLY G 160 -0.02 96.28 -32.53
CA GLY G 160 -0.47 97.26 -33.52
C GLY G 160 -0.94 96.62 -34.82
N ALA G 161 -0.08 95.79 -35.41
CA ALA G 161 -0.38 95.10 -36.67
C ALA G 161 -1.43 94.00 -36.54
N MET G 162 -1.61 93.47 -35.33
CA MET G 162 -2.74 92.59 -35.01
C MET G 162 -4.08 93.34 -35.11
N LYS G 163 -4.15 94.51 -34.50
CA LYS G 163 -5.35 95.34 -34.51
C LYS G 163 -5.64 95.94 -35.88
N GLY G 164 -4.60 96.18 -36.68
CA GLY G 164 -4.74 96.47 -38.11
C GLY G 164 -5.46 95.39 -38.90
N ALA G 165 -5.13 94.13 -38.62
CA ALA G 165 -5.79 92.98 -39.25
C ALA G 165 -7.25 92.80 -38.82
N ALA G 166 -7.53 93.07 -37.54
CA ALA G 166 -8.89 92.98 -37.00
C ALA G 166 -9.84 94.03 -37.57
N ASP G 167 -9.31 95.25 -37.79
CA ASP G 167 -10.00 96.28 -38.57
C ASP G 167 -10.27 95.82 -40.01
N GLY G 168 -9.27 95.21 -40.64
CA GLY G 168 -9.39 94.67 -42.00
C GLY G 168 -10.42 93.56 -42.19
N GLY G 169 -10.74 92.85 -41.11
CA GLY G 169 -11.73 91.77 -41.13
C GLY G 169 -11.14 90.41 -41.40
N LEU G 170 -9.91 90.20 -40.93
CA LEU G 170 -9.39 88.85 -40.71
C LEU G 170 -9.72 88.42 -39.28
N HIS G 171 -10.24 87.20 -39.15
CA HIS G 171 -10.51 86.61 -37.83
C HIS G 171 -9.20 86.22 -37.15
N VAL G 172 -8.62 87.18 -36.44
CA VAL G 172 -7.55 86.91 -35.48
C VAL G 172 -8.19 86.66 -34.12
N PRO G 173 -7.84 85.54 -33.46
CA PRO G 173 -8.20 85.40 -32.04
C PRO G 173 -7.22 86.20 -31.18
N HIS G 174 -7.76 87.00 -30.26
CA HIS G 174 -6.95 87.82 -29.36
C HIS G 174 -7.72 88.28 -28.14
N GLY G 175 -7.07 88.19 -26.98
CA GLY G 175 -7.46 88.95 -25.79
C GLY G 175 -7.04 90.40 -25.86
N ILE G 176 -7.55 91.20 -24.94
CA ILE G 176 -7.29 92.65 -24.91
C ILE G 176 -6.05 93.05 -24.11
N LYS G 177 -5.43 92.10 -23.42
CA LYS G 177 -4.61 92.39 -22.24
C LYS G 177 -3.20 92.92 -22.57
N LYS G 178 -2.76 92.77 -23.82
CA LYS G 178 -1.48 93.30 -24.28
C LYS G 178 -1.62 94.46 -25.28
N PHE G 179 -2.78 95.13 -25.28
CA PHE G 179 -2.90 96.46 -25.86
C PHE G 179 -2.42 97.53 -24.87
N PRO G 180 -2.03 98.72 -25.37
CA PRO G 180 -1.91 99.89 -24.47
C PRO G 180 -3.25 100.36 -23.90
N GLY G 181 -3.19 100.99 -22.73
CA GLY G 181 -4.38 101.28 -21.94
C GLY G 181 -4.94 100.02 -21.30
N TYR G 182 -4.50 99.74 -20.07
CA TYR G 182 -4.93 98.56 -19.34
C TYR G 182 -4.86 98.77 -17.81
N SER G 192 -10.16 96.18 -16.51
CA SER G 192 -9.34 97.37 -16.63
C SER G 192 -8.84 97.57 -18.06
N TYR G 193 -9.54 98.40 -18.82
CA TYR G 193 -9.14 98.75 -20.20
C TYR G 193 -9.67 100.14 -20.58
N ASP G 194 -8.84 100.90 -21.28
CA ASP G 194 -9.18 102.24 -21.77
C ASP G 194 -8.97 102.30 -23.29
N PRO G 195 -10.07 102.46 -24.07
CA PRO G 195 -9.97 102.39 -25.54
C PRO G 195 -9.35 103.63 -26.19
N GLU G 196 -9.63 104.82 -25.65
CA GLU G 196 -9.18 106.09 -26.27
C GLU G 196 -7.67 106.34 -26.15
N ALA G 197 -7.01 105.75 -25.17
CA ALA G 197 -5.54 105.72 -25.11
C ALA G 197 -4.91 104.95 -26.27
N HIS G 198 -5.56 103.85 -26.67
CA HIS G 198 -5.15 103.08 -27.86
C HIS G 198 -5.33 103.84 -29.17
N ARG G 199 -6.37 104.68 -29.24
CA ARG G 199 -6.59 105.57 -30.39
C ARG G 199 -5.49 106.61 -30.58
N ALA G 200 -4.88 107.05 -29.47
CA ALA G 200 -3.73 107.95 -29.51
C ALA G 200 -2.51 107.34 -30.22
N ARG G 201 -2.31 106.03 -30.06
CA ARG G 201 -1.14 105.35 -30.62
C ARG G 201 -1.30 105.05 -32.12
N ILE G 202 -2.52 104.76 -32.56
CA ILE G 202 -2.80 104.49 -33.98
C ILE G 202 -2.60 105.75 -34.82
N LEU G 203 -3.18 106.86 -34.38
CA LEU G 203 -3.16 108.11 -35.14
C LEU G 203 -1.88 108.93 -34.97
N GLY G 204 -0.94 108.43 -34.15
CA GLY G 204 0.40 109.01 -34.05
C GLY G 204 0.41 110.25 -33.16
N LEU G 205 -0.39 110.22 -32.11
CA LEU G 205 -0.62 111.39 -31.27
C LEU G 205 0.50 111.53 -30.24
N HIS G 206 0.88 110.40 -29.64
CA HIS G 206 2.12 110.28 -28.85
C HIS G 206 3.41 110.75 -29.54
N VAL G 207 3.47 110.60 -30.87
CA VAL G 207 4.60 111.13 -31.66
C VAL G 207 4.52 112.64 -31.79
N ALA G 208 3.33 113.15 -32.08
CA ALA G 208 3.08 114.60 -32.17
C ALA G 208 3.24 115.31 -30.83
N ASP G 209 2.75 114.68 -29.76
CA ASP G 209 2.84 115.23 -28.39
C ASP G 209 4.29 115.31 -27.88
N TYR G 210 5.14 114.39 -28.33
CA TYR G 210 6.58 114.44 -28.04
C TYR G 210 7.28 115.59 -28.77
N MET G 211 6.94 115.79 -30.04
CA MET G 211 7.40 116.96 -30.81
C MET G 211 6.89 118.30 -30.25
N ARG G 212 5.65 118.29 -29.77
CA ARG G 212 5.04 119.47 -29.12
C ARG G 212 5.71 119.79 -27.79
N GLN G 213 6.07 118.76 -27.03
CA GLN G 213 6.83 118.91 -25.77
C GLN G 213 8.27 119.38 -26.01
N LEU G 214 8.91 118.83 -27.04
CA LEU G 214 10.36 118.94 -27.22
C LEU G 214 10.81 120.22 -27.96
N LYS G 215 9.95 120.76 -28.83
CA LYS G 215 10.29 121.95 -29.63
C LYS G 215 10.37 123.22 -28.79
N GLU G 216 9.41 123.40 -27.88
CA GLU G 216 9.45 124.51 -26.92
C GLU G 216 10.61 124.40 -25.91
N GLU G 217 11.03 123.18 -25.59
CA GLU G 217 12.19 122.94 -24.74
C GLU G 217 13.50 123.27 -25.47
N ASP G 218 13.75 122.58 -26.58
CA ASP G 218 15.02 122.66 -27.32
C ASP G 218 14.78 122.90 -28.81
N PRO G 219 15.70 123.64 -29.48
CA PRO G 219 15.87 123.53 -30.93
C PRO G 219 16.82 122.41 -31.40
N GLU G 220 17.79 122.03 -30.55
CA GLU G 220 18.88 121.14 -30.96
C GLU G 220 18.44 119.68 -31.05
N LYS G 221 17.67 119.23 -30.07
CA LYS G 221 17.00 117.92 -30.12
C LYS G 221 15.97 117.82 -31.25
N TYR G 222 15.22 118.90 -31.49
CA TYR G 222 14.21 118.94 -32.54
C TYR G 222 14.80 118.98 -33.96
N SER G 223 16.03 119.49 -34.10
CA SER G 223 16.80 119.34 -35.34
C SER G 223 17.41 117.95 -35.49
N ALA G 224 17.95 117.40 -34.39
CA ALA G 224 18.72 116.14 -34.43
C ALA G 224 17.83 114.92 -34.67
N GLN G 225 16.85 114.71 -33.79
CA GLN G 225 15.67 113.91 -34.13
C GLN G 225 14.80 114.64 -35.15
N PHE G 226 13.96 113.89 -35.85
CA PHE G 226 12.91 114.47 -36.72
C PHE G 226 13.48 115.37 -37.85
N SER G 227 14.65 115.02 -38.37
CA SER G 227 15.26 115.75 -39.49
C SER G 227 14.52 115.49 -40.80
N GLN G 228 13.98 114.28 -40.96
CA GLN G 228 13.15 113.93 -42.11
C GLN G 228 11.79 114.63 -42.07
N TYR G 229 11.26 114.85 -40.86
CA TYR G 229 10.02 115.62 -40.67
C TYR G 229 10.16 117.10 -41.06
N ILE G 230 11.35 117.65 -40.84
CA ILE G 230 11.66 119.04 -41.26
C ILE G 230 11.85 119.14 -42.78
N LYS G 231 12.49 118.12 -43.39
CA LYS G 231 12.63 118.04 -44.85
C LYS G 231 11.28 117.92 -45.56
N ASN G 232 10.50 116.90 -45.16
CA ASN G 232 9.18 116.64 -45.75
C ASN G 232 8.07 117.54 -45.19
N LYS G 233 8.40 118.41 -44.24
CA LYS G 233 7.66 119.65 -43.96
C LYS G 233 6.39 119.39 -43.14
N ILE G 234 6.48 118.41 -42.24
CA ILE G 234 5.34 117.92 -41.48
C ILE G 234 5.41 118.45 -40.05
N GLU G 235 4.33 119.11 -39.61
CA GLU G 235 4.29 119.81 -38.32
C GLU G 235 3.71 118.88 -37.25
N ALA G 236 3.68 119.36 -36.01
CA ALA G 236 3.05 118.63 -34.89
C ALA G 236 1.53 118.48 -35.07
N ASP G 237 0.87 119.53 -35.57
CA ASP G 237 -0.57 119.51 -35.84
C ASP G 237 -0.97 118.55 -36.97
N ASP G 238 -0.08 118.37 -37.94
CA ASP G 238 -0.41 117.70 -39.22
C ASP G 238 -0.42 116.15 -39.13
N ILE G 239 0.08 115.59 -38.03
CA ILE G 239 0.34 114.13 -37.94
C ILE G 239 -0.97 113.34 -37.95
N GLU G 240 -1.94 113.78 -37.15
CA GLU G 240 -3.23 113.08 -37.02
C GLU G 240 -4.07 113.10 -38.30
N ALA G 241 -3.84 114.11 -39.15
CA ALA G 241 -4.44 114.15 -40.50
C ALA G 241 -3.92 113.06 -41.43
N MET G 242 -2.62 112.77 -41.37
CA MET G 242 -1.99 111.80 -42.28
C MET G 242 -2.52 110.38 -42.09
N TYR G 243 -2.40 109.86 -40.86
CA TYR G 243 -2.71 108.46 -40.57
C TYR G 243 -4.21 108.15 -40.60
N LYS G 244 -5.05 109.16 -40.40
CA LYS G 244 -6.49 109.07 -40.67
C LYS G 244 -6.77 108.98 -42.17
N ASN G 245 -6.21 109.93 -42.93
CA ASN G 245 -6.40 109.99 -44.38
C ASN G 245 -5.70 108.86 -45.15
N ALA G 246 -4.68 108.25 -44.53
CA ALA G 246 -4.07 107.03 -45.04
C ALA G 246 -5.04 105.84 -45.15
N HIS G 247 -6.01 105.75 -44.23
CA HIS G 247 -6.92 104.61 -44.16
C HIS G 247 -7.87 104.55 -45.35
N ALA G 248 -8.50 105.68 -45.68
CA ALA G 248 -9.36 105.81 -46.86
C ALA G 248 -8.60 105.64 -48.18
N GLN G 249 -7.32 106.02 -48.18
CA GLN G 249 -6.42 105.77 -49.32
C GLN G 249 -6.11 104.27 -49.50
N ILE G 250 -5.91 103.56 -48.39
CA ILE G 250 -5.66 102.12 -48.39
C ILE G 250 -6.86 101.32 -48.91
N ARG G 251 -8.05 101.65 -48.42
CA ARG G 251 -9.25 100.83 -48.64
C ARG G 251 -9.85 100.94 -50.05
N LYS G 252 -9.29 101.80 -50.90
CA LYS G 252 -9.59 101.82 -52.34
C LYS G 252 -8.40 101.33 -53.20
N ASN G 253 -7.62 100.37 -52.67
CA ASN G 253 -6.32 100.02 -53.25
C ASN G 253 -5.84 98.62 -52.86
N PRO G 254 -5.47 97.79 -53.86
CA PRO G 254 -4.50 96.70 -53.72
C PRO G 254 -3.09 97.10 -54.18
N ASP G 255 -2.17 96.13 -54.22
CA ASP G 255 -0.77 96.36 -54.59
C ASP G 255 -0.59 96.34 -56.11
N ALA G 256 0.56 96.86 -56.56
CA ALA G 256 0.85 97.00 -57.99
C ALA G 256 2.34 97.28 -58.23
N VAL G 257 3.02 96.33 -58.87
CA VAL G 257 4.43 96.49 -59.24
C VAL G 257 4.63 97.53 -60.34
N ARG G 283 33.92 89.10 -56.67
CA ARG G 283 33.53 87.83 -56.05
C ARG G 283 34.50 86.72 -56.40
N HIS G 284 35.15 86.15 -55.39
CA HIS G 284 36.02 84.99 -55.58
C HIS G 284 35.21 83.69 -55.72
N VAL G 285 35.88 82.65 -56.22
CA VAL G 285 35.27 81.33 -56.42
C VAL G 285 36.27 80.23 -56.03
N LYS G 286 35.81 78.98 -56.02
CA LYS G 286 36.58 77.86 -55.43
C LYS G 286 37.76 77.44 -56.29
N LEU G 287 38.76 76.84 -55.64
CA LEU G 287 40.01 76.41 -56.27
C LEU G 287 40.07 74.88 -56.29
N THR G 288 40.56 74.31 -57.39
CA THR G 288 40.65 72.85 -57.56
C THR G 288 41.85 72.28 -56.79
N LYS G 289 41.93 70.96 -56.71
CA LYS G 289 42.99 70.29 -55.94
C LYS G 289 44.34 70.25 -56.68
N ALA G 290 44.31 70.32 -58.01
CA ALA G 290 45.50 70.69 -58.80
C ALA G 290 45.98 72.11 -58.48
N GLN G 291 45.03 73.04 -58.38
CA GLN G 291 45.30 74.44 -58.02
C GLN G 291 45.72 74.67 -56.55
N ARG G 292 45.45 73.69 -55.69
CA ARG G 292 45.77 73.80 -54.26
C ARG G 292 47.20 73.34 -53.94
N ARG G 293 47.62 72.22 -54.54
CA ARG G 293 49.00 71.71 -54.40
C ARG G 293 50.03 72.59 -55.13
N GLU G 294 49.58 73.32 -56.14
CA GLU G 294 50.31 74.48 -56.71
C GLU G 294 50.70 75.51 -55.63
N ARG G 295 49.74 75.88 -54.80
CA ARG G 295 49.94 76.90 -53.75
C ARG G 295 50.84 76.47 -52.59
N VAL G 296 51.01 75.16 -52.39
CA VAL G 296 51.85 74.64 -51.30
C VAL G 296 53.33 74.94 -51.58
N GLN G 297 53.79 74.64 -52.79
CA GLN G 297 55.19 74.80 -53.16
C GLN G 297 55.63 76.27 -53.32
N GLN G 298 54.65 77.18 -53.44
CA GLN G 298 54.88 78.62 -53.24
C GLN G 298 55.34 78.92 -51.80
N LYS G 299 54.60 78.38 -50.82
CA LYS G 299 54.92 78.57 -49.41
C LYS G 299 56.18 77.83 -48.97
N MET H 33 6.74 -22.41 -82.73
CA MET H 33 7.46 -23.67 -82.58
C MET H 33 8.85 -23.44 -82.00
N ALA H 34 9.43 -24.50 -81.43
CA ALA H 34 10.81 -24.47 -80.93
C ALA H 34 11.81 -24.25 -82.07
N LYS H 35 12.61 -23.19 -81.97
CA LYS H 35 13.69 -22.94 -82.92
C LYS H 35 14.87 -23.86 -82.64
N LEU H 36 15.52 -24.33 -83.70
CA LEU H 36 16.81 -25.04 -83.59
C LEU H 36 17.93 -24.11 -83.13
N ARG H 37 19.02 -24.73 -82.66
CA ARG H 37 20.27 -24.02 -82.38
C ARG H 37 21.20 -24.12 -83.58
N SER H 38 22.17 -23.20 -83.64
CA SER H 38 23.10 -23.12 -84.78
C SER H 38 24.14 -24.25 -84.83
N SER H 39 24.31 -24.97 -83.73
CA SER H 39 25.08 -26.21 -83.71
C SER H 39 24.45 -27.32 -84.56
N ILE H 40 23.17 -27.57 -84.34
CA ILE H 40 22.49 -28.74 -84.92
C ILE H 40 22.18 -28.47 -86.40
N THR H 41 23.09 -28.90 -87.27
CA THR H 41 22.80 -29.19 -88.68
C THR H 41 22.48 -30.69 -88.86
N PRO H 42 21.65 -31.05 -89.85
CA PRO H 42 21.45 -32.47 -90.22
C PRO H 42 22.74 -33.24 -90.48
N GLY H 43 22.80 -34.47 -89.97
CA GLY H 43 24.02 -35.28 -89.96
C GLY H 43 24.64 -35.45 -88.58
N THR H 44 24.66 -34.36 -87.80
CA THR H 44 25.65 -34.18 -86.73
C THR H 44 25.41 -35.10 -85.52
N VAL H 45 26.50 -35.41 -84.81
CA VAL H 45 26.46 -36.26 -83.63
C VAL H 45 26.01 -35.43 -82.43
N LEU H 46 25.02 -35.94 -81.70
CA LEU H 46 24.60 -35.39 -80.41
C LEU H 46 25.13 -36.30 -79.30
N ILE H 47 24.86 -35.94 -78.04
CA ILE H 47 24.86 -36.89 -76.93
C ILE H 47 23.61 -36.72 -76.07
N LEU H 48 23.03 -37.85 -75.65
CA LEU H 48 21.79 -37.84 -74.86
C LEU H 48 22.12 -37.64 -73.39
N LEU H 49 21.32 -36.82 -72.70
CA LEU H 49 21.59 -36.40 -71.33
C LEU H 49 20.69 -37.05 -70.27
N SER H 50 19.57 -37.64 -70.69
CA SER H 50 18.63 -38.25 -69.75
C SER H 50 17.81 -39.36 -70.41
N GLY H 51 17.09 -40.12 -69.58
CA GLY H 51 16.31 -41.27 -70.04
C GLY H 51 17.11 -42.56 -70.01
N GLY H 52 16.53 -43.60 -70.60
CA GLY H 52 17.13 -44.95 -70.61
C GLY H 52 18.44 -45.07 -71.37
N HIS H 53 18.68 -44.15 -72.31
CA HIS H 53 19.91 -44.15 -73.13
C HIS H 53 20.79 -42.93 -72.82
N ARG H 54 20.99 -42.65 -71.54
CA ARG H 54 21.79 -41.48 -71.13
C ARG H 54 23.27 -41.77 -71.38
N GLY H 55 23.99 -40.73 -71.82
CA GLY H 55 25.39 -40.87 -72.22
C GLY H 55 25.58 -41.03 -73.73
N LYS H 56 24.82 -41.95 -74.33
CA LYS H 56 25.14 -42.50 -75.65
C LYS H 56 25.11 -41.44 -76.74
N ARG H 57 26.00 -41.58 -77.72
CA ARG H 57 26.17 -40.59 -78.78
C ARG H 57 25.36 -41.02 -79.99
N VAL H 58 24.58 -40.09 -80.54
CA VAL H 58 23.48 -40.42 -81.46
C VAL H 58 23.38 -39.36 -82.55
N VAL H 59 23.23 -39.79 -83.81
CA VAL H 59 23.26 -38.87 -84.96
C VAL H 59 21.88 -38.32 -85.31
N PHE H 60 21.85 -37.06 -85.71
CA PHE H 60 20.60 -36.30 -85.90
C PHE H 60 20.21 -36.31 -87.37
N LEU H 61 18.91 -36.47 -87.64
CA LEU H 61 18.38 -36.55 -89.00
C LEU H 61 17.56 -35.30 -89.37
N LYS H 62 16.49 -35.04 -88.63
CA LYS H 62 15.47 -34.05 -89.00
C LYS H 62 14.70 -33.54 -87.78
N GLN H 63 14.35 -32.25 -87.79
CA GLN H 63 13.39 -31.69 -86.84
C GLN H 63 11.96 -31.87 -87.36
N LEU H 64 11.07 -32.37 -86.52
CA LEU H 64 9.66 -32.58 -86.89
C LEU H 64 8.86 -31.28 -86.80
N PRO H 66 5.25 -30.15 -86.20
CA PRO H 66 5.09 -30.36 -84.76
C PRO H 66 5.58 -31.76 -84.34
N SER H 67 6.27 -31.88 -83.20
CA SER H 67 6.12 -31.03 -82.03
C SER H 67 7.36 -30.15 -81.77
N GLY H 68 8.12 -29.85 -82.83
CA GLY H 68 9.44 -29.24 -82.70
C GLY H 68 10.52 -30.12 -82.10
N LEU H 69 10.33 -31.44 -82.18
CA LEU H 69 11.26 -32.41 -81.58
C LEU H 69 12.27 -32.90 -82.60
N LEU H 70 13.41 -33.40 -82.11
CA LEU H 70 14.49 -33.90 -82.94
C LEU H 70 14.34 -35.40 -83.16
N LEU H 71 14.10 -35.81 -84.41
CA LEU H 71 14.21 -37.22 -84.79
C LEU H 71 15.67 -37.64 -84.87
N VAL H 72 16.10 -38.45 -83.90
CA VAL H 72 17.52 -38.72 -83.65
C VAL H 72 17.70 -40.23 -83.52
N THR H 73 18.53 -40.81 -84.39
CA THR H 73 18.57 -42.26 -84.63
C THR H 73 20.00 -42.72 -84.85
N PRO H 75 22.63 -45.63 -85.16
CA PRO H 75 22.11 -46.79 -85.88
C PRO H 75 22.01 -48.03 -84.99
N PHE H 76 20.89 -48.74 -85.07
CA PHE H 76 20.48 -49.67 -84.02
C PHE H 76 21.41 -50.89 -83.88
N LYS H 77 22.10 -51.25 -84.96
CA LYS H 77 23.22 -52.20 -84.90
C LYS H 77 24.40 -51.69 -84.06
N VAL H 78 24.74 -50.41 -84.24
CA VAL H 78 25.86 -49.78 -83.54
C VAL H 78 25.51 -49.52 -82.06
N ASN H 79 24.66 -48.52 -81.81
CA ASN H 79 24.42 -48.00 -80.46
C ASN H 79 23.47 -48.87 -79.63
N GLY H 80 22.47 -49.45 -80.29
CA GLY H 80 21.31 -50.00 -79.62
C GLY H 80 20.34 -48.96 -79.09
N VAL H 81 20.10 -47.92 -79.90
CA VAL H 81 18.97 -47.01 -79.72
C VAL H 81 18.24 -46.84 -81.04
N PRO H 82 16.89 -46.77 -81.01
CA PRO H 82 16.12 -46.84 -82.25
C PRO H 82 15.95 -45.47 -82.92
N LEU H 83 15.02 -45.38 -83.87
CA LEU H 83 14.29 -44.15 -84.15
C LEU H 83 13.58 -43.70 -82.88
N ARG H 84 13.88 -42.49 -82.41
CA ARG H 84 13.06 -41.85 -81.39
C ARG H 84 13.13 -40.33 -81.45
N ARG H 85 12.08 -39.69 -80.96
CA ARG H 85 12.03 -38.25 -80.80
C ARG H 85 12.67 -37.88 -79.46
N VAL H 86 13.77 -37.16 -79.52
CA VAL H 86 14.39 -36.58 -78.32
C VAL H 86 14.11 -35.08 -78.31
N ASN H 87 13.75 -34.56 -77.15
CA ASN H 87 13.61 -33.11 -76.94
C ASN H 87 14.95 -32.40 -77.08
N GLN H 88 14.91 -31.18 -77.61
CA GLN H 88 16.11 -30.42 -77.93
C GLN H 88 16.98 -30.10 -76.71
N ARG H 89 16.33 -29.88 -75.56
CA ARG H 89 17.02 -29.40 -74.36
C ARG H 89 17.65 -30.50 -73.50
N TYR H 90 17.36 -31.78 -73.80
CA TYR H 90 18.03 -32.91 -73.15
C TYR H 90 19.14 -33.51 -74.02
N VAL H 91 19.91 -32.64 -74.67
CA VAL H 91 20.79 -33.02 -75.78
C VAL H 91 21.89 -31.95 -75.93
N ILE H 92 23.15 -32.38 -75.84
CA ILE H 92 24.31 -31.55 -76.21
C ILE H 92 24.71 -31.86 -77.65
N ALA H 93 24.76 -30.81 -78.47
CA ALA H 93 25.29 -30.90 -79.83
C ALA H 93 26.83 -30.98 -79.82
N THR H 94 27.39 -31.50 -80.91
CA THR H 94 28.83 -31.74 -81.03
C THR H 94 29.33 -31.33 -82.42
N THR H 95 30.61 -30.98 -82.51
CA THR H 95 31.23 -30.53 -83.76
C THR H 95 31.41 -31.67 -84.78
N THR H 96 31.48 -32.91 -84.30
CA THR H 96 31.61 -34.09 -85.15
C THR H 96 30.36 -34.34 -86.00
N LYS H 97 30.56 -34.88 -87.20
CA LYS H 97 29.49 -35.01 -88.20
C LYS H 97 29.63 -36.27 -89.05
N VAL H 98 28.51 -36.67 -89.68
CA VAL H 98 28.47 -37.75 -90.66
C VAL H 98 27.57 -37.34 -91.84
N ASP H 99 27.93 -37.77 -93.05
CA ASP H 99 27.10 -37.53 -94.25
C ASP H 99 25.90 -38.48 -94.26
N GLY H 102 21.01 -40.49 -99.10
CA GLY H 102 20.73 -41.93 -99.08
C GLY H 102 19.52 -42.28 -98.23
N VAL H 103 19.32 -41.54 -97.14
CA VAL H 103 18.31 -41.87 -96.13
C VAL H 103 16.95 -41.26 -96.52
N ASP H 104 15.86 -41.93 -96.10
CA ASP H 104 14.50 -41.58 -96.52
C ASP H 104 14.01 -40.26 -95.92
N VAL H 105 14.02 -40.17 -94.60
CA VAL H 105 13.83 -38.90 -93.84
C VAL H 105 12.39 -38.35 -93.94
N SER H 106 12.03 -37.82 -95.11
CA SER H 106 10.86 -36.93 -95.25
C SER H 106 9.49 -37.61 -95.07
N SER H 107 9.43 -38.92 -95.29
CA SER H 107 8.18 -39.69 -95.07
C SER H 107 7.80 -39.80 -93.58
N ILE H 108 8.79 -39.85 -92.69
CA ILE H 108 8.56 -40.15 -91.27
C ILE H 108 8.03 -38.90 -90.56
N LYS H 109 7.01 -39.09 -89.72
CA LYS H 109 6.29 -37.98 -89.09
C LYS H 109 5.79 -38.35 -87.69
N ASP H 110 5.39 -37.32 -86.94
CA ASP H 110 5.07 -37.45 -85.50
C ASP H 110 3.86 -38.34 -85.17
N GLU H 111 2.98 -38.55 -86.16
CA GLU H 111 1.92 -39.58 -86.09
C GLU H 111 2.41 -41.00 -85.78
N GLN H 112 3.64 -41.33 -86.19
CA GLN H 112 4.26 -42.63 -85.91
C GLN H 112 4.47 -42.89 -84.42
N PHE H 113 5.11 -41.95 -83.74
CA PHE H 113 5.82 -42.23 -82.49
C PHE H 113 4.93 -42.23 -81.24
N GLY H 114 3.82 -41.49 -81.28
CA GLY H 114 2.92 -41.36 -80.12
C GLY H 114 2.04 -42.58 -79.85
N LEU H 147 8.90 -56.58 -80.56
CA LEU H 147 7.51 -56.61 -80.13
C LEU H 147 6.56 -55.97 -81.17
N PRO H 148 6.89 -54.76 -81.67
CA PRO H 148 6.17 -54.23 -82.87
C PRO H 148 6.71 -54.77 -84.19
N ALA H 149 5.86 -54.76 -85.22
CA ALA H 149 6.13 -55.41 -86.51
C ALA H 149 6.65 -54.41 -87.55
N GLN H 150 5.87 -53.37 -87.81
CA GLN H 150 6.16 -52.38 -88.87
C GLN H 150 7.35 -51.47 -88.52
N PHE H 151 7.48 -51.12 -87.24
CA PHE H 151 8.53 -50.23 -86.75
C PHE H 151 9.94 -50.80 -86.96
N LYS H 152 10.09 -52.10 -86.74
CA LYS H 152 11.37 -52.80 -86.96
C LYS H 152 11.78 -52.83 -88.44
N GLN H 153 10.80 -52.88 -89.34
CA GLN H 153 11.05 -52.85 -90.79
C GLN H 153 11.37 -51.45 -91.28
N LEU H 154 10.67 -50.44 -90.75
CA LEU H 154 10.98 -49.03 -91.01
C LEU H 154 12.37 -48.62 -90.51
N GLN H 155 12.78 -49.18 -89.37
CA GLN H 155 14.12 -48.96 -88.81
C GLN H 155 15.22 -49.35 -89.82
N ASP H 156 15.22 -50.62 -90.22
CA ASP H 156 16.31 -51.18 -91.04
C ASP H 156 16.28 -50.67 -92.48
N SER H 157 15.12 -50.18 -92.94
CA SER H 157 15.03 -49.38 -94.18
C SER H 157 15.77 -48.04 -94.08
N VAL H 158 15.61 -47.35 -92.96
CA VAL H 158 16.20 -46.02 -92.75
C VAL H 158 17.73 -46.07 -92.62
N ASP H 159 18.25 -47.08 -91.92
CA ASP H 159 19.70 -47.26 -91.73
C ASP H 159 20.33 -48.23 -92.74
N LYS H 160 19.91 -48.15 -94.00
CA LYS H 160 20.64 -48.74 -95.12
C LYS H 160 21.90 -47.93 -95.45
N ALA H 161 21.73 -46.62 -95.58
CA ALA H 161 22.80 -45.73 -96.03
C ALA H 161 23.91 -45.53 -94.99
N LEU H 162 23.50 -45.40 -93.72
CA LEU H 162 24.44 -45.09 -92.64
C LEU H 162 25.37 -46.26 -92.28
N LEU H 163 24.84 -47.48 -92.27
CA LEU H 163 25.65 -48.68 -91.98
C LEU H 163 26.74 -48.93 -93.02
N ALA H 164 26.46 -48.60 -94.28
CA ALA H 164 27.48 -48.61 -95.34
C ALA H 164 28.57 -47.57 -95.11
N SER H 165 28.17 -46.35 -94.74
CA SER H 165 29.10 -45.24 -94.50
C SER H 165 29.93 -45.43 -93.22
N LEU H 166 29.29 -45.93 -92.16
CA LEU H 166 29.97 -46.19 -90.87
C LEU H 166 30.64 -47.58 -90.78
N SER H 167 30.60 -48.35 -91.87
CA SER H 167 31.57 -49.43 -92.10
C SER H 167 33.00 -48.93 -92.37
N LYS H 168 33.15 -47.68 -92.81
CA LYS H 168 34.45 -47.12 -93.19
C LYS H 168 35.34 -46.87 -91.98
N ASP H 169 34.96 -45.90 -91.14
CA ASP H 169 35.83 -45.35 -90.10
C ASP H 169 35.58 -46.04 -88.77
N LYS H 170 36.63 -46.65 -88.21
CA LYS H 170 36.54 -47.44 -86.97
C LYS H 170 36.84 -46.61 -85.71
N LEU H 171 37.54 -45.48 -85.86
CA LEU H 171 37.54 -44.42 -84.84
C LEU H 171 36.15 -43.80 -84.65
N LEU H 172 35.39 -43.65 -85.74
CA LEU H 172 34.05 -43.04 -85.70
C LEU H 172 32.98 -44.01 -85.17
N THR H 173 33.11 -45.29 -85.51
CA THR H 173 32.16 -46.31 -85.05
C THR H 173 32.29 -46.60 -83.55
N GLN H 174 33.54 -46.61 -83.06
CA GLN H 174 33.80 -46.64 -81.61
C GLN H 174 33.28 -45.39 -80.89
N TYR H 175 33.47 -44.23 -81.51
CA TYR H 175 33.04 -42.95 -80.92
C TYR H 175 31.53 -42.90 -80.64
N LEU H 176 30.73 -43.45 -81.55
CA LEU H 176 29.29 -43.64 -81.32
C LEU H 176 29.02 -44.61 -80.17
N LYS H 177 29.71 -45.74 -80.18
CA LYS H 177 29.38 -46.88 -79.31
C LYS H 177 29.78 -46.67 -77.83
N THR H 178 30.81 -45.87 -77.58
CA THR H 178 31.12 -45.39 -76.22
C THR H 178 30.14 -44.31 -75.78
N ARG H 179 29.99 -44.16 -74.46
CA ARG H 179 29.10 -43.16 -73.88
C ARG H 179 29.82 -42.23 -72.92
N PHE H 180 29.30 -41.01 -72.80
CA PHE H 180 30.06 -39.84 -72.37
C PHE H 180 29.95 -39.66 -70.85
N THR H 181 31.08 -39.77 -70.16
CA THR H 181 31.16 -39.55 -68.71
C THR H 181 31.75 -38.18 -68.41
N LEU H 182 31.24 -37.54 -67.35
CA LEU H 182 31.97 -36.48 -66.64
C LEU H 182 33.08 -37.12 -65.81
N ARG H 183 34.31 -37.05 -66.33
CA ARG H 183 35.45 -37.78 -65.79
C ARG H 183 36.29 -36.82 -64.95
N GLY H 184 35.91 -36.69 -63.67
CA GLY H 184 36.80 -36.19 -62.62
C GLY H 184 37.23 -34.75 -62.77
N ASN H 185 38.35 -34.56 -63.48
CA ASN H 185 39.01 -33.27 -63.57
C ASN H 185 38.31 -32.27 -64.49
N MET H 186 37.60 -32.78 -65.50
CA MET H 186 37.00 -31.95 -66.55
C MET H 186 35.85 -31.07 -66.05
N ARG H 187 35.82 -29.82 -66.52
CA ARG H 187 34.86 -28.82 -66.07
C ARG H 187 33.96 -28.45 -67.26
N PRO H 188 32.68 -28.86 -67.23
CA PRO H 188 31.85 -28.78 -68.44
C PRO H 188 31.37 -27.37 -68.86
N HIS H 189 31.84 -26.32 -68.20
CA HIS H 189 31.78 -24.95 -68.76
C HIS H 189 33.00 -24.56 -69.60
N GLU H 190 34.19 -25.04 -69.22
CA GLU H 190 35.39 -24.96 -70.07
C GLU H 190 35.55 -26.26 -70.89
N MET H 191 34.59 -26.48 -71.78
CA MET H 191 34.43 -27.77 -72.46
C MET H 191 35.07 -27.73 -73.85
N LYS H 192 34.56 -26.85 -74.70
CA LYS H 192 34.85 -26.90 -76.15
C LYS H 192 34.37 -25.63 -76.86
N LYS I 8 -27.49 -1.27 -75.25
CA LYS I 8 -27.54 -2.60 -75.86
C LYS I 8 -28.96 -2.91 -76.34
N LEU I 9 -29.07 -3.57 -77.50
CA LEU I 9 -30.37 -3.97 -78.06
C LEU I 9 -30.90 -5.20 -77.32
N LEU I 10 -32.13 -5.09 -76.83
CA LEU I 10 -32.77 -6.18 -76.06
C LEU I 10 -33.55 -7.10 -76.99
N ARG I 11 -33.54 -8.40 -76.68
CA ARG I 11 -34.33 -9.39 -77.42
C ARG I 11 -35.82 -9.22 -77.10
N PRO I 12 -36.66 -8.97 -78.14
CA PRO I 12 -38.09 -8.82 -77.92
C PRO I 12 -38.86 -10.14 -77.72
N MET I 13 -38.21 -11.29 -77.99
CA MET I 13 -38.83 -12.62 -77.92
C MET I 13 -40.01 -12.78 -78.88
N GLU I 14 -39.71 -13.26 -80.09
CA GLU I 14 -40.71 -13.38 -81.16
C GLU I 14 -41.70 -14.55 -80.93
N GLY I 15 -41.31 -15.51 -80.10
CA GLY I 15 -42.24 -16.53 -79.59
C GLY I 15 -43.37 -15.99 -78.72
N VAL I 16 -43.06 -14.99 -77.89
CA VAL I 16 -43.95 -14.54 -76.80
C VAL I 16 -44.42 -13.10 -77.03
N VAL I 18 -47.03 -9.66 -76.30
CA VAL I 18 -45.85 -8.78 -76.23
C VAL I 18 -46.12 -7.72 -75.14
N PRO I 19 -45.07 -7.18 -74.49
CA PRO I 19 -45.31 -6.05 -73.57
C PRO I 19 -45.68 -4.74 -74.26
N GLU I 20 -46.17 -3.77 -73.48
CA GLU I 20 -46.40 -2.40 -73.95
C GLU I 20 -45.29 -1.45 -73.48
N ARG I 21 -44.95 -1.51 -72.20
CA ARG I 21 -43.86 -0.71 -71.61
C ARG I 21 -42.48 -0.96 -72.23
N THR I 22 -42.21 -2.21 -72.59
CA THR I 22 -40.91 -2.60 -73.19
C THR I 22 -40.70 -2.04 -74.61
N LYS I 23 -41.79 -1.75 -75.32
CA LYS I 23 -41.70 -1.19 -76.68
C LYS I 23 -41.24 0.27 -76.70
N THR I 24 -41.40 0.97 -75.58
CA THR I 24 -40.72 2.26 -75.35
C THR I 24 -39.20 2.08 -75.22
N LYS I 25 -38.78 1.09 -74.43
CA LYS I 25 -37.36 0.83 -74.16
C LYS I 25 -36.60 0.25 -75.37
N ILE I 26 -37.28 -0.49 -76.24
CA ILE I 26 -36.69 -0.95 -77.51
C ILE I 26 -36.57 0.21 -78.52
N ALA I 27 -37.54 1.13 -78.49
CA ALA I 27 -37.56 2.27 -79.43
C ALA I 27 -36.44 3.29 -79.17
N ARG I 28 -36.10 3.52 -77.90
CA ARG I 28 -34.97 4.41 -77.56
C ARG I 28 -33.60 3.81 -77.90
N ASP I 29 -33.48 2.48 -77.82
CA ASP I 29 -32.22 1.78 -78.16
C ASP I 29 -31.80 1.92 -79.63
N VAL I 30 -32.78 2.07 -80.53
CA VAL I 30 -32.50 2.38 -81.94
C VAL I 30 -31.97 3.83 -82.08
N LYS I 31 -32.56 4.75 -81.33
CA LYS I 31 -32.11 6.16 -81.31
C LYS I 31 -30.72 6.32 -80.68
N LEU I 32 -30.46 5.58 -79.61
CA LEU I 32 -29.16 5.63 -78.90
C LEU I 32 -28.03 5.02 -79.73
N LEU I 33 -28.26 3.82 -80.25
CA LEU I 33 -27.25 3.10 -81.05
C LEU I 33 -26.91 3.81 -82.36
N ASN I 34 -27.90 4.46 -82.96
CA ASN I 34 -27.69 5.23 -84.20
C ASN I 34 -26.89 6.53 -83.99
N LYS I 35 -27.15 7.22 -82.88
CA LYS I 35 -26.34 8.39 -82.50
C LYS I 35 -24.94 8.02 -82.00
N MET I 36 -24.81 6.85 -81.35
CA MET I 36 -23.50 6.30 -80.99
C MET I 36 -22.66 5.94 -82.22
N LYS I 37 -23.31 5.36 -83.24
CA LYS I 37 -22.61 4.85 -84.43
C LYS I 37 -22.00 5.95 -85.29
N GLN I 38 -22.75 7.03 -85.50
CA GLN I 38 -22.23 8.24 -86.17
C GLN I 38 -21.15 8.95 -85.35
N ALA I 39 -21.32 8.99 -84.03
CA ALA I 39 -20.38 9.67 -83.13
C ALA I 39 -19.08 8.87 -82.92
N LYS I 40 -19.17 7.54 -82.99
CA LYS I 40 -17.97 6.68 -83.05
C LYS I 40 -17.18 6.87 -84.36
N GLU I 41 -17.89 7.05 -85.46
CA GLU I 41 -17.28 7.26 -86.77
C GLU I 41 -16.71 8.68 -86.91
N ALA I 42 -17.53 9.68 -86.61
CA ALA I 42 -17.19 11.09 -86.87
C ALA I 42 -16.11 11.63 -85.91
N HIS I 43 -16.06 11.10 -84.70
CA HIS I 43 -14.93 11.35 -83.78
C HIS I 43 -13.64 10.66 -84.21
N ALA I 44 -13.76 9.43 -84.72
CA ALA I 44 -12.60 8.68 -85.24
C ALA I 44 -11.96 9.31 -86.48
N LYS I 45 -12.74 10.07 -87.25
CA LYS I 45 -12.23 10.86 -88.37
C LYS I 45 -11.42 12.08 -87.91
N LYS I 46 -11.83 12.71 -86.80
CA LYS I 46 -11.11 13.83 -86.20
C LYS I 46 -9.75 13.42 -85.62
N VAL I 47 -9.71 12.27 -84.92
CA VAL I 47 -8.48 11.78 -84.28
C VAL I 47 -7.49 11.25 -85.32
N HIS I 48 -8.02 10.59 -86.36
CA HIS I 48 -7.26 10.24 -87.57
C HIS I 48 -6.60 11.46 -88.23
N ALA I 49 -7.34 12.56 -88.34
CA ALA I 49 -6.82 13.83 -88.87
C ALA I 49 -5.81 14.49 -87.92
N GLN I 50 -6.01 14.35 -86.61
CA GLN I 50 -5.15 14.97 -85.60
C GLN I 50 -3.77 14.32 -85.49
N ARG I 51 -3.74 12.98 -85.48
CA ARG I 51 -2.47 12.24 -85.35
C ARG I 51 -1.59 12.29 -86.60
N HIS I 52 -2.18 12.58 -87.76
CA HIS I 52 -1.43 13.02 -88.94
C HIS I 52 -0.69 14.34 -88.69
N ALA I 53 -1.39 15.32 -88.12
CA ALA I 53 -0.80 16.61 -87.76
C ALA I 53 0.20 16.52 -86.60
N LEU I 54 0.06 15.52 -85.74
CA LEU I 54 1.09 15.15 -84.77
C LEU I 54 2.32 14.53 -85.44
N LYS I 55 2.09 13.58 -86.34
CA LYS I 55 3.16 12.79 -86.99
C LYS I 55 4.16 13.68 -87.74
N MET I 56 3.64 14.65 -88.49
CA MET I 56 4.46 15.59 -89.24
C MET I 56 5.16 16.61 -88.33
N ARG I 57 4.47 17.00 -87.26
CA ARG I 57 5.04 17.88 -86.22
C ARG I 57 6.19 17.22 -85.43
N THR I 58 6.13 15.88 -85.30
CA THR I 58 7.19 15.12 -84.62
C THR I 58 8.54 15.17 -85.35
N TYR I 59 8.51 15.12 -86.68
CA TYR I 59 9.75 15.08 -87.48
C TYR I 59 10.55 16.38 -87.37
N LYS I 60 9.86 17.52 -87.44
CA LYS I 60 10.52 18.83 -87.35
C LYS I 60 11.08 19.17 -85.95
N TYR I 61 10.60 18.49 -84.91
CA TYR I 61 11.30 18.46 -83.62
C TYR I 61 12.64 17.70 -83.70
N VAL I 62 12.62 16.52 -84.34
CA VAL I 62 13.82 15.69 -84.48
C VAL I 62 14.90 16.38 -85.34
N SER I 63 14.47 17.21 -86.29
CA SER I 63 15.34 18.20 -86.90
C SER I 63 15.88 19.20 -85.88
N GLU I 64 14.97 19.88 -85.18
CA GLU I 64 15.34 20.97 -84.23
C GLU I 64 16.26 20.53 -83.08
N TYR I 65 16.13 19.29 -82.63
CA TYR I 65 17.03 18.74 -81.61
C TYR I 65 18.44 18.52 -82.16
N ARG I 66 18.52 17.90 -83.33
CA ARG I 66 19.80 17.71 -84.04
C ARG I 66 20.43 19.03 -84.50
N LYS I 67 19.60 19.92 -85.05
CA LYS I 67 20.07 21.14 -85.71
C LYS I 67 20.62 22.17 -84.72
N GLU I 68 19.94 22.32 -83.58
CA GLU I 68 20.43 23.20 -82.50
C GLU I 68 21.67 22.64 -81.79
N ARG I 69 21.82 21.32 -81.75
CA ARG I 69 23.07 20.68 -81.28
C ARG I 69 24.24 20.99 -82.21
N GLU I 70 24.01 20.86 -83.52
CA GLU I 70 25.01 21.24 -84.54
C GLU I 70 25.30 22.74 -84.57
N ASN I 71 24.24 23.54 -84.43
CA ASN I 71 24.37 25.02 -84.39
C ASN I 71 25.06 25.54 -83.13
N LEU I 72 24.95 24.80 -82.02
CA LEU I 72 25.72 25.10 -80.80
C LEU I 72 27.23 24.95 -80.99
N ILE I 73 27.63 23.95 -81.81
CA ILE I 73 29.05 23.68 -82.07
C ILE I 73 29.65 24.78 -82.97
N LYS I 74 28.95 25.11 -84.05
CA LYS I 74 29.40 26.13 -85.01
C LYS I 74 29.59 27.52 -84.41
N LEU I 75 28.80 27.84 -83.38
CA LEU I 75 28.99 29.09 -82.62
C LEU I 75 30.33 29.11 -81.89
N LYS I 76 30.55 28.11 -81.04
CA LYS I 76 31.74 28.06 -80.19
C LYS I 76 33.02 27.57 -80.90
N ARG I 77 32.91 27.13 -82.16
CA ARG I 77 34.06 27.06 -83.08
C ARG I 77 34.41 28.43 -83.66
N GLU I 78 33.39 29.16 -84.12
CA GLU I 78 33.57 30.47 -84.74
C GLU I 78 34.18 31.48 -83.77
N ALA I 79 33.64 31.52 -82.55
CA ALA I 79 34.15 32.40 -81.48
C ALA I 79 35.56 32.02 -81.01
N LYS I 80 35.88 30.73 -81.06
CA LYS I 80 37.23 30.24 -80.77
C LYS I 80 38.26 30.66 -81.83
N ALA I 81 37.83 30.73 -83.08
CA ALA I 81 38.68 31.25 -84.18
C ALA I 81 39.01 32.74 -84.06
N LYS I 82 38.15 33.50 -83.37
CA LYS I 82 38.40 34.94 -83.13
C LYS I 82 39.58 35.16 -82.18
N GLY I 83 39.49 34.55 -81.00
CA GLY I 83 40.26 35.00 -79.83
C GLY I 83 39.52 34.78 -78.52
N GLY I 84 38.22 35.09 -78.53
CA GLY I 84 37.36 34.94 -77.34
C GLY I 84 36.82 33.54 -77.11
N PHE I 85 35.88 33.45 -76.17
CA PHE I 85 35.23 32.20 -75.80
C PHE I 85 33.71 32.39 -75.83
N TYR I 86 33.00 31.37 -76.31
CA TYR I 86 31.53 31.36 -76.27
C TYR I 86 31.04 30.91 -74.90
N LYS I 87 30.54 31.86 -74.11
CA LYS I 87 29.74 31.56 -72.93
C LYS I 87 28.42 30.92 -73.36
N GLU I 88 28.21 29.66 -72.98
CA GLU I 88 27.01 28.91 -73.37
C GLU I 88 25.77 29.43 -72.65
N PRO I 89 24.56 29.15 -73.20
CA PRO I 89 23.34 29.48 -72.46
C PRO I 89 23.16 28.61 -71.21
N GLU I 90 22.82 29.23 -70.09
CA GLU I 90 22.59 28.51 -68.84
C GLU I 90 21.29 27.71 -68.90
N ALA I 91 21.27 26.56 -68.23
CA ALA I 91 20.23 25.55 -68.45
C ALA I 91 18.94 25.96 -67.74
N LYS I 92 17.82 25.86 -68.47
CA LYS I 92 16.54 26.41 -68.03
C LYS I 92 15.76 25.45 -67.13
N VAL I 93 15.93 24.14 -67.36
CA VAL I 93 15.34 23.09 -66.53
C VAL I 93 16.42 22.33 -65.78
N ILE I 94 16.11 21.93 -64.55
CA ILE I 94 16.89 20.90 -63.83
C ILE I 94 15.99 19.74 -63.40
N LEU I 95 16.64 18.67 -62.95
CA LEU I 95 15.99 17.42 -62.57
C LEU I 95 16.46 17.05 -61.16
N ALA I 96 15.67 17.39 -60.15
CA ALA I 96 15.95 17.03 -58.77
C ALA I 96 15.68 15.55 -58.52
N THR I 97 16.44 14.95 -57.63
CA THR I 97 16.10 13.66 -57.04
C THR I 97 16.36 13.70 -55.54
N ARG I 98 15.48 13.07 -54.76
CA ARG I 98 15.60 13.03 -53.29
C ARG I 98 16.40 11.82 -52.83
N ILE I 99 17.25 12.05 -51.82
CA ILE I 99 18.35 11.15 -51.49
C ILE I 99 18.26 10.67 -50.04
N LYS I 100 18.01 11.58 -49.10
CA LYS I 100 17.72 11.23 -47.70
C LYS I 100 16.22 11.29 -47.39
N GLY I 101 15.79 10.41 -46.48
CA GLY I 101 14.38 10.05 -46.33
C GLY I 101 13.59 11.03 -45.47
N ILE I 102 12.59 10.51 -44.76
CA ILE I 102 11.58 11.37 -44.11
C ILE I 102 12.05 11.88 -42.74
N ASN I 103 12.64 10.98 -41.95
CA ASN I 103 12.81 11.21 -40.51
C ASN I 103 13.89 12.25 -40.25
N LYS I 104 13.75 12.98 -39.15
CA LYS I 104 14.72 14.00 -38.71
C LYS I 104 14.95 15.08 -39.78
N LEU I 105 13.94 15.93 -39.96
CA LEU I 105 13.98 17.04 -40.91
C LEU I 105 13.51 18.33 -40.24
N ALA I 106 14.30 19.39 -40.36
CA ALA I 106 13.91 20.73 -39.91
C ALA I 106 12.70 21.23 -40.71
N PRO I 107 11.86 22.07 -40.09
CA PRO I 107 10.54 22.31 -40.65
C PRO I 107 10.52 23.22 -41.89
N LYS I 108 11.62 23.93 -42.16
CA LYS I 108 11.76 24.69 -43.41
C LYS I 108 12.16 23.81 -44.62
N PRO I 109 13.25 23.02 -44.51
CA PRO I 109 13.53 21.95 -45.49
C PRO I 109 12.39 20.96 -45.77
N LYS I 110 11.59 20.63 -44.76
CA LYS I 110 10.41 19.77 -44.92
C LYS I 110 9.36 20.40 -45.84
N MET I 111 9.16 21.71 -45.68
CA MET I 111 8.23 22.47 -46.52
C MET I 111 8.67 22.50 -47.99
N ILE I 112 9.94 22.83 -48.23
CA ILE I 112 10.43 23.05 -49.60
C ILE I 112 10.27 21.78 -50.42
N LEU I 113 10.64 20.64 -49.84
CA LEU I 113 10.50 19.36 -50.51
C LEU I 113 9.06 18.98 -50.87
N ARG I 114 8.09 19.43 -50.07
CA ARG I 114 6.67 19.31 -50.45
C ARG I 114 6.29 20.24 -51.61
N LEU I 115 6.87 21.44 -51.64
CA LEU I 115 6.66 22.37 -52.77
C LEU I 115 7.29 21.91 -54.10
N PHE I 116 8.34 21.10 -54.05
CA PHE I 116 8.87 20.43 -55.24
C PHE I 116 8.22 19.08 -55.57
N ARG I 117 7.23 18.66 -54.77
CA ARG I 117 6.57 17.35 -54.91
C ARG I 117 7.53 16.15 -54.72
N LEU I 118 8.54 16.35 -53.88
CA LEU I 118 9.53 15.33 -53.54
C LEU I 118 9.19 14.78 -52.16
N ARG I 119 8.21 13.87 -52.13
CA ARG I 119 7.61 13.43 -50.88
C ARG I 119 8.19 12.13 -50.32
N GLN I 120 9.01 11.42 -51.10
CA GLN I 120 9.72 10.23 -50.60
C GLN I 120 11.04 9.98 -51.33
N LEU I 121 11.79 8.98 -50.87
CA LEU I 121 13.09 8.63 -51.46
C LEU I 121 12.99 8.24 -52.93
N HIS I 122 14.06 8.56 -53.67
CA HIS I 122 14.21 8.18 -55.07
C HIS I 122 13.03 8.66 -55.90
N ASN I 123 12.71 9.94 -55.73
CA ASN I 123 11.67 10.61 -56.52
C ASN I 123 12.30 11.69 -57.36
N ALA I 124 12.02 11.66 -58.66
CA ALA I 124 12.45 12.71 -59.57
C ALA I 124 11.34 13.76 -59.69
N VAL I 125 11.72 14.95 -60.14
CA VAL I 125 10.77 15.96 -60.60
C VAL I 125 11.50 16.97 -61.49
N PHE I 126 10.87 17.35 -62.61
CA PHE I 126 11.37 18.47 -63.39
C PHE I 126 10.96 19.77 -62.72
N ILE I 127 11.93 20.68 -62.57
CA ILE I 127 11.74 21.93 -61.83
C ILE I 127 12.47 23.08 -62.51
N LYS I 128 11.81 24.22 -62.58
CA LYS I 128 12.21 25.34 -63.42
C LYS I 128 13.30 26.15 -62.72
N VAL I 129 14.08 26.89 -63.51
CA VAL I 129 15.15 27.75 -62.99
C VAL I 129 14.75 29.23 -63.05
N ASN I 130 14.40 29.80 -61.89
CA ASN I 130 14.44 31.25 -61.65
C ASN I 130 15.55 31.57 -60.65
N LYS I 131 15.65 32.84 -60.27
CA LYS I 131 16.34 33.24 -59.04
C LYS I 131 15.65 32.72 -57.77
N ALA I 132 14.31 32.69 -57.80
CA ALA I 132 13.52 32.18 -56.69
C ALA I 132 13.77 30.69 -56.43
N THR I 133 13.71 29.89 -57.48
CA THR I 133 13.78 28.43 -57.36
C THR I 133 15.21 27.93 -57.08
N ILE I 134 16.22 28.73 -57.43
CA ILE I 134 17.60 28.49 -56.96
C ILE I 134 17.73 28.67 -55.43
N GLU I 135 17.19 29.77 -54.91
CA GLU I 135 17.37 30.12 -53.49
C GLU I 135 16.52 29.25 -52.55
N MET I 136 15.50 28.57 -53.08
CA MET I 136 14.89 27.42 -52.40
C MET I 136 15.87 26.26 -52.28
N LEU I 137 16.51 25.89 -53.39
CA LEU I 137 17.39 24.71 -53.43
C LEU I 137 18.67 24.80 -52.58
N LYS I 138 19.11 26.02 -52.29
CA LYS I 138 20.16 26.23 -51.28
C LYS I 138 19.79 25.63 -49.91
N ALA I 139 18.55 25.84 -49.49
CA ALA I 139 18.07 25.36 -48.18
C ALA I 139 17.95 23.84 -48.07
N VAL I 140 17.74 23.16 -49.19
CA VAL I 140 17.45 21.72 -49.20
C VAL I 140 18.68 20.87 -49.52
N GLN I 141 19.75 21.50 -50.03
CA GLN I 141 20.80 20.80 -50.78
C GLN I 141 21.17 19.39 -50.28
N PRO I 142 21.54 19.25 -48.99
CA PRO I 142 21.94 17.93 -48.48
C PRO I 142 20.84 16.86 -48.30
N PHE I 143 19.64 17.09 -48.83
CA PHE I 143 18.64 16.02 -48.98
C PHE I 143 18.31 15.71 -50.46
N ILE I 144 19.19 16.13 -51.37
CA ILE I 144 18.82 16.31 -52.78
C ILE I 144 20.06 16.15 -53.67
N THR I 145 19.88 15.49 -54.81
CA THR I 145 20.87 15.47 -55.87
C THR I 145 20.17 15.92 -57.15
N TYR I 146 20.54 17.11 -57.64
CA TYR I 146 19.89 17.70 -58.82
C TYR I 146 20.89 17.98 -59.94
N GLY I 147 20.38 18.43 -61.09
CA GLY I 147 21.22 18.79 -62.22
C GLY I 147 20.48 18.81 -63.54
N TYR I 148 21.22 18.96 -64.63
CA TYR I 148 20.66 19.34 -65.94
C TYR I 148 20.40 18.08 -66.77
N PRO I 149 19.16 17.89 -67.23
CA PRO I 149 18.84 16.69 -67.99
C PRO I 149 19.30 16.78 -69.45
N THR I 150 19.13 15.67 -70.17
CA THR I 150 19.29 15.65 -71.63
C THR I 150 18.08 14.96 -72.27
N LEU I 151 17.98 15.09 -73.59
CA LEU I 151 16.85 14.57 -74.34
C LEU I 151 16.69 13.06 -74.27
N LYS I 152 17.79 12.33 -74.03
CA LYS I 152 17.72 10.89 -73.78
C LYS I 152 17.00 10.57 -72.47
N THR I 153 17.44 11.23 -71.39
CA THR I 153 16.94 10.91 -70.05
C THR I 153 15.49 11.39 -69.82
N ILE I 154 15.09 12.45 -70.52
CA ILE I 154 13.71 12.94 -70.47
C ILE I 154 12.77 11.99 -71.22
N ARG I 155 13.17 11.58 -72.42
CA ARG I 155 12.43 10.56 -73.17
C ARG I 155 12.29 9.26 -72.39
N GLN I 156 13.37 8.82 -71.73
CA GLN I 156 13.36 7.57 -70.99
C GLN I 156 12.45 7.64 -69.75
N LEU I 157 12.42 8.79 -69.09
CA LEU I 157 11.54 9.00 -67.91
C LEU I 157 10.05 8.95 -68.27
N ILE I 158 9.65 9.71 -69.29
CA ILE I 158 8.23 9.87 -69.64
C ILE I 158 7.66 8.64 -70.35
N TYR I 159 8.49 7.90 -71.09
CA TYR I 159 8.06 6.65 -71.70
C TYR I 159 7.98 5.51 -70.66
N LYS I 160 9.05 5.32 -69.89
CA LYS I 160 9.18 4.16 -68.99
C LYS I 160 8.45 4.35 -67.65
N ARG I 161 8.61 5.54 -67.06
CA ARG I 161 8.11 5.85 -65.71
C ARG I 161 7.04 6.96 -65.70
N GLY I 162 6.45 7.26 -66.85
CA GLY I 162 5.56 8.42 -66.99
C GLY I 162 4.15 8.12 -66.54
N TYR I 163 3.75 8.75 -65.44
CA TYR I 163 2.35 8.77 -65.00
C TYR I 163 1.82 10.20 -64.98
N ALA I 164 0.50 10.32 -64.95
CA ALA I 164 -0.21 11.57 -65.24
C ALA I 164 -1.38 11.72 -64.29
N LYS I 165 -1.56 12.92 -63.72
CA LYS I 165 -2.56 13.13 -62.67
C LYS I 165 -3.84 13.75 -63.22
N VAL I 166 -4.98 13.20 -62.80
CA VAL I 166 -6.24 13.24 -63.54
C VAL I 166 -7.41 13.33 -62.56
N GLY I 167 -7.98 14.54 -62.43
CA GLY I 167 -9.19 14.75 -61.63
C GLY I 167 -9.29 16.15 -61.05
N LYS I 168 -10.33 16.37 -60.25
CA LYS I 168 -10.57 17.67 -59.60
C LYS I 168 -9.60 17.90 -58.44
N PRO I 169 -9.54 19.14 -57.91
CA PRO I 169 -8.88 19.38 -56.63
C PRO I 169 -9.54 18.61 -55.48
N GLY I 170 -8.73 17.87 -54.73
CA GLY I 170 -9.21 16.85 -53.80
C GLY I 170 -8.57 15.52 -54.12
N ALA I 171 -9.09 14.85 -55.14
CA ALA I 171 -8.55 13.58 -55.64
C ALA I 171 -8.13 13.71 -57.09
N HIS I 172 -6.85 13.46 -57.35
CA HIS I 172 -6.37 13.05 -58.67
C HIS I 172 -5.83 11.63 -58.58
N SER I 173 -5.90 10.91 -59.69
CA SER I 173 -5.87 9.45 -59.68
C SER I 173 -4.50 8.83 -59.97
N ARG I 174 -3.60 9.54 -60.67
CA ARG I 174 -2.32 8.96 -61.15
C ARG I 174 -2.52 7.81 -62.15
N ILE I 175 -2.55 8.15 -63.44
CA ILE I 175 -2.81 7.21 -64.53
C ILE I 175 -1.57 7.03 -65.40
N ARG I 176 -1.34 5.80 -65.84
CA ARG I 176 -0.23 5.45 -66.72
C ARG I 176 -0.43 6.02 -68.14
N LEU I 177 0.60 6.66 -68.68
CA LEU I 177 0.58 7.16 -70.07
C LEU I 177 0.72 6.03 -71.09
N GLN I 178 -0.43 5.44 -71.46
CA GLN I 178 -0.50 4.42 -72.50
C GLN I 178 -0.91 4.96 -73.87
N ALA I 179 -1.68 6.04 -73.90
CA ALA I 179 -2.13 6.66 -75.15
C ALA I 179 -2.14 8.19 -75.05
N ASN I 180 -2.20 8.84 -76.21
CA ASN I 180 -2.16 10.31 -76.30
C ASN I 180 -3.48 11.01 -75.93
N ASP I 181 -4.59 10.27 -75.94
CA ASP I 181 -5.92 10.84 -75.64
C ASP I 181 -6.09 11.33 -74.20
N ILE I 182 -5.33 10.76 -73.26
CA ILE I 182 -5.23 11.30 -71.90
C ILE I 182 -4.54 12.67 -71.91
N VAL I 183 -3.38 12.73 -72.58
CA VAL I 183 -2.63 13.99 -72.74
C VAL I 183 -3.45 15.03 -73.52
N SER I 184 -4.17 14.57 -74.53
CA SER I 184 -4.88 15.45 -75.47
C SER I 184 -5.98 16.24 -74.77
N GLN I 185 -6.84 15.55 -74.03
CA GLN I 185 -7.98 16.21 -73.37
C GLN I 185 -7.59 17.20 -72.26
N HIS I 186 -6.52 16.89 -71.53
CA HIS I 186 -6.08 17.72 -70.40
C HIS I 186 -5.21 18.91 -70.80
N LEU I 187 -4.35 18.73 -71.81
CA LEU I 187 -3.43 19.79 -72.26
C LEU I 187 -3.70 20.29 -73.70
N GLY I 188 -4.82 19.89 -74.29
CA GLY I 188 -5.20 20.33 -75.65
C GLY I 188 -5.55 21.80 -75.81
N LYS I 189 -5.74 22.50 -74.69
CA LYS I 189 -5.70 23.98 -74.67
C LYS I 189 -4.43 24.55 -75.26
N TYR I 190 -3.28 23.97 -74.88
CA TYR I 190 -1.99 24.66 -74.92
C TYR I 190 -1.11 24.23 -76.11
N GLY I 191 -1.73 23.65 -77.14
CA GLY I 191 -1.05 22.71 -78.03
C GLY I 191 -1.06 21.32 -77.45
N ILE I 192 0.08 20.64 -77.49
CA ILE I 192 0.41 19.51 -76.60
C ILE I 192 -0.63 18.38 -76.68
N HIS I 193 -0.78 17.82 -77.89
CA HIS I 193 -1.75 16.74 -78.14
C HIS I 193 -1.14 15.36 -77.90
N GLY I 194 0.14 15.18 -78.26
CA GLY I 194 0.84 13.92 -78.08
C GLY I 194 1.74 13.87 -76.87
N VAL I 195 2.28 12.68 -76.60
CA VAL I 195 3.33 12.47 -75.58
C VAL I 195 4.66 13.11 -76.01
N GLU I 196 4.95 13.12 -77.31
CA GLU I 196 6.19 13.72 -77.82
C GLU I 196 6.23 15.25 -77.70
N ASP I 197 5.07 15.89 -77.61
CA ASP I 197 4.98 17.35 -77.43
C ASP I 197 5.19 17.82 -75.98
N LEU I 198 5.00 16.93 -75.01
CA LEU I 198 5.55 17.10 -73.64
C LEU I 198 7.08 17.21 -73.65
N VAL I 199 7.71 16.28 -74.37
CA VAL I 199 9.17 16.15 -74.36
C VAL I 199 9.84 17.39 -74.94
N HIS I 200 9.21 17.99 -75.96
CA HIS I 200 9.61 19.31 -76.43
C HIS I 200 9.45 20.39 -75.37
N GLU I 201 8.26 20.45 -74.76
CA GLU I 201 7.93 21.51 -73.80
C GLU I 201 8.76 21.48 -72.51
N ILE I 202 9.24 20.30 -72.12
CA ILE I 202 10.15 20.16 -70.97
C ILE I 202 11.60 20.46 -71.38
N TYR I 203 12.05 19.91 -72.50
CA TYR I 203 13.45 20.05 -72.93
C TYR I 203 13.79 21.49 -73.35
N THR I 204 12.92 22.09 -74.15
CA THR I 204 13.06 23.50 -74.53
C THR I 204 12.75 24.46 -73.38
N CYS I 205 11.86 24.04 -72.47
CA CYS I 205 11.16 24.94 -71.55
C CYS I 205 10.33 25.97 -72.30
N GLY I 206 9.12 25.55 -72.70
CA GLY I 206 8.20 26.40 -73.44
C GLY I 206 7.52 27.45 -72.56
N PRO I 207 6.54 28.17 -73.13
CA PRO I 207 5.68 29.04 -72.32
C PRO I 207 4.75 28.27 -71.38
N TYR I 208 4.33 27.07 -71.80
CA TYR I 208 3.47 26.19 -71.00
C TYR I 208 4.27 25.03 -70.41
N PHE I 209 5.31 25.35 -69.64
CA PHE I 209 6.04 24.38 -68.84
C PHE I 209 5.30 24.04 -67.55
N LYS I 210 4.88 25.09 -66.84
CA LYS I 210 4.15 24.95 -65.56
C LYS I 210 2.92 24.06 -65.68
N GLN I 211 2.23 24.14 -66.81
CA GLN I 211 1.02 23.34 -67.05
C GLN I 211 1.41 21.88 -67.32
N ALA I 212 2.42 21.68 -68.17
CA ALA I 212 2.85 20.36 -68.60
C ALA I 212 3.62 19.57 -67.53
N ASN I 213 4.38 20.27 -66.70
CA ASN I 213 5.08 19.66 -65.57
C ASN I 213 4.11 19.18 -64.48
N ASN I 214 3.17 20.04 -64.10
CA ASN I 214 2.19 19.71 -63.04
C ASN I 214 1.12 18.70 -63.48
N PHE I 215 1.00 18.47 -64.79
CA PHE I 215 0.30 17.31 -65.34
C PHE I 215 0.95 15.98 -64.94
N LEU I 216 2.29 15.92 -65.05
CA LEU I 216 3.04 14.71 -64.70
C LEU I 216 3.11 14.49 -63.19
N TRP I 217 2.53 13.38 -62.71
CA TRP I 217 2.77 12.89 -61.35
C TRP I 217 4.26 12.58 -61.16
N PRO I 218 4.86 13.04 -60.05
CA PRO I 218 6.33 12.95 -59.91
C PRO I 218 6.88 11.53 -59.99
N PHE I 219 8.06 11.40 -60.58
CA PHE I 219 8.53 10.11 -61.08
C PHE I 219 9.02 9.27 -59.93
N LYS I 220 8.78 7.96 -60.01
CA LYS I 220 9.05 7.03 -58.93
C LYS I 220 10.15 6.07 -59.38
N LEU I 221 11.40 6.45 -59.11
CA LEU I 221 12.57 5.72 -59.62
C LEU I 221 12.99 4.67 -58.61
N ASN I 222 13.45 3.52 -59.09
CA ASN I 222 14.04 2.51 -58.21
C ASN I 222 15.49 2.86 -57.86
N SER I 223 16.07 2.10 -56.94
CA SER I 223 17.40 2.39 -56.41
C SER I 223 18.47 2.11 -57.46
N PRO I 224 19.52 2.94 -57.51
CA PRO I 224 20.47 2.90 -58.64
C PRO I 224 21.29 1.62 -58.68
N ARG I 225 21.45 1.03 -59.87
CA ARG I 225 21.94 -0.34 -60.04
C ARG I 225 23.30 -0.57 -59.39
N LYS I 226 24.33 0.14 -59.82
CA LYS I 226 25.50 0.35 -58.96
C LYS I 226 25.11 1.47 -58.01
N GLY I 227 25.51 1.33 -56.74
CA GLY I 227 24.94 2.15 -55.66
C GLY I 227 25.40 3.60 -55.66
N PHE I 228 25.03 4.31 -54.61
CA PHE I 228 25.62 5.61 -54.30
C PHE I 228 27.02 5.43 -53.75
N THR I 229 27.74 6.53 -53.57
CA THR I 229 29.03 6.52 -52.88
C THR I 229 28.87 6.68 -51.36
N SER I 230 28.36 7.83 -50.93
CA SER I 230 28.25 8.17 -49.50
C SER I 230 27.38 9.42 -49.29
N LYS I 231 26.14 9.21 -48.86
CA LYS I 231 25.11 10.27 -48.92
C LYS I 231 25.28 11.36 -47.86
N ARG I 232 26.17 11.15 -46.91
CA ARG I 232 26.72 12.22 -46.07
C ARG I 232 27.28 13.41 -46.84
N HIS I 233 28.17 13.14 -47.80
CA HIS I 233 29.07 14.17 -48.35
C HIS I 233 28.56 14.66 -49.70
N GLY I 234 29.02 15.86 -50.09
CA GLY I 234 28.63 16.46 -51.37
C GLY I 234 29.17 15.69 -52.56
N TYR I 235 28.65 15.99 -53.75
CA TYR I 235 29.21 15.45 -55.00
C TYR I 235 30.57 16.08 -55.30
N ASN I 236 30.69 17.37 -55.00
CA ASN I 236 32.00 17.99 -54.76
C ASN I 236 32.60 17.46 -53.45
N GLU I 237 33.77 17.93 -53.05
CA GLU I 237 34.67 17.19 -52.15
C GLU I 237 35.33 15.99 -52.83
N PRO I 238 36.61 15.73 -52.50
CA PRO I 238 37.32 14.53 -52.96
C PRO I 238 37.11 13.24 -52.12
N ARG I 239 35.98 13.12 -51.42
CA ARG I 239 35.44 11.81 -51.01
C ARG I 239 34.36 11.24 -51.93
N LYS I 240 34.00 12.00 -52.97
CA LYS I 240 33.18 11.51 -54.08
C LYS I 240 31.73 11.23 -53.69
N GLY I 241 31.16 12.03 -52.77
CA GLY I 241 29.81 11.80 -52.26
C GLY I 241 28.71 12.13 -53.26
N ASP I 242 27.56 12.59 -52.77
CA ASP I 242 26.30 12.46 -53.53
C ASP I 242 25.45 13.73 -53.65
N TRP I 243 25.12 14.32 -52.51
CA TRP I 243 24.25 15.48 -52.45
C TRP I 243 24.87 16.71 -53.09
N GLY I 244 24.01 17.62 -53.50
CA GLY I 244 24.46 18.84 -54.16
C GLY I 244 24.11 18.70 -55.61
N ASN I 245 24.53 19.65 -56.43
CA ASN I 245 24.22 19.59 -57.84
C ASN I 245 25.36 19.21 -58.75
N ARG I 246 25.07 18.27 -59.63
CA ARG I 246 26.00 17.80 -60.62
C ARG I 246 25.46 18.50 -61.86
N GLU I 247 26.31 19.23 -62.57
CA GLU I 247 25.87 19.99 -63.73
C GLU I 247 25.28 19.15 -64.84
N GLU I 248 25.91 18.03 -65.13
CA GLU I 248 25.47 17.12 -66.19
C GLU I 248 25.37 15.67 -65.74
N MET I 249 26.11 15.31 -64.70
CA MET I 249 26.45 13.91 -64.42
C MET I 249 25.31 13.17 -63.71
N ILE I 250 24.28 13.90 -63.29
CA ILE I 250 22.99 13.31 -62.92
C ILE I 250 22.35 12.46 -64.02
N ASN I 251 22.67 12.77 -65.27
CA ASN I 251 22.25 11.94 -66.40
C ASN I 251 22.77 10.49 -66.33
N GLU I 252 24.02 10.33 -65.91
CA GLU I 252 24.61 9.00 -65.70
C GLU I 252 24.02 8.25 -64.51
N LEU I 253 23.65 8.98 -63.45
CA LEU I 253 22.93 8.42 -62.30
C LEU I 253 21.54 7.93 -62.71
N VAL I 254 20.71 8.83 -63.23
CA VAL I 254 19.28 8.57 -63.43
C VAL I 254 19.03 7.48 -64.49
N GLN I 255 19.96 7.31 -65.43
CA GLN I 255 19.89 6.20 -66.39
C GLN I 255 20.07 4.81 -65.76
N ARG I 256 20.70 4.74 -64.58
CA ARG I 256 20.73 3.52 -63.76
C ARG I 256 19.49 3.37 -62.86
N MET I 257 18.97 4.48 -62.36
CA MET I 257 17.73 4.48 -61.55
C MET I 257 16.46 4.18 -62.36
N ILE I 258 16.56 4.20 -63.69
CA ILE I 258 15.62 3.47 -64.54
C ILE I 258 16.15 2.06 -64.79
N LYS J 36 -49.40 -4.61 114.67
CA LYS J 36 -50.58 -4.27 113.80
C LYS J 36 -50.29 -3.02 112.94
N SER J 37 -50.25 -1.84 113.56
CA SER J 37 -49.62 -0.65 112.97
C SER J 37 -48.10 -0.75 112.81
N PRO J 38 -47.37 -1.22 113.85
CA PRO J 38 -45.91 -1.42 113.68
C PRO J 38 -45.47 -2.52 112.70
N ILE J 39 -46.40 -3.31 112.18
CA ILE J 39 -46.16 -4.14 110.99
C ILE J 39 -45.90 -3.25 109.77
N PHE J 40 -46.76 -2.25 109.55
CA PHE J 40 -46.70 -1.43 108.34
C PHE J 40 -45.69 -0.30 108.49
N ALA J 41 -44.60 -0.38 107.72
CA ALA J 41 -43.63 0.70 107.62
C ALA J 41 -44.17 1.86 106.77
N LYS J 42 -43.66 3.06 107.02
CA LYS J 42 -43.64 4.14 106.03
C LYS J 42 -42.27 4.16 105.34
N THR J 43 -42.28 4.35 104.02
CA THR J 43 -41.04 4.37 103.23
C THR J 43 -41.22 5.21 101.95
N PRO J 44 -41.19 6.55 102.08
CA PRO J 44 -41.45 7.43 100.93
C PRO J 44 -40.26 7.57 99.99
N ARG J 45 -40.53 8.01 98.77
CA ARG J 45 -39.52 8.14 97.72
C ARG J 45 -39.34 9.62 97.36
N SER J 46 -38.09 10.08 97.37
CA SER J 46 -37.75 11.42 96.88
C SER J 46 -37.35 11.34 95.42
N PHE J 47 -37.97 12.17 94.58
CA PHE J 47 -37.72 12.18 93.13
C PHE J 47 -36.92 13.43 92.72
N VAL J 49 -33.06 14.51 91.85
CA VAL J 49 -32.53 13.92 90.60
C VAL J 49 -31.80 12.59 90.84
N GLY J 50 -30.91 12.53 91.84
CA GLY J 50 -30.18 11.32 92.18
C GLY J 50 -31.06 10.28 92.83
N GLY J 51 -31.90 10.72 93.77
CA GLY J 51 -32.79 9.83 94.49
C GLY J 51 -33.87 9.22 93.60
N ASN J 52 -33.90 7.89 93.54
CA ASN J 52 -34.98 7.10 92.93
C ASN J 52 -35.14 7.30 91.42
N ILE J 53 -35.86 6.36 90.80
CA ILE J 53 -36.32 6.54 89.42
C ILE J 53 -37.67 7.25 89.39
N GLN J 54 -37.91 7.98 88.30
CA GLN J 54 -38.98 8.95 88.24
C GLN J 54 -40.33 8.25 88.08
N PRO J 55 -41.41 8.84 88.63
CA PRO J 55 -42.73 8.24 88.49
C PRO J 55 -43.32 8.45 87.11
N ARG J 56 -44.37 7.70 86.80
CA ARG J 56 -45.03 7.76 85.51
C ARG J 56 -45.95 8.98 85.45
N ARG J 57 -45.87 9.72 84.35
CA ARG J 57 -46.49 11.03 84.23
C ARG J 57 -47.25 11.15 82.91
N ASP J 58 -48.04 12.21 82.79
CA ASP J 58 -48.55 12.66 81.49
C ASP J 58 -47.46 13.42 80.74
N LEU J 59 -46.99 12.84 79.64
CA LEU J 59 -45.97 13.46 78.79
C LEU J 59 -46.55 13.92 77.44
N SER J 60 -47.83 14.31 77.44
CA SER J 60 -48.56 14.54 76.19
C SER J 60 -48.16 15.85 75.50
N ARG J 61 -47.46 16.73 76.21
CA ARG J 61 -46.59 17.74 75.60
C ARG J 61 -45.55 17.12 74.65
N PHE J 62 -44.74 16.21 75.19
CA PHE J 62 -43.44 15.87 74.60
C PHE J 62 -43.49 14.76 73.54
N VAL J 63 -44.69 14.40 73.07
CA VAL J 63 -44.86 13.25 72.20
C VAL J 63 -44.42 13.61 70.79
N LYS J 64 -43.57 12.77 70.21
CA LYS J 64 -43.31 12.81 68.77
C LYS J 64 -44.55 12.27 68.04
N TRP J 65 -45.33 13.19 67.47
CA TRP J 65 -46.56 12.83 66.77
C TRP J 65 -46.25 12.41 65.34
N PRO J 66 -47.20 11.70 64.70
CA PRO J 66 -47.28 11.61 63.24
C PRO J 66 -47.31 12.96 62.52
N LYS J 67 -46.97 12.95 61.24
CA LYS J 67 -46.96 14.16 60.41
C LYS J 67 -48.34 14.83 60.26
N TYR J 68 -49.40 14.03 60.24
CA TYR J 68 -50.75 14.58 60.00
C TYR J 68 -51.26 15.40 61.18
N ILE J 69 -50.93 14.96 62.39
CA ILE J 69 -51.22 15.72 63.62
C ILE J 69 -50.39 17.00 63.67
N LEU J 70 -49.12 16.90 63.29
CA LEU J 70 -48.22 18.05 63.29
C LEU J 70 -48.61 19.11 62.26
N LEU J 71 -49.18 18.68 61.13
CA LEU J 71 -49.66 19.61 60.10
C LEU J 71 -50.90 20.40 60.56
N GLN J 72 -51.90 19.69 61.06
CA GLN J 72 -53.17 20.31 61.48
C GLN J 72 -53.09 21.11 62.79
N ARG J 73 -51.93 21.08 63.45
CA ARG J 73 -51.60 22.03 64.53
C ARG J 73 -50.77 23.22 64.05
N GLN J 74 -49.78 22.97 63.19
CA GLN J 74 -48.95 24.04 62.63
C GLN J 74 -49.68 24.94 61.62
N ARG J 75 -50.84 24.50 61.11
CA ARG J 75 -51.77 25.41 60.41
C ARG J 75 -52.34 26.46 61.36
N ARG J 76 -52.87 26.01 62.49
CA ARG J 76 -53.60 26.87 63.42
C ARG J 76 -52.70 27.87 64.13
N VAL J 77 -51.44 27.47 64.33
CA VAL J 77 -50.39 28.40 64.77
C VAL J 77 -50.13 29.45 63.68
N LEU J 78 -49.87 28.99 62.46
CA LEU J 78 -49.42 29.87 61.37
C LEU J 78 -50.47 30.94 60.96
N MET J 79 -51.74 30.66 61.18
CA MET J 79 -52.81 31.61 60.86
C MET J 79 -53.06 32.64 61.98
N GLN J 80 -52.60 32.35 63.20
CA GLN J 80 -52.45 33.38 64.25
C GLN J 80 -51.26 34.31 64.01
N ARG J 81 -50.12 33.73 63.62
CA ARG J 81 -48.84 34.45 63.60
C ARG J 81 -48.79 35.50 62.50
N LEU J 82 -49.16 35.08 61.30
CA LEU J 82 -49.19 35.97 60.14
C LEU J 82 -50.23 37.08 60.32
N LYS J 83 -49.93 38.25 59.77
CA LYS J 83 -50.94 39.29 59.55
C LYS J 83 -51.99 38.77 58.56
N VAL J 84 -53.19 38.55 59.07
CA VAL J 84 -54.34 38.18 58.24
C VAL J 84 -54.91 39.49 57.66
N PRO J 85 -55.44 39.38 56.45
CA PRO J 85 -56.08 40.48 55.72
C PRO J 85 -57.45 40.78 56.33
N PRO J 86 -57.95 42.05 56.09
CA PRO J 86 -59.26 42.29 56.73
C PRO J 86 -60.41 41.40 56.22
N ALA J 87 -60.47 41.14 54.92
CA ALA J 87 -61.54 40.33 54.37
C ALA J 87 -61.60 38.91 54.91
N ILE J 88 -60.45 38.25 55.00
CA ILE J 88 -60.37 36.89 55.53
C ILE J 88 -60.68 36.86 57.03
N ASN J 89 -60.24 37.90 57.71
CA ASN J 89 -60.40 38.06 59.15
C ASN J 89 -61.82 38.40 59.56
N GLN J 90 -62.69 38.59 58.58
CA GLN J 90 -64.08 38.94 58.83
C GLN J 90 -64.74 37.89 59.70
N PHE J 91 -64.40 36.64 59.49
CA PHE J 91 -65.01 35.57 60.25
C PHE J 91 -64.32 35.24 61.57
N THR J 92 -63.98 36.26 62.34
CA THR J 92 -63.40 36.06 63.66
C THR J 92 -64.45 36.70 64.53
N HIS J 93 -65.21 37.55 63.85
CA HIS J 93 -66.35 38.35 64.31
C HIS J 93 -67.63 37.56 64.13
N THR J 94 -68.15 37.03 65.23
CA THR J 94 -69.12 35.93 65.23
C THR J 94 -70.20 36.20 66.27
N LEU J 95 -71.36 35.57 66.11
CA LEU J 95 -72.43 35.64 67.10
C LEU J 95 -72.05 34.96 68.43
N ASP J 96 -72.69 35.42 69.50
CA ASP J 96 -72.65 34.73 70.80
C ASP J 96 -73.53 33.47 70.76
N LYS J 97 -73.26 32.52 71.65
CA LYS J 97 -74.04 31.28 71.72
C LYS J 97 -75.51 31.45 72.16
N ASN J 98 -75.80 32.54 72.89
CA ASN J 98 -77.19 32.97 73.12
C ASN J 98 -77.86 33.61 71.91
N GLN J 99 -77.08 34.36 71.12
CA GLN J 99 -77.53 34.88 69.82
C GLN J 99 -77.75 33.77 68.78
N THR J 100 -76.95 32.70 68.85
CA THR J 100 -77.03 31.58 67.90
C THR J 100 -78.18 30.62 68.22
N SER J 101 -78.45 30.42 69.51
CA SER J 101 -79.64 29.70 69.96
C SER J 101 -80.96 30.36 69.50
N GLN J 102 -80.96 31.68 69.32
CA GLN J 102 -82.11 32.40 68.77
C GLN J 102 -82.38 32.11 67.28
N LEU J 103 -81.33 31.79 66.52
CA LEU J 103 -81.51 31.34 65.13
C LEU J 103 -81.98 29.89 65.04
N MET J 104 -81.31 28.99 65.76
CA MET J 104 -81.50 27.55 65.56
C MET J 104 -82.87 27.04 66.04
N ARG J 105 -83.51 27.78 66.95
CA ARG J 105 -84.95 27.64 67.19
C ARG J 105 -85.82 28.15 66.04
N LEU J 106 -85.45 29.29 65.44
CA LEU J 106 -86.16 29.85 64.28
C LEU J 106 -86.02 28.98 63.03
N LEU J 107 -84.79 28.66 62.66
CA LEU J 107 -84.49 27.99 61.39
C LEU J 107 -84.97 26.53 61.34
N ALA J 108 -85.15 25.90 62.51
CA ALA J 108 -85.75 24.57 62.59
C ALA J 108 -87.22 24.51 62.19
N LYS J 109 -87.92 25.64 62.26
CA LYS J 109 -89.31 25.74 61.77
C LYS J 109 -89.42 25.62 60.24
N TYR J 110 -88.40 26.08 59.52
CA TYR J 110 -88.43 26.20 58.05
C TYR J 110 -87.56 25.15 57.38
N LYS J 111 -87.62 23.93 57.89
CA LYS J 111 -86.65 22.90 57.58
C LYS J 111 -87.09 22.19 56.29
N PRO J 112 -86.22 22.12 55.27
CA PRO J 112 -86.62 21.42 54.05
C PRO J 112 -86.68 19.91 54.26
N GLU J 113 -87.52 19.23 53.49
CA GLU J 113 -87.95 17.87 53.80
C GLU J 113 -86.81 16.85 53.62
N THR J 114 -86.92 15.73 54.33
CA THR J 114 -86.04 14.57 54.12
C THR J 114 -86.37 13.89 52.80
N ARG J 115 -85.42 13.13 52.27
CA ARG J 115 -85.58 12.43 50.99
C ARG J 115 -86.63 11.31 51.05
N ALA J 116 -86.80 10.70 52.21
CA ALA J 116 -87.87 9.73 52.46
C ALA J 116 -89.26 10.36 52.52
N GLU J 117 -89.34 11.61 52.98
CA GLU J 117 -90.61 12.36 53.01
C GLU J 117 -91.17 12.72 51.63
N LYS J 118 -90.30 12.82 50.63
CA LYS J 118 -90.73 13.03 49.23
C LYS J 118 -91.65 11.94 48.70
N LYS J 119 -91.43 10.69 49.15
CA LYS J 119 -92.34 9.57 48.87
C LYS J 119 -93.75 9.81 49.43
N GLN J 120 -93.82 10.20 50.70
CA GLN J 120 -95.09 10.27 51.44
C GLN J 120 -95.89 11.52 51.07
N ARG J 121 -95.18 12.63 50.93
CA ARG J 121 -95.64 13.83 50.22
C ARG J 121 -96.29 13.51 48.86
N LEU J 122 -95.60 12.72 48.04
CA LEU J 122 -96.09 12.40 46.68
C LEU J 122 -97.21 11.38 46.62
N LEU J 123 -97.29 10.48 47.60
CA LEU J 123 -98.45 9.57 47.76
C LEU J 123 -99.79 10.31 47.96
N GLN J 124 -99.74 11.42 48.69
CA GLN J 124 -100.90 12.29 48.88
C GLN J 124 -101.33 12.98 47.58
N GLU J 125 -100.35 13.52 46.85
CA GLU J 125 -100.59 14.11 45.52
C GLU J 125 -100.89 13.07 44.43
N ALA J 126 -100.41 11.84 44.61
CA ALA J 126 -100.70 10.72 43.71
C ALA J 126 -102.17 10.27 43.79
N GLN J 129 -105.28 12.30 42.89
CA GLN J 129 -105.14 13.73 43.16
C GLN J 129 -106.23 14.24 44.10
N SER J 130 -105.86 14.55 45.34
CA SER J 130 -106.81 14.73 46.43
C SER J 130 -107.62 16.03 46.32
N ALA J 131 -106.98 17.10 45.83
CA ALA J 131 -107.68 18.30 45.35
C ALA J 131 -107.67 18.38 43.82
N GLY J 132 -106.47 18.49 43.25
CA GLY J 132 -106.29 18.72 41.81
C GLY J 132 -104.96 19.36 41.47
N GLY J 133 -103.94 18.53 41.26
CA GLY J 133 -102.63 18.99 40.81
C GLY J 133 -101.81 19.62 41.92
N ALA J 134 -101.17 20.76 41.62
CA ALA J 134 -100.35 21.49 42.59
C ALA J 134 -101.16 22.24 43.66
N ALA J 135 -102.47 22.41 43.44
CA ALA J 135 -103.40 22.94 44.46
C ALA J 135 -103.78 21.94 45.56
N GLY J 136 -103.25 20.72 45.52
CA GLY J 136 -103.19 19.83 46.68
C GLY J 136 -102.50 20.38 47.92
N GLY J 137 -101.59 21.33 47.71
CA GLY J 137 -101.11 22.21 48.80
C GLY J 137 -100.92 23.65 48.37
N LYS J 138 -100.47 24.48 49.30
CA LYS J 138 -100.04 25.85 49.01
C LYS J 138 -98.55 25.88 48.63
N LYS J 139 -98.07 27.06 48.25
CA LYS J 139 -96.65 27.27 47.94
C LYS J 139 -95.80 27.09 49.21
N PRO J 140 -95.03 26.00 49.30
CA PRO J 140 -94.37 25.65 50.56
C PRO J 140 -93.11 26.47 50.80
N VAL J 141 -92.95 26.98 52.02
CA VAL J 141 -91.85 27.88 52.39
C VAL J 141 -90.81 27.10 53.17
N MET J 142 -89.52 27.37 52.88
CA MET J 142 -88.41 26.65 53.51
C MET J 142 -87.10 27.42 53.37
N ILE J 143 -86.04 26.88 53.97
CA ILE J 143 -84.68 27.40 53.79
C ILE J 143 -84.18 27.09 52.37
N LYS J 144 -83.57 28.09 51.73
CA LYS J 144 -82.85 27.91 50.47
C LYS J 144 -81.37 27.77 50.77
N TYR J 145 -80.68 26.89 50.02
CA TYR J 145 -79.31 26.49 50.37
C TYR J 145 -78.45 26.09 49.16
N GLY J 146 -77.14 26.02 49.40
CA GLY J 146 -76.14 25.80 48.36
C GLY J 146 -75.73 27.11 47.70
N ILE J 147 -74.43 27.40 47.66
CA ILE J 147 -73.96 28.78 47.43
C ILE J 147 -74.45 29.34 46.11
N ASN J 148 -74.49 28.49 45.08
CA ASN J 148 -74.67 28.95 43.71
C ASN J 148 -76.12 29.25 43.36
N HIS J 149 -77.05 28.72 44.16
CA HIS J 149 -78.43 29.23 44.22
C HIS J 149 -78.53 30.53 45.03
N VAL J 150 -77.88 30.57 46.18
CA VAL J 150 -78.08 31.65 47.16
C VAL J 150 -77.41 32.97 46.71
N THR J 151 -76.33 32.90 45.93
CA THR J 151 -75.74 34.09 45.29
C THR J 151 -76.68 34.74 44.26
N ASP J 152 -77.34 33.91 43.45
CA ASP J 152 -78.42 34.39 42.57
C ASP J 152 -79.59 34.99 43.35
N LEU J 153 -79.92 34.38 44.48
CA LEU J 153 -81.03 34.81 45.35
C LEU J 153 -80.75 36.09 46.16
N ILE J 154 -79.47 36.47 46.28
CA ILE J 154 -79.08 37.80 46.78
C ILE J 154 -79.19 38.87 45.69
N GLU J 155 -78.73 38.56 44.47
CA GLU J 155 -78.67 39.55 43.38
C GLU J 155 -80.06 40.06 42.97
N ILE J 156 -80.98 39.13 42.71
CA ILE J 156 -82.38 39.47 42.37
C ILE J 156 -83.23 39.89 43.58
N LYS J 157 -82.64 39.85 44.78
CA LYS J 157 -83.03 40.72 45.90
C LYS J 157 -84.27 40.17 46.60
N LYS J 158 -84.25 38.87 46.89
CA LYS J 158 -85.32 38.18 47.62
C LYS J 158 -84.95 37.88 49.08
N ALA J 159 -83.69 37.50 49.33
CA ALA J 159 -83.29 36.92 50.62
C ALA J 159 -83.38 37.94 51.76
N LYS J 160 -84.17 37.60 52.78
CA LYS J 160 -84.30 38.46 53.98
C LYS J 160 -83.03 38.43 54.82
N LEU J 161 -82.70 37.27 55.39
CA LEU J 161 -81.42 37.07 56.10
C LEU J 161 -80.59 35.98 55.42
N VAL J 162 -79.26 36.09 55.54
CA VAL J 162 -78.31 35.20 54.86
C VAL J 162 -77.21 34.81 55.82
N VAL J 163 -77.22 33.54 56.27
CA VAL J 163 -76.47 33.14 57.46
C VAL J 163 -75.38 32.12 57.10
N ILE J 164 -74.19 32.33 57.67
CA ILE J 164 -72.92 31.92 57.06
C ILE J 164 -72.07 31.18 58.11
N ALA J 165 -71.20 30.28 57.64
CA ALA J 165 -70.23 29.59 58.51
C ALA J 165 -68.89 30.33 58.51
N HIS J 166 -68.25 30.35 59.68
CA HIS J 166 -66.86 30.83 59.80
C HIS J 166 -65.82 29.81 59.33
N ASP J 167 -66.15 28.51 59.43
CA ASP J 167 -65.17 27.43 59.29
C ASP J 167 -64.76 27.14 57.84
N VAL J 168 -65.68 27.34 56.90
CA VAL J 168 -65.55 26.96 55.48
C VAL J 168 -64.12 26.92 54.92
N THR J 169 -63.72 25.77 54.40
CA THR J 169 -62.31 25.35 54.41
C THR J 169 -61.46 25.96 53.27
N PRO J 170 -61.91 25.85 52.00
CA PRO J 170 -61.43 26.80 50.99
C PRO J 170 -62.18 28.13 51.12
N VAL J 171 -61.57 29.06 51.84
CA VAL J 171 -62.28 30.26 52.35
C VAL J 171 -62.61 31.27 51.26
N GLU J 172 -61.91 31.19 50.13
CA GLU J 172 -62.31 31.84 48.87
C GLU J 172 -63.80 31.73 48.51
N LEU J 173 -64.42 30.58 48.80
CA LEU J 173 -65.86 30.37 48.58
C LEU J 173 -66.76 31.47 49.13
N VAL J 174 -66.43 31.96 50.32
CA VAL J 174 -67.32 32.85 51.09
C VAL J 174 -66.71 34.23 51.39
N CYS J 175 -65.50 34.53 50.91
CA CYS J 175 -64.88 35.85 51.09
C CYS J 175 -65.75 37.00 50.57
N PHE J 176 -66.30 36.81 49.38
CA PHE J 176 -67.05 37.87 48.68
C PHE J 176 -68.46 38.12 49.23
N ILE J 177 -69.06 37.14 49.91
CA ILE J 177 -70.51 37.14 50.18
C ILE J 177 -70.97 38.23 51.15
N PRO J 178 -70.20 38.48 52.24
CA PRO J 178 -70.53 39.59 53.14
C PRO J 178 -70.57 40.98 52.52
N GLN J 179 -69.78 41.24 51.48
CA GLN J 179 -69.89 42.49 50.72
C GLN J 179 -71.14 42.51 49.84
N LEU J 180 -71.38 41.43 49.10
CA LEU J 180 -72.60 41.26 48.29
C LEU J 180 -73.86 41.65 49.07
N CYS J 181 -73.99 41.08 50.26
CA CYS J 181 -75.13 41.35 51.14
C CYS J 181 -75.18 42.80 51.61
N ARG J 182 -74.03 43.37 51.94
CA ARG J 182 -73.94 44.76 52.39
C ARG J 182 -74.20 45.79 51.30
N LYS J 183 -73.77 45.49 50.08
CA LYS J 183 -74.01 46.38 48.92
C LYS J 183 -75.49 46.42 48.52
N LYS J 184 -76.16 45.28 48.59
CA LYS J 184 -77.59 45.18 48.24
C LYS J 184 -78.54 45.56 49.40
N GLU J 185 -77.98 45.80 50.60
CA GLU J 185 -78.74 45.88 51.85
C GLU J 185 -79.62 44.64 52.08
N VAL J 186 -78.94 43.48 52.14
CA VAL J 186 -79.45 42.28 52.79
C VAL J 186 -78.68 42.11 54.10
N PRO J 187 -79.39 41.87 55.23
CA PRO J 187 -78.66 41.52 56.46
C PRO J 187 -78.04 40.12 56.43
N TYR J 188 -76.91 39.96 57.12
CA TYR J 188 -76.22 38.67 57.23
C TYR J 188 -75.63 38.44 58.63
N CYS J 189 -75.44 37.17 58.97
CA CYS J 189 -74.80 36.75 60.21
C CYS J 189 -73.61 35.85 59.90
N ILE J 190 -72.84 35.55 60.95
CA ILE J 190 -71.85 34.49 60.93
C ILE J 190 -72.06 33.61 62.16
N VAL J 191 -72.09 32.30 61.94
CA VAL J 191 -72.44 31.31 62.95
C VAL J 191 -71.29 30.33 63.09
N LYS J 192 -71.00 29.93 64.33
CA LYS J 192 -69.89 29.03 64.62
C LYS J 192 -70.30 27.59 64.29
N GLY J 193 -69.86 27.11 63.14
CA GLY J 193 -69.91 25.70 62.76
C GLY J 193 -70.69 25.52 61.46
N LYS J 194 -69.97 25.12 60.40
CA LYS J 194 -70.61 24.68 59.15
C LYS J 194 -71.38 23.36 59.29
N SER J 195 -70.98 22.53 60.26
CA SER J 195 -71.68 21.29 60.58
C SER J 195 -73.08 21.54 61.16
N ARG J 196 -73.21 22.53 62.03
CA ARG J 196 -74.51 22.93 62.60
C ARG J 196 -75.53 23.39 61.56
N LEU J 197 -75.06 24.14 60.56
CA LEU J 197 -75.91 24.54 59.42
C LEU J 197 -76.26 23.36 58.52
N GLY J 198 -75.34 22.41 58.35
CA GLY J 198 -75.61 21.15 57.67
C GLY J 198 -76.75 20.33 58.23
N GLN J 199 -76.92 20.36 59.55
CA GLN J 199 -77.97 19.56 60.23
C GLN J 199 -79.38 20.01 59.88
N LEU J 200 -79.57 21.32 59.71
CA LEU J 200 -80.84 21.89 59.24
C LEU J 200 -81.21 21.38 57.84
N VAL J 201 -80.22 21.40 56.95
CA VAL J 201 -80.44 21.13 55.53
C VAL J 201 -80.52 19.63 55.23
N HIS J 202 -79.96 18.79 56.11
CA HIS J 202 -79.66 17.37 55.83
C HIS J 202 -78.52 17.23 54.82
N GLN J 203 -77.40 17.86 55.13
CA GLN J 203 -76.10 17.56 54.53
C GLN J 203 -75.08 17.34 55.65
N LYS J 204 -73.83 17.07 55.27
CA LYS J 204 -72.71 17.14 56.21
C LYS J 204 -72.43 18.58 56.60
N ASN J 205 -72.02 19.39 55.62
CA ASN J 205 -71.70 20.77 55.86
C ASN J 205 -72.47 21.71 54.97
N PRO J 207 -72.57 25.82 53.86
CA PRO J 207 -72.07 27.16 54.11
C PRO J 207 -73.08 28.12 53.50
N VAL J 208 -73.42 29.21 54.19
CA VAL J 208 -74.39 30.16 53.68
C VAL J 208 -75.79 29.55 53.51
N LEU J 209 -76.72 30.01 54.34
CA LEU J 209 -78.10 29.57 54.30
C LEU J 209 -78.93 30.82 54.29
N ALA J 210 -80.08 30.80 53.64
CA ALA J 210 -80.90 32.00 53.61
C ALA J 210 -82.41 31.78 53.69
N ILE J 211 -83.08 32.79 54.21
CA ILE J 211 -84.54 32.86 54.33
C ILE J 211 -85.04 33.93 53.35
N ASP J 212 -85.63 33.50 52.23
CA ASP J 212 -86.32 34.40 51.31
C ASP J 212 -87.77 34.70 51.69
N ASN J 213 -88.39 33.78 52.44
CA ASN J 213 -89.82 33.86 52.75
C ASN J 213 -90.12 33.24 54.10
N VAL J 214 -91.26 33.65 54.68
CA VAL J 214 -91.60 33.39 56.08
C VAL J 214 -93.05 32.89 56.15
N ARG J 215 -93.48 32.45 57.33
CA ARG J 215 -94.91 32.39 57.66
C ARG J 215 -95.40 33.76 58.11
N LYS J 216 -96.71 33.87 58.30
CA LYS J 216 -97.33 35.05 58.91
C LYS J 216 -97.05 35.14 60.42
N GLU J 217 -97.07 33.98 61.10
CA GLU J 217 -96.96 33.91 62.56
C GLU J 217 -95.58 34.30 63.09
N ASP J 218 -94.52 33.95 62.35
CA ASP J 218 -93.14 34.03 62.84
C ASP J 218 -92.36 35.24 62.27
N GLN J 219 -93.07 36.24 61.74
CA GLN J 219 -92.46 37.31 60.93
C GLN J 219 -92.01 38.51 61.76
N ALA J 220 -92.67 38.76 62.89
CA ALA J 220 -92.18 39.70 63.91
C ALA J 220 -90.87 39.25 64.55
N GLU J 221 -90.75 37.94 64.80
CA GLU J 221 -89.52 37.36 65.36
C GLU J 221 -88.33 37.39 64.38
N LEU J 222 -88.60 37.44 63.08
CA LEU J 222 -87.58 37.68 62.07
C LEU J 222 -87.05 39.12 62.14
N GLU J 223 -87.92 40.09 61.96
CA GLU J 223 -87.51 41.50 61.82
C GLU J 223 -87.07 42.14 63.14
N ALA J 224 -87.49 41.57 64.26
CA ALA J 224 -86.83 41.80 65.56
C ALA J 224 -85.38 41.34 65.54
N GLN J 225 -85.17 40.11 65.07
CA GLN J 225 -83.84 39.50 64.98
C GLN J 225 -82.93 40.18 63.93
N CYS J 226 -83.51 40.67 62.84
CA CYS J 226 -82.72 41.17 61.69
C CYS J 226 -82.09 42.55 61.94
N LYS J 227 -82.76 43.40 62.73
CA LYS J 227 -82.22 44.71 63.11
C LYS J 227 -81.04 44.63 64.08
N ILE J 228 -80.87 43.49 64.75
CA ILE J 228 -79.66 43.20 65.52
C ILE J 228 -78.45 43.03 64.58
N TYR J 229 -78.65 42.32 63.48
CA TYR J 229 -77.55 41.91 62.61
C TYR J 229 -77.05 43.03 61.70
N ARG J 230 -77.93 43.94 61.31
CA ARG J 230 -77.51 45.16 60.59
C ARG J 230 -76.59 46.05 61.42
N ALA J 231 -76.90 46.22 62.70
CA ALA J 231 -76.03 46.92 63.64
C ALA J 231 -74.69 46.20 63.86
N MET J 232 -74.74 44.87 63.98
CA MET J 232 -73.56 44.07 64.30
C MET J 232 -72.61 43.87 63.11
N PHE J 233 -73.17 43.57 61.93
CA PHE J 233 -72.39 43.10 60.78
C PHE J 233 -72.31 44.11 59.63
N ASN J 234 -73.47 44.56 59.16
CA ASN J 234 -73.54 45.42 57.95
C ASN J 234 -73.08 46.84 58.23
N ASP J 235 -73.70 47.48 59.22
CA ASP J 235 -73.43 48.89 59.54
C ASP J 235 -72.09 49.11 60.26
N ASN J 236 -71.55 48.05 60.86
CA ASN J 236 -70.21 48.08 61.46
C ASN J 236 -69.12 48.25 60.38
N SER J 237 -68.38 49.36 60.47
CA SER J 237 -67.29 49.67 59.53
C SER J 237 -65.92 49.11 59.96
N GLU J 238 -65.78 48.72 61.22
CA GLU J 238 -64.48 48.33 61.79
C GLU J 238 -64.01 46.96 61.26
N VAL J 239 -64.92 45.99 61.25
CA VAL J 239 -64.64 44.63 60.73
C VAL J 239 -64.24 44.59 59.24
N ARG J 240 -64.68 45.59 58.48
CA ARG J 240 -64.36 45.69 57.05
C ARG J 240 -62.91 46.09 56.76
N ARG J 241 -62.26 46.75 57.73
CA ARG J 241 -60.90 47.29 57.56
C ARG J 241 -59.88 46.89 58.66
N ARG J 242 -60.27 46.01 59.58
CA ARG J 242 -59.40 45.61 60.70
C ARG J 242 -58.56 44.38 60.34
N TRP J 243 -57.24 44.54 60.35
CA TRP J 243 -56.32 43.43 60.13
C TRP J 243 -56.23 42.58 61.39
N GLY J 244 -56.39 41.26 61.22
CA GLY J 244 -56.23 40.31 62.32
C GLY J 244 -54.82 39.78 62.44
N GLY J 245 -54.68 38.69 63.19
CA GLY J 245 -53.39 38.03 63.38
C GLY J 245 -52.46 38.82 64.29
N GLY J 246 -51.16 38.68 64.06
CA GLY J 246 -50.14 39.44 64.79
C GLY J 246 -49.58 38.74 66.01
N ILE J 247 -50.42 38.02 66.75
CA ILE J 247 -50.05 37.51 68.09
C ILE J 247 -49.01 36.39 68.01
N ASN J 248 -48.21 36.26 69.06
CA ASN J 248 -47.16 35.24 69.16
C ASN J 248 -47.40 34.29 70.33
N GLY J 249 -46.62 33.23 70.37
CA GLY J 249 -46.80 32.17 71.36
C GLY J 249 -46.36 32.56 72.76
N ILE J 250 -46.63 31.68 73.72
CA ILE J 250 -46.61 32.03 75.14
C ILE J 250 -45.18 32.29 75.66
N LYS J 251 -44.19 31.62 75.08
CA LYS J 251 -42.78 31.95 75.35
C LYS J 251 -42.36 33.32 74.79
N SER J 252 -42.89 33.71 73.65
CA SER J 252 -42.67 35.06 73.10
C SER J 252 -43.44 36.15 73.86
N GLN J 253 -44.62 35.80 74.39
CA GLN J 253 -45.40 36.71 75.25
C GLN J 253 -44.71 36.95 76.59
N HIS J 254 -44.29 35.87 77.24
CA HIS J 254 -43.63 35.93 78.54
C HIS J 254 -42.17 36.43 78.44
N ALA J 255 -41.60 36.44 77.24
CA ALA J 255 -40.34 37.15 76.96
C ALA J 255 -40.54 38.67 76.86
N GLN J 256 -41.54 39.09 76.09
CA GLN J 256 -41.76 40.51 75.81
C GLN J 256 -42.40 41.27 76.98
N GLN J 257 -43.22 40.57 77.77
CA GLN J 257 -43.66 41.08 79.09
C GLN J 257 -42.49 41.35 80.05
N LYS J 258 -41.46 40.52 80.00
CA LYS J 258 -40.25 40.70 80.81
C LYS J 258 -39.46 41.96 80.42
N LYS J 259 -39.34 42.21 79.12
CA LYS J 259 -38.68 43.43 78.63
C LYS J 259 -39.45 44.70 78.97
N GLU J 260 -40.76 44.68 78.73
CA GLU J 260 -41.64 45.83 79.03
C GLU J 260 -41.80 46.12 80.53
N LYS J 261 -41.46 45.15 81.39
CA LYS J 261 -41.29 45.39 82.82
C LYS J 261 -40.02 46.20 83.10
N LEU J 262 -38.88 45.72 82.59
CA LEU J 262 -37.57 46.30 82.91
C LEU J 262 -37.26 47.62 82.19
N ILE J 263 -37.90 47.86 81.05
CA ILE J 263 -37.86 49.17 80.37
C ILE J 263 -38.64 50.23 81.15
N ASN J 264 -39.81 49.86 81.68
CA ASN J 264 -40.63 50.77 82.49
C ASN J 264 -40.07 51.06 83.89
N ILE J 265 -39.39 50.07 84.48
CA ILE J 265 -38.69 50.24 85.78
C ILE J 265 -37.49 51.22 85.66
N GLU J 266 -36.86 51.27 84.48
CA GLU J 266 -35.91 52.35 84.15
C GLU J 266 -36.59 53.72 84.06
N LEU J 267 -37.74 53.77 83.38
CA LEU J 267 -38.49 55.02 83.20
C LEU J 267 -39.15 55.58 84.48
N LYS J 268 -39.51 54.69 85.41
CA LYS J 268 -40.08 55.10 86.70
C LYS J 268 -39.06 55.80 87.62
N LYS J 269 -37.82 55.32 87.61
CA LYS J 269 -36.71 55.98 88.32
C LYS J 269 -36.18 57.24 87.63
N LYS J 270 -36.34 57.32 86.31
CA LYS J 270 -35.97 58.51 85.53
C LYS J 270 -36.81 59.74 85.90
N MET J 271 -38.09 59.51 86.19
CA MET J 271 -38.89 60.43 87.00
C MET J 271 -38.33 60.49 88.43
N GLY J 272 -37.91 61.69 88.84
CA GLY J 272 -37.31 61.89 90.16
C GLY J 272 -38.33 61.88 91.29
N LYS K 2 64.47 0.40 -51.68
CA LYS K 2 64.88 1.83 -51.84
C LYS K 2 66.01 1.97 -52.87
N SER K 3 67.23 1.59 -52.50
CA SER K 3 68.44 1.86 -53.31
C SER K 3 68.72 0.70 -54.26
N VAL K 4 68.96 1.00 -55.53
CA VAL K 4 68.90 0.00 -56.60
C VAL K 4 70.01 -1.06 -56.54
N TYR K 5 71.23 -0.64 -56.22
CA TYR K 5 72.41 -1.52 -56.28
C TYR K 5 73.53 -1.02 -55.37
N ALA K 6 74.23 -1.96 -54.74
CA ALA K 6 75.40 -1.65 -53.92
C ALA K 6 76.27 -2.88 -53.76
N CYS K 7 77.58 -2.71 -53.89
CA CYS K 7 78.52 -3.82 -53.99
C CYS K 7 79.90 -3.40 -53.50
N GLU K 8 80.32 -3.92 -52.36
CA GLU K 8 81.73 -3.90 -51.95
C GLU K 8 82.40 -5.24 -52.23
N THR K 9 83.72 -5.21 -52.42
CA THR K 9 84.51 -6.38 -52.78
C THR K 9 85.66 -6.59 -51.78
N ILE K 10 86.08 -7.85 -51.63
CA ILE K 10 87.05 -8.26 -50.62
C ILE K 10 88.25 -8.89 -51.31
N THR K 11 89.46 -8.48 -50.91
CA THR K 11 90.70 -9.07 -51.41
C THR K 11 91.02 -10.34 -50.63
N ILE K 12 91.11 -11.47 -51.33
CA ILE K 12 91.59 -12.73 -50.76
C ILE K 12 93.12 -12.75 -50.82
N PRO K 13 93.80 -13.04 -49.68
CA PRO K 13 95.25 -13.23 -49.70
C PRO K 13 95.67 -14.62 -50.20
N ALA K 14 96.98 -14.83 -50.32
CA ALA K 14 97.54 -15.83 -51.25
C ALA K 14 97.37 -17.27 -50.75
N GLY K 15 97.73 -17.52 -49.48
CA GLY K 15 97.73 -18.88 -48.92
C GLY K 15 96.42 -19.30 -48.27
N VAL K 16 95.31 -19.07 -48.98
CA VAL K 16 93.95 -19.37 -48.49
C VAL K 16 93.12 -19.88 -49.67
N THR K 17 92.10 -20.68 -49.37
CA THR K 17 91.05 -21.03 -50.34
C THR K 17 89.65 -20.81 -49.75
N VAL K 18 88.69 -20.53 -50.63
CA VAL K 18 87.34 -20.11 -50.24
C VAL K 18 86.30 -20.84 -51.12
N ASP K 19 85.27 -21.39 -50.47
CA ASP K 19 84.27 -22.23 -51.14
C ASP K 19 82.86 -21.83 -50.71
N VAL K 20 82.34 -20.76 -51.33
CA VAL K 20 80.99 -20.28 -51.05
C VAL K 20 79.98 -21.01 -51.94
N LYS K 21 79.47 -22.12 -51.43
CA LYS K 21 78.25 -22.74 -51.95
C LYS K 21 77.07 -22.38 -51.06
N SER K 22 75.95 -22.02 -51.68
CA SER K 22 74.83 -21.34 -51.02
C SER K 22 75.31 -20.04 -50.35
N ARG K 23 74.80 -19.71 -49.17
CA ARG K 23 75.31 -18.57 -48.38
C ARG K 23 76.54 -18.95 -47.54
N VAL K 24 76.74 -20.24 -47.30
CA VAL K 24 77.68 -20.73 -46.28
C VAL K 24 79.09 -20.72 -46.85
N VAL K 25 80.05 -20.27 -46.04
CA VAL K 25 81.40 -19.91 -46.52
C VAL K 25 82.46 -20.66 -45.68
N THR K 26 82.98 -21.72 -46.25
CA THR K 26 84.19 -22.39 -45.75
C THR K 26 85.43 -21.57 -46.09
N VAL K 27 86.29 -21.35 -45.11
CA VAL K 27 87.62 -20.77 -45.30
C VAL K 27 88.66 -21.75 -44.78
N LYS K 28 89.40 -22.37 -45.70
CA LYS K 28 90.53 -23.23 -45.37
C LYS K 28 91.85 -22.50 -45.63
N GLY K 29 92.70 -22.43 -44.60
CA GLY K 29 94.09 -22.00 -44.75
C GLY K 29 95.05 -23.05 -44.24
N LYS K 30 96.29 -22.62 -43.98
CA LYS K 30 97.35 -23.53 -43.53
C LYS K 30 97.18 -23.98 -42.07
N TYR K 31 96.72 -23.06 -41.21
CA TYR K 31 96.72 -23.30 -39.77
C TYR K 31 95.54 -24.18 -39.34
N GLY K 32 94.33 -23.77 -39.72
CA GLY K 32 93.11 -24.57 -39.48
C GLY K 32 92.08 -24.35 -40.57
N GLU K 33 90.81 -24.44 -40.20
CA GLU K 33 89.72 -23.93 -41.04
C GLU K 33 88.45 -23.61 -40.25
N ILE K 34 87.87 -22.43 -40.51
CA ILE K 34 86.57 -22.05 -39.99
C ILE K 34 85.53 -22.15 -41.11
N THR K 35 84.36 -22.70 -40.77
CA THR K 35 83.14 -22.52 -41.54
C THR K 35 82.17 -21.62 -40.76
N ARG K 36 81.38 -20.85 -41.50
CA ARG K 36 80.39 -19.95 -40.90
C ARG K 36 79.25 -19.65 -41.87
N ALA K 37 78.02 -19.68 -41.35
CA ALA K 37 76.81 -19.49 -42.16
C ALA K 37 76.34 -18.03 -42.12
N PHE K 38 75.80 -17.55 -43.23
CA PHE K 38 75.18 -16.23 -43.32
C PHE K 38 73.83 -16.34 -44.04
N ARG K 39 72.94 -17.15 -43.48
CA ARG K 39 71.57 -17.30 -43.99
C ARG K 39 70.56 -16.36 -43.30
N HIS K 40 71.05 -15.30 -42.64
CA HIS K 40 70.21 -14.16 -42.24
C HIS K 40 70.13 -13.15 -43.39
N LEU K 41 71.29 -12.84 -43.98
CA LEU K 41 71.44 -11.65 -44.81
C LEU K 41 70.92 -11.91 -46.23
N PRO K 42 70.09 -10.99 -46.78
CA PRO K 42 69.70 -11.08 -48.18
C PRO K 42 70.78 -10.49 -49.11
N VAL K 43 71.56 -11.36 -49.73
CA VAL K 43 72.85 -10.98 -50.33
C VAL K 43 73.42 -12.07 -51.25
N ASP K 44 74.01 -11.65 -52.36
CA ASP K 44 74.60 -12.55 -53.34
C ASP K 44 76.13 -12.51 -53.25
N ILE K 45 76.70 -13.52 -52.59
CA ILE K 45 78.15 -13.72 -52.53
C ILE K 45 78.59 -14.53 -53.75
N GLN K 46 79.68 -14.11 -54.38
CA GLN K 46 80.20 -14.77 -55.57
C GLN K 46 81.63 -14.30 -55.86
N LYS K 47 82.57 -15.24 -55.94
CA LYS K 47 83.97 -14.90 -56.25
C LYS K 47 84.20 -14.82 -57.76
N THR K 48 85.39 -14.33 -58.14
CA THR K 48 85.66 -13.80 -59.48
C THR K 48 86.37 -14.83 -60.36
N LYS K 49 86.54 -14.46 -61.64
CA LYS K 49 87.35 -15.23 -62.59
C LYS K 49 88.83 -15.31 -62.18
N SER K 50 89.45 -14.15 -61.96
CA SER K 50 90.76 -14.07 -61.30
C SER K 50 90.57 -14.24 -59.79
N GLY K 51 90.79 -15.46 -59.31
CA GLY K 51 90.12 -15.97 -58.11
C GLY K 51 90.75 -15.61 -56.76
N ASN K 52 91.53 -14.51 -56.71
CA ASN K 52 91.87 -13.84 -55.45
C ASN K 52 91.07 -12.54 -55.27
N ARG K 53 89.76 -12.62 -55.46
CA ARG K 53 88.85 -11.53 -55.09
C ARG K 53 87.41 -12.04 -54.98
N LEU K 54 86.69 -11.51 -53.98
CA LEU K 54 85.37 -12.01 -53.58
C LEU K 54 84.37 -10.85 -53.51
N LYS K 55 83.64 -10.63 -54.59
CA LYS K 55 82.62 -9.57 -54.62
C LYS K 55 81.34 -10.02 -53.91
N VAL K 56 80.56 -9.04 -53.45
CA VAL K 56 79.32 -9.31 -52.69
C VAL K 56 78.37 -8.12 -52.81
N GLU K 57 77.11 -8.40 -53.13
CA GLU K 57 76.17 -7.38 -53.63
C GLU K 57 74.72 -7.64 -53.16
N MET K 58 73.97 -6.55 -52.98
CA MET K 58 72.52 -6.62 -52.81
C MET K 58 71.80 -5.60 -53.69
N TRP K 59 70.78 -6.06 -54.39
CA TRP K 59 69.79 -5.17 -55.01
C TRP K 59 68.73 -4.74 -53.99
N TYR K 60 68.15 -3.57 -54.22
CA TYR K 60 66.95 -3.09 -53.49
C TYR K 60 67.16 -2.92 -51.98
N GLY K 61 68.39 -2.57 -51.57
CA GLY K 61 68.74 -2.49 -50.16
C GLY K 61 68.24 -1.20 -49.53
N THR K 62 67.34 -1.33 -48.55
CA THR K 62 66.98 -0.21 -47.66
C THR K 62 68.13 0.09 -46.68
N CYS K 63 68.08 1.29 -46.09
CA CYS K 63 69.28 1.89 -45.46
C CYS K 63 69.70 1.20 -44.15
N THR K 64 68.76 0.51 -43.51
CA THR K 64 69.08 -0.44 -42.43
C THR K 64 69.82 -1.68 -42.96
N ASP K 65 69.29 -2.27 -44.03
CA ASP K 65 69.83 -3.52 -44.58
C ASP K 65 71.08 -3.34 -45.46
N LEU K 66 71.33 -2.12 -45.96
CA LEU K 66 72.61 -1.76 -46.58
C LEU K 66 73.80 -1.91 -45.64
N SER K 67 73.57 -1.67 -44.35
CA SER K 67 74.62 -1.78 -43.32
C SER K 67 75.05 -3.22 -43.00
N CYS K 68 74.39 -4.22 -43.60
CA CYS K 68 74.83 -5.62 -43.51
C CYS K 68 75.77 -6.09 -44.63
N ILE K 69 76.04 -5.23 -45.63
CA ILE K 69 77.05 -5.53 -46.66
C ILE K 69 78.48 -5.46 -46.09
N ARG K 70 78.75 -4.47 -45.25
CA ARG K 70 80.08 -4.23 -44.69
C ARG K 70 80.34 -5.10 -43.46
N THR K 71 79.28 -5.49 -42.76
CA THR K 71 79.34 -6.50 -41.71
C THR K 71 79.77 -7.89 -42.21
N LEU K 72 79.34 -8.25 -43.42
CA LEU K 72 79.84 -9.47 -44.09
C LEU K 72 81.35 -9.42 -44.33
N CYS K 73 81.80 -8.34 -44.96
CA CYS K 73 83.21 -8.15 -45.31
C CYS K 73 84.12 -8.25 -44.10
N SER K 74 83.74 -7.58 -43.01
CA SER K 74 84.52 -7.58 -41.78
C SER K 74 84.60 -8.94 -41.09
N HIS K 75 83.51 -9.71 -41.14
CA HIS K 75 83.53 -11.10 -40.63
C HIS K 75 84.37 -12.04 -41.49
N ILE K 76 84.27 -11.90 -42.81
CA ILE K 76 85.05 -12.75 -43.74
C ILE K 76 86.55 -12.40 -43.70
N LYS K 77 86.87 -11.10 -43.62
CA LYS K 77 88.25 -10.66 -43.42
C LYS K 77 88.89 -11.21 -42.14
N ASN K 78 88.11 -11.28 -41.06
CA ASN K 78 88.54 -11.90 -39.81
C ASN K 78 88.80 -13.41 -39.92
N MET K 79 87.99 -14.09 -40.73
CA MET K 79 88.21 -15.51 -41.01
C MET K 79 89.50 -15.78 -41.78
N PHE K 80 89.94 -14.83 -42.63
CA PHE K 80 91.21 -14.98 -43.35
C PHE K 80 92.42 -14.83 -42.43
N THR K 81 92.45 -13.74 -41.66
CA THR K 81 93.52 -13.51 -40.69
C THR K 81 93.43 -14.44 -39.46
N GLY K 82 92.32 -15.16 -39.31
CA GLY K 82 92.28 -16.36 -38.48
C GLY K 82 93.17 -17.49 -38.97
N VAL K 83 92.86 -18.01 -40.16
CA VAL K 83 93.49 -19.25 -40.67
C VAL K 83 94.96 -19.09 -41.11
N MET K 84 95.38 -17.86 -41.41
CA MET K 84 96.81 -17.53 -41.50
C MET K 84 97.42 -17.45 -40.10
N LYS K 85 97.00 -16.44 -39.34
CA LYS K 85 97.85 -15.81 -38.32
C LYS K 85 97.45 -16.10 -36.86
N LYS K 86 96.29 -16.73 -36.65
CA LYS K 86 95.64 -16.85 -35.32
C LYS K 86 95.27 -15.51 -34.66
N PHE K 87 94.51 -15.60 -33.57
CA PHE K 87 94.14 -14.44 -32.75
C PHE K 87 94.58 -14.65 -31.30
N GLN K 88 95.74 -14.11 -30.96
CA GLN K 88 96.20 -14.01 -29.57
C GLN K 88 95.50 -12.85 -28.86
N TYR K 89 94.87 -13.13 -27.72
CA TYR K 89 94.40 -12.11 -26.79
C TYR K 89 95.18 -12.21 -25.48
N LYS K 90 96.10 -11.26 -25.25
CA LYS K 90 96.82 -11.17 -23.98
C LYS K 90 95.93 -10.56 -22.91
N MET K 91 95.84 -11.23 -21.75
CA MET K 91 95.15 -10.71 -20.56
C MET K 91 96.12 -10.64 -19.39
N ARG K 92 96.11 -9.51 -18.66
CA ARG K 92 96.98 -9.31 -17.49
C ARG K 92 96.18 -9.35 -16.20
N PHE K 93 96.74 -10.00 -15.18
CA PHE K 93 96.17 -9.99 -13.83
C PHE K 93 96.45 -8.65 -13.15
N VAL K 94 95.53 -8.22 -12.29
CA VAL K 94 95.71 -7.01 -11.46
C VAL K 94 95.20 -7.28 -10.04
N TYR K 95 95.96 -6.79 -9.05
CA TYR K 95 95.58 -6.92 -7.65
C TYR K 95 96.37 -5.96 -6.76
N ALA K 96 95.81 -5.64 -5.59
CA ALA K 96 96.54 -4.91 -4.55
C ALA K 96 97.29 -5.89 -3.64
N HIS K 97 96.56 -6.57 -2.75
CA HIS K 97 97.16 -7.30 -1.64
C HIS K 97 97.34 -8.77 -1.98
N PHE K 98 96.25 -9.43 -2.33
CA PHE K 98 96.22 -10.88 -2.46
C PHE K 98 96.66 -11.30 -3.86
N PRO K 99 97.79 -12.04 -3.96
CA PRO K 99 98.23 -12.49 -5.30
C PRO K 99 97.40 -13.65 -5.83
N ILE K 100 96.82 -13.48 -7.02
CA ILE K 100 95.79 -14.38 -7.52
C ILE K 100 96.43 -15.54 -8.30
N ASN K 101 96.03 -16.76 -7.96
CA ASN K 101 96.79 -17.97 -8.24
C ASN K 101 96.03 -18.84 -9.24
N VAL K 102 96.62 -19.01 -10.42
CA VAL K 102 95.88 -19.43 -11.62
C VAL K 102 96.58 -20.62 -12.27
N ASN K 103 95.83 -21.69 -12.50
CA ASN K 103 96.36 -22.94 -13.05
C ASN K 103 95.57 -23.37 -14.28
N ILE K 104 96.10 -24.35 -15.01
CA ILE K 104 95.68 -24.65 -16.38
C ILE K 104 95.81 -26.14 -16.70
N SER K 105 94.72 -26.74 -17.19
CA SER K 105 94.76 -28.04 -17.87
C SER K 105 94.89 -27.84 -19.38
N GLY K 106 96.10 -27.51 -19.82
CA GLY K 106 96.34 -26.70 -21.02
C GLY K 106 95.78 -27.21 -22.34
N ASN K 107 95.62 -28.53 -22.44
CA ASN K 107 94.99 -29.15 -23.62
C ASN K 107 93.47 -28.95 -23.67
N GLY K 108 92.82 -28.95 -22.52
CA GLY K 108 91.37 -29.22 -22.41
C GLY K 108 90.44 -28.18 -23.04
N THR K 109 90.50 -26.91 -22.64
CA THR K 109 91.27 -26.43 -21.47
C THR K 109 90.39 -25.66 -20.49
N VAL K 110 90.83 -25.62 -19.23
CA VAL K 110 90.07 -25.00 -18.14
C VAL K 110 91.01 -24.15 -17.30
N VAL K 111 90.45 -23.09 -16.70
CA VAL K 111 91.21 -22.13 -15.89
C VAL K 111 90.52 -21.97 -14.53
N GLU K 112 90.99 -22.74 -13.56
CA GLU K 112 90.71 -22.48 -12.15
C GLU K 112 91.44 -21.22 -11.67
N ILE K 113 90.72 -20.37 -10.94
CA ILE K 113 91.24 -19.09 -10.44
C ILE K 113 91.04 -19.05 -8.93
N ARG K 114 92.12 -19.23 -8.18
CA ARG K 114 92.09 -19.24 -6.71
C ARG K 114 92.56 -17.90 -6.14
N ASN K 115 92.09 -17.60 -4.93
CA ASN K 115 92.58 -16.49 -4.11
C ASN K 115 92.35 -15.11 -4.74
N PHE K 116 91.25 -14.97 -5.50
CA PHE K 116 90.87 -13.69 -6.05
C PHE K 116 90.25 -12.82 -4.96
N LEU K 117 90.92 -11.72 -4.60
CA LEU K 117 90.44 -10.78 -3.59
C LEU K 117 90.27 -11.44 -2.21
N GLY K 118 91.18 -12.35 -1.87
CA GLY K 118 91.18 -13.02 -0.57
C GLY K 118 90.06 -14.02 -0.36
N GLU K 119 89.61 -14.66 -1.44
CA GLU K 119 88.43 -15.52 -1.42
C GLU K 119 88.82 -17.00 -1.39
N LYS K 120 87.90 -17.82 -0.92
CA LYS K 120 88.07 -19.28 -0.87
C LYS K 120 87.25 -20.05 -1.91
N ARG K 121 86.24 -19.41 -2.51
CA ARG K 121 85.52 -20.01 -3.64
C ARG K 121 86.44 -20.09 -4.86
N VAL K 122 86.54 -21.30 -5.42
CA VAL K 122 87.35 -21.56 -6.62
C VAL K 122 86.46 -21.41 -7.86
N ARG K 123 87.04 -20.87 -8.94
CA ARG K 123 86.28 -20.39 -10.10
C ARG K 123 86.84 -20.99 -11.39
N ILE K 124 86.35 -22.18 -11.74
CA ILE K 124 86.72 -22.83 -13.00
C ILE K 124 85.99 -22.17 -14.18
N VAL K 125 86.72 -21.99 -15.28
CA VAL K 125 86.18 -21.43 -16.52
C VAL K 125 86.70 -22.27 -17.69
N LYS K 126 85.86 -23.16 -18.20
CA LYS K 126 86.16 -23.87 -19.45
C LYS K 126 86.05 -22.91 -20.64
N MET K 127 86.96 -23.07 -21.60
CA MET K 127 86.95 -22.30 -22.84
C MET K 127 86.02 -22.96 -23.86
N LEU K 128 85.78 -22.24 -24.95
CA LEU K 128 84.99 -22.76 -26.08
C LEU K 128 85.87 -23.74 -26.89
N PRO K 129 85.23 -24.63 -27.69
CA PRO K 129 85.95 -25.78 -28.27
C PRO K 129 87.27 -25.48 -29.00
N GLY K 130 87.32 -24.40 -29.76
CA GLY K 130 88.45 -24.09 -30.65
C GLY K 130 89.34 -22.96 -30.15
N VAL K 131 89.81 -23.09 -28.91
CA VAL K 131 90.72 -22.11 -28.32
C VAL K 131 91.46 -22.70 -27.10
N LYS K 132 92.75 -22.36 -26.98
CA LYS K 132 93.62 -22.83 -25.89
C LYS K 132 94.09 -21.67 -25.02
N CYS K 133 94.71 -22.02 -23.89
CA CYS K 133 95.21 -21.04 -22.91
C CYS K 133 96.63 -21.40 -22.47
N GLU K 134 97.62 -20.66 -22.99
CA GLU K 134 98.97 -20.65 -22.46
C GLU K 134 99.10 -19.64 -21.32
N LYS K 135 99.75 -20.06 -20.23
CA LYS K 135 100.33 -19.12 -19.27
C LYS K 135 101.61 -18.53 -19.86
N ALA K 136 101.66 -17.21 -19.99
CA ALA K 136 102.76 -16.53 -20.68
C ALA K 136 103.99 -16.44 -19.77
N THR K 137 105.09 -17.05 -20.21
CA THR K 137 106.32 -17.14 -19.41
C THR K 137 107.07 -15.81 -19.42
N ASN K 138 107.91 -15.59 -18.41
CA ASN K 138 108.94 -14.54 -18.37
C ASN K 138 108.41 -13.11 -18.13
N VAL K 139 107.30 -12.73 -18.77
CA VAL K 139 106.44 -11.65 -18.28
C VAL K 139 105.64 -12.17 -17.08
N LYS K 140 105.66 -11.41 -15.98
CA LYS K 140 104.96 -11.78 -14.76
C LYS K 140 103.46 -11.53 -14.91
N ASP K 141 102.65 -12.54 -14.57
CA ASP K 141 101.19 -12.41 -14.41
C ASP K 141 100.47 -12.05 -15.72
N GLU K 142 100.22 -13.06 -16.55
CA GLU K 142 99.65 -12.87 -17.88
C GLU K 142 99.13 -14.19 -18.47
N ILE K 143 97.96 -14.11 -19.11
CA ILE K 143 97.35 -15.25 -19.76
C ILE K 143 97.20 -14.92 -21.23
N ALA K 144 97.64 -15.82 -22.10
CA ALA K 144 97.52 -15.58 -23.53
C ALA K 144 96.49 -16.54 -24.07
N LEU K 145 95.46 -16.00 -24.71
CA LEU K 145 94.40 -16.84 -25.25
C LEU K 145 94.58 -16.85 -26.76
N THR K 146 94.76 -18.04 -27.32
CA THR K 146 94.96 -18.12 -28.76
C THR K 146 94.12 -19.15 -29.51
N GLY K 147 93.48 -18.68 -30.57
CA GLY K 147 92.69 -19.53 -31.46
C GLY K 147 92.47 -18.93 -32.85
N THR K 148 91.79 -19.68 -33.71
CA THR K 148 91.59 -19.28 -35.11
C THR K 148 90.47 -18.25 -35.26
N ASP K 149 89.30 -18.56 -34.67
CA ASP K 149 88.15 -17.67 -34.71
C ASP K 149 88.34 -16.48 -33.76
N VAL K 150 87.66 -15.37 -34.07
CA VAL K 150 87.64 -14.19 -33.20
C VAL K 150 86.58 -14.33 -32.12
N GLU K 151 85.36 -14.64 -32.55
CA GLU K 151 84.19 -14.65 -31.65
C GLU K 151 84.24 -15.75 -30.59
N LEU K 152 84.93 -16.87 -30.90
CA LEU K 152 85.19 -17.91 -29.91
C LEU K 152 86.25 -17.49 -28.89
N VAL K 153 87.33 -16.88 -29.37
CA VAL K 153 88.41 -16.39 -28.50
C VAL K 153 87.93 -15.24 -27.62
N SER K 154 87.23 -14.28 -28.21
CA SER K 154 86.94 -13.02 -27.51
C SER K 154 85.76 -13.14 -26.54
N ARG K 155 84.87 -14.11 -26.76
CA ARG K 155 84.01 -14.64 -25.68
C ARG K 155 84.84 -15.24 -24.56
N SER K 156 85.70 -16.20 -24.93
CA SER K 156 86.49 -16.96 -23.97
C SER K 156 87.41 -16.08 -23.10
N ALA K 157 87.91 -14.99 -23.69
CA ALA K 157 88.55 -13.91 -22.93
C ALA K 157 87.56 -13.21 -21.99
N ALA K 158 86.41 -12.82 -22.53
CA ALA K 158 85.39 -12.09 -21.76
C ALA K 158 84.74 -12.89 -20.64
N LEU K 159 84.60 -14.21 -20.81
CA LEU K 159 84.09 -15.10 -19.74
C LEU K 159 84.97 -15.09 -18.49
N ILE K 160 86.28 -14.92 -18.68
CA ILE K 160 87.21 -14.87 -17.56
C ILE K 160 87.05 -13.54 -16.81
N HIS K 161 86.91 -12.44 -17.57
CA HIS K 161 86.58 -11.11 -17.02
C HIS K 161 85.28 -11.10 -16.21
N GLN K 162 84.26 -11.79 -16.70
CA GLN K 162 82.96 -11.90 -16.00
C GLN K 162 83.06 -12.68 -14.69
N SER K 163 83.78 -13.79 -14.72
CA SER K 163 83.99 -14.63 -13.52
C SER K 163 84.67 -13.88 -12.38
N THR K 164 85.71 -13.10 -12.73
CA THR K 164 86.55 -12.42 -11.76
C THR K 164 86.10 -10.97 -11.60
N LEU K 165 84.89 -10.80 -11.09
CA LEU K 165 84.28 -9.48 -10.95
C LEU K 165 83.94 -9.20 -9.49
N VAL K 166 84.15 -7.96 -9.05
CA VAL K 166 83.92 -7.56 -7.67
C VAL K 166 82.44 -7.26 -7.49
N ARG K 167 81.94 -7.53 -6.28
CA ARG K 167 80.59 -7.14 -5.88
C ARG K 167 80.60 -6.49 -4.49
N ARG K 168 79.52 -5.75 -4.19
CA ARG K 168 79.24 -5.22 -2.85
C ARG K 168 80.25 -4.17 -2.35
N LYS K 169 81.02 -3.60 -3.27
CA LYS K 169 82.14 -2.72 -2.95
C LYS K 169 82.34 -1.77 -4.12
N ASP K 170 82.94 -0.61 -3.87
CA ASP K 170 83.16 0.38 -4.94
C ASP K 170 84.23 -0.13 -5.92
N ILE K 171 83.89 -0.10 -7.21
CA ILE K 171 84.73 -0.70 -8.24
C ILE K 171 85.93 0.18 -8.61
N ARG K 172 85.87 1.47 -8.24
CA ARG K 172 86.88 2.46 -8.63
C ARG K 172 88.16 2.31 -7.80
N LYS K 173 87.99 2.09 -6.49
CA LYS K 173 89.09 1.77 -5.58
C LYS K 173 89.63 0.37 -5.85
N PHE K 174 88.75 -0.62 -5.72
CA PHE K 174 89.13 -2.03 -5.85
C PHE K 174 89.20 -2.39 -7.34
N LEU K 175 90.40 -2.26 -7.90
CA LEU K 175 90.65 -2.54 -9.32
C LEU K 175 91.14 -3.98 -9.56
N ASP K 176 90.79 -4.89 -8.65
CA ASP K 176 91.38 -6.23 -8.63
C ASP K 176 90.60 -7.08 -9.61
N GLY K 177 91.28 -7.58 -10.63
CA GLY K 177 90.60 -8.20 -11.77
C GLY K 177 91.52 -8.92 -12.73
N ILE K 178 90.99 -9.17 -13.92
CA ILE K 178 91.79 -9.57 -15.07
C ILE K 178 91.15 -9.00 -16.35
N TYR K 179 91.98 -8.41 -17.21
CA TYR K 179 91.51 -7.57 -18.32
C TYR K 179 92.31 -7.89 -19.57
N VAL K 180 91.67 -7.82 -20.73
CA VAL K 180 92.40 -7.90 -22.02
C VAL K 180 93.32 -6.68 -22.23
N SER K 181 94.61 -6.96 -22.43
CA SER K 181 95.60 -5.93 -22.72
C SER K 181 95.56 -5.56 -24.19
N GLU K 182 95.81 -6.55 -25.05
CA GLU K 182 96.02 -6.34 -26.48
C GLU K 182 95.35 -7.44 -27.28
N THR K 183 94.56 -7.04 -28.28
CA THR K 183 94.24 -7.89 -29.43
C THR K 183 95.42 -7.88 -30.40
N SER K 184 95.75 -9.06 -30.94
CA SER K 184 96.84 -9.18 -31.92
C SER K 184 96.70 -10.48 -32.72
N THR K 185 97.72 -10.79 -33.51
CA THR K 185 97.97 -12.16 -33.99
C THR K 185 99.26 -12.70 -33.38
N VAL K 186 99.44 -14.02 -33.49
CA VAL K 186 100.72 -14.67 -33.18
C VAL K 186 101.68 -14.46 -34.35
N GLU K 187 101.36 -15.05 -35.50
CA GLU K 187 102.24 -15.05 -36.66
C GLU K 187 102.07 -13.73 -37.42
N GLN K 188 103.15 -13.26 -38.05
CA GLN K 188 103.22 -11.91 -38.62
C GLN K 188 103.86 -11.92 -40.00
N GLY L 2 46.81 27.66 -0.13
CA GLY L 2 46.28 26.70 -1.14
C GLY L 2 45.43 27.39 -2.20
N ARG L 3 46.07 27.75 -3.31
CA ARG L 3 45.38 27.98 -4.58
C ARG L 3 45.17 26.66 -5.33
N ARG L 4 44.33 26.70 -6.36
CA ARG L 4 43.96 25.51 -7.12
C ARG L 4 45.09 25.07 -8.06
N PRO L 5 45.01 23.84 -8.59
CA PRO L 5 45.75 23.51 -9.82
C PRO L 5 45.16 24.25 -11.03
N ALA L 6 46.02 24.62 -11.98
CA ALA L 6 45.63 25.46 -13.12
C ALA L 6 45.04 24.66 -14.29
N ARG L 7 44.91 23.34 -14.15
CA ARG L 7 44.00 22.56 -15.00
C ARG L 7 42.51 22.89 -14.78
N CYS L 8 42.15 23.36 -13.59
CA CYS L 8 40.80 23.85 -13.31
C CYS L 8 40.38 25.03 -14.17
N TYR L 9 41.31 25.95 -14.42
CA TYR L 9 41.04 27.20 -15.13
C TYR L 9 41.89 27.33 -16.39
N ARG L 10 41.95 26.26 -17.18
CA ARG L 10 42.56 26.31 -18.52
C ARG L 10 41.67 27.10 -19.47
N TYR L 11 40.41 26.66 -19.61
CA TYR L 11 39.60 26.98 -20.78
C TYR L 11 38.74 28.22 -20.56
N CYS L 12 38.46 28.93 -21.66
CA CYS L 12 37.66 30.15 -21.63
C CYS L 12 36.18 29.79 -21.62
N LYS L 13 35.74 29.19 -20.52
CA LYS L 13 34.35 28.79 -20.31
C LYS L 13 33.36 29.93 -20.09
N ASN L 14 33.79 30.95 -19.34
CA ASN L 14 32.94 32.09 -18.99
C ASN L 14 33.25 33.43 -19.66
N LYS L 15 32.24 34.30 -19.67
CA LYS L 15 32.37 35.63 -20.26
C LYS L 15 33.34 36.43 -19.43
N PRO L 16 34.01 37.45 -20.08
CA PRO L 16 34.96 38.19 -19.24
C PRO L 16 34.26 38.86 -18.07
N TYR L 17 34.89 38.78 -16.90
CA TYR L 17 34.36 39.33 -15.66
C TYR L 17 35.44 40.17 -15.02
N PRO L 18 35.71 41.39 -15.62
CA PRO L 18 36.79 42.17 -14.99
C PRO L 18 36.47 42.99 -13.76
N LYS L 19 37.51 43.33 -13.01
CA LYS L 19 37.43 44.19 -11.85
C LYS L 19 36.73 45.50 -12.21
N SER L 20 35.50 45.65 -11.73
CA SER L 20 34.71 46.87 -11.91
C SER L 20 33.99 47.21 -10.60
N ARG L 21 33.08 48.18 -10.65
CA ARG L 21 32.16 48.47 -9.54
C ARG L 21 31.25 47.30 -9.13
N PHE L 22 30.98 46.36 -10.05
CA PHE L 22 30.17 45.18 -9.74
C PHE L 22 30.93 44.06 -9.04
N CYS L 23 32.24 43.97 -9.28
CA CYS L 23 33.05 42.84 -8.82
C CYS L 23 33.53 43.03 -7.37
N ARG L 24 34.11 44.20 -7.09
CA ARG L 24 34.35 44.72 -5.71
C ARG L 24 35.40 43.97 -4.87
N GLY L 25 35.26 42.65 -4.74
CA GLY L 25 36.37 41.79 -4.33
C GLY L 25 37.56 41.90 -5.27
N VAL L 26 38.56 42.66 -4.84
CA VAL L 26 39.81 42.82 -5.57
C VAL L 26 40.87 41.90 -4.95
N PRO L 27 41.26 40.84 -5.68
CA PRO L 27 42.59 40.25 -5.54
C PRO L 27 43.57 40.88 -6.53
N ASP L 28 44.71 41.35 -6.03
CA ASP L 28 45.66 42.13 -6.83
C ASP L 28 46.75 41.23 -7.43
N ALA L 29 47.27 41.64 -8.58
CA ALA L 29 48.06 40.75 -9.44
C ALA L 29 49.48 40.56 -8.93
N LYS L 30 50.17 39.58 -9.51
CA LYS L 30 51.60 39.33 -9.24
C LYS L 30 52.55 39.94 -10.28
N ILE L 31 52.03 40.27 -11.46
CA ILE L 31 52.75 41.15 -12.41
C ILE L 31 52.22 42.58 -12.29
N ARG L 32 52.97 43.41 -11.59
CA ARG L 32 52.94 44.87 -11.77
C ARG L 32 54.30 45.41 -12.26
N ILE L 33 55.12 44.53 -12.86
CA ILE L 33 56.28 44.94 -13.65
C ILE L 33 56.27 44.16 -14.97
N TYR L 34 55.91 44.83 -16.06
CA TYR L 34 55.72 44.17 -17.35
C TYR L 34 56.99 44.22 -18.20
N ASP L 35 57.48 45.43 -18.43
CA ASP L 35 58.67 45.65 -19.27
C ASP L 35 59.95 45.42 -18.47
N ALA L 36 61.01 45.03 -19.20
CA ALA L 36 62.25 44.53 -18.58
C ALA L 36 63.46 44.80 -19.48
N GLY L 37 64.65 44.55 -18.94
CA GLY L 37 65.90 44.92 -19.61
C GLY L 37 66.12 46.42 -19.64
N ARG L 38 66.81 46.89 -20.67
CA ARG L 38 66.88 48.32 -20.97
C ARG L 38 65.57 48.76 -21.63
N LYS L 39 64.73 49.48 -20.86
CA LYS L 39 63.50 50.07 -21.38
C LYS L 39 63.75 51.21 -22.39
N ARG L 40 64.81 51.99 -22.18
CA ARG L 40 64.90 53.35 -22.71
C ARG L 40 65.67 53.49 -24.02
N ALA L 41 66.02 52.37 -24.66
CA ALA L 41 66.81 52.41 -25.90
C ALA L 41 65.99 52.96 -27.07
N ASP L 42 66.66 53.70 -27.96
CA ASP L 42 66.01 54.26 -29.15
C ASP L 42 65.91 53.21 -30.26
N VAL L 43 65.12 53.54 -31.28
CA VAL L 43 64.75 52.57 -32.32
C VAL L 43 65.90 52.28 -33.29
N ASP L 44 66.80 53.25 -33.49
CA ASP L 44 67.97 53.05 -34.37
C ASP L 44 68.92 51.95 -33.88
N GLU L 45 68.97 51.74 -32.56
CA GLU L 45 69.51 50.51 -31.97
C GLU L 45 68.43 49.45 -31.79
N PHE L 46 68.85 48.19 -31.69
CA PHE L 46 67.98 47.03 -31.38
C PHE L 46 67.02 46.74 -32.55
N PRO L 47 67.54 46.43 -33.75
CA PRO L 47 66.69 46.12 -34.91
C PRO L 47 66.05 44.72 -34.91
N GLY L 48 66.77 43.73 -34.39
CA GLY L 48 66.28 42.34 -34.36
C GLY L 48 65.18 42.12 -33.33
N VAL L 49 64.44 41.03 -33.50
CA VAL L 49 63.24 40.78 -32.70
C VAL L 49 62.80 39.31 -32.78
N ALA L 50 62.24 38.80 -31.68
CA ALA L 50 61.60 37.49 -31.66
C ALA L 50 60.37 37.50 -30.75
N HIS L 51 59.23 37.08 -31.31
CA HIS L 51 57.98 36.97 -30.56
C HIS L 51 57.80 35.57 -29.99
N LEU L 52 56.94 35.46 -28.99
CA LEU L 52 56.48 34.18 -28.44
C LEU L 52 54.97 34.13 -28.62
N VAL L 53 54.51 33.19 -29.44
CA VAL L 53 53.17 33.24 -30.02
C VAL L 53 52.42 31.95 -29.69
N SER L 54 51.20 32.09 -29.17
CA SER L 54 50.35 30.94 -28.83
C SER L 54 49.64 30.42 -30.07
N ASP L 55 49.47 29.10 -30.13
CA ASP L 55 48.66 28.45 -31.16
C ASP L 55 47.32 27.95 -30.62
N GLU L 56 47.01 28.27 -29.37
CA GLU L 56 46.00 27.53 -28.59
C GLU L 56 45.18 28.47 -27.72
N TYR L 57 43.87 28.22 -27.66
CA TYR L 57 42.90 29.15 -27.09
C TYR L 57 42.71 28.85 -25.60
N GLU L 58 43.26 29.72 -24.76
CA GLU L 58 43.61 29.38 -23.37
C GLU L 58 43.31 30.53 -22.42
N GLN L 59 43.33 30.21 -21.13
CA GLN L 59 43.63 31.18 -20.08
C GLN L 59 45.02 30.93 -19.51
N ILE L 60 45.69 32.01 -19.11
CA ILE L 60 47.01 31.96 -18.48
C ILE L 60 46.96 32.81 -17.21
N SER L 61 47.37 32.22 -16.08
CA SER L 61 47.33 32.91 -14.79
C SER L 61 48.36 34.03 -14.71
N SER L 62 48.16 34.95 -13.77
CA SER L 62 49.05 36.09 -13.58
C SER L 62 50.42 35.67 -13.05
N GLU L 63 50.41 34.72 -12.11
CA GLU L 63 51.63 34.06 -11.64
C GLU L 63 52.47 33.38 -12.73
N ALA L 64 51.82 32.78 -13.72
CA ALA L 64 52.53 32.15 -14.85
C ALA L 64 53.20 33.17 -15.77
N LEU L 65 52.65 34.37 -15.86
CA LEU L 65 53.30 35.49 -16.55
C LEU L 65 54.46 36.05 -15.75
N GLU L 66 54.29 36.18 -14.43
CA GLU L 66 55.38 36.62 -13.54
C GLU L 66 56.54 35.64 -13.56
N ALA L 67 56.23 34.34 -13.46
CA ALA L 67 57.24 33.28 -13.55
C ALA L 67 58.05 33.36 -14.84
N ALA L 68 57.35 33.58 -15.95
CA ALA L 68 57.94 33.48 -17.28
C ALA L 68 58.89 34.65 -17.60
N ARG L 69 58.52 35.87 -17.17
CA ARG L 69 59.40 37.04 -17.35
C ARG L 69 60.65 37.02 -16.47
N VAL L 70 60.53 36.43 -15.27
CA VAL L 70 61.66 36.30 -14.35
C VAL L 70 62.61 35.19 -14.81
N CYS L 71 62.07 34.12 -15.39
CA CYS L 71 62.85 33.14 -16.16
C CYS L 71 63.66 33.79 -17.28
N ALA L 72 62.98 34.52 -18.15
CA ALA L 72 63.55 34.94 -19.44
C ALA L 72 64.62 36.03 -19.28
N ASN L 73 64.36 37.01 -18.42
CA ASN L 73 65.31 38.11 -18.20
C ASN L 73 66.58 37.69 -17.43
N LYS L 74 66.49 36.65 -16.60
CA LYS L 74 67.67 36.07 -15.95
C LYS L 74 68.57 35.29 -16.90
N TYR L 75 67.98 34.67 -17.93
CA TYR L 75 68.75 34.09 -19.03
C TYR L 75 69.47 35.15 -19.88
N MET L 76 68.84 36.31 -20.04
CA MET L 76 69.46 37.46 -20.71
C MET L 76 70.67 38.03 -19.95
N ILE L 77 70.51 38.18 -18.64
CA ILE L 77 71.53 38.83 -17.78
C ILE L 77 72.85 38.05 -17.80
N LYS L 78 72.79 36.73 -17.74
CA LYS L 78 73.99 35.89 -17.79
C LYS L 78 74.66 35.92 -19.17
N ASN L 79 73.87 35.70 -20.22
CA ASN L 79 74.41 35.48 -21.57
C ASN L 79 74.86 36.78 -22.24
N CYS L 80 73.92 37.70 -22.45
CA CYS L 80 74.14 38.90 -23.27
C CYS L 80 74.08 40.23 -22.48
N GLY L 81 74.29 40.16 -21.17
CA GLY L 81 74.29 41.35 -20.31
C GLY L 81 72.91 41.91 -20.02
N LYS L 82 72.83 42.79 -19.03
CA LYS L 82 71.61 43.55 -18.74
C LYS L 82 71.20 44.46 -19.89
N ASP L 83 72.19 45.11 -20.51
CA ASP L 83 71.95 46.33 -21.30
C ASP L 83 72.21 46.09 -22.78
N ASN L 84 71.84 44.92 -23.28
CA ASN L 84 71.66 44.67 -24.72
C ASN L 84 70.36 43.91 -25.02
N PHE L 85 69.29 44.20 -24.28
CA PHE L 85 67.95 43.69 -24.60
C PHE L 85 66.81 44.51 -24.00
N HIS L 86 65.65 44.43 -24.64
CA HIS L 86 64.36 44.86 -24.09
C HIS L 86 63.45 43.65 -24.10
N LEU L 87 62.71 43.43 -23.01
CA LEU L 87 61.76 42.30 -22.92
C LEU L 87 60.40 42.80 -22.42
N ARG L 88 59.43 42.83 -23.33
CA ARG L 88 58.06 43.21 -23.04
C ARG L 88 57.23 41.96 -22.78
N ILE L 89 56.40 42.01 -21.73
CA ILE L 89 55.18 41.22 -21.66
C ILE L 89 54.05 42.02 -22.29
N ARG L 90 53.37 41.43 -23.27
CA ARG L 90 52.28 42.09 -24.00
C ARG L 90 50.90 41.77 -23.43
N VAL L 91 50.68 40.53 -23.03
CA VAL L 91 49.39 40.09 -22.46
C VAL L 91 49.19 40.67 -21.05
N HIS L 92 47.97 41.15 -20.77
CA HIS L 92 47.56 41.58 -19.42
C HIS L 92 46.44 40.68 -18.89
N PRO L 93 46.42 40.40 -17.57
CA PRO L 93 45.30 39.70 -16.96
C PRO L 93 44.23 40.66 -16.43
N PHE L 94 43.11 40.76 -17.15
CA PHE L 94 41.94 41.52 -16.72
C PHE L 94 40.74 40.68 -16.32
N HIS L 95 40.71 39.40 -16.72
CA HIS L 95 39.62 38.50 -16.35
C HIS L 95 39.78 38.05 -14.89
N VAL L 96 38.71 38.17 -14.11
CA VAL L 96 38.71 37.79 -12.70
C VAL L 96 38.00 36.45 -12.55
N LEU L 97 38.48 35.65 -11.62
CA LEU L 97 38.27 34.21 -11.61
C LEU L 97 37.66 33.81 -10.27
N ARG L 98 36.62 32.97 -10.30
CA ARG L 98 35.79 32.71 -9.13
C ARG L 98 36.11 31.36 -8.46
N ILE L 99 35.96 31.32 -7.14
CA ILE L 99 35.93 30.08 -6.36
C ILE L 99 34.68 30.07 -5.48
N ASN L 100 33.94 28.95 -5.54
CA ASN L 100 33.12 28.47 -4.43
C ASN L 100 33.96 27.54 -3.54
N LYS L 101 33.98 27.81 -2.24
CA LYS L 101 34.73 26.99 -1.27
C LYS L 101 33.87 26.58 -0.08
N MET L 102 34.30 25.52 0.60
CA MET L 102 33.53 24.88 1.68
C MET L 102 34.15 25.16 3.05
N THR L 113 22.62 22.86 0.36
CA THR L 113 23.84 23.20 1.08
C THR L 113 25.06 23.04 0.18
N GLY L 114 25.07 22.00 -0.64
CA GLY L 114 26.17 21.77 -1.55
C GLY L 114 26.26 22.93 -2.52
N MET L 115 25.10 23.35 -3.00
CA MET L 115 24.97 24.46 -3.92
C MET L 115 24.22 25.56 -3.17
N ARG L 116 23.28 26.24 -3.85
CA ARG L 116 22.52 27.32 -3.23
C ARG L 116 23.37 28.57 -3.13
N GLY L 117 24.53 28.42 -2.52
CA GLY L 117 25.49 29.50 -2.36
C GLY L 117 26.60 29.25 -3.35
N ALA L 118 26.25 28.61 -4.45
CA ALA L 118 27.19 28.22 -5.49
C ALA L 118 27.98 29.36 -6.12
N PHE L 119 27.36 30.50 -6.36
CA PHE L 119 28.11 31.60 -6.96
C PHE L 119 29.25 31.91 -6.01
N GLY L 120 30.44 32.14 -6.53
CA GLY L 120 31.58 32.37 -5.66
C GLY L 120 32.39 33.63 -5.71
N LYS L 121 33.15 33.82 -4.64
CA LYS L 121 34.05 34.96 -4.45
C LYS L 121 35.12 34.99 -5.54
N PRO L 122 35.70 36.18 -5.78
CA PRO L 122 36.84 36.28 -6.71
C PRO L 122 38.15 35.80 -6.08
N MET L 123 38.69 34.71 -6.62
CA MET L 123 40.00 34.18 -6.23
C MET L 123 41.11 35.13 -6.66
N GLY L 124 41.27 35.29 -7.97
CA GLY L 124 42.48 35.88 -8.55
C GLY L 124 42.33 36.24 -10.02
N LEU L 125 43.43 36.74 -10.59
CA LEU L 125 43.43 37.27 -11.96
C LEU L 125 44.02 36.28 -12.95
N VAL L 126 43.66 36.47 -14.22
CA VAL L 126 44.00 35.56 -15.30
C VAL L 126 43.84 36.31 -16.64
N ALA L 127 44.63 35.91 -17.63
CA ALA L 127 44.63 36.57 -18.94
C ALA L 127 44.17 35.61 -20.01
N ARG L 128 43.30 36.10 -20.90
CA ARG L 128 42.84 35.32 -22.04
C ARG L 128 43.70 35.58 -23.27
N VAL L 129 43.77 34.57 -24.12
CA VAL L 129 44.82 34.45 -25.13
C VAL L 129 44.24 33.72 -26.34
N ASP L 130 44.34 34.35 -27.50
CA ASP L 130 43.74 33.83 -28.75
C ASP L 130 44.66 32.78 -29.39
N ILE L 131 44.27 32.31 -30.58
CA ILE L 131 45.21 31.69 -31.52
C ILE L 131 45.93 32.78 -32.31
N GLY L 132 47.24 32.63 -32.47
CA GLY L 132 48.06 33.61 -33.15
C GLY L 132 48.39 34.87 -32.36
N GLN L 133 48.07 34.90 -31.07
CA GLN L 133 48.21 36.09 -30.24
C GLN L 133 49.62 36.12 -29.66
N ILE L 134 50.19 37.31 -29.54
CA ILE L 134 51.58 37.51 -29.13
C ILE L 134 51.64 37.73 -27.62
N LEU L 135 52.50 36.96 -26.94
CA LEU L 135 52.59 36.95 -25.47
C LEU L 135 53.77 37.78 -24.99
N MET L 136 54.96 37.41 -25.45
CA MET L 136 56.19 38.13 -25.15
C MET L 136 56.84 38.58 -26.45
N SER L 137 57.69 39.58 -26.34
CA SER L 137 58.51 40.02 -27.47
C SER L 137 59.83 40.60 -26.95
N ILE L 138 60.94 40.00 -27.38
CA ILE L 138 62.27 40.51 -27.06
C ILE L 138 62.80 41.32 -28.24
N ARG L 139 63.13 42.58 -27.97
CA ARG L 139 63.75 43.47 -28.94
C ARG L 139 65.21 43.61 -28.54
N THR L 140 66.11 43.43 -29.51
CA THR L 140 67.56 43.35 -29.23
C THR L 140 68.39 43.51 -30.51
N ARG L 141 69.70 43.47 -30.36
CA ARG L 141 70.64 43.59 -31.49
C ARG L 141 70.60 42.34 -32.36
N GLU L 142 70.93 42.49 -33.64
CA GLU L 142 70.96 41.39 -34.60
C GLU L 142 72.13 40.44 -34.36
N SER L 143 73.20 40.95 -33.75
CA SER L 143 74.22 40.14 -33.05
C SER L 143 73.63 39.00 -32.21
N ASN L 144 72.68 39.33 -31.34
CA ASN L 144 72.05 38.36 -30.43
C ASN L 144 71.03 37.46 -31.17
N VAL L 145 69.72 37.69 -30.98
CA VAL L 145 68.64 36.93 -31.66
C VAL L 145 68.63 35.43 -31.33
N ALA L 146 69.66 34.69 -31.77
CA ALA L 146 69.79 33.26 -31.47
C ALA L 146 69.85 32.94 -29.98
N THR L 147 70.45 33.83 -29.18
CA THR L 147 70.33 33.77 -27.72
C THR L 147 68.91 34.11 -27.24
N ALA L 148 68.32 35.13 -27.86
CA ALA L 148 66.97 35.59 -27.53
C ALA L 148 65.83 34.63 -27.89
N VAL L 149 66.03 33.80 -28.91
CA VAL L 149 65.12 32.67 -29.18
C VAL L 149 65.15 31.69 -28.02
N THR L 150 66.34 31.28 -27.60
CA THR L 150 66.50 30.30 -26.51
C THR L 150 66.13 30.85 -25.13
N ALA L 151 65.99 32.17 -25.00
CA ALA L 151 65.30 32.78 -23.84
C ALA L 151 63.80 32.52 -23.79
N LEU L 152 63.18 32.34 -24.96
CA LEU L 152 61.73 32.10 -25.09
C LEU L 152 61.35 30.64 -25.33
N ARG L 153 62.33 29.79 -25.63
CA ARG L 153 62.16 28.34 -25.47
C ARG L 153 62.08 27.96 -23.99
N ARG L 154 62.87 28.65 -23.16
CA ARG L 154 62.79 28.52 -21.70
C ARG L 154 61.46 29.02 -21.14
N ALA L 155 61.04 30.20 -21.56
CA ALA L 155 59.85 30.86 -21.00
C ALA L 155 58.54 30.15 -21.37
N ALA L 156 58.55 29.38 -22.45
CA ALA L 156 57.42 28.52 -22.84
C ALA L 156 57.03 27.47 -21.80
N PHE L 157 58.02 26.94 -21.08
CA PHE L 157 57.79 25.88 -20.07
C PHE L 157 56.97 26.35 -18.86
N LYS L 158 56.99 27.65 -18.59
CA LYS L 158 56.19 28.22 -17.49
C LYS L 158 54.70 28.33 -17.84
N PHE L 159 54.37 28.45 -19.13
CA PHE L 159 52.97 28.51 -19.58
C PHE L 159 52.37 27.11 -19.77
N PRO L 160 51.03 27.00 -19.75
CA PRO L 160 50.33 25.83 -20.26
C PRO L 160 50.20 25.82 -21.80
N GLY L 161 50.03 24.62 -22.37
CA GLY L 161 49.90 24.47 -23.82
C GLY L 161 51.22 24.66 -24.56
N ARG L 162 51.13 24.78 -25.89
CA ARG L 162 52.31 25.02 -26.74
C ARG L 162 52.35 26.47 -27.25
N GLN L 163 53.56 26.99 -27.40
CA GLN L 163 53.79 28.30 -28.01
C GLN L 163 54.93 28.22 -29.01
N LYS L 164 54.62 28.43 -30.29
CA LYS L 164 55.62 28.61 -31.33
C LYS L 164 56.44 29.88 -31.08
N VAL L 165 57.75 29.81 -31.30
CA VAL L 165 58.64 30.98 -31.27
C VAL L 165 58.93 31.43 -32.71
N PHE L 166 58.99 32.73 -32.89
CA PHE L 166 58.73 33.35 -34.19
C PHE L 166 59.60 34.59 -34.35
N VAL L 167 60.70 34.45 -35.08
CA VAL L 167 61.52 35.60 -35.50
C VAL L 167 60.79 36.33 -36.63
N SER L 168 60.29 37.53 -36.34
CA SER L 168 59.63 38.35 -37.35
C SER L 168 60.64 39.17 -38.15
N ASN L 169 60.16 39.82 -39.21
CA ASN L 169 61.02 40.50 -40.19
C ASN L 169 61.03 42.03 -40.04
N LYS L 170 60.84 42.51 -38.81
CA LYS L 170 60.40 43.89 -38.56
C LYS L 170 61.33 44.60 -37.58
N TRP L 171 61.58 45.87 -37.84
CA TRP L 171 62.60 46.64 -37.11
C TRP L 171 62.03 47.09 -35.76
N GLY L 172 62.44 46.38 -34.70
CA GLY L 172 62.08 46.76 -33.33
C GLY L 172 60.64 46.40 -32.98
N PHE L 173 60.00 47.26 -32.19
CA PHE L 173 58.55 47.24 -32.01
C PHE L 173 57.89 48.31 -32.87
N THR L 174 57.80 48.01 -34.17
CA THR L 174 57.10 48.87 -35.13
C THR L 174 56.27 48.01 -36.10
N LYS L 175 55.45 48.67 -36.93
CA LYS L 175 54.89 48.02 -38.11
C LYS L 175 55.96 47.70 -39.17
N PHE L 176 56.96 48.58 -39.27
CA PHE L 176 57.82 48.64 -40.46
C PHE L 176 58.71 47.40 -40.58
N THR L 177 58.74 46.82 -41.78
CA THR L 177 59.75 45.82 -42.14
C THR L 177 61.13 46.48 -42.19
N LYS L 178 62.15 45.75 -41.74
CA LYS L 178 63.54 46.26 -41.73
C LYS L 178 64.18 46.50 -43.11
N VAL L 179 63.55 45.97 -44.16
CA VAL L 179 63.72 46.51 -45.52
C VAL L 179 63.13 47.92 -45.61
N GLU L 180 61.84 48.03 -45.25
CA GLU L 180 61.08 49.28 -45.38
C GLU L 180 61.47 50.39 -44.39
N TYR L 181 62.22 50.06 -43.34
CA TYR L 181 62.75 51.06 -42.41
C TYR L 181 63.90 51.88 -43.02
N LYS L 182 64.84 51.20 -43.68
CA LYS L 182 66.12 51.80 -44.07
C LYS L 182 65.98 52.78 -45.23
N LYS L 183 65.12 52.47 -46.19
CA LYS L 183 64.53 53.48 -47.07
C LYS L 183 63.47 54.29 -46.32
N GLN L 185 64.29 55.95 -43.77
CA GLN L 185 65.13 56.51 -42.70
C GLN L 185 65.91 57.71 -43.25
N ALA L 186 66.57 57.51 -44.38
CA ALA L 186 67.42 58.55 -44.99
C ALA L 186 66.59 59.72 -45.54
N GLU L 187 65.50 59.41 -46.24
CA GLU L 187 64.60 60.43 -46.81
C GLU L 187 63.83 61.22 -45.73
N GLY L 188 63.67 60.63 -44.55
CA GLY L 188 63.31 61.39 -43.34
C GLY L 188 61.81 61.56 -43.14
N ARG L 189 61.02 60.58 -43.59
CA ARG L 189 59.64 60.41 -43.12
C ARG L 189 59.62 60.00 -41.65
N ILE L 190 60.40 58.97 -41.31
CA ILE L 190 60.49 58.47 -39.93
C ILE L 190 61.30 59.45 -39.07
N VAL L 191 60.81 59.69 -37.86
CA VAL L 191 61.62 60.26 -36.78
C VAL L 191 61.41 59.45 -35.49
N ASP L 193 61.06 58.44 -31.94
CA ASP L 193 60.83 58.20 -30.52
C ASP L 193 61.23 56.77 -30.17
N GLY L 194 61.73 56.57 -28.95
CA GLY L 194 62.06 55.23 -28.43
C GLY L 194 60.85 54.32 -28.36
N VAL L 195 61.07 53.04 -28.68
CA VAL L 195 60.02 52.02 -28.91
C VAL L 195 58.80 52.45 -29.77
N GLY L 196 59.02 53.35 -30.74
CA GLY L 196 57.94 53.82 -31.60
C GLY L 196 58.39 54.78 -32.70
N ALA L 197 58.66 54.22 -33.88
CA ALA L 197 59.02 55.02 -35.05
C ALA L 197 57.78 55.70 -35.64
N LYS L 198 57.72 57.03 -35.55
CA LYS L 198 56.54 57.80 -35.92
C LYS L 198 56.64 58.33 -37.35
N TRP L 199 55.58 58.13 -38.14
CA TRP L 199 55.55 58.50 -39.56
C TRP L 199 55.09 59.95 -39.71
N ILE L 200 55.96 60.81 -40.23
CA ILE L 200 55.58 62.18 -40.58
C ILE L 200 54.73 62.16 -41.85
N SER L 201 53.49 62.66 -41.74
CA SER L 201 52.57 62.71 -42.87
C SER L 201 52.65 64.04 -43.61
N THR L 202 52.34 64.00 -44.91
CA THR L 202 52.10 65.22 -45.70
C THR L 202 50.85 65.98 -45.24
N LYS L 203 49.91 65.27 -44.61
CA LYS L 203 48.82 65.88 -43.84
C LYS L 203 49.30 66.91 -42.81
N GLY L 204 48.53 67.98 -42.65
CA GLY L 204 49.02 69.27 -42.14
C GLY L 204 48.53 69.59 -40.74
N PRO L 205 48.64 70.85 -40.29
CA PRO L 205 48.93 72.04 -41.12
C PRO L 205 50.43 72.33 -41.27
N LEU L 206 50.76 73.44 -41.93
CA LEU L 206 52.14 73.85 -42.19
C LEU L 206 52.39 75.27 -41.70
N GLU M 7 36.69 101.47 -40.59
CA GLU M 7 35.85 102.12 -39.53
C GLU M 7 36.71 102.51 -38.32
N ASN M 8 37.70 103.37 -38.57
CA ASN M 8 38.64 103.82 -37.54
C ASN M 8 38.04 104.65 -36.38
N PRO M 9 37.04 105.53 -36.68
CA PRO M 9 36.38 106.24 -35.57
C PRO M 9 35.54 105.36 -34.64
N MET M 10 34.85 104.36 -35.22
CA MET M 10 33.92 103.51 -34.46
C MET M 10 34.60 102.29 -33.80
N ARG M 11 35.90 102.14 -34.00
CA ARG M 11 36.63 101.03 -33.42
C ARG M 11 37.25 101.47 -32.10
N LYS M 12 36.98 102.72 -31.71
CA LYS M 12 37.51 103.29 -30.48
C LYS M 12 36.98 102.62 -29.21
N ILE M 13 37.88 102.39 -28.27
CA ILE M 13 37.52 101.76 -27.00
C ILE M 13 36.70 102.71 -26.12
N ARG M 14 35.76 102.12 -25.38
CA ARG M 14 34.89 102.84 -24.46
C ARG M 14 34.64 101.96 -23.26
N ILE M 15 34.21 102.54 -22.14
CA ILE M 15 33.97 101.74 -20.96
C ILE M 15 32.56 101.14 -21.04
N GLU M 16 32.51 99.82 -21.17
CA GLU M 16 31.22 99.12 -21.28
C GLU M 16 30.33 99.22 -20.04
N LYS M 17 30.90 99.00 -18.88
CA LYS M 17 30.13 99.09 -17.64
C LYS M 17 31.02 99.07 -16.40
N LEU M 18 30.47 99.51 -15.28
CA LEU M 18 31.23 99.49 -14.03
C LEU M 18 30.41 98.79 -12.96
N THR M 19 31.00 97.81 -12.28
CA THR M 19 30.29 97.07 -11.24
C THR M 19 31.03 97.15 -9.90
N LEU M 20 30.27 97.22 -8.81
CA LEU M 20 30.80 97.47 -7.47
C LEU M 20 30.21 96.45 -6.49
N ASN M 21 31.07 95.89 -5.63
CA ASN M 21 30.77 94.65 -4.90
C ASN M 21 31.35 94.69 -3.48
N ILE M 22 30.46 94.83 -2.50
CA ILE M 22 30.82 94.71 -1.08
C ILE M 22 30.39 93.32 -0.58
N CYS M 23 31.34 92.57 -0.02
CA CYS M 23 31.11 91.20 0.43
C CYS M 23 31.47 91.07 1.92
N VAL M 24 30.50 90.63 2.70
CA VAL M 24 30.44 90.89 4.15
C VAL M 24 30.50 89.54 4.88
N GLY M 25 30.63 89.58 6.21
CA GLY M 25 30.31 88.44 7.06
C GLY M 25 28.88 87.95 6.94
N GLU M 26 27.95 88.70 7.54
CA GLU M 26 26.63 88.17 7.94
C GLU M 26 25.48 89.03 7.44
N SER M 27 24.26 88.45 7.48
CA SER M 27 23.03 89.19 7.25
C SER M 27 22.56 89.88 8.53
N GLY M 28 22.02 91.09 8.37
CA GLY M 28 21.39 91.82 9.48
C GLY M 28 21.50 93.33 9.33
N ASP M 29 21.71 94.02 10.45
CA ASP M 29 22.09 95.44 10.45
C ASP M 29 23.54 95.68 10.03
N ARG M 30 24.36 94.63 10.01
CA ARG M 30 25.67 94.64 9.35
C ARG M 30 25.55 94.89 7.85
N LEU M 31 24.69 94.11 7.18
CA LEU M 31 24.59 94.13 5.72
C LEU M 31 23.80 95.33 5.20
N THR M 32 22.62 95.57 5.79
CA THR M 32 21.70 96.61 5.29
C THR M 32 22.20 98.04 5.54
N ARG M 33 23.06 98.21 6.54
CA ARG M 33 23.90 99.41 6.69
C ARG M 33 24.84 99.60 5.49
N ALA M 34 25.53 98.53 5.09
CA ALA M 34 26.47 98.56 3.96
C ALA M 34 25.79 98.77 2.59
N ALA M 35 24.54 98.31 2.46
CA ALA M 35 23.73 98.60 1.27
C ALA M 35 23.40 100.08 1.11
N ARG M 36 23.21 100.79 2.23
CA ARG M 36 22.95 102.23 2.22
C ARG M 36 24.15 103.08 1.77
N VAL M 37 25.36 102.53 1.86
CA VAL M 37 26.57 103.20 1.35
C VAL M 37 26.56 103.28 -0.17
N LEU M 38 26.24 102.16 -0.82
CA LEU M 38 26.09 102.11 -2.28
C LEU M 38 24.87 102.88 -2.80
N GLU M 39 23.85 103.06 -1.95
CA GLU M 39 22.67 103.88 -2.27
C GLU M 39 23.03 105.35 -2.43
N GLN M 40 23.65 105.94 -1.40
CA GLN M 40 24.00 107.36 -1.41
C GLN M 40 25.18 107.71 -2.34
N LEU M 41 26.07 106.74 -2.58
CA LEU M 41 27.15 106.91 -3.55
C LEU M 41 26.62 106.95 -4.98
N THR M 42 25.94 105.88 -5.38
CA THR M 42 25.53 105.67 -6.77
C THR M 42 24.21 106.38 -7.12
N GLY M 43 23.25 106.34 -6.19
CA GLY M 43 21.86 106.72 -6.45
C GLY M 43 21.02 105.60 -7.00
N GLN M 44 21.31 104.37 -6.56
CA GLN M 44 20.57 103.17 -6.96
C GLN M 44 20.56 102.16 -5.79
N ARG M 45 19.44 101.49 -5.56
CA ARG M 45 19.38 100.41 -4.57
C ARG M 45 20.21 99.19 -5.06
N PRO M 46 21.06 98.62 -4.18
CA PRO M 46 21.71 97.35 -4.52
C PRO M 46 20.76 96.15 -4.61
N GLN M 47 21.15 95.15 -5.40
CA GLN M 47 20.73 93.77 -5.17
C GLN M 47 21.54 93.14 -4.03
N PHE M 48 21.06 91.99 -3.56
CA PHE M 48 21.69 91.24 -2.50
C PHE M 48 21.97 89.80 -2.96
N SER M 49 23.25 89.45 -3.05
CA SER M 49 23.66 88.08 -3.39
C SER M 49 23.45 87.12 -2.23
N LYS M 50 23.38 85.83 -2.54
CA LYS M 50 23.21 84.76 -1.54
C LYS M 50 24.32 83.72 -1.66
N ALA M 51 24.51 82.97 -0.57
CA ALA M 51 25.54 81.92 -0.51
C ALA M 51 25.04 80.67 -1.24
N ARG M 52 25.83 80.20 -2.20
CA ARG M 52 25.46 79.04 -3.02
C ARG M 52 25.59 77.70 -2.27
N PHE M 53 26.54 77.60 -1.36
CA PHE M 53 26.70 76.40 -0.51
C PHE M 53 27.52 76.68 0.75
N THR M 54 27.46 75.74 1.69
CA THR M 54 28.13 75.88 3.00
C THR M 54 29.65 75.76 2.90
N ILE M 55 30.34 76.46 3.80
CA ILE M 55 31.82 76.49 3.84
C ILE M 55 32.32 76.17 5.25
N ARG M 56 31.88 76.97 6.23
CA ARG M 56 31.94 76.65 7.67
C ARG M 56 33.23 77.09 8.37
N SER M 57 34.37 77.01 7.67
CA SER M 57 35.64 77.56 8.17
C SER M 57 35.58 79.09 8.28
N PHE M 58 35.15 79.74 7.21
CA PHE M 58 34.73 81.14 7.28
C PHE M 58 33.45 81.30 8.10
N GLY M 59 32.48 80.42 7.87
CA GLY M 59 31.28 80.32 8.71
C GLY M 59 30.06 80.93 8.05
N ILE M 60 29.66 80.36 6.92
CA ILE M 60 28.31 80.53 6.38
C ILE M 60 27.77 79.21 5.81
N ARG M 61 26.44 79.13 5.70
CA ARG M 61 25.72 77.96 5.20
C ARG M 61 24.91 78.31 3.94
N ARG M 62 24.04 77.39 3.51
CA ARG M 62 23.20 77.58 2.31
C ARG M 62 22.23 78.77 2.45
N ASN M 63 22.31 79.71 1.50
CA ASN M 63 21.24 80.69 1.23
C ASN M 63 21.12 81.79 2.29
N GLU M 64 22.26 82.28 2.77
CA GLU M 64 22.32 83.15 3.96
C GLU M 64 22.08 84.64 3.67
N LYS M 65 22.15 85.05 2.40
CA LYS M 65 22.13 86.47 2.01
C LYS M 65 23.36 87.23 2.55
N ILE M 66 24.52 86.95 1.95
CA ILE M 66 25.82 87.35 2.49
C ILE M 66 26.23 88.77 2.07
N ALA M 67 26.02 89.12 0.80
CA ALA M 67 26.72 90.23 0.15
C ALA M 67 25.77 91.04 -0.72
N CYS M 68 26.27 92.17 -1.22
CA CYS M 68 25.51 93.05 -2.12
C CYS M 68 26.38 93.57 -3.26
N TYR M 69 25.73 94.03 -4.33
CA TYR M 69 26.42 94.64 -5.46
C TYR M 69 25.54 95.60 -6.25
N VAL M 70 26.16 96.35 -7.16
CA VAL M 70 25.45 97.31 -8.01
C VAL M 70 26.19 97.56 -9.32
N THR M 71 25.45 97.83 -10.39
CA THR M 71 25.99 98.00 -11.74
C THR M 71 25.66 99.41 -12.26
N VAL M 72 26.69 100.13 -12.72
CA VAL M 72 26.57 101.52 -13.15
C VAL M 72 27.11 101.65 -14.59
N ARG M 73 26.47 102.52 -15.38
CA ARG M 73 26.71 102.59 -16.83
C ARG M 73 26.48 103.99 -17.37
N GLY M 74 27.51 104.56 -18.00
CA GLY M 74 27.35 105.73 -18.86
C GLY M 74 27.25 107.03 -18.08
N LYS M 75 28.24 107.90 -18.25
CA LYS M 75 28.13 109.34 -17.90
C LYS M 75 28.25 109.61 -16.39
N LYS M 76 27.45 108.90 -15.59
CA LYS M 76 27.75 108.68 -14.17
C LYS M 76 29.00 107.81 -13.96
N ALA M 77 29.18 106.80 -14.79
CA ALA M 77 30.22 105.79 -14.60
C ALA M 77 31.65 106.29 -14.80
N GLU M 78 31.82 107.35 -15.60
CA GLU M 78 33.10 108.04 -15.73
C GLU M 78 33.49 108.84 -14.46
N ASP M 79 32.48 109.43 -13.80
CA ASP M 79 32.71 110.28 -12.62
C ASP M 79 33.07 109.48 -11.37
N ILE M 80 32.41 108.33 -11.19
CA ILE M 80 32.72 107.40 -10.09
C ILE M 80 34.11 106.77 -10.27
N LEU M 81 34.44 106.40 -11.51
CA LEU M 81 35.72 105.74 -11.82
C LEU M 81 36.93 106.67 -11.68
N GLU M 82 36.78 107.91 -12.13
CA GLU M 82 37.87 108.91 -12.05
C GLU M 82 38.15 109.35 -10.61
N LYS M 83 37.10 109.52 -9.82
CA LYS M 83 37.22 109.76 -8.37
C LYS M 83 37.68 108.51 -7.59
N GLY M 84 37.29 107.33 -8.07
CA GLY M 84 37.77 106.06 -7.50
C GLY M 84 39.26 105.80 -7.69
N LEU M 85 39.76 106.10 -8.90
CA LEU M 85 41.20 105.99 -9.20
C LEU M 85 42.07 107.07 -8.53
N LYS M 86 41.44 108.19 -8.12
CA LYS M 86 42.13 109.24 -7.36
C LYS M 86 42.58 108.80 -5.95
N VAL M 87 41.95 107.76 -5.40
CA VAL M 87 42.46 107.08 -4.20
C VAL M 87 43.77 106.34 -4.50
N LYS M 88 43.82 105.65 -5.64
CA LYS M 88 45.02 104.88 -6.05
C LYS M 88 46.12 105.73 -6.70
N GLU M 89 45.85 107.02 -6.93
CA GLU M 89 46.80 107.97 -7.54
C GLU M 89 47.18 107.59 -8.99
N TYR M 90 46.20 107.05 -9.73
CA TYR M 90 46.37 106.62 -11.12
C TYR M 90 47.52 105.61 -11.30
N GLU M 91 47.49 104.54 -10.50
CA GLU M 91 48.48 103.46 -10.59
C GLU M 91 47.83 102.09 -10.34
N LEU M 92 48.15 101.13 -11.20
CA LEU M 92 47.71 99.73 -11.07
C LEU M 92 48.87 98.78 -11.38
N LYS M 93 48.61 97.48 -11.27
CA LYS M 93 49.62 96.44 -11.54
C LYS M 93 49.39 95.75 -12.89
N LYS M 94 50.36 94.91 -13.28
CA LYS M 94 50.24 94.04 -14.45
C LYS M 94 49.20 92.93 -14.26
N LYS M 95 49.12 92.38 -13.05
CA LYS M 95 48.08 91.41 -12.69
C LYS M 95 46.65 91.93 -12.86
N ASN M 96 46.44 93.21 -12.56
CA ASN M 96 45.10 93.80 -12.51
C ASN M 96 44.30 93.71 -13.81
N PHE M 97 44.99 93.77 -14.94
CA PHE M 97 44.36 93.67 -16.25
C PHE M 97 44.16 92.19 -16.62
N SER M 98 42.91 91.81 -16.89
CA SER M 98 42.57 90.41 -17.21
C SER M 98 42.93 90.05 -18.65
N ASP M 99 42.76 88.78 -19.00
CA ASP M 99 42.99 88.28 -20.36
C ASP M 99 41.97 88.83 -21.37
N SER M 100 40.71 88.91 -20.96
CA SER M 100 39.63 89.42 -21.80
C SER M 100 39.60 90.94 -21.97
N GLY M 101 40.44 91.66 -21.23
CA GLY M 101 40.58 93.12 -21.36
C GLY M 101 40.00 93.90 -20.20
N ASN M 102 39.05 93.30 -19.48
CA ASN M 102 38.29 93.99 -18.45
C ASN M 102 39.07 94.06 -17.14
N PHE M 103 39.73 95.20 -16.92
CA PHE M 103 40.59 95.39 -15.74
C PHE M 103 39.77 95.67 -14.48
N GLY M 104 40.45 95.70 -13.33
CA GLY M 104 39.81 96.03 -12.07
C GLY M 104 40.79 96.27 -10.94
N PHE M 105 40.29 96.82 -9.83
CA PHE M 105 41.10 97.10 -8.65
C PHE M 105 40.29 97.13 -7.37
N GLY M 106 41.00 97.09 -6.25
CA GLY M 106 40.42 97.15 -4.91
C GLY M 106 40.63 98.50 -4.26
N ILE M 107 39.71 98.88 -3.36
CA ILE M 107 39.92 100.00 -2.44
C ILE M 107 39.41 99.66 -1.04
N GLN M 108 40.17 100.09 -0.03
CA GLN M 108 39.65 100.25 1.32
C GLN M 108 39.02 101.64 1.48
N GLU M 109 38.17 101.77 2.49
CA GLU M 109 37.69 103.08 2.99
C GLU M 109 36.85 103.86 1.97
N HIS M 110 35.56 103.55 1.93
CA HIS M 110 34.54 104.45 1.35
C HIS M 110 34.43 105.80 2.09
N ILE M 111 34.80 105.82 3.37
CA ILE M 111 34.85 107.06 4.17
C ILE M 111 35.76 108.15 3.57
N ASP M 112 36.86 107.74 2.93
CA ASP M 112 37.65 108.62 2.07
C ASP M 112 37.44 108.24 0.59
N LEU M 113 36.18 108.32 0.16
CA LEU M 113 35.82 108.35 -1.26
C LEU M 113 34.52 109.13 -1.41
N GLY M 114 34.58 110.42 -1.12
CA GLY M 114 33.40 111.23 -0.82
C GLY M 114 32.70 110.81 0.47
N ILE M 115 31.44 111.22 0.60
CA ILE M 115 30.55 110.81 1.70
C ILE M 115 31.14 111.20 3.08
N LYS M 116 30.79 110.49 4.16
CA LYS M 116 31.16 110.89 5.53
C LYS M 116 31.24 109.67 6.45
N TYR M 117 32.10 109.75 7.48
CA TYR M 117 32.52 108.57 8.25
C TYR M 117 31.41 108.03 9.16
N ASP M 118 30.65 108.94 9.79
CA ASP M 118 29.36 108.65 10.44
C ASP M 118 29.46 107.76 11.70
N PRO M 119 28.38 107.70 12.50
CA PRO M 119 28.30 106.68 13.57
C PRO M 119 27.84 105.30 13.05
N SER M 120 26.61 105.22 12.55
CA SER M 120 26.01 103.95 12.12
C SER M 120 25.85 103.86 10.60
N THR M 121 26.82 104.42 9.87
CA THR M 121 27.19 103.95 8.53
C THR M 121 28.45 103.08 8.58
N GLY M 122 29.44 103.50 9.35
CA GLY M 122 30.56 102.65 9.74
C GLY M 122 31.63 102.57 8.67
N ILE M 123 32.42 101.49 8.71
CA ILE M 123 33.66 101.37 7.94
C ILE M 123 33.64 100.07 7.14
N TYR M 124 33.84 100.19 5.82
CA TYR M 124 33.93 99.06 4.90
C TYR M 124 34.94 99.34 3.79
N GLY M 125 35.23 98.32 2.99
CA GLY M 125 35.84 98.48 1.68
C GLY M 125 34.92 98.02 0.57
N MET M 126 35.46 97.94 -0.65
CA MET M 126 34.74 97.37 -1.80
C MET M 126 35.68 96.94 -2.91
N ASP M 127 35.26 95.93 -3.68
CA ASP M 127 35.79 95.70 -5.03
C ASP M 127 35.23 96.73 -6.00
N PHE M 128 35.98 96.99 -7.06
CA PHE M 128 35.78 98.16 -7.91
C PHE M 128 36.14 97.82 -9.35
N TYR M 129 35.32 96.97 -9.96
CA TYR M 129 35.69 96.25 -11.19
C TYR M 129 35.07 96.89 -12.44
N VAL M 130 35.91 97.05 -13.48
CA VAL M 130 35.57 97.79 -14.70
C VAL M 130 35.45 96.81 -15.85
N GLN M 131 34.80 97.23 -16.93
CA GLN M 131 34.84 96.51 -18.21
C GLN M 131 35.15 97.46 -19.36
N LEU M 132 35.83 96.93 -20.39
CA LEU M 132 36.19 97.68 -21.58
C LEU M 132 35.88 96.84 -22.81
N THR M 133 34.91 97.29 -23.61
CA THR M 133 34.71 96.78 -24.97
C THR M 133 34.42 97.91 -25.96
N ARG M 134 34.48 97.57 -27.24
CA ARG M 134 34.15 98.50 -28.33
C ARG M 134 32.64 98.51 -28.58
N PRO M 135 32.15 99.44 -29.43
CA PRO M 135 30.79 99.31 -29.97
C PRO M 135 30.60 98.07 -30.86
N GLY M 136 29.37 97.56 -30.88
CA GLY M 136 29.06 96.25 -31.48
C GLY M 136 29.09 95.08 -30.51
N ASN M 137 29.07 95.38 -29.21
CA ASN M 137 28.96 94.36 -28.15
C ASN M 137 27.49 94.04 -27.78
N ARG M 138 26.54 94.68 -28.46
CA ARG M 138 25.15 94.22 -28.52
C ARG M 138 24.98 92.77 -29.04
N VAL M 139 25.85 92.35 -29.94
CA VAL M 139 25.63 91.15 -30.76
C VAL M 139 25.71 89.85 -29.93
N ALA M 140 26.52 89.85 -28.87
CA ALA M 140 26.53 88.76 -27.88
C ALA M 140 25.23 88.66 -27.09
N HIS M 141 24.74 89.80 -26.61
CA HIS M 141 23.75 89.86 -25.52
C HIS M 141 22.30 89.97 -25.98
N ARG M 142 22.07 90.46 -27.21
CA ARG M 142 20.72 90.58 -27.78
C ARG M 142 19.97 89.24 -27.90
N LYS M 143 18.65 89.30 -27.89
CA LYS M 143 17.81 88.10 -27.88
C LYS M 143 17.76 87.44 -29.26
N ARG M 144 17.35 88.21 -30.27
CA ARG M 144 17.31 87.74 -31.65
C ARG M 144 18.71 87.81 -32.29
N ALA M 145 19.09 86.73 -32.97
CA ALA M 145 20.25 86.72 -33.88
C ALA M 145 21.57 86.94 -33.14
N ARG M 146 21.85 86.05 -32.21
CA ARG M 146 23.09 86.10 -31.42
C ARG M 146 24.31 85.71 -32.24
N GLY M 147 25.48 86.05 -31.71
CA GLY M 147 26.75 85.57 -32.25
C GLY M 147 27.92 86.13 -31.48
N ARG M 148 29.10 85.58 -31.74
CA ARG M 148 30.32 86.06 -31.09
C ARG M 148 30.78 87.36 -31.73
N VAL M 149 31.39 88.22 -30.92
CA VAL M 149 32.20 89.32 -31.42
C VAL M 149 33.59 88.74 -31.76
N GLY M 150 33.96 88.81 -33.04
CA GLY M 150 35.11 88.07 -33.56
C GLY M 150 36.45 88.64 -33.12
N HIS M 151 37.51 87.92 -33.47
CA HIS M 151 38.81 88.05 -32.79
C HIS M 151 39.54 89.37 -33.08
N SER M 152 39.32 89.94 -34.27
CA SER M 152 39.89 91.24 -34.63
C SER M 152 39.31 92.40 -33.82
N HIS M 153 37.99 92.38 -33.64
CA HIS M 153 37.28 93.44 -32.93
C HIS M 153 37.40 93.37 -31.40
N ARG M 154 37.72 92.18 -30.88
CA ARG M 154 37.69 91.91 -29.44
C ARG M 154 38.90 92.51 -28.73
N VAL M 155 38.70 92.92 -27.48
CA VAL M 155 39.73 93.64 -26.72
C VAL M 155 40.69 92.65 -26.03
N THR M 156 41.99 92.86 -26.21
CA THR M 156 43.04 92.06 -25.54
C THR M 156 43.45 92.70 -24.21
N LYS M 157 44.41 92.08 -23.52
CA LYS M 157 45.05 92.69 -22.34
C LYS M 157 45.92 93.88 -22.71
N GLU M 158 46.80 93.69 -23.71
CA GLU M 158 47.78 94.72 -24.11
C GLU M 158 47.14 95.93 -24.81
N ASP M 159 45.98 95.72 -25.43
CA ASP M 159 45.13 96.82 -25.93
C ASP M 159 44.59 97.71 -24.79
N SER M 160 44.15 97.09 -23.70
CA SER M 160 43.58 97.80 -22.54
C SER M 160 44.62 98.63 -21.77
N ILE M 161 45.87 98.19 -21.78
CA ILE M 161 46.97 98.91 -21.11
C ILE M 161 47.29 100.22 -21.85
N LYS M 162 47.32 100.16 -23.18
CA LYS M 162 47.53 101.36 -24.01
C LYS M 162 46.40 102.40 -23.87
N TRP M 163 45.18 101.93 -23.66
CA TRP M 163 44.04 102.79 -23.31
C TRP M 163 44.24 103.51 -21.98
N PHE M 164 44.63 102.76 -20.95
CA PHE M 164 44.77 103.29 -19.59
C PHE M 164 45.98 104.22 -19.41
N GLN M 165 47.01 104.03 -20.23
CA GLN M 165 48.14 104.98 -20.30
C GLN M 165 47.73 106.36 -20.81
N GLN M 166 46.87 106.40 -21.83
CA GLN M 166 46.34 107.66 -22.37
C GLN M 166 45.26 108.24 -21.45
N THR M 167 44.18 107.50 -21.27
CA THR M 167 43.00 107.99 -20.53
C THR M 167 43.24 107.86 -19.03
N TYR M 168 43.08 108.98 -18.31
CA TYR M 168 43.41 109.12 -16.88
C TYR M 168 44.91 109.11 -16.50
N ASP M 169 45.80 109.06 -17.50
CA ASP M 169 47.26 109.12 -17.29
C ASP M 169 47.78 108.09 -16.28
N GLY M 170 47.68 106.82 -16.65
CA GLY M 170 47.94 105.70 -15.73
C GLY M 170 49.32 105.08 -15.92
N ILE M 171 49.80 104.39 -14.89
CA ILE M 171 51.05 103.62 -14.93
C ILE M 171 50.80 102.20 -14.40
N VAL M 172 51.39 101.21 -15.07
CA VAL M 172 51.05 99.79 -14.87
C VAL M 172 52.13 98.96 -14.14
N VAL N 145 -17.12 20.13 -10.64
CA VAL N 145 -17.48 21.27 -11.53
C VAL N 145 -16.42 21.38 -12.62
N SER N 146 -16.79 21.02 -13.84
CA SER N 146 -16.00 21.34 -15.03
C SER N 146 -16.92 21.63 -16.21
N LYS N 147 -16.36 22.26 -17.24
CA LYS N 147 -17.09 22.61 -18.48
C LYS N 147 -18.20 23.65 -18.24
N ASN N 148 -18.92 24.00 -19.30
CA ASN N 148 -20.12 24.82 -19.21
C ASN N 148 -21.39 23.97 -19.04
N ASN N 149 -21.71 23.67 -17.79
CA ASN N 149 -23.02 23.12 -17.41
C ASN N 149 -23.70 24.05 -16.41
N VAL N 150 -24.91 23.68 -15.97
CA VAL N 150 -25.55 24.33 -14.81
C VAL N 150 -24.81 23.95 -13.54
N LEU N 151 -24.63 24.91 -12.63
CA LEU N 151 -24.10 24.62 -11.30
C LEU N 151 -25.07 23.73 -10.53
N PRO N 152 -24.60 22.54 -10.07
CA PRO N 152 -25.57 21.52 -9.67
C PRO N 152 -26.16 21.79 -8.28
N ASN N 153 -27.38 21.30 -8.10
CA ASN N 153 -28.29 21.81 -7.09
C ASN N 153 -29.15 20.68 -6.54
N VAL N 154 -28.49 19.56 -6.22
CA VAL N 154 -29.16 18.30 -5.92
C VAL N 154 -29.21 18.11 -4.39
N HIS N 155 -30.35 17.62 -3.93
CA HIS N 155 -30.66 17.52 -2.50
C HIS N 155 -30.74 16.04 -2.17
N LEU N 156 -29.56 15.41 -2.01
CA LEU N 156 -29.47 14.00 -1.64
C LEU N 156 -28.32 13.73 -0.66
N HIS N 157 -28.07 14.70 0.23
CA HIS N 157 -27.00 14.58 1.22
C HIS N 157 -27.45 13.82 2.48
N LYS N 158 -28.75 13.81 2.75
CA LYS N 158 -29.33 13.02 3.82
C LYS N 158 -29.49 11.55 3.43
N TRP N 159 -29.81 10.72 4.41
CA TRP N 159 -30.07 9.30 4.20
C TRP N 159 -31.44 9.10 3.55
N TRP N 160 -31.47 9.31 2.23
CA TRP N 160 -32.73 9.39 1.49
C TRP N 160 -33.29 8.03 1.08
N GLN N 161 -32.49 6.97 1.19
CA GLN N 161 -32.96 5.63 0.80
C GLN N 161 -34.10 5.13 1.71
N ARG N 162 -34.12 5.58 2.97
CA ARG N 162 -35.19 5.22 3.92
C ARG N 162 -36.57 5.67 3.44
N TYR N 163 -36.65 6.89 2.90
CA TYR N 163 -37.92 7.56 2.68
C TYR N 163 -38.32 7.63 1.19
N VAL N 164 -37.82 6.70 0.37
CA VAL N 164 -38.25 6.60 -1.03
C VAL N 164 -39.65 6.00 -1.10
N LYS N 165 -40.61 6.82 -1.54
CA LYS N 165 -41.98 6.36 -1.82
C LYS N 165 -42.07 5.93 -3.28
N THR N 166 -42.39 4.65 -3.50
CA THR N 166 -42.70 4.12 -4.82
C THR N 166 -44.19 3.87 -5.00
N TRP N 167 -44.58 3.79 -6.27
CA TRP N 167 -45.98 3.85 -6.69
C TRP N 167 -46.36 2.58 -7.44
N PHE N 168 -45.99 1.42 -6.91
CA PHE N 168 -46.36 0.14 -7.50
C PHE N 168 -47.80 -0.21 -7.14
N ASN N 169 -48.24 0.28 -5.98
CA ASN N 169 -49.65 0.23 -5.60
C ASN N 169 -50.63 1.02 -6.48
N GLN N 170 -50.16 2.01 -7.24
CA GLN N 170 -51.03 2.96 -7.98
C GLN N 170 -52.26 2.35 -8.68
N PRO N 171 -52.09 1.26 -9.46
CA PRO N 171 -53.26 0.55 -10.00
C PRO N 171 -54.06 -0.25 -8.98
N GLY N 172 -53.38 -0.87 -8.03
CA GLY N 172 -54.04 -1.54 -6.90
C GLY N 172 -54.82 -0.62 -5.98
N ARG N 173 -54.37 0.63 -5.89
CA ARG N 173 -55.07 1.69 -5.17
C ARG N 173 -56.32 2.14 -5.90
N LYS N 174 -56.19 2.37 -7.21
CA LYS N 174 -57.35 2.67 -8.08
C LYS N 174 -58.47 1.65 -7.89
N GLN N 175 -58.12 0.37 -7.95
CA GLN N 175 -59.12 -0.69 -7.91
C GLN N 175 -59.70 -0.94 -6.50
N SER N 176 -59.01 -0.49 -5.46
CA SER N 176 -59.51 -0.58 -4.07
C SER N 176 -60.47 0.54 -3.73
N ARG N 177 -60.16 1.77 -4.15
CA ARG N 177 -61.12 2.88 -4.16
C ARG N 177 -62.39 2.49 -4.89
N ARG N 178 -62.20 1.99 -6.11
CA ARG N 178 -63.26 1.66 -7.04
C ARG N 178 -64.19 0.54 -6.56
N LEU N 179 -63.66 -0.37 -5.74
CA LEU N 179 -64.49 -1.40 -5.10
C LEU N 179 -65.41 -0.85 -4.01
N ARG N 180 -64.95 0.16 -3.28
CA ARG N 180 -65.72 0.73 -2.16
C ARG N 180 -66.72 1.82 -2.58
N ARG N 181 -66.50 2.45 -3.74
CA ARG N 181 -67.55 3.24 -4.42
C ARG N 181 -68.76 2.39 -4.84
N GLN N 182 -68.48 1.21 -5.39
CA GLN N 182 -69.53 0.27 -5.80
C GLN N 182 -70.27 -0.30 -4.59
N GLU N 183 -69.51 -0.76 -3.60
CA GLU N 183 -70.07 -1.35 -2.38
C GLU N 183 -70.77 -0.34 -1.47
N LYS N 184 -70.42 0.94 -1.59
CA LYS N 184 -71.27 2.04 -1.10
C LYS N 184 -72.62 2.04 -1.82
N ALA N 185 -72.57 2.09 -3.14
CA ALA N 185 -73.77 2.29 -3.96
C ALA N 185 -74.69 1.06 -4.06
N ALA N 186 -74.22 -0.09 -3.61
CA ALA N 186 -75.09 -1.23 -3.32
C ALA N 186 -76.08 -0.95 -2.18
N LYS N 187 -75.57 -0.40 -1.07
CA LYS N 187 -76.41 -0.06 0.09
C LYS N 187 -77.40 1.05 -0.20
N LEU N 188 -76.93 2.10 -0.89
CA LEU N 188 -77.79 3.22 -1.25
C LEU N 188 -78.83 2.78 -2.29
N GLY N 189 -78.36 2.35 -3.45
CA GLY N 189 -79.22 1.94 -4.56
C GLY N 189 -79.96 3.11 -5.18
N VAL N 190 -81.16 3.36 -4.66
CA VAL N 190 -82.04 4.45 -5.14
C VAL N 190 -81.46 5.82 -4.78
N VAL N 191 -80.85 5.92 -3.60
CA VAL N 191 -80.39 7.20 -3.05
C VAL N 191 -79.11 7.64 -3.76
N PRO N 192 -79.03 8.91 -4.22
CA PRO N 192 -77.80 9.39 -4.85
C PRO N 192 -76.71 9.72 -3.83
N SER N 193 -75.46 9.66 -4.30
CA SER N 193 -74.31 9.44 -3.42
C SER N 193 -74.02 10.66 -2.54
N GLY N 194 -73.34 11.66 -3.09
CA GLY N 194 -72.56 12.62 -2.29
C GLY N 194 -73.41 13.60 -1.49
N LEU N 195 -73.20 14.89 -1.73
CA LEU N 195 -74.26 15.88 -1.50
C LEU N 195 -73.99 17.19 -2.24
N LEU N 196 -75.06 17.96 -2.43
CA LEU N 196 -75.08 19.10 -3.33
C LEU N 196 -74.19 20.21 -2.79
N ARG N 197 -73.43 20.86 -3.68
CA ARG N 197 -72.46 21.89 -3.30
C ARG N 197 -72.67 23.14 -4.15
N PRO N 198 -72.28 24.32 -3.62
CA PRO N 198 -72.62 25.58 -4.29
C PRO N 198 -71.60 26.01 -5.35
N ILE N 199 -71.99 27.02 -6.13
CA ILE N 199 -71.10 27.71 -7.07
C ILE N 199 -70.39 28.85 -6.35
N VAL N 200 -69.11 29.01 -6.63
CA VAL N 200 -68.19 29.77 -5.78
C VAL N 200 -67.06 30.32 -6.66
N HIS N 201 -66.82 31.64 -6.59
CA HIS N 201 -65.63 32.25 -7.17
C HIS N 201 -64.44 32.01 -6.25
N PRO N 202 -63.30 31.52 -6.79
CA PRO N 202 -62.07 31.46 -5.99
C PRO N 202 -61.57 32.84 -5.54
N PRO N 203 -60.67 32.86 -4.53
CA PRO N 203 -60.21 34.13 -3.96
C PRO N 203 -59.34 34.96 -4.93
N THR N 204 -58.01 34.82 -4.89
CA THR N 204 -57.12 35.89 -5.32
C THR N 204 -57.17 36.15 -6.84
N GLN N 205 -56.57 37.26 -7.27
CA GLN N 205 -56.93 37.90 -8.54
C GLN N 205 -56.70 37.09 -9.83
N ARG N 206 -55.88 36.04 -9.77
CA ARG N 206 -55.58 35.21 -10.95
C ARG N 206 -56.51 34.01 -11.17
N TYR N 207 -57.27 33.64 -10.15
CA TYR N 207 -58.36 32.69 -10.28
C TYR N 207 -59.73 33.34 -10.02
N ASN N 208 -59.81 34.65 -10.18
CA ASN N 208 -60.99 35.42 -9.83
C ASN N 208 -62.09 35.31 -10.90
N LEU N 209 -61.67 35.06 -12.14
CA LEU N 209 -62.56 34.91 -13.28
C LEU N 209 -63.31 33.58 -13.19
N LYS N 210 -62.57 32.53 -12.86
CA LYS N 210 -63.07 31.15 -12.86
C LYS N 210 -64.18 30.96 -11.83
N VAL N 211 -64.98 29.92 -12.04
CA VAL N 211 -65.91 29.43 -11.03
C VAL N 211 -65.58 27.95 -10.72
N ARG N 212 -65.72 27.58 -9.44
CA ARG N 212 -65.61 26.18 -9.02
C ARG N 212 -66.73 25.79 -8.07
N ALA N 213 -66.76 24.51 -7.70
CA ALA N 213 -67.59 24.04 -6.59
C ALA N 213 -67.04 24.54 -5.26
N GLY N 214 -67.95 24.86 -4.34
CA GLY N 214 -67.59 25.31 -3.00
C GLY N 214 -67.55 24.17 -2.02
N ARG N 215 -67.63 24.50 -0.73
CA ARG N 215 -67.75 23.51 0.34
C ARG N 215 -69.23 23.20 0.60
N GLY N 216 -69.98 24.23 0.92
CA GLY N 216 -71.39 24.11 1.27
C GLY N 216 -72.04 25.48 1.24
N PHE N 217 -73.37 25.52 1.40
CA PHE N 217 -74.15 26.68 0.93
C PHE N 217 -74.00 27.88 1.90
N THR N 218 -75.01 28.21 2.70
CA THR N 218 -74.99 29.44 3.52
C THR N 218 -76.34 29.53 4.23
N LEU N 219 -76.33 30.01 5.47
CA LEU N 219 -77.56 30.12 6.26
C LEU N 219 -78.53 31.15 5.70
N GLU N 220 -77.99 32.24 5.14
CA GLU N 220 -78.77 33.18 4.30
C GLU N 220 -79.40 32.54 3.05
N GLU N 221 -78.63 31.74 2.31
CA GLU N 221 -79.11 31.11 1.07
C GLU N 221 -80.24 30.10 1.31
N LEU N 222 -80.11 29.31 2.37
CA LEU N 222 -81.14 28.34 2.76
C LEU N 222 -82.41 28.97 3.34
N LYS N 223 -82.29 30.17 3.91
CA LYS N 223 -83.45 30.92 4.40
C LYS N 223 -84.36 31.42 3.28
N SER N 224 -83.75 31.79 2.15
CA SER N 224 -84.50 32.24 0.96
C SER N 224 -85.40 31.14 0.39
N VAL N 225 -84.80 29.96 0.20
CA VAL N 225 -85.53 28.78 -0.29
C VAL N 225 -86.45 28.22 0.79
N GLY N 226 -85.97 28.25 2.04
CA GLY N 226 -86.75 27.82 3.20
C GLY N 226 -86.50 26.38 3.56
N LEU N 227 -85.24 25.94 3.49
CA LEU N 227 -84.73 24.84 4.32
C LEU N 227 -84.26 25.37 5.67
N SER N 228 -84.38 24.53 6.69
CA SER N 228 -83.56 24.64 7.90
C SER N 228 -82.12 24.28 7.57
N PRO N 229 -81.15 24.99 8.18
CA PRO N 229 -79.77 24.47 8.29
C PRO N 229 -79.65 23.14 9.05
N ARG N 230 -80.60 22.86 9.95
CA ARG N 230 -80.64 21.60 10.69
C ARG N 230 -80.81 20.37 9.79
N VAL N 231 -81.82 20.41 8.93
CA VAL N 231 -82.35 19.21 8.26
C VAL N 231 -81.59 18.89 6.96
N ALA N 232 -80.90 19.90 6.39
CA ALA N 232 -80.48 19.88 4.98
C ALA N 232 -79.53 18.74 4.59
N LEU N 233 -78.80 18.21 5.57
CA LEU N 233 -77.91 17.06 5.35
C LEU N 233 -78.65 15.73 5.14
N SER N 234 -79.91 15.64 5.56
CA SER N 234 -80.76 14.46 5.26
C SER N 234 -81.15 14.38 3.79
N ILE N 235 -81.55 15.51 3.23
CA ILE N 235 -81.81 15.63 1.78
C ILE N 235 -80.54 15.47 0.95
N GLY N 236 -79.40 15.90 1.50
CA GLY N 236 -78.11 15.87 0.80
C GLY N 236 -77.75 17.22 0.22
N VAL N 237 -77.82 18.25 1.08
CA VAL N 237 -77.26 19.57 0.79
C VAL N 237 -76.23 19.89 1.87
N ALA N 238 -75.03 20.27 1.44
CA ALA N 238 -74.02 20.81 2.37
C ALA N 238 -74.47 22.15 2.95
N VAL N 239 -74.33 22.29 4.27
CA VAL N 239 -74.32 23.59 4.94
C VAL N 239 -72.87 24.00 5.21
N ASP N 240 -72.56 25.27 4.95
CA ASP N 240 -71.33 25.89 5.42
C ASP N 240 -71.69 27.16 6.19
N HIS N 241 -71.51 27.13 7.51
CA HIS N 241 -71.90 28.25 8.37
C HIS N 241 -70.93 29.44 8.36
N ARG N 242 -69.75 29.29 7.75
CA ARG N 242 -68.75 30.37 7.68
C ARG N 242 -68.93 31.31 6.50
N ARG N 243 -69.27 30.75 5.33
CA ARG N 243 -69.27 31.52 4.08
C ARG N 243 -70.47 32.49 4.03
N ARG N 244 -70.15 33.78 3.89
CA ARG N 244 -71.17 34.83 3.76
C ARG N 244 -71.66 34.94 2.31
N ASN N 245 -72.61 35.84 2.09
CA ASN N 245 -72.82 36.45 0.78
C ASN N 245 -72.64 37.96 0.86
N ARG N 246 -71.47 38.43 0.43
CA ARG N 246 -71.19 39.86 0.31
C ARG N 246 -71.92 40.51 -0.87
N SER N 247 -72.08 39.75 -1.96
CA SER N 247 -72.71 40.23 -3.18
C SER N 247 -74.14 39.69 -3.33
N ALA N 248 -74.95 40.40 -4.10
CA ALA N 248 -76.27 39.91 -4.53
C ALA N 248 -76.19 38.87 -5.65
N GLU N 249 -75.10 38.88 -6.42
CA GLU N 249 -74.96 38.03 -7.61
C GLU N 249 -74.65 36.59 -7.23
N SER N 250 -73.69 36.41 -6.31
CA SER N 250 -73.33 35.09 -5.78
C SER N 250 -74.45 34.44 -4.95
N LEU N 251 -75.31 35.25 -4.33
CA LEU N 251 -76.52 34.77 -3.66
C LEU N 251 -77.49 34.12 -4.65
N ASN N 252 -77.86 34.86 -5.69
CA ASN N 252 -78.92 34.43 -6.62
C ASN N 252 -78.50 33.31 -7.59
N ALA N 253 -77.19 33.08 -7.72
CA ALA N 253 -76.67 31.90 -8.41
C ALA N 253 -76.99 30.61 -7.64
N ASN N 254 -76.64 30.58 -6.36
CA ASN N 254 -76.81 29.40 -5.52
C ASN N 254 -78.26 29.12 -5.11
N VAL N 255 -79.07 30.17 -5.02
CA VAL N 255 -80.52 30.02 -4.76
C VAL N 255 -81.22 29.36 -5.96
N THR N 256 -80.86 29.78 -7.17
CA THR N 256 -81.30 29.10 -8.39
C THR N 256 -80.87 27.63 -8.43
N ARG N 257 -79.62 27.38 -8.03
CA ARG N 257 -79.06 26.02 -7.98
C ARG N 257 -79.78 25.11 -6.98
N LEU N 258 -80.18 25.68 -5.84
CA LEU N 258 -80.94 24.95 -4.83
C LEU N 258 -82.39 24.67 -5.25
N LYS N 259 -83.03 25.67 -5.85
CA LYS N 259 -84.43 25.54 -6.28
C LYS N 259 -84.59 24.55 -7.44
N ALA N 260 -83.62 24.54 -8.35
CA ALA N 260 -83.54 23.54 -9.42
C ALA N 260 -83.33 22.11 -8.89
N TYR N 261 -82.54 21.97 -7.82
CA TYR N 261 -82.32 20.68 -7.17
C TYR N 261 -83.56 20.14 -6.45
N LEU N 262 -84.28 21.02 -5.75
CA LEU N 262 -85.52 20.62 -5.07
C LEU N 262 -86.69 20.37 -6.01
N ALA N 263 -86.60 20.86 -7.25
CA ALA N 263 -87.47 20.41 -8.34
C ALA N 263 -87.17 18.96 -8.77
N LYS N 264 -85.88 18.64 -8.88
CA LYS N 264 -85.43 17.25 -9.15
C LYS N 264 -85.83 16.26 -8.04
N LEU N 265 -85.85 16.71 -6.79
CA LEU N 265 -85.90 15.82 -5.64
C LEU N 265 -87.27 15.17 -5.45
N VAL N 266 -87.33 13.86 -5.69
CA VAL N 266 -88.38 13.00 -5.17
C VAL N 266 -88.02 12.54 -3.77
N LEU N 267 -89.01 12.53 -2.87
CA LEU N 267 -88.81 12.16 -1.47
C LEU N 267 -89.87 11.15 -1.06
N PHE N 268 -89.41 9.95 -0.67
CA PHE N 268 -90.29 8.82 -0.40
C PHE N 268 -90.97 9.00 0.96
N GLN N 269 -92.14 8.37 1.11
CA GLN N 269 -92.76 8.29 2.43
C GLN N 269 -91.99 7.33 3.33
N ARG N 270 -91.95 7.66 4.61
CA ARG N 270 -91.37 6.80 5.64
C ARG N 270 -92.26 5.58 5.97
N GLY N 271 -93.54 5.69 5.63
CA GLY N 271 -94.50 4.58 5.77
C GLY N 271 -95.29 4.72 7.07
N SER N 272 -96.43 4.05 7.20
CA SER N 272 -97.30 3.66 6.08
C SER N 272 -97.88 4.87 5.36
N LYS N 273 -98.38 5.84 6.12
CA LYS N 273 -99.16 6.97 5.59
C LYS N 273 -98.27 8.12 5.14
N ALA N 274 -98.80 8.95 4.24
CA ALA N 274 -98.11 10.16 3.77
C ALA N 274 -98.14 11.25 4.84
N LYS N 275 -97.11 12.08 4.87
CA LYS N 275 -96.94 13.11 5.89
C LYS N 275 -96.24 14.36 5.33
N LYS N 276 -96.90 15.51 5.46
CA LYS N 276 -96.51 16.73 4.77
C LYS N 276 -95.33 17.39 5.47
N GLY N 277 -94.31 17.78 4.70
CA GLY N 277 -93.25 18.65 5.20
C GLY N 277 -92.25 17.93 6.07
N LEU N 278 -92.20 18.30 7.35
CA LEU N 278 -91.02 18.19 8.27
C LEU N 278 -90.12 19.43 8.27
N PRO N 282 -89.35 19.05 0.99
CA PRO N 282 -90.40 19.52 0.08
C PRO N 282 -91.80 19.00 0.41
N ALA N 283 -91.97 17.67 0.38
CA ALA N 283 -93.28 17.05 0.55
C ALA N 283 -93.15 15.53 0.60
N ASP N 284 -94.27 14.87 0.89
CA ASP N 284 -94.45 13.46 0.56
C ASP N 284 -94.95 13.34 -0.88
N THR N 285 -94.17 12.67 -1.73
CA THR N 285 -94.66 12.20 -3.04
C THR N 285 -95.55 10.96 -2.85
N PRO N 286 -96.78 10.98 -3.39
CA PRO N 286 -97.63 9.77 -3.33
C PRO N 286 -97.13 8.55 -4.13
N LYS N 287 -97.97 7.52 -4.24
CA LYS N 287 -97.64 6.30 -4.99
C LYS N 287 -97.95 6.40 -6.50
N SER N 288 -98.33 7.59 -6.98
CA SER N 288 -98.19 7.95 -8.40
C SER N 288 -96.76 7.71 -8.92
N GLN N 289 -95.82 8.58 -8.54
CA GLN N 289 -94.40 8.21 -8.39
C GLN N 289 -93.72 7.89 -9.73
N ILE N 290 -93.17 8.93 -10.36
CA ILE N 290 -92.47 8.80 -11.65
C ILE N 290 -91.10 8.13 -11.40
N GLN N 291 -90.66 7.32 -12.38
CA GLN N 291 -89.50 6.43 -12.22
C GLN N 291 -88.20 7.20 -11.96
N ASN N 292 -87.72 7.12 -10.72
CA ASN N 292 -86.35 7.51 -10.39
C ASN N 292 -85.36 6.51 -10.95
N VAL N 293 -84.34 7.00 -11.65
CA VAL N 293 -83.10 6.24 -11.84
C VAL N 293 -82.35 6.09 -10.52
N LYS N 294 -81.44 5.12 -10.49
CA LYS N 294 -80.63 4.83 -9.30
C LYS N 294 -79.62 5.95 -9.04
N HIS N 295 -78.85 5.81 -7.97
CA HIS N 295 -77.78 6.75 -7.62
C HIS N 295 -77.11 7.38 -8.85
N VAL N 296 -77.23 8.70 -8.96
CA VAL N 296 -76.68 9.47 -10.09
C VAL N 296 -75.33 10.08 -9.76
N LYS N 297 -75.09 10.37 -8.47
CA LYS N 297 -73.79 10.80 -7.90
C LYS N 297 -73.81 12.27 -7.44
N ILE N 298 -74.69 13.07 -8.04
CA ILE N 298 -75.09 14.42 -7.54
C ILE N 298 -74.22 15.55 -8.13
N SER N 299 -72.92 15.31 -8.24
CA SER N 299 -72.03 16.18 -9.02
C SER N 299 -72.29 16.06 -10.52
N THR N 300 -72.40 14.81 -11.00
CA THR N 300 -72.70 14.54 -12.41
C THR N 300 -74.16 14.86 -12.79
N ALA N 301 -75.07 14.73 -11.82
CA ALA N 301 -76.47 15.12 -12.02
C ALA N 301 -76.62 16.62 -12.27
N MET N 302 -76.01 17.43 -11.40
CA MET N 302 -76.16 18.89 -11.42
C MET N 302 -74.77 19.55 -11.43
N PRO N 303 -74.11 19.55 -12.61
CA PRO N 303 -72.73 20.03 -12.70
C PRO N 303 -72.62 21.55 -12.71
N ILE N 304 -71.39 22.04 -12.72
CA ILE N 304 -71.11 23.47 -12.60
C ILE N 304 -71.15 24.08 -14.02
N LYS N 306 -70.18 26.23 -17.39
CA LYS N 306 -69.12 25.59 -18.17
C LYS N 306 -68.10 26.62 -18.68
N ALA N 307 -67.75 27.57 -17.82
CA ALA N 307 -67.17 28.86 -18.22
C ALA N 307 -67.94 29.50 -19.39
N SER N 308 -69.10 30.07 -19.06
CA SER N 308 -70.09 30.46 -20.06
C SER N 308 -69.63 31.68 -20.85
N LYS N 309 -69.31 31.47 -22.13
CA LYS N 309 -68.45 32.39 -22.89
C LYS N 309 -69.31 33.46 -23.59
N ARG N 310 -68.77 34.08 -24.65
CA ARG N 310 -69.55 34.84 -25.65
C ARG N 310 -69.84 36.29 -25.22
N CYS N 311 -69.82 37.20 -26.21
CA CYS N 311 -70.21 38.60 -26.03
C CYS N 311 -71.10 39.04 -27.20
N LYS N 312 -72.11 39.85 -26.91
CA LYS N 312 -72.95 40.45 -27.96
C LYS N 312 -72.16 41.51 -28.72
N PRO N 313 -72.07 41.39 -30.06
CA PRO N 313 -71.32 42.39 -30.84
C PRO N 313 -72.03 43.76 -30.89
N ARG N 314 -71.25 44.82 -30.67
CA ARG N 314 -71.73 46.07 -30.11
C ARG N 314 -71.37 47.24 -31.03
N ALA N 315 -72.22 48.26 -31.06
CA ALA N 315 -71.91 49.52 -31.76
C ALA N 315 -70.92 50.36 -30.96
N ILE N 316 -69.91 50.91 -31.65
CA ILE N 316 -68.89 51.74 -31.01
C ILE N 316 -69.46 53.15 -30.78
N THR N 317 -69.71 53.49 -29.52
CA THR N 317 -70.39 54.74 -29.16
C THR N 317 -69.46 55.94 -29.24
N ALA N 318 -70.04 57.13 -29.14
CA ALA N 318 -69.31 58.33 -28.73
C ALA N 318 -68.87 58.22 -27.26
N GLU N 319 -67.73 58.81 -26.94
CA GLU N 319 -66.98 58.56 -25.70
C GLU N 319 -66.55 57.09 -25.52
N GLU N 320 -66.34 56.38 -26.63
CA GLU N 320 -65.61 55.12 -26.65
C GLU N 320 -64.28 55.28 -27.37
N GLN N 321 -64.32 55.84 -28.58
CA GLN N 321 -63.12 56.24 -29.32
C GLN N 321 -62.34 57.38 -28.67
N LYS N 322 -63.01 58.24 -27.90
CA LYS N 322 -62.41 59.44 -27.34
C LYS N 322 -61.50 59.15 -26.16
N PHE N 323 -61.98 58.36 -25.20
CA PHE N 323 -61.31 58.23 -23.89
C PHE N 323 -60.08 57.31 -23.98
N MET N 324 -58.98 57.76 -23.36
CA MET N 324 -57.64 57.23 -23.65
C MET N 324 -57.20 56.30 -22.51
N ALA N 325 -57.31 55.00 -22.75
CA ALA N 325 -57.36 54.01 -21.67
C ALA N 325 -55.99 53.65 -21.08
N TYR N 326 -54.91 54.14 -21.68
CA TYR N 326 -53.61 54.18 -21.01
C TYR N 326 -53.62 55.21 -19.89
N ALA N 327 -53.95 56.46 -20.24
CA ALA N 327 -53.90 57.58 -19.30
C ALA N 327 -54.93 57.49 -18.17
N THR N 328 -56.04 56.80 -18.40
CA THR N 328 -57.04 56.55 -17.36
C THR N 328 -56.53 55.59 -16.29
N LEU N 329 -55.92 54.49 -16.74
CA LEU N 329 -55.17 53.58 -15.84
C LEU N 329 -54.00 54.27 -15.15
N ARG N 330 -53.25 55.05 -15.92
CA ARG N 330 -51.98 55.62 -15.47
C ARG N 330 -52.17 56.77 -14.47
N LYS N 331 -53.32 57.45 -14.53
CA LYS N 331 -53.79 58.28 -13.38
C LYS N 331 -54.10 57.43 -12.16
N ALA N 332 -54.93 56.40 -12.34
CA ALA N 332 -55.44 55.59 -11.24
C ALA N 332 -54.36 54.92 -10.38
N LEU N 333 -53.24 54.54 -11.00
CA LEU N 333 -52.03 54.15 -10.26
C LEU N 333 -51.52 55.30 -9.40
N ARG N 334 -51.18 56.40 -10.08
CA ARG N 334 -50.34 57.44 -9.50
C ARG N 334 -51.13 58.43 -8.61
N ASP N 335 -52.46 58.32 -8.65
CA ASP N 335 -53.32 58.84 -7.56
C ASP N 335 -53.19 57.98 -6.30
N CYS N 336 -53.32 56.67 -6.47
CA CYS N 336 -53.41 55.73 -5.35
C CYS N 336 -52.10 55.59 -4.55
N LYS N 337 -50.97 55.93 -5.18
CA LYS N 337 -49.70 56.07 -4.46
C LYS N 337 -49.70 57.33 -3.61
N ASN N 338 -50.09 58.46 -4.22
CA ASN N 338 -49.85 59.79 -3.66
C ASN N 338 -51.11 60.36 -3.00
N VAL N 339 -51.71 59.59 -2.10
CA VAL N 339 -53.00 59.95 -1.49
C VAL N 339 -52.77 60.94 -0.35
N GLY N 340 -51.90 60.56 0.59
CA GLY N 340 -51.49 61.44 1.69
C GLY N 340 -50.61 62.59 1.25
N LYS N 341 -49.83 62.38 0.18
CA LYS N 341 -49.06 63.45 -0.45
C LYS N 341 -49.96 64.53 -1.09
N HIS N 342 -51.13 64.12 -1.60
CA HIS N 342 -52.15 65.06 -2.10
C HIS N 342 -52.76 65.91 -0.98
N GLU N 343 -53.09 65.27 0.14
CA GLU N 343 -53.85 65.93 1.22
C GLU N 343 -53.04 66.97 2.02
N LYS N 344 -51.71 66.89 1.96
CA LYS N 344 -50.83 68.00 2.37
C LYS N 344 -50.94 69.19 1.41
N LYS N 345 -50.75 68.91 0.11
CA LYS N 345 -50.78 69.94 -0.93
C LYS N 345 -52.17 70.60 -1.08
N LEU N 346 -53.22 69.85 -0.81
CA LEU N 346 -54.59 70.39 -0.77
C LEU N 346 -54.76 71.36 0.41
N ALA N 347 -54.51 70.87 1.62
CA ALA N 347 -54.72 71.66 2.84
C ALA N 347 -53.55 72.61 3.06
N PHE O 4 72.10 -15.02 -60.46
CA PHE O 4 70.93 -14.17 -60.52
C PHE O 4 70.57 -13.82 -61.96
N THR O 5 70.23 -14.84 -62.75
CA THR O 5 69.85 -14.66 -64.16
C THR O 5 68.49 -14.00 -64.29
N ARG O 6 68.26 -13.36 -65.44
CA ARG O 6 66.99 -12.68 -65.73
C ARG O 6 66.89 -11.27 -65.14
N TYR O 7 66.91 -10.27 -66.01
CA TYR O 7 66.81 -8.87 -65.61
C TYR O 7 65.64 -8.19 -66.31
N TYR O 8 64.86 -7.40 -65.56
CA TYR O 8 64.00 -6.36 -66.16
C TYR O 8 64.88 -5.37 -66.92
N GLN O 9 65.03 -5.61 -68.21
CA GLN O 9 65.76 -4.70 -69.10
C GLN O 9 65.00 -4.55 -70.42
N PRO O 10 65.32 -3.51 -71.20
CA PRO O 10 64.74 -3.33 -72.52
C PRO O 10 64.76 -4.59 -73.39
N GLY O 11 63.62 -4.92 -73.99
CA GLY O 11 63.51 -6.03 -74.92
C GLY O 11 63.69 -7.41 -74.33
N ARG O 12 63.40 -7.59 -73.04
CA ARG O 12 63.19 -8.92 -72.47
C ARG O 12 61.77 -9.39 -72.74
N LEU O 13 61.63 -10.66 -73.12
CA LEU O 13 60.34 -11.30 -73.32
C LEU O 13 59.71 -11.67 -71.97
N CYS O 14 58.38 -11.52 -71.88
CA CYS O 14 57.63 -11.74 -70.64
C CYS O 14 56.36 -12.52 -70.93
N VAL O 15 56.07 -13.52 -70.10
CA VAL O 15 54.72 -14.09 -69.99
C VAL O 15 53.91 -13.26 -69.00
N VAL O 16 52.75 -12.80 -69.43
CA VAL O 16 51.86 -11.99 -68.58
C VAL O 16 50.85 -12.94 -67.91
N GLN O 17 50.94 -13.06 -66.58
CA GLN O 17 50.23 -14.10 -65.84
C GLN O 17 48.88 -13.65 -65.26
N TYR O 18 48.80 -12.38 -64.91
CA TYR O 18 47.59 -11.82 -64.35
C TYR O 18 47.20 -10.57 -65.11
N GLY O 19 45.93 -10.24 -65.07
CA GLY O 19 45.43 -9.06 -65.75
C GLY O 19 44.55 -9.44 -66.91
N PRO O 20 44.07 -8.37 -67.65
CA PRO O 20 43.18 -8.76 -68.76
C PRO O 20 43.85 -9.63 -69.83
N ASP O 21 45.10 -9.36 -70.16
CA ASP O 21 45.76 -10.12 -71.22
C ASP O 21 45.82 -11.61 -70.89
N ALA O 22 46.21 -11.96 -69.68
CA ALA O 22 46.22 -13.36 -69.25
C ALA O 22 46.78 -14.38 -70.25
N GLY O 23 48.04 -14.75 -70.09
CA GLY O 23 48.65 -15.75 -70.94
C GLY O 23 49.37 -15.30 -72.20
N LYS O 24 49.16 -14.06 -72.63
CA LYS O 24 49.87 -13.55 -73.80
C LYS O 24 51.31 -13.16 -73.49
N LEU O 25 52.13 -13.07 -74.53
CA LEU O 25 53.54 -12.67 -74.41
C LEU O 25 53.71 -11.18 -74.65
N CYS O 26 54.72 -10.59 -74.00
CA CYS O 26 55.03 -9.17 -74.16
C CYS O 26 56.53 -8.91 -74.06
N PHE O 27 56.96 -7.80 -74.65
CA PHE O 27 58.33 -7.27 -74.47
C PHE O 27 58.32 -6.09 -73.50
N VAL O 28 59.40 -5.97 -72.73
CA VAL O 28 59.67 -4.75 -71.95
C VAL O 28 60.25 -3.68 -72.88
N VAL O 29 59.95 -2.42 -72.62
CA VAL O 29 60.66 -1.29 -73.20
C VAL O 29 61.58 -0.63 -72.18
N ASP O 30 61.00 -0.15 -71.08
CA ASP O 30 61.67 0.78 -70.18
C ASP O 30 61.21 0.59 -68.74
N ILE O 31 62.13 0.84 -67.80
CA ILE O 31 61.84 0.83 -66.38
C ILE O 31 61.36 2.23 -65.96
N ILE O 32 60.18 2.28 -65.33
CA ILE O 32 59.57 3.53 -64.92
C ILE O 32 60.09 3.92 -63.53
N ASN O 33 59.78 3.09 -62.54
CA ASN O 33 60.45 3.13 -61.23
C ASN O 33 60.63 1.69 -60.70
N GLN O 34 60.89 1.53 -59.41
CA GLN O 34 61.36 0.24 -58.88
C GLN O 34 60.27 -0.85 -58.86
N THR O 35 59.00 -0.41 -58.75
CA THR O 35 57.87 -1.17 -59.28
C THR O 35 57.49 -0.68 -60.68
N ARG O 36 56.91 -1.58 -61.47
CA ARG O 36 56.19 -1.27 -62.73
C ARG O 36 57.03 -0.72 -63.90
N VAL O 37 56.74 -1.25 -65.08
CA VAL O 37 57.62 -1.19 -66.26
C VAL O 37 56.78 -0.97 -67.53
N LEU O 38 57.42 -0.40 -68.55
CA LEU O 38 56.72 0.07 -69.75
C LEU O 38 56.60 -1.08 -70.76
N VAL O 39 55.69 -1.99 -70.47
CA VAL O 39 55.53 -3.23 -71.23
C VAL O 39 54.72 -2.94 -72.49
N ASP O 40 55.04 -3.66 -73.58
CA ASP O 40 54.28 -3.56 -74.83
C ASP O 40 54.37 -4.83 -75.69
N GLY O 41 53.71 -4.80 -76.84
CA GLY O 41 54.01 -5.70 -77.94
C GLY O 41 53.63 -5.07 -79.27
N ALA O 42 54.56 -5.05 -80.22
CA ALA O 42 54.29 -4.59 -81.58
C ALA O 42 53.35 -5.54 -82.30
N GLY O 43 53.71 -6.82 -82.30
CA GLY O 43 52.82 -7.90 -82.74
C GLY O 43 53.56 -9.17 -83.08
N VAL O 44 52.86 -10.30 -83.24
CA VAL O 44 51.39 -10.39 -83.27
C VAL O 44 50.90 -11.07 -81.98
N THR O 45 51.41 -10.61 -80.83
CA THR O 45 50.77 -10.85 -79.53
C THR O 45 49.58 -9.91 -79.33
N GLY O 46 49.80 -8.63 -79.66
CA GLY O 46 48.73 -7.64 -79.69
C GLY O 46 48.31 -7.19 -78.31
N VAL O 47 49.30 -6.85 -77.48
CA VAL O 47 49.07 -6.21 -76.19
C VAL O 47 49.48 -4.75 -76.29
N LYS O 48 48.50 -3.84 -76.18
CA LYS O 48 48.76 -2.40 -76.29
C LYS O 48 49.66 -1.92 -75.16
N ARG O 49 50.49 -0.92 -75.45
CA ARG O 49 51.55 -0.51 -74.54
C ARG O 49 51.01 0.32 -73.38
N GLN O 50 51.59 0.09 -72.20
CA GLN O 50 50.99 0.50 -70.93
C GLN O 50 52.02 0.48 -69.81
N SER O 51 51.62 0.99 -68.64
CA SER O 51 52.46 0.97 -67.45
C SER O 51 52.07 -0.22 -66.56
N MET O 52 52.42 -1.42 -67.00
CA MET O 52 52.09 -2.65 -66.26
C MET O 52 53.00 -2.81 -65.03
N PRO O 53 52.43 -3.22 -63.88
CA PRO O 53 53.21 -3.64 -62.71
C PRO O 53 54.14 -4.83 -62.93
N VAL O 54 55.08 -4.96 -62.00
CA VAL O 54 56.15 -5.97 -62.07
C VAL O 54 55.63 -7.33 -61.53
N ARG O 55 54.75 -7.28 -60.54
CA ARG O 55 54.09 -8.48 -59.98
C ARG O 55 53.42 -9.37 -61.01
N ARG O 56 52.82 -8.77 -62.04
CA ARG O 56 51.98 -9.48 -63.00
C ARG O 56 52.73 -10.37 -64.01
N ILE O 57 54.03 -10.11 -64.23
CA ILE O 57 54.74 -10.57 -65.45
C ILE O 57 55.95 -11.46 -65.14
N ALA O 58 55.89 -12.71 -65.60
CA ALA O 58 56.99 -13.66 -65.45
C ALA O 58 58.04 -13.42 -66.54
N LEU O 59 59.29 -13.23 -66.12
CA LEU O 59 60.39 -12.97 -67.06
C LEU O 59 60.80 -14.26 -67.78
N THR O 60 61.02 -14.14 -69.09
CA THR O 60 61.42 -15.25 -69.94
C THR O 60 62.93 -15.16 -70.21
N ASP O 61 63.54 -16.30 -70.51
CA ASP O 61 65.00 -16.40 -70.68
C ASP O 61 65.53 -15.51 -71.81
N GLN O 62 64.78 -15.43 -72.91
CA GLN O 62 65.27 -14.81 -74.14
C GLN O 62 65.04 -13.30 -74.11
N TYR O 63 66.03 -12.54 -74.59
CA TYR O 63 65.86 -11.11 -74.87
C TYR O 63 66.45 -10.74 -76.23
N LEU O 64 65.86 -9.73 -76.87
CA LEU O 64 66.48 -9.05 -78.01
C LEU O 64 67.03 -7.70 -77.57
N LYS O 65 68.30 -7.45 -77.88
CA LYS O 65 69.03 -6.28 -77.35
C LYS O 65 68.68 -5.01 -78.14
N ILE O 66 68.10 -4.04 -77.45
CA ILE O 66 67.72 -2.74 -78.03
C ILE O 66 67.83 -1.63 -76.98
N PRO O 67 68.05 -0.38 -77.42
CA PRO O 67 68.42 0.66 -76.49
C PRO O 67 67.20 1.35 -75.88
N ARG O 68 66.82 0.93 -74.67
CA ARG O 68 66.15 1.80 -73.69
C ARG O 68 64.70 2.15 -74.12
N SER O 69 64.22 3.38 -73.88
CA SER O 69 62.93 3.84 -74.42
C SER O 69 62.92 3.85 -75.95
N VAL O 70 61.84 3.30 -76.53
CA VAL O 70 61.84 2.74 -77.88
C VAL O 70 60.46 2.96 -78.52
N ARG O 71 60.45 3.33 -79.79
CA ARG O 71 59.23 3.45 -80.58
C ARG O 71 58.66 2.07 -80.90
N SER O 72 57.34 1.96 -80.96
CA SER O 72 56.67 0.65 -81.11
C SER O 72 56.84 0.02 -82.51
N ALA O 73 57.11 0.86 -83.52
CA ALA O 73 57.58 0.40 -84.83
C ALA O 73 58.96 -0.26 -84.78
N THR O 74 59.90 0.39 -84.10
CA THR O 74 61.31 -0.04 -84.10
C THR O 74 61.60 -1.26 -83.21
N LEU O 75 60.59 -1.74 -82.49
CA LEU O 75 60.53 -3.17 -82.10
C LEU O 75 60.37 -4.07 -83.31
N LYS O 76 59.32 -3.81 -84.10
CA LYS O 76 58.87 -4.70 -85.18
C LYS O 76 59.98 -5.03 -86.21
N LYS O 77 60.85 -4.06 -86.46
CA LYS O 77 62.04 -4.27 -87.30
C LYS O 77 63.10 -5.13 -86.61
N ALA O 78 63.42 -4.78 -85.36
CA ALA O 78 64.40 -5.53 -84.55
C ALA O 78 63.90 -6.92 -84.10
N LEU O 79 62.59 -7.10 -84.05
CA LEU O 79 61.97 -8.40 -83.75
C LEU O 79 62.18 -9.39 -84.91
N GLU O 80 61.89 -8.93 -86.12
CA GLU O 80 61.80 -9.82 -87.29
C GLU O 80 63.14 -10.46 -87.70
N LYS O 81 64.25 -9.80 -87.35
CA LYS O 81 65.59 -10.38 -87.49
C LYS O 81 65.83 -11.54 -86.52
N ASP O 82 65.61 -11.29 -85.23
CA ASP O 82 65.88 -12.29 -84.17
C ASP O 82 64.85 -13.41 -84.16
N ASP O 83 63.58 -13.05 -84.17
CA ASP O 83 62.46 -13.98 -83.91
C ASP O 83 62.60 -14.69 -82.57
N VAL O 84 62.54 -13.91 -81.49
CA VAL O 84 62.67 -14.41 -80.13
C VAL O 84 61.43 -15.18 -79.70
N ILE O 85 60.26 -14.65 -80.04
CA ILE O 85 58.96 -15.31 -79.78
C ILE O 85 58.86 -16.73 -80.35
N ALA O 86 59.50 -16.97 -81.50
CA ALA O 86 59.66 -18.31 -82.05
C ALA O 86 60.63 -19.18 -81.22
N LYS O 87 61.75 -18.60 -80.81
CA LYS O 87 62.84 -19.34 -80.14
C LYS O 87 62.49 -19.80 -78.72
N PHE O 88 61.79 -18.94 -77.97
CA PHE O 88 61.15 -19.33 -76.70
C PHE O 88 60.18 -20.50 -76.87
N ASN O 89 59.36 -20.41 -77.92
CA ASN O 89 58.32 -21.41 -78.20
C ASN O 89 58.88 -22.81 -78.54
N GLN O 90 60.15 -22.90 -78.93
CA GLN O 90 60.84 -24.18 -79.11
C GLN O 90 61.03 -24.93 -77.79
N SER O 91 61.50 -24.20 -76.76
CA SER O 91 61.89 -24.82 -75.49
C SER O 91 60.67 -25.25 -74.67
N SER O 92 60.93 -26.11 -73.67
CA SER O 92 59.92 -26.46 -72.67
C SER O 92 59.60 -25.26 -71.78
N TRP O 93 58.40 -25.29 -71.21
CA TRP O 93 57.61 -24.09 -70.82
C TRP O 93 56.90 -23.45 -72.01
N GLY O 94 57.66 -23.07 -73.04
CA GLY O 94 57.09 -22.66 -74.32
C GLY O 94 56.14 -23.66 -74.98
N LYS O 95 56.51 -24.95 -74.91
CA LYS O 95 55.70 -26.01 -75.51
C LYS O 95 54.40 -26.20 -74.75
N ARG O 96 54.51 -26.40 -73.43
CA ARG O 96 53.35 -26.67 -72.58
C ARG O 96 52.43 -25.45 -72.35
N ARG O 97 52.90 -24.25 -72.69
CA ARG O 97 52.02 -23.08 -72.84
C ARG O 97 51.05 -23.26 -74.01
N LEU O 98 51.56 -23.72 -75.15
CA LEU O 98 50.71 -24.04 -76.32
C LEU O 98 49.83 -25.28 -76.11
N ALA O 99 50.29 -26.23 -75.30
CA ALA O 99 49.49 -27.42 -74.95
C ALA O 99 48.20 -27.04 -74.23
N LYS O 100 48.31 -26.13 -73.25
CA LYS O 100 47.16 -25.68 -72.46
C LYS O 100 46.16 -24.82 -73.26
N GLU O 101 46.63 -24.15 -74.31
CA GLU O 101 45.73 -23.52 -75.29
C GLU O 101 44.94 -24.55 -76.10
N GLN O 102 45.62 -25.59 -76.57
CA GLN O 102 45.02 -26.57 -77.50
C GLN O 102 44.28 -27.72 -76.81
N ARG O 103 44.58 -27.99 -75.53
CA ARG O 103 43.73 -28.85 -74.68
C ARG O 103 42.36 -28.23 -74.39
N ALA O 104 42.34 -26.92 -74.13
CA ALA O 104 41.10 -26.15 -73.95
C ALA O 104 40.17 -26.20 -75.18
N ASN O 105 40.76 -26.23 -76.37
CA ASN O 105 40.00 -26.10 -77.62
C ASN O 105 39.66 -27.44 -78.31
N MET O 106 39.73 -28.55 -77.57
CA MET O 106 39.42 -29.88 -78.12
C MET O 106 37.92 -30.07 -78.33
N SER O 107 37.56 -30.77 -79.40
CA SER O 107 36.21 -31.33 -79.56
C SER O 107 36.05 -32.61 -78.72
N ASP O 108 34.83 -33.15 -78.70
CA ASP O 108 34.53 -34.39 -77.99
C ASP O 108 35.16 -35.61 -78.68
N PHE O 109 35.03 -35.68 -80.00
CA PHE O 109 35.73 -36.69 -80.82
C PHE O 109 37.26 -36.54 -80.76
N ASP O 110 37.73 -35.30 -80.65
CA ASP O 110 39.16 -35.02 -80.50
C ASP O 110 39.70 -35.44 -79.12
N ARG O 111 38.86 -35.36 -78.09
CA ARG O 111 39.17 -35.90 -76.76
C ARG O 111 39.07 -37.43 -76.70
N PHE O 112 38.17 -37.99 -77.51
CA PHE O 112 38.07 -39.44 -77.68
C PHE O 112 39.27 -40.03 -78.42
N LYS O 113 39.67 -39.39 -79.52
CA LYS O 113 40.89 -39.72 -80.26
C LYS O 113 42.10 -39.94 -79.34
N LEU O 114 42.29 -39.01 -78.42
CA LEU O 114 43.45 -39.01 -77.52
C LEU O 114 43.51 -40.28 -76.67
N MET O 115 42.41 -40.59 -75.99
CA MET O 115 42.38 -41.71 -75.03
C MET O 115 42.38 -43.11 -75.68
N VAL O 116 42.02 -43.20 -76.95
CA VAL O 116 42.16 -44.45 -77.71
C VAL O 116 43.62 -44.71 -78.08
N ILE O 117 44.32 -43.66 -78.52
CA ILE O 117 45.76 -43.73 -78.81
C ILE O 117 46.57 -44.02 -77.53
N LEU O 118 46.21 -43.35 -76.44
CA LEU O 118 46.96 -43.44 -75.18
C LEU O 118 46.83 -44.82 -74.52
N LYS O 119 45.66 -45.44 -74.65
CA LYS O 119 45.44 -46.82 -74.18
C LYS O 119 46.11 -47.88 -75.05
N GLN O 120 46.11 -47.66 -76.37
CA GLN O 120 46.87 -48.51 -77.30
C GLN O 120 48.38 -48.45 -77.09
N ARG O 121 48.89 -47.27 -76.72
CA ARG O 121 50.28 -47.13 -76.27
C ARG O 121 50.59 -48.02 -75.06
N ARG O 122 49.66 -48.08 -74.10
CA ARG O 122 49.87 -48.80 -72.85
C ARG O 122 49.87 -50.34 -72.99
N LYS O 123 49.17 -50.85 -74.00
CA LYS O 123 49.31 -52.27 -74.39
C LYS O 123 50.74 -52.61 -74.81
N VAL O 124 51.32 -51.75 -75.65
CA VAL O 124 52.71 -51.91 -76.12
C VAL O 124 53.72 -51.55 -75.02
N MET O 125 53.36 -50.60 -74.16
CA MET O 125 54.19 -50.21 -73.01
C MET O 125 54.31 -51.32 -71.97
N GLN O 126 53.20 -52.03 -71.72
CA GLN O 126 53.19 -53.19 -70.79
C GLN O 126 53.84 -54.45 -71.37
N GLN O 127 53.79 -54.62 -72.69
CA GLN O 127 54.48 -55.74 -73.35
C GLN O 127 56.01 -55.63 -73.27
N LYS O 128 56.54 -54.43 -73.46
CA LYS O 128 57.98 -54.17 -73.25
C LYS O 128 58.38 -54.22 -71.78
N LEU O 129 57.53 -53.73 -70.88
CA LEU O 129 57.83 -53.75 -69.44
C LEU O 129 57.92 -55.18 -68.85
N LYS O 130 57.18 -56.12 -69.45
CA LYS O 130 57.37 -57.56 -69.20
C LYS O 130 58.58 -58.13 -69.94
N SER O 131 58.79 -57.72 -71.19
CA SER O 131 59.87 -58.25 -72.05
C SER O 131 61.27 -57.78 -71.62
N LEU O 132 61.40 -56.49 -71.32
CA LEU O 132 62.67 -55.90 -70.84
C LEU O 132 63.06 -56.40 -69.45
N LYS O 133 62.07 -56.75 -68.63
CA LYS O 133 62.28 -57.53 -67.40
C LYS O 133 62.86 -58.92 -67.69
N LYS O 134 62.25 -59.62 -68.67
CA LYS O 134 62.78 -60.89 -69.16
C LYS O 134 64.05 -60.69 -69.98
N GLY P 2 -74.25 34.14 40.01
CA GLY P 2 -73.77 32.78 40.41
C GLY P 2 -72.37 32.83 40.98
N ALA P 3 -72.11 31.98 41.97
CA ALA P 3 -70.92 32.06 42.83
C ALA P 3 -69.61 31.78 42.11
N TYR P 4 -69.65 30.97 41.05
CA TYR P 4 -68.44 30.60 40.29
C TYR P 4 -67.90 31.77 39.47
N LYS P 5 -68.78 32.69 39.07
CA LYS P 5 -68.36 33.93 38.41
C LYS P 5 -67.54 34.82 39.36
N TYR P 6 -68.00 34.96 40.59
CA TYR P 6 -67.28 35.75 41.60
C TYR P 6 -65.92 35.14 41.96
N LEU P 7 -65.82 33.81 41.90
CA LEU P 7 -64.57 33.13 42.22
C LEU P 7 -63.49 33.34 41.16
N GLU P 8 -63.85 33.18 39.89
CA GLU P 8 -62.88 33.42 38.79
C GLU P 8 -62.41 34.88 38.73
N GLU P 9 -63.28 35.81 39.10
CA GLU P 9 -62.96 37.24 39.05
C GLU P 9 -61.96 37.68 40.12
N LEU P 10 -62.03 37.08 41.31
CA LEU P 10 -61.07 37.40 42.40
C LEU P 10 -59.86 36.46 42.44
N TRP P 11 -59.94 35.32 41.77
CA TRP P 11 -58.74 34.53 41.44
C TRP P 11 -57.83 35.19 40.40
N LYS P 12 -58.40 36.04 39.54
CA LYS P 12 -57.59 36.86 38.62
C LYS P 12 -56.69 37.85 39.37
N LYS P 13 -57.13 38.33 40.53
CA LYS P 13 -56.38 39.30 41.31
C LYS P 13 -55.39 38.59 42.26
N LYS P 14 -54.29 38.13 41.68
CA LYS P 14 -53.29 37.31 42.39
C LYS P 14 -52.42 38.16 43.33
N GLN P 15 -52.13 39.39 42.91
CA GLN P 15 -51.20 40.27 43.62
C GLN P 15 -51.79 40.84 44.92
N SER P 16 -53.12 40.95 44.96
CA SER P 16 -53.87 41.42 46.15
C SER P 16 -53.48 40.76 47.47
N ASP P 17 -53.71 41.50 48.57
CA ASP P 17 -53.35 41.04 49.92
C ASP P 17 -54.19 39.86 50.42
N VAL P 18 -55.43 39.75 49.95
CA VAL P 18 -56.33 38.65 50.33
C VAL P 18 -55.79 37.33 49.82
N LEU P 19 -55.52 37.28 48.51
CA LEU P 19 -55.11 36.05 47.86
C LEU P 19 -53.62 35.73 48.09
N ARG P 20 -52.77 36.75 48.21
CA ARG P 20 -51.34 36.54 48.46
C ARG P 20 -51.03 36.02 49.87
N PHE P 21 -51.83 36.42 50.87
CA PHE P 21 -51.83 35.75 52.17
C PHE P 21 -52.23 34.28 52.04
N LEU P 22 -53.38 34.08 51.42
CA LEU P 22 -54.02 32.77 51.36
C LEU P 22 -53.23 31.76 50.54
N LEU P 23 -52.49 32.25 49.55
CA LEU P 23 -51.64 31.44 48.68
C LEU P 23 -50.25 31.17 49.29
N ARG P 24 -49.80 32.06 50.17
CA ARG P 24 -48.60 31.82 51.00
C ARG P 24 -48.81 30.76 52.08
N VAL P 25 -50.02 30.66 52.63
CA VAL P 25 -50.33 29.65 53.63
C VAL P 25 -50.47 28.27 52.99
N ARG P 26 -51.13 28.20 51.84
CA ARG P 26 -51.34 26.93 51.13
C ARG P 26 -50.03 26.31 50.65
N THR P 27 -49.17 27.13 50.04
CA THR P 27 -47.88 26.66 49.52
C THR P 27 -46.95 26.15 50.63
N TRP P 28 -47.12 26.65 51.86
CA TRP P 28 -46.50 26.05 53.04
C TRP P 28 -46.98 24.61 53.24
N GLU P 29 -48.30 24.42 53.29
CA GLU P 29 -48.90 23.10 53.55
C GLU P 29 -48.42 22.05 52.55
N TYR P 30 -48.34 22.44 51.28
CA TYR P 30 -48.04 21.51 50.21
C TYR P 30 -46.61 20.97 50.26
N ARG P 31 -45.67 21.77 50.78
CA ARG P 31 -44.26 21.36 50.81
C ARG P 31 -43.88 20.58 52.09
N GLN P 32 -44.83 20.38 53.00
CA GLN P 32 -44.71 19.38 54.07
C GLN P 32 -45.11 17.98 53.58
N LEU P 33 -46.15 17.90 52.76
CA LEU P 33 -46.70 16.62 52.29
C LEU P 33 -45.82 16.01 51.18
N PRO P 34 -46.02 14.71 50.84
CA PRO P 34 -45.25 14.09 49.75
C PRO P 34 -45.46 14.70 48.36
N ALA P 35 -44.66 14.23 47.39
CA ALA P 35 -44.54 14.90 46.10
C ALA P 35 -45.79 14.71 45.26
N VAL P 36 -46.18 13.45 45.05
CA VAL P 36 -47.50 13.09 44.51
C VAL P 36 -48.34 12.49 45.61
N HIS P 37 -49.36 13.24 46.05
CA HIS P 37 -50.34 12.72 47.02
C HIS P 37 -51.73 13.25 46.72
N ARG P 38 -52.73 12.53 47.21
CA ARG P 38 -54.12 12.78 46.89
C ARG P 38 -54.68 13.91 47.74
N CYS P 39 -55.39 14.85 47.12
CA CYS P 39 -56.41 15.65 47.80
C CYS P 39 -57.79 15.00 47.67
N THR P 40 -58.59 15.13 48.71
CA THR P 40 -59.92 14.52 48.74
C THR P 40 -61.03 15.41 48.16
N GLN P 41 -60.72 16.69 47.93
CA GLN P 41 -61.57 17.55 47.11
C GLN P 41 -60.79 18.72 46.53
N SER P 42 -61.38 19.39 45.55
CA SER P 42 -60.68 20.40 44.76
C SER P 42 -60.43 21.67 45.57
N THR P 43 -59.22 22.20 45.46
CA THR P 43 -58.85 23.47 46.06
C THR P 43 -59.56 24.62 45.36
N ARG P 44 -59.54 24.59 44.02
CA ARG P 44 -60.24 25.55 43.18
C ARG P 44 -61.39 24.87 42.44
N PRO P 45 -62.60 24.86 43.03
CA PRO P 45 -63.74 24.22 42.35
C PRO P 45 -64.28 25.02 41.17
N ASP P 46 -64.23 26.35 41.28
CA ASP P 46 -64.23 27.26 40.14
C ASP P 46 -63.51 26.69 38.91
N LYS P 47 -62.20 26.47 39.05
CA LYS P 47 -61.32 26.20 37.91
C LYS P 47 -61.50 24.79 37.35
N ALA P 48 -61.72 23.81 38.23
CA ALA P 48 -61.81 22.41 37.81
C ALA P 48 -63.09 22.13 37.03
N ARG P 49 -64.21 22.65 37.53
CA ARG P 49 -65.50 22.67 36.83
C ARG P 49 -65.38 23.08 35.36
N ARG P 50 -64.58 24.12 35.12
CA ARG P 50 -64.31 24.64 33.79
C ARG P 50 -63.53 23.66 32.91
N LEU P 51 -62.64 22.89 33.51
CA LEU P 51 -61.89 21.81 32.83
C LEU P 51 -62.58 20.44 32.85
N GLY P 52 -63.90 20.41 32.99
CA GLY P 52 -64.67 19.18 32.88
C GLY P 52 -64.54 18.21 34.06
N TYR P 53 -64.12 18.71 35.22
CA TYR P 53 -64.31 18.01 36.49
C TYR P 53 -65.79 18.01 36.81
N LYS P 54 -66.26 16.88 37.34
CA LYS P 54 -67.62 16.74 37.84
C LYS P 54 -67.58 15.93 39.12
N LYS P 55 -68.18 16.45 40.20
CA LYS P 55 -68.14 15.78 41.50
C LYS P 55 -69.19 14.67 41.56
N LYS P 56 -68.87 13.56 40.91
CA LYS P 56 -69.54 12.28 41.11
C LYS P 56 -68.47 11.23 41.38
N GLN P 57 -68.88 9.99 41.63
CA GLN P 57 -67.94 8.93 41.99
C GLN P 57 -67.03 8.58 40.81
N GLY P 58 -65.77 8.30 41.12
CA GLY P 58 -64.81 7.79 40.14
C GLY P 58 -63.95 8.84 39.45
N PHE P 59 -64.40 10.10 39.46
CA PHE P 59 -63.47 11.24 39.39
C PHE P 59 -62.67 11.32 40.68
N VAL P 60 -61.38 11.61 40.56
CA VAL P 60 -60.51 11.89 41.70
C VAL P 60 -59.65 13.11 41.39
N ILE P 61 -58.72 13.44 42.29
CA ILE P 61 -57.87 14.61 42.11
C ILE P 61 -56.59 14.49 42.94
N TYR P 62 -55.44 14.54 42.26
CA TYR P 62 -54.13 14.42 42.90
C TYR P 62 -53.42 15.76 42.84
N ARG P 63 -52.61 16.06 43.85
CA ARG P 63 -51.58 17.09 43.76
C ARG P 63 -50.30 16.52 43.19
N VAL P 64 -49.46 17.41 42.67
CA VAL P 64 -48.16 17.05 42.17
C VAL P 64 -47.26 18.25 42.35
N ARG P 65 -45.96 18.03 42.56
CA ARG P 65 -45.03 19.15 42.71
C ARG P 65 -43.85 18.93 41.80
N VAL P 66 -43.45 19.96 41.07
CA VAL P 66 -42.33 19.85 40.14
C VAL P 66 -41.29 20.89 40.49
N ARG P 67 -40.02 20.52 40.53
CA ARG P 67 -38.99 21.51 40.86
C ARG P 67 -38.88 22.59 39.80
N ARG P 68 -38.76 23.82 40.26
CA ARG P 68 -38.65 24.98 39.41
C ARG P 68 -37.27 25.08 38.77
N GLY P 69 -37.17 25.81 37.67
CA GLY P 69 -35.91 25.99 36.99
C GLY P 69 -35.61 24.96 35.90
N ASP P 70 -34.40 25.04 35.35
CA ASP P 70 -33.94 24.15 34.29
C ASP P 70 -33.10 23.00 34.84
N ARG P 71 -32.87 22.01 33.98
CA ARG P 71 -31.97 20.90 34.28
C ARG P 71 -30.68 21.06 33.49
N LYS P 72 -29.57 20.61 34.07
CA LYS P 72 -28.31 20.45 33.34
C LYS P 72 -28.42 19.37 32.27
N LYS P 73 -27.58 19.48 31.24
CA LYS P 73 -27.26 18.34 30.39
C LYS P 73 -26.51 17.29 31.22
N GLN P 74 -26.85 16.02 30.99
CA GLN P 74 -26.48 14.94 31.91
C GLN P 74 -25.21 14.25 31.44
N VAL P 75 -24.07 14.87 31.77
CA VAL P 75 -22.75 14.38 31.40
C VAL P 75 -21.86 14.37 32.65
N HIS P 76 -20.87 13.48 32.68
CA HIS P 76 -19.98 13.36 33.83
C HIS P 76 -18.98 14.52 33.87
N LYS P 77 -19.03 15.32 34.94
CA LYS P 77 -18.16 16.49 35.12
C LYS P 77 -18.29 17.58 34.05
N GLY P 78 -19.44 17.64 33.37
CA GLY P 78 -19.64 18.55 32.24
C GLY P 78 -18.59 18.46 31.15
N ILE P 79 -18.21 17.23 30.80
CA ILE P 79 -17.19 16.97 29.79
C ILE P 79 -17.85 16.33 28.58
N VAL P 80 -18.01 17.09 27.51
CA VAL P 80 -19.07 16.87 26.54
C VAL P 80 -18.67 15.89 25.42
N TYR P 81 -17.48 16.08 24.84
CA TYR P 81 -17.06 15.42 23.58
C TYR P 81 -17.93 15.84 22.41
N GLY P 82 -17.47 16.91 21.75
CA GLY P 82 -17.90 17.24 20.40
C GLY P 82 -17.75 18.71 20.13
N LYS P 83 -18.43 19.17 19.09
CA LYS P 83 -18.12 20.45 18.49
C LYS P 83 -18.66 21.57 19.40
N PRO P 84 -17.89 22.68 19.56
CA PRO P 84 -18.19 23.70 20.58
C PRO P 84 -19.63 24.22 20.72
N LYS P 85 -20.46 24.12 19.68
CA LYS P 85 -21.91 24.33 19.82
C LYS P 85 -22.47 23.48 20.97
N ASN P 86 -22.18 22.19 20.92
CA ASN P 86 -22.75 21.23 21.85
C ASN P 86 -22.20 21.30 23.28
N GLN P 87 -21.09 22.03 23.52
CA GLN P 87 -20.53 22.19 24.87
C GLN P 87 -21.37 23.10 25.77
N GLY P 88 -22.60 22.66 26.03
CA GLY P 88 -23.62 23.50 26.63
C GLY P 88 -24.27 22.72 27.75
N VAL P 89 -23.70 22.85 28.95
CA VAL P 89 -24.14 22.09 30.11
C VAL P 89 -25.25 22.84 30.83
N ARG P 90 -25.01 24.10 31.14
CA ARG P 90 -25.81 24.81 32.15
C ARG P 90 -27.15 25.31 31.58
N LYS P 91 -27.11 26.19 30.57
CA LYS P 91 -28.32 26.91 30.12
C LYS P 91 -29.18 26.13 29.11
N GLN P 92 -29.53 24.89 29.43
CA GLN P 92 -30.51 24.12 28.64
C GLN P 92 -31.90 24.49 29.14
N LYS P 93 -32.94 24.04 28.44
CA LYS P 93 -34.32 24.46 28.75
C LYS P 93 -35.39 23.37 28.85
N SER P 94 -35.33 22.36 27.99
CA SER P 94 -36.37 21.33 27.85
C SER P 94 -37.60 21.85 27.10
N THR P 95 -38.20 20.93 26.33
CA THR P 95 -39.26 21.27 25.40
C THR P 95 -40.59 21.52 26.08
N ARG P 96 -40.79 20.96 27.27
CA ARG P 96 -42.13 20.70 27.79
C ARG P 96 -42.31 21.43 29.12
N ASN P 97 -43.44 22.13 29.24
CA ASN P 97 -43.78 22.91 30.45
C ASN P 97 -43.98 22.03 31.68
N LEU P 98 -43.82 22.65 32.85
CA LEU P 98 -43.83 21.93 34.12
C LEU P 98 -45.22 21.43 34.53
N ARG P 99 -46.27 22.09 34.02
CA ARG P 99 -47.64 21.57 34.08
C ARG P 99 -47.77 20.18 33.44
N ALA P 100 -47.14 20.01 32.27
CA ALA P 100 -47.13 18.74 31.56
C ALA P 100 -46.26 17.67 32.21
N VAL P 101 -45.17 18.12 32.85
CA VAL P 101 -44.30 17.22 33.56
C VAL P 101 -45.06 16.65 34.75
N ALA P 102 -45.84 17.49 35.41
CA ALA P 102 -46.61 17.08 36.58
C ALA P 102 -47.63 16.03 36.21
N GLU P 103 -48.29 16.20 35.07
CA GLU P 103 -49.28 15.24 34.63
C GLU P 103 -48.59 13.91 34.40
N GLU P 104 -47.38 13.97 33.86
CA GLU P 104 -46.56 12.78 33.60
C GLU P 104 -46.15 12.03 34.86
N LYS P 105 -45.76 12.76 35.89
CA LYS P 105 -45.33 12.12 37.13
C LYS P 105 -46.44 11.35 37.80
N VAL P 106 -47.62 11.95 37.87
CA VAL P 106 -48.77 11.30 38.48
C VAL P 106 -49.27 10.12 37.69
N ARG P 108 -48.02 7.95 34.79
CA ARG P 108 -47.42 6.68 34.40
C ARG P 108 -47.18 5.56 35.43
N LYS P 109 -46.66 5.90 36.60
CA LYS P 109 -46.40 4.87 37.59
C LYS P 109 -47.27 4.89 38.85
N ILE P 110 -47.40 6.06 39.47
CA ILE P 110 -48.17 6.18 40.70
C ILE P 110 -49.64 5.84 40.47
N CYS P 111 -50.20 6.29 39.35
CA CYS P 111 -51.60 6.02 39.04
C CYS P 111 -51.72 5.50 37.62
N GLY P 112 -51.27 4.26 37.43
CA GLY P 112 -51.29 3.59 36.14
C GLY P 112 -52.69 3.31 35.61
N GLY P 113 -53.58 2.92 36.51
CA GLY P 113 -54.95 2.59 36.13
C GLY P 113 -55.79 3.81 35.80
N LEU P 114 -55.61 4.87 36.57
CA LEU P 114 -56.35 6.11 36.37
C LEU P 114 -55.97 6.81 35.07
N ARG P 115 -56.94 7.49 34.48
CA ARG P 115 -56.74 8.17 33.20
C ARG P 115 -56.86 9.68 33.36
N VAL P 116 -55.82 10.40 32.95
CA VAL P 116 -55.70 11.84 33.20
C VAL P 116 -56.62 12.62 32.26
N LEU P 117 -57.36 13.57 32.84
CA LEU P 117 -58.19 14.48 32.08
C LEU P 117 -57.44 15.79 31.82
N ASN P 118 -57.07 16.47 32.90
CA ASN P 118 -56.54 17.83 32.83
C ASN P 118 -55.75 18.21 34.08
N SER P 119 -55.20 19.43 34.08
CA SER P 119 -54.41 19.93 35.21
C SER P 119 -54.57 21.43 35.37
N TYR P 120 -54.32 21.94 36.57
CA TYR P 120 -54.33 23.38 36.81
C TYR P 120 -53.45 23.81 37.99
N TRP P 121 -52.88 25.00 37.85
CA TRP P 121 -51.97 25.59 38.81
C TRP P 121 -52.64 25.92 40.13
N VAL P 122 -52.04 25.50 41.25
CA VAL P 122 -52.60 25.80 42.57
C VAL P 122 -51.70 26.68 43.42
N GLY P 123 -50.55 27.06 42.88
CA GLY P 123 -49.62 27.91 43.60
C GLY P 123 -48.20 27.63 43.19
N GLN P 124 -47.25 28.38 43.73
CA GLN P 124 -45.86 28.17 43.39
C GLN P 124 -44.92 28.64 44.49
N ASP P 125 -43.72 28.10 44.45
CA ASP P 125 -42.70 28.43 45.42
C ASP P 125 -41.38 28.54 44.69
N ALA P 126 -40.38 29.12 45.33
CA ALA P 126 -39.10 29.28 44.67
C ALA P 126 -38.49 27.94 44.27
N VAL P 127 -38.62 26.93 45.12
CA VAL P 127 -38.07 25.62 44.80
C VAL P 127 -39.10 24.59 44.34
N TYR P 128 -40.35 25.00 44.18
CA TYR P 128 -41.40 24.07 43.77
C TYR P 128 -42.51 24.77 43.04
N LYS P 129 -43.41 23.99 42.43
CA LYS P 129 -44.51 24.58 41.69
C LYS P 129 -45.63 23.56 41.53
N TYR P 130 -46.83 23.91 41.99
CA TYR P 130 -47.81 22.92 42.45
C TYR P 130 -49.04 22.88 41.53
N TYR P 131 -49.42 21.67 41.13
CA TYR P 131 -50.54 21.45 40.21
C TYR P 131 -51.48 20.43 40.79
N GLU P 132 -52.77 20.58 40.51
CA GLU P 132 -53.79 19.59 40.84
C GLU P 132 -54.24 18.93 39.56
N VAL P 133 -54.05 17.62 39.48
CA VAL P 133 -54.31 16.85 38.28
C VAL P 133 -55.62 16.09 38.44
N ILE P 134 -56.55 16.32 37.51
CA ILE P 134 -57.85 15.67 37.50
C ILE P 134 -57.72 14.31 36.82
N LEU P 135 -58.10 13.26 37.54
CA LEU P 135 -58.04 11.88 37.05
C LEU P 135 -59.43 11.25 37.05
N VAL P 136 -59.52 10.06 36.46
CA VAL P 136 -60.77 9.34 36.27
C VAL P 136 -60.48 7.85 36.48
N ASP P 137 -61.43 7.11 37.05
CA ASP P 137 -61.43 5.65 36.99
C ASP P 137 -62.31 5.16 35.84
N PRO P 138 -61.71 4.54 34.79
CA PRO P 138 -62.50 4.04 33.67
C PRO P 138 -63.20 2.69 33.95
N ALA P 139 -62.71 1.93 34.92
CA ALA P 139 -63.37 0.68 35.34
C ALA P 139 -64.69 0.91 36.08
N HIS P 140 -64.78 2.02 36.82
CA HIS P 140 -65.96 2.35 37.62
C HIS P 140 -67.19 2.56 36.75
N ASN P 141 -68.36 2.13 37.23
CA ASN P 141 -69.58 2.14 36.42
C ASN P 141 -70.26 3.51 36.26
N ALA P 142 -69.99 4.43 37.19
CA ALA P 142 -70.49 5.80 37.09
C ALA P 142 -69.91 6.57 35.90
N ILE P 143 -68.62 6.37 35.65
CA ILE P 143 -67.96 6.89 34.45
C ILE P 143 -68.30 6.05 33.21
N ARG P 144 -68.36 4.74 33.37
CA ARG P 144 -68.57 3.83 32.26
C ARG P 144 -69.96 3.94 31.64
N ASN P 145 -70.99 4.05 32.48
CA ASN P 145 -72.39 4.13 31.98
C ASN P 145 -72.70 5.44 31.27
N ASP P 146 -72.26 6.57 31.83
CA ASP P 146 -72.71 7.88 31.35
C ASP P 146 -72.01 8.27 30.04
N PRO P 147 -72.72 8.95 29.13
CA PRO P 147 -72.18 9.12 27.77
C PRO P 147 -71.11 10.21 27.63
N ARG P 148 -71.11 11.20 28.52
CA ARG P 148 -70.31 12.42 28.32
C ARG P 148 -68.84 12.26 28.72
N ILE P 149 -68.52 11.25 29.51
CA ILE P 149 -67.13 10.82 29.70
C ILE P 149 -66.98 9.29 29.54
N ASN P 150 -67.76 8.72 28.64
CA ASN P 150 -67.51 7.38 28.12
C ASN P 150 -66.37 7.37 27.12
N TRP P 151 -66.13 8.51 26.46
CA TRP P 151 -65.02 8.64 25.50
C TRP P 151 -63.63 8.38 26.09
N LEU P 152 -63.48 8.59 27.39
CA LEU P 152 -62.21 8.33 28.09
C LEU P 152 -61.94 6.84 28.40
N CYS P 153 -62.98 6.00 28.32
CA CYS P 153 -62.85 4.56 28.61
C CYS P 153 -62.44 3.70 27.40
N LYS P 154 -62.36 4.31 26.22
CA LYS P 154 -61.80 3.64 25.03
C LYS P 154 -60.31 3.37 25.20
N PRO P 155 -59.81 2.26 24.60
CA PRO P 155 -58.41 1.85 24.80
C PRO P 155 -57.36 2.75 24.11
N VAL P 156 -57.82 3.62 23.21
CA VAL P 156 -56.95 4.64 22.61
C VAL P 156 -56.46 5.68 23.62
N MET P 157 -57.28 5.97 24.63
CA MET P 157 -57.01 7.05 25.61
C MET P 157 -56.23 6.57 26.84
N LYS P 158 -55.42 5.51 26.69
CA LYS P 158 -54.40 5.17 27.68
C LYS P 158 -53.30 6.22 27.71
N HIS P 159 -52.72 6.43 28.88
CA HIS P 159 -51.48 7.23 29.05
C HIS P 159 -51.36 8.40 28.08
N ARG P 160 -52.44 9.18 27.98
CA ARG P 160 -52.47 10.33 27.07
C ARG P 160 -51.66 11.53 27.60
N GLU P 161 -51.28 11.49 28.88
CA GLU P 161 -50.15 12.28 29.39
C GLU P 161 -48.81 12.01 28.69
N CYS P 162 -48.49 10.74 28.44
CA CYS P 162 -47.18 10.34 27.94
C CYS P 162 -47.00 10.68 26.46
N ARG P 163 -48.11 10.68 25.71
CA ARG P 163 -48.11 10.97 24.28
C ARG P 163 -48.36 12.46 23.97
N GLY P 164 -48.61 13.28 24.99
CA GLY P 164 -48.72 14.73 24.83
C GLY P 164 -50.07 15.18 24.30
N LEU P 165 -51.14 14.66 24.91
CA LEU P 165 -52.52 14.89 24.45
C LEU P 165 -53.44 15.48 25.52
N THR P 166 -52.87 16.04 26.59
CA THR P 166 -53.64 16.84 27.55
C THR P 166 -53.87 18.23 26.95
N SER P 167 -54.26 19.21 27.76
CA SER P 167 -54.15 20.62 27.36
C SER P 167 -52.70 21.06 27.30
N ALA P 168 -51.95 20.80 28.37
CA ALA P 168 -50.59 21.32 28.55
C ALA P 168 -49.58 20.62 27.64
N GLY P 169 -49.78 19.33 27.42
CA GLY P 169 -49.05 18.59 26.39
C GLY P 169 -49.22 19.15 24.99
N LYS P 170 -50.46 19.52 24.68
CA LYS P 170 -50.82 20.06 23.37
C LYS P 170 -50.31 21.47 23.12
N LYS P 171 -49.94 22.18 24.19
CA LYS P 171 -49.32 23.50 24.07
C LYS P 171 -47.86 23.42 23.63
N TYR P 172 -47.06 22.53 24.24
CA TYR P 172 -45.63 22.45 23.91
C TYR P 172 -45.36 21.86 22.52
N ARG P 173 -46.26 21.03 22.03
CA ARG P 173 -46.22 20.57 20.64
C ARG P 173 -46.52 21.71 19.66
N GLY P 174 -47.34 22.66 20.09
CA GLY P 174 -47.67 23.84 19.29
C GLY P 174 -48.84 23.57 18.36
N LEU P 175 -49.80 22.77 18.82
CA LEU P 175 -51.12 22.71 18.18
C LEU P 175 -52.08 23.80 18.69
N ARG P 176 -51.64 24.58 19.68
CA ARG P 176 -52.51 25.61 20.27
C ARG P 176 -52.53 26.88 19.42
N THR P 177 -51.40 27.23 18.82
CA THR P 177 -51.38 28.03 17.59
C THR P 177 -51.86 27.21 16.38
N LYS P 178 -52.39 27.91 15.37
CA LYS P 178 -52.56 27.32 14.04
C LYS P 178 -52.57 28.40 12.96
N GLY P 179 -52.20 28.01 11.74
CA GLY P 179 -51.97 28.95 10.64
C GLY P 179 -50.61 28.76 10.01
N SER P 180 -50.01 29.86 9.58
CA SER P 180 -48.67 29.84 8.98
C SER P 180 -47.57 29.53 9.99
N GLY P 181 -47.76 29.91 11.24
CA GLY P 181 -46.78 29.64 12.26
C GLY P 181 -46.61 28.15 12.53
N ALA P 182 -47.73 27.45 12.51
CA ALA P 182 -47.78 26.02 12.79
C ALA P 182 -47.82 25.14 11.57
N ALA P 183 -47.51 25.70 10.40
CA ALA P 183 -47.55 24.94 9.17
C ALA P 183 -46.60 23.76 9.25
N ARG P 184 -45.46 23.99 9.89
CA ARG P 184 -44.39 23.02 10.06
C ARG P 184 -44.71 21.77 10.85
N LEU P 185 -45.44 21.95 11.95
CA LEU P 185 -45.75 20.85 12.85
C LEU P 185 -47.20 20.43 13.05
N PRO P 187 -49.46 17.96 11.59
CA PRO P 187 -49.89 16.57 11.91
C PRO P 187 -49.11 16.16 13.15
N SER P 188 -47.81 16.40 13.07
CA SER P 188 -46.87 16.14 14.14
C SER P 188 -45.56 16.73 13.65
N ARG P 189 -44.63 17.03 14.54
CA ARG P 189 -43.38 17.59 14.07
C ARG P 189 -42.67 16.56 13.22
N ARG P 190 -42.63 15.32 13.72
CA ARG P 190 -42.01 14.21 13.02
C ARG P 190 -42.73 13.73 11.75
N ALA P 191 -44.06 13.71 11.80
CA ALA P 191 -44.85 13.27 10.67
C ALA P 191 -44.69 14.22 9.50
N CYS P 192 -44.70 15.52 9.79
CA CYS P 192 -44.51 16.53 8.76
C CYS P 192 -43.11 16.42 8.19
N TRP P 193 -42.15 16.14 9.06
CA TRP P 193 -40.76 16.01 8.64
C TRP P 193 -40.55 14.84 7.69
N LYS P 194 -41.22 13.71 7.92
CA LYS P 194 -41.09 12.57 7.03
C LYS P 194 -41.66 12.81 5.64
N LYS P 195 -42.76 13.54 5.56
CA LYS P 195 -43.43 13.83 4.31
C LYS P 195 -42.55 14.63 3.35
N ARG P 196 -41.88 15.63 3.86
CA ARG P 196 -40.99 16.43 3.04
C ARG P 196 -39.66 15.88 3.45
N GLN P 197 -38.99 15.19 2.54
CA GLN P 197 -37.71 14.52 2.77
C GLN P 197 -37.75 13.29 1.89
N ALA P 198 -38.94 12.72 1.76
CA ALA P 198 -39.14 11.54 0.94
C ALA P 198 -38.91 11.86 -0.52
N VAL P 199 -38.29 10.92 -1.23
CA VAL P 199 -38.04 11.10 -2.65
C VAL P 199 -39.22 10.37 -3.24
N ARG P 200 -40.06 11.12 -3.92
CA ARG P 200 -41.28 10.58 -4.52
C ARG P 200 -41.00 10.16 -5.96
N LEU P 201 -41.01 8.86 -6.22
CA LEU P 201 -40.67 8.31 -7.52
C LEU P 201 -41.91 7.65 -8.11
N ARG P 202 -42.70 8.44 -8.82
CA ARG P 202 -43.86 7.93 -9.57
C ARG P 202 -43.42 6.99 -10.67
N ARG P 203 -44.32 6.11 -11.08
CA ARG P 203 -43.93 4.96 -11.89
C ARG P 203 -43.74 5.29 -13.36
N TYR P 204 -44.42 6.32 -13.85
CA TYR P 204 -44.09 6.94 -15.14
C TYR P 204 -43.24 8.20 -14.96
N ARG P 205 -41.98 8.12 -15.39
CA ARG P 205 -41.04 9.25 -15.36
C ARG P 205 -40.30 9.37 -16.69
N THR Q 68 31.91 -31.85 -53.94
CA THR Q 68 32.83 -31.03 -54.79
C THR Q 68 34.28 -31.15 -54.34
N PHE Q 69 34.65 -32.31 -53.82
CA PHE Q 69 35.78 -32.43 -52.91
C PHE Q 69 36.20 -33.88 -52.72
N LYS Q 70 37.42 -34.06 -52.21
CA LYS Q 70 38.03 -35.36 -52.04
C LYS Q 70 37.48 -36.09 -50.81
N LYS Q 71 37.86 -37.35 -50.65
CA LYS Q 71 37.44 -38.15 -49.49
C LYS Q 71 38.16 -37.68 -48.22
N VAL Q 72 39.49 -37.67 -48.26
CA VAL Q 72 40.32 -37.14 -47.19
C VAL Q 72 41.33 -36.17 -47.79
N VAL Q 73 41.74 -35.17 -47.02
CA VAL Q 73 42.80 -34.24 -47.42
C VAL Q 73 43.80 -34.10 -46.28
N VAL Q 74 44.94 -34.76 -46.40
CA VAL Q 74 46.00 -34.71 -45.39
C VAL Q 74 46.85 -33.46 -45.65
N ILE Q 75 47.04 -32.64 -44.62
CA ILE Q 75 47.84 -31.41 -44.71
C ILE Q 75 49.19 -31.66 -44.04
N ASP Q 76 50.27 -31.41 -44.77
CA ASP Q 76 51.57 -31.09 -44.14
C ASP Q 76 51.51 -29.67 -43.61
N CYS Q 77 51.97 -29.48 -42.37
CA CYS Q 77 51.81 -28.21 -41.66
C CYS Q 77 53.14 -27.51 -41.38
N GLN Q 78 54.24 -27.96 -41.99
CA GLN Q 78 55.50 -27.21 -41.92
C GLN Q 78 55.57 -26.12 -42.99
N GLY Q 79 56.18 -25.00 -42.64
CA GLY Q 79 56.13 -23.78 -43.43
C GLY Q 79 54.88 -22.92 -43.27
N HIS Q 80 53.90 -23.38 -42.49
CA HIS Q 80 52.56 -22.81 -42.48
C HIS Q 80 52.41 -21.84 -41.33
N LEU Q 81 51.63 -20.77 -41.56
CA LEU Q 81 51.28 -19.81 -40.52
C LEU Q 81 49.98 -20.19 -39.85
N LEU Q 82 49.91 -19.98 -38.54
CA LEU Q 82 49.05 -20.78 -37.66
C LEU Q 82 47.60 -20.37 -37.79
N GLY Q 83 47.34 -19.07 -37.77
CA GLY Q 83 45.99 -18.53 -37.98
C GLY Q 83 45.57 -18.64 -39.43
N ARG Q 84 46.45 -18.24 -40.34
CA ARG Q 84 46.18 -18.26 -41.78
C ARG Q 84 45.80 -19.66 -42.27
N LEU Q 85 46.47 -20.69 -41.74
CA LEU Q 85 46.10 -22.08 -41.99
C LEU Q 85 44.73 -22.39 -41.44
N ALA Q 86 44.54 -22.09 -40.15
CA ALA Q 86 43.33 -22.46 -39.42
C ALA Q 86 42.04 -21.91 -40.04
N SER Q 87 42.11 -20.70 -40.57
CA SER Q 87 40.95 -20.03 -41.17
C SER Q 87 40.49 -20.68 -42.47
N VAL Q 88 41.45 -21.17 -43.27
CA VAL Q 88 41.16 -22.02 -44.42
C VAL Q 88 40.57 -23.35 -43.98
N VAL Q 89 41.22 -23.99 -43.00
CA VAL Q 89 40.84 -25.32 -42.53
C VAL Q 89 39.43 -25.31 -41.91
N ALA Q 90 39.11 -24.25 -41.16
CA ALA Q 90 37.80 -24.10 -40.53
C ALA Q 90 36.67 -24.13 -41.56
N LYS Q 91 36.74 -23.25 -42.54
CA LYS Q 91 35.68 -23.12 -43.56
C LYS Q 91 35.46 -24.41 -44.36
N GLU Q 92 36.52 -25.17 -44.57
CA GLU Q 92 36.44 -26.45 -45.28
C GLU Q 92 35.79 -27.56 -44.46
N LEU Q 93 36.00 -27.53 -43.13
CA LEU Q 93 35.27 -28.43 -42.23
C LEU Q 93 33.76 -28.15 -42.21
N LEU Q 94 33.37 -26.89 -42.31
CA LEU Q 94 31.95 -26.50 -42.42
C LEU Q 94 31.31 -26.92 -43.75
N LYS Q 95 32.08 -26.84 -44.85
CA LYS Q 95 31.63 -27.35 -46.16
C LYS Q 95 31.57 -28.89 -46.25
N GLY Q 96 32.10 -29.59 -45.25
CA GLY Q 96 31.89 -31.02 -45.08
C GLY Q 96 33.11 -31.87 -45.40
N GLN Q 97 34.23 -31.22 -45.73
CA GLN Q 97 35.48 -31.93 -46.04
C GLN Q 97 36.07 -32.53 -44.77
N GLN Q 98 36.55 -33.77 -44.87
CA GLN Q 98 37.24 -34.45 -43.77
C GLN Q 98 38.75 -34.28 -43.91
N ILE Q 99 39.41 -33.86 -42.84
CA ILE Q 99 40.79 -33.36 -42.88
C ILE Q 99 41.64 -34.08 -41.83
N ILE Q 100 42.88 -34.39 -42.18
CA ILE Q 100 43.95 -34.67 -41.24
C ILE Q 100 44.98 -33.55 -41.35
N CYS Q 101 45.48 -33.09 -40.20
CA CYS Q 101 46.71 -32.29 -40.15
C CYS Q 101 47.86 -33.12 -39.57
N VAL Q 102 49.06 -32.89 -40.10
CA VAL Q 102 50.21 -33.77 -39.90
C VAL Q 102 51.48 -32.92 -39.83
N ARG Q 103 52.42 -33.34 -38.97
CA ARG Q 103 53.61 -32.55 -38.61
C ARG Q 103 53.24 -31.18 -38.08
N CYS Q 104 52.47 -31.17 -37.01
CA CYS Q 104 51.97 -29.93 -36.43
C CYS Q 104 53.03 -29.22 -35.57
N GLU Q 105 54.04 -29.94 -35.09
CA GLU Q 105 55.19 -29.34 -34.39
C GLU Q 105 55.97 -28.29 -35.22
N ASP Q 106 56.03 -28.48 -36.53
CA ASP Q 106 56.82 -27.59 -37.41
C ASP Q 106 56.07 -26.32 -37.89
N ILE Q 107 54.79 -26.20 -37.56
CA ILE Q 107 53.99 -25.02 -37.95
C ILE Q 107 54.53 -23.72 -37.34
N ASN Q 108 54.44 -22.64 -38.11
CA ASN Q 108 55.11 -21.38 -37.76
C ASN Q 108 54.12 -20.33 -37.26
N ILE Q 109 54.67 -19.31 -36.59
CA ILE Q 109 53.94 -18.10 -36.21
C ILE Q 109 54.84 -16.88 -36.41
N SER Q 110 54.26 -15.78 -36.88
CA SER Q 110 54.96 -14.50 -36.96
C SER Q 110 55.20 -13.88 -35.58
N GLY Q 111 56.18 -12.99 -35.50
CA GLY Q 111 56.78 -12.58 -34.22
C GLY Q 111 57.92 -13.48 -33.78
N SER Q 112 58.77 -12.97 -32.90
CA SER Q 112 59.90 -13.76 -32.37
C SER Q 112 59.43 -14.80 -31.35
N LEU Q 113 60.35 -15.69 -30.97
CA LEU Q 113 60.06 -16.73 -29.97
C LEU Q 113 59.75 -16.15 -28.60
N HIS Q 114 60.52 -15.15 -28.20
CA HIS Q 114 60.30 -14.48 -26.92
C HIS Q 114 58.93 -13.81 -26.87
N ARG Q 115 58.54 -13.18 -27.97
CA ARG Q 115 57.25 -12.48 -28.06
C ARG Q 115 56.06 -13.43 -27.92
N ASN Q 116 56.11 -14.55 -28.62
CA ASN Q 116 55.04 -15.55 -28.58
C ASN Q 116 54.94 -16.27 -27.24
N ARG Q 117 56.08 -16.52 -26.60
CA ARG Q 117 56.09 -17.14 -25.26
C ARG Q 117 55.54 -16.21 -24.17
N LEU Q 118 55.77 -14.91 -24.34
CA LEU Q 118 55.18 -13.89 -23.47
C LEU Q 118 53.64 -13.83 -23.64
N LYS Q 119 53.17 -14.06 -24.86
CA LYS Q 119 51.73 -14.15 -25.13
C LYS Q 119 51.10 -15.44 -24.59
N TYR Q 120 51.84 -16.54 -24.65
CA TYR Q 120 51.40 -17.80 -24.03
C TYR Q 120 51.44 -17.75 -22.50
N GLN Q 121 52.28 -16.90 -21.93
CA GLN Q 121 52.29 -16.68 -20.48
C GLN Q 121 51.11 -15.85 -19.97
N ARG Q 122 50.62 -14.92 -20.78
CA ARG Q 122 49.33 -14.25 -20.53
C ARG Q 122 48.14 -15.21 -20.54
N PHE Q 123 48.24 -16.27 -21.35
CA PHE Q 123 47.21 -17.33 -21.40
C PHE Q 123 47.22 -18.23 -20.15
N LEU Q 124 48.40 -18.57 -19.64
CA LEU Q 124 48.51 -19.36 -18.40
C LEU Q 124 48.06 -18.60 -17.15
N ARG Q 125 48.17 -17.28 -17.19
CA ARG Q 125 47.69 -16.43 -16.10
C ARG Q 125 46.17 -16.54 -15.88
N LEU Q 126 45.41 -16.77 -16.96
CA LEU Q 126 43.97 -16.99 -16.87
C LEU Q 126 43.64 -18.31 -16.18
N ARG Q 127 42.71 -18.27 -15.24
CA ARG Q 127 42.13 -19.48 -14.63
C ARG Q 127 40.85 -19.09 -13.88
N MET Q 128 39.93 -20.04 -13.72
CA MET Q 128 38.80 -19.85 -12.80
C MET Q 128 39.31 -19.82 -11.35
N ASN Q 129 39.08 -18.69 -10.67
CA ASN Q 129 39.65 -18.44 -9.34
C ASN Q 129 39.00 -19.27 -8.24
N SER Q 130 37.69 -19.50 -8.36
CA SER Q 130 36.96 -20.41 -7.49
C SER Q 130 37.54 -21.82 -7.48
N ASN Q 131 37.73 -22.38 -8.67
CA ASN Q 131 38.10 -23.79 -8.82
C ASN Q 131 38.70 -24.05 -10.20
N PRO Q 132 40.02 -23.91 -10.33
CA PRO Q 132 40.67 -23.88 -11.64
C PRO Q 132 40.79 -25.24 -12.33
N ARG Q 133 40.43 -26.33 -11.64
CA ARG Q 133 39.98 -27.57 -12.29
C ARG Q 133 39.00 -27.33 -13.42
N ARG Q 134 38.03 -26.46 -13.18
CA ARG Q 134 36.93 -26.23 -14.11
C ARG Q 134 37.35 -25.47 -15.36
N GLY Q 135 38.25 -24.50 -15.20
CA GLY Q 135 38.36 -23.36 -16.12
C GLY Q 135 39.25 -23.63 -17.33
N PRO Q 136 39.82 -22.57 -17.93
CA PRO Q 136 40.52 -22.69 -19.22
C PRO Q 136 41.62 -23.74 -19.19
N TYR Q 137 41.48 -24.76 -20.02
CA TYR Q 137 42.48 -25.81 -20.13
C TYR Q 137 43.62 -25.35 -21.04
N HIS Q 138 44.81 -25.22 -20.45
CA HIS Q 138 45.99 -24.74 -21.14
C HIS Q 138 46.72 -25.93 -21.76
N LEU Q 139 46.63 -26.05 -23.09
CA LEU Q 139 47.01 -27.25 -23.80
C LEU Q 139 48.38 -27.05 -24.42
N ARG Q 140 49.35 -27.89 -24.05
CA ARG Q 140 50.76 -27.60 -24.28
C ARG Q 140 51.26 -28.12 -25.63
N ALA Q 141 50.67 -29.23 -26.09
CA ALA Q 141 51.11 -29.90 -27.31
C ALA Q 141 50.77 -29.08 -28.57
N PRO Q 142 51.67 -29.05 -29.58
CA PRO Q 142 51.40 -28.37 -30.86
C PRO Q 142 50.14 -28.82 -31.60
N SER Q 143 49.89 -30.12 -31.64
CA SER Q 143 48.65 -30.66 -32.21
C SER Q 143 47.41 -30.12 -31.50
N ARG Q 144 47.49 -30.06 -30.18
CA ARG Q 144 46.39 -29.59 -29.34
C ARG Q 144 46.24 -28.05 -29.38
N ILE Q 145 47.35 -27.35 -29.62
CA ILE Q 145 47.32 -25.89 -29.81
C ILE Q 145 46.65 -25.48 -31.12
N LEU Q 146 47.03 -26.12 -32.23
CA LEU Q 146 46.38 -25.87 -33.52
C LEU Q 146 44.89 -26.17 -33.45
N TRP Q 147 44.54 -27.28 -32.79
CA TRP Q 147 43.14 -27.68 -32.60
C TRP Q 147 42.28 -26.57 -31.99
N ARG Q 148 42.84 -25.83 -31.04
CA ARG Q 148 42.11 -24.73 -30.38
C ARG Q 148 41.79 -23.57 -31.32
N THR Q 149 42.76 -23.16 -32.13
CA THR Q 149 42.58 -21.99 -33.00
C THR Q 149 41.64 -22.27 -34.17
N ILE Q 150 41.53 -23.53 -34.58
CA ILE Q 150 40.49 -23.95 -35.52
C ILE Q 150 39.11 -23.91 -34.85
N ARG Q 151 39.04 -24.37 -33.60
CA ARG Q 151 37.79 -24.28 -32.82
C ARG Q 151 37.41 -22.85 -32.46
N GLY Q 152 38.41 -21.98 -32.30
CA GLY Q 152 38.19 -20.54 -32.17
C GLY Q 152 37.52 -19.85 -33.35
N MET Q 153 37.65 -20.46 -34.53
CA MET Q 153 37.00 -19.97 -35.75
C MET Q 153 35.77 -20.82 -36.14
N LEU Q 154 35.02 -21.28 -35.13
CA LEU Q 154 33.78 -22.04 -35.33
C LEU Q 154 32.78 -21.70 -34.23
N ARG Q 155 31.51 -21.60 -34.59
CA ARG Q 155 30.43 -21.51 -33.60
C ARG Q 155 30.19 -22.90 -33.00
N HIS Q 156 31.03 -23.24 -32.02
CA HIS Q 156 31.22 -24.63 -31.60
C HIS Q 156 30.22 -25.08 -30.51
N LYS Q 157 29.55 -24.12 -29.88
CA LYS Q 157 28.47 -24.43 -28.93
C LYS Q 157 27.20 -24.96 -29.61
N VAL Q 158 26.94 -24.48 -30.81
CA VAL Q 158 25.81 -24.95 -31.60
C VAL Q 158 26.15 -26.34 -32.12
N GLU Q 159 25.13 -27.12 -32.45
CA GLU Q 159 25.32 -28.47 -32.94
C GLU Q 159 26.10 -28.58 -34.23
N ARG Q 160 25.85 -27.67 -35.17
CA ARG Q 160 26.55 -27.71 -36.46
C ARG Q 160 28.05 -27.52 -36.30
N GLY Q 161 28.44 -26.61 -35.40
CA GLY Q 161 29.83 -26.34 -35.16
C GLY Q 161 30.56 -27.56 -34.66
N GLN Q 162 29.90 -28.30 -33.78
CA GLN Q 162 30.48 -29.50 -33.21
C GLN Q 162 30.76 -30.56 -34.26
N LYS Q 163 29.89 -30.66 -35.25
CA LYS Q 163 30.04 -31.64 -36.29
C LYS Q 163 31.33 -31.38 -37.06
N ALA Q 164 31.65 -30.11 -37.26
CA ALA Q 164 32.86 -29.72 -37.98
C ALA Q 164 34.13 -30.21 -37.32
N LEU Q 165 34.21 -30.11 -36.00
CA LEU Q 165 35.39 -30.58 -35.29
C LEU Q 165 35.54 -32.09 -35.45
N ALA Q 166 34.42 -32.79 -35.39
CA ALA Q 166 34.40 -34.24 -35.58
C ALA Q 166 35.14 -34.70 -36.83
N ARG Q 167 35.01 -33.94 -37.91
CA ARG Q 167 35.69 -34.26 -39.15
C ARG Q 167 37.20 -34.14 -39.03
N LEU Q 168 37.64 -33.11 -38.33
CA LEU Q 168 39.08 -32.84 -38.16
C LEU Q 168 39.86 -33.83 -37.31
N GLN Q 169 41.04 -34.19 -37.81
CA GLN Q 169 41.96 -35.07 -37.11
C GLN Q 169 43.30 -34.36 -37.10
N VAL Q 170 43.91 -34.21 -35.93
CA VAL Q 170 45.20 -33.54 -35.85
C VAL Q 170 46.27 -34.41 -35.23
N TYR Q 171 47.43 -34.44 -35.85
CA TYR Q 171 48.53 -35.24 -35.34
C TYR Q 171 49.82 -34.44 -35.25
N GLU Q 172 50.62 -34.74 -34.24
CA GLU Q 172 51.88 -34.06 -34.06
C GLU Q 172 52.92 -35.08 -34.50
N VAL Q 174 54.39 -37.45 -37.59
CA VAL Q 174 53.59 -38.27 -38.49
C VAL Q 174 53.52 -39.67 -37.93
N PRO Q 175 52.33 -40.24 -37.82
CA PRO Q 175 52.18 -41.60 -37.28
C PRO Q 175 52.59 -42.69 -38.30
N THR Q 176 52.10 -43.91 -38.11
CA THR Q 176 51.88 -44.85 -39.23
C THR Q 176 50.71 -44.33 -40.10
N MET Q 177 49.91 -45.21 -40.71
CA MET Q 177 48.65 -44.82 -41.38
C MET Q 177 48.88 -43.94 -42.62
N VAL Q 178 49.24 -42.67 -42.39
CA VAL Q 178 49.18 -41.61 -43.40
C VAL Q 178 50.55 -41.06 -43.78
N GLU Q 179 51.63 -41.73 -43.36
CA GLU Q 179 52.88 -41.73 -44.12
C GLU Q 179 52.71 -42.35 -45.51
N ARG Q 180 51.86 -43.37 -45.60
CA ARG Q 180 51.59 -44.07 -46.86
C ARG Q 180 50.77 -43.25 -47.87
N LYS Q 181 49.98 -42.27 -47.38
CA LYS Q 181 49.20 -41.37 -48.22
C LYS Q 181 49.92 -40.04 -48.48
N LYS Q 182 49.47 -39.32 -49.50
CA LYS Q 182 50.06 -38.02 -49.87
C LYS Q 182 49.62 -36.92 -48.90
N ARG Q 183 50.52 -35.97 -48.67
CA ARG Q 183 50.25 -34.77 -47.90
C ARG Q 183 50.24 -33.52 -48.79
N MET Q 184 49.14 -32.77 -48.72
CA MET Q 184 48.94 -31.56 -49.52
C MET Q 184 49.38 -30.30 -48.74
N VAL Q 185 49.43 -29.17 -49.46
CA VAL Q 185 49.87 -27.88 -48.92
C VAL Q 185 48.87 -26.78 -49.31
N VAL Q 186 48.34 -26.08 -48.31
CA VAL Q 186 47.65 -24.79 -48.51
C VAL Q 186 48.66 -23.67 -48.82
N PRO Q 187 48.64 -23.13 -50.05
CA PRO Q 187 49.71 -22.22 -50.49
C PRO Q 187 49.56 -20.76 -50.02
N SER Q 188 48.33 -20.31 -49.78
CA SER Q 188 48.06 -18.96 -49.27
C SER Q 188 48.56 -18.75 -47.84
N ALA Q 189 48.56 -19.81 -47.05
CA ALA Q 189 48.84 -19.76 -45.61
C ALA Q 189 50.24 -20.30 -45.35
N LEU Q 190 51.24 -19.65 -45.94
CA LEU Q 190 52.57 -20.22 -46.10
C LEU Q 190 53.63 -19.14 -45.92
N ARG Q 191 54.71 -19.47 -45.22
CA ARG Q 191 55.59 -18.47 -44.64
C ARG Q 191 56.48 -17.81 -45.69
N ILE Q 192 57.08 -18.63 -46.54
CA ILE Q 192 57.87 -18.13 -47.68
C ILE Q 192 57.09 -17.17 -48.60
N VAL Q 193 55.79 -17.39 -48.72
CA VAL Q 193 54.91 -16.48 -49.45
C VAL Q 193 54.68 -15.20 -48.65
N ARG Q 194 54.22 -15.37 -47.41
CA ARG Q 194 53.58 -14.27 -46.67
C ARG Q 194 54.60 -13.38 -45.97
N LEU Q 195 55.35 -13.94 -45.04
CA LEU Q 195 56.26 -13.14 -44.19
C LEU Q 195 57.39 -12.53 -45.01
N LYS Q 196 57.33 -11.23 -45.18
CA LYS Q 196 58.37 -10.42 -45.83
C LYS Q 196 59.72 -10.65 -45.15
N PRO Q 197 60.77 -10.99 -45.93
CA PRO Q 197 61.91 -11.69 -45.34
C PRO Q 197 62.81 -10.75 -44.56
N LYS Q 198 63.47 -11.30 -43.54
CA LYS Q 198 64.00 -10.60 -42.34
C LYS Q 198 63.04 -10.60 -41.14
N ARG Q 199 61.74 -10.49 -41.38
CA ARG Q 199 60.76 -10.37 -40.30
C ARG Q 199 60.71 -11.66 -39.50
N ASN Q 200 60.96 -11.55 -38.20
CA ASN Q 200 61.28 -12.72 -37.37
C ASN Q 200 60.05 -13.58 -37.10
N PHE Q 201 60.23 -14.89 -37.17
CA PHE Q 201 59.16 -15.86 -37.01
C PHE Q 201 59.58 -16.88 -35.96
N CYS Q 202 58.66 -17.77 -35.61
CA CYS Q 202 58.86 -18.74 -34.54
C CYS Q 202 58.16 -20.05 -34.88
N ARG Q 203 58.87 -21.16 -34.69
CA ARG Q 203 58.29 -22.49 -34.87
C ARG Q 203 57.54 -22.91 -33.61
N LEU Q 204 56.40 -23.58 -33.80
CA LEU Q 204 55.53 -23.98 -32.67
C LEU Q 204 56.13 -25.10 -31.82
N GLY Q 205 56.91 -25.98 -32.44
CA GLY Q 205 57.66 -27.00 -31.73
C GLY Q 205 58.64 -26.47 -30.69
N ASP Q 206 59.23 -25.31 -30.97
CA ASP Q 206 60.07 -24.61 -29.99
C ASP Q 206 59.23 -23.97 -28.89
N LEU Q 207 58.20 -23.22 -29.27
CA LEU Q 207 57.29 -22.57 -28.33
C LEU Q 207 56.59 -23.56 -27.37
N SER Q 208 56.29 -24.76 -27.84
CA SER Q 208 55.64 -25.78 -27.00
C SER Q 208 56.60 -26.42 -26.00
N SER Q 209 57.82 -26.72 -26.44
CA SER Q 209 58.85 -27.32 -25.58
C SER Q 209 59.40 -26.34 -24.52
N GLN Q 210 59.28 -25.04 -24.79
CA GLN Q 210 59.46 -24.00 -23.75
C GLN Q 210 58.44 -24.11 -22.63
N VAL Q 211 57.19 -24.39 -23.00
CA VAL Q 211 56.06 -24.47 -22.05
C VAL Q 211 55.61 -25.93 -21.86
N GLY Q 212 56.54 -26.78 -21.45
CA GLY Q 212 56.22 -28.05 -20.80
C GLY Q 212 55.55 -29.12 -21.65
N TRP Q 213 55.86 -29.13 -22.96
CA TRP Q 213 55.57 -30.29 -23.82
C TRP Q 213 56.84 -31.14 -23.90
N SER Q 214 56.79 -32.32 -23.28
CA SER Q 214 57.98 -33.14 -23.04
C SER Q 214 58.55 -33.79 -24.32
N HIS Q 215 57.69 -34.03 -25.31
CA HIS Q 215 57.99 -34.96 -26.40
C HIS Q 215 58.49 -34.24 -27.65
N GLY Q 216 59.48 -33.36 -27.49
CA GLY Q 216 60.18 -32.76 -28.62
C GLY Q 216 61.07 -33.75 -29.33
N ASP Q 217 61.92 -34.44 -28.57
CA ASP Q 217 63.04 -35.20 -29.12
C ASP Q 217 62.68 -36.61 -29.59
N LEU Q 218 61.48 -37.09 -29.25
CA LEU Q 218 60.90 -38.26 -29.92
C LEU Q 218 60.42 -37.93 -31.33
N VAL Q 219 59.74 -36.79 -31.47
CA VAL Q 219 59.23 -36.35 -32.76
C VAL Q 219 60.39 -35.88 -33.66
N ALA Q 220 61.54 -35.57 -33.08
CA ALA Q 220 62.81 -35.58 -33.82
C ALA Q 220 63.18 -36.99 -34.32
N ARG Q 221 63.29 -37.93 -33.38
CA ARG Q 221 63.78 -39.30 -33.68
C ARG Q 221 62.90 -40.06 -34.68
N LEU Q 222 61.59 -40.05 -34.45
CA LEU Q 222 60.65 -40.80 -35.29
C LEU Q 222 60.59 -40.26 -36.72
N GLU Q 223 60.63 -38.93 -36.87
CA GLU Q 223 60.71 -38.30 -38.19
C GLU Q 223 62.03 -38.62 -38.91
N GLU Q 224 63.14 -38.48 -38.19
CA GLU Q 224 64.47 -38.82 -38.72
C GLU Q 224 64.61 -40.31 -39.06
N LYS Q 225 63.88 -41.16 -38.34
CA LYS Q 225 63.79 -42.59 -38.66
C LYS Q 225 62.98 -42.83 -39.94
N ARG Q 226 61.79 -42.24 -40.04
CA ARG Q 226 60.90 -42.47 -41.19
C ARG Q 226 61.19 -41.59 -42.42
N LYS Q 227 62.17 -40.69 -42.32
CA LYS Q 227 62.75 -40.05 -43.51
C LYS Q 227 63.73 -40.97 -44.25
N THR Q 228 64.54 -41.71 -43.50
CA THR Q 228 65.36 -42.81 -44.03
C THR Q 228 64.52 -43.94 -44.64
N ARG Q 229 63.40 -44.24 -43.98
CA ARG Q 229 62.40 -45.19 -44.48
C ARG Q 229 61.80 -44.76 -45.82
N SER Q 230 61.52 -43.46 -45.95
CA SER Q 230 60.91 -42.89 -47.15
C SER Q 230 61.89 -42.77 -48.32
N SER Q 231 63.14 -42.42 -48.03
CA SER Q 231 64.20 -42.38 -49.06
C SER Q 231 64.56 -43.76 -49.65
N ALA Q 232 64.31 -44.82 -48.89
CA ALA Q 232 64.35 -46.20 -49.41
C ALA Q 232 63.21 -46.47 -50.39
N TYR Q 233 62.00 -45.99 -50.07
CA TYR Q 233 60.86 -46.03 -51.00
C TYR Q 233 61.12 -45.21 -52.28
N TYR Q 234 61.73 -44.04 -52.12
CA TYR Q 234 61.96 -43.12 -53.23
C TYR Q 234 62.79 -43.74 -54.35
N GLN Q 235 63.89 -44.39 -53.98
CA GLN Q 235 64.86 -44.90 -54.96
C GLN Q 235 64.43 -46.20 -55.66
N LYS Q 236 63.46 -46.91 -55.10
CA LYS Q 236 62.68 -47.90 -55.86
C LYS Q 236 61.84 -47.23 -56.95
N LYS Q 237 61.01 -46.27 -56.52
CA LYS Q 237 60.10 -45.54 -57.41
C LYS Q 237 60.84 -44.78 -58.51
N LYS Q 238 61.94 -44.13 -58.15
CA LYS Q 238 62.75 -43.35 -59.08
C LYS Q 238 63.43 -44.22 -60.15
N GLU Q 239 63.76 -45.45 -59.78
CA GLU Q 239 64.25 -46.46 -60.73
C GLU Q 239 63.16 -46.95 -61.71
N ARG Q 240 61.95 -47.13 -61.21
CA ARG Q 240 60.80 -47.55 -62.05
C ARG Q 240 59.93 -46.40 -62.58
N THR Q 241 60.39 -45.16 -62.40
CA THR Q 241 59.95 -44.01 -63.20
C THR Q 241 60.77 -43.89 -64.48
N LYS Q 242 62.09 -44.04 -64.35
CA LYS Q 242 62.99 -44.31 -65.48
C LYS Q 242 62.49 -45.46 -66.38
N MET Q 243 62.07 -46.57 -65.76
CA MET Q 243 61.84 -47.84 -66.46
C MET Q 243 60.57 -47.81 -67.32
N GLN Q 244 59.53 -47.14 -66.83
CA GLN Q 244 58.33 -46.87 -67.64
C GLN Q 244 58.59 -45.89 -68.78
N THR Q 245 59.27 -44.78 -68.46
CA THR Q 245 59.58 -43.74 -69.46
C THR Q 245 60.67 -44.13 -70.47
N GLU Q 246 61.41 -45.20 -70.20
CA GLU Q 246 62.23 -45.88 -71.21
C GLU Q 246 61.35 -46.68 -72.18
N ALA Q 247 60.43 -47.49 -71.63
CA ALA Q 247 59.50 -48.28 -72.43
C ALA Q 247 58.41 -47.46 -73.14
N LYS Q 248 58.20 -46.22 -72.69
CA LYS Q 248 57.38 -45.23 -73.41
C LYS Q 248 58.00 -44.84 -74.76
N GLN Q 249 59.31 -44.67 -74.79
CA GLN Q 249 60.02 -44.18 -75.97
C GLN Q 249 60.09 -45.23 -77.10
N PHE Q 250 60.14 -46.51 -76.73
CA PHE Q 250 59.92 -47.60 -77.69
C PHE Q 250 58.50 -47.59 -78.25
N ALA Q 251 57.51 -47.53 -77.37
CA ALA Q 251 56.10 -47.63 -77.74
C ALA Q 251 55.62 -46.43 -78.58
N GLN Q 252 56.21 -45.26 -78.35
CA GLN Q 252 55.91 -44.05 -79.13
C GLN Q 252 56.44 -44.09 -80.57
N THR Q 253 57.54 -44.82 -80.80
CA THR Q 253 58.07 -45.07 -82.14
C THR Q 253 57.19 -46.01 -82.95
N THR Q 254 56.85 -47.17 -82.36
CA THR Q 254 56.32 -48.31 -83.12
C THR Q 254 54.87 -48.14 -83.61
N LEU Q 255 54.05 -47.40 -82.85
CA LEU Q 255 52.73 -46.96 -83.33
C LEU Q 255 52.87 -45.85 -84.38
N PRO Q 256 51.89 -45.75 -85.32
CA PRO Q 256 52.15 -45.08 -86.60
C PRO Q 256 52.42 -43.57 -86.49
N LYS Q 257 53.04 -43.01 -87.53
CA LYS Q 257 53.69 -41.70 -87.44
C LYS Q 257 52.73 -40.50 -87.46
N ASP Q 258 51.47 -40.72 -87.85
CA ASP Q 258 50.41 -39.72 -87.68
C ASP Q 258 50.15 -39.39 -86.22
N GLN Q 259 49.95 -40.43 -85.42
CA GLN Q 259 49.50 -40.27 -84.03
C GLN Q 259 50.61 -39.82 -83.06
N VAL Q 260 51.86 -39.83 -83.50
CA VAL Q 260 52.97 -39.23 -82.73
C VAL Q 260 52.87 -37.70 -82.76
N ALA Q 261 52.66 -37.14 -83.97
CA ALA Q 261 52.43 -35.69 -84.13
C ALA Q 261 51.12 -35.20 -83.51
N PHE Q 262 50.14 -36.09 -83.39
CA PHE Q 262 48.89 -35.81 -82.69
C PHE Q 262 49.08 -35.54 -81.19
N LEU Q 263 49.89 -36.37 -80.53
CA LEU Q 263 50.17 -36.22 -79.09
C LEU Q 263 51.05 -35.00 -78.75
N GLN Q 264 51.89 -34.57 -79.69
CA GLN Q 264 52.80 -33.43 -79.48
C GLN Q 264 52.13 -32.07 -79.65
N GLN Q 265 50.93 -32.03 -80.22
CA GLN Q 265 49.98 -30.91 -79.99
C GLN Q 265 49.60 -30.82 -78.51
N TYR Q 266 49.06 -31.91 -77.98
CA TYR Q 266 48.39 -31.92 -76.67
C TYR Q 266 49.29 -32.43 -75.53
N GLY Q 267 50.60 -32.49 -75.76
CA GLY Q 267 51.59 -32.52 -74.68
C GLY Q 267 52.17 -33.89 -74.34
N HIS Q 268 51.42 -34.95 -74.60
CA HIS Q 268 51.71 -36.28 -74.03
C HIS Q 268 52.86 -36.97 -74.76
N VAL R 2 -12.20 -53.63 -8.54
CA VAL R 2 -13.24 -52.59 -8.83
C VAL R 2 -12.68 -51.50 -9.75
N LYS R 3 -13.03 -51.57 -11.03
CA LYS R 3 -12.34 -50.84 -12.11
C LYS R 3 -10.81 -51.06 -12.10
N TYR R 4 -10.37 -52.11 -12.79
CA TYR R 4 -8.94 -52.32 -13.04
C TYR R 4 -8.48 -51.46 -14.20
N ALA R 5 -7.16 -51.35 -14.35
CA ALA R 5 -6.55 -50.50 -15.38
C ALA R 5 -6.37 -51.18 -16.74
N LYS R 6 -6.60 -52.50 -16.83
CA LYS R 6 -6.13 -53.30 -17.99
C LYS R 6 -7.21 -54.17 -18.63
N GLU R 7 -7.65 -55.22 -17.93
CA GLU R 7 -8.45 -56.32 -18.50
C GLU R 7 -7.67 -57.14 -19.55
N SER R 9 -6.35 -60.83 -21.83
CA SER R 9 -6.33 -62.29 -22.08
C SER R 9 -7.66 -62.95 -22.49
N ASN R 10 -8.70 -62.16 -22.74
CA ASN R 10 -10.10 -62.62 -22.75
C ASN R 10 -10.57 -63.41 -21.51
N GLU R 11 -9.88 -63.23 -20.38
CA GLU R 11 -10.00 -64.13 -19.21
C GLU R 11 -9.79 -65.61 -19.57
N ASN R 12 -10.45 -66.47 -18.81
CA ASN R 12 -10.33 -67.91 -18.94
C ASN R 12 -8.91 -68.19 -18.46
N LYS R 13 -7.96 -67.56 -19.12
CA LYS R 13 -6.55 -67.73 -18.77
C LYS R 13 -5.94 -66.73 -17.77
N CYS R 14 -6.75 -65.81 -17.24
CA CYS R 14 -6.23 -64.81 -16.29
C CYS R 14 -7.10 -64.61 -15.03
N CYS R 15 -6.48 -64.13 -13.96
CA CYS R 15 -7.19 -63.87 -12.70
C CYS R 15 -6.73 -62.55 -12.04
N LYS R 16 -7.58 -61.95 -11.22
CA LYS R 16 -7.24 -60.67 -10.58
C LYS R 16 -7.65 -60.50 -9.11
N ALA R 17 -6.96 -59.60 -8.41
CA ALA R 17 -7.26 -59.29 -7.01
C ALA R 17 -7.13 -57.79 -6.79
N PHE R 18 -7.92 -57.23 -5.88
CA PHE R 18 -7.83 -55.80 -5.61
C PHE R 18 -7.76 -55.46 -4.12
N GLY R 19 -6.93 -54.49 -3.76
CA GLY R 19 -6.84 -54.04 -2.38
C GLY R 19 -7.47 -52.67 -2.42
N GLN R 20 -8.62 -52.51 -1.76
CA GLN R 20 -9.34 -51.24 -1.80
C GLN R 20 -8.73 -49.96 -1.19
N ASP R 21 -8.22 -50.03 0.03
CA ASP R 21 -7.65 -48.83 0.65
C ASP R 21 -6.74 -49.19 1.80
N LEU R 22 -5.59 -49.77 1.51
CA LEU R 22 -4.69 -50.17 2.58
C LEU R 22 -3.95 -49.06 3.31
N ARG R 23 -3.91 -49.20 4.63
CA ARG R 23 -3.13 -48.33 5.51
C ARG R 23 -1.64 -48.72 5.45
N VAL R 24 -1.00 -48.33 4.35
CA VAL R 24 0.46 -48.39 4.18
C VAL R 24 0.90 -47.10 3.55
N HIS R 25 2.21 -46.89 3.49
CA HIS R 25 2.77 -45.77 2.74
C HIS R 25 2.74 -46.06 1.25
N PHE R 26 2.30 -45.07 0.48
CA PHE R 26 2.20 -45.20 -0.98
C PHE R 26 3.57 -45.31 -1.62
N LYS R 27 4.49 -44.44 -1.21
CA LYS R 27 5.82 -44.36 -1.83
C LYS R 27 6.69 -45.59 -1.57
N ASN R 28 6.47 -46.25 -0.43
CA ASN R 28 7.16 -47.52 -0.13
C ASN R 28 6.57 -48.74 -0.84
N THR R 29 5.25 -48.79 -0.97
CA THR R 29 4.60 -49.84 -1.78
C THR R 29 4.90 -49.70 -3.25
N HIS R 30 5.00 -48.46 -3.73
CA HIS R 30 5.44 -48.20 -5.10
C HIS R 30 6.79 -48.86 -5.40
N ALA R 31 7.73 -48.78 -4.46
CA ALA R 31 9.06 -49.39 -4.64
C ALA R 31 9.02 -50.92 -4.69
N THR R 32 8.28 -51.56 -3.79
CA THR R 32 8.17 -53.04 -3.79
C THR R 32 7.60 -53.56 -5.09
N VAL R 33 6.51 -52.94 -5.52
CA VAL R 33 5.79 -53.33 -6.72
C VAL R 33 6.64 -53.23 -8.01
N GLN R 34 7.53 -52.24 -8.11
CA GLN R 34 8.45 -52.15 -9.24
C GLN R 34 9.52 -53.24 -9.27
N ALA R 35 9.91 -53.73 -8.09
CA ALA R 35 10.82 -54.88 -8.00
C ALA R 35 10.18 -56.20 -8.45
N ILE R 36 8.90 -56.39 -8.10
CA ILE R 36 8.16 -57.62 -8.38
C ILE R 36 7.82 -57.80 -9.86
N LYS R 37 7.69 -56.68 -10.59
CA LYS R 37 6.96 -56.67 -11.86
C LYS R 37 7.67 -57.43 -12.99
N LYS R 38 9.00 -57.31 -13.06
CA LYS R 38 9.83 -58.02 -14.04
C LYS R 38 11.01 -58.71 -13.36
N ASP R 39 11.63 -59.64 -14.08
CA ASP R 39 12.95 -60.18 -13.72
C ASP R 39 14.08 -59.21 -14.17
N LYS R 40 15.34 -59.65 -14.10
CA LYS R 40 16.48 -58.85 -14.57
C LYS R 40 16.49 -58.64 -16.10
N LYS R 41 16.02 -59.64 -16.84
CA LYS R 41 15.63 -59.46 -18.25
C LYS R 41 14.26 -58.75 -18.37
N GLY R 42 13.82 -58.50 -19.60
CA GLY R 42 12.56 -57.80 -19.86
C GLY R 42 11.27 -58.58 -19.63
N ASN R 43 11.36 -59.88 -19.40
CA ASN R 43 10.17 -60.74 -19.23
C ASN R 43 9.38 -60.42 -17.96
N PRO R 44 8.10 -60.82 -17.90
CA PRO R 44 7.30 -60.69 -16.67
C PRO R 44 7.57 -61.81 -15.67
N MET R 45 7.63 -61.45 -14.38
CA MET R 45 8.18 -62.30 -13.33
C MET R 45 7.18 -63.38 -12.91
N LYS R 46 7.68 -64.55 -12.58
CA LYS R 46 6.85 -65.65 -12.07
C LYS R 46 6.41 -65.37 -10.64
N LEU R 47 5.31 -66.00 -10.24
CA LEU R 47 4.68 -65.74 -8.95
C LEU R 47 5.43 -66.43 -7.81
N SER R 48 5.92 -67.65 -8.08
CA SER R 48 6.81 -68.36 -7.16
C SER R 48 8.10 -67.60 -6.83
N ALA R 49 8.61 -66.84 -7.81
CA ALA R 49 9.75 -65.95 -7.59
C ALA R 49 9.41 -64.74 -6.70
N ALA R 50 8.24 -64.14 -6.94
CA ALA R 50 7.80 -62.94 -6.21
C ALA R 50 7.33 -63.21 -4.78
N LYS R 51 6.88 -64.43 -4.49
CA LYS R 51 6.71 -64.88 -3.11
C LYS R 51 8.07 -65.05 -2.42
N LYS R 52 8.95 -65.80 -3.09
CA LYS R 52 10.30 -66.06 -2.58
C LYS R 52 11.13 -64.78 -2.39
N PHE R 53 10.85 -63.76 -3.20
CA PHE R 53 11.42 -62.43 -3.02
C PHE R 53 10.89 -61.74 -1.76
N LEU R 54 9.58 -61.59 -1.67
CA LEU R 54 8.96 -60.75 -0.63
C LEU R 54 9.11 -61.32 0.79
N GLU R 55 9.19 -62.64 0.90
CA GLU R 55 9.54 -63.28 2.18
C GLU R 55 10.99 -62.99 2.59
N ASP R 56 11.90 -62.96 1.62
CA ASP R 56 13.32 -62.64 1.87
C ASP R 56 13.58 -61.16 2.17
N VAL R 57 12.75 -60.26 1.64
CA VAL R 57 12.84 -58.83 1.98
C VAL R 57 12.42 -58.55 3.43
N MET R 58 11.48 -59.34 3.95
CA MET R 58 11.14 -59.29 5.38
C MET R 58 12.26 -59.79 6.30
N GLU R 59 13.04 -60.77 5.84
CA GLU R 59 14.26 -61.20 6.55
C GLU R 59 15.46 -60.24 6.42
N LYS R 60 15.37 -59.28 5.49
CA LYS R 60 16.43 -58.30 5.20
C LYS R 60 17.69 -58.96 4.62
N LYS R 61 17.47 -59.83 3.63
CA LYS R 61 18.54 -60.56 2.95
C LYS R 61 18.61 -60.19 1.47
N ARG R 62 17.46 -60.17 0.81
CA ARG R 62 17.25 -59.39 -0.40
C ARG R 62 16.73 -58.02 -0.01
N CYS R 63 16.84 -57.05 -0.93
CA CYS R 63 16.40 -55.66 -0.67
C CYS R 63 15.62 -55.09 -1.84
N VAL R 64 14.87 -54.02 -1.56
CA VAL R 64 14.07 -53.32 -2.56
C VAL R 64 14.81 -52.08 -3.02
N PRO R 65 15.05 -51.93 -4.34
CA PRO R 65 15.64 -50.69 -4.87
C PRO R 65 14.61 -49.58 -5.00
N PHE R 66 14.93 -48.41 -4.47
CA PHE R 66 14.08 -47.22 -4.58
C PHE R 66 14.55 -46.35 -5.73
N ARG R 67 13.85 -46.45 -6.87
CA ARG R 67 14.24 -45.77 -8.10
C ARG R 67 13.63 -44.37 -8.16
N LYS R 68 12.32 -44.29 -8.00
CA LYS R 68 11.59 -43.04 -8.19
C LYS R 68 11.73 -42.10 -6.99
N PHE R 69 11.40 -42.59 -5.80
CA PHE R 69 11.30 -41.76 -4.59
C PHE R 69 12.55 -41.94 -3.71
N THR R 70 13.58 -41.15 -4.01
CA THR R 70 14.94 -41.44 -3.54
C THR R 70 15.33 -40.69 -2.26
N GLY R 71 14.93 -39.42 -2.16
CA GLY R 71 15.43 -38.51 -1.13
C GLY R 71 14.93 -38.86 0.27
N CYS R 72 15.70 -39.57 1.09
CA CYS R 72 17.18 -39.60 1.08
C CYS R 72 17.66 -40.94 1.64
N ILE R 73 17.60 -41.96 0.78
CA ILE R 73 17.61 -43.34 1.23
C ILE R 73 19.03 -43.90 1.19
N GLY R 74 19.41 -44.57 2.27
CA GLY R 74 20.80 -44.89 2.55
C GLY R 74 21.30 -46.05 1.73
N ARG R 75 22.58 -45.99 1.35
CA ARG R 75 23.13 -46.81 0.29
C ARG R 75 23.59 -48.14 0.85
N LYS R 76 23.02 -49.23 0.33
CA LYS R 76 23.29 -50.58 0.84
C LYS R 76 23.86 -51.47 -0.25
N ALA R 77 24.64 -52.47 0.19
CA ALA R 77 25.35 -53.36 -0.72
C ALA R 77 24.43 -54.34 -1.45
N GLN R 78 23.31 -54.70 -0.81
CA GLN R 78 22.35 -55.63 -1.40
C GLN R 78 21.67 -55.13 -2.67
N ALA R 79 21.61 -53.81 -2.85
CA ALA R 79 21.05 -53.20 -4.05
C ALA R 79 21.96 -53.25 -5.29
N LYS R 80 23.22 -53.67 -5.13
CA LYS R 80 24.10 -54.01 -6.27
C LYS R 80 23.49 -55.03 -7.24
N GLU R 81 22.72 -55.97 -6.68
CA GLU R 81 21.80 -56.84 -7.45
C GLU R 81 21.09 -56.16 -8.63
N PHE R 82 20.58 -54.95 -8.40
CA PHE R 82 19.79 -54.22 -9.39
C PHE R 82 20.58 -53.13 -10.15
N LYS R 83 21.91 -53.13 -10.04
CA LYS R 83 22.77 -52.08 -10.59
C LYS R 83 22.50 -50.67 -10.04
N HIS R 84 22.04 -50.59 -8.79
CA HIS R 84 21.51 -49.34 -8.21
C HIS R 84 21.95 -49.21 -6.76
N THR R 85 22.42 -48.02 -6.39
CA THR R 85 23.14 -47.84 -5.12
C THR R 85 22.21 -47.81 -3.88
N GLN R 86 21.00 -47.26 -4.03
CA GLN R 86 20.08 -47.03 -2.91
C GLN R 86 19.10 -48.18 -2.75
N GLY R 87 18.82 -48.54 -1.50
CA GLY R 87 17.85 -49.60 -1.19
C GLY R 87 17.53 -49.70 0.28
N ARG R 88 16.58 -50.58 0.60
CA ARG R 88 15.74 -50.45 1.80
C ARG R 88 14.78 -51.65 1.90
N TRP R 89 14.30 -51.96 3.11
CA TRP R 89 13.59 -53.22 3.40
C TRP R 89 12.16 -53.01 3.90
N PRO R 90 11.28 -52.41 3.07
CA PRO R 90 9.97 -52.00 3.57
C PRO R 90 9.05 -53.19 3.92
N VAL R 91 8.90 -53.46 5.22
CA VAL R 91 8.36 -54.72 5.71
C VAL R 91 6.84 -54.75 5.66
N LYS R 92 6.22 -53.69 6.16
CA LYS R 92 4.76 -53.56 6.17
C LYS R 92 4.16 -53.49 4.76
N SER R 93 4.89 -52.88 3.84
CA SER R 93 4.54 -52.90 2.41
C SER R 93 4.60 -54.29 1.78
N CYS R 94 5.61 -55.08 2.14
CA CYS R 94 5.70 -56.47 1.67
C CYS R 94 4.59 -57.38 2.20
N LYS R 95 4.05 -57.05 3.38
CA LYS R 95 2.98 -57.82 4.02
C LYS R 95 1.67 -57.74 3.23
N PHE R 96 1.25 -56.52 2.90
CA PHE R 96 0.01 -56.29 2.16
C PHE R 96 0.08 -56.79 0.72
N VAL R 97 1.26 -56.72 0.10
CA VAL R 97 1.46 -57.23 -1.26
C VAL R 97 1.50 -58.76 -1.30
N LEU R 98 2.13 -59.38 -0.29
CA LEU R 98 2.04 -60.84 -0.09
C LEU R 98 0.62 -61.32 0.17
N ASP R 99 -0.14 -60.56 0.95
CA ASP R 99 -1.54 -60.88 1.25
C ASP R 99 -2.43 -60.78 0.00
N LEU R 100 -2.09 -59.87 -0.91
CA LEU R 100 -2.85 -59.72 -2.16
C LEU R 100 -2.54 -60.84 -3.18
N LEU R 101 -1.26 -61.15 -3.36
CA LEU R 101 -0.85 -62.29 -4.20
C LEU R 101 -1.34 -63.63 -3.66
N ARG R 102 -1.41 -63.76 -2.34
CA ARG R 102 -2.06 -64.89 -1.67
C ARG R 102 -3.53 -65.05 -2.07
N ASN R 103 -4.24 -63.92 -2.12
CA ASN R 103 -5.63 -63.89 -2.62
C ASN R 103 -5.75 -64.08 -4.13
N ALA R 104 -4.77 -63.59 -4.88
CA ALA R 104 -4.74 -63.75 -6.34
C ALA R 104 -4.51 -65.20 -6.79
N GLU R 105 -3.69 -65.95 -6.05
CA GLU R 105 -3.55 -67.41 -6.26
C GLU R 105 -4.78 -68.20 -5.82
N SER R 106 -5.47 -67.73 -4.78
CA SER R 106 -6.75 -68.31 -4.35
C SER R 106 -7.85 -68.17 -5.42
N ASN R 107 -7.86 -67.04 -6.11
CA ASN R 107 -8.79 -66.81 -7.23
C ASN R 107 -8.49 -67.70 -8.44
N ALA R 108 -7.21 -67.99 -8.66
CA ALA R 108 -6.77 -68.93 -9.71
C ALA R 108 -7.20 -70.39 -9.44
N GLU R 109 -7.31 -70.76 -8.18
CA GLU R 109 -7.65 -72.13 -7.78
C GLU R 109 -9.11 -72.50 -8.10
N MET R 110 -9.99 -71.51 -8.12
CA MET R 110 -11.36 -71.69 -8.61
C MET R 110 -11.41 -71.91 -10.13
N LYS R 111 -10.61 -71.15 -10.88
CA LYS R 111 -10.52 -71.30 -12.34
C LYS R 111 -9.61 -72.47 -12.80
N ASN R 112 -9.00 -73.18 -11.85
CA ASN R 112 -8.48 -74.55 -12.04
C ASN R 112 -7.18 -74.66 -12.84
N LEU R 113 -6.52 -73.53 -13.12
CA LEU R 113 -5.28 -73.53 -13.91
C LEU R 113 -4.05 -73.74 -13.02
N ASP R 114 -2.91 -74.00 -13.64
CA ASP R 114 -1.65 -74.23 -12.92
C ASP R 114 -1.24 -73.02 -12.07
N VAL R 115 -1.23 -73.21 -10.75
CA VAL R 115 -0.67 -72.23 -9.82
C VAL R 115 0.86 -72.16 -9.96
N ASP R 116 1.48 -73.27 -10.34
CA ASP R 116 2.94 -73.34 -10.52
C ASP R 116 3.46 -72.55 -11.74
N ASN R 117 2.61 -72.33 -12.74
CA ASN R 117 2.99 -71.66 -13.99
C ASN R 117 2.59 -70.17 -14.08
N LEU R 118 2.10 -69.60 -12.98
CA LEU R 118 1.49 -68.26 -13.01
C LEU R 118 2.54 -67.16 -13.16
N VAL R 119 2.15 -66.09 -13.82
CA VAL R 119 3.06 -64.98 -14.14
C VAL R 119 2.36 -63.65 -13.87
N ILE R 120 3.08 -62.71 -13.28
CA ILE R 120 2.54 -61.40 -12.93
C ILE R 120 2.46 -60.52 -14.17
N GLU R 121 1.24 -60.36 -14.67
CA GLU R 121 0.97 -59.59 -15.88
C GLU R 121 1.04 -58.09 -15.60
N HIS R 122 0.50 -57.65 -14.46
CA HIS R 122 0.30 -56.23 -14.18
C HIS R 122 0.00 -55.98 -12.70
N ILE R 123 0.97 -55.43 -11.97
CA ILE R 123 0.72 -54.81 -10.66
C ILE R 123 0.86 -53.30 -10.80
N GLN R 124 -0.03 -52.58 -10.12
CA GLN R 124 -0.04 -51.12 -10.11
C GLN R 124 -0.54 -50.58 -8.77
N VAL R 125 0.05 -49.48 -8.33
CA VAL R 125 -0.37 -48.81 -7.09
C VAL R 125 -0.98 -47.46 -7.48
N ASN R 126 -2.18 -47.18 -6.96
CA ASN R 126 -2.73 -45.83 -6.95
C ASN R 126 -2.71 -45.23 -5.56
N ARG R 127 -2.73 -43.90 -5.52
CA ARG R 127 -2.85 -43.14 -4.28
C ARG R 127 -4.31 -43.26 -3.85
N ALA R 128 -4.61 -43.01 -2.59
CA ALA R 128 -5.96 -43.12 -2.07
C ALA R 128 -6.35 -41.86 -1.29
N PRO R 129 -7.71 -41.73 -1.00
CA PRO R 129 -8.05 -40.50 -0.26
C PRO R 129 -7.33 -40.43 1.09
N LYS R 130 -6.94 -39.21 1.46
CA LYS R 130 -6.17 -38.91 2.66
C LYS R 130 -6.85 -39.09 4.01
N GLY R 131 -6.02 -39.24 5.05
CA GLY R 131 -6.45 -39.40 6.43
C GLY R 131 -6.07 -38.13 7.19
N ARG R 132 -6.92 -37.68 8.10
CA ARG R 132 -6.65 -36.45 8.84
C ARG R 132 -6.27 -36.57 10.32
N ARG R 133 -5.24 -35.83 10.70
CA ARG R 133 -4.75 -35.82 12.08
C ARG R 133 -4.15 -34.46 12.42
N ARG R 134 -3.95 -34.20 13.71
CA ARG R 134 -3.39 -32.92 14.14
C ARG R 134 -2.01 -33.00 14.79
N THR R 135 -1.13 -32.12 14.36
CA THR R 135 0.21 -32.01 14.89
C THR R 135 0.24 -30.63 15.47
N TYR R 136 0.72 -30.48 16.70
CA TYR R 136 0.75 -29.16 17.33
C TYR R 136 2.14 -28.55 17.32
N ARG R 137 2.20 -27.33 16.81
CA ARG R 137 3.42 -26.56 16.67
C ARG R 137 3.56 -25.47 17.71
N ALA R 138 4.78 -24.99 17.89
CA ALA R 138 5.05 -23.94 18.86
C ALA R 138 4.32 -22.67 18.47
N HIS R 139 3.94 -21.89 19.48
CA HIS R 139 3.21 -20.65 19.25
C HIS R 139 1.71 -20.86 19.04
N GLY R 140 1.24 -22.06 19.35
CA GLY R 140 -0.17 -22.37 19.24
C GLY R 140 -0.63 -22.79 17.87
N ARG R 141 0.29 -22.93 16.94
CA ARG R 141 -0.06 -23.34 15.59
C ARG R 141 -0.49 -24.79 15.56
N ILE R 142 -1.43 -25.11 14.67
CA ILE R 142 -1.92 -26.47 14.52
C ILE R 142 -1.59 -26.85 13.08
N ASN R 143 -1.00 -28.03 12.90
CA ASN R 143 -0.61 -28.49 11.58
C ASN R 143 -1.14 -29.87 11.23
N PRO R 144 -1.53 -30.02 9.91
CA PRO R 144 -2.06 -31.36 9.60
C PRO R 144 -1.01 -32.45 9.57
N TYR R 145 -1.42 -33.66 9.92
CA TYR R 145 -0.58 -34.84 9.92
C TYR R 145 -1.44 -35.72 9.04
N MET R 146 -0.92 -36.23 7.92
CA MET R 146 -1.79 -37.06 7.07
C MET R 146 -1.31 -38.39 6.48
N SER R 147 -2.18 -39.38 6.59
CA SER R 147 -1.96 -40.72 6.08
C SER R 147 -2.12 -40.73 4.57
N GLN R 148 -1.47 -41.67 3.91
CA GLN R 148 -1.57 -41.78 2.46
C GLN R 148 -1.86 -43.22 2.09
N PRO R 149 -3.15 -43.68 2.35
CA PRO R 149 -3.39 -45.08 2.00
C PRO R 149 -3.40 -45.26 0.49
N CYS R 150 -3.19 -46.49 0.00
CA CYS R 150 -3.15 -46.74 -1.43
C CYS R 150 -3.97 -47.94 -1.92
N HIS R 151 -4.30 -47.93 -3.21
CA HIS R 151 -5.05 -49.00 -3.86
C HIS R 151 -4.07 -49.86 -4.61
N ILE R 152 -4.21 -51.18 -4.51
CA ILE R 152 -3.29 -52.09 -5.22
C ILE R 152 -4.08 -53.05 -6.12
N GLU R 153 -3.88 -52.92 -7.43
CA GLU R 153 -4.35 -53.90 -8.41
C GLU R 153 -3.30 -54.97 -8.61
N VAL R 154 -3.74 -56.22 -8.82
CA VAL R 154 -2.87 -57.28 -9.34
C VAL R 154 -3.64 -58.10 -10.36
N ILE R 155 -2.99 -58.38 -11.49
CA ILE R 155 -3.52 -59.26 -12.54
C ILE R 155 -2.46 -60.30 -12.88
N LEU R 156 -2.87 -61.57 -12.89
CA LEU R 156 -1.98 -62.70 -13.22
C LEU R 156 -2.47 -63.41 -14.47
N ARG R 157 -1.63 -64.28 -15.03
CA ARG R 157 -2.08 -65.30 -15.98
C ARG R 157 -1.13 -66.49 -16.07
N GLU R 158 -1.57 -67.54 -16.76
CA GLU R 158 -0.70 -68.61 -17.22
C GLU R 158 0.30 -68.13 -18.27
N GLN R 159 1.51 -68.70 -18.22
CA GLN R 159 2.43 -68.71 -19.34
C GLN R 159 2.35 -70.08 -20.03
N GLU R 160 2.17 -70.06 -21.36
CA GLU R 160 1.84 -71.26 -22.15
C GLU R 160 0.57 -71.98 -21.68
N GLY S 2 6.15 5.02 -46.88
CA GLY S 2 7.20 5.98 -46.44
C GLY S 2 7.11 7.28 -47.19
N ILE S 3 6.01 8.00 -46.97
CA ILE S 3 5.69 9.26 -47.69
C ILE S 3 5.54 10.40 -46.69
N ASP S 4 6.14 11.55 -47.01
CA ASP S 4 5.89 12.81 -46.28
C ASP S 4 4.51 13.36 -46.66
N LEU S 5 3.47 12.80 -46.05
CA LEU S 5 2.10 13.19 -46.33
C LEU S 5 1.38 13.57 -45.05
N GLU S 6 0.44 14.50 -45.12
CA GLU S 6 -0.27 14.94 -43.92
C GLU S 6 -1.44 14.03 -43.63
N ARG S 7 -1.26 13.16 -42.64
CA ARG S 7 -2.30 12.22 -42.28
C ARG S 7 -2.32 11.06 -43.27
N ASN S 8 -1.43 11.14 -44.26
CA ASN S 8 -1.31 10.12 -45.30
C ASN S 8 -2.69 9.91 -45.85
N GLY S 9 -3.43 11.00 -45.91
CA GLY S 9 -4.81 10.96 -46.35
C GLY S 9 -5.04 10.50 -47.75
N ARG S 10 -6.06 9.69 -47.98
CA ARG S 10 -6.94 9.18 -46.92
C ARG S 10 -7.62 10.19 -46.01
N LYS S 11 -8.17 11.27 -46.58
CA LYS S 11 -8.85 12.30 -45.79
C LYS S 11 -10.36 12.20 -45.94
N LYS S 12 -11.04 12.09 -44.81
CA LYS S 12 -12.50 11.98 -44.74
C LYS S 12 -13.26 13.28 -45.01
N LYS S 13 -14.55 13.15 -45.29
CA LYS S 13 -15.42 14.28 -45.52
C LYS S 13 -16.29 14.45 -44.29
N GLY S 14 -16.36 15.66 -43.77
CA GLY S 14 -17.11 15.98 -42.56
C GLY S 14 -18.61 15.78 -42.51
N GLY S 15 -19.30 16.10 -43.60
CA GLY S 15 -20.75 15.98 -43.65
C GLY S 15 -21.27 14.54 -43.63
N ARG S 16 -22.54 14.38 -43.31
CA ARG S 16 -23.17 13.07 -43.26
C ARG S 16 -23.16 12.41 -44.65
N ARG S 17 -22.81 11.12 -44.67
CA ARG S 17 -22.72 10.36 -45.91
C ARG S 17 -23.88 9.42 -46.26
N THR S 18 -24.90 9.34 -45.41
CA THR S 18 -26.05 8.45 -45.66
C THR S 18 -27.29 8.94 -44.92
N VAL S 19 -28.41 8.23 -45.11
CA VAL S 19 -29.61 8.42 -44.29
C VAL S 19 -29.44 7.70 -42.96
N LYS S 20 -29.85 8.36 -41.87
CA LYS S 20 -29.86 7.75 -40.52
C LYS S 20 -31.22 7.18 -40.10
N SER S 21 -32.31 7.72 -40.65
CA SER S 21 -33.66 7.27 -40.34
C SER S 21 -33.90 5.82 -40.76
N GLN S 22 -34.68 5.10 -39.97
CA GLN S 22 -35.30 3.83 -40.38
C GLN S 22 -36.74 4.01 -40.88
N ASN S 23 -37.24 5.26 -40.84
CA ASN S 23 -38.44 5.64 -41.59
C ASN S 23 -38.38 5.23 -43.06
N PRO S 24 -39.22 4.27 -43.48
CA PRO S 24 -39.10 3.72 -44.84
C PRO S 24 -39.51 4.68 -45.95
N TYR S 25 -40.44 5.59 -45.66
CA TYR S 25 -40.88 6.60 -46.63
C TYR S 25 -39.79 7.61 -46.95
N LEU S 26 -39.02 8.01 -45.95
CA LEU S 26 -37.89 8.92 -46.13
C LEU S 26 -36.73 8.27 -46.90
N ARG S 27 -36.51 6.97 -46.68
CA ARG S 27 -35.52 6.21 -47.46
C ARG S 27 -35.87 6.14 -48.94
N LEU S 28 -37.14 5.85 -49.25
CA LEU S 28 -37.62 5.80 -50.63
C LEU S 28 -37.65 7.18 -51.28
N LEU S 29 -37.86 8.23 -50.49
CA LEU S 29 -37.73 9.62 -50.96
C LEU S 29 -36.30 9.89 -51.45
N VAL S 30 -35.33 9.40 -50.70
CA VAL S 30 -33.91 9.60 -51.02
C VAL S 30 -33.48 8.76 -52.23
N LYS S 31 -33.95 7.52 -52.32
CA LYS S 31 -33.72 6.68 -53.51
C LYS S 31 -34.24 7.31 -54.81
N LEU S 32 -35.38 7.99 -54.73
CA LEU S 32 -35.90 8.79 -55.84
C LEU S 32 -34.91 9.90 -56.18
N TYR S 33 -34.57 10.70 -55.17
CA TYR S 33 -33.81 11.94 -55.39
C TYR S 33 -32.28 11.73 -55.45
N GLN S 34 -31.82 10.48 -55.36
CA GLN S 34 -30.45 10.13 -55.75
C GLN S 34 -30.33 9.40 -57.10
N PHE S 35 -31.42 8.78 -57.58
CA PHE S 35 -31.60 8.55 -59.02
C PHE S 35 -31.69 9.87 -59.78
N LEU S 36 -32.51 10.78 -59.26
CA LEU S 36 -32.82 12.03 -59.95
C LEU S 36 -31.66 13.02 -59.89
N ALA S 37 -30.84 12.96 -58.83
CA ALA S 37 -29.64 13.79 -58.73
C ALA S 37 -28.54 13.31 -59.68
N ARG S 38 -28.26 12.01 -59.65
CA ARG S 38 -27.19 11.41 -60.46
C ARG S 38 -27.42 11.62 -61.96
N ARG S 39 -28.66 11.38 -62.38
CA ARG S 39 -28.98 11.18 -63.79
C ARG S 39 -29.37 12.48 -64.50
N THR S 40 -30.07 13.37 -63.81
CA THR S 40 -30.70 14.54 -64.44
C THR S 40 -29.73 15.70 -64.69
N ASN S 41 -28.72 15.85 -63.82
CA ASN S 41 -27.66 16.88 -63.91
C ASN S 41 -27.98 18.24 -63.24
N SER S 42 -29.26 18.56 -63.02
CA SER S 42 -29.67 19.84 -62.45
C SER S 42 -29.28 19.95 -60.97
N ARG S 43 -28.70 21.09 -60.59
CA ARG S 43 -28.16 21.29 -59.25
C ARG S 43 -29.24 21.40 -58.16
N PHE S 44 -30.46 21.74 -58.55
CA PHE S 44 -31.63 21.69 -57.65
C PHE S 44 -31.76 20.34 -56.96
N ASN S 45 -31.71 19.26 -57.74
CA ASN S 45 -31.91 17.90 -57.22
C ASN S 45 -30.75 17.41 -56.36
N ALA S 46 -29.54 17.84 -56.69
CA ALA S 46 -28.36 17.57 -55.85
C ALA S 46 -28.46 18.20 -54.46
N VAL S 47 -28.99 19.42 -54.38
CA VAL S 47 -29.19 20.11 -53.09
C VAL S 47 -30.33 19.49 -52.29
N VAL S 48 -31.45 19.21 -52.94
CA VAL S 48 -32.60 18.60 -52.26
C VAL S 48 -32.22 17.22 -51.68
N LEU S 49 -31.41 16.45 -52.40
CA LEU S 49 -30.87 15.18 -51.91
C LEU S 49 -30.14 15.34 -50.57
N LYS S 50 -29.25 16.32 -50.47
CA LYS S 50 -28.46 16.56 -49.25
C LYS S 50 -29.34 17.03 -48.10
N ARG S 51 -30.24 17.96 -48.39
CA ARG S 51 -31.13 18.53 -47.37
C ARG S 51 -32.15 17.52 -46.84
N LEU S 52 -32.48 16.50 -47.64
CA LEU S 52 -33.31 15.37 -47.18
C LEU S 52 -32.63 14.51 -46.12
N MET S 53 -31.32 14.35 -46.23
CA MET S 53 -30.53 13.56 -45.27
C MET S 53 -30.20 14.31 -43.97
N ASN S 54 -30.48 15.61 -43.90
CA ASN S 54 -30.21 16.41 -42.69
C ASN S 54 -30.88 15.87 -41.42
N PRO S 55 -30.34 16.22 -40.23
CA PRO S 55 -31.01 15.94 -38.96
C PRO S 55 -32.12 16.95 -38.63
N LYS S 56 -32.84 16.67 -37.57
CA LYS S 56 -34.12 17.36 -37.26
C LYS S 56 -33.96 18.87 -37.08
N ARG S 57 -32.86 19.31 -36.49
CA ARG S 57 -32.63 20.74 -36.21
C ARG S 57 -32.37 21.61 -37.44
N LEU S 58 -32.00 20.98 -38.56
CA LEU S 58 -31.90 21.67 -39.85
C LEU S 58 -33.17 21.58 -40.71
N LYS S 59 -34.02 20.59 -40.43
CA LYS S 59 -35.37 20.52 -40.99
C LYS S 59 -36.36 21.31 -40.13
N ALA S 60 -36.08 22.59 -39.95
CA ALA S 60 -36.77 23.42 -38.96
C ALA S 60 -38.05 23.98 -39.58
N PRO S 61 -39.08 24.22 -38.76
CA PRO S 61 -40.40 24.55 -39.30
C PRO S 61 -40.44 26.00 -39.79
N MET S 62 -40.84 26.19 -41.05
CA MET S 62 -41.15 27.50 -41.58
C MET S 62 -42.64 27.76 -41.42
N SER S 63 -42.98 28.95 -40.93
CA SER S 63 -44.38 29.32 -40.74
C SER S 63 -45.03 29.64 -42.08
N LEU S 64 -46.35 29.65 -42.09
CA LEU S 64 -47.13 30.02 -43.28
C LEU S 64 -47.00 31.51 -43.61
N SER S 65 -46.73 32.32 -42.59
CA SER S 65 -46.62 33.78 -42.73
C SER S 65 -45.23 34.24 -43.22
N LYS S 66 -44.19 33.49 -42.89
CA LYS S 66 -42.86 33.68 -43.50
C LYS S 66 -42.81 33.18 -44.94
N LEU S 67 -43.49 32.06 -45.18
CA LEU S 67 -43.59 31.48 -46.52
C LEU S 67 -44.37 32.37 -47.51
N ALA S 68 -45.23 33.26 -46.98
CA ALA S 68 -45.84 34.33 -47.77
C ALA S 68 -44.82 35.31 -48.36
N ARG S 69 -43.86 35.74 -47.55
CA ARG S 69 -43.08 36.94 -47.81
C ARG S 69 -41.76 36.68 -48.54
N HIS S 70 -41.25 35.45 -48.46
CA HIS S 70 -40.28 34.95 -49.43
C HIS S 70 -40.88 34.73 -50.82
N MET S 71 -42.17 34.40 -50.86
CA MET S 71 -42.87 34.05 -52.10
C MET S 71 -43.74 35.20 -52.63
N LYS S 72 -43.33 36.45 -52.36
CA LYS S 72 -44.25 37.60 -52.44
C LYS S 72 -44.33 38.14 -53.86
N GLY S 73 -43.19 38.52 -54.43
CA GLY S 73 -43.10 38.88 -55.85
C GLY S 73 -43.34 37.70 -56.77
N LYS S 74 -42.91 36.51 -56.34
CA LYS S 74 -42.92 35.31 -57.16
C LYS S 74 -44.10 34.40 -56.78
N GLU S 75 -45.30 34.78 -57.24
CA GLU S 75 -46.54 34.11 -56.84
C GLU S 75 -46.77 32.79 -57.60
N ASP S 76 -46.36 32.74 -58.86
CA ASP S 76 -46.61 31.58 -59.73
C ASP S 76 -45.80 30.32 -59.34
N HIS S 77 -44.64 30.53 -58.72
CA HIS S 77 -43.62 29.48 -58.61
C HIS S 77 -43.92 28.57 -57.42
N ILE S 78 -43.53 27.30 -57.54
CA ILE S 78 -43.77 26.31 -56.48
C ILE S 78 -42.77 26.53 -55.35
N ALA S 79 -43.28 26.60 -54.12
CA ALA S 79 -42.49 26.96 -52.94
C ALA S 79 -42.02 25.70 -52.21
N VAL S 80 -40.78 25.30 -52.49
CA VAL S 80 -40.22 24.07 -51.93
C VAL S 80 -39.58 24.35 -50.56
N LEU S 81 -39.71 23.39 -49.65
CA LEU S 81 -39.15 23.48 -48.31
C LEU S 81 -38.87 22.09 -47.76
N VAL S 82 -37.59 21.71 -47.69
CA VAL S 82 -37.21 20.42 -47.12
C VAL S 82 -37.29 20.55 -45.59
N GLY S 83 -38.47 20.29 -45.06
CA GLY S 83 -38.83 20.74 -43.71
C GLY S 83 -40.33 20.65 -43.47
N SER S 84 -40.74 21.06 -42.28
CA SER S 84 -42.16 21.11 -41.91
C SER S 84 -42.73 22.50 -42.13
N VAL S 85 -44.06 22.58 -42.23
CA VAL S 85 -44.78 23.84 -42.44
C VAL S 85 -45.85 23.99 -41.37
N THR S 86 -45.73 25.03 -40.54
CA THR S 86 -46.68 25.31 -39.46
C THR S 86 -47.62 26.45 -39.81
N ASP S 87 -48.80 26.44 -39.22
CA ASP S 87 -49.72 27.57 -39.28
C ASP S 87 -49.20 28.72 -38.43
N ASP S 88 -49.26 29.94 -38.99
CA ASP S 88 -49.15 31.15 -38.20
C ASP S 88 -50.55 31.61 -37.76
N ILE S 89 -50.74 31.72 -36.45
CA ILE S 89 -52.02 32.14 -35.86
C ILE S 89 -52.25 33.65 -35.99
N ARG S 90 -51.17 34.40 -36.19
CA ARG S 90 -51.20 35.86 -36.27
C ARG S 90 -51.67 36.30 -37.66
N MET S 91 -51.18 35.59 -38.68
CA MET S 91 -51.72 35.64 -40.04
C MET S 91 -53.23 35.40 -40.05
N VAL S 92 -53.97 36.42 -40.50
CA VAL S 92 -55.44 36.39 -40.48
C VAL S 92 -55.97 35.75 -41.77
N HIS S 93 -55.56 36.31 -42.91
CA HIS S 93 -55.93 35.78 -44.23
C HIS S 93 -54.71 35.14 -44.90
N ALA S 94 -54.69 33.81 -44.94
CA ALA S 94 -53.55 33.05 -45.45
C ALA S 94 -53.49 33.15 -46.97
N PRO S 95 -52.31 33.48 -47.53
CA PRO S 95 -52.18 33.54 -48.98
C PRO S 95 -52.11 32.14 -49.58
N LYS S 96 -52.51 32.02 -50.84
CA LYS S 96 -52.90 30.72 -51.40
C LYS S 96 -51.68 29.85 -51.77
N LEU S 97 -50.73 30.42 -52.53
CA LEU S 97 -49.46 29.76 -52.88
C LEU S 97 -49.62 28.42 -53.62
N THR S 98 -48.49 27.77 -53.89
CA THR S 98 -48.44 26.32 -54.13
C THR S 98 -47.18 25.78 -53.46
N VAL S 99 -47.35 25.14 -52.30
CA VAL S 99 -46.23 24.70 -51.48
C VAL S 99 -45.94 23.23 -51.76
N CYS S 100 -44.66 22.87 -51.77
CA CYS S 100 -44.22 21.52 -51.47
C CYS S 100 -43.41 21.48 -50.18
N ALA S 101 -43.61 20.45 -49.38
CA ALA S 101 -42.84 20.21 -48.16
C ALA S 101 -42.98 18.77 -47.69
N LEU S 102 -42.15 18.39 -46.72
CA LEU S 102 -42.20 17.05 -46.14
C LEU S 102 -43.49 16.82 -45.36
N ARG S 103 -43.84 17.78 -44.51
CA ARG S 103 -44.96 17.62 -43.59
C ARG S 103 -45.64 18.96 -43.32
N PHE S 104 -46.97 18.98 -43.48
CA PHE S 104 -47.80 20.11 -43.04
C PHE S 104 -48.54 19.73 -41.77
N SER S 105 -48.51 20.62 -40.78
CA SER S 105 -49.42 20.50 -39.63
C SER S 105 -50.87 20.70 -40.07
N GLU S 106 -51.78 20.05 -39.37
CA GLU S 106 -53.16 19.89 -39.86
C GLU S 106 -53.95 21.21 -39.89
N THR S 107 -53.51 22.22 -39.12
CA THR S 107 -54.01 23.58 -39.28
C THR S 107 -53.59 24.21 -40.60
N ALA S 108 -52.31 24.09 -40.94
CA ALA S 108 -51.75 24.69 -42.16
C ALA S 108 -52.23 24.01 -43.44
N ARG S 109 -52.54 22.72 -43.37
CA ARG S 109 -53.19 22.01 -44.47
C ARG S 109 -54.64 22.46 -44.68
N ARG S 110 -55.37 22.70 -43.59
CA ARG S 110 -56.71 23.29 -43.66
C ARG S 110 -56.71 24.73 -44.19
N ARG S 111 -55.72 25.51 -43.77
CA ARG S 111 -55.68 26.94 -44.07
C ARG S 111 -55.30 27.24 -45.53
N LEU S 112 -54.36 26.46 -46.08
CA LEU S 112 -53.99 26.58 -47.50
C LEU S 112 -55.06 26.04 -48.44
N GLU S 113 -55.55 24.83 -48.15
CA GLU S 113 -56.51 24.15 -49.03
C GLU S 113 -57.83 24.91 -49.14
N LYS S 114 -58.28 25.52 -48.05
CA LYS S 114 -59.45 26.41 -48.07
C LYS S 114 -59.20 27.71 -48.85
N ALA S 115 -58.02 28.31 -48.68
CA ALA S 115 -57.68 29.57 -49.33
C ALA S 115 -57.42 29.48 -50.86
N GLY S 116 -57.43 28.27 -51.41
CA GLY S 116 -57.40 28.06 -52.86
C GLY S 116 -56.00 27.70 -53.32
N GLY S 117 -55.39 26.76 -52.61
CA GLY S 117 -53.93 26.70 -52.47
C GLY S 117 -53.43 25.27 -52.34
N GLU S 118 -52.61 24.85 -53.30
CA GLU S 118 -52.25 23.44 -53.47
C GLU S 118 -51.16 23.04 -52.47
N CYS S 119 -51.17 21.77 -52.09
CA CYS S 119 -50.39 21.28 -50.95
C CYS S 119 -49.72 19.93 -51.29
N LEU S 120 -48.50 19.99 -51.82
CA LEU S 120 -47.85 18.85 -52.47
C LEU S 120 -46.93 18.08 -51.52
N THR S 121 -46.68 16.82 -51.87
CA THR S 121 -45.54 16.05 -51.35
C THR S 121 -44.37 16.10 -52.35
N PHE S 122 -43.21 15.61 -51.92
CA PHE S 122 -41.99 15.66 -52.74
C PHE S 122 -41.99 14.71 -53.95
N ASP S 123 -42.66 13.57 -53.83
CA ASP S 123 -42.83 12.64 -54.95
C ASP S 123 -43.76 13.18 -56.05
N GLN S 124 -44.73 14.00 -55.66
CA GLN S 124 -45.57 14.73 -56.62
C GLN S 124 -44.80 15.84 -57.35
N LEU S 125 -43.90 16.51 -56.62
CA LEU S 125 -43.02 17.53 -57.21
C LEU S 125 -42.09 16.99 -58.31
N ALA S 126 -41.68 15.73 -58.17
CA ALA S 126 -40.88 15.06 -59.19
C ALA S 126 -41.63 14.88 -60.52
N LEU S 127 -42.91 14.53 -60.45
CA LEU S 127 -43.74 14.31 -61.63
C LEU S 127 -43.99 15.61 -62.42
N ARG S 128 -44.28 16.69 -61.70
CA ARG S 128 -44.42 18.02 -62.31
C ARG S 128 -43.08 18.59 -62.79
N ARG S 129 -42.10 18.62 -61.87
CA ARG S 129 -40.87 19.40 -62.02
C ARG S 129 -39.65 18.53 -61.68
N PRO S 130 -39.20 17.69 -62.65
CA PRO S 130 -38.02 16.84 -62.42
C PRO S 130 -36.72 17.65 -62.27
N LYS S 131 -36.53 18.63 -63.16
CA LYS S 131 -35.35 19.50 -63.12
C LYS S 131 -35.34 20.46 -61.93
N GLY S 132 -36.52 20.80 -61.42
CA GLY S 132 -36.68 21.96 -60.53
C GLY S 132 -36.75 23.24 -61.32
N SER S 133 -37.43 23.21 -62.46
CA SER S 133 -37.51 24.34 -63.36
C SER S 133 -38.58 25.31 -62.86
N LYS S 134 -38.18 26.56 -62.60
CA LYS S 134 -39.04 27.58 -61.98
C LYS S 134 -39.60 27.13 -60.63
N CYS S 135 -38.69 26.80 -59.72
CA CYS S 135 -38.99 26.58 -58.30
C CYS S 135 -38.29 27.61 -57.43
N VAL S 136 -38.68 27.64 -56.16
CA VAL S 136 -37.98 28.42 -55.13
C VAL S 136 -37.64 27.50 -53.96
N LEU S 137 -36.36 27.15 -53.83
CA LEU S 137 -35.84 26.58 -52.59
C LEU S 137 -35.95 27.59 -51.46
N LEU S 138 -36.39 27.11 -50.30
CA LEU S 138 -36.26 27.85 -49.05
C LEU S 138 -35.75 26.94 -47.94
N ARG S 139 -35.32 27.56 -46.85
CA ARG S 139 -35.15 26.84 -45.58
C ARG S 139 -35.32 27.79 -44.39
N ALA S 140 -35.84 27.25 -43.29
CA ALA S 140 -36.05 28.00 -42.06
C ALA S 140 -34.70 28.28 -41.41
N ALA S 141 -34.59 29.38 -40.66
CA ALA S 141 -33.30 29.71 -40.06
C ALA S 141 -32.81 28.68 -39.06
N THR S 142 -31.58 28.20 -39.29
CA THR S 142 -30.97 27.20 -38.42
C THR S 142 -30.57 27.66 -37.02
N LYS S 143 -29.96 28.82 -36.94
CA LYS S 143 -29.51 29.36 -35.64
C LYS S 143 -30.57 30.25 -35.00
N SER S 144 -31.70 29.67 -34.63
CA SER S 144 -32.77 30.44 -34.02
C SER S 144 -33.44 29.69 -32.88
N ARG S 145 -32.67 29.00 -32.04
CA ARG S 145 -33.30 28.23 -30.97
C ARG S 145 -32.66 28.24 -29.59
N GLU S 146 -33.50 28.17 -28.57
CA GLU S 146 -33.02 28.05 -27.18
C GLU S 146 -31.54 27.68 -27.04
N ALA S 147 -31.18 26.54 -27.63
CA ALA S 147 -29.82 25.97 -27.50
C ALA S 147 -28.73 26.85 -28.09
N ASP S 148 -29.04 27.50 -29.21
CA ASP S 148 -28.04 28.27 -29.97
C ASP S 148 -27.85 29.70 -29.46
N LYS S 149 -28.69 30.12 -28.52
CA LYS S 149 -28.44 31.32 -27.71
C LYS S 149 -27.20 31.15 -26.83
N HIS S 150 -27.00 29.92 -26.33
CA HIS S 150 -25.91 29.62 -25.41
C HIS S 150 -24.52 29.59 -26.05
N PHE S 151 -24.46 29.35 -27.37
CA PHE S 151 -23.17 29.15 -28.05
C PHE S 151 -22.44 30.47 -28.27
N GLY S 152 -21.15 30.38 -28.59
CA GLY S 152 -20.32 31.55 -28.92
C GLY S 152 -19.20 31.75 -27.92
N ALA S 153 -19.04 32.96 -27.41
CA ALA S 153 -17.81 33.40 -26.74
C ALA S 153 -17.75 33.12 -25.23
N ALA S 154 -18.81 32.55 -24.67
CA ALA S 154 -18.91 32.18 -23.24
C ALA S 154 -19.18 33.39 -22.34
N PRO S 155 -20.28 33.36 -21.58
CA PRO S 155 -21.03 34.55 -21.15
C PRO S 155 -20.22 35.58 -20.36
N GLY S 156 -19.25 35.11 -19.56
CA GLY S 156 -18.38 36.00 -18.81
C GLY S 156 -17.11 36.38 -19.54
N THR S 157 -17.26 36.89 -20.77
CA THR S 157 -16.14 37.43 -21.55
C THR S 157 -16.61 38.69 -22.29
N PRO S 158 -15.70 39.68 -22.45
CA PRO S 158 -16.13 41.07 -22.62
C PRO S 158 -16.68 41.33 -24.01
N GLY S 159 -17.97 41.67 -24.07
CA GLY S 159 -18.72 41.71 -25.32
C GLY S 159 -18.97 40.32 -25.89
N SER S 160 -19.56 39.45 -25.08
CA SER S 160 -20.38 38.34 -25.58
C SER S 160 -21.85 38.63 -25.32
N LYS S 161 -22.71 38.00 -26.12
CA LYS S 161 -24.15 38.05 -25.94
C LYS S 161 -24.72 36.65 -25.73
N ALA S 162 -23.90 35.74 -25.20
CA ALA S 162 -24.31 34.38 -24.92
C ALA S 162 -25.12 34.34 -23.62
N ARG S 163 -26.17 33.52 -23.61
CA ARG S 163 -26.89 33.21 -22.38
C ARG S 163 -26.03 32.31 -21.48
N PRO S 164 -26.04 32.54 -20.16
CA PRO S 164 -25.55 31.52 -19.22
C PRO S 164 -26.56 30.40 -19.01
N TYR S 165 -26.05 29.21 -18.72
CA TYR S 165 -26.87 28.11 -18.21
C TYR S 165 -27.19 28.38 -16.74
N VAL S 166 -28.42 28.80 -16.46
CA VAL S 166 -28.84 29.11 -15.10
C VAL S 166 -30.13 28.40 -14.77
N ARG S 167 -30.25 27.89 -13.56
CA ARG S 167 -31.45 27.18 -13.15
C ARG S 167 -32.70 28.04 -13.15
N SER S 168 -32.61 29.28 -12.67
CA SER S 168 -33.80 30.12 -12.63
C SER S 168 -33.56 31.60 -12.95
N THR S 169 -34.61 32.25 -13.41
CA THR S 169 -34.59 33.67 -13.76
C THR S 169 -34.76 34.61 -12.58
N GLY S 170 -34.52 35.89 -12.84
CA GLY S 170 -34.67 36.92 -11.82
C GLY S 170 -33.43 37.20 -11.03
N ARG S 171 -33.55 38.10 -10.06
CA ARG S 171 -32.42 38.47 -9.22
C ARG S 171 -32.14 37.28 -8.35
N LYS S 172 -30.96 37.26 -7.74
CA LYS S 172 -30.50 36.22 -6.83
C LYS S 172 -29.81 35.13 -7.63
N PHE S 173 -29.91 35.21 -8.96
CA PHE S 173 -29.25 34.24 -9.81
C PHE S 173 -28.39 34.90 -10.86
N GLU S 174 -27.09 34.84 -10.65
CA GLU S 174 -26.14 35.42 -11.59
C GLU S 174 -26.35 36.89 -11.98
N LYS S 175 -26.64 37.74 -11.01
CA LYS S 175 -26.80 39.17 -11.26
C LYS S 175 -25.87 40.09 -10.44
N ALA S 176 -24.86 39.53 -9.78
CA ALA S 176 -23.99 40.29 -8.86
C ALA S 176 -22.56 40.45 -9.41
N ARG S 177 -21.62 39.60 -8.99
CA ARG S 177 -20.19 39.88 -9.15
C ARG S 177 -19.72 39.45 -10.53
N GLY S 178 -19.46 40.42 -11.40
CA GLY S 178 -19.35 40.18 -12.84
C GLY S 178 -20.32 41.02 -13.65
N ARG S 179 -21.54 41.17 -13.14
CA ARG S 179 -22.62 41.85 -13.85
C ARG S 179 -22.80 43.32 -13.46
N ARG S 180 -22.45 43.68 -12.23
CA ARG S 180 -22.42 45.06 -11.76
C ARG S 180 -20.99 45.56 -11.62
N LYS S 181 -20.77 46.86 -11.87
CA LYS S 181 -19.52 47.51 -11.46
C LYS S 181 -19.39 47.64 -9.94
N SER S 182 -20.52 47.83 -9.25
CA SER S 182 -20.56 47.89 -7.78
C SER S 182 -20.17 46.58 -7.08
N ARG S 183 -20.29 45.45 -7.79
CA ARG S 183 -19.83 44.15 -7.30
C ARG S 183 -18.57 43.72 -8.06
N GLY S 184 -17.44 44.31 -7.70
CA GLY S 184 -16.14 43.89 -8.25
C GLY S 184 -15.86 44.47 -9.63
N TYR S 185 -16.57 43.98 -10.64
CA TYR S 185 -16.30 44.35 -12.03
C TYR S 185 -17.47 44.08 -12.96
N LYS S 186 -17.61 44.92 -13.99
CA LYS S 186 -18.43 44.63 -15.16
C LYS S 186 -17.58 43.98 -16.24
N ASN S 187 -18.19 43.08 -17.00
CA ASN S 187 -17.48 42.28 -18.01
C ASN S 187 -18.45 41.60 -18.97
N SER T 2 -6.33 -60.43 30.81
CA SER T 2 -5.96 -59.77 32.10
C SER T 2 -6.49 -60.57 33.30
N LEU T 3 -5.90 -60.31 34.46
CA LEU T 3 -6.49 -60.66 35.75
C LEU T 3 -6.98 -59.39 36.45
N GLN T 4 -6.06 -58.50 36.80
CA GLN T 4 -6.33 -57.05 36.90
C GLN T 4 -7.34 -56.69 38.00
N LEU T 5 -8.61 -57.06 37.80
CA LEU T 5 -9.64 -57.05 38.84
C LEU T 5 -9.24 -57.83 40.10
N GLN T 6 -8.59 -58.98 39.93
CA GLN T 6 -8.31 -59.89 41.05
C GLN T 6 -7.19 -59.38 41.96
N LYS T 7 -6.16 -58.79 41.37
CA LYS T 7 -5.09 -58.13 42.13
C LYS T 7 -5.59 -56.88 42.88
N ARG T 8 -6.55 -56.17 42.30
CA ARG T 8 -7.24 -55.07 42.98
C ARG T 8 -8.03 -55.55 44.20
N LEU T 9 -8.82 -56.60 44.02
CA LEU T 9 -9.77 -57.07 45.04
C LEU T 9 -9.10 -57.84 46.17
N ALA T 10 -8.08 -58.61 45.81
CA ALA T 10 -7.19 -59.27 46.78
C ALA T 10 -6.56 -58.26 47.74
N ALA T 11 -6.08 -57.16 47.18
CA ALA T 11 -5.40 -56.11 47.95
C ALA T 11 -6.28 -55.44 49.00
N SER T 12 -7.58 -55.32 48.72
CA SER T 12 -8.55 -54.86 49.73
C SER T 12 -8.75 -55.85 50.88
N ILE T 13 -8.92 -57.13 50.55
CA ILE T 13 -9.24 -58.13 51.57
C ILE T 13 -7.99 -58.61 52.34
N LEU T 14 -6.82 -58.56 51.70
CA LEU T 14 -5.55 -58.86 52.36
C LEU T 14 -4.97 -57.69 53.15
N LYS T 15 -5.54 -56.50 52.99
CA LYS T 15 -5.08 -55.33 53.70
C LYS T 15 -3.60 -55.13 53.47
N CYS T 16 -3.16 -55.38 52.25
CA CYS T 16 -1.77 -55.23 51.91
C CYS T 16 -1.62 -54.44 50.63
N GLY T 17 -0.44 -53.87 50.44
CA GLY T 17 -0.17 -53.08 49.26
C GLY T 17 -0.23 -53.96 48.05
N ARG T 18 -0.53 -53.36 46.91
CA ARG T 18 -0.65 -54.06 45.64
C ARG T 18 0.67 -54.75 45.35
N ARG T 19 1.74 -54.11 45.80
CA ARG T 19 3.09 -54.60 45.59
C ARG T 19 3.18 -55.98 46.23
N ARG T 20 2.56 -56.10 47.41
CA ARG T 20 2.53 -57.35 48.19
C ARG T 20 1.76 -58.57 47.68
N VAL T 21 0.61 -58.38 47.03
CA VAL T 21 -0.18 -59.52 46.57
C VAL T 21 0.54 -60.45 45.60
N TRP T 22 0.34 -61.75 45.80
CA TRP T 22 0.96 -62.80 44.98
C TRP T 22 -0.12 -63.68 44.39
N MET T 23 -0.05 -63.95 43.09
CA MET T 23 -1.08 -64.77 42.43
C MET T 23 -0.43 -65.92 41.67
N ASP T 24 -0.92 -67.13 41.92
CA ASP T 24 -0.24 -68.36 41.49
C ASP T 24 -0.24 -68.44 39.96
N PRO T 25 0.95 -68.64 39.32
CA PRO T 25 0.98 -68.59 37.85
C PRO T 25 0.27 -69.76 37.17
N ASN T 26 0.39 -70.96 37.74
CA ASN T 26 -0.17 -72.18 37.15
C ASN T 26 -1.66 -72.41 37.42
N GLU T 27 -2.27 -71.57 38.25
CA GLU T 27 -3.73 -71.50 38.40
C GLU T 27 -4.30 -70.17 37.87
N ALA T 28 -3.79 -69.73 36.73
CA ALA T 28 -4.34 -68.56 36.04
C ALA T 28 -5.70 -68.82 35.38
N SER T 29 -6.02 -70.10 35.17
CA SER T 29 -7.38 -70.53 34.80
C SER T 29 -8.40 -70.27 35.91
N ASP T 30 -8.08 -70.73 37.11
CA ASP T 30 -9.01 -70.67 38.25
C ASP T 30 -9.23 -69.24 38.77
N ILE T 31 -8.16 -68.46 38.82
CA ILE T 31 -8.21 -67.09 39.35
C ILE T 31 -9.05 -66.18 38.44
N SER T 32 -8.93 -66.34 37.13
CA SER T 32 -9.73 -65.58 36.16
C SER T 32 -11.25 -65.86 36.24
N MET T 33 -11.62 -67.04 36.75
CA MET T 33 -13.01 -67.33 37.10
C MET T 33 -13.53 -66.45 38.25
N ALA T 34 -12.69 -66.23 39.26
CA ALA T 34 -13.07 -65.48 40.46
C ALA T 34 -13.23 -63.97 40.18
N ASN T 35 -14.48 -63.56 39.97
CA ASN T 35 -14.84 -62.14 39.83
C ASN T 35 -15.22 -61.46 41.15
N SER T 36 -15.90 -62.19 42.03
CA SER T 36 -16.47 -61.60 43.25
C SER T 36 -15.41 -61.43 44.34
N ARG T 37 -15.77 -60.70 45.39
CA ARG T 37 -15.01 -60.71 46.66
C ARG T 37 -15.14 -62.06 47.37
N PHE T 38 -16.36 -62.59 47.40
CA PHE T 38 -16.65 -63.92 47.96
C PHE T 38 -15.83 -65.04 47.31
N SER T 39 -15.58 -64.94 46.01
CA SER T 39 -14.78 -65.94 45.29
C SER T 39 -13.30 -65.85 45.65
N ILE T 40 -12.78 -64.62 45.76
CA ILE T 40 -11.37 -64.39 46.09
C ILE T 40 -11.03 -64.78 47.54
N ARG T 41 -12.00 -64.71 48.45
CA ARG T 41 -11.83 -65.26 49.79
C ARG T 41 -11.51 -66.77 49.81
N LYS T 42 -12.18 -67.53 48.93
CA LYS T 42 -11.90 -68.97 48.80
C LYS T 42 -10.51 -69.28 48.23
N LEU T 43 -10.01 -68.41 47.36
CA LEU T 43 -8.64 -68.54 46.84
C LEU T 43 -7.55 -68.21 47.87
N VAL T 44 -7.87 -67.39 48.87
CA VAL T 44 -7.02 -67.21 50.04
C VAL T 44 -6.95 -68.47 50.91
N LYS T 45 -8.09 -69.15 51.09
CA LYS T 45 -8.14 -70.41 51.84
C LYS T 45 -7.34 -71.53 51.17
N ASP T 46 -7.43 -71.61 49.84
CA ASP T 46 -6.68 -72.59 49.04
C ASP T 46 -5.17 -72.26 48.93
N ASN T 47 -4.81 -71.00 49.16
CA ASN T 47 -3.46 -70.47 48.92
C ASN T 47 -3.06 -70.56 47.44
N LEU T 48 -3.83 -69.86 46.63
CA LEU T 48 -3.44 -69.45 45.27
C LEU T 48 -3.11 -67.96 45.24
N ILE T 49 -3.98 -67.15 45.84
CA ILE T 49 -3.67 -65.78 46.23
C ILE T 49 -3.07 -65.77 47.64
N ILE T 50 -1.83 -65.31 47.75
CA ILE T 50 -1.14 -65.13 49.04
C ILE T 50 -0.59 -63.72 49.14
N ARG T 51 -0.45 -63.24 50.37
CA ARG T 51 0.31 -62.03 50.69
C ARG T 51 1.79 -62.35 50.86
N LYS T 52 2.65 -61.68 50.09
CA LYS T 52 4.10 -61.69 50.33
C LYS T 52 4.44 -61.02 51.66
N ALA T 53 5.51 -61.51 52.28
CA ALA T 53 6.14 -60.80 53.41
C ALA T 53 6.81 -59.53 52.91
N VAL T 54 6.85 -58.52 53.77
CA VAL T 54 7.52 -57.25 53.45
C VAL T 54 9.04 -57.44 53.33
N ALA T 55 9.69 -56.53 52.60
CA ALA T 55 11.12 -56.65 52.31
C ALA T 55 11.93 -56.49 53.59
N VAL T 56 13.06 -57.21 53.66
CA VAL T 56 13.84 -57.30 54.91
C VAL T 56 14.60 -56.00 55.21
N HIS T 57 14.42 -55.49 56.43
CA HIS T 57 15.00 -54.21 56.85
C HIS T 57 15.53 -54.33 58.29
N SER T 58 16.77 -54.80 58.41
CA SER T 58 17.35 -55.11 59.72
C SER T 58 17.85 -53.86 60.44
N ARG T 59 17.91 -53.96 61.77
CA ARG T 59 18.47 -52.92 62.63
C ARG T 59 19.84 -53.32 63.20
N TYR T 60 20.43 -54.40 62.68
CA TYR T 60 21.62 -55.00 63.29
C TYR T 60 22.81 -54.04 63.21
N ARG T 61 23.07 -53.56 61.99
CA ARG T 61 24.23 -52.72 61.72
C ARG T 61 24.14 -51.35 62.42
N VAL T 62 22.91 -50.89 62.64
CA VAL T 62 22.67 -49.64 63.33
C VAL T 62 23.00 -49.79 64.80
N ARG T 63 22.54 -50.90 65.38
CA ARG T 63 22.75 -51.20 66.79
C ARG T 63 24.22 -51.43 67.10
N LEU T 64 24.89 -52.15 66.21
CA LEU T 64 26.29 -52.44 66.41
C LEU T 64 27.07 -51.14 66.45
N TYR T 65 26.71 -50.21 65.57
CA TYR T 65 27.37 -48.92 65.52
C TYR T 65 27.17 -48.20 66.83
N HIS T 66 25.94 -48.26 67.34
CA HIS T 66 25.59 -47.64 68.62
C HIS T 66 26.27 -48.29 69.80
N GLU T 67 26.47 -49.60 69.74
CA GLU T 67 27.13 -50.30 70.82
C GLU T 67 28.52 -49.69 70.93
N ALA T 68 29.11 -49.43 69.77
CA ALA T 68 30.43 -48.80 69.69
C ALA T 68 30.39 -47.38 70.24
N LYS T 69 29.33 -46.66 69.93
CA LYS T 69 29.16 -45.28 70.38
C LYS T 69 29.12 -45.14 71.88
N ARG T 70 28.47 -46.08 72.56
CA ARG T 70 28.39 -46.06 74.01
C ARG T 70 29.82 -46.13 74.50
N ALA T 71 30.64 -46.89 73.76
CA ALA T 71 32.06 -47.03 74.06
C ALA T 71 32.70 -45.66 73.88
N GLY T 72 32.04 -44.81 73.10
CA GLY T 72 32.52 -43.46 72.81
C GLY T 72 33.22 -43.30 71.49
N ARG T 73 33.30 -44.39 70.72
CA ARG T 73 33.92 -44.38 69.40
C ARG T 73 33.11 -43.67 68.33
N HIS T 74 33.78 -43.11 67.32
CA HIS T 74 33.11 -42.40 66.24
C HIS T 74 32.68 -41.03 66.72
N MET T 75 33.17 -40.64 67.88
CA MET T 75 32.84 -39.36 68.49
C MET T 75 33.99 -38.36 68.36
N GLY T 76 34.91 -38.64 67.44
CA GLY T 76 36.06 -37.80 67.22
C GLY T 76 35.68 -36.47 66.61
N LYS T 77 36.63 -35.54 66.58
CA LYS T 77 36.40 -34.21 66.04
C LYS T 77 35.98 -34.25 64.60
N GLY T 78 36.57 -35.16 63.83
CA GLY T 78 36.24 -35.27 62.42
C GLY T 78 34.79 -35.65 62.19
N LYS T 79 34.27 -36.53 63.03
CA LYS T 79 32.90 -36.98 62.94
C LYS T 79 31.87 -35.88 63.20
N ARG T 80 32.16 -34.98 64.13
CA ARG T 80 31.21 -33.92 64.44
C ARG T 80 31.14 -32.90 63.32
N LYS T 81 29.93 -32.70 62.80
CA LYS T 81 29.70 -31.76 61.72
C LYS T 81 28.79 -30.61 62.13
N GLY T 82 28.51 -30.52 63.42
CA GLY T 82 27.64 -29.48 63.94
C GLY T 82 28.31 -28.73 65.06
N THR T 83 27.91 -27.48 65.25
CA THR T 83 28.50 -26.63 66.27
C THR T 83 28.19 -27.25 67.64
N ARG T 84 29.05 -27.02 68.62
CA ARG T 84 28.86 -27.64 69.93
C ARG T 84 27.52 -27.29 70.54
N GLU T 85 27.12 -26.03 70.40
CA GLU T 85 25.83 -25.55 70.87
C GLU T 85 24.64 -26.30 70.22
N ALA T 86 24.74 -26.56 68.92
CA ALA T 86 23.71 -27.33 68.20
C ALA T 86 23.58 -28.78 68.69
N ARG T 87 24.73 -29.43 68.92
CA ARG T 87 24.77 -30.84 69.34
C ARG T 87 24.21 -31.04 70.76
N LEU T 88 24.64 -30.18 71.68
CA LEU T 88 24.04 -30.11 73.01
C LEU T 88 24.06 -28.65 73.48
N PRO T 89 22.88 -28.00 73.54
CA PRO T 89 22.82 -26.60 74.00
C PRO T 89 23.31 -26.38 75.41
N ALA T 90 23.96 -25.24 75.64
CA ALA T 90 24.31 -24.78 76.99
C ALA T 90 23.07 -24.48 77.84
N LYS T 91 21.98 -24.07 77.21
CA LYS T 91 20.68 -23.90 77.89
C LYS T 91 20.20 -25.18 78.59
N VAL T 92 20.45 -26.33 77.96
CA VAL T 92 20.08 -27.64 78.51
C VAL T 92 21.04 -28.03 79.62
N LEU T 93 22.35 -27.88 79.38
CA LEU T 93 23.36 -28.15 80.40
C LEU T 93 23.25 -27.25 81.63
N TRP T 94 22.78 -26.02 81.44
CA TRP T 94 22.38 -25.16 82.54
C TRP T 94 21.22 -25.76 83.34
N MET T 95 20.16 -26.14 82.63
CA MET T 95 18.91 -26.61 83.25
C MET T 95 19.10 -27.86 84.09
N ARG T 96 19.78 -28.86 83.53
CA ARG T 96 20.07 -30.09 84.25
C ARG T 96 20.76 -29.79 85.57
N ARG T 97 21.89 -29.08 85.48
CA ARG T 97 22.67 -28.71 86.67
C ARG T 97 21.82 -27.98 87.70
N GLN T 98 21.13 -26.94 87.27
CA GLN T 98 20.38 -26.08 88.17
C GLN T 98 19.18 -26.80 88.81
N ARG T 99 18.60 -27.75 88.09
CA ARG T 99 17.58 -28.65 88.65
C ARG T 99 18.16 -29.70 89.61
N VAL T 100 19.36 -30.19 89.31
CA VAL T 100 20.09 -31.13 90.21
C VAL T 100 20.38 -30.49 91.57
N LEU T 101 20.88 -29.26 91.53
CA LEU T 101 21.38 -28.60 92.73
C LEU T 101 20.25 -28.09 93.62
N ARG T 102 19.18 -27.58 93.00
CA ARG T 102 17.97 -27.21 93.74
C ARG T 102 17.30 -28.39 94.43
N ARG T 103 17.28 -29.54 93.76
CA ARG T 103 16.77 -30.79 94.35
C ARG T 103 17.54 -31.18 95.59
N LEU T 104 18.87 -31.15 95.49
CA LEU T 104 19.76 -31.48 96.60
C LEU T 104 19.43 -30.68 97.86
N LEU T 105 19.26 -29.38 97.71
CA LEU T 105 19.05 -28.47 98.84
C LEU T 105 17.71 -28.68 99.53
N LYS T 106 16.68 -29.03 98.75
CA LYS T 106 15.35 -29.30 99.30
C LYS T 106 15.28 -30.57 100.15
N LYS T 107 15.96 -31.63 99.70
CA LYS T 107 16.05 -32.86 100.48
C LYS T 107 16.97 -32.76 101.71
N TYR T 108 17.99 -31.90 101.63
CA TYR T 108 18.79 -31.56 102.81
C TYR T 108 18.03 -30.71 103.84
N ARG T 109 17.20 -29.79 103.36
CA ARG T 109 16.37 -28.96 104.24
C ARG T 109 15.23 -29.74 104.91
N ASP T 110 14.65 -30.70 104.20
CA ASP T 110 13.60 -31.57 104.77
C ASP T 110 14.17 -32.67 105.67
N SER T 111 15.39 -33.11 105.38
CA SER T 111 16.20 -33.92 106.32
C SER T 111 16.53 -33.22 107.65
N LYS T 112 16.54 -31.88 107.65
CA LYS T 112 17.08 -31.06 108.74
C LYS T 112 18.57 -31.29 108.94
N LYS T 113 19.31 -31.15 107.83
CA LYS T 113 20.73 -30.84 107.87
C LYS T 113 20.92 -29.34 107.70
N ILE T 114 20.48 -28.83 106.55
CA ILE T 114 20.66 -27.41 106.21
C ILE T 114 19.57 -26.58 106.89
N ASP T 115 19.96 -25.40 107.36
CA ASP T 115 19.06 -24.46 108.03
C ASP T 115 18.22 -23.67 107.00
N LYS T 116 17.23 -22.92 107.48
CA LYS T 116 16.52 -21.93 106.65
C LYS T 116 17.45 -20.89 106.02
N HIS T 117 18.42 -20.43 106.81
CA HIS T 117 19.23 -19.26 106.45
C HIS T 117 20.38 -19.67 105.52
N MET T 118 21.03 -20.78 105.85
CA MET T 118 22.04 -21.39 104.99
C MET T 118 21.49 -21.86 103.63
N TYR T 119 20.27 -22.40 103.62
CA TYR T 119 19.58 -22.78 102.37
C TYR T 119 19.53 -21.62 101.37
N HIS T 120 19.08 -20.46 101.85
CA HIS T 120 18.77 -19.33 100.97
C HIS T 120 20.02 -18.67 100.40
N SER T 121 21.11 -18.68 101.17
CA SER T 121 22.43 -18.26 100.69
C SER T 121 23.00 -19.18 99.62
N MET T 122 22.89 -20.49 99.84
CA MET T 122 23.38 -21.49 98.89
C MET T 122 22.57 -21.48 97.60
N TYR T 123 21.26 -21.31 97.73
CA TYR T 123 20.33 -21.12 96.60
C TYR T 123 20.79 -20.05 95.62
N MET T 124 21.18 -18.89 96.14
CA MET T 124 21.49 -17.71 95.32
C MET T 124 22.88 -17.79 94.70
N ARG T 125 23.85 -18.33 95.45
CA ARG T 125 25.19 -18.65 94.91
C ARG T 125 25.12 -19.67 93.78
N CYS T 126 24.37 -20.74 94.02
CA CYS T 126 24.06 -21.76 93.02
C CYS T 126 23.48 -21.17 91.73
N LYS T 127 22.54 -20.23 91.87
CA LYS T 127 21.97 -19.50 90.73
C LYS T 127 22.99 -18.63 90.00
N GLY T 128 23.95 -18.07 90.74
CA GLY T 128 25.06 -17.30 90.15
C GLY T 128 25.91 -18.14 89.22
N ASN T 129 26.94 -18.78 89.78
CA ASN T 129 27.53 -19.95 89.16
C ASN T 129 28.20 -20.83 90.22
N GLN T 130 29.29 -20.35 90.82
CA GLN T 130 29.89 -20.93 92.04
C GLN T 130 30.17 -22.45 91.98
N PHE T 131 29.10 -23.25 92.05
CA PHE T 131 29.18 -24.71 92.10
C PHE T 131 28.92 -25.30 90.72
N LYS T 132 29.86 -26.10 90.22
CA LYS T 132 29.76 -26.69 88.88
C LYS T 132 29.21 -28.12 88.87
N ASN T 133 29.48 -28.89 89.93
CA ASN T 133 28.90 -30.23 90.12
C ASN T 133 27.92 -30.24 91.28
N LYS T 134 27.28 -31.39 91.49
CA LYS T 134 26.65 -31.71 92.76
C LYS T 134 27.66 -31.89 93.89
N ARG T 135 28.82 -32.49 93.57
CA ARG T 135 29.85 -32.81 94.58
C ARG T 135 30.41 -31.57 95.26
N VAL T 136 30.60 -30.50 94.49
CA VAL T 136 31.22 -29.26 95.00
C VAL T 136 30.26 -28.53 95.93
N LEU T 137 28.96 -28.57 95.62
CA LEU T 137 27.93 -28.06 96.53
C LEU T 137 27.86 -28.83 97.85
N ILE T 138 27.97 -30.15 97.79
CA ILE T 138 27.97 -30.99 99.01
C ILE T 138 29.26 -30.74 99.82
N GLU T 139 30.38 -30.62 99.11
CA GLU T 139 31.66 -30.27 99.73
C GLU T 139 31.66 -28.87 100.35
N ALA T 140 30.93 -27.94 99.72
CA ALA T 140 30.74 -26.58 100.25
C ALA T 140 29.90 -26.52 101.52
N ILE T 141 28.81 -27.31 101.56
CA ILE T 141 27.92 -27.35 102.72
C ILE T 141 28.63 -27.91 103.97
N HIS T 142 29.47 -28.91 103.79
CA HIS T 142 30.24 -29.50 104.90
C HIS T 142 31.33 -28.57 105.45
N ASN T 143 32.00 -27.83 104.57
CA ASN T 143 32.96 -26.79 104.99
C ASN T 143 32.31 -25.66 105.78
N GLU T 144 31.16 -25.20 105.30
CA GLU T 144 30.47 -24.04 105.87
C GLU T 144 29.54 -24.37 107.05
N LYS T 145 29.23 -25.65 107.23
CA LYS T 145 28.65 -26.13 108.50
C LYS T 145 29.70 -26.26 109.59
N ASN T 146 30.83 -26.90 109.27
CA ASN T 146 31.87 -27.19 110.27
C ASN T 146 32.68 -25.98 110.76
N LEU T 147 32.48 -24.82 110.13
CA LEU T 147 32.75 -23.53 110.78
C LEU T 147 31.84 -23.30 111.99
N LYS T 148 30.53 -23.45 111.77
CA LYS T 148 29.52 -23.07 112.77
C LYS T 148 29.45 -23.98 114.00
N LEU T 149 30.03 -25.19 113.91
CA LEU T 149 30.33 -25.99 115.10
C LEU T 149 31.46 -25.38 115.94
N LYS T 150 32.54 -24.99 115.28
CA LYS T 150 33.66 -24.28 115.94
C LYS T 150 33.30 -22.86 116.38
N GLU T 151 32.31 -22.26 115.72
CA GLU T 151 31.68 -21.03 116.20
C GLU T 151 30.89 -21.26 117.50
N LYS T 152 30.07 -22.30 117.53
CA LYS T 152 29.19 -22.58 118.67
C LYS T 152 29.94 -23.08 119.91
N ALA T 153 31.13 -23.67 119.73
CA ALA T 153 32.06 -23.91 120.83
C ALA T 153 32.52 -22.61 121.50
N LEU T 154 32.82 -21.61 120.68
CA LEU T 154 33.22 -20.27 121.17
C LEU T 154 32.03 -19.49 121.75
N GLN T 155 30.88 -19.54 121.07
CA GLN T 155 29.69 -18.75 121.45
C GLN T 155 29.00 -19.24 122.74
N GLU T 156 29.00 -20.55 122.97
CA GLU T 156 28.35 -21.14 124.15
C GLU T 156 29.10 -20.79 125.45
N GLN T 157 30.43 -20.80 125.42
CA GLN T 157 31.25 -20.46 126.59
C GLN T 157 31.18 -18.97 126.98
N LEU T 158 31.09 -18.08 125.99
CA LEU T 158 30.89 -16.65 126.25
C LEU T 158 29.49 -16.33 126.79
N GLU T 159 28.48 -17.07 126.33
CA GLU T 159 27.13 -17.00 126.92
C GLU T 159 27.06 -17.62 128.33
N ALA T 160 27.86 -18.66 128.57
CA ALA T 160 28.07 -19.21 129.91
C ALA T 160 28.84 -18.28 130.85
N ARG T 161 29.88 -17.63 130.33
CA ARG T 161 30.79 -16.80 131.14
C ARG T 161 30.24 -15.40 131.44
N LYS T 162 29.51 -14.81 130.49
CA LYS T 162 28.79 -13.55 130.73
C LYS T 162 27.49 -13.72 131.54
N SER T 163 27.00 -14.96 131.65
CA SER T 163 26.05 -15.33 132.71
C SER T 163 26.76 -15.50 134.06
N LYS T 164 27.90 -16.18 134.08
CA LYS T 164 28.72 -16.34 135.29
C LYS T 164 29.43 -15.05 135.77
N ALA T 165 29.53 -14.05 134.89
CA ALA T 165 29.92 -12.69 135.29
C ALA T 165 28.84 -12.03 136.15
N ALA T 166 27.57 -12.23 135.76
CA ALA T 166 26.42 -11.80 136.57
C ALA T 166 26.14 -12.69 137.77
N ALA T 167 26.36 -14.01 137.63
CA ALA T 167 26.05 -14.98 138.70
C ALA T 167 27.04 -14.93 139.86
N GLN T 168 28.32 -14.68 139.58
CA GLN T 168 29.32 -14.36 140.59
C GLN T 168 29.07 -13.01 141.26
N LYS T 169 28.62 -12.03 140.48
CA LYS T 169 28.28 -10.70 140.99
C LYS T 169 27.04 -10.71 141.89
N GLU T 170 25.97 -11.38 141.44
CA GLU T 170 24.69 -11.38 142.17
C GLU T 170 24.72 -12.20 143.47
N LYS T 171 25.52 -13.26 143.51
CA LYS T 171 25.83 -13.98 144.76
C LYS T 171 26.62 -13.11 145.76
N ARG T 172 27.51 -12.25 145.25
CA ARG T 172 28.22 -11.27 146.08
C ARG T 172 27.32 -10.10 146.51
N ARG T 173 26.49 -9.59 145.60
CA ARG T 173 25.68 -8.39 145.85
C ARG T 173 24.46 -8.62 146.76
N MET T 174 23.96 -9.85 146.80
CA MET T 174 23.01 -10.27 147.86
C MET T 174 23.66 -10.33 149.25
N LYS T 175 24.92 -10.78 149.31
CA LYS T 175 25.69 -10.83 150.57
C LYS T 175 26.16 -9.47 151.09
N GLU T 176 26.05 -8.41 150.27
CA GLU T 176 26.21 -7.03 150.75
C GLU T 176 25.18 -6.67 151.82
N LEU T 177 23.90 -6.88 151.50
CA LEU T 177 22.81 -6.74 152.47
C LEU T 177 22.50 -8.09 153.12
N LYS U 2 38.52 -2.93 -71.22
CA LYS U 2 39.71 -3.83 -71.37
C LYS U 2 40.96 -3.24 -70.73
N ALA U 3 41.18 -1.94 -70.93
CA ALA U 3 42.24 -1.21 -70.20
C ALA U 3 41.92 -1.18 -68.71
N ASP U 4 42.91 -1.54 -67.89
CA ASP U 4 42.65 -1.91 -66.49
C ASP U 4 42.32 -0.67 -65.67
N PRO U 5 41.14 -0.64 -65.01
CA PRO U 5 40.73 0.55 -64.26
C PRO U 5 41.44 0.72 -62.91
N THR U 6 42.12 -0.33 -62.46
CA THR U 6 42.44 -0.51 -61.05
C THR U 6 43.74 0.18 -60.64
N LEU U 7 44.65 0.37 -61.60
CA LEU U 7 46.01 0.81 -61.31
C LEU U 7 46.03 2.28 -60.88
N GLN U 8 45.37 3.12 -61.68
CA GLN U 8 45.43 4.57 -61.53
C GLN U 8 44.22 5.11 -60.76
N GLN U 9 44.38 6.29 -60.16
CA GLN U 9 43.27 7.16 -59.76
C GLN U 9 42.66 7.86 -60.99
N LYS U 10 41.40 8.28 -60.89
CA LYS U 10 40.68 8.87 -62.04
C LYS U 10 40.83 10.40 -62.11
N ILE U 11 42.07 10.87 -62.01
CA ILE U 11 42.39 12.30 -62.17
C ILE U 11 42.43 12.64 -63.65
N SER U 12 41.87 13.80 -64.01
CA SER U 12 42.15 14.46 -65.30
C SER U 12 42.45 15.94 -65.08
N GLN U 13 43.39 16.45 -65.87
CA GLN U 13 43.74 17.87 -65.85
C GLN U 13 42.73 18.69 -66.65
N TYR U 14 42.35 19.87 -66.11
CA TYR U 14 41.41 20.78 -66.78
C TYR U 14 41.90 22.22 -66.69
N GLN U 15 41.87 22.93 -67.82
CA GLN U 15 41.92 24.39 -67.83
C GLN U 15 40.55 24.97 -67.51
N VAL U 16 40.54 26.10 -66.80
CA VAL U 16 39.31 26.83 -66.48
C VAL U 16 39.55 28.31 -66.75
N VAL U 17 38.51 29.01 -67.19
CA VAL U 17 38.56 30.47 -67.42
C VAL U 17 37.20 31.11 -67.10
N GLY U 18 37.15 31.85 -65.99
CA GLY U 18 36.06 32.78 -65.68
C GLY U 18 36.58 34.20 -65.59
N ARG U 19 35.68 35.15 -65.28
CA ARG U 19 35.88 36.55 -65.66
C ARG U 19 35.20 37.60 -64.76
N LYS U 20 34.87 37.24 -63.52
CA LYS U 20 33.84 37.93 -62.73
C LYS U 20 32.52 38.05 -63.53
N GLN U 21 32.08 39.27 -63.85
CA GLN U 21 30.70 39.54 -64.27
C GLN U 21 30.57 41.02 -64.63
N PRO U 22 29.85 41.33 -65.74
CA PRO U 22 29.74 42.75 -66.12
C PRO U 22 28.88 43.57 -65.16
N THR U 23 29.24 44.84 -64.99
CA THR U 23 28.40 45.82 -64.28
C THR U 23 28.41 47.18 -65.01
N GLU U 24 27.47 48.04 -64.64
CA GLU U 24 27.37 49.39 -65.20
C GLU U 24 28.51 50.31 -64.75
N ALA U 25 29.00 50.10 -63.54
CA ALA U 25 30.26 50.68 -63.08
C ALA U 25 31.46 50.18 -63.89
N GLU U 26 31.59 48.85 -63.98
CA GLU U 26 32.81 48.20 -64.46
C GLU U 26 32.47 47.15 -65.55
N PRO U 27 32.34 47.61 -66.83
CA PRO U 27 32.15 46.70 -67.96
C PRO U 27 33.47 46.20 -68.53
N ASN U 28 33.43 45.00 -69.13
CA ASN U 28 34.62 44.28 -69.61
C ASN U 28 35.70 44.10 -68.53
N PRO U 29 35.54 43.07 -67.67
CA PRO U 29 36.57 42.73 -66.69
C PRO U 29 37.74 41.92 -67.29
N SER U 30 38.68 41.51 -66.42
CA SER U 30 40.06 41.26 -66.83
C SER U 30 40.38 39.82 -67.24
N LEU U 31 39.40 38.91 -67.13
CA LEU U 31 39.58 37.46 -67.38
C LEU U 31 40.62 36.74 -66.49
N PHE U 32 40.39 35.44 -66.27
CA PHE U 32 41.27 34.60 -65.47
C PHE U 32 41.62 33.33 -66.22
N ARG U 33 42.62 32.61 -65.72
CA ARG U 33 42.95 31.29 -66.24
C ARG U 33 43.66 30.46 -65.16
N MET U 34 43.46 29.15 -65.18
CA MET U 34 44.05 28.25 -64.18
C MET U 34 43.99 26.80 -64.64
N ARG U 35 45.12 26.09 -64.53
CA ARG U 35 45.14 24.63 -64.71
C ARG U 35 44.90 23.95 -63.37
N LEU U 36 44.02 22.95 -63.39
CA LEU U 36 43.59 22.23 -62.18
C LEU U 36 43.58 20.75 -62.45
N PHE U 37 43.66 19.96 -61.39
CA PHE U 37 43.47 18.52 -61.45
C PHE U 37 42.24 18.13 -60.63
N ALA U 38 41.45 17.20 -61.16
CA ALA U 38 40.15 16.86 -60.59
C ALA U 38 39.64 15.55 -61.17
N ARG U 39 38.59 15.02 -60.55
CA ARG U 39 37.86 13.87 -61.11
C ARG U 39 37.20 14.18 -62.46
N ASN U 40 36.67 15.39 -62.60
CA ASN U 40 35.53 15.63 -63.50
C ASN U 40 35.51 17.06 -64.00
N LYS U 41 34.71 17.30 -65.04
CA LYS U 41 34.50 18.64 -65.59
C LYS U 41 33.75 19.58 -64.62
N VAL U 42 32.92 19.00 -63.75
CA VAL U 42 32.19 19.75 -62.73
C VAL U 42 33.11 20.13 -61.58
N LEU U 43 33.81 19.13 -61.05
CA LEU U 43 34.58 19.27 -59.83
C LEU U 43 35.84 20.14 -60.01
N ALA U 44 36.28 20.32 -61.26
CA ALA U 44 37.25 21.36 -61.62
C ALA U 44 36.74 22.77 -61.35
N VAL U 45 35.50 23.04 -61.76
CA VAL U 45 34.85 24.34 -61.57
C VAL U 45 34.65 24.68 -60.08
N SER U 46 34.25 23.68 -59.29
CA SER U 46 34.24 23.79 -57.83
C SER U 46 35.58 24.26 -57.29
N LYS U 47 36.65 23.57 -57.69
CA LYS U 47 38.00 23.87 -57.21
C LYS U 47 38.54 25.20 -57.73
N PHE U 48 38.09 25.60 -58.93
CA PHE U 48 38.42 26.91 -59.48
C PHE U 48 37.92 28.05 -58.60
N TRP U 49 36.65 27.99 -58.20
CA TRP U 49 36.02 29.05 -57.40
C TRP U 49 36.55 29.11 -55.97
N TYR U 50 36.91 27.95 -55.41
CA TYR U 50 37.58 27.89 -54.10
C TYR U 50 38.96 28.58 -54.12
N LEU U 51 39.75 28.29 -55.15
CA LEU U 51 41.10 28.86 -55.28
C LEU U 51 41.08 30.33 -55.66
N LEU U 52 40.16 30.71 -56.55
CA LEU U 52 40.01 32.10 -56.97
C LEU U 52 39.49 33.00 -55.84
N LYS U 53 38.70 32.42 -54.92
CA LYS U 53 38.30 33.11 -53.69
C LYS U 53 39.47 33.53 -52.78
N LYS U 54 40.57 32.78 -52.80
CA LYS U 54 41.77 33.14 -52.04
C LYS U 54 42.54 34.31 -52.68
N MET U 55 42.56 34.35 -54.01
CA MET U 55 43.33 35.36 -54.76
C MET U 55 42.61 36.71 -54.70
N LYS U 56 41.37 36.72 -55.21
CA LYS U 56 40.69 37.93 -55.64
C LYS U 56 39.26 37.91 -55.12
N LYS U 57 38.67 39.10 -54.97
CA LYS U 57 37.30 39.23 -54.45
C LYS U 57 36.27 38.77 -55.48
N VAL U 58 36.09 37.45 -55.55
CA VAL U 58 35.19 36.80 -56.51
C VAL U 58 34.49 35.61 -55.85
N LYS U 59 33.26 35.32 -56.30
CA LYS U 59 32.51 34.15 -55.85
C LYS U 59 31.84 33.45 -57.04
N LYS U 60 31.24 32.28 -56.79
CA LYS U 60 30.43 31.58 -57.78
C LYS U 60 29.18 32.35 -58.20
N SER U 61 28.55 33.04 -57.25
CA SER U 61 27.39 33.89 -57.53
C SER U 61 27.77 35.16 -58.28
N THR U 62 28.83 35.83 -57.83
CA THR U 62 29.32 37.06 -58.47
C THR U 62 30.17 36.82 -59.72
N GLY U 63 30.54 35.56 -59.98
CA GLY U 63 31.39 35.19 -61.12
C GLY U 63 30.63 34.55 -62.26
N GLU U 64 31.32 34.38 -63.39
CA GLU U 64 30.79 33.67 -64.56
C GLU U 64 31.90 32.92 -65.27
N ILE U 65 31.65 31.65 -65.60
CA ILE U 65 32.66 30.77 -66.19
C ILE U 65 32.38 30.58 -67.68
N LEU U 66 33.44 30.64 -68.48
CA LEU U 66 33.34 30.67 -69.94
C LEU U 66 33.60 29.30 -70.54
N ALA U 67 34.73 28.70 -70.19
CA ALA U 67 35.20 27.46 -70.82
C ALA U 67 35.87 26.53 -69.81
N VAL U 68 35.59 25.24 -69.95
CA VAL U 68 36.34 24.19 -69.27
C VAL U 68 36.96 23.26 -70.32
N ASN U 69 38.18 23.59 -70.72
CA ASN U 69 38.96 22.75 -71.62
C ASN U 69 39.61 21.62 -70.84
N GLU U 70 39.38 20.39 -71.27
CA GLU U 70 40.23 19.26 -70.89
C GLU U 70 41.59 19.40 -71.55
N ILE U 71 42.66 19.19 -70.77
CA ILE U 71 44.01 19.03 -71.30
C ILE U 71 44.44 17.58 -71.06
N ARG U 72 45.28 17.07 -71.96
CA ARG U 72 45.97 15.79 -71.75
C ARG U 72 47.47 15.96 -71.99
N GLU U 73 48.20 14.86 -71.84
CA GLU U 73 49.61 14.80 -72.28
C GLU U 73 49.74 15.08 -73.77
N LYS U 74 50.91 15.58 -74.18
CA LYS U 74 51.30 15.51 -75.58
C LYS U 74 51.48 14.04 -75.97
N ARG U 75 52.60 13.43 -75.59
CA ARG U 75 52.93 12.07 -76.00
C ARG U 75 53.01 11.18 -74.76
N PRO U 76 52.01 10.31 -74.55
CA PRO U 76 51.96 9.45 -73.35
C PRO U 76 52.68 8.10 -73.48
N THR U 77 53.39 7.85 -74.58
CA THR U 77 54.07 6.57 -74.81
C THR U 77 55.30 6.35 -73.92
N PHE U 78 56.06 7.42 -73.65
CA PHE U 78 57.41 7.30 -73.07
C PHE U 78 57.50 7.97 -71.70
N VAL U 79 58.54 7.60 -70.94
CA VAL U 79 58.65 7.92 -69.52
C VAL U 79 59.36 9.25 -69.34
N LYS U 80 58.92 10.04 -68.35
CA LYS U 80 59.46 11.37 -68.11
C LYS U 80 59.38 11.78 -66.64
N ASN U 81 60.27 12.68 -66.23
CA ASN U 81 60.41 13.08 -64.84
C ASN U 81 59.52 14.29 -64.57
N PHE U 82 58.87 14.31 -63.42
CA PHE U 82 58.02 15.43 -63.00
C PHE U 82 58.50 15.98 -61.66
N GLY U 83 58.66 17.30 -61.61
CA GLY U 83 58.84 18.03 -60.35
C GLY U 83 57.55 18.68 -59.90
N VAL U 84 56.84 18.03 -58.98
CA VAL U 84 55.56 18.53 -58.48
C VAL U 84 55.81 19.48 -57.31
N TRP U 85 55.23 20.67 -57.39
CA TRP U 85 55.14 21.60 -56.26
C TRP U 85 53.77 21.43 -55.62
N LEU U 86 53.72 21.46 -54.29
CA LEU U 86 52.45 21.35 -53.58
C LEU U 86 52.48 21.98 -52.19
N ARG U 87 51.27 22.14 -51.63
CA ARG U 87 51.08 22.49 -50.22
C ARG U 87 50.02 21.58 -49.60
N TYR U 88 50.10 21.42 -48.29
CA TYR U 88 49.12 20.64 -47.53
C TYR U 88 49.01 21.16 -46.11
N ASP U 89 48.05 20.62 -45.35
CA ASP U 89 47.71 21.12 -44.03
C ASP U 89 47.86 19.98 -43.02
N SER U 90 48.92 20.05 -42.23
CA SER U 90 49.10 19.19 -41.06
C SER U 90 48.25 19.68 -39.89
N ARG U 91 48.20 18.87 -38.85
CA ARG U 91 47.40 19.17 -37.66
C ARG U 91 47.94 20.37 -36.85
N THR U 92 49.22 20.69 -37.03
CA THR U 92 49.76 22.01 -36.64
C THR U 92 49.36 23.10 -37.65
N GLY U 93 49.94 23.05 -38.85
CA GLY U 93 49.87 24.16 -39.80
C GLY U 93 50.14 23.75 -41.22
N THR U 94 50.34 24.75 -42.09
CA THR U 94 50.58 24.52 -43.53
C THR U 94 52.07 24.40 -43.83
N HIS U 95 52.41 23.54 -44.79
CA HIS U 95 53.77 23.39 -45.30
C HIS U 95 53.77 23.27 -46.82
N ASN U 96 54.63 24.04 -47.49
CA ASN U 96 54.97 23.81 -48.89
C ASN U 96 55.96 22.67 -49.04
N MET U 97 55.79 21.86 -50.09
CA MET U 97 56.74 20.79 -50.42
C MET U 97 57.16 20.84 -51.88
N TYR U 98 58.20 20.07 -52.21
CA TYR U 98 58.57 19.74 -53.58
C TYR U 98 58.88 18.24 -53.67
N LYS U 99 57.96 17.49 -54.25
CA LYS U 99 58.14 16.06 -54.53
C LYS U 99 58.51 15.85 -55.99
N GLU U 100 59.16 14.73 -56.26
CA GLU U 100 59.55 14.34 -57.62
C GLU U 100 59.07 12.92 -57.92
N VAL U 101 58.29 12.79 -58.99
CA VAL U 101 57.55 11.58 -59.31
C VAL U 101 57.85 11.20 -60.75
N ARG U 102 57.81 9.90 -61.05
CA ARG U 102 58.11 9.41 -62.38
C ARG U 102 56.97 8.52 -62.90
N ASP U 103 56.35 8.97 -64.00
CA ASP U 103 55.39 8.16 -64.74
C ASP U 103 55.25 8.63 -66.19
N ILE U 104 54.47 7.87 -66.97
CA ILE U 104 54.20 8.20 -68.38
C ILE U 104 53.43 9.51 -68.60
N SER U 105 52.57 9.86 -67.64
CA SER U 105 51.63 10.99 -67.78
C SER U 105 51.66 11.89 -66.54
N GLN U 106 51.16 13.12 -66.69
CA GLN U 106 50.93 14.02 -65.55
C GLN U 106 49.79 13.51 -64.68
N ASN U 107 48.76 12.97 -65.31
CA ASN U 107 47.68 12.28 -64.60
C ASN U 107 48.18 11.09 -63.77
N GLY U 108 49.11 10.33 -64.34
CA GLY U 108 49.76 9.23 -63.64
C GLY U 108 50.63 9.65 -62.46
N ALA U 109 51.27 10.82 -62.58
CA ALA U 109 52.09 11.37 -61.50
C ALA U 109 51.25 11.84 -60.31
N VAL U 110 50.15 12.53 -60.59
CA VAL U 110 49.30 13.11 -59.55
C VAL U 110 48.49 12.03 -58.81
N SER U 111 48.05 11.00 -59.53
CA SER U 111 47.54 9.77 -58.92
C SER U 111 48.56 9.11 -57.98
N GLN U 112 49.80 9.04 -58.42
CA GLN U 112 50.90 8.45 -57.64
C GLN U 112 51.28 9.31 -56.43
N LEU U 113 51.04 10.61 -56.50
CA LEU U 113 51.41 11.56 -55.45
C LEU U 113 50.41 11.60 -54.30
N TYR U 114 49.11 11.61 -54.59
CA TYR U 114 48.08 11.52 -53.54
C TYR U 114 48.15 10.21 -52.74
N ALA U 115 48.57 9.13 -53.39
CA ALA U 115 48.92 7.90 -52.70
C ALA U 115 50.11 8.10 -51.76
N GLU U 116 51.21 8.62 -52.30
CA GLU U 116 52.45 8.85 -51.56
C GLU U 116 52.28 9.83 -50.40
N MET U 117 51.49 10.87 -50.61
CA MET U 117 51.36 11.98 -49.67
C MET U 117 50.48 11.60 -48.49
N ALA U 118 49.36 10.93 -48.77
CA ALA U 118 48.52 10.30 -47.75
C ALA U 118 49.27 9.25 -46.93
N GLY U 119 50.03 8.40 -47.60
CA GLY U 119 50.73 7.29 -46.96
C GLY U 119 51.80 7.71 -45.97
N ARG U 120 52.63 8.68 -46.36
CA ARG U 120 53.63 9.26 -45.47
C ARG U 120 52.99 10.19 -44.45
N HIS U 121 52.50 11.34 -44.91
CA HIS U 121 52.19 12.47 -44.02
C HIS U 121 50.73 12.47 -43.48
N ARG U 122 49.96 11.44 -43.82
CA ARG U 122 48.53 11.35 -43.46
C ARG U 122 47.70 12.54 -43.94
N ALA U 123 48.12 13.14 -45.05
CA ALA U 123 47.47 14.35 -45.55
C ALA U 123 46.19 13.93 -46.25
N LEU U 124 45.06 14.51 -45.84
CA LEU U 124 43.76 14.14 -46.39
C LEU U 124 43.63 14.72 -47.80
N PRO U 125 42.78 14.11 -48.65
CA PRO U 125 42.44 14.68 -49.97
C PRO U 125 42.03 16.17 -49.95
N SER U 126 41.28 16.58 -48.93
CA SER U 126 40.78 17.95 -48.81
C SER U 126 41.87 19.02 -48.67
N ASN U 127 42.96 18.67 -47.99
CA ASN U 127 43.99 19.63 -47.62
C ASN U 127 44.98 19.92 -48.76
N ILE U 128 45.28 18.89 -49.56
CA ILE U 128 46.33 18.98 -50.57
C ILE U 128 45.85 19.88 -51.71
N GLN U 129 46.75 20.76 -52.18
CA GLN U 129 46.53 21.55 -53.38
C GLN U 129 47.81 21.60 -54.22
N ILE U 130 47.85 20.82 -55.29
CA ILE U 130 49.05 20.73 -56.14
C ILE U 130 49.20 21.95 -57.05
N ILE U 131 50.30 22.67 -56.92
CA ILE U 131 50.40 24.04 -57.38
C ILE U 131 50.78 24.10 -58.86
N ARG U 132 51.82 23.35 -59.25
CA ARG U 132 52.19 23.20 -60.66
C ARG U 132 53.05 21.95 -60.90
N VAL U 133 52.81 21.30 -62.04
CA VAL U 133 53.42 20.01 -62.38
C VAL U 133 54.23 20.19 -63.67
N ALA U 134 55.52 20.53 -63.50
CA ALA U 134 56.42 20.78 -64.63
C ALA U 134 57.14 19.50 -65.05
N GLU U 135 57.55 19.45 -66.31
CA GLU U 135 58.32 18.33 -66.84
C GLU U 135 59.79 18.64 -66.57
N ILE U 136 60.56 17.65 -66.10
CA ILE U 136 61.97 17.89 -65.79
C ILE U 136 62.97 16.96 -66.48
N LYS U 137 64.12 17.52 -66.84
CA LYS U 137 65.20 16.78 -67.49
C LYS U 137 65.84 15.89 -66.44
N ALA U 138 66.48 14.80 -66.87
CA ALA U 138 67.10 13.91 -65.90
C ALA U 138 68.15 14.67 -65.12
N SER U 139 68.93 15.51 -65.81
CA SER U 139 69.93 16.30 -65.11
C SER U 139 69.24 17.53 -64.59
N GLN U 140 68.36 17.33 -63.62
CA GLN U 140 67.61 18.40 -63.02
C GLN U 140 66.94 17.94 -61.74
N CYS U 141 66.48 16.69 -61.71
CA CYS U 141 65.83 16.20 -60.51
C CYS U 141 66.87 16.21 -59.40
N ARG U 142 66.48 16.75 -58.26
CA ARG U 142 67.40 16.86 -57.13
C ARG U 142 67.21 15.80 -56.08
N ARG U 143 66.36 14.82 -56.34
CA ARG U 143 66.11 13.81 -55.31
C ARG U 143 66.88 12.52 -55.61
N ALA U 144 67.40 11.89 -54.56
CA ALA U 144 68.32 10.77 -54.69
C ALA U 144 67.65 9.49 -55.20
N HIS U 145 66.39 9.28 -54.82
CA HIS U 145 65.61 8.14 -55.29
C HIS U 145 65.29 8.19 -56.80
N MET U 146 65.24 9.39 -57.38
CA MET U 146 65.18 9.56 -58.83
C MET U 146 66.51 9.22 -59.51
N GLN U 147 67.61 9.75 -58.98
CA GLN U 147 68.90 9.58 -59.62
C GLN U 147 69.41 8.16 -59.84
N GLN U 148 69.09 7.24 -58.95
CA GLN U 148 69.53 5.86 -59.13
C GLN U 148 69.01 5.28 -60.43
N LEU U 149 67.76 5.59 -60.76
CA LEU U 149 67.13 5.08 -61.98
C LEU U 149 67.76 5.56 -63.28
N PHE U 150 68.17 6.82 -63.33
CA PHE U 150 68.74 7.36 -64.55
C PHE U 150 70.02 6.64 -64.93
N ASP U 151 70.17 6.47 -66.25
CA ASP U 151 71.29 5.82 -66.95
C ASP U 151 70.80 4.67 -67.81
N SER U 152 71.36 4.56 -69.00
CA SER U 152 71.01 3.51 -69.92
C SER U 152 71.64 2.21 -69.44
N LYS U 153 71.07 1.09 -69.87
CA LYS U 153 71.59 -0.21 -69.49
C LYS U 153 71.20 -0.58 -68.06
N LEU U 154 70.24 0.16 -67.51
CA LEU U 154 69.79 -0.12 -66.16
C LEU U 154 69.17 -1.50 -66.15
N LYS U 155 69.44 -2.27 -65.11
CA LYS U 155 68.91 -3.61 -65.01
C LYS U 155 68.33 -3.80 -63.62
N LEU U 156 67.32 -4.65 -63.52
CA LEU U 156 66.68 -4.95 -62.25
C LEU U 156 66.31 -6.44 -62.23
N PRO U 157 66.91 -7.23 -61.32
CA PRO U 157 66.53 -8.64 -61.26
C PRO U 157 65.21 -8.82 -60.54
N ALA U 158 64.37 -9.72 -61.05
CA ALA U 158 63.12 -10.09 -60.37
C ALA U 158 63.44 -11.01 -59.20
N ILE U 159 63.06 -10.59 -58.00
CA ILE U 159 63.40 -11.29 -56.75
C ILE U 159 62.10 -11.64 -56.02
N ARG U 160 61.96 -12.90 -55.65
CA ARG U 160 60.85 -13.40 -54.81
C ARG U 160 59.48 -13.23 -55.45
N ARG U 161 59.13 -14.21 -56.30
CA ARG U 161 58.10 -14.04 -57.31
C ARG U 161 56.75 -14.54 -56.81
N ILE U 162 56.06 -13.66 -56.10
CA ILE U 162 54.68 -13.90 -55.66
C ILE U 162 53.75 -13.41 -56.77
N PHE U 163 53.09 -14.35 -57.44
CA PHE U 163 52.19 -14.04 -58.55
C PHE U 163 50.74 -13.92 -58.07
N PRO U 164 50.04 -12.89 -58.49
CA PRO U 164 48.63 -12.78 -58.08
C PRO U 164 47.93 -13.61 -59.12
N THR U 165 47.53 -14.82 -58.76
CA THR U 165 46.87 -15.73 -59.69
C THR U 165 45.51 -15.23 -60.15
N PRO U 166 45.24 -15.40 -61.49
CA PRO U 166 43.91 -14.92 -61.90
C PRO U 166 42.90 -15.79 -61.20
N LYS U 167 41.78 -15.24 -60.77
CA LYS U 167 40.79 -16.06 -60.08
C LYS U 167 40.35 -17.14 -61.04
N ASP U 168 40.12 -18.32 -60.46
CA ASP U 168 39.72 -19.57 -61.11
C ASP U 168 40.99 -20.41 -61.22
N LYS U 169 42.12 -19.72 -61.33
CA LYS U 169 43.42 -20.34 -61.33
C LYS U 169 43.64 -20.87 -59.91
N LYS U 170 43.19 -20.07 -58.95
CA LYS U 170 43.32 -20.32 -57.52
C LYS U 170 42.62 -21.58 -57.05
N SER U 171 43.31 -22.30 -56.19
CA SER U 171 42.81 -23.51 -55.58
C SER U 171 43.24 -23.42 -54.14
N VAL U 172 42.46 -23.96 -53.23
CA VAL U 172 42.81 -23.90 -51.81
C VAL U 172 43.91 -24.90 -51.40
N PHE U 173 43.92 -26.08 -52.04
CA PHE U 173 44.97 -27.08 -51.83
C PHE U 173 45.85 -27.22 -53.07
N CYS U 174 47.15 -27.42 -52.85
CA CYS U 174 48.08 -27.87 -53.90
C CYS U 174 49.03 -28.93 -53.36
N ALA U 175 49.71 -29.61 -54.27
CA ALA U 175 50.59 -30.73 -53.92
C ALA U 175 51.99 -30.25 -53.53
N ARG U 176 52.63 -29.56 -54.48
CA ARG U 176 54.09 -29.56 -54.59
C ARG U 176 54.83 -28.64 -53.63
N LYS U 177 54.16 -27.60 -53.11
CA LYS U 177 54.82 -26.42 -52.50
C LYS U 177 55.51 -25.54 -53.56
N PRO U 178 55.32 -24.21 -53.51
CA PRO U 178 55.68 -23.35 -54.66
C PRO U 178 57.18 -23.05 -54.78
N THR U 179 57.53 -22.32 -55.85
CA THR U 179 58.93 -22.01 -56.18
C THR U 179 59.09 -20.52 -56.49
N LEU U 180 59.83 -19.81 -55.63
CA LEU U 180 59.80 -18.34 -55.59
C LEU U 180 61.02 -17.69 -56.23
N PHE U 181 62.19 -18.33 -56.15
CA PHE U 181 63.39 -17.89 -56.89
C PHE U 181 63.22 -18.00 -58.40
N LEU U 182 62.44 -18.98 -58.84
CA LEU U 182 61.87 -19.03 -60.20
C LEU U 182 62.94 -19.39 -61.25
N HIS U 183 63.80 -18.43 -61.61
CA HIS U 183 64.86 -18.64 -62.60
C HIS U 183 64.29 -19.14 -63.94
N THR V 3 11.81 37.46 -14.25
CA THR V 3 12.35 38.78 -14.57
C THR V 3 11.40 39.88 -14.07
N SER V 4 11.51 41.08 -14.62
CA SER V 4 10.63 42.17 -14.21
C SER V 4 9.90 42.73 -15.41
N PHE V 5 8.61 43.04 -15.24
CA PHE V 5 7.84 43.55 -16.35
C PHE V 5 7.34 44.97 -16.08
N GLY V 6 7.65 45.86 -17.01
CA GLY V 6 7.27 47.24 -16.94
C GLY V 6 6.95 47.65 -18.36
N LYS V 7 6.28 48.78 -18.52
CA LYS V 7 5.89 49.23 -19.85
C LYS V 7 7.12 49.36 -20.70
N ARG V 8 8.21 49.80 -20.13
CA ARG V 8 9.43 49.93 -20.89
C ARG V 8 10.58 49.21 -20.23
N ALA V 9 10.55 47.90 -20.33
CA ALA V 9 11.58 47.04 -19.76
C ALA V 9 12.40 46.50 -20.92
N ARG V 10 13.72 46.62 -20.80
CA ARG V 10 14.63 46.16 -21.83
C ARG V 10 14.66 47.15 -22.96
N THR V 11 14.04 48.30 -22.76
CA THR V 11 13.97 49.33 -23.78
C THR V 11 15.33 49.89 -24.17
N ARG V 12 16.16 50.19 -23.16
CA ARG V 12 17.54 50.72 -23.30
C ARG V 12 17.98 51.09 -24.71
N GLN V 13 18.55 50.12 -25.41
CA GLN V 13 19.00 50.31 -26.79
C GLN V 13 17.84 50.58 -27.73
N LYS V 14 16.73 49.92 -27.47
CA LYS V 14 15.54 50.02 -28.31
C LYS V 14 14.92 51.41 -28.37
N PHE V 15 14.85 52.08 -27.23
CA PHE V 15 14.26 53.41 -27.18
C PHE V 15 15.28 54.54 -27.21
N SER V 16 16.55 54.19 -27.39
CA SER V 16 17.60 55.20 -27.44
C SER V 16 17.33 56.09 -28.64
N LYS V 17 17.55 57.40 -28.47
CA LYS V 17 17.30 58.36 -29.52
C LYS V 17 18.18 58.15 -30.75
N GLY V 18 19.44 57.84 -30.53
CA GLY V 18 20.37 57.64 -31.63
C GLY V 18 21.62 58.42 -31.32
N PHE V 19 22.54 58.52 -32.27
CA PHE V 19 23.76 59.26 -32.04
C PHE V 19 23.73 60.56 -32.82
N ARG V 20 23.79 61.67 -32.10
CA ARG V 20 23.79 62.99 -32.70
C ARG V 20 22.40 63.28 -33.27
N ARG V 21 21.42 62.50 -32.84
CA ARG V 21 20.03 62.65 -33.28
C ARG V 21 19.12 63.17 -32.18
N HIS V 22 19.71 63.73 -31.12
CA HIS V 22 18.95 64.24 -29.99
C HIS V 22 18.15 65.51 -30.28
N GLY V 23 17.17 65.79 -29.42
CA GLY V 23 16.29 66.94 -29.61
C GLY V 23 15.00 66.53 -30.29
N MET V 24 14.06 67.47 -30.37
CA MET V 24 12.67 67.15 -30.71
C MET V 24 12.50 66.82 -32.20
N PRO V 25 11.34 66.22 -32.57
CA PRO V 25 10.96 66.04 -33.98
C PRO V 25 10.96 67.32 -34.80
N ALA V 26 11.37 67.21 -36.07
CA ALA V 26 11.28 68.30 -37.03
C ALA V 26 9.83 68.54 -37.47
N VAL V 27 9.60 69.71 -38.05
CA VAL V 27 8.24 70.20 -38.32
C VAL V 27 7.66 69.57 -39.60
N SER V 28 8.50 69.27 -40.57
CA SER V 28 8.06 68.66 -41.84
C SER V 28 7.57 67.22 -41.69
N ARG V 29 8.16 66.47 -40.74
CA ARG V 29 7.65 65.14 -40.37
C ARG V 29 6.32 65.18 -39.63
N LEU V 30 6.04 66.30 -38.96
CA LEU V 30 4.78 66.54 -38.27
C LEU V 30 3.66 67.11 -39.16
N LEU V 31 3.95 67.32 -40.45
CA LEU V 31 2.96 67.80 -41.42
C LEU V 31 2.52 66.71 -42.41
N VAL V 32 2.73 65.44 -42.05
CA VAL V 32 2.31 64.30 -42.87
C VAL V 32 0.86 63.97 -42.55
N ILE V 33 0.07 63.68 -43.60
CA ILE V 33 -1.34 63.30 -43.46
C ILE V 33 -1.52 61.79 -43.61
N HIS V 34 -2.48 61.24 -42.89
CA HIS V 34 -2.74 59.80 -42.85
C HIS V 34 -4.24 59.54 -42.99
N LYS V 35 -4.68 59.21 -44.20
CA LYS V 35 -6.07 58.83 -44.44
C LYS V 35 -6.30 57.39 -43.99
N LYS V 36 -7.49 57.12 -43.46
CA LYS V 36 -7.83 55.77 -42.99
C LYS V 36 -8.01 54.79 -44.14
N GLY V 37 -7.46 53.58 -43.96
CA GLY V 37 -7.19 52.66 -45.07
C GLY V 37 -5.84 52.93 -45.71
N ASP V 38 -4.79 52.93 -44.88
CA ASP V 38 -3.44 53.25 -45.33
C ASP V 38 -2.39 52.67 -44.36
N TYR V 39 -1.26 52.25 -44.91
CA TYR V 39 -0.27 51.49 -44.15
C TYR V 39 0.73 52.43 -43.47
N VAL V 40 1.13 52.09 -42.24
CA VAL V 40 2.07 52.88 -41.45
C VAL V 40 2.94 52.02 -40.53
N ASP V 41 4.23 52.32 -40.46
CA ASP V 41 5.12 51.56 -39.61
C ASP V 41 5.23 52.27 -38.29
N ILE V 42 4.96 51.55 -37.21
CA ILE V 42 5.02 52.17 -35.91
C ILE V 42 6.40 52.10 -35.32
N VAL V 43 7.09 53.23 -35.36
CA VAL V 43 8.42 53.34 -34.81
C VAL V 43 8.23 54.37 -33.72
N CYS V 44 8.65 54.05 -32.50
CA CYS V 44 8.47 54.99 -31.40
C CYS V 44 9.76 55.67 -31.06
N ASP V 45 9.73 57.00 -31.06
CA ASP V 45 10.91 57.77 -30.73
C ASP V 45 10.78 58.17 -29.27
N PRO V 46 11.87 57.87 -28.48
CA PRO V 46 11.70 58.20 -27.06
C PRO V 46 11.64 59.68 -26.72
N SER V 47 11.90 60.57 -27.67
CA SER V 47 11.88 62.00 -27.37
C SER V 47 10.55 62.49 -26.82
N VAL V 48 9.45 61.98 -27.36
CA VAL V 48 8.14 62.37 -26.87
C VAL V 48 7.58 61.20 -26.07
N GLN V 49 7.26 61.44 -24.80
CA GLN V 49 6.74 60.39 -23.95
C GLN V 49 5.23 60.35 -23.93
N LYS V 50 4.60 61.20 -24.73
CA LYS V 50 3.16 61.20 -24.72
C LYS V 50 2.61 60.35 -25.84
N GLY V 51 1.85 59.33 -25.47
CA GLY V 51 1.24 58.43 -26.43
C GLY V 51 2.12 57.40 -27.08
N MET V 52 3.34 57.21 -26.59
CA MET V 52 4.21 56.23 -27.21
C MET V 52 3.58 54.85 -27.07
N PRO V 53 3.73 54.03 -28.18
CA PRO V 53 3.10 52.72 -28.04
C PRO V 53 3.91 51.76 -27.20
N TYR V 54 3.34 50.60 -26.91
CA TYR V 54 4.02 49.58 -26.14
C TYR V 54 5.18 49.09 -26.98
N SER V 55 6.18 48.51 -26.34
CA SER V 55 7.39 48.05 -27.02
C SER V 55 7.19 47.00 -28.11
N TYR V 56 6.27 46.06 -27.92
CA TYR V 56 6.08 45.03 -28.92
C TYR V 56 5.67 45.58 -30.28
N TYR V 57 4.82 46.60 -30.29
CA TYR V 57 4.36 47.19 -31.53
C TYR V 57 5.42 48.00 -32.27
N HIS V 58 6.52 48.31 -31.60
CA HIS V 58 7.56 49.08 -32.23
C HIS V 58 8.00 48.35 -33.49
N GLY V 59 8.20 49.09 -34.57
CA GLY V 59 8.59 48.52 -35.84
C GLY V 59 7.60 47.54 -36.48
N ARG V 60 6.31 47.82 -36.33
CA ARG V 60 5.27 46.97 -36.90
C ARG V 60 4.44 47.74 -37.90
N THR V 61 4.25 47.19 -39.09
CA THR V 61 3.45 47.84 -40.12
C THR V 61 2.00 47.45 -39.94
N GLY V 62 1.09 48.39 -40.15
CA GLY V 62 -0.34 48.14 -40.00
C GLY V 62 -1.23 49.25 -40.53
N ILE V 63 -2.52 48.97 -40.59
CA ILE V 63 -3.49 49.77 -41.35
C ILE V 63 -4.10 50.82 -40.44
N VAL V 64 -4.16 52.07 -40.91
CA VAL V 64 -4.81 53.15 -40.16
C VAL V 64 -6.32 52.98 -40.27
N PHE V 65 -6.99 52.78 -39.12
CA PHE V 65 -8.45 52.67 -39.06
C PHE V 65 -9.14 53.94 -38.59
N ASN V 66 -8.52 54.66 -37.64
CA ASN V 66 -9.05 55.94 -37.15
C ASN V 66 -8.01 57.04 -37.27
N VAL V 67 -8.47 58.29 -37.30
CA VAL V 67 -7.62 59.45 -37.03
C VAL V 67 -8.33 60.41 -36.09
N THR V 68 -8.14 60.15 -34.81
CA THR V 68 -8.17 61.15 -33.73
C THR V 68 -7.43 62.44 -34.10
N GLN V 69 -7.78 63.53 -33.41
CA GLN V 69 -7.13 64.83 -33.67
C GLN V 69 -5.61 64.83 -33.50
N ARG V 70 -5.11 64.39 -32.33
CA ARG V 70 -3.66 64.29 -32.10
C ARG V 70 -3.14 62.84 -32.02
N ALA V 71 -3.77 61.92 -32.75
CA ALA V 71 -3.36 60.51 -32.75
C ALA V 71 -3.88 59.75 -33.97
N VAL V 72 -3.37 58.54 -34.15
CA VAL V 72 -3.71 57.68 -35.28
C VAL V 72 -4.00 56.29 -34.78
N GLY V 73 -5.25 55.84 -34.92
CA GLY V 73 -5.62 54.46 -34.66
C GLY V 73 -5.08 53.54 -35.73
N VAL V 74 -4.13 52.67 -35.36
CA VAL V 74 -3.55 51.68 -36.28
C VAL V 74 -3.97 50.28 -35.85
N GLU V 75 -4.53 49.52 -36.78
CA GLU V 75 -4.72 48.08 -36.63
C GLU V 75 -3.46 47.34 -37.07
N VAL V 76 -2.78 46.71 -36.11
CA VAL V 76 -1.72 45.73 -36.41
C VAL V 76 -2.16 44.34 -35.97
N ASN V 77 -1.34 43.34 -36.30
CA ASN V 77 -1.67 41.95 -36.05
C ASN V 77 -0.53 41.22 -35.37
N LYS V 78 -0.89 40.21 -34.57
CA LYS V 78 -0.07 39.73 -33.47
C LYS V 78 -0.38 38.25 -33.25
N VAL V 79 0.66 37.42 -33.30
CA VAL V 79 0.51 35.98 -33.09
C VAL V 79 0.44 35.71 -31.58
N VAL V 80 -0.53 34.88 -31.18
CA VAL V 80 -0.63 34.40 -29.79
C VAL V 80 -0.79 32.87 -29.76
N GLY V 81 0.34 32.19 -29.95
CA GLY V 81 0.36 30.75 -30.17
C GLY V 81 -0.43 30.34 -31.40
N ASN V 82 -1.70 30.01 -31.17
CA ASN V 82 -2.49 29.24 -32.13
C ASN V 82 -3.09 30.09 -33.26
N ARG V 83 -3.10 31.42 -33.10
CA ARG V 83 -3.86 32.32 -33.95
C ARG V 83 -3.20 33.70 -34.04
N VAL V 84 -3.34 34.33 -35.21
CA VAL V 84 -3.20 35.77 -35.32
C VAL V 84 -4.47 36.42 -34.73
N ILE V 85 -4.31 37.60 -34.14
CA ILE V 85 -5.43 38.46 -33.77
C ILE V 85 -5.14 39.93 -34.08
N LYS V 86 -6.08 40.58 -34.75
CA LYS V 86 -5.92 41.98 -35.17
C LYS V 86 -6.20 42.91 -34.00
N LYS V 87 -5.19 43.64 -33.56
CA LYS V 87 -5.25 44.49 -32.38
C LYS V 87 -5.26 45.96 -32.76
N ARG V 88 -6.04 46.75 -32.04
CA ARG V 88 -6.31 48.14 -32.39
C ARG V 88 -5.68 49.07 -31.36
N ILE V 89 -4.64 49.78 -31.78
CA ILE V 89 -3.78 50.56 -30.90
C ILE V 89 -3.76 51.99 -31.40
N HIS V 90 -4.24 52.92 -30.57
CA HIS V 90 -4.00 54.34 -30.80
C HIS V 90 -2.58 54.73 -30.48
N VAL V 91 -2.08 55.77 -31.15
CA VAL V 91 -0.71 56.21 -30.99
C VAL V 91 -0.53 57.65 -31.48
N ARG V 92 0.31 58.41 -30.77
CA ARG V 92 0.62 59.82 -31.06
C ARG V 92 1.27 59.97 -32.46
N LEU V 93 1.14 61.16 -33.05
CA LEU V 93 1.48 61.41 -34.47
C LEU V 93 2.97 61.27 -34.78
N GLU V 94 3.81 61.54 -33.77
CA GLU V 94 5.27 61.54 -33.91
C GLU V 94 5.83 60.11 -34.04
N HIS V 95 5.12 59.15 -33.45
CA HIS V 95 5.58 57.77 -33.35
C HIS V 95 5.20 56.96 -34.60
N VAL V 96 4.38 57.54 -35.47
CA VAL V 96 3.98 56.91 -36.74
C VAL V 96 4.85 57.43 -37.87
N ARG V 97 5.36 56.52 -38.70
CA ARG V 97 5.90 56.85 -40.02
C ARG V 97 4.92 56.45 -41.10
N LYS V 98 4.99 57.13 -42.23
CA LYS V 98 4.39 56.63 -43.47
C LYS V 98 5.14 55.38 -43.91
N SER V 99 4.41 54.31 -44.22
CA SER V 99 5.00 53.11 -44.81
C SER V 99 5.35 53.36 -46.26
N ARG V 100 6.37 52.63 -46.73
CA ARG V 100 6.79 52.66 -48.11
C ARG V 100 6.73 51.25 -48.72
N CYS V 101 6.00 50.35 -48.07
CA CYS V 101 5.95 48.93 -48.47
C CYS V 101 5.06 48.71 -49.69
N ASN V 102 4.05 49.57 -49.86
CA ASN V 102 3.03 49.40 -50.89
C ASN V 102 3.37 50.11 -52.21
N GLU V 103 4.45 50.90 -52.24
CA GLU V 103 4.60 51.97 -53.23
C GLU V 103 5.04 51.47 -54.61
N LEU V 104 5.67 50.29 -54.66
CA LEU V 104 5.90 49.58 -55.92
C LEU V 104 4.58 49.11 -56.56
N PHE V 105 3.71 48.52 -55.74
CA PHE V 105 2.37 48.08 -56.17
C PHE V 105 1.47 49.24 -56.61
N LEU V 106 1.64 50.40 -55.97
CA LEU V 106 0.83 51.59 -56.28
C LEU V 106 1.24 52.20 -57.63
N ARG V 107 2.55 52.32 -57.86
CA ARG V 107 3.12 52.63 -59.20
C ARG V 107 2.71 51.62 -60.26
N ARG V 108 2.81 50.34 -59.89
CA ARG V 108 2.58 49.23 -60.82
C ARG V 108 1.19 49.28 -61.45
N VAL V 109 0.16 49.53 -60.65
CA VAL V 109 -1.23 49.51 -61.12
C VAL V 109 -1.52 50.66 -62.11
N LYS V 110 -0.94 51.83 -61.87
CA LYS V 110 -1.12 52.98 -62.77
C LYS V 110 -0.56 52.76 -64.18
N GLU V 111 0.61 52.13 -64.26
CA GLU V 111 1.18 51.68 -65.55
C GLU V 111 0.44 50.47 -66.13
N ASN V 112 0.08 49.52 -65.28
CA ASN V 112 -0.52 48.25 -65.70
C ASN V 112 -1.96 48.41 -66.19
N ASP V 113 -2.74 49.23 -65.47
CA ASP V 113 -4.13 49.53 -65.85
C ASP V 113 -4.18 50.39 -67.12
N ALA V 114 -3.26 51.35 -67.24
CA ALA V 114 -3.08 52.15 -68.46
C ALA V 114 -2.59 51.34 -69.68
N ALA V 115 -1.78 50.31 -69.43
CA ALA V 115 -1.30 49.41 -70.49
C ALA V 115 -2.42 48.53 -71.08
N HIS V 116 -3.23 47.93 -70.20
CA HIS V 116 -4.42 47.17 -70.61
C HIS V 116 -5.49 48.04 -71.28
N HIS V 117 -5.66 49.26 -70.78
CA HIS V 117 -6.62 50.23 -71.33
C HIS V 117 -6.38 50.53 -72.81
N GLU V 118 -5.13 50.81 -73.17
CA GLU V 118 -4.81 51.50 -74.42
C GLU V 118 -4.88 50.60 -75.68
N ALA V 119 -4.95 49.28 -75.49
CA ALA V 119 -5.11 48.34 -76.61
C ALA V 119 -6.47 48.50 -77.30
N HIS V 120 -7.54 48.33 -76.52
CA HIS V 120 -8.94 48.41 -77.02
C HIS V 120 -9.23 47.47 -78.19
N LEU V 121 -8.95 47.94 -79.42
CA LEU V 121 -9.35 47.25 -80.65
C LEU V 121 -8.26 46.32 -81.21
N LYS V 122 -7.01 46.53 -80.80
CA LYS V 122 -5.94 45.55 -81.01
C LYS V 122 -6.12 44.25 -80.23
N GLY V 123 -6.99 44.27 -79.22
CA GLY V 123 -7.52 43.04 -78.61
C GLY V 123 -6.80 42.63 -77.33
N GLU V 124 -6.36 43.63 -76.55
CA GLU V 124 -5.54 43.46 -75.33
C GLU V 124 -4.80 42.10 -75.21
N SER V 125 -5.19 41.23 -74.28
CA SER V 125 -4.48 39.97 -73.98
C SER V 125 -2.96 40.12 -73.83
N ILE V 126 -2.54 41.16 -73.11
CA ILE V 126 -1.11 41.48 -72.94
C ILE V 126 -0.48 40.53 -71.92
N LYS V 127 -1.23 40.24 -70.85
CA LYS V 127 -0.78 39.36 -69.76
C LYS V 127 0.42 39.98 -69.02
N THR V 128 0.19 41.15 -68.43
CA THR V 128 1.24 41.97 -67.84
C THR V 128 1.71 41.38 -66.52
N LYS V 129 3.03 41.22 -66.39
CA LYS V 129 3.60 40.35 -65.37
C LYS V 129 5.10 40.66 -65.20
N ARG V 130 5.57 40.69 -63.97
CA ARG V 130 7.01 40.74 -63.68
C ARG V 130 7.67 39.41 -64.06
N GLN V 131 8.93 39.49 -64.46
CA GLN V 131 9.73 38.33 -64.84
C GLN V 131 10.93 38.25 -63.90
N ILE V 132 11.08 37.10 -63.22
CA ILE V 132 12.15 36.91 -62.24
C ILE V 132 13.42 36.56 -63.01
N PRO V 133 14.54 37.26 -62.71
CA PRO V 133 15.75 37.10 -63.52
C PRO V 133 16.44 35.76 -63.28
N GLY V 134 16.07 34.76 -64.08
CA GLY V 134 16.67 33.44 -64.03
C GLY V 134 17.87 33.33 -64.98
N PRO V 135 17.81 32.43 -65.97
CA PRO V 135 19.02 32.06 -66.70
C PRO V 135 19.37 33.05 -67.81
N LYS V 136 20.66 33.31 -68.00
CA LYS V 136 21.15 34.18 -69.08
C LYS V 136 21.35 33.37 -70.37
N PRO V 137 21.09 34.00 -71.54
CA PRO V 137 21.52 33.42 -72.82
C PRO V 137 22.99 33.71 -73.13
N GLY V 138 23.49 33.11 -74.21
CA GLY V 138 24.92 33.03 -74.49
C GLY V 138 25.40 34.07 -75.50
N CYS V 139 26.61 34.58 -75.29
CA CYS V 139 27.33 35.38 -76.29
C CYS V 139 28.83 35.08 -76.22
N PHE V 140 29.55 35.46 -77.28
CA PHE V 140 31.02 35.42 -77.26
C PHE V 140 31.57 36.61 -76.48
N VAL V 141 32.67 36.37 -75.76
CA VAL V 141 33.33 37.40 -74.95
C VAL V 141 34.86 37.28 -75.06
N SER V 142 35.53 38.42 -75.10
CA SER V 142 36.96 38.49 -75.44
C SER V 142 37.60 39.74 -74.87
N GLY V 143 38.77 39.59 -74.26
CA GLY V 143 39.56 40.72 -73.79
C GLY V 143 40.98 40.35 -73.43
N THR V 144 41.63 41.22 -72.65
CA THR V 144 42.94 40.92 -72.06
C THR V 144 42.80 39.80 -71.04
N MET V 145 43.83 38.95 -70.92
CA MET V 145 43.83 37.79 -70.03
C MET V 145 44.88 37.93 -68.93
N GLU V 146 44.72 37.11 -67.89
CA GLU V 146 45.80 36.80 -66.95
C GLU V 146 45.81 35.31 -66.64
N VAL V 147 47.00 34.72 -66.61
CA VAL V 147 47.20 33.37 -66.10
C VAL V 147 47.49 33.45 -64.61
N LEU V 148 46.57 32.91 -63.79
CA LEU V 148 46.80 32.71 -62.36
C LEU V 148 47.20 31.26 -62.07
N GLU V 149 47.90 31.07 -60.96
CA GLU V 149 48.04 29.76 -60.32
C GLU V 149 47.71 29.87 -58.83
N PRO V 150 47.49 28.72 -58.17
CA PRO V 150 47.35 28.73 -56.70
C PRO V 150 48.60 29.19 -55.95
N ALA V 151 48.41 29.63 -54.71
CA ALA V 151 49.41 30.37 -53.96
C ALA V 151 50.16 29.42 -53.02
N PRO V 152 51.52 29.52 -52.98
CA PRO V 152 52.25 28.97 -51.84
C PRO V 152 51.94 29.67 -50.52
N PHE V 153 51.98 28.92 -49.43
CA PHE V 153 51.73 29.45 -48.09
C PHE V 153 52.84 30.42 -47.65
N VAL V 154 52.44 31.49 -46.96
CA VAL V 154 53.37 32.38 -46.26
C VAL V 154 52.84 32.65 -44.85
N GLU V 155 53.75 32.72 -43.88
CA GLU V 155 53.37 32.82 -42.46
C GLU V 155 52.98 34.25 -42.08
N SER V 156 53.95 35.17 -42.21
CA SER V 156 53.83 36.56 -41.75
C SER V 156 53.48 36.70 -40.25
N PRO W 25 15.48 -71.45 91.65
CA PRO W 25 15.78 -71.24 90.23
C PRO W 25 14.68 -71.83 89.33
N VAL W 26 14.22 -73.02 89.68
CA VAL W 26 13.17 -73.71 88.94
C VAL W 26 13.77 -74.46 87.75
N LYS W 27 12.96 -75.27 87.09
CA LYS W 27 13.42 -76.01 85.92
C LYS W 27 12.33 -76.26 84.90
N VAL W 28 12.69 -76.26 83.63
CA VAL W 28 11.74 -76.51 82.56
C VAL W 28 12.19 -77.66 81.70
N LYS W 29 11.33 -78.64 81.49
CA LYS W 29 11.68 -79.77 80.64
C LYS W 29 10.83 -79.67 79.38
N PHE W 30 11.48 -79.50 78.24
CA PHE W 30 10.77 -79.38 76.99
C PHE W 30 10.85 -80.72 76.31
N THR W 31 10.52 -80.72 75.02
CA THR W 31 10.61 -81.95 74.22
C THR W 31 10.65 -81.61 72.72
N VAL W 32 11.30 -82.47 71.94
CA VAL W 32 11.16 -82.50 70.49
C VAL W 32 11.04 -83.94 70.01
N ASP W 33 9.83 -84.40 69.76
CA ASP W 33 9.61 -85.73 69.17
C ASP W 33 9.83 -85.72 67.66
N CYS W 34 10.47 -86.77 67.17
CA CYS W 34 10.86 -86.90 65.76
C CYS W 34 10.13 -88.09 65.12
N GLN W 35 8.91 -88.36 65.57
CA GLN W 35 8.29 -89.67 65.44
C GLN W 35 7.78 -89.92 64.02
N LYS W 36 7.17 -88.89 63.41
CA LYS W 36 6.67 -88.98 62.03
C LYS W 36 7.79 -89.02 60.97
N PRO W 37 8.91 -88.29 61.20
CA PRO W 37 10.18 -88.61 60.53
C PRO W 37 10.69 -90.05 60.70
N VAL W 38 11.02 -90.43 61.93
CA VAL W 38 11.91 -91.58 62.20
C VAL W 38 11.32 -92.91 61.69
N ASP W 39 9.99 -93.05 61.73
CA ASP W 39 9.31 -94.26 61.25
C ASP W 39 9.26 -94.41 59.72
N ASP W 40 9.69 -93.38 58.97
CA ASP W 40 10.07 -93.52 57.55
C ASP W 40 11.54 -93.93 57.34
N ASN W 41 12.33 -94.00 58.41
CA ASN W 41 13.80 -93.91 58.37
C ASN W 41 14.33 -92.79 57.48
N ILE W 42 14.33 -91.57 58.03
CA ILE W 42 14.99 -90.41 57.42
C ILE W 42 15.79 -89.57 58.43
N ILE W 43 15.25 -89.35 59.62
CA ILE W 43 16.02 -88.86 60.78
C ILE W 43 16.61 -90.06 61.54
N GLU W 44 17.84 -89.89 62.01
CA GLU W 44 18.37 -90.64 63.15
C GLU W 44 18.28 -89.80 64.42
N ALA W 45 17.43 -90.23 65.37
CA ALA W 45 17.17 -89.47 66.60
C ALA W 45 18.28 -89.58 67.66
N LYS W 46 19.22 -90.51 67.46
CA LYS W 46 20.49 -90.50 68.20
C LYS W 46 21.37 -89.29 67.84
N GLY W 47 21.40 -88.94 66.55
CA GLY W 47 22.23 -87.83 66.05
C GLY W 47 21.84 -86.46 66.57
N LEU W 48 20.54 -86.23 66.75
CA LEU W 48 20.01 -84.96 67.25
C LEU W 48 20.29 -84.75 68.75
N GLU W 49 20.34 -85.83 69.52
CA GLU W 49 20.74 -85.77 70.94
C GLU W 49 22.17 -85.28 71.11
N ARG W 50 23.10 -85.89 70.38
CA ARG W 50 24.53 -85.54 70.44
C ARG W 50 24.85 -84.19 69.80
N PHE W 51 24.02 -83.77 68.84
CA PHE W 51 24.08 -82.43 68.25
C PHE W 51 23.76 -81.34 69.27
N LEU W 52 22.67 -81.52 70.01
CA LEU W 52 22.23 -80.56 71.03
C LEU W 52 23.14 -80.53 72.27
N GLN W 53 23.78 -81.65 72.60
CA GLN W 53 24.85 -81.68 73.61
C GLN W 53 26.04 -80.79 73.25
N THR W 54 26.45 -80.83 71.99
CA THR W 54 27.60 -80.05 71.51
C THR W 54 27.25 -78.57 71.31
N HIS W 55 26.19 -78.30 70.54
CA HIS W 55 25.96 -76.97 69.95
C HIS W 55 25.29 -75.94 70.88
N ILE W 56 24.66 -76.38 71.96
CA ILE W 56 24.03 -75.46 72.92
C ILE W 56 25.09 -74.65 73.68
N LYS W 57 24.89 -73.34 73.74
CA LYS W 57 25.79 -72.42 74.44
C LYS W 57 25.19 -72.01 75.78
N VAL W 58 26.00 -72.01 76.82
CA VAL W 58 25.57 -71.57 78.13
C VAL W 58 26.51 -70.42 78.51
N ASP W 59 25.96 -69.27 78.84
CA ASP W 59 26.81 -68.14 79.19
C ASP W 59 27.81 -67.93 78.06
N GLY W 60 27.30 -67.98 76.83
CA GLY W 60 28.13 -67.81 75.65
C GLY W 60 29.21 -68.86 75.57
N LYS W 61 28.89 -70.08 75.96
CA LYS W 61 29.85 -71.18 75.92
C LYS W 61 29.27 -72.40 75.22
N CYS W 62 30.14 -73.16 74.56
CA CYS W 62 29.73 -74.36 73.83
C CYS W 62 30.39 -75.63 74.37
N ASN W 63 29.58 -76.66 74.60
CA ASN W 63 30.07 -77.93 75.12
C ASN W 63 30.31 -77.80 76.61
N ASN W 64 29.80 -76.70 77.17
CA ASN W 64 29.96 -76.42 78.60
C ASN W 64 28.64 -76.70 79.34
N LEU W 65 28.05 -77.85 79.06
CA LEU W 65 26.81 -78.30 79.70
C LEU W 65 27.14 -78.89 81.06
N GLY W 66 26.70 -78.23 82.12
CA GLY W 66 26.64 -78.82 83.45
C GLY W 66 25.50 -78.21 84.25
N ASP W 67 24.64 -79.08 84.80
CA ASP W 67 23.77 -78.78 85.95
C ASP W 67 22.60 -77.80 85.70
N ARG W 68 22.83 -76.75 84.92
CA ARG W 68 21.74 -76.03 84.25
C ARG W 68 21.07 -76.90 83.19
N VAL W 69 21.84 -77.31 82.19
CA VAL W 69 21.31 -78.04 81.02
C VAL W 69 21.47 -79.55 81.22
N GLN W 70 20.43 -80.30 80.87
CA GLN W 70 20.44 -81.76 80.98
C GLN W 70 19.67 -82.38 79.79
N VAL W 71 20.42 -82.92 78.84
CA VAL W 71 19.86 -83.41 77.57
C VAL W 71 19.91 -84.94 77.54
N SER W 72 18.74 -85.57 77.34
CA SER W 72 18.59 -87.02 77.51
C SER W 72 17.25 -87.52 76.96
N ARG W 73 17.28 -88.66 76.27
CA ARG W 73 16.20 -89.05 75.35
C ARG W 73 15.56 -90.39 75.71
N GLU W 74 14.33 -90.59 75.22
CA GLU W 74 13.75 -91.92 75.01
C GLU W 74 14.28 -92.60 73.73
N LYS W 75 14.57 -91.78 72.70
CA LYS W 75 15.02 -92.21 71.34
C LYS W 75 13.87 -92.15 70.33
N ALA W 76 12.66 -92.49 70.77
CA ALA W 76 11.43 -92.05 70.11
C ALA W 76 11.29 -90.52 70.10
N LYS W 77 11.67 -89.88 71.22
CA LYS W 77 11.56 -88.42 71.36
C LYS W 77 12.52 -87.85 72.42
N VAL W 78 13.23 -86.78 72.06
CA VAL W 78 14.33 -86.24 72.86
C VAL W 78 13.85 -85.13 73.81
N PHE W 79 14.38 -85.12 75.03
CA PHE W 79 14.04 -84.09 76.04
C PHE W 79 15.22 -83.15 76.29
N VAL W 80 14.91 -81.90 76.61
CA VAL W 80 15.92 -80.89 77.00
C VAL W 80 15.43 -80.18 78.26
N THR W 81 16.27 -80.15 79.29
CA THR W 81 15.93 -79.52 80.56
C THR W 81 16.82 -78.33 80.83
N ALA W 82 16.22 -77.22 81.25
CA ALA W 82 16.96 -76.00 81.50
C ALA W 82 16.62 -75.30 82.82
N GLU W 83 17.49 -74.38 83.21
CA GLU W 83 17.31 -73.60 84.42
C GLU W 83 16.35 -72.49 84.05
N PRO W 85 16.71 -69.25 83.07
CA PRO W 85 16.82 -68.45 81.84
C PRO W 85 17.25 -69.27 80.63
N PHE W 86 16.26 -69.60 79.81
CA PHE W 86 16.44 -70.34 78.57
C PHE W 86 15.23 -70.04 77.72
N SER W 87 15.30 -70.27 76.42
CA SER W 87 14.16 -69.98 75.59
C SER W 87 13.61 -71.05 74.66
N LYS W 88 12.35 -71.40 74.86
CA LYS W 88 11.65 -72.32 73.95
C LYS W 88 12.09 -72.16 72.48
N ARG W 89 12.22 -70.91 72.03
CA ARG W 89 12.72 -70.56 70.71
C ARG W 89 14.06 -71.22 70.33
N TYR W 90 14.99 -71.28 71.28
CA TYR W 90 16.37 -71.67 71.02
C TYR W 90 16.52 -73.14 70.60
N ILE W 91 15.56 -73.98 70.99
CA ILE W 91 15.49 -75.38 70.53
C ILE W 91 15.12 -75.43 69.04
N LYS W 92 14.12 -74.64 68.65
CA LYS W 92 13.70 -74.54 67.25
C LYS W 92 14.78 -73.94 66.33
N TYR W 93 15.62 -73.06 66.89
CA TYR W 93 16.80 -72.57 66.17
C TYR W 93 17.80 -73.70 65.86
N LEU W 94 18.06 -74.55 66.84
CA LEU W 94 19.07 -75.61 66.72
C LEU W 94 18.61 -76.82 65.91
N THR W 95 17.30 -77.10 65.90
CA THR W 95 16.75 -78.15 65.04
C THR W 95 16.69 -77.74 63.56
N LYS W 96 16.44 -76.46 63.29
CA LYS W 96 16.61 -75.89 61.95
C LYS W 96 18.07 -75.94 61.45
N LYS W 97 19.02 -75.76 62.37
CA LYS W 97 20.45 -75.93 62.08
C LYS W 97 20.79 -77.38 61.70
N TYR W 98 20.19 -78.35 62.39
CA TYR W 98 20.38 -79.78 62.09
C TYR W 98 19.82 -80.16 60.72
N LEU W 99 18.58 -79.79 60.46
CA LEU W 99 17.85 -80.20 59.25
C LEU W 99 18.44 -79.65 57.94
N LYS W 100 19.17 -78.53 58.02
CA LYS W 100 19.95 -78.02 56.88
C LYS W 100 21.16 -78.90 56.56
N LYS W 101 21.84 -79.38 57.60
CA LYS W 101 23.05 -80.21 57.45
C LYS W 101 22.75 -81.60 56.86
N GLN W 102 21.55 -82.11 57.12
CA GLN W 102 21.08 -83.39 56.56
C GLN W 102 20.35 -83.23 55.20
N MET W 103 20.21 -82.00 54.74
CA MET W 103 19.51 -81.67 53.49
C MET W 103 18.03 -82.02 53.55
N LEU W 104 17.45 -81.95 54.74
CA LEU W 104 16.04 -82.29 54.95
C LEU W 104 15.08 -81.12 55.17
N ARG W 105 15.51 -79.90 54.88
CA ARG W 105 14.64 -78.74 55.12
C ARG W 105 13.34 -78.78 54.34
N ASP W 106 13.38 -79.19 53.08
CA ASP W 106 12.16 -79.24 52.30
C ASP W 106 11.16 -80.25 52.87
N PHE W 107 11.67 -81.40 53.30
CA PHE W 107 10.84 -82.47 53.85
C PHE W 107 10.07 -82.17 55.14
N MET W 108 10.72 -81.50 56.09
CA MET W 108 10.06 -81.24 57.37
C MET W 108 10.31 -79.88 58.00
N ARG W 109 9.39 -79.47 58.86
CA ARG W 109 9.50 -78.20 59.59
C ARG W 109 9.12 -78.40 61.05
N VAL W 110 9.63 -77.54 61.90
CA VAL W 110 9.34 -77.63 63.34
C VAL W 110 8.07 -76.84 63.64
N VAL W 111 7.20 -77.41 64.46
CA VAL W 111 5.90 -76.80 64.82
C VAL W 111 5.59 -77.07 66.29
N SER W 112 5.02 -76.07 66.95
CA SER W 112 4.58 -76.19 68.34
C SER W 112 3.31 -77.04 68.41
N SER W 113 3.40 -78.18 69.08
CA SER W 113 2.22 -78.93 69.52
C SER W 113 1.57 -78.27 70.72
N ARG W 114 2.40 -77.98 71.73
CA ARG W 114 1.97 -77.30 72.95
C ARG W 114 3.07 -76.35 73.43
N ASP W 115 2.82 -75.66 74.54
CA ASP W 115 3.90 -75.21 75.43
C ASP W 115 4.67 -76.40 75.98
N THR W 116 5.99 -76.23 76.11
CA THR W 116 6.93 -77.29 76.53
C THR W 116 7.17 -78.43 75.49
N VAL W 117 6.69 -78.24 74.25
CA VAL W 117 6.79 -79.28 73.20
C VAL W 117 7.02 -78.63 71.83
N TYR W 118 7.81 -79.30 70.99
CA TYR W 118 7.69 -79.21 69.53
C TYR W 118 7.33 -80.57 68.94
N GLU W 119 6.71 -80.54 67.75
CA GLU W 119 6.60 -81.69 66.86
C GLU W 119 7.25 -81.35 65.52
N LEU W 120 7.90 -82.35 64.90
CA LEU W 120 8.28 -82.27 63.50
C LEU W 120 7.14 -82.77 62.61
N ARG W 121 7.04 -82.21 61.41
CA ARG W 121 5.89 -82.38 60.52
C ARG W 121 6.38 -82.56 59.08
N TYR W 122 5.45 -82.56 58.13
CA TYR W 122 5.77 -82.42 56.70
C TYR W 122 5.00 -81.26 56.06
N PHE W 123 5.47 -80.84 54.89
CA PHE W 123 4.70 -79.99 53.98
C PHE W 123 3.69 -80.80 53.18
N GLN W 124 2.82 -80.09 52.44
CA GLN W 124 1.73 -80.70 51.67
C GLN W 124 1.84 -80.31 50.19
N SER X 11 74.16 -20.74 19.30
CA SER X 11 74.08 -21.95 18.48
C SER X 11 73.44 -23.06 19.29
N LYS X 12 72.55 -22.67 20.19
CA LYS X 12 71.84 -23.59 21.06
C LYS X 12 70.88 -24.55 20.37
N MET X 13 70.87 -25.80 20.82
CA MET X 13 69.96 -26.79 20.28
C MET X 13 68.58 -26.52 20.89
N ARG X 14 67.53 -26.95 20.23
CA ARG X 14 66.20 -26.71 20.76
C ARG X 14 65.90 -27.48 22.04
N VAL X 15 65.22 -26.80 22.94
CA VAL X 15 64.81 -27.37 24.21
C VAL X 15 63.35 -26.97 24.33
N THR X 16 62.53 -27.77 24.98
CA THR X 16 61.13 -27.44 25.10
C THR X 16 61.05 -26.10 25.79
N LEU X 17 60.14 -25.24 25.34
CA LEU X 17 60.00 -23.92 25.94
C LEU X 17 59.05 -24.03 27.11
N GLY X 18 59.59 -23.87 28.31
CA GLY X 18 58.79 -23.96 29.51
C GLY X 18 58.23 -22.67 30.09
N LEU X 19 58.71 -21.52 29.63
CA LEU X 19 58.21 -20.27 30.18
C LEU X 19 57.72 -19.30 29.14
N PRO X 20 56.38 -18.93 29.26
CA PRO X 20 55.95 -17.94 28.26
C PRO X 20 56.36 -16.56 28.75
N VAL X 21 55.96 -15.51 28.04
CA VAL X 21 56.33 -14.15 28.41
C VAL X 21 55.81 -13.78 29.81
N GLY X 22 54.62 -14.24 30.14
CA GLY X 22 54.00 -13.95 31.41
C GLY X 22 54.62 -14.46 32.71
N ALA X 23 55.35 -15.56 32.65
CA ALA X 23 55.92 -16.20 33.84
C ALA X 23 56.82 -15.39 34.77
N LEU X 24 56.63 -15.65 36.07
CA LEU X 24 57.36 -15.06 37.20
C LEU X 24 58.22 -16.11 37.87
N ILE X 25 59.54 -15.96 37.78
CA ILE X 25 60.48 -17.00 38.20
C ILE X 25 61.41 -16.53 39.32
N ASN X 26 62.16 -17.46 39.89
CA ASN X 26 63.13 -17.16 40.95
C ASN X 26 64.45 -16.64 40.39
N CYS X 27 65.24 -16.07 41.28
CA CYS X 27 66.46 -15.35 40.92
C CYS X 27 67.60 -15.82 41.81
N CYS X 28 68.65 -16.35 41.19
CA CYS X 28 69.73 -17.04 41.91
C CYS X 28 70.68 -16.06 42.60
N ASP X 29 71.16 -15.08 41.82
CA ASP X 29 72.44 -14.42 42.11
C ASP X 29 72.36 -13.44 43.29
N ASN X 30 73.50 -12.86 43.66
CA ASN X 30 73.61 -11.93 44.80
C ASN X 30 73.37 -10.44 44.48
N SER X 31 72.73 -10.15 43.34
CA SER X 31 72.32 -8.77 43.01
C SER X 31 71.14 -8.24 43.85
N GLY X 32 70.42 -9.13 44.53
CA GLY X 32 69.43 -8.74 45.54
C GLY X 32 67.98 -8.92 45.11
N ALA X 33 67.76 -9.10 43.81
CA ALA X 33 66.43 -9.46 43.29
C ALA X 33 65.98 -10.85 43.78
N LYS X 34 64.76 -10.92 44.29
CA LYS X 34 64.09 -12.19 44.56
C LYS X 34 63.48 -12.79 43.29
N ASN X 35 62.76 -11.94 42.56
CA ASN X 35 61.92 -12.37 41.43
C ASN X 35 62.49 -11.92 40.10
N LEU X 36 62.03 -12.59 39.04
CA LEU X 36 62.20 -12.12 37.67
C LEU X 36 60.92 -12.41 36.87
N TYR X 37 60.27 -11.34 36.42
CA TYR X 37 59.07 -11.43 35.58
C TYR X 37 59.49 -11.23 34.14
N ILE X 38 59.30 -12.25 33.30
CA ILE X 38 59.76 -12.22 31.90
C ILE X 38 58.87 -11.30 31.06
N ILE X 39 59.48 -10.65 30.06
CA ILE X 39 58.83 -9.61 29.24
C ILE X 39 59.02 -9.83 27.74
N ALA X 40 60.19 -10.29 27.33
CA ALA X 40 60.42 -10.71 25.95
C ALA X 40 61.61 -11.67 25.88
N VAL X 41 61.87 -12.17 24.67
CA VAL X 41 62.94 -13.12 24.42
C VAL X 41 63.76 -12.66 23.23
N LYS X 42 65.07 -12.84 23.31
CA LYS X 42 65.96 -12.49 22.22
C LYS X 42 65.93 -13.60 21.18
N GLY X 43 65.98 -13.20 19.91
CA GLY X 43 65.82 -14.12 18.79
C GLY X 43 64.45 -14.77 18.73
N TRP X 44 63.39 -13.98 18.92
CA TRP X 44 62.02 -14.44 18.66
C TRP X 44 61.46 -13.81 17.39
N GLY X 45 61.00 -14.66 16.47
CA GLY X 45 60.52 -14.21 15.16
C GLY X 45 59.07 -13.73 15.20
N SER X 46 58.19 -14.44 14.48
CA SER X 46 56.88 -13.91 14.08
C SER X 46 55.86 -15.03 13.90
N CYS X 47 55.06 -15.25 14.94
CA CYS X 47 53.84 -16.05 14.86
C CYS X 47 52.67 -15.22 15.37
N LEU X 48 51.54 -15.28 14.66
CA LEU X 48 50.31 -14.69 15.15
C LEU X 48 49.84 -15.45 16.40
N ASN X 49 49.50 -14.68 17.43
CA ASN X 49 48.94 -15.19 18.70
C ASN X 49 49.85 -16.00 19.61
N ARG X 50 50.98 -16.51 19.11
CA ARG X 50 51.93 -17.26 19.93
C ARG X 50 52.60 -16.35 20.93
N LEU X 51 52.44 -16.65 22.23
CA LEU X 51 53.23 -16.01 23.29
C LEU X 51 54.70 -16.38 23.10
N PRO X 52 55.59 -15.38 23.02
CA PRO X 52 57.01 -15.72 22.95
C PRO X 52 57.52 -16.34 24.25
N ALA X 53 58.29 -17.42 24.10
CA ALA X 53 58.70 -18.23 25.24
C ALA X 53 60.18 -18.57 25.16
N CYS X 54 60.76 -18.85 26.32
CA CYS X 54 62.19 -19.10 26.46
C CYS X 54 62.44 -20.46 27.08
N SER X 55 63.56 -21.05 26.71
CA SER X 55 63.98 -22.37 27.15
C SER X 55 64.97 -22.24 28.31
N LEU X 56 65.65 -23.34 28.61
CA LEU X 56 66.91 -23.30 29.36
C LEU X 56 68.00 -22.59 28.56
N GLY X 57 68.89 -21.91 29.28
CA GLY X 57 70.14 -21.42 28.70
C GLY X 57 70.10 -19.99 28.18
N ASP X 58 68.95 -19.53 27.70
CA ASP X 58 68.90 -18.45 26.70
C ASP X 58 68.61 -17.09 27.32
N LEU X 59 68.99 -16.04 26.58
CA LEU X 59 68.87 -14.65 27.04
C LEU X 59 67.43 -14.18 26.90
N VAL X 60 66.96 -13.36 27.84
CA VAL X 60 65.60 -12.82 27.84
C VAL X 60 65.59 -11.32 28.14
N LEU X 61 64.41 -10.76 28.40
CA LEU X 61 64.27 -9.52 29.15
C LEU X 61 63.34 -9.71 30.33
N ALA X 62 63.51 -8.90 31.37
CA ALA X 62 62.80 -9.08 32.63
C ALA X 62 62.64 -7.79 33.41
N THR X 63 61.61 -7.74 34.25
CA THR X 63 61.58 -6.84 35.41
C THR X 63 61.80 -7.64 36.68
N VAL X 64 62.32 -6.98 37.70
CA VAL X 64 62.22 -7.45 39.07
C VAL X 64 60.90 -6.96 39.67
N LYS X 65 60.22 -7.82 40.42
CA LYS X 65 58.96 -7.48 41.08
C LYS X 65 59.15 -7.18 42.56
N LYS X 66 59.99 -7.94 43.25
CA LYS X 66 60.47 -7.57 44.58
C LYS X 66 61.96 -7.85 44.75
N GLY X 67 62.64 -6.95 45.45
CA GLY X 67 64.10 -6.85 45.40
C GLY X 67 64.60 -5.51 45.92
N LYS X 68 65.83 -5.17 45.54
CA LYS X 68 66.44 -3.91 45.97
C LYS X 68 65.90 -2.75 45.14
N PRO X 69 65.59 -1.60 45.79
CA PRO X 69 64.68 -0.63 45.16
C PRO X 69 65.24 0.08 43.92
N ASP X 70 66.57 0.20 43.83
CA ASP X 70 67.23 0.65 42.60
C ASP X 70 67.12 -0.36 41.44
N LEU X 71 66.99 -1.66 41.79
CA LEU X 71 66.91 -2.74 40.81
C LEU X 71 65.50 -2.99 40.26
N ARG X 72 64.50 -2.24 40.74
CA ARG X 72 63.10 -2.40 40.30
C ARG X 72 62.73 -1.40 39.20
N LYS X 73 61.55 -1.58 38.62
CA LYS X 73 61.02 -0.83 37.46
C LYS X 73 62.07 -0.42 36.40
N LYS X 74 62.82 -1.42 35.95
CA LYS X 74 63.65 -1.31 34.75
C LYS X 74 63.58 -2.61 33.96
N VAL X 75 64.00 -2.54 32.70
CA VAL X 75 64.00 -3.70 31.79
C VAL X 75 65.41 -4.27 31.71
N HIS X 76 65.73 -5.18 32.62
CA HIS X 76 67.02 -5.88 32.62
C HIS X 76 66.98 -7.09 31.70
N MET X 77 68.13 -7.43 31.13
CA MET X 77 68.33 -8.75 30.50
C MET X 77 68.67 -9.76 31.59
N ALA X 78 68.14 -10.98 31.45
CA ALA X 78 68.52 -12.12 32.29
C ALA X 78 68.87 -13.33 31.42
N ILE X 79 69.46 -14.35 32.03
CA ILE X 79 69.55 -15.69 31.40
C ILE X 79 68.87 -16.73 32.27
N ILE X 80 68.28 -17.74 31.62
CA ILE X 80 67.52 -18.78 32.31
C ILE X 80 68.44 -19.96 32.58
N VAL X 81 68.28 -20.54 33.78
CA VAL X 81 69.31 -21.37 34.41
C VAL X 81 68.76 -22.73 34.86
N ARG X 82 67.57 -22.74 35.47
CA ARG X 82 66.77 -23.95 35.66
C ARG X 82 65.38 -23.82 35.06
N GLN X 83 64.70 -24.95 34.92
CA GLN X 83 63.44 -25.05 34.16
C GLN X 83 62.65 -26.28 34.62
N ARG X 84 61.42 -26.06 35.08
CA ARG X 84 60.57 -27.14 35.61
C ARG X 84 59.92 -27.99 34.50
N ARG X 85 59.69 -27.37 33.34
CA ARG X 85 59.35 -28.11 32.12
C ARG X 85 60.42 -29.12 31.72
N ALA X 86 59.97 -30.29 31.25
CA ALA X 86 60.87 -31.39 30.88
C ALA X 86 61.41 -31.21 29.46
N TRP X 87 62.65 -31.65 29.25
CA TRP X 87 63.22 -31.76 27.90
C TRP X 87 64.16 -32.96 27.74
N ARG X 88 64.35 -33.35 26.48
CA ARG X 88 65.04 -34.58 26.12
C ARG X 88 66.50 -34.25 25.80
N ARG X 89 67.41 -34.76 26.63
CA ARG X 89 68.81 -34.92 26.25
C ARG X 89 68.95 -36.03 25.22
N ALA X 90 69.97 -35.93 24.36
CA ALA X 90 70.17 -36.87 23.25
C ALA X 90 70.56 -38.29 23.70
N GLU X 91 71.03 -38.44 24.94
CA GLU X 91 71.26 -39.75 25.55
C GLU X 91 69.96 -40.52 25.87
N GLY X 92 68.81 -39.87 25.72
CA GLY X 92 67.52 -40.55 25.55
C GLY X 92 66.61 -40.52 26.76
N TYR X 93 66.95 -39.71 27.76
CA TYR X 93 66.13 -39.53 28.97
C TYR X 93 65.67 -38.09 29.07
N PHE X 94 64.69 -37.86 29.95
CA PHE X 94 64.08 -36.55 30.13
C PHE X 94 64.44 -35.96 31.49
N ILE X 95 65.32 -34.97 31.50
CA ILE X 95 65.59 -34.16 32.69
C ILE X 95 64.41 -33.23 32.94
N TYR X 96 64.13 -32.96 34.21
CA TYR X 96 63.44 -31.73 34.62
C TYR X 96 63.81 -31.33 36.03
N PHE X 97 64.06 -30.04 36.23
CA PHE X 97 64.41 -29.49 37.55
C PHE X 97 63.19 -29.35 38.46
N GLU X 98 63.44 -29.02 39.72
CA GLU X 98 62.41 -28.71 40.71
C GLU X 98 61.72 -27.37 40.44
N ASP X 99 62.49 -26.36 40.05
CA ASP X 99 61.99 -24.97 39.97
C ASP X 99 62.52 -24.22 38.75
N ASN X 100 61.76 -23.22 38.31
CA ASN X 100 62.22 -22.25 37.31
C ASN X 100 63.07 -21.19 37.99
N ALA X 101 64.17 -20.79 37.35
CA ALA X 101 65.09 -19.81 37.93
C ALA X 101 66.07 -19.24 36.90
N GLY X 102 66.53 -18.03 37.17
CA GLY X 102 67.38 -17.28 36.26
C GLY X 102 68.35 -16.37 36.98
N VAL X 103 69.12 -15.60 36.20
CA VAL X 103 70.21 -14.77 36.70
C VAL X 103 70.16 -13.42 36.00
N VAL X 104 70.27 -12.34 36.77
CA VAL X 104 70.29 -10.97 36.23
C VAL X 104 71.63 -10.72 35.54
N ALA X 105 71.58 -10.08 34.38
CA ALA X 105 72.71 -10.06 33.43
C ALA X 105 72.87 -8.70 32.76
N ASN X 106 74.09 -8.43 32.30
CA ASN X 106 74.41 -7.17 31.62
C ASN X 106 73.99 -7.20 30.15
N ASN X 107 74.06 -6.03 29.51
CA ASN X 107 73.66 -5.89 28.10
C ASN X 107 74.53 -6.66 27.10
N LYS X 108 75.74 -7.02 27.50
CA LYS X 108 76.56 -7.96 26.74
C LYS X 108 75.99 -9.37 26.77
N GLY X 109 75.74 -9.88 27.98
CA GLY X 109 75.57 -11.32 28.21
C GLY X 109 76.26 -11.86 29.46
N GLU X 110 77.24 -11.13 29.98
CA GLU X 110 77.84 -11.43 31.29
C GLU X 110 76.81 -11.32 32.41
N MET X 111 76.98 -12.13 33.44
CA MET X 111 76.14 -12.02 34.65
C MET X 111 76.61 -10.82 35.48
N LYS X 112 75.66 -10.21 36.19
CA LYS X 112 75.92 -9.04 37.02
C LYS X 112 76.56 -9.47 38.34
N GLY X 113 75.81 -10.22 39.14
CA GLY X 113 76.23 -10.63 40.48
C GLY X 113 76.88 -12.01 40.44
N SER X 114 78.03 -12.14 41.10
CA SER X 114 79.03 -13.14 40.73
C SER X 114 78.64 -14.56 41.14
N ALA X 115 78.22 -14.74 42.39
CA ALA X 115 77.85 -16.06 42.92
C ALA X 115 76.49 -16.51 42.37
N VAL X 116 76.34 -17.83 42.19
CA VAL X 116 75.09 -18.44 41.70
C VAL X 116 74.67 -19.59 42.62
N THR X 117 73.59 -19.39 43.35
CA THR X 117 72.95 -20.47 44.13
C THR X 117 72.25 -21.49 43.24
N GLY X 118 71.80 -22.59 43.86
CA GLY X 118 71.08 -23.66 43.17
C GLY X 118 72.01 -24.52 42.33
N PRO X 119 71.43 -25.53 41.65
CA PRO X 119 72.05 -26.08 40.43
C PRO X 119 71.90 -25.13 39.24
N VAL X 120 72.65 -25.43 38.18
CA VAL X 120 72.37 -24.89 36.84
C VAL X 120 72.25 -26.05 35.86
N GLY X 121 71.71 -25.77 34.67
CA GLY X 121 71.65 -26.74 33.59
C GLY X 121 73.00 -27.00 32.93
N LYS X 122 73.06 -28.06 32.14
CA LYS X 122 74.23 -28.29 31.26
C LYS X 122 74.32 -27.21 30.18
N GLU X 123 73.18 -26.85 29.60
CA GLU X 123 73.11 -25.98 28.43
C GLU X 123 73.25 -24.49 28.75
N CYS X 124 73.21 -24.14 30.04
CA CYS X 124 73.67 -22.82 30.52
C CYS X 124 75.20 -22.77 30.56
N ALA X 125 75.80 -23.76 31.21
CA ALA X 125 77.26 -23.85 31.33
C ALA X 125 77.97 -24.11 30.00
N GLU X 126 77.27 -24.77 29.07
CA GLU X 126 77.81 -25.07 27.73
C GLU X 126 77.95 -23.82 26.86
N LEU X 127 76.97 -22.92 26.95
CA LEU X 127 77.04 -21.61 26.28
C LEU X 127 77.94 -20.63 27.03
N TRP X 128 77.45 -20.17 28.19
CA TRP X 128 78.00 -18.97 28.84
C TRP X 128 79.20 -19.40 29.70
N PRO X 129 80.41 -18.89 29.40
CA PRO X 129 81.59 -19.34 30.17
C PRO X 129 81.59 -18.91 31.65
N LYS X 130 81.13 -17.69 31.93
CA LYS X 130 81.21 -17.13 33.29
C LYS X 130 80.26 -17.83 34.28
N ILE X 131 79.06 -18.17 33.81
CA ILE X 131 78.05 -18.85 34.65
C ILE X 131 78.43 -20.31 34.97
N SER X 132 79.29 -20.91 34.15
CA SER X 132 79.85 -22.24 34.42
C SER X 132 80.79 -22.22 35.63
N ALA X 133 81.67 -21.22 35.67
CA ALA X 133 82.68 -21.12 36.73
C ALA X 133 82.08 -20.93 38.11
N ALA X 134 81.17 -19.95 38.22
CA ALA X 134 80.55 -19.59 39.49
C ALA X 134 79.50 -20.59 39.99
N ALA X 135 79.01 -21.48 39.12
CA ALA X 135 78.04 -22.50 39.50
C ALA X 135 78.63 -23.50 40.49
N THR X 136 77.81 -23.94 41.44
CA THR X 136 78.24 -24.86 42.50
C THR X 136 78.39 -26.27 41.94
N ALA X 137 77.34 -26.76 41.29
CA ALA X 137 77.36 -28.08 40.64
C ALA X 137 76.30 -28.15 39.54
N ILE X 138 76.76 -28.39 38.30
CA ILE X 138 75.87 -28.36 37.14
C ILE X 138 75.08 -29.68 37.03
N CYS X 139 73.77 -29.56 36.90
CA CYS X 139 72.85 -30.72 36.82
C CYS X 139 72.99 -31.69 37.98
N ILE Y 8 73.94 -51.49 27.13
CA ILE Y 8 75.39 -51.77 27.46
C ILE Y 8 75.67 -51.48 28.95
N LYS Y 9 76.21 -50.30 29.28
CA LYS Y 9 76.17 -49.78 30.65
C LYS Y 9 74.77 -49.29 31.01
N THR Y 10 74.39 -49.50 32.27
CA THR Y 10 73.00 -49.46 32.70
C THR Y 10 72.88 -48.82 34.09
N ASP Y 11 72.59 -47.53 34.11
CA ASP Y 11 72.24 -46.82 35.36
C ASP Y 11 70.91 -47.31 35.94
N MET Y 12 70.71 -47.05 37.23
CA MET Y 12 69.65 -47.71 38.01
C MET Y 12 68.71 -46.69 38.66
N CYS Y 13 67.50 -47.16 38.97
CA CYS Y 13 66.45 -46.31 39.52
C CYS Y 13 66.73 -45.96 40.97
N SER Y 14 66.40 -44.73 41.36
CA SER Y 14 66.52 -44.28 42.74
C SER Y 14 65.46 -44.92 43.64
N PHE Y 15 64.23 -45.00 43.14
CA PHE Y 15 63.08 -45.40 43.94
C PHE Y 15 63.04 -46.92 44.14
N SER Y 16 63.00 -47.66 43.03
CA SER Y 16 62.69 -49.09 43.02
C SER Y 16 63.93 -50.00 42.90
N GLU Y 17 65.10 -49.42 42.62
CA GLU Y 17 66.36 -50.15 42.42
C GLU Y 17 66.39 -51.08 41.19
N TYR Y 18 65.52 -50.82 40.21
CA TYR Y 18 65.56 -51.56 38.94
C TYR Y 18 66.62 -50.99 38.02
N ARG Y 19 66.88 -51.68 36.91
CA ARG Y 19 67.84 -51.25 35.89
C ARG Y 19 67.14 -50.49 34.75
N ILE Y 20 67.80 -49.46 34.24
CA ILE Y 20 67.26 -48.61 33.17
C ILE Y 20 68.15 -48.75 31.93
N TYR Y 21 67.74 -49.64 31.03
CA TYR Y 21 68.36 -49.72 29.70
C TYR Y 21 68.03 -48.45 28.91
N PRO Y 22 68.97 -47.98 28.06
CA PRO Y 22 68.95 -46.57 27.63
C PRO Y 22 67.76 -46.21 26.76
N GLY Y 23 67.48 -44.91 26.67
CA GLY Y 23 66.34 -44.40 25.91
C GLY Y 23 65.04 -44.54 26.66
N ARG Y 24 65.05 -44.13 27.93
CA ARG Y 24 64.02 -44.54 28.89
C ARG Y 24 64.06 -43.66 30.13
N GLY Y 25 62.91 -43.53 30.78
CA GLY Y 25 62.85 -42.94 32.12
C GLY Y 25 63.18 -41.47 32.13
N GLN Y 26 63.59 -40.98 33.30
CA GLN Y 26 63.60 -39.56 33.57
C GLN Y 26 64.35 -39.23 34.85
N ARG Y 27 65.06 -38.10 34.82
CA ARG Y 27 65.98 -37.71 35.88
C ARG Y 27 65.50 -36.40 36.52
N PHE Y 28 64.76 -36.53 37.61
CA PHE Y 28 64.38 -35.38 38.43
C PHE Y 28 65.58 -34.88 39.20
N VAL Y 29 65.95 -33.61 38.97
CA VAL Y 29 66.95 -32.91 39.78
C VAL Y 29 66.25 -32.14 40.89
N ALA Y 30 66.66 -32.40 42.14
CA ALA Y 30 66.00 -31.84 43.32
C ALA Y 30 66.46 -30.39 43.56
N LYS Y 31 66.01 -29.80 44.67
CA LYS Y 31 66.35 -28.42 45.01
C LYS Y 31 67.84 -28.21 45.22
N ASP Y 32 68.46 -29.08 46.02
CA ASP Y 32 69.91 -29.07 46.23
C ASP Y 32 70.70 -29.62 45.03
N GLY Y 33 70.11 -30.56 44.28
CA GLY Y 33 70.70 -31.13 43.08
C GLY Y 33 71.18 -32.57 43.20
N LYS Y 34 70.44 -33.40 43.94
CA LYS Y 34 70.52 -34.85 43.81
C LYS Y 34 69.68 -35.30 42.61
N VAL Y 35 70.33 -35.96 41.65
CA VAL Y 35 69.69 -36.35 40.40
C VAL Y 35 68.98 -37.70 40.58
N HIS Y 36 67.71 -37.63 40.96
CA HIS Y 36 66.89 -38.84 41.15
C HIS Y 36 66.43 -39.38 39.81
N THR Y 37 66.96 -40.54 39.43
CA THR Y 37 66.54 -41.24 38.20
C THR Y 37 65.29 -42.06 38.50
N PHE Y 38 64.43 -42.21 37.48
CA PHE Y 38 63.27 -43.12 37.53
C PHE Y 38 63.15 -43.97 36.26
N ILE Y 39 62.49 -45.13 36.37
CA ILE Y 39 62.07 -45.90 35.18
C ILE Y 39 60.79 -45.36 34.53
N HIS Y 40 59.78 -45.09 35.35
CA HIS Y 40 58.38 -44.99 34.88
C HIS Y 40 57.56 -44.02 35.72
N ARG Y 41 56.39 -43.65 35.22
CA ARG Y 41 55.51 -42.66 35.87
C ARG Y 41 54.96 -43.16 37.21
N LYS Y 42 54.83 -44.48 37.36
CA LYS Y 42 54.58 -45.12 38.66
C LYS Y 42 55.56 -44.64 39.75
N GLU Y 43 56.84 -44.57 39.40
CA GLU Y 43 57.90 -44.19 40.37
C GLU Y 43 57.85 -42.70 40.67
N ALA Y 44 57.80 -41.90 39.61
CA ALA Y 44 57.86 -40.44 39.71
C ALA Y 44 56.70 -39.87 40.51
N SER Y 45 55.49 -40.35 40.23
CA SER Y 45 54.28 -39.82 40.86
C SER Y 45 54.03 -40.28 42.29
N LEU Y 46 54.79 -41.28 42.75
CA LEU Y 46 54.88 -41.61 44.18
C LEU Y 46 55.98 -40.82 44.90
N PHE Y 47 56.99 -40.36 44.15
CA PHE Y 47 57.94 -39.36 44.62
C PHE Y 47 57.35 -37.94 44.71
N ARG Y 48 56.31 -37.64 43.93
CA ARG Y 48 55.52 -36.41 44.12
C ARG Y 48 54.75 -36.47 45.43
N GLN Y 49 54.04 -37.59 45.64
CA GLN Y 49 53.23 -37.80 46.85
C GLN Y 49 54.06 -38.02 48.13
N LYS Y 50 55.35 -38.33 47.96
CA LYS Y 50 56.29 -38.52 49.07
C LYS Y 50 55.97 -39.77 49.91
N ILE Y 51 55.44 -40.80 49.24
CA ILE Y 51 55.45 -42.15 49.76
C ILE Y 51 56.80 -42.76 49.43
N LYS Y 52 57.36 -43.49 50.39
CA LYS Y 52 58.75 -43.95 50.34
C LYS Y 52 58.79 -45.40 49.85
N PRO Y 53 59.96 -45.85 49.33
CA PRO Y 53 60.07 -47.24 48.86
C PRO Y 53 59.86 -48.30 49.95
N VAL Y 54 60.20 -47.97 51.19
CA VAL Y 54 60.20 -48.94 52.29
C VAL Y 54 58.81 -49.50 52.65
N LYS Y 55 57.76 -48.74 52.38
CA LYS Y 55 56.38 -49.14 52.73
C LYS Y 55 55.62 -49.86 51.61
N LEU Y 56 56.11 -49.74 50.37
CA LEU Y 56 55.56 -50.49 49.23
C LEU Y 56 56.15 -51.90 49.20
N HIS Y 57 55.29 -52.91 49.14
CA HIS Y 57 55.69 -54.32 49.26
C HIS Y 57 56.43 -54.81 48.01
N TRP Y 58 55.90 -54.44 46.85
CA TRP Y 58 56.51 -54.79 45.55
C TRP Y 58 57.93 -54.30 45.31
N THR Y 59 58.35 -53.24 46.01
CA THR Y 59 59.67 -52.66 45.80
C THR Y 59 60.78 -53.56 46.31
N LEU Y 60 61.97 -53.38 45.73
CA LEU Y 60 63.16 -54.16 46.09
C LEU Y 60 63.72 -53.77 47.46
N VAL Y 61 63.30 -52.62 48.00
CA VAL Y 61 63.77 -52.13 49.30
C VAL Y 61 63.06 -52.86 50.45
N TRP Y 62 61.73 -52.91 50.40
CA TRP Y 62 60.95 -53.67 51.39
C TRP Y 62 61.27 -55.16 51.32
N ARG Y 63 61.43 -55.66 50.10
CA ARG Y 63 61.95 -57.00 49.85
C ARG Y 63 63.20 -57.29 50.68
N ARG Y 64 64.20 -56.41 50.56
CA ARG Y 64 65.50 -56.60 51.22
C ARG Y 64 65.42 -56.57 52.74
N MET Y 65 64.67 -55.62 53.29
CA MET Y 65 64.61 -55.38 54.74
C MET Y 65 63.80 -56.41 55.53
N ASN Y 66 62.93 -57.16 54.85
CA ASN Y 66 62.07 -58.18 55.51
C ASN Y 66 62.44 -59.63 55.16
N LYS Y 67 63.74 -59.88 54.93
CA LYS Y 67 64.29 -61.23 54.74
C LYS Y 67 63.75 -61.94 53.48
N LYS Y 68 63.75 -61.22 52.37
CA LYS Y 68 63.32 -61.75 51.07
C LYS Y 68 64.33 -61.33 50.00
N GLY Y 69 64.75 -62.28 49.17
CA GLY Y 69 65.76 -62.03 48.13
C GLY Y 69 67.18 -61.98 48.69
N GLY Y 70 68.13 -62.51 47.92
CA GLY Y 70 69.53 -62.60 48.35
C GLY Y 70 69.75 -63.66 49.40
N LYS Z 41 -60.61 16.48 77.77
CA LYS Z 41 -59.91 17.25 76.69
C LYS Z 41 -58.91 16.40 75.90
N ALA Z 42 -58.16 15.54 76.59
CA ALA Z 42 -57.33 14.51 75.94
C ALA Z 42 -57.05 13.35 76.89
N ARG Z 43 -56.67 12.20 76.32
CA ARG Z 43 -56.29 11.03 77.12
C ARG Z 43 -54.91 11.23 77.76
N VAL Z 44 -54.77 10.81 79.02
CA VAL Z 44 -53.51 10.88 79.75
C VAL Z 44 -52.62 9.74 79.26
N ARG Z 45 -51.60 10.07 78.47
CA ARG Z 45 -50.69 9.06 77.91
C ARG Z 45 -49.29 9.14 78.51
N THR Z 46 -48.69 7.97 78.69
CA THR Z 46 -47.58 7.77 79.61
C THR Z 46 -46.26 7.63 78.84
N ASN Z 47 -46.26 6.74 77.85
CA ASN Z 47 -45.15 6.63 76.90
C ASN Z 47 -45.03 7.89 76.05
N VAL Z 48 -43.81 8.37 75.89
CA VAL Z 48 -43.51 9.49 74.98
C VAL Z 48 -43.78 9.16 73.51
N HIS Z 49 -43.64 7.88 73.13
CA HIS Z 49 -43.87 7.45 71.75
C HIS Z 49 -45.35 7.36 71.39
N PHE Z 50 -45.65 7.72 70.14
CA PHE Z 50 -46.92 7.40 69.52
C PHE Z 50 -46.78 6.06 68.81
N PHE Z 51 -47.64 5.11 69.19
CA PHE Z 51 -47.73 3.83 68.52
C PHE Z 51 -49.02 3.73 67.73
N ARG Z 52 -48.98 2.91 66.67
CA ARG Z 52 -50.16 2.64 65.85
C ARG Z 52 -51.22 1.93 66.68
N PRO Z 53 -52.47 2.41 66.65
CA PRO Z 53 -53.60 1.68 67.26
C PRO Z 53 -53.83 0.28 66.69
N HIS Z 54 -54.50 -0.56 67.47
CA HIS Z 54 -54.97 -1.87 66.99
C HIS Z 54 -56.39 -1.75 66.46
N THR Z 55 -56.64 -2.41 65.34
CA THR Z 55 -57.94 -2.37 64.66
C THR Z 55 -58.48 -3.79 64.50
N LEU Z 56 -59.78 -3.91 64.20
CA LEU Z 56 -60.32 -5.17 63.68
C LEU Z 56 -59.73 -5.45 62.30
N ARG Z 57 -59.29 -6.69 62.10
CA ARG Z 57 -59.01 -7.22 60.77
C ARG Z 57 -59.93 -8.42 60.54
N LYS Z 58 -60.79 -8.29 59.54
CA LYS Z 58 -61.63 -9.40 59.11
C LYS Z 58 -60.79 -10.40 58.31
N SER Z 59 -61.01 -11.69 58.57
CA SER Z 59 -60.61 -12.76 57.65
C SER Z 59 -61.40 -12.66 56.34
N ARG Z 60 -60.97 -13.42 55.33
CA ARG Z 60 -61.25 -13.06 53.95
C ARG Z 60 -62.75 -13.18 53.60
N GLN Z 61 -63.29 -14.39 53.55
CA GLN Z 61 -64.72 -14.64 53.23
C GLN Z 61 -65.11 -14.07 51.85
N PRO Z 62 -64.76 -14.78 50.77
CA PRO Z 62 -64.70 -14.15 49.45
C PRO Z 62 -66.00 -14.28 48.64
N LYS Z 63 -67.16 -14.18 49.30
CA LYS Z 63 -68.46 -14.08 48.63
C LYS Z 63 -68.83 -15.32 47.81
N VAL Z 64 -68.25 -15.46 46.62
CA VAL Z 64 -68.49 -16.59 45.72
C VAL Z 64 -67.18 -17.27 45.38
N VAL Z 65 -67.24 -18.59 45.30
CA VAL Z 65 -66.08 -19.48 45.30
C VAL Z 65 -65.23 -19.26 44.03
N ARG Z 66 -63.93 -19.49 44.14
CA ARG Z 66 -63.02 -19.40 42.99
C ARG Z 66 -63.20 -20.57 42.03
N ARG Z 67 -62.89 -21.78 42.48
CA ARG Z 67 -62.95 -22.99 41.66
C ARG Z 67 -64.08 -23.90 42.13
N CYS Z 68 -64.79 -24.50 41.18
CA CYS Z 68 -66.10 -25.11 41.45
C CYS Z 68 -66.08 -26.48 42.18
N TYR Z 69 -64.89 -26.99 42.54
CA TYR Z 69 -64.79 -28.20 43.39
C TYR Z 69 -65.42 -27.98 44.78
N GLU Z 70 -65.24 -26.79 45.35
CA GLU Z 70 -65.61 -26.51 46.74
C GLU Z 70 -66.87 -25.64 46.83
N ALA Z 71 -68.02 -26.28 46.60
CA ALA Z 71 -69.32 -25.61 46.61
C ALA Z 71 -70.40 -26.48 47.23
N ALA Z 72 -71.52 -25.85 47.60
CA ALA Z 72 -72.67 -26.55 48.18
C ALA Z 72 -73.37 -27.40 47.12
N THR Z 73 -73.46 -28.71 47.38
CA THR Z 73 -73.95 -29.69 46.41
C THR Z 73 -73.07 -29.71 45.14
N CYS Z 74 -71.75 -29.85 45.34
CA CYS Z 74 -70.81 -30.08 44.25
C CYS Z 74 -70.84 -31.54 43.81
N THR Z 75 -70.67 -32.44 44.78
CA THR Z 75 -70.88 -33.90 44.65
C THR Z 75 -69.94 -34.68 43.68
N PHE Z 76 -69.36 -34.01 42.69
CA PHE Z 76 -68.07 -34.40 42.10
C PHE Z 76 -66.91 -33.64 42.76
N PRO Z 77 -66.33 -34.18 43.85
CA PRO Z 77 -65.15 -33.54 44.45
C PRO Z 77 -63.88 -33.79 43.64
N LYS Z 78 -62.83 -33.03 43.93
CA LYS Z 78 -61.60 -33.09 43.14
C LYS Z 78 -60.86 -34.41 43.40
N LEU Z 79 -60.54 -35.13 42.32
CA LEU Z 79 -59.63 -36.28 42.38
C LEU Z 79 -58.18 -35.82 42.61
N ALA Z 80 -57.42 -36.65 43.32
CA ALA Z 80 -56.16 -36.23 43.93
C ALA Z 80 -55.03 -36.15 42.91
N LYS Z 81 -54.09 -35.26 43.15
CA LYS Z 81 -52.94 -35.05 42.26
C LYS Z 81 -51.92 -36.15 42.52
N THR Z 82 -51.49 -36.27 43.77
CA THR Z 82 -50.58 -37.32 44.21
C THR Z 82 -51.37 -38.46 44.86
N ASP Z 83 -51.68 -39.48 44.06
CA ASP Z 83 -52.19 -40.76 44.57
C ASP Z 83 -51.06 -41.58 45.19
N LYS Z 84 -51.41 -42.73 45.76
CA LYS Z 84 -50.41 -43.74 46.12
C LYS Z 84 -49.63 -44.30 44.91
N TYR Z 85 -50.28 -44.35 43.75
CA TYR Z 85 -49.67 -44.95 42.54
C TYR Z 85 -48.59 -44.07 41.92
N THR Z 86 -48.81 -42.77 41.88
CA THR Z 86 -47.85 -41.83 41.29
C THR Z 86 -46.62 -41.53 42.17
N ILE Z 87 -46.71 -41.83 43.46
CA ILE Z 87 -45.54 -41.85 44.35
C ILE Z 87 -44.65 -43.04 43.99
N VAL Z 88 -45.16 -44.25 44.22
CA VAL Z 88 -44.40 -45.48 44.02
C VAL Z 88 -44.57 -45.94 42.58
N ARG Z 89 -43.59 -45.61 41.74
CA ARG Z 89 -43.66 -45.89 40.30
C ARG Z 89 -43.56 -47.39 40.03
N GLN Z 90 -42.45 -47.98 40.46
CA GLN Z 90 -42.12 -49.35 40.09
C GLN Z 90 -40.94 -49.87 40.93
N PRO Z 91 -40.91 -51.19 41.18
CA PRO Z 91 -39.73 -51.80 41.80
C PRO Z 91 -38.56 -51.99 40.83
N LEU Z 92 -37.33 -51.93 41.36
CA LEU Z 92 -36.14 -52.40 40.66
C LEU Z 92 -35.92 -53.90 40.87
N THR Z 93 -35.18 -54.49 39.93
CA THR Z 93 -35.10 -55.95 39.79
C THR Z 93 -33.67 -56.50 39.68
N THR Z 94 -32.66 -55.63 39.80
CA THR Z 94 -31.35 -55.88 39.21
C THR Z 94 -30.54 -56.86 40.05
N GLU Z 95 -29.34 -57.20 39.58
CA GLU Z 95 -28.39 -58.00 40.36
C GLU Z 95 -28.08 -57.38 41.73
N SER Z 96 -27.95 -56.05 41.76
CA SER Z 96 -27.71 -55.31 43.00
C SER Z 96 -28.91 -55.30 43.95
N ALA Z 97 -30.11 -55.14 43.39
CA ALA Z 97 -31.34 -55.03 44.19
C ALA Z 97 -31.85 -56.37 44.73
N MET Z 98 -31.68 -57.44 43.95
CA MET Z 98 -32.20 -58.76 44.32
C MET Z 98 -31.37 -59.44 45.42
N LYS Z 99 -30.08 -59.11 45.49
CA LYS Z 99 -29.21 -59.53 46.61
C LYS Z 99 -29.73 -59.10 47.99
N LYS Z 100 -30.31 -57.91 48.08
CA LYS Z 100 -30.81 -57.35 49.35
C LYS Z 100 -32.08 -58.02 49.87
N ILE Z 101 -32.95 -58.46 48.96
CA ILE Z 101 -34.30 -58.93 49.30
C ILE Z 101 -34.23 -60.23 50.10
N GLU Z 102 -33.28 -61.09 49.74
CA GLU Z 102 -33.01 -62.33 50.47
C GLU Z 102 -32.61 -62.06 51.92
N GLU Z 103 -31.61 -61.21 52.10
CA GLU Z 103 -30.75 -61.23 53.29
C GLU Z 103 -31.16 -60.16 54.31
N THR Z 104 -31.20 -58.91 53.87
CA THR Z 104 -31.41 -57.75 54.75
C THR Z 104 -32.88 -57.28 54.84
N ASN Z 105 -33.80 -58.00 54.19
CA ASN Z 105 -35.25 -57.83 54.35
C ASN Z 105 -35.78 -56.56 53.67
N THR Z 106 -35.14 -56.21 52.54
CA THR Z 106 -35.11 -54.83 52.03
C THR Z 106 -35.52 -54.79 50.57
N LEU Z 107 -36.59 -54.04 50.28
CA LEU Z 107 -37.10 -53.86 48.93
C LEU Z 107 -36.65 -52.53 48.35
N VAL Z 108 -36.34 -52.51 47.06
CA VAL Z 108 -35.90 -51.30 46.37
C VAL Z 108 -36.96 -50.86 45.35
N PHE Z 109 -37.30 -49.58 45.35
CA PHE Z 109 -38.29 -49.04 44.43
C PHE Z 109 -37.83 -47.75 43.79
N LEU Z 110 -38.37 -47.44 42.63
CA LEU Z 110 -38.06 -46.19 41.96
C LEU Z 110 -39.30 -45.37 42.23
N VAL Z 111 -39.14 -44.19 42.80
CA VAL Z 111 -40.27 -43.35 43.15
C VAL Z 111 -40.17 -41.94 42.59
N ASP Z 112 -41.28 -41.23 42.59
CA ASP Z 112 -41.34 -39.86 42.07
C ASP Z 112 -40.37 -38.96 42.85
N PRO Z 113 -39.55 -38.15 42.13
CA PRO Z 113 -38.48 -37.38 42.78
C PRO Z 113 -38.95 -36.25 43.70
N ARG Z 114 -40.15 -35.72 43.48
CA ARG Z 114 -40.77 -34.77 44.41
C ARG Z 114 -41.24 -35.41 45.73
N SER Z 115 -41.35 -36.74 45.78
CA SER Z 115 -41.96 -37.43 46.93
C SER Z 115 -41.13 -37.32 48.20
N ASN Z 116 -41.82 -37.48 49.31
CA ASN Z 116 -41.26 -37.34 50.64
C ASN Z 116 -41.00 -38.72 51.25
N LYS Z 117 -40.09 -38.79 52.21
CA LYS Z 117 -39.78 -40.05 52.89
C LYS Z 117 -40.94 -40.57 53.77
N ARG Z 118 -41.76 -39.66 54.28
CA ARG Z 118 -42.98 -40.03 55.01
C ARG Z 118 -44.15 -40.46 54.11
N GLN Z 119 -44.20 -39.93 52.88
CA GLN Z 119 -45.18 -40.37 51.88
C GLN Z 119 -44.92 -41.80 51.39
N ILE Z 120 -43.66 -42.11 51.08
CA ILE Z 120 -43.25 -43.44 50.60
C ILE Z 120 -43.58 -44.51 51.64
N LYS Z 121 -43.33 -44.21 52.91
CA LYS Z 121 -43.71 -45.08 54.02
C LYS Z 121 -45.20 -45.42 54.02
N GLN Z 122 -46.03 -44.40 53.80
CA GLN Z 122 -47.49 -44.57 53.80
C GLN Z 122 -48.06 -45.11 52.49
N ALA Z 123 -47.41 -44.79 51.37
CA ALA Z 123 -47.81 -45.32 50.05
C ALA Z 123 -47.50 -46.81 49.89
N VAL Z 124 -46.35 -47.24 50.40
CA VAL Z 124 -46.00 -48.66 50.45
C VAL Z 124 -46.94 -49.45 51.37
N LYS Z 125 -47.36 -48.82 52.47
CA LYS Z 125 -48.37 -49.40 53.34
C LYS Z 125 -49.75 -49.55 52.68
N GLU Z 126 -50.11 -48.61 51.80
CA GLU Z 126 -51.38 -48.68 51.07
C GLU Z 126 -51.38 -49.71 49.95
N LEU Z 127 -50.29 -49.77 49.18
CA LEU Z 127 -50.23 -50.68 48.02
C LEU Z 127 -50.14 -52.14 48.44
N TYR Z 128 -49.03 -52.51 49.07
CA TYR Z 128 -48.67 -53.91 49.30
C TYR Z 128 -49.08 -54.43 50.69
N ASP Z 129 -49.51 -53.53 51.58
CA ASP Z 129 -50.07 -53.86 52.90
C ASP Z 129 -48.99 -54.37 53.86
N VAL Z 130 -47.86 -53.65 53.88
CA VAL Z 130 -46.67 -54.05 54.63
C VAL Z 130 -46.05 -52.83 55.32
N ASP Z 131 -45.66 -53.02 56.58
CA ASP Z 131 -45.21 -51.92 57.45
C ASP Z 131 -43.69 -51.76 57.38
N THR Z 132 -43.25 -50.51 57.40
CA THR Z 132 -41.88 -50.15 57.06
C THR Z 132 -41.12 -49.77 58.33
N GLN Z 133 -39.87 -50.22 58.40
CA GLN Z 133 -38.95 -49.85 59.47
C GLN Z 133 -38.27 -48.53 59.18
N ARG Z 134 -37.66 -48.44 58.00
CA ARG Z 134 -36.62 -47.44 57.71
C ARG Z 134 -36.51 -47.24 56.20
N VAL Z 135 -37.01 -46.11 55.72
CA VAL Z 135 -36.82 -45.71 54.33
C VAL Z 135 -35.52 -44.92 54.22
N ASN Z 136 -34.66 -45.32 53.28
CA ASN Z 136 -33.64 -44.44 52.72
C ASN Z 136 -33.90 -44.15 51.26
N THR Z 137 -33.30 -43.08 50.77
CA THR Z 137 -33.78 -42.35 49.60
C THR Z 137 -32.61 -41.64 48.95
N LEU Z 138 -32.64 -41.52 47.63
CA LEU Z 138 -31.45 -41.22 46.85
C LEU Z 138 -31.86 -40.83 45.43
N ILE Z 139 -31.42 -39.66 44.97
CA ILE Z 139 -31.72 -39.21 43.61
C ILE Z 139 -30.58 -39.61 42.67
N ARG Z 140 -30.82 -40.67 41.90
CA ARG Z 140 -30.01 -41.07 40.73
C ARG Z 140 -29.67 -39.88 39.80
N PRO Z 141 -28.54 -39.94 39.05
CA PRO Z 141 -28.18 -38.92 38.05
C PRO Z 141 -29.28 -38.55 37.02
N ASP Z 142 -29.94 -39.54 36.43
CA ASP Z 142 -31.25 -39.39 35.73
C ASP Z 142 -32.07 -38.19 36.16
N GLY Z 143 -32.38 -38.14 37.47
CA GLY Z 143 -33.52 -37.41 38.01
C GLY Z 143 -34.64 -38.33 38.45
N LEU Z 144 -34.28 -39.41 39.12
CA LEU Z 144 -35.24 -40.39 39.65
C LEU Z 144 -34.86 -40.74 41.08
N LYS Z 145 -35.82 -40.67 42.00
CA LYS Z 145 -35.61 -41.16 43.35
C LYS Z 145 -35.61 -42.68 43.34
N LYS Z 146 -34.57 -43.27 43.89
CA LYS Z 146 -34.57 -44.66 44.35
C LYS Z 146 -34.76 -44.69 45.86
N ALA Z 147 -35.79 -45.38 46.32
CA ALA Z 147 -36.03 -45.61 47.74
C ALA Z 147 -35.69 -47.06 48.15
N TYR Z 148 -34.64 -47.22 48.95
CA TYR Z 148 -34.40 -48.46 49.70
C TYR Z 148 -35.27 -48.49 50.94
N VAL Z 149 -36.07 -49.55 51.09
CA VAL Z 149 -37.06 -49.65 52.17
C VAL Z 149 -36.87 -50.97 52.90
N ARG Z 150 -36.27 -50.92 54.09
CA ARG Z 150 -36.22 -52.08 54.97
C ARG Z 150 -37.57 -52.28 55.66
N LEU Z 151 -38.09 -53.50 55.57
CA LEU Z 151 -39.37 -53.84 56.16
C LEU Z 151 -39.18 -54.27 57.62
N THR Z 152 -40.27 -54.24 58.37
CA THR Z 152 -40.24 -54.58 59.81
C THR Z 152 -39.99 -56.08 59.99
N SER Z 153 -39.37 -56.44 61.12
CA SER Z 153 -38.97 -57.82 61.40
C SER Z 153 -40.13 -58.83 61.48
N ASP Z 154 -41.34 -58.32 61.75
CA ASP Z 154 -42.58 -59.09 61.63
C ASP Z 154 -42.76 -59.77 60.26
N TYR Z 155 -42.57 -59.00 59.20
CA TYR Z 155 -42.81 -59.47 57.82
C TYR Z 155 -41.57 -60.09 57.20
N ASP Z 156 -41.74 -60.64 56.00
CA ASP Z 156 -40.62 -61.09 55.15
C ASP Z 156 -40.73 -60.43 53.76
N ALA Z 157 -39.57 -60.17 53.15
CA ALA Z 157 -39.50 -59.52 51.84
C ALA Z 157 -39.76 -60.49 50.68
N LEU Z 158 -39.27 -61.72 50.78
CA LEU Z 158 -39.45 -62.72 49.72
C LEU Z 158 -40.88 -63.25 49.57
N ASP Z 159 -41.69 -63.13 50.62
CA ASP Z 159 -43.16 -63.24 50.48
C ASP Z 159 -43.74 -62.14 49.60
N VAL Z 160 -43.31 -60.90 49.86
CA VAL Z 160 -43.87 -59.71 49.22
C VAL Z 160 -43.37 -59.57 47.77
N ALA Z 161 -42.10 -59.87 47.54
CA ALA Z 161 -41.52 -59.81 46.19
C ALA Z 161 -42.10 -60.84 45.20
N ASN Z 162 -42.53 -62.00 45.72
CA ASN Z 162 -43.29 -62.97 44.93
C ASN Z 162 -44.75 -62.57 44.68
N LYS Z 163 -45.36 -61.91 45.67
CA LYS Z 163 -46.71 -61.35 45.51
C LYS Z 163 -46.79 -60.30 44.41
N ILE Z 164 -45.77 -59.45 44.32
CA ILE Z 164 -45.66 -58.45 43.25
C ILE Z 164 -45.19 -59.10 41.95
N GLY Z 165 -44.21 -60.01 42.06
CA GLY Z 165 -43.56 -60.61 40.90
C GLY Z 165 -42.29 -59.88 40.50
N ILE Z 166 -41.44 -59.58 41.48
CA ILE Z 166 -40.15 -58.93 41.26
C ILE Z 166 -39.08 -60.02 41.43
N ILE Z 167 -39.20 -61.05 40.60
CA ILE Z 167 -38.65 -62.37 40.92
C ILE Z 167 -38.58 -63.24 39.66
N LYS AA 2 -57.02 -20.03 -12.32
CA LYS AA 2 -57.47 -19.46 -13.63
C LYS AA 2 -58.90 -18.90 -13.55
N PHE AA 3 -59.04 -17.58 -13.73
CA PHE AA 3 -60.28 -16.82 -13.46
C PHE AA 3 -60.79 -16.92 -12.00
N SER AA 4 -59.86 -17.05 -11.04
CA SER AA 4 -60.21 -17.16 -9.62
C SER AA 4 -58.98 -16.94 -8.74
N SER AA 5 -58.97 -15.84 -7.99
CA SER AA 5 -58.07 -15.69 -6.85
C SER AA 5 -58.42 -16.69 -5.76
N GLN AA 6 -57.42 -17.01 -4.94
CA GLN AA 6 -57.38 -18.23 -4.11
C GLN AA 6 -57.32 -19.56 -4.91
N VAL AA 7 -56.82 -19.51 -6.14
CA VAL AA 7 -56.37 -20.69 -6.89
C VAL AA 7 -55.06 -20.35 -7.62
N SER AA 8 -53.95 -20.93 -7.16
CA SER AA 8 -52.62 -20.58 -7.66
C SER AA 8 -52.19 -21.51 -8.79
N SER AA 9 -51.69 -20.93 -9.88
CA SER AA 9 -51.00 -21.66 -10.94
C SER AA 9 -49.47 -21.56 -10.82
N SER AA 10 -48.95 -21.46 -9.60
CA SER AA 10 -47.50 -21.55 -9.36
C SER AA 10 -47.07 -23.00 -9.15
N ARG AA 11 -45.85 -23.31 -9.61
CA ARG AA 11 -45.33 -24.67 -9.60
C ARG AA 11 -44.90 -25.13 -8.20
N ARG AA 12 -44.29 -24.22 -7.44
CA ARG AA 12 -43.88 -24.50 -6.05
C ARG AA 12 -45.05 -24.86 -5.17
N LYS AA 13 -46.08 -24.02 -5.19
CA LYS AA 13 -47.23 -24.19 -4.31
C LYS AA 13 -48.00 -25.46 -4.63
N SER AA 14 -48.14 -25.75 -5.92
CA SER AA 14 -48.79 -26.99 -6.37
C SER AA 14 -48.03 -28.24 -5.93
N ARG AA 15 -46.70 -28.20 -6.04
CA ARG AA 15 -45.87 -29.36 -5.70
C ARG AA 15 -45.77 -29.57 -4.19
N LYS AA 16 -45.64 -28.49 -3.43
CA LYS AA 16 -45.57 -28.61 -1.99
C LYS AA 16 -46.88 -29.16 -1.44
N ALA AA 17 -47.99 -28.69 -1.98
CA ALA AA 17 -49.28 -29.12 -1.51
C ALA AA 17 -49.45 -30.61 -1.73
N HIS AA 18 -49.06 -31.08 -2.91
CA HIS AA 18 -49.16 -32.51 -3.20
C HIS AA 18 -48.23 -33.34 -2.35
N PHE AA 19 -46.99 -32.91 -2.25
CA PHE AA 19 -45.98 -33.63 -1.47
C PHE AA 19 -46.14 -33.69 0.04
N SER AA 20 -46.51 -32.58 0.67
CA SER AA 20 -46.67 -32.62 2.12
C SER AA 20 -47.82 -33.58 2.38
N ALA AA 21 -48.91 -33.37 1.65
CA ALA AA 21 -50.08 -34.23 1.71
C ALA AA 21 -50.55 -34.73 3.07
N PRO AA 22 -51.64 -34.10 3.63
CA PRO AA 22 -52.07 -34.69 4.91
C PRO AA 22 -52.69 -36.04 4.57
N SER AA 23 -52.75 -37.00 5.49
CA SER AA 23 -53.30 -38.31 5.14
C SER AA 23 -54.74 -38.27 4.65
N SER AA 24 -55.56 -37.40 5.21
CA SER AA 24 -56.94 -37.32 4.78
C SER AA 24 -57.06 -36.90 3.32
N VAL AA 25 -56.24 -35.94 2.93
CA VAL AA 25 -56.22 -35.43 1.56
C VAL AA 25 -55.77 -36.46 0.53
N ARG AA 26 -54.82 -37.30 0.90
CA ARG AA 26 -54.30 -38.30 -0.01
C ARG AA 26 -55.40 -39.22 -0.50
N ARG AA 27 -56.32 -39.57 0.38
CA ARG AA 27 -57.43 -40.45 0.04
C ARG AA 27 -58.12 -40.06 -1.28
N LYS AA 28 -58.30 -38.75 -1.50
CA LYS AA 28 -58.85 -38.24 -2.78
C LYS AA 28 -57.85 -38.31 -3.93
N ILE AA 29 -56.57 -38.09 -3.65
CA ILE AA 29 -55.54 -38.07 -4.68
C ILE AA 29 -55.38 -39.47 -5.30
N MET AA 30 -55.13 -40.46 -4.46
CA MET AA 30 -55.20 -41.85 -4.90
C MET AA 30 -56.63 -42.30 -5.17
N THR AA 31 -57.11 -41.96 -6.37
CA THR AA 31 -58.32 -42.54 -6.92
C THR AA 31 -57.97 -43.48 -8.05
N ALA AA 32 -58.93 -44.33 -8.39
CA ALA AA 32 -58.80 -45.29 -9.47
C ALA AA 32 -60.06 -45.24 -10.33
N PRO AA 33 -59.91 -45.23 -11.67
CA PRO AA 33 -61.08 -45.37 -12.53
C PRO AA 33 -61.67 -46.77 -12.52
N LEU AA 34 -62.93 -46.88 -12.93
CA LEU AA 34 -63.68 -48.14 -12.90
C LEU AA 34 -63.68 -48.81 -14.27
N CYS AA 35 -64.12 -50.06 -14.29
CA CYS AA 35 -64.41 -50.79 -15.53
C CYS AA 35 -65.61 -50.18 -16.27
N LYS AA 36 -65.68 -50.48 -17.57
CA LYS AA 36 -66.80 -50.05 -18.41
C LYS AA 36 -68.07 -50.88 -18.18
N GLU AA 37 -67.96 -51.99 -17.45
CA GLU AA 37 -69.12 -52.64 -16.83
C GLU AA 37 -69.73 -51.81 -15.70
N LEU AA 38 -68.89 -51.31 -14.80
CA LEU AA 38 -69.36 -50.59 -13.60
C LEU AA 38 -69.82 -49.16 -13.86
N ARG AA 39 -69.29 -48.53 -14.92
CA ARG AA 39 -69.80 -47.23 -15.39
C ARG AA 39 -71.24 -47.27 -15.92
N LYS AA 40 -71.68 -48.43 -16.39
CA LYS AA 40 -73.10 -48.64 -16.72
C LYS AA 40 -74.00 -48.74 -15.49
N LYS AA 41 -73.53 -49.46 -14.46
CA LYS AA 41 -74.30 -49.63 -13.21
C LYS AA 41 -74.44 -48.31 -12.44
N TYR AA 42 -73.32 -47.82 -11.93
CA TYR AA 42 -73.33 -46.75 -10.93
C TYR AA 42 -73.36 -45.35 -11.55
N ASN AA 43 -72.83 -45.21 -12.76
CA ASN AA 43 -72.65 -43.91 -13.44
C ASN AA 43 -71.70 -42.98 -12.69
N VAL AA 44 -70.50 -43.48 -12.41
CA VAL AA 44 -69.38 -42.66 -11.94
C VAL AA 44 -68.10 -43.01 -12.70
N ARG AA 45 -67.29 -42.01 -12.97
CA ARG AA 45 -66.03 -42.17 -13.68
C ARG AA 45 -64.97 -42.83 -12.79
N SER AA 46 -64.94 -42.46 -11.51
CA SER AA 46 -63.80 -42.71 -10.61
C SER AA 46 -64.27 -43.19 -9.22
N LEU AA 47 -63.30 -43.58 -8.40
CA LEU AA 47 -63.53 -43.91 -6.99
C LEU AA 47 -62.17 -43.96 -6.25
N PRO AA 48 -62.11 -43.43 -5.01
CA PRO AA 48 -60.99 -43.74 -4.11
C PRO AA 48 -60.82 -45.23 -3.82
N ILE AA 49 -59.62 -45.76 -4.08
CA ILE AA 49 -59.21 -47.13 -3.69
C ILE AA 49 -59.42 -47.44 -2.20
N ARG AA 50 -59.78 -48.70 -1.94
CA ARG AA 50 -59.88 -49.25 -0.58
C ARG AA 50 -59.09 -50.56 -0.51
N LYS AA 51 -58.71 -50.97 0.69
CA LYS AA 51 -57.93 -52.19 0.94
C LYS AA 51 -58.47 -53.45 0.24
N ASP AA 52 -59.75 -53.74 0.41
CA ASP AA 52 -60.34 -55.01 -0.06
C ASP AA 52 -61.13 -54.81 -1.36
N ASP AA 53 -60.41 -54.46 -2.43
CA ASP AA 53 -60.98 -54.30 -3.78
C ASP AA 53 -60.28 -55.25 -4.76
N GLU AA 54 -61.06 -55.87 -5.64
CA GLU AA 54 -60.51 -56.41 -6.90
C GLU AA 54 -60.12 -55.29 -7.86
N VAL AA 55 -59.16 -55.57 -8.72
CA VAL AA 55 -58.42 -54.54 -9.44
C VAL AA 55 -57.55 -55.16 -10.54
N MET AA 56 -57.32 -54.41 -11.62
CA MET AA 56 -56.53 -54.88 -12.77
C MET AA 56 -55.57 -53.79 -13.25
N VAL AA 57 -54.34 -54.21 -13.54
CA VAL AA 57 -53.24 -53.29 -13.82
C VAL AA 57 -53.18 -53.08 -15.32
N VAL AA 58 -53.26 -51.82 -15.77
CA VAL AA 58 -53.44 -51.49 -17.19
C VAL AA 58 -52.15 -51.03 -17.85
N ARG AA 59 -51.35 -50.24 -17.14
CA ARG AA 59 -50.04 -49.78 -17.65
C ARG AA 59 -48.89 -50.56 -17.03
N GLY AA 60 -47.68 -50.22 -17.43
CA GLY AA 60 -46.47 -50.73 -16.81
C GLY AA 60 -46.12 -52.13 -17.25
N HIS AA 61 -45.27 -52.78 -16.45
CA HIS AA 61 -44.69 -54.07 -16.79
C HIS AA 61 -45.70 -55.22 -16.61
N HIS AA 62 -46.70 -55.02 -15.76
CA HIS AA 62 -47.64 -56.06 -15.36
C HIS AA 62 -49.02 -55.86 -16.00
N HIS AA 63 -49.04 -55.44 -17.26
CA HIS AA 63 -50.30 -55.04 -17.90
C HIS AA 63 -51.18 -56.28 -18.19
N ASP AA 64 -52.46 -56.15 -17.88
CA ASP AA 64 -53.43 -57.25 -17.87
C ASP AA 64 -53.11 -58.39 -16.85
N ARG AA 65 -52.37 -58.08 -15.79
CA ARG AA 65 -52.47 -58.82 -14.53
C ARG AA 65 -53.59 -58.26 -13.67
N GLU AA 66 -54.14 -59.10 -12.80
CA GLU AA 66 -55.20 -58.69 -11.89
C GLU AA 66 -55.09 -59.36 -10.54
N GLY AA 67 -55.86 -58.85 -9.59
CA GLY AA 67 -56.11 -59.55 -8.33
C GLY AA 67 -56.77 -58.65 -7.29
N LYS AA 68 -56.82 -59.15 -6.05
CA LYS AA 68 -57.30 -58.37 -4.92
C LYS AA 68 -56.21 -57.42 -4.43
N VAL AA 69 -56.60 -56.21 -4.06
CA VAL AA 69 -55.71 -55.27 -3.35
C VAL AA 69 -55.50 -55.81 -1.93
N THR AA 70 -54.28 -55.63 -1.41
CA THR AA 70 -53.94 -56.02 -0.05
C THR AA 70 -53.66 -54.83 0.87
N LYS AA 71 -53.08 -53.76 0.32
CA LYS AA 71 -52.43 -52.72 1.12
C LYS AA 71 -52.49 -51.37 0.39
N VAL AA 72 -52.51 -50.28 1.16
CA VAL AA 72 -52.70 -48.94 0.61
C VAL AA 72 -51.72 -47.98 1.29
N TYR AA 73 -50.50 -47.96 0.77
CA TYR AA 73 -49.36 -47.37 1.46
C TYR AA 73 -49.35 -45.88 1.11
N ARG AA 74 -50.23 -45.13 1.78
CA ARG AA 74 -50.51 -43.75 1.40
C ARG AA 74 -49.31 -42.81 1.57
N LYS AA 75 -48.39 -43.16 2.45
CA LYS AA 75 -47.15 -42.40 2.62
C LYS AA 75 -46.27 -42.37 1.37
N LYS AA 76 -46.37 -43.40 0.52
CA LYS AA 76 -45.58 -43.51 -0.71
C LYS AA 76 -46.39 -43.27 -2.02
N TRP AA 77 -47.69 -43.02 -1.91
CA TRP AA 77 -48.64 -43.11 -3.04
C TRP AA 77 -48.56 -44.42 -3.81
N VAL AA 78 -49.06 -45.49 -3.20
CA VAL AA 78 -48.86 -46.85 -3.69
C VAL AA 78 -50.09 -47.69 -3.33
N ILE AA 79 -50.31 -48.78 -4.06
CA ILE AA 79 -51.00 -49.95 -3.53
C ILE AA 79 -50.16 -51.20 -3.74
N HIS AA 80 -50.43 -52.23 -2.93
CA HIS AA 80 -49.96 -53.59 -3.22
C HIS AA 80 -51.13 -54.48 -3.64
N ILE AA 81 -50.79 -55.64 -4.21
CA ILE AA 81 -51.77 -56.59 -4.73
C ILE AA 81 -51.32 -58.01 -4.35
N GLU AA 82 -52.27 -58.93 -4.23
CA GLU AA 82 -51.98 -60.37 -4.23
C GLU AA 82 -51.30 -60.79 -5.54
N ARG AA 83 -50.40 -61.77 -5.45
CA ARG AA 83 -49.65 -62.34 -6.59
C ARG AA 83 -48.55 -61.43 -7.15
N VAL AA 84 -48.87 -60.16 -7.42
CA VAL AA 84 -47.95 -59.23 -8.07
C VAL AA 84 -46.75 -58.98 -7.14
N THR AA 85 -45.67 -59.71 -7.41
CA THR AA 85 -44.52 -59.80 -6.51
C THR AA 85 -43.22 -59.96 -7.30
N ARG AA 86 -42.11 -59.78 -6.61
CA ARG AA 86 -40.79 -60.22 -7.09
C ARG AA 86 -39.96 -60.77 -5.94
N ASP AA 87 -39.09 -61.73 -6.25
CA ASP AA 87 -38.15 -62.28 -5.27
C ASP AA 87 -36.92 -61.39 -5.14
N LYS AA 88 -36.37 -61.31 -3.92
CA LYS AA 88 -35.08 -60.68 -3.67
C LYS AA 88 -33.93 -61.58 -4.12
N ALA AA 89 -32.70 -61.11 -3.88
CA ALA AA 89 -31.49 -61.97 -3.89
C ALA AA 89 -31.68 -63.30 -3.15
N ASN AA 90 -32.20 -63.23 -1.92
CA ASN AA 90 -32.25 -64.38 -1.01
C ASN AA 90 -33.43 -65.35 -1.19
N GLY AA 91 -34.26 -65.14 -2.22
CA GLY AA 91 -35.36 -66.04 -2.53
C GLY AA 91 -36.50 -65.88 -1.53
N GLU AA 92 -36.95 -64.63 -1.36
CA GLU AA 92 -37.95 -64.27 -0.35
C GLU AA 92 -38.79 -63.10 -0.86
N THR AA 93 -40.11 -63.31 -0.93
CA THR AA 93 -40.97 -62.53 -1.84
C THR AA 93 -41.26 -61.13 -1.28
N VAL AA 94 -41.43 -60.17 -2.20
CA VAL AA 94 -41.76 -58.77 -1.88
C VAL AA 94 -42.87 -58.31 -2.80
N THR AA 95 -43.84 -57.58 -2.26
CA THR AA 95 -44.93 -56.98 -3.06
C THR AA 95 -44.43 -55.75 -3.82
N ILE AA 96 -44.74 -55.69 -5.11
CA ILE AA 96 -44.41 -54.53 -5.94
C ILE AA 96 -45.48 -53.46 -5.75
N GLY AA 97 -45.05 -52.24 -5.47
CA GLY AA 97 -45.93 -51.08 -5.43
C GLY AA 97 -46.28 -50.59 -6.82
N ILE AA 98 -47.56 -50.29 -7.04
CA ILE AA 98 -47.99 -49.55 -8.23
C ILE AA 98 -48.95 -48.42 -7.89
N HIS AA 99 -48.95 -47.40 -8.73
CA HIS AA 99 -49.72 -46.18 -8.49
C HIS AA 99 -51.15 -46.41 -8.97
N PRO AA 100 -52.15 -45.93 -8.20
CA PRO AA 100 -53.54 -46.35 -8.47
C PRO AA 100 -54.26 -45.55 -9.56
N SER AA 101 -53.61 -44.54 -10.12
CA SER AA 101 -54.01 -43.99 -11.42
C SER AA 101 -53.89 -45.01 -12.57
N LYS AA 102 -52.86 -45.85 -12.50
CA LYS AA 102 -52.59 -46.84 -13.55
C LYS AA 102 -53.51 -48.06 -13.48
N VAL AA 103 -53.91 -48.43 -12.27
CA VAL AA 103 -54.75 -49.61 -12.03
C VAL AA 103 -56.23 -49.25 -12.30
N VAL AA 104 -57.07 -50.26 -12.53
CA VAL AA 104 -58.50 -50.07 -12.81
C VAL AA 104 -59.34 -51.12 -12.08
N ILE AA 105 -60.45 -50.67 -11.48
CA ILE AA 105 -61.19 -51.46 -10.49
C ILE AA 105 -62.15 -52.44 -11.18
N THR AA 106 -62.03 -53.72 -10.84
CA THR AA 106 -62.82 -54.79 -11.44
C THR AA 106 -64.18 -54.88 -10.74
N LYS AA 107 -64.15 -54.94 -9.41
CA LYS AA 107 -65.37 -54.77 -8.59
C LYS AA 107 -65.05 -54.28 -7.18
N ALA AA 108 -65.92 -53.43 -6.65
CA ALA AA 108 -65.67 -52.65 -5.44
C ALA AA 108 -66.24 -53.34 -4.21
N LYS AA 109 -65.72 -52.99 -3.05
CA LYS AA 109 -66.39 -53.25 -1.78
C LYS AA 109 -67.52 -52.25 -1.56
N LEU AA 110 -68.54 -52.67 -0.81
CA LEU AA 110 -69.68 -51.83 -0.45
C LEU AA 110 -69.96 -51.91 1.05
N ASP AA 111 -69.68 -50.81 1.76
CA ASP AA 111 -70.24 -50.55 3.10
C ASP AA 111 -71.52 -49.72 2.98
N LYS AA 112 -72.08 -49.31 4.12
CA LYS AA 112 -73.07 -48.21 4.16
C LYS AA 112 -72.53 -46.96 3.49
N ASP AA 113 -71.34 -46.54 3.89
CA ASP AA 113 -70.79 -45.25 3.48
C ASP AA 113 -70.32 -45.25 2.02
N ARG AA 114 -69.61 -46.31 1.62
CA ARG AA 114 -69.07 -46.41 0.26
C ARG AA 114 -70.15 -46.61 -0.80
N LYS AA 115 -71.23 -47.30 -0.42
CA LYS AA 115 -72.45 -47.35 -1.24
C LYS AA 115 -73.15 -46.00 -1.33
N ALA AA 116 -73.31 -45.33 -0.19
CA ALA AA 116 -73.92 -43.98 -0.13
C ALA AA 116 -72.96 -42.85 -0.52
N LEU AA 117 -71.71 -43.19 -0.85
CA LEU AA 117 -70.85 -42.31 -1.65
C LEU AA 117 -71.29 -42.30 -3.12
N LEU AA 118 -71.64 -43.46 -3.67
CA LEU AA 118 -71.98 -43.59 -5.10
C LEU AA 118 -73.26 -42.86 -5.49
N GLU AA 119 -74.26 -42.88 -4.60
CA GLU AA 119 -75.48 -42.08 -4.78
C GLU AA 119 -75.20 -40.57 -4.74
N ARG AA 120 -74.25 -40.17 -3.90
CA ARG AA 120 -73.81 -38.78 -3.80
C ARG AA 120 -73.05 -38.31 -5.06
N LYS AA 121 -72.26 -39.19 -5.66
CA LYS AA 121 -71.58 -38.93 -6.94
C LYS AA 121 -72.53 -38.87 -8.14
N SER AA 122 -73.57 -39.71 -8.15
CA SER AA 122 -74.42 -39.94 -9.32
C SER AA 122 -75.68 -39.05 -9.37
N ARG AA 123 -75.77 -38.03 -8.51
CA ARG AA 123 -76.67 -36.89 -8.72
C ARG AA 123 -76.28 -36.04 -9.92
N ALA AA 124 -74.98 -35.94 -10.19
CA ALA AA 124 -74.45 -35.31 -11.41
C ALA AA 124 -74.81 -36.11 -12.67
N THR AA 125 -74.48 -37.41 -12.65
CA THR AA 125 -74.75 -38.34 -13.75
C THR AA 125 -75.62 -39.50 -13.27
N VAL BA 2 -14.05 -6.25 126.84
CA VAL BA 2 -15.36 -6.71 126.43
C VAL BA 2 -15.39 -7.04 124.94
N LYS BA 3 -15.50 -8.34 124.64
CA LYS BA 3 -15.56 -8.81 123.26
C LYS BA 3 -16.83 -8.32 122.60
N LEU BA 4 -16.76 -8.00 121.31
CA LEU BA 4 -17.93 -7.52 120.60
C LEU BA 4 -19.02 -8.58 120.57
N LEU BA 5 -18.63 -9.82 120.32
CA LEU BA 5 -19.59 -10.92 120.28
C LEU BA 5 -20.04 -11.26 121.69
N LYS BA 6 -21.33 -11.49 121.86
CA LYS BA 6 -21.88 -11.80 123.17
C LYS BA 6 -23.18 -12.57 123.05
N SER BA 7 -23.66 -13.12 124.16
CA SER BA 7 -24.88 -13.90 124.13
C SER BA 7 -26.10 -13.00 124.13
N GLY BA 8 -26.28 -12.29 123.04
CA GLY BA 8 -27.41 -11.40 122.84
C GLY BA 8 -26.99 -10.27 121.92
N ARG BA 9 -26.43 -10.62 120.77
CA ARG BA 9 -25.97 -9.62 119.82
C ARG BA 9 -26.26 -10.00 118.38
N VAL BA 10 -26.87 -9.06 117.66
CA VAL BA 10 -27.18 -9.24 116.24
C VAL BA 10 -25.92 -9.06 115.38
N VAL BA 11 -25.81 -9.88 114.33
CA VAL BA 11 -24.67 -9.84 113.41
C VAL BA 11 -25.15 -9.84 111.95
N VAL BA 12 -24.19 -9.83 111.04
CA VAL BA 12 -24.42 -10.21 109.65
C VAL BA 12 -23.35 -11.24 109.27
N VAL BA 13 -23.80 -12.31 108.62
CA VAL BA 13 -22.92 -13.41 108.21
C VAL BA 13 -22.35 -13.08 106.83
N LEU BA 14 -21.04 -13.27 106.67
CA LEU BA 14 -20.31 -12.82 105.49
C LEU BA 14 -20.03 -13.94 104.48
N ASN BA 15 -19.88 -15.17 104.97
CA ASN BA 15 -19.45 -16.31 104.15
C ASN BA 15 -20.34 -17.53 104.37
N GLY BA 16 -20.31 -18.44 103.39
CA GLY BA 16 -21.18 -19.64 103.37
C GLY BA 16 -22.52 -19.33 102.75
N ARG BA 17 -23.42 -20.31 102.76
CA ARG BA 17 -24.71 -20.17 102.05
C ARG BA 17 -25.74 -19.34 102.80
N HIS BA 18 -25.46 -18.97 104.05
CA HIS BA 18 -26.21 -17.93 104.76
C HIS BA 18 -25.51 -16.55 104.74
N ALA BA 19 -24.83 -16.22 103.65
CA ALA BA 19 -24.14 -14.92 103.54
C ALA BA 19 -25.15 -13.79 103.34
N GLY BA 20 -24.85 -12.65 103.97
CA GLY BA 20 -25.77 -11.50 104.01
C GLY BA 20 -27.10 -11.80 104.68
N LYS BA 21 -27.05 -12.58 105.75
CA LYS BA 21 -28.24 -12.93 106.51
C LYS BA 21 -28.03 -12.53 107.95
N LYS BA 22 -28.96 -11.72 108.46
CA LYS BA 22 -28.89 -11.22 109.82
C LYS BA 22 -29.20 -12.35 110.79
N GLY BA 23 -28.61 -12.27 111.98
CA GLY BA 23 -28.90 -13.25 113.02
C GLY BA 23 -28.24 -12.97 114.34
N VAL BA 24 -28.80 -13.55 115.39
CA VAL BA 24 -28.41 -13.26 116.76
C VAL BA 24 -27.39 -14.32 117.20
N VAL BA 25 -26.28 -13.86 117.78
CA VAL BA 25 -25.38 -14.74 118.54
C VAL BA 25 -26.11 -15.19 119.80
N VAL BA 26 -25.86 -16.43 120.23
CA VAL BA 26 -26.45 -16.98 121.46
C VAL BA 26 -25.40 -17.33 122.50
N ASN BA 27 -24.36 -18.05 122.08
CA ASN BA 27 -23.28 -18.44 122.98
C ASN BA 27 -21.93 -18.59 122.24
N THR BA 28 -20.85 -18.30 122.94
CA THR BA 28 -19.52 -18.10 122.36
C THR BA 28 -18.54 -19.13 122.92
N TRP BA 29 -17.51 -19.46 122.13
CA TRP BA 29 -16.45 -20.38 122.55
C TRP BA 29 -15.09 -19.91 122.02
N GLU BA 30 -14.02 -20.55 122.50
CA GLU BA 30 -12.70 -20.47 121.88
C GLU BA 30 -12.12 -21.86 121.69
N GLY BA 31 -12.61 -22.56 120.66
CA GLY BA 31 -12.15 -23.90 120.30
C GLY BA 31 -12.79 -25.02 121.09
N SER BA 32 -12.58 -26.25 120.63
CA SER BA 32 -12.68 -27.45 121.47
C SER BA 32 -11.68 -28.52 120.99
N LYS BA 33 -11.98 -29.81 121.23
CA LYS BA 33 -11.23 -30.90 120.60
C LYS BA 33 -11.40 -30.90 119.08
N GLU BA 34 -12.65 -30.88 118.65
CA GLU BA 34 -13.00 -30.45 117.28
C GLU BA 34 -13.02 -28.92 117.21
N ARG BA 35 -12.66 -28.38 116.04
CA ARG BA 35 -12.56 -26.92 115.79
C ARG BA 35 -11.44 -26.24 116.60
N GLN BA 36 -10.40 -25.80 115.90
CA GLN BA 36 -9.24 -25.12 116.51
C GLN BA 36 -9.32 -23.60 116.31
N PHE BA 37 -10.49 -23.03 116.61
CA PHE BA 37 -10.75 -21.60 116.36
C PHE BA 37 -11.95 -21.09 117.15
N ALA BA 38 -12.10 -19.76 117.19
CA ALA BA 38 -13.13 -19.11 118.00
C ALA BA 38 -14.45 -19.01 117.24
N PHE BA 39 -15.38 -19.91 117.56
CA PHE BA 39 -16.69 -19.97 116.90
C PHE BA 39 -17.80 -19.46 117.82
N CYS BA 40 -19.02 -19.37 117.30
CA CYS BA 40 -20.18 -18.92 118.08
C CYS BA 40 -21.50 -19.39 117.46
N LEU BA 41 -22.49 -19.61 118.31
CA LEU BA 41 -23.78 -20.16 117.91
C LEU BA 41 -24.72 -19.06 117.43
N VAL BA 42 -24.76 -18.84 116.11
CA VAL BA 42 -25.71 -17.90 115.50
C VAL BA 42 -27.07 -18.57 115.39
N ALA BA 43 -28.14 -17.80 115.59
CA ALA BA 43 -29.52 -18.27 115.45
C ALA BA 43 -30.36 -17.29 114.64
N GLY BA 44 -30.23 -17.38 113.31
CA GLY BA 44 -30.51 -16.26 112.42
C GLY BA 44 -31.77 -16.40 111.59
N ILE BA 45 -31.81 -15.66 110.48
CA ILE BA 45 -33.01 -15.48 109.67
C ILE BA 45 -32.64 -15.73 108.19
N GLU BA 46 -33.04 -16.89 107.67
CA GLU BA 46 -32.66 -17.31 106.32
C GLU BA 46 -33.58 -16.69 105.25
N LYS BA 47 -34.88 -16.70 105.52
CA LYS BA 47 -35.85 -15.89 104.77
C LYS BA 47 -36.56 -14.92 105.70
N ALA BA 48 -36.33 -13.62 105.48
CA ALA BA 48 -37.02 -12.56 106.21
C ALA BA 48 -38.47 -12.45 105.74
N PRO BA 49 -39.36 -11.92 106.60
CA PRO BA 49 -40.76 -11.72 106.19
C PRO BA 49 -40.92 -10.69 105.07
N LEU BA 50 -41.66 -11.06 104.03
CA LEU BA 50 -41.82 -10.21 102.86
C LEU BA 50 -42.84 -9.10 103.12
N LYS BA 51 -42.70 -7.99 102.39
CA LYS BA 51 -43.34 -6.73 102.78
C LYS BA 51 -44.83 -6.70 102.40
N VAL BA 52 -45.57 -5.84 103.11
CA VAL BA 52 -46.99 -6.05 103.38
C VAL BA 52 -47.76 -4.73 103.15
N HIS BA 53 -49.03 -4.87 102.76
CA HIS BA 53 -49.93 -3.74 102.54
C HIS BA 53 -50.94 -3.71 103.68
N LYS BA 54 -51.51 -2.54 103.95
CA LYS BA 54 -52.81 -2.45 104.62
C LYS BA 54 -53.95 -3.07 103.79
N LYS BA 55 -53.87 -2.92 102.47
CA LYS BA 55 -54.92 -3.39 101.55
C LYS BA 55 -54.69 -4.82 101.01
N MET BA 56 -53.98 -5.66 101.76
CA MET BA 56 -54.09 -7.11 101.60
C MET BA 56 -55.23 -7.65 102.47
N PRO BA 57 -55.73 -8.86 102.16
CA PRO BA 57 -56.58 -9.59 103.09
C PRO BA 57 -55.82 -10.12 104.31
N ALA BA 58 -56.53 -10.30 105.41
CA ALA BA 58 -55.92 -10.51 106.73
C ALA BA 58 -55.19 -11.85 106.88
N LYS BA 59 -55.64 -12.86 106.13
CA LYS BA 59 -55.01 -14.19 106.14
C LYS BA 59 -53.67 -14.22 105.41
N LYS BA 60 -53.57 -13.48 104.29
CA LYS BA 60 -52.29 -13.28 103.59
C LYS BA 60 -51.23 -12.56 104.42
N ILE BA 61 -51.65 -11.64 105.28
CA ILE BA 61 -50.73 -10.90 106.16
C ILE BA 61 -50.12 -11.84 107.21
N GLU BA 62 -50.92 -12.79 107.70
CA GLU BA 62 -50.44 -13.84 108.60
C GLU BA 62 -49.34 -14.71 107.96
N LYS BA 63 -49.50 -15.04 106.68
CA LYS BA 63 -48.54 -15.90 105.95
C LYS BA 63 -47.22 -15.20 105.65
N ARG BA 64 -47.31 -14.00 105.08
CA ARG BA 64 -46.13 -13.25 104.65
C ARG BA 64 -45.15 -12.94 105.78
N MET BA 65 -45.66 -12.76 107.00
CA MET BA 65 -44.82 -12.50 108.18
C MET BA 65 -44.03 -13.71 108.71
N ARG BA 66 -44.26 -14.91 108.15
CA ARG BA 66 -43.65 -16.14 108.68
C ARG BA 66 -42.20 -16.30 108.23
N VAL BA 67 -41.39 -16.91 109.11
CA VAL BA 67 -39.94 -16.84 109.06
C VAL BA 67 -39.37 -18.25 108.90
N LYS BA 68 -38.36 -18.39 108.04
CA LYS BA 68 -37.48 -19.56 108.03
C LYS BA 68 -36.18 -19.25 108.79
N PRO BA 69 -36.02 -19.81 110.01
CA PRO BA 69 -34.79 -19.58 110.76
C PRO BA 69 -33.62 -20.47 110.29
N PHE BA 70 -32.45 -20.27 110.89
CA PHE BA 70 -31.37 -21.26 110.84
C PHE BA 70 -30.54 -21.29 112.12
N LEU BA 71 -29.91 -22.43 112.37
CA LEU BA 71 -28.92 -22.59 113.44
C LEU BA 71 -27.60 -23.07 112.86
N LYS BA 72 -26.50 -22.52 113.36
CA LYS BA 72 -25.17 -22.76 112.81
C LYS BA 72 -24.10 -22.26 113.78
N TYR BA 73 -23.11 -23.10 114.07
CA TYR BA 73 -21.81 -22.63 114.51
C TYR BA 73 -21.10 -21.94 113.33
N ILE BA 74 -20.84 -20.64 113.45
CA ILE BA 74 -20.00 -19.90 112.49
C ILE BA 74 -18.69 -19.54 113.18
N ASN BA 75 -17.63 -19.43 112.37
CA ASN BA 75 -16.33 -19.01 112.83
C ASN BA 75 -16.47 -17.53 113.15
N VAL BA 76 -15.69 -17.04 114.10
CA VAL BA 76 -15.78 -15.64 114.51
C VAL BA 76 -15.42 -14.66 113.39
N ASN BA 77 -14.47 -15.04 112.54
CA ASN BA 77 -14.07 -14.14 111.46
C ASN BA 77 -15.19 -13.82 110.49
N HIS BA 78 -15.98 -14.83 110.15
CA HIS BA 78 -17.09 -14.66 109.20
C HIS BA 78 -18.22 -13.73 109.65
N LEU BA 79 -18.58 -13.79 110.92
CA LEU BA 79 -19.64 -12.92 111.44
C LEU BA 79 -19.14 -11.50 111.55
N MET BA 80 -20.06 -10.54 111.42
CA MET BA 80 -19.72 -9.13 111.56
C MET BA 80 -20.59 -8.52 112.66
N PRO BA 81 -19.92 -7.83 113.66
CA PRO BA 81 -20.79 -7.28 114.72
C PRO BA 81 -21.58 -6.06 114.27
N THR BA 82 -22.67 -5.75 114.96
CA THR BA 82 -23.52 -4.61 114.64
C THR BA 82 -23.84 -3.78 115.88
N ARG BA 83 -24.12 -2.49 115.68
CA ARG BA 83 -24.45 -1.59 116.79
C ARG BA 83 -25.53 -2.15 117.73
N TYR BA 84 -26.57 -2.75 117.14
CA TYR BA 84 -27.76 -3.15 117.89
C TYR BA 84 -27.51 -4.44 118.67
N THR BA 85 -28.40 -4.74 119.60
CA THR BA 85 -28.25 -5.88 120.51
C THR BA 85 -29.57 -6.22 121.20
N VAL BA 86 -29.79 -7.51 121.43
CA VAL BA 86 -31.13 -8.10 121.50
C VAL BA 86 -31.43 -8.63 122.90
N SER BA 87 -30.67 -8.16 123.90
CA SER BA 87 -30.58 -8.84 125.19
C SER BA 87 -31.81 -8.57 126.04
N SER BA 88 -32.24 -7.30 126.08
CA SER BA 88 -33.46 -6.88 126.77
C SER BA 88 -34.65 -6.81 125.81
N ASP BA 89 -35.10 -7.97 125.34
CA ASP BA 89 -36.44 -8.13 124.75
C ASP BA 89 -36.91 -9.60 124.69
N MET BA 90 -36.10 -10.47 124.09
CA MET BA 90 -36.43 -11.89 123.90
C MET BA 90 -35.69 -12.86 124.85
N ASP BA 91 -34.58 -12.41 125.44
CA ASP BA 91 -33.84 -13.16 126.48
C ASP BA 91 -33.24 -14.47 125.96
N VAL BA 92 -32.00 -14.38 125.45
CA VAL BA 92 -31.50 -15.34 124.45
C VAL BA 92 -30.93 -16.65 125.04
N LYS BA 93 -30.85 -16.75 126.37
CA LYS BA 93 -30.47 -18.01 127.03
C LYS BA 93 -31.63 -19.01 127.09
N THR BA 94 -32.83 -18.49 127.32
CA THR BA 94 -34.05 -19.28 127.36
C THR BA 94 -34.27 -19.82 125.96
N MET BA 95 -34.03 -18.95 124.99
CA MET BA 95 -34.20 -19.27 123.58
C MET BA 95 -33.20 -20.33 123.15
N PRO BA 97 -32.22 -24.69 122.66
CA PRO BA 97 -32.02 -25.61 123.77
C PRO BA 97 -30.52 -25.76 123.95
N GLU BA 98 -30.01 -25.40 125.11
CA GLU BA 98 -28.57 -25.49 125.36
C GLU BA 98 -28.12 -26.94 125.29
N ASP BA 99 -28.92 -27.83 125.87
CA ASP BA 99 -28.62 -29.25 125.89
C ASP BA 99 -28.57 -29.90 124.52
N ALA BA 100 -29.48 -29.51 123.64
CA ALA BA 100 -29.53 -30.13 122.32
C ALA BA 100 -28.96 -29.30 121.18
N MET BA 101 -27.92 -29.83 120.57
CA MET BA 101 -27.28 -29.19 119.43
C MET BA 101 -27.10 -30.26 118.34
N ARG BA 102 -25.88 -30.47 117.89
CA ARG BA 102 -25.64 -31.47 116.85
C ARG BA 102 -25.98 -32.89 117.30
N THR BA 103 -25.63 -33.21 118.55
CA THR BA 103 -25.92 -34.54 119.06
C THR BA 103 -27.41 -34.84 119.10
N VAL BA 104 -27.76 -36.01 118.59
CA VAL BA 104 -29.14 -36.49 118.56
C VAL BA 104 -29.92 -35.88 117.40
N ASP BA 105 -29.26 -35.03 116.61
CA ASP BA 105 -29.91 -34.41 115.47
C ASP BA 105 -31.23 -33.76 115.86
N ASP BA 106 -31.19 -33.00 116.95
CA ASP BA 106 -32.37 -32.31 117.48
C ASP BA 106 -32.42 -30.89 116.95
N ARG BA 107 -31.58 -30.62 115.96
CA ARG BA 107 -31.51 -29.32 115.33
C ARG BA 107 -32.88 -29.00 114.74
N LYS BA 108 -33.53 -30.01 114.17
CA LYS BA 108 -34.85 -29.79 113.59
C LYS BA 108 -35.77 -29.34 114.71
N ALA BA 109 -35.63 -29.96 115.87
CA ALA BA 109 -36.43 -29.62 117.03
C ALA BA 109 -36.14 -28.18 117.44
N ALA BA 110 -34.87 -27.80 117.32
CA ALA BA 110 -34.42 -26.46 117.69
C ALA BA 110 -35.06 -25.35 116.84
N LYS BA 111 -35.18 -25.58 115.54
CA LYS BA 111 -35.76 -24.57 114.66
C LYS BA 111 -37.20 -24.23 114.99
N LYS BA 112 -38.01 -25.24 115.27
CA LYS BA 112 -39.43 -25.04 115.61
C LYS BA 112 -39.64 -24.21 116.87
N GLY BA 113 -38.66 -24.23 117.79
CA GLY BA 113 -38.57 -23.26 118.87
C GLY BA 113 -38.46 -21.82 118.39
N LEU BA 114 -37.60 -21.59 117.38
CA LEU BA 114 -37.32 -20.24 116.89
C LEU BA 114 -38.46 -19.62 116.06
N LYS BA 115 -39.19 -20.45 115.30
CA LYS BA 115 -40.39 -19.98 114.57
C LYS BA 115 -41.48 -19.44 115.48
N LYS BA 116 -41.64 -20.06 116.65
CA LYS BA 116 -42.56 -19.57 117.69
C LYS BA 116 -42.11 -18.21 118.25
N ILE BA 117 -40.81 -18.07 118.50
CA ILE BA 117 -40.24 -16.85 119.06
C ILE BA 117 -40.25 -15.72 118.02
N PHE BA 118 -39.55 -15.94 116.90
CA PHE BA 118 -39.32 -14.87 115.90
C PHE BA 118 -40.60 -14.34 115.24
N TYR BA 119 -41.65 -15.16 115.19
CA TYR BA 119 -42.97 -14.70 114.74
C TYR BA 119 -43.64 -13.77 115.75
N GLU BA 120 -43.62 -14.18 117.02
CA GLU BA 120 -44.20 -13.37 118.11
C GLU BA 120 -43.41 -12.10 118.46
N LYS BA 121 -42.16 -12.05 117.98
CA LYS BA 121 -41.30 -10.89 118.17
C LYS BA 121 -41.49 -9.84 117.08
N PHE BA 122 -41.57 -10.29 115.83
CA PHE BA 122 -41.72 -9.40 114.68
C PHE BA 122 -43.04 -8.63 114.69
N THR BA 123 -44.10 -9.33 115.09
CA THR BA 123 -45.42 -8.75 115.19
C THR BA 123 -45.59 -8.53 116.68
N ASN BA 124 -46.20 -7.43 117.09
CA ASN BA 124 -46.32 -7.17 118.52
C ASN BA 124 -44.89 -7.09 119.03
N PRO BA 125 -44.04 -6.34 118.24
CA PRO BA 125 -42.64 -6.29 118.70
C PRO BA 125 -42.36 -5.22 119.74
N VAL BA 126 -43.39 -4.48 120.15
CA VAL BA 126 -43.16 -3.42 121.13
C VAL BA 126 -42.58 -4.03 122.39
N ASN BA 127 -41.55 -3.36 122.90
CA ASN BA 127 -40.80 -3.77 124.09
C ASN BA 127 -41.58 -3.47 125.37
N GLU BA 128 -41.44 -4.36 126.36
CA GLU BA 128 -42.23 -4.27 127.59
C GLU BA 128 -41.82 -3.06 128.43
N LYS BA 129 -42.77 -2.56 129.22
CA LYS BA 129 -42.71 -1.25 129.86
C LYS BA 129 -42.56 -0.11 128.84
N VAL BA 130 -41.33 0.30 128.55
CA VAL BA 130 -41.03 1.68 128.16
C VAL BA 130 -41.00 1.82 126.64
N GLY BA 131 -40.07 1.11 126.00
CA GLY BA 131 -39.68 1.37 124.62
C GLY BA 131 -40.74 0.92 123.63
N LYS BA 132 -41.02 1.78 122.65
CA LYS BA 132 -42.23 1.66 121.83
C LYS BA 132 -42.04 0.70 120.65
N VAL BA 133 -40.95 0.91 119.90
CA VAL BA 133 -40.62 0.05 118.73
C VAL BA 133 -39.40 -0.84 119.00
N SER BA 134 -38.33 -0.25 119.52
CA SER BA 134 -36.98 -0.85 119.57
C SER BA 134 -36.33 -0.93 118.17
N LYS BA 135 -35.17 -0.28 118.03
CA LYS BA 135 -34.48 -0.17 116.75
C LYS BA 135 -33.79 -1.49 116.38
N ASP BA 136 -33.31 -2.19 117.41
CA ASP BA 136 -32.67 -3.50 117.25
C ASP BA 136 -33.51 -4.52 116.48
N LEU BA 137 -34.77 -4.66 116.87
CA LEU BA 137 -35.62 -5.76 116.39
C LEU BA 137 -36.11 -5.50 114.95
N LEU BA 138 -36.42 -4.24 114.65
CA LEU BA 138 -36.81 -3.80 113.30
C LEU BA 138 -35.65 -3.82 112.28
N PHE BA 139 -34.41 -3.93 112.75
CA PHE BA 139 -33.28 -4.26 111.88
C PHE BA 139 -33.36 -5.68 111.32
N LEU BA 140 -33.66 -6.66 112.17
CA LEU BA 140 -33.68 -8.08 111.75
C LEU BA 140 -34.80 -8.39 110.74
N ARG BA 141 -35.93 -7.70 110.86
CA ARG BA 141 -37.03 -7.83 109.90
C ARG BA 141 -36.66 -7.48 108.46
N LYS BA 142 -35.86 -6.43 108.28
CA LYS BA 142 -35.43 -6.01 106.95
C LYS BA 142 -34.49 -7.04 106.33
N LYS BA 143 -34.74 -7.37 105.06
CA LYS BA 143 -33.78 -8.08 104.23
C LYS BA 143 -32.57 -7.18 103.98
N LEU BA 144 -31.37 -7.68 104.24
CA LEU BA 144 -30.13 -6.96 103.90
C LEU BA 144 -29.96 -6.97 102.39
N ARG BA 145 -30.54 -5.97 101.73
CA ARG BA 145 -30.50 -5.87 100.28
C ARG BA 145 -29.10 -5.42 99.84
N PHE BA 146 -28.48 -6.23 99.00
CA PHE BA 146 -27.03 -6.21 98.81
C PHE BA 146 -26.65 -4.94 98.05
N THR CA 2 -30.60 -0.65 -22.06
CA THR CA 2 -29.48 -0.77 -23.05
C THR CA 2 -28.11 -0.60 -22.38
N THR CA 3 -27.74 -1.56 -21.56
CA THR CA 3 -26.36 -1.71 -21.10
C THR CA 3 -25.46 -2.10 -22.27
N ARG CA 4 -25.96 -2.99 -23.13
CA ARG CA 4 -25.38 -3.31 -24.44
C ARG CA 4 -24.59 -2.16 -25.07
N LEU CA 5 -25.23 -1.02 -25.21
CA LEU CA 5 -24.75 0.05 -26.09
C LEU CA 5 -23.70 0.96 -25.45
N ARG CA 6 -23.39 0.75 -24.18
CA ARG CA 6 -22.50 1.64 -23.43
C ARG CA 6 -21.04 1.29 -23.64
N LYS CA 7 -20.18 2.27 -23.36
CA LYS CA 7 -18.76 2.17 -23.68
C LYS CA 7 -18.00 1.17 -22.82
N THR CA 8 -18.54 0.86 -21.65
CA THR CA 8 -17.89 -0.08 -20.75
C THR CA 8 -17.81 -1.43 -21.41
N ARG CA 9 -18.84 -1.81 -22.14
CA ARG CA 9 -18.84 -3.12 -22.76
C ARG CA 9 -17.69 -3.26 -23.74
N LYS CA 10 -17.53 -2.28 -24.62
CA LYS CA 10 -16.42 -2.30 -25.57
C LYS CA 10 -15.10 -2.09 -24.88
N ARG CA 11 -15.12 -1.18 -23.92
CA ARG CA 11 -13.96 -0.79 -23.14
C ARG CA 11 -13.43 -1.96 -22.32
N ARG CA 12 -14.31 -2.91 -22.01
CA ARG CA 12 -13.89 -4.06 -21.24
C ARG CA 12 -12.78 -4.72 -22.01
N GLY CA 13 -11.77 -5.19 -21.28
CA GLY CA 13 -10.61 -5.82 -21.88
C GLY CA 13 -9.40 -4.90 -21.93
N HIS CA 14 -9.61 -3.61 -21.67
CA HIS CA 14 -8.51 -2.64 -21.64
C HIS CA 14 -8.35 -2.33 -20.18
N VAL CA 15 -7.13 -2.40 -19.67
CA VAL CA 15 -6.87 -2.23 -18.25
C VAL CA 15 -7.26 -0.91 -17.60
N SER CA 16 -6.97 0.21 -18.25
CA SER CA 16 -7.29 1.50 -17.66
C SER CA 16 -8.78 1.66 -17.45
N ALA CA 17 -9.59 1.09 -18.34
CA ALA CA 17 -11.04 1.18 -18.25
C ALA CA 17 -11.54 2.51 -18.74
N GLY CA 18 -10.70 3.19 -19.51
CA GLY CA 18 -11.02 4.49 -20.08
C GLY CA 18 -10.65 5.72 -19.30
N TYR CA 19 -10.00 5.55 -18.15
CA TYR CA 19 -9.60 6.71 -17.34
C TYR CA 19 -8.12 7.15 -17.39
N GLY CA 20 -7.26 6.28 -17.91
CA GLY CA 20 -5.86 6.58 -18.13
C GLY CA 20 -4.96 6.11 -17.01
N ARG CA 21 -3.77 5.63 -17.39
CA ARG CA 21 -2.86 4.97 -16.46
C ARG CA 21 -2.16 5.92 -15.50
N VAL CA 22 -1.89 7.15 -15.95
CA VAL CA 22 -1.10 8.10 -15.18
C VAL CA 22 -1.93 8.70 -14.04
N GLY CA 23 -3.07 9.26 -14.40
CA GLY CA 23 -3.87 10.10 -13.50
C GLY CA 23 -4.82 9.31 -12.63
N LYS CA 24 -5.42 8.27 -13.20
CA LYS CA 24 -6.24 7.27 -12.48
C LYS CA 24 -7.62 7.81 -12.14
N HIS CA 25 -8.58 6.91 -11.95
CA HIS CA 25 -9.91 7.26 -11.45
C HIS CA 25 -9.94 7.23 -9.93
N ARG CA 26 -9.48 8.33 -9.33
CA ARG CA 26 -9.46 8.52 -7.89
C ARG CA 26 -10.86 8.86 -7.42
N LYS CA 27 -11.15 8.67 -6.13
CA LYS CA 27 -12.50 8.93 -5.65
C LYS CA 27 -13.04 10.35 -5.74
N HIS CA 28 -12.34 11.33 -5.20
CA HIS CA 28 -12.86 12.70 -5.25
C HIS CA 28 -11.85 13.82 -5.43
N PRO CA 29 -11.17 13.82 -6.64
CA PRO CA 29 -10.24 14.95 -6.79
C PRO CA 29 -11.01 16.24 -7.03
N GLY CA 30 -10.53 17.36 -6.52
CA GLY CA 30 -11.18 18.64 -6.71
C GLY CA 30 -12.32 19.04 -5.79
N GLY CA 31 -12.59 18.25 -4.77
CA GLY CA 31 -13.66 18.55 -3.83
C GLY CA 31 -14.99 17.94 -4.22
N ARG CA 32 -16.03 18.26 -3.47
CA ARG CA 32 -17.37 17.74 -3.71
C ARG CA 32 -18.35 18.84 -4.06
N GLY CA 33 -19.22 18.58 -5.03
CA GLY CA 33 -20.21 19.56 -5.45
C GLY CA 33 -19.63 20.84 -6.01
N LYS CA 34 -20.13 21.97 -5.54
CA LYS CA 34 -19.71 23.29 -5.98
C LYS CA 34 -18.56 23.82 -5.15
N ALA CA 35 -18.00 22.96 -4.33
CA ALA CA 35 -16.89 23.35 -3.47
C ALA CA 35 -15.69 23.77 -4.30
N GLY CA 36 -14.95 24.75 -3.78
CA GLY CA 36 -13.76 25.25 -4.44
C GLY CA 36 -14.02 26.34 -5.47
N GLY CA 37 -15.27 26.78 -5.56
CA GLY CA 37 -15.65 27.81 -6.50
C GLY CA 37 -14.92 29.10 -6.21
N MET CA 38 -14.77 29.39 -4.93
CA MET CA 38 -14.08 30.59 -4.50
C MET CA 38 -12.59 30.64 -4.85
N HIS CA 39 -11.92 29.51 -4.74
CA HIS CA 39 -10.48 29.44 -4.97
C HIS CA 39 -9.97 28.68 -6.20
N HIS CA 40 -9.85 27.37 -6.07
CA HIS CA 40 -9.35 26.54 -7.18
C HIS CA 40 -10.19 26.50 -8.46
N MET CA 41 -11.51 26.55 -8.32
CA MET CA 41 -12.43 26.49 -9.45
C MET CA 41 -12.95 27.84 -9.93
N ARG CA 42 -12.22 28.88 -9.56
CA ARG CA 42 -12.54 30.26 -9.89
C ARG CA 42 -12.52 30.61 -11.37
N ILE CA 43 -11.55 30.09 -12.10
CA ILE CA 43 -11.47 30.42 -13.52
C ILE CA 43 -12.74 29.98 -14.21
N ASN CA 44 -13.26 28.82 -13.81
CA ASN CA 44 -14.48 28.31 -14.38
C ASN CA 44 -15.66 29.23 -14.07
N TYR CA 45 -15.72 29.75 -12.85
CA TYR CA 45 -16.80 30.66 -12.48
C TYR CA 45 -16.78 31.98 -13.25
N ASP CA 46 -15.60 32.54 -13.48
CA ASP CA 46 -15.52 33.77 -14.24
C ASP CA 46 -15.54 33.21 -15.65
N LYS CA 47 -16.64 33.47 -16.33
CA LYS CA 47 -16.99 32.96 -17.66
C LYS CA 47 -17.88 31.80 -17.25
N TYR CA 48 -18.78 31.39 -18.12
CA TYR CA 48 -19.69 30.31 -17.78
C TYR CA 48 -20.72 30.78 -16.76
N HIS CA 49 -20.27 31.24 -15.60
CA HIS CA 49 -21.20 31.70 -14.57
C HIS CA 49 -20.82 33.04 -13.95
N PRO CA 50 -20.96 34.16 -14.76
CA PRO CA 50 -20.61 35.42 -14.12
C PRO CA 50 -21.77 35.90 -13.26
N GLY CA 51 -21.49 36.71 -12.25
CA GLY CA 51 -22.53 37.23 -11.39
C GLY CA 51 -22.98 36.29 -10.30
N TYR CA 52 -22.31 35.16 -10.18
CA TYR CA 52 -22.66 34.17 -9.18
C TYR CA 52 -22.52 34.59 -7.72
N PHE CA 53 -21.45 35.31 -7.39
CA PHE CA 53 -21.21 35.72 -6.00
C PHE CA 53 -21.64 37.14 -5.65
N GLY CA 54 -22.35 37.26 -4.53
CA GLY CA 54 -22.83 38.54 -4.05
C GLY CA 54 -24.34 38.60 -3.97
N LYS CA 55 -24.84 39.68 -3.38
CA LYS CA 55 -26.27 39.88 -3.23
C LYS CA 55 -26.59 41.24 -3.81
N VAL CA 56 -27.73 41.36 -4.50
CA VAL CA 56 -28.10 42.63 -5.13
C VAL CA 56 -29.30 43.40 -4.57
N GLY CA 57 -30.49 42.98 -4.95
CA GLY CA 57 -31.73 43.63 -4.56
C GLY CA 57 -32.30 43.48 -3.17
N MET CA 58 -33.25 44.33 -2.84
CA MET CA 58 -33.92 44.28 -1.56
C MET CA 58 -34.77 43.01 -1.51
N ARG CA 59 -34.71 42.28 -0.40
CA ARG CA 59 -35.48 41.06 -0.22
C ARG CA 59 -36.96 41.27 0.05
N HIS CA 60 -37.78 40.33 -0.41
CA HIS CA 60 -39.22 40.40 -0.24
C HIS CA 60 -39.67 39.25 0.66
N TYR CA 61 -40.17 39.56 1.86
CA TYR CA 61 -40.61 38.52 2.77
C TYR CA 61 -41.98 38.01 2.35
N HIS CA 62 -42.15 36.69 2.37
CA HIS CA 62 -43.43 36.11 2.02
C HIS CA 62 -43.95 36.60 0.68
N LEU CA 63 -43.09 36.62 -0.33
CA LEU CA 63 -43.53 37.06 -1.63
C LEU CA 63 -44.62 36.10 -2.05
N LEU CA 64 -45.71 36.63 -2.58
CA LEU CA 64 -46.80 35.79 -3.02
C LEU CA 64 -47.08 36.00 -4.50
N LYS CA 65 -47.05 34.92 -5.27
CA LYS CA 65 -47.38 35.00 -6.67
C LYS CA 65 -48.89 35.08 -6.68
N ASN CA 66 -49.43 35.63 -7.76
CA ASN CA 66 -50.86 35.87 -8.01
C ASN CA 66 -51.12 37.31 -7.69
N GLN CA 67 -50.32 37.87 -6.79
CA GLN CA 67 -50.42 39.28 -6.47
C GLN CA 67 -49.91 40.02 -7.68
N TYR CA 68 -48.82 39.48 -8.24
CA TYR CA 68 -48.15 40.06 -9.40
C TYR CA 68 -48.40 39.43 -10.75
N THR CA 69 -48.91 38.20 -10.77
CA THR CA 69 -49.20 37.55 -12.05
C THR CA 69 -49.96 38.44 -13.04
N CYS CA 70 -49.64 38.26 -14.32
CA CYS CA 70 -50.17 39.09 -15.39
C CYS CA 70 -49.81 38.48 -16.76
N PRO CA 71 -50.55 37.43 -17.18
CA PRO CA 71 -50.33 36.86 -18.51
C PRO CA 71 -50.74 37.81 -19.64
N THR CA 72 -49.88 37.94 -20.64
CA THR CA 72 -49.99 38.98 -21.66
C THR CA 72 -50.23 38.33 -23.02
N VAL CA 73 -51.32 38.73 -23.68
CA VAL CA 73 -51.48 38.54 -25.12
C VAL CA 73 -50.97 39.77 -25.88
N ASN CA 74 -50.61 39.58 -27.15
CA ASN CA 74 -50.24 40.69 -28.02
C ASN CA 74 -51.40 41.14 -28.91
N VAL CA 75 -51.22 42.32 -29.51
CA VAL CA 75 -52.16 42.87 -30.49
C VAL CA 75 -52.17 42.04 -31.78
N ASP CA 76 -51.00 41.54 -32.19
CA ASP CA 76 -50.85 40.73 -33.40
C ASP CA 76 -51.70 39.45 -33.38
N LYS CA 77 -51.85 38.85 -32.19
CA LYS CA 77 -52.87 37.82 -31.97
C LYS CA 77 -54.27 38.44 -31.91
N LEU CA 78 -54.93 38.45 -30.75
CA LEU CA 78 -56.35 38.85 -30.60
C LEU CA 78 -57.35 38.09 -31.49
N TRP CA 79 -57.19 38.19 -32.80
CA TRP CA 79 -58.11 37.53 -33.72
C TRP CA 79 -58.14 36.03 -33.47
N SER CA 80 -56.99 35.45 -33.16
CA SER CA 80 -56.92 34.03 -32.89
C SER CA 80 -57.81 33.77 -31.68
N LEU CA 81 -57.98 34.81 -30.87
CA LEU CA 81 -58.76 34.73 -29.65
C LEU CA 81 -60.25 34.40 -29.80
N VAL CA 82 -60.92 34.90 -30.83
CA VAL CA 82 -62.36 34.61 -30.94
C VAL CA 82 -62.91 34.04 -32.25
N PRO CA 84 -63.27 31.95 -36.13
CA PRO CA 84 -62.97 32.50 -37.44
C PRO CA 84 -64.22 33.13 -38.07
N ALA CA 85 -65.39 32.72 -37.59
CA ALA CA 85 -66.67 33.21 -38.09
C ALA CA 85 -66.96 34.70 -37.87
N THR CA 86 -66.60 35.20 -36.70
CA THR CA 86 -66.81 36.61 -36.39
C THR CA 86 -66.03 37.48 -37.37
N LEU CA 87 -64.87 37.00 -37.77
CA LEU CA 87 -64.01 37.75 -38.69
C LEU CA 87 -64.77 37.99 -39.98
N GLU CA 88 -65.48 36.98 -40.49
CA GLU CA 88 -66.28 37.15 -41.71
C GLU CA 88 -67.54 37.99 -41.49
N LYS CA 89 -68.05 37.99 -40.25
CA LYS CA 89 -69.10 38.92 -39.84
C LYS CA 89 -68.58 40.36 -39.78
N ALA CA 90 -67.49 40.57 -39.04
CA ALA CA 90 -66.98 41.91 -38.74
C ALA CA 90 -66.15 42.53 -39.87
N GLU CA 91 -65.78 41.74 -40.88
CA GLU CA 91 -65.36 42.29 -42.18
C GLU CA 91 -66.47 43.09 -42.86
N GLN CA 92 -67.70 42.56 -42.80
CA GLN CA 92 -68.85 43.14 -43.50
C GLN CA 92 -69.52 44.20 -42.62
N SER CA 93 -70.63 44.75 -43.13
CA SER CA 93 -71.66 45.46 -42.33
C SER CA 93 -71.35 46.94 -42.10
N LYS CA 94 -70.14 47.23 -41.60
CA LYS CA 94 -69.75 48.58 -41.15
C LYS CA 94 -70.65 49.11 -40.01
N ASP CA 95 -71.12 48.19 -39.17
CA ASP CA 95 -72.06 48.50 -38.09
C ASP CA 95 -72.07 47.34 -37.09
N LYS CA 96 -72.08 47.67 -35.80
CA LYS CA 96 -71.61 46.79 -34.73
C LYS CA 96 -70.13 46.39 -34.89
N ALA CA 97 -69.62 45.63 -33.92
CA ALA CA 97 -68.20 45.25 -33.90
C ALA CA 97 -67.99 44.00 -33.03
N ALA CA 98 -67.02 43.18 -33.42
CA ALA CA 98 -66.72 41.93 -32.72
C ALA CA 98 -65.94 42.22 -31.44
N VAL CA 99 -66.55 41.93 -30.28
CA VAL CA 99 -65.99 42.30 -28.99
C VAL CA 99 -65.09 41.20 -28.47
N ILE CA 100 -63.88 41.58 -28.04
CA ILE CA 100 -62.86 40.64 -27.57
C ILE CA 100 -62.61 40.90 -26.08
N ASP CA 101 -63.34 40.16 -25.24
CA ASP CA 101 -63.02 40.05 -23.80
C ASP CA 101 -61.80 39.15 -23.62
N VAL CA 102 -60.64 39.78 -23.39
CA VAL CA 102 -59.35 39.07 -23.38
C VAL CA 102 -59.20 38.23 -22.10
N THR CA 103 -59.90 38.63 -21.03
CA THR CA 103 -59.99 37.83 -19.80
C THR CA 103 -60.55 36.42 -19.98
N LYS CA 104 -61.47 36.25 -20.92
CA LYS CA 104 -62.22 35.00 -21.06
C LYS CA 104 -61.38 33.86 -21.65
N SER CA 105 -60.49 34.19 -22.59
CA SER CA 105 -59.42 33.28 -23.01
C SER CA 105 -58.32 33.10 -21.95
N GLY CA 106 -58.07 34.14 -21.17
CA GLY CA 106 -57.23 34.06 -19.96
C GLY CA 106 -55.93 34.82 -20.10
N TYR CA 107 -56.02 36.10 -20.44
CA TYR CA 107 -54.91 37.05 -20.34
C TYR CA 107 -55.44 38.36 -19.75
N PHE CA 108 -54.57 39.11 -19.09
CA PHE CA 108 -54.95 40.40 -18.46
C PHE CA 108 -54.45 41.61 -19.24
N LYS CA 109 -53.20 41.60 -19.69
CA LYS CA 109 -52.60 42.75 -20.37
C LYS CA 109 -52.55 42.54 -21.88
N VAL CA 110 -52.60 43.65 -22.62
CA VAL CA 110 -52.51 43.65 -24.09
C VAL CA 110 -51.35 44.54 -24.54
N LEU CA 111 -50.47 44.00 -25.38
CA LEU CA 111 -49.29 44.71 -25.82
C LEU CA 111 -49.27 44.72 -27.32
N GLY CA 112 -49.04 45.88 -27.93
CA GLY CA 112 -49.04 45.94 -29.38
C GLY CA 112 -47.76 45.63 -30.11
N LYS CA 113 -47.23 44.43 -29.95
CA LYS CA 113 -46.02 44.06 -30.67
C LYS CA 113 -46.27 43.95 -32.17
N GLY CA 114 -47.41 43.37 -32.51
CA GLY CA 114 -47.81 43.12 -33.88
C GLY CA 114 -48.59 44.20 -34.61
N ASP CA 115 -49.21 43.77 -35.70
CA ASP CA 115 -50.02 44.62 -36.56
C ASP CA 115 -51.38 43.93 -36.67
N LEU CA 116 -52.42 44.72 -36.85
CA LEU CA 116 -53.77 44.17 -36.95
C LEU CA 116 -54.56 44.62 -38.16
N PRO CA 117 -55.47 43.71 -38.65
CA PRO CA 117 -56.23 44.17 -39.83
C PRO CA 117 -57.15 45.31 -39.44
N LYS CA 118 -57.52 46.14 -40.42
CA LYS CA 118 -58.38 47.29 -40.14
C LYS CA 118 -59.87 46.98 -40.08
N ILE CA 119 -60.26 46.30 -39.01
CA ILE CA 119 -61.66 45.96 -38.78
C ILE CA 119 -62.05 46.60 -37.45
N PRO CA 120 -63.22 47.35 -37.44
CA PRO CA 120 -63.53 47.95 -36.13
C PRO CA 120 -63.76 46.87 -35.10
N VAL CA 121 -63.11 47.01 -33.95
CA VAL CA 121 -63.22 46.03 -32.88
C VAL CA 121 -63.10 46.68 -31.51
N ILE CA 122 -63.62 46.01 -30.49
CA ILE CA 122 -63.53 46.51 -29.14
C ILE CA 122 -62.77 45.48 -28.31
N VAL CA 123 -61.75 45.94 -27.61
CA VAL CA 123 -60.93 45.05 -26.80
C VAL CA 123 -61.09 45.38 -25.32
N LYS CA 124 -61.43 44.38 -24.51
CA LYS CA 124 -61.56 44.61 -23.09
C LYS CA 124 -60.49 43.82 -22.37
N ALA CA 125 -59.60 44.53 -21.68
CA ALA CA 125 -58.52 43.87 -20.94
C ALA CA 125 -58.25 44.67 -19.69
N ARG CA 126 -57.70 44.02 -18.67
CA ARG CA 126 -57.41 44.73 -17.44
C ARG CA 126 -56.39 45.83 -17.63
N PHE CA 127 -55.36 45.57 -18.42
CA PHE CA 127 -54.33 46.58 -18.68
C PHE CA 127 -53.98 46.67 -20.16
N PHE CA 128 -53.65 47.88 -20.61
CA PHE CA 128 -53.28 48.12 -22.00
C PHE CA 128 -51.90 48.78 -22.08
N SER CA 129 -51.04 48.29 -22.94
CA SER CA 129 -49.73 48.91 -23.08
C SER CA 129 -49.99 50.22 -23.80
N LYS CA 130 -49.08 51.18 -23.67
CA LYS CA 130 -49.27 52.45 -24.33
C LYS CA 130 -49.33 52.28 -25.83
N ILE CA 131 -48.43 51.48 -26.36
CA ILE CA 131 -48.38 51.21 -27.80
C ILE CA 131 -49.61 50.47 -28.31
N ALA CA 132 -50.12 49.54 -27.52
CA ALA CA 132 -51.28 48.76 -27.93
C ALA CA 132 -52.47 49.65 -28.19
N GLU CA 133 -52.66 50.65 -27.34
CA GLU CA 133 -53.76 51.58 -27.48
C GLU CA 133 -53.70 52.39 -28.78
N LYS CA 134 -52.51 52.82 -29.16
CA LYS CA 134 -52.34 53.61 -30.37
C LYS CA 134 -52.69 52.79 -31.58
N LYS CA 135 -52.21 51.55 -31.59
CA LYS CA 135 -52.47 50.64 -32.70
C LYS CA 135 -53.94 50.27 -32.82
N ILE CA 136 -54.59 50.02 -31.70
CA ILE CA 136 -56.00 49.67 -31.71
C ILE CA 136 -56.87 50.81 -32.21
N LYS CA 137 -56.54 52.02 -31.79
CA LYS CA 137 -57.29 53.20 -32.19
C LYS CA 137 -57.20 53.42 -33.68
N ALA CA 138 -56.02 53.18 -34.24
CA ALA CA 138 -55.80 53.34 -35.67
C ALA CA 138 -56.68 52.39 -36.44
N ALA CA 139 -56.88 51.20 -35.90
CA ALA CA 139 -57.71 50.18 -36.51
C ALA CA 139 -59.17 50.61 -36.45
N GLY CA 140 -59.45 51.62 -35.64
CA GLY CA 140 -60.81 52.10 -35.47
C GLY CA 140 -61.47 51.40 -34.31
N GLY CA 141 -60.70 50.59 -33.61
CA GLY CA 141 -61.16 49.86 -32.45
C GLY CA 141 -61.31 50.74 -31.22
N ALA CA 142 -61.97 50.22 -30.20
CA ALA CA 142 -62.19 50.96 -28.96
C ALA CA 142 -61.57 50.19 -27.80
N CYS CA 143 -61.23 50.90 -26.72
CA CYS CA 143 -60.63 50.27 -25.55
C CYS CA 143 -61.54 50.32 -24.34
N VAL CA 144 -61.72 49.18 -23.70
CA VAL CA 144 -62.56 49.09 -22.51
C VAL CA 144 -61.83 48.40 -21.37
N LEU CA 145 -61.95 48.94 -20.17
CA LEU CA 145 -61.30 48.35 -19.00
C LEU CA 145 -62.28 47.51 -18.19
N THR CA 146 -61.86 46.30 -17.82
CA THR CA 146 -62.52 45.50 -16.79
C THR CA 146 -61.72 45.56 -15.48
N GLY CA 147 -62.31 45.02 -14.42
CA GLY CA 147 -61.65 44.97 -13.10
C GLY CA 147 -62.19 43.86 -12.21
N ALA DA 2 9.76 18.81 -4.13
CA ALA DA 2 10.77 18.15 -4.94
C ALA DA 2 10.77 18.69 -6.36
N LYS DA 3 11.49 19.79 -6.57
CA LYS DA 3 11.59 20.41 -7.89
C LYS DA 3 12.28 19.40 -8.79
N SER DA 4 11.91 19.27 -10.07
CA SER DA 4 10.88 19.98 -10.85
C SER DA 4 11.46 21.06 -11.77
N LYS DA 5 10.75 21.34 -12.86
CA LYS DA 5 11.18 22.31 -13.85
C LYS DA 5 10.34 23.57 -13.86
N ASN DA 6 11.02 24.71 -13.76
CA ASN DA 6 10.33 25.99 -13.73
C ASN DA 6 9.55 26.42 -14.96
N HIS DA 7 10.12 26.29 -16.15
CA HIS DA 7 9.40 26.71 -17.35
C HIS DA 7 10.00 26.16 -18.64
N THR DA 8 9.20 26.11 -19.71
CA THR DA 8 9.72 25.65 -20.99
C THR DA 8 8.90 26.10 -22.21
N ASN DA 9 9.58 26.31 -23.33
CA ASN DA 9 8.91 26.70 -24.57
C ASN DA 9 8.94 25.53 -25.55
N HIS DA 10 9.49 24.41 -25.10
CA HIS DA 10 9.63 23.22 -25.93
C HIS DA 10 8.30 22.65 -26.38
N ASN DA 11 8.24 22.26 -27.64
CA ASN DA 11 7.02 21.69 -28.25
C ASN DA 11 5.81 22.63 -28.32
N GLN DA 12 6.05 23.94 -28.24
CA GLN DA 12 4.97 24.92 -28.22
C GLN DA 12 4.72 25.50 -29.60
N ASN DA 13 5.81 25.80 -30.31
CA ASN DA 13 5.73 26.07 -31.75
C ASN DA 13 5.18 24.90 -32.56
N LYS DA 14 5.61 23.69 -32.24
CA LYS DA 14 5.09 22.48 -32.86
C LYS DA 14 3.60 22.25 -32.57
N LYS DA 15 3.16 22.62 -31.38
CA LYS DA 15 1.73 22.54 -31.03
C LYS DA 15 0.90 23.59 -31.75
N ALA DA 16 1.40 24.82 -31.80
CA ALA DA 16 0.69 25.91 -32.45
C ALA DA 16 0.50 25.72 -33.93
N HIS DA 17 1.56 25.28 -34.60
CA HIS DA 17 1.56 25.06 -36.04
C HIS DA 17 0.81 23.81 -36.45
N ARG DA 18 0.48 22.98 -35.47
CA ARG DA 18 -0.24 21.76 -35.74
C ARG DA 18 -1.58 22.10 -36.34
N ASN DA 19 -2.22 23.13 -35.79
CA ASN DA 19 -3.51 23.59 -36.29
C ASN DA 19 -3.44 24.78 -37.23
N ILE DA 21 -1.88 28.06 -37.02
CA ILE DA 21 -1.75 29.50 -36.75
C ILE DA 21 -2.80 30.26 -37.57
N LYS DA 22 -4.07 30.00 -37.27
CA LYS DA 22 -5.18 30.58 -38.00
C LYS DA 22 -5.18 32.10 -38.11
N LYS DA 23 -5.48 32.55 -39.31
CA LYS DA 23 -5.50 33.95 -39.72
C LYS DA 23 -6.97 34.39 -39.87
N PRO DA 24 -7.35 35.49 -39.25
CA PRO DA 24 -8.76 35.93 -39.31
C PRO DA 24 -9.19 36.24 -40.73
N GLN DA 25 -10.41 35.85 -41.08
CA GLN DA 25 -10.93 36.07 -42.42
C GLN DA 25 -11.09 37.57 -42.70
N ARG DA 26 -10.64 37.98 -43.88
CA ARG DA 26 -10.72 39.37 -44.28
C ARG DA 26 -12.17 39.76 -44.52
N LYS DA 27 -12.54 40.97 -44.13
CA LYS DA 27 -13.91 41.42 -44.34
C LYS DA 27 -14.01 42.80 -44.96
N ARG DA 28 -14.97 42.97 -45.85
CA ARG DA 28 -15.21 44.23 -46.50
C ARG DA 28 -15.82 45.17 -45.48
N LYS DA 29 -15.63 46.48 -45.67
CA LYS DA 29 -16.16 47.45 -44.74
C LYS DA 29 -15.57 47.28 -43.35
N MET DA 30 -14.65 48.18 -43.00
CA MET DA 30 -13.97 48.14 -41.72
C MET DA 30 -14.87 48.33 -40.51
N SER DA 31 -14.58 47.59 -39.45
CA SER DA 31 -15.36 47.69 -38.21
C SER DA 31 -15.09 49.05 -37.60
N THR DA 32 -16.10 49.64 -36.98
CA THR DA 32 -15.95 50.96 -36.38
C THR DA 32 -15.73 51.03 -34.87
N LYS DA 33 -15.51 49.91 -34.21
CA LYS DA 33 -15.30 49.94 -32.77
C LYS DA 33 -14.02 50.70 -32.45
N GLY DA 34 -14.14 51.71 -31.59
CA GLY DA 34 -13.00 52.54 -31.19
C GLY DA 34 -12.72 53.74 -32.06
N MET DA 35 -13.58 54.02 -33.05
CA MET DA 35 -13.51 55.27 -33.81
C MET DA 35 -14.05 56.43 -32.99
N CYS DA 36 -13.81 57.66 -33.45
CA CYS DA 36 -14.28 58.87 -32.78
C CYS DA 36 -15.80 58.86 -32.66
N PRO DA 37 -16.34 59.24 -31.48
CA PRO DA 37 -17.79 59.43 -31.37
C PRO DA 37 -18.35 60.61 -32.18
N LYS DA 38 -17.57 61.69 -32.32
CA LYS DA 38 -17.95 62.82 -33.18
C LYS DA 38 -18.10 62.40 -34.64
N PHE DA 39 -17.11 61.66 -35.15
CA PHE DA 39 -17.12 61.12 -36.52
C PHE DA 39 -18.32 60.21 -36.75
N LEU DA 40 -18.51 59.24 -35.86
CA LEU DA 40 -19.59 58.25 -35.99
C LEU DA 40 -20.99 58.81 -35.73
N ARG DA 41 -21.09 59.98 -35.11
CA ARG DA 41 -22.34 60.74 -35.09
C ARG DA 41 -22.73 61.20 -36.49
N ASN DA 42 -21.77 61.70 -37.27
CA ASN DA 42 -22.02 62.22 -38.61
C ASN DA 42 -22.13 61.17 -39.72
N GLN DA 43 -21.75 59.93 -39.42
CA GLN DA 43 -22.06 58.81 -40.30
C GLN DA 43 -23.49 58.29 -40.13
N ARG DA 44 -24.07 58.48 -38.94
CA ARG DA 44 -25.50 58.23 -38.72
C ARG DA 44 -26.38 59.32 -39.35
N ALA DA 45 -25.97 60.58 -39.19
CA ALA DA 45 -26.67 61.71 -39.81
C ALA DA 45 -26.54 61.73 -41.34
N CYS DA 46 -25.39 61.28 -41.84
CA CYS DA 46 -25.20 61.00 -43.27
C CYS DA 46 -26.20 59.97 -43.81
N LYS DA 47 -26.24 58.79 -43.18
CA LYS DA 47 -27.06 57.67 -43.65
C LYS DA 47 -28.57 57.95 -43.59
N ARG DA 48 -28.99 58.73 -42.61
CA ARG DA 48 -30.38 59.19 -42.50
C ARG DA 48 -30.80 60.08 -43.67
N GLY DA 49 -29.91 61.00 -44.07
CA GLY DA 49 -30.23 61.99 -45.11
C GLY DA 49 -30.48 61.44 -46.50
N MET DA 50 -29.99 60.23 -46.78
CA MET DA 50 -30.34 59.50 -48.02
C MET DA 50 -31.42 58.43 -47.79
N MET DA 51 -32.42 58.76 -46.96
CA MET DA 51 -33.66 57.99 -46.87
C MET DA 51 -34.87 58.93 -46.77
N GLU EA 11 4.10 14.04 112.60
CA GLU EA 11 5.59 13.93 112.69
C GLU EA 11 6.12 14.05 114.13
N GLY EA 12 5.32 14.61 115.04
CA GLY EA 12 5.39 14.29 116.46
C GLY EA 12 5.11 12.82 116.77
N ILE EA 13 4.07 12.28 116.11
CA ILE EA 13 3.73 10.85 116.21
C ILE EA 13 4.82 9.91 115.63
N ASN EA 14 5.52 10.37 114.59
CA ASN EA 14 6.58 9.57 113.94
C ASN EA 14 7.78 9.30 114.86
N SER EA 15 8.08 10.26 115.73
CA SER EA 15 9.02 10.04 116.85
C SER EA 15 8.44 9.08 117.90
N ARG EA 16 7.22 9.36 118.33
CA ARG EA 16 6.60 8.66 119.46
C ARG EA 16 6.18 7.21 119.14
N LEU EA 17 6.00 6.90 117.86
CA LEU EA 17 5.57 5.56 117.44
C LEU EA 17 6.67 4.50 117.60
N GLN EA 18 7.87 4.82 117.12
CA GLN EA 18 9.03 3.92 117.25
C GLN EA 18 9.52 3.74 118.70
N LEU EA 19 9.18 4.69 119.57
CA LEU EA 19 9.39 4.55 121.02
C LEU EA 19 8.52 3.44 121.64
N VAL EA 20 7.29 3.29 121.16
CA VAL EA 20 6.34 2.28 121.67
C VAL EA 20 6.80 0.85 121.33
N MET EA 21 7.31 0.66 120.13
CA MET EA 21 7.68 -0.67 119.64
C MET EA 21 8.86 -1.32 120.39
N LYS EA 22 9.76 -0.50 120.93
CA LYS EA 22 10.84 -1.00 121.77
C LYS EA 22 10.32 -1.49 123.13
N SER EA 23 9.53 -0.64 123.79
CA SER EA 23 9.00 -0.95 125.13
C SER EA 23 7.80 -1.89 125.05
N GLY EA 24 6.72 -1.42 124.43
CA GLY EA 24 5.44 -2.14 124.39
C GLY EA 24 5.37 -3.13 123.24
N LYS EA 25 4.18 -3.25 122.65
CA LYS EA 25 3.97 -4.07 121.45
C LYS EA 25 2.86 -3.51 120.57
N VAL EA 26 2.91 -3.86 119.28
CA VAL EA 26 1.92 -3.41 118.29
C VAL EA 26 1.62 -4.52 117.28
N ASN EA 27 0.34 -4.62 116.90
CA ASN EA 27 -0.14 -5.67 115.99
C ASN EA 27 -0.38 -5.09 114.60
N LEU EA 28 0.55 -5.34 113.69
CA LEU EA 28 0.59 -4.61 112.41
C LEU EA 28 -0.03 -5.44 111.27
N GLY EA 29 -0.87 -4.78 110.48
CA GLY EA 29 -1.73 -5.44 109.48
C GLY EA 29 -3.20 -5.40 109.84
N CYS EA 30 -4.05 -5.46 108.81
CA CYS EA 30 -5.49 -5.27 108.95
C CYS EA 30 -6.15 -6.32 109.84
N LYS EA 31 -5.82 -7.59 109.61
CA LYS EA 31 -6.54 -8.71 110.19
C LYS EA 31 -6.27 -8.81 111.70
N THR EA 32 -5.00 -8.67 112.07
CA THR EA 32 -4.59 -8.66 113.48
C THR EA 32 -5.08 -7.41 114.24
N ALA EA 33 -5.27 -6.29 113.52
CA ALA EA 33 -5.89 -5.09 114.09
C ALA EA 33 -7.37 -5.30 114.43
N ILE EA 34 -8.12 -5.86 113.48
CA ILE EA 34 -9.53 -6.17 113.67
C ILE EA 34 -9.73 -7.29 114.71
N HIS EA 35 -8.80 -8.25 114.73
CA HIS EA 35 -8.79 -9.29 115.77
C HIS EA 35 -8.70 -8.71 117.19
N ALA EA 36 -7.89 -7.66 117.36
CA ALA EA 36 -7.74 -6.98 118.65
C ALA EA 36 -8.98 -6.17 119.05
N LEU EA 37 -9.65 -5.57 118.06
CA LEU EA 37 -10.89 -4.80 118.31
C LEU EA 37 -12.06 -5.68 118.73
N ARG EA 38 -12.16 -6.89 118.17
CA ARG EA 38 -13.23 -7.81 118.57
C ARG EA 38 -12.96 -8.11 120.02
N THR EA 39 -11.68 -8.31 120.31
CA THR EA 39 -11.21 -8.60 121.65
C THR EA 39 -11.45 -7.42 122.58
N GLY EA 40 -11.34 -6.21 122.02
CA GLY EA 40 -11.51 -5.01 122.81
C GLY EA 40 -10.20 -4.70 123.52
N LYS EA 41 -9.13 -5.29 123.02
CA LYS EA 41 -7.78 -5.13 123.56
C LYS EA 41 -6.85 -4.18 122.79
N ALA EA 42 -7.38 -3.40 121.86
CA ALA EA 42 -6.52 -2.48 121.11
C ALA EA 42 -6.71 -1.07 121.64
N LYS EA 43 -5.64 -0.47 122.11
CA LYS EA 43 -5.69 0.88 122.66
C LYS EA 43 -6.09 1.93 121.63
N LEU EA 44 -5.51 1.85 120.45
CA LEU EA 44 -5.82 2.79 119.38
C LEU EA 44 -5.52 2.18 118.03
N ILE EA 45 -6.14 2.70 116.98
CA ILE EA 45 -5.90 2.20 115.65
C ILE EA 45 -5.30 3.29 114.78
N ILE EA 46 -4.21 2.94 114.12
CA ILE EA 46 -3.56 3.87 113.23
C ILE EA 46 -3.74 3.27 111.85
N ILE EA 47 -4.29 4.07 110.94
CA ILE EA 47 -4.55 3.63 109.57
C ILE EA 47 -3.90 4.54 108.55
N SER EA 48 -3.22 3.92 107.59
CA SER EA 48 -2.52 4.65 106.54
C SER EA 48 -3.47 5.33 105.56
N ASN EA 49 -3.02 6.46 105.02
CA ASN EA 49 -3.80 7.22 104.06
C ASN EA 49 -4.06 6.44 102.77
N ASN EA 50 -3.05 5.70 102.33
CA ASN EA 50 -3.12 4.91 101.10
C ASN EA 50 -3.98 3.67 101.21
N CYS EA 51 -4.42 3.38 102.43
CA CYS EA 51 -5.23 2.19 102.72
C CYS EA 51 -6.53 2.17 101.92
N PRO EA 52 -6.99 0.90 101.57
CA PRO EA 52 -8.23 0.91 100.77
C PRO EA 52 -9.35 1.62 101.51
N ALA EA 53 -10.16 2.37 100.77
CA ALA EA 53 -11.24 3.12 101.36
C ALA EA 53 -12.28 2.24 102.06
N LEU EA 54 -12.64 1.12 101.44
CA LEU EA 54 -13.61 0.23 102.07
C LEU EA 54 -13.08 -0.40 103.35
N ARG EA 55 -11.80 -0.77 103.33
CA ARG EA 55 -11.20 -1.42 104.48
C ARG EA 55 -11.19 -0.53 105.72
N LYS EA 56 -10.85 0.74 105.54
CA LYS EA 56 -10.82 1.67 106.67
C LYS EA 56 -12.20 1.87 107.27
N SER EA 57 -13.22 1.87 106.43
CA SER EA 57 -14.58 2.06 106.90
C SER EA 57 -14.97 0.96 107.88
N GLU EA 58 -14.61 -0.28 107.58
CA GLU EA 58 -14.93 -1.38 108.48
C GLU EA 58 -14.21 -1.23 109.82
N ILE EA 59 -12.94 -0.81 109.78
CA ILE EA 59 -12.13 -0.64 111.00
C ILE EA 59 -12.67 0.48 111.89
N GLU EA 60 -13.08 1.60 111.29
CA GLU EA 60 -13.63 2.72 112.06
C GLU EA 60 -15.12 2.57 112.43
N TYR EA 61 -15.81 1.58 111.86
CA TYR EA 61 -17.06 1.07 112.43
C TYR EA 61 -16.80 0.20 113.67
N TYR EA 62 -15.94 -0.80 113.51
CA TYR EA 62 -15.44 -1.62 114.64
C TYR EA 62 -14.91 -0.76 115.81
N ALA EA 63 -14.21 0.33 115.48
CA ALA EA 63 -13.66 1.26 116.47
C ALA EA 63 -14.75 2.01 117.26
N MET EA 64 -15.84 2.36 116.59
CA MET EA 64 -17.01 2.96 117.25
C MET EA 64 -17.67 1.99 118.25
N LEU EA 65 -17.71 0.70 117.92
CA LEU EA 65 -18.28 -0.32 118.80
C LEU EA 65 -17.35 -0.65 119.98
N SER EA 66 -16.05 -0.77 119.71
CA SER EA 66 -15.04 -0.90 120.75
C SER EA 66 -14.88 0.35 121.62
N LYS EA 67 -15.24 1.53 121.06
CA LYS EA 67 -15.42 2.79 121.79
C LYS EA 67 -14.10 3.48 122.19
N CYS EA 68 -13.16 2.72 122.76
CA CYS EA 68 -11.75 3.12 122.81
C CYS EA 68 -10.93 2.59 121.61
N GLY EA 69 -11.53 2.56 120.43
CA GLY EA 69 -10.79 2.46 119.18
C GLY EA 69 -10.10 3.77 118.83
N VAL EA 70 -10.86 4.86 118.87
CA VAL EA 70 -10.33 6.24 118.78
C VAL EA 70 -9.71 6.56 117.41
N HIS EA 71 -8.54 5.98 117.13
CA HIS EA 71 -7.88 5.99 115.80
C HIS EA 71 -7.40 7.35 115.26
N HIS EA 72 -6.56 7.30 114.22
CA HIS EA 72 -5.71 8.43 113.82
C HIS EA 72 -5.05 8.15 112.48
N TYR EA 73 -5.02 9.16 111.60
CA TYR EA 73 -4.54 9.01 110.22
C TYR EA 73 -3.08 9.44 110.06
N HIS EA 74 -2.42 8.89 109.04
CA HIS EA 74 -1.00 9.13 108.80
C HIS EA 74 -0.81 9.97 107.51
N GLY EA 75 0.43 10.09 107.05
CA GLY EA 75 0.74 10.54 105.70
C GLY EA 75 0.47 9.55 104.57
N ASP EA 76 0.94 8.31 104.71
CA ASP EA 76 1.05 7.37 103.58
C ASP EA 76 1.23 5.89 103.99
N ASN EA 77 0.84 4.98 103.10
CA ASN EA 77 0.97 3.52 103.30
C ASN EA 77 2.42 3.01 103.40
N ASN EA 78 3.26 3.41 102.44
CA ASN EA 78 4.66 2.96 102.41
C ASN EA 78 5.50 3.64 103.50
N GLU EA 79 5.14 4.90 103.82
CA GLU EA 79 5.65 5.60 104.99
C GLU EA 79 5.45 4.84 106.30
N LEU EA 80 4.25 4.29 106.50
CA LEU EA 80 3.84 3.80 107.83
C LEU EA 80 4.61 2.55 108.28
N GLY EA 81 5.06 1.75 107.32
CA GLY EA 81 5.98 0.64 107.59
C GLY EA 81 7.36 1.11 108.02
N THR EA 82 7.93 2.03 107.24
CA THR EA 82 9.25 2.59 107.56
C THR EA 82 9.23 3.56 108.75
N ALA EA 83 8.05 4.07 109.11
CA ALA EA 83 7.84 4.72 110.41
C ALA EA 83 8.01 3.76 111.58
N CYS EA 84 7.47 2.55 111.45
CA CYS EA 84 7.71 1.47 112.42
C CYS EA 84 9.19 1.03 112.48
N GLY EA 85 9.85 0.99 111.32
CA GLY EA 85 11.18 0.41 111.18
C GLY EA 85 11.14 -0.96 110.52
N LYS EA 86 10.42 -1.04 109.41
CA LYS EA 86 10.10 -2.30 108.72
C LYS EA 86 10.27 -2.08 107.23
N LEU EA 87 10.97 -2.99 106.56
CA LEU EA 87 11.25 -2.84 105.13
C LEU EA 87 10.04 -3.17 104.25
N PHE EA 88 9.20 -4.11 104.70
CA PHE EA 88 7.82 -4.26 104.19
C PHE EA 88 6.91 -3.09 104.59
N ARG EA 89 5.72 -3.05 103.99
CA ARG EA 89 4.78 -1.94 104.17
C ARG EA 89 3.48 -2.34 104.88
N VAL EA 90 2.86 -1.36 105.53
CA VAL EA 90 1.75 -1.56 106.47
C VAL EA 90 0.66 -0.54 106.17
N SER EA 91 -0.58 -0.99 106.10
CA SER EA 91 -1.73 -0.10 106.06
C SER EA 91 -2.18 0.30 107.47
N CYS EA 92 -2.38 -0.70 108.34
CA CYS EA 92 -3.03 -0.50 109.63
C CYS EA 92 -2.17 -1.04 110.78
N LEU EA 93 -2.16 -0.32 111.91
CA LEU EA 93 -1.61 -0.83 113.18
C LEU EA 93 -2.74 -1.14 114.15
N ALA EA 94 -2.37 -1.66 115.32
CA ALA EA 94 -3.22 -1.61 116.50
C ALA EA 94 -2.36 -1.68 117.76
N VAL EA 95 -2.26 -0.56 118.46
CA VAL EA 95 -1.39 -0.45 119.63
C VAL EA 95 -2.06 -1.16 120.81
N THR EA 96 -1.49 -2.30 121.21
CA THR EA 96 -2.09 -3.15 122.23
C THR EA 96 -1.92 -2.53 123.62
N ASP EA 97 -0.69 -2.09 123.93
CA ASP EA 97 -0.44 -1.14 125.00
C ASP EA 97 0.85 -0.34 124.76
N GLY EA 99 4.29 0.75 126.94
CA GLY EA 99 5.15 1.82 126.41
C GLY EA 99 5.45 2.88 127.45
N ASP EA 100 6.62 3.51 127.32
CA ASP EA 100 6.92 4.75 128.06
C ASP EA 100 6.04 5.90 127.56
N SER EA 101 5.98 6.07 126.23
CA SER EA 101 5.22 7.16 125.61
C SER EA 101 3.73 6.87 125.67
N ASP EA 102 2.97 7.73 126.36
CA ASP EA 102 1.52 7.82 126.17
C ASP EA 102 1.17 8.36 124.77
N ILE EA 103 1.19 7.45 123.79
CA ILE EA 103 0.62 7.71 122.46
C ILE EA 103 -0.90 7.92 122.53
N ILE EA 104 -1.57 7.20 123.45
CA ILE EA 104 -3.03 7.04 123.41
C ILE EA 104 -3.81 8.21 124.03
N ARG EA 105 -3.22 8.87 125.03
CA ARG EA 105 -3.92 9.91 125.79
C ARG EA 105 -4.10 11.19 124.97
N SER EA 106 -2.98 11.73 124.46
CA SER EA 106 -2.98 13.03 123.78
C SER EA 106 -3.61 12.95 122.40
N VAL EA 107 -3.17 11.96 121.61
CA VAL EA 107 -3.66 11.77 120.23
C VAL EA 107 -4.97 10.97 120.26
N SER FA 12 18.24 -81.78 7.38
CA SER FA 12 19.49 -82.51 7.71
C SER FA 12 20.30 -81.75 8.77
N LEU FA 13 19.73 -81.65 9.97
CA LEU FA 13 20.33 -80.89 11.09
C LEU FA 13 20.52 -81.75 12.35
N GLN FA 14 19.43 -82.34 12.84
CA GLN FA 14 19.41 -83.30 13.96
C GLN FA 14 19.59 -82.62 15.34
N PRO FA 15 18.98 -83.21 16.41
CA PRO FA 15 19.00 -82.55 17.71
C PRO FA 15 20.32 -82.78 18.46
N VAL FA 16 20.96 -81.68 18.86
CA VAL FA 16 22.29 -81.70 19.48
C VAL FA 16 22.24 -80.87 20.76
N CYS FA 17 22.86 -81.40 21.82
CA CYS FA 17 23.12 -80.67 23.05
C CYS FA 17 24.62 -80.58 23.25
N ARG FA 18 25.13 -79.36 23.46
CA ARG FA 18 26.54 -79.14 23.78
C ARG FA 18 26.76 -77.90 24.66
N ASP FA 19 28.00 -77.77 25.14
CA ASP FA 19 28.35 -76.82 26.20
C ASP FA 19 29.37 -75.78 25.72
N TYR FA 20 29.22 -74.56 26.23
CA TYR FA 20 30.08 -73.43 25.89
C TYR FA 20 30.43 -72.69 27.17
N THR FA 21 31.47 -71.85 27.10
CA THR FA 21 31.63 -70.72 28.03
C THR FA 21 31.77 -69.42 27.25
N ILE FA 22 30.98 -68.42 27.64
CA ILE FA 22 30.89 -67.16 26.91
C ILE FA 22 31.66 -66.10 27.68
N HIS FA 23 32.70 -65.57 27.03
CA HIS FA 23 33.42 -64.40 27.51
C HIS FA 23 32.53 -63.16 27.34
N LEU FA 24 31.80 -62.79 28.40
CA LEU FA 24 30.86 -61.65 28.34
C LEU FA 24 31.58 -60.30 28.36
N HIS FA 25 32.63 -60.20 29.17
CA HIS FA 25 33.54 -59.05 29.13
C HIS FA 25 34.04 -58.71 27.71
N LYS FA 26 34.21 -59.73 26.88
CA LYS FA 26 34.55 -59.55 25.46
C LYS FA 26 33.37 -59.06 24.62
N LEU FA 27 32.19 -59.65 24.81
CA LEU FA 27 31.00 -59.27 24.05
C LEU FA 27 30.58 -57.83 24.31
N ILE FA 28 30.57 -57.46 25.59
CA ILE FA 28 29.90 -56.24 26.03
C ILE FA 28 30.97 -55.20 26.36
N HIS FA 29 31.77 -54.89 25.33
CA HIS FA 29 32.91 -53.98 25.44
C HIS FA 29 32.61 -52.71 24.66
N GLY FA 30 32.88 -51.56 25.27
CA GLY FA 30 32.59 -50.26 24.68
C GLY FA 30 31.12 -49.91 24.59
N ILE FA 31 30.32 -50.53 25.45
CA ILE FA 31 28.86 -50.49 25.36
C ILE FA 31 28.36 -49.77 26.61
N GLN FA 32 27.20 -49.12 26.48
CA GLN FA 32 26.75 -48.14 27.45
C GLN FA 32 26.33 -48.81 28.74
N PHE FA 33 26.42 -48.05 29.83
CA PHE FA 33 26.23 -48.60 31.18
C PHE FA 33 24.78 -48.95 31.50
N LYS FA 34 23.82 -48.38 30.78
CA LYS FA 34 22.41 -48.75 30.93
C LYS FA 34 21.91 -49.68 29.80
N LYS FA 35 22.83 -50.35 29.11
CA LYS FA 35 22.50 -51.37 28.13
C LYS FA 35 23.35 -52.64 28.25
N ARG FA 36 24.07 -52.83 29.35
CA ARG FA 36 25.01 -53.95 29.46
C ARG FA 36 24.25 -55.27 29.57
N ALA FA 37 23.34 -55.35 30.55
CA ALA FA 37 22.65 -56.62 30.85
C ALA FA 37 21.55 -57.00 29.84
N PRO FA 38 20.83 -56.02 29.27
CA PRO FA 38 20.02 -56.29 28.08
C PRO FA 38 20.83 -56.76 26.87
N ARG FA 39 21.86 -56.00 26.48
CA ARG FA 39 22.69 -56.36 25.33
C ARG FA 39 23.70 -57.49 25.61
N ALA FA 40 23.70 -58.01 26.84
CA ALA FA 40 24.14 -59.38 27.09
C ALA FA 40 23.22 -60.39 26.41
N LEU FA 41 21.92 -60.30 26.72
CA LEU FA 41 20.96 -61.34 26.34
C LEU FA 41 20.52 -61.30 24.88
N ARG FA 42 20.70 -60.15 24.22
CA ARG FA 42 20.63 -60.11 22.75
C ARG FA 42 21.78 -60.86 22.09
N GLU FA 43 22.99 -60.65 22.58
CA GLU FA 43 24.18 -61.32 22.01
C GLU FA 43 24.28 -62.80 22.37
N ILE FA 44 23.70 -63.23 23.49
CA ILE FA 44 23.55 -64.65 23.81
C ILE FA 44 22.49 -65.31 22.93
N ARG FA 45 21.40 -64.59 22.67
CA ARG FA 45 20.38 -65.03 21.72
C ARG FA 45 20.92 -65.13 20.28
N ARG FA 46 21.64 -64.11 19.85
CA ARG FA 46 22.29 -64.11 18.52
C ARG FA 46 23.43 -65.14 18.40
N PHE FA 47 24.10 -65.44 19.51
CA PHE FA 47 25.15 -66.46 19.54
C PHE FA 47 24.54 -67.86 19.33
N ALA FA 48 23.56 -68.19 20.17
CA ALA FA 48 22.81 -69.44 20.05
C ALA FA 48 22.14 -69.60 18.68
N GLN FA 49 21.53 -68.52 18.21
CA GLN FA 49 20.87 -68.45 16.90
C GLN FA 49 21.83 -68.72 15.73
N LYS FA 50 23.02 -68.12 15.79
CA LYS FA 50 24.06 -68.33 14.78
C LYS FA 50 24.73 -69.71 14.91
N THR FA 51 24.90 -70.18 16.16
CA THR FA 51 25.59 -71.44 16.44
C THR FA 51 24.78 -72.66 15.97
N MET FA 52 23.47 -72.65 16.25
CA MET FA 52 22.60 -73.80 15.99
C MET FA 52 21.60 -73.56 14.86
N HIS FA 53 21.68 -72.42 14.18
CA HIS FA 53 21.05 -72.18 12.88
C HIS FA 53 19.51 -72.15 12.97
N THR FA 54 18.99 -71.57 14.05
CA THR FA 54 17.61 -71.72 14.48
C THR FA 54 17.04 -70.37 14.89
N LYS FA 55 15.83 -70.06 14.43
CA LYS FA 55 15.21 -68.76 14.71
C LYS FA 55 14.74 -68.67 16.17
N ASP FA 56 13.94 -69.63 16.59
CA ASP FA 56 13.37 -69.66 17.95
C ASP FA 56 14.45 -70.04 18.96
N VAL FA 57 14.74 -69.13 19.90
CA VAL FA 57 15.74 -69.35 20.95
C VAL FA 57 15.15 -68.97 22.30
N ARG FA 58 14.64 -69.96 23.02
CA ARG FA 58 14.23 -69.80 24.42
C ARG FA 58 15.46 -69.80 25.32
N ILE FA 59 15.48 -68.92 26.32
CA ILE FA 59 16.54 -68.94 27.34
C ILE FA 59 15.92 -68.95 28.74
N ASP FA 60 16.44 -69.83 29.61
CA ASP FA 60 15.83 -70.09 30.90
C ASP FA 60 15.93 -68.87 31.81
N THR FA 61 15.00 -68.78 32.76
CA THR FA 61 14.98 -67.68 33.72
C THR FA 61 16.16 -67.70 34.68
N LYS FA 62 16.75 -68.86 34.93
CA LYS FA 62 17.94 -68.96 35.76
C LYS FA 62 19.24 -68.54 35.07
N LEU FA 63 19.23 -68.41 33.75
CA LEU FA 63 20.31 -67.69 33.05
C LEU FA 63 20.11 -66.19 33.14
N ASN FA 64 18.91 -65.73 32.81
CA ASN FA 64 18.48 -64.34 33.03
C ASN FA 64 18.81 -63.86 34.45
N LYS FA 65 18.45 -64.65 35.44
CA LYS FA 65 18.68 -64.28 36.82
C LYS FA 65 20.16 -64.10 37.12
N PHE FA 66 21.00 -65.00 36.62
CA PHE FA 66 22.43 -64.90 36.87
C PHE FA 66 23.03 -63.65 36.26
N ILE FA 67 22.64 -63.36 35.03
CA ILE FA 67 23.15 -62.19 34.31
C ILE FA 67 22.77 -60.87 34.97
N TRP FA 68 21.56 -60.80 35.50
CA TRP FA 68 21.09 -59.58 36.14
C TRP FA 68 21.50 -59.48 37.60
N SER FA 69 22.20 -60.48 38.09
CA SER FA 69 22.65 -60.48 39.47
C SER FA 69 23.53 -59.26 39.66
N GLY FA 70 24.29 -58.95 38.61
CA GLY FA 70 25.18 -57.81 38.60
C GLY FA 70 24.50 -56.47 38.78
N GLY FA 71 23.30 -56.31 38.22
CA GLY FA 71 22.58 -55.05 38.35
C GLY FA 71 22.43 -54.17 37.12
N ILE FA 72 22.82 -54.69 35.97
CA ILE FA 72 22.74 -54.02 34.65
C ILE FA 72 24.01 -53.38 34.09
N ARG FA 73 25.03 -53.14 34.91
CA ARG FA 73 26.26 -52.60 34.35
C ARG FA 73 27.45 -53.48 34.71
N ASN FA 74 27.43 -54.05 35.90
CA ASN FA 74 28.49 -54.94 36.34
C ASN FA 74 28.17 -56.40 35.97
N VAL FA 75 28.17 -56.71 34.68
CA VAL FA 75 27.89 -58.05 34.21
C VAL FA 75 29.04 -59.04 34.45
N PRO FA 76 28.69 -60.34 34.72
CA PRO FA 76 29.83 -61.26 34.96
C PRO FA 76 30.76 -61.49 33.75
N ARG FA 77 32.05 -61.66 34.02
CA ARG FA 77 33.05 -61.88 32.98
C ARG FA 77 32.90 -63.18 32.17
N ARG FA 78 32.60 -64.28 32.85
CA ARG FA 78 32.41 -65.59 32.21
C ARG FA 78 31.05 -66.14 32.61
N VAL FA 79 30.41 -66.87 31.69
CA VAL FA 79 29.26 -67.74 32.02
C VAL FA 79 29.43 -69.07 31.30
N ARG FA 80 29.23 -70.19 32.02
CA ARG FA 80 28.99 -71.48 31.36
C ARG FA 80 27.55 -71.58 30.93
N VAL FA 81 27.34 -72.18 29.77
CA VAL FA 81 26.06 -72.17 29.09
C VAL FA 81 26.02 -73.43 28.24
N ARG FA 82 24.97 -74.24 28.40
CA ARG FA 82 24.73 -75.36 27.48
C ARG FA 82 23.46 -75.17 26.66
N ILE FA 83 23.57 -75.56 25.39
CA ILE FA 83 22.70 -75.08 24.33
C ILE FA 83 22.16 -76.31 23.61
N ALA FA 84 20.85 -76.50 23.69
CA ALA FA 84 20.18 -77.70 23.17
C ALA FA 84 19.24 -77.31 22.04
N ARG FA 85 19.59 -77.71 20.82
CA ARG FA 85 18.63 -77.79 19.72
C ARG FA 85 17.73 -79.02 19.90
N ARG FA 86 16.42 -78.81 19.79
CA ARG FA 86 15.41 -79.84 20.07
C ARG FA 86 14.25 -79.73 19.09
N ARG FA 87 13.55 -80.86 18.89
CA ARG FA 87 12.47 -80.95 17.90
C ARG FA 87 11.21 -80.24 18.38
N ASN FA 88 10.55 -79.55 17.46
CA ASN FA 88 9.43 -78.65 17.79
C ASN FA 88 8.11 -79.43 17.84
N ASP FA 90 4.20 -80.12 19.50
CA ASP FA 90 3.07 -79.38 18.92
C ASP FA 90 3.19 -79.22 17.40
N GLU FA 91 2.15 -78.67 16.80
CA GLU FA 91 2.20 -78.26 15.39
C GLU FA 91 3.13 -77.05 15.25
N ASP FA 92 4.15 -77.19 14.41
CA ASP FA 92 5.32 -76.32 14.44
C ASP FA 92 5.04 -74.96 13.80
N SER FA 93 5.50 -73.89 14.45
CA SER FA 93 5.47 -72.54 13.88
C SER FA 93 6.63 -72.38 12.91
N LYS FA 94 6.36 -72.59 11.62
CA LYS FA 94 7.37 -72.59 10.55
C LYS FA 94 8.48 -73.62 10.78
N GLU FA 95 9.47 -73.27 11.60
CA GLU FA 95 10.69 -74.08 11.76
C GLU FA 95 10.45 -75.22 12.72
N LYS FA 96 11.00 -76.39 12.40
CA LYS FA 96 10.74 -77.63 13.15
C LYS FA 96 11.82 -77.95 14.19
N PHE FA 97 12.76 -77.03 14.41
CA PHE FA 97 13.63 -77.03 15.58
C PHE FA 97 13.46 -75.77 16.40
N TYR FA 98 13.73 -75.88 17.71
CA TYR FA 98 14.02 -74.71 18.56
C TYR FA 98 15.30 -74.95 19.38
N THR FA 99 16.14 -73.93 19.47
CA THR FA 99 17.26 -73.90 20.42
C THR FA 99 16.74 -73.57 21.81
N LEU FA 100 17.39 -74.09 22.85
CA LEU FA 100 17.23 -73.55 24.20
C LEU FA 100 18.52 -73.56 25.02
N VAL FA 101 18.68 -72.51 25.82
CA VAL FA 101 19.96 -72.14 26.46
C VAL FA 101 19.77 -72.16 27.98
N GLN FA 102 20.72 -72.77 28.70
CA GLN FA 102 20.65 -72.92 30.16
C GLN FA 102 21.95 -72.47 30.82
N HIS FA 103 21.83 -71.92 32.03
CA HIS FA 103 22.98 -71.70 32.91
C HIS FA 103 23.53 -73.03 33.43
N VAL FA 104 24.85 -73.11 33.54
CA VAL FA 104 25.52 -74.19 34.27
C VAL FA 104 26.21 -73.57 35.49
N PRO FA 105 25.84 -74.02 36.71
CA PRO FA 105 26.54 -73.53 37.91
C PRO FA 105 27.93 -74.17 38.06
N VAL FA 106 28.96 -73.33 38.06
CA VAL FA 106 30.35 -73.78 37.94
C VAL FA 106 31.25 -72.94 38.87
N ALA FA 107 32.14 -73.63 39.59
CA ALA FA 107 32.96 -73.01 40.62
C ALA FA 107 34.13 -72.19 40.03
N SER FA 108 34.80 -72.76 39.04
CA SER FA 108 35.89 -72.07 38.34
C SER FA 108 35.95 -72.45 36.86
N PHE FA 109 36.51 -71.56 36.05
CA PHE FA 109 36.50 -71.68 34.58
C PHE FA 109 37.83 -72.18 34.02
N GLU FA 110 38.63 -72.85 34.85
CA GLU FA 110 40.01 -73.20 34.51
C GLU FA 110 40.04 -74.52 33.74
N ASN FA 111 40.71 -74.50 32.59
CA ASN FA 111 40.49 -75.44 31.47
C ASN FA 111 39.11 -76.13 31.43
N LEU FA 112 38.11 -75.38 30.94
CA LEU FA 112 36.83 -75.95 30.50
C LEU FA 112 36.60 -75.62 29.03
N LYS FA 113 36.64 -76.66 28.20
CA LYS FA 113 36.59 -76.49 26.74
C LYS FA 113 35.13 -76.54 26.27
N THR FA 114 34.94 -76.32 24.97
CA THR FA 114 33.62 -76.48 24.34
C THR FA 114 33.29 -77.97 24.21
N GLU FA 115 32.76 -78.52 25.31
CA GLU FA 115 32.54 -79.96 25.44
C GLU FA 115 31.16 -80.34 24.90
N TYR FA 116 30.99 -81.63 24.60
CA TYR FA 116 29.66 -82.21 24.41
C TYR FA 116 29.01 -82.57 25.74
N VAL FA 117 27.68 -82.68 25.72
CA VAL FA 117 26.90 -83.06 26.90
C VAL FA 117 26.09 -84.31 26.57
N ASN FA 118 26.35 -85.39 27.30
CA ASN FA 118 25.62 -86.65 27.15
C ASN FA 118 24.34 -86.66 27.97
N GLU FA 119 23.35 -87.42 27.50
CA GLU FA 119 22.01 -87.47 28.11
C GLU FA 119 21.92 -88.61 29.12
N VAL GA 7 -17.68 -24.11 -58.79
CA VAL GA 7 -16.67 -23.09 -58.52
C VAL GA 7 -15.30 -23.76 -58.53
N LYS GA 8 -14.69 -23.93 -57.36
CA LYS GA 8 -13.40 -24.61 -57.25
C LYS GA 8 -12.14 -23.79 -57.61
N ARG GA 9 -12.28 -22.49 -57.78
CA ARG GA 9 -11.12 -21.65 -58.12
C ARG GA 9 -9.89 -21.95 -57.25
N SER GA 10 -8.73 -21.47 -57.71
CA SER GA 10 -7.45 -21.63 -57.02
C SER GA 10 -7.66 -21.32 -55.55
N ILE GA 11 -6.77 -21.76 -54.66
CA ILE GA 11 -7.04 -21.50 -53.25
C ILE GA 11 -5.72 -21.19 -52.53
N VAL GA 12 -5.60 -19.96 -52.03
CA VAL GA 12 -4.35 -19.45 -51.44
C VAL GA 12 -4.65 -18.83 -50.08
N LYS GA 13 -3.81 -19.16 -49.10
CA LYS GA 13 -4.20 -19.08 -47.68
C LYS GA 13 -3.43 -18.10 -46.79
N LYS GA 14 -2.26 -17.62 -47.24
CA LYS GA 14 -1.40 -16.70 -46.46
C LYS GA 14 -0.83 -17.29 -45.15
N ARG GA 15 -1.69 -17.64 -44.20
CA ARG GA 15 -1.34 -18.52 -43.08
C ARG GA 15 -2.05 -19.86 -43.21
N VAL GA 16 -1.39 -20.92 -42.75
CA VAL GA 16 -2.07 -22.14 -42.29
C VAL GA 16 -2.01 -22.33 -40.77
N LYS GA 17 -1.03 -21.72 -40.12
CA LYS GA 17 -0.93 -21.74 -38.65
C LYS GA 17 -2.05 -20.90 -38.03
N SER GA 18 -2.49 -21.29 -36.84
CA SER GA 18 -3.33 -20.42 -36.00
C SER GA 18 -2.51 -19.29 -35.39
N PHE GA 19 -3.18 -18.36 -34.73
CA PHE GA 19 -2.53 -17.33 -33.92
C PHE GA 19 -2.74 -17.65 -32.44
N PRO GA 20 -1.84 -18.43 -31.83
CA PRO GA 20 -2.05 -18.88 -30.47
C PRO GA 20 -1.76 -17.75 -29.48
N ARG GA 21 -2.42 -17.77 -28.32
CA ARG GA 21 -2.33 -16.66 -27.37
C ARG GA 21 -1.00 -16.69 -26.63
N PHE GA 22 -0.45 -15.51 -26.41
CA PHE GA 22 0.88 -15.36 -25.87
C PHE GA 22 0.99 -15.98 -24.48
N GLN GA 23 1.96 -16.88 -24.31
CA GLN GA 23 2.10 -17.72 -23.12
C GLN GA 23 0.89 -18.60 -22.83
N SER GA 24 0.27 -19.14 -23.87
CA SER GA 24 -0.68 -20.25 -23.72
C SER GA 24 0.05 -21.55 -23.41
N ASP GA 25 1.19 -21.74 -24.07
CA ASP GA 25 2.16 -22.80 -23.74
C ASP GA 25 2.60 -22.88 -22.28
N ARG GA 26 2.87 -21.73 -21.67
CA ARG GA 26 3.52 -21.69 -20.35
C ARG GA 26 2.56 -22.06 -19.23
N TYR GA 27 1.42 -21.38 -19.18
CA TYR GA 27 0.41 -21.56 -18.14
C TYR GA 27 -0.85 -22.18 -18.71
N LYS GA 28 -1.43 -23.13 -17.97
CA LYS GA 28 -2.66 -23.81 -18.39
C LYS GA 28 -3.93 -23.01 -18.11
N ARG GA 29 -3.84 -22.03 -17.20
CA ARG GA 29 -4.93 -21.06 -17.00
C ARG GA 29 -5.17 -20.17 -18.21
N VAL GA 30 -4.09 -19.79 -18.89
CA VAL GA 30 -4.21 -19.04 -20.14
C VAL GA 30 -4.56 -20.02 -21.25
N LYS GA 31 -5.76 -19.89 -21.83
CA LYS GA 31 -6.19 -20.72 -22.96
C LYS GA 31 -5.79 -20.09 -24.30
N SER GA 32 -5.79 -20.93 -25.35
CA SER GA 32 -5.08 -20.65 -26.60
C SER GA 32 -5.77 -19.64 -27.51
N SER GA 33 -7.10 -19.57 -27.41
CA SER GA 33 -7.91 -18.46 -27.93
C SER GA 33 -7.23 -17.08 -27.82
N TRP GA 34 -7.10 -16.39 -28.95
CA TRP GA 34 -6.28 -15.19 -29.07
C TRP GA 34 -6.83 -14.02 -28.26
N ARG GA 35 -5.93 -13.32 -27.56
CA ARG GA 35 -6.24 -12.04 -26.94
C ARG GA 35 -5.07 -11.10 -27.21
N LYS GA 36 -5.33 -9.89 -27.68
CA LYS GA 36 -4.26 -8.92 -27.88
C LYS GA 36 -3.61 -8.58 -26.55
N PRO GA 37 -2.29 -8.59 -26.49
CA PRO GA 37 -1.62 -8.23 -25.24
C PRO GA 37 -1.68 -6.73 -25.14
N LYS GA 38 -2.24 -6.21 -24.06
CA LYS GA 38 -2.35 -4.77 -23.88
C LYS GA 38 -1.36 -4.27 -22.86
N GLY GA 39 -0.46 -5.15 -22.42
CA GLY GA 39 0.51 -4.79 -21.42
C GLY GA 39 1.41 -3.70 -21.95
N ILE GA 40 1.80 -2.77 -21.08
CA ILE GA 40 2.65 -1.66 -21.46
C ILE GA 40 4.02 -2.09 -21.95
N ASP GA 41 4.59 -3.09 -21.30
CA ASP GA 41 5.92 -3.59 -21.66
C ASP GA 41 5.95 -4.85 -22.52
N CYS GA 42 4.80 -5.35 -22.92
CA CYS GA 42 4.73 -6.59 -23.69
C CYS GA 42 5.43 -6.56 -25.03
N ARG GA 43 6.23 -7.60 -25.29
CA ARG GA 43 6.95 -7.75 -26.55
C ARG GA 43 6.08 -8.04 -27.78
N VAL GA 44 5.03 -8.84 -27.61
CA VAL GA 44 4.17 -9.19 -28.74
C VAL GA 44 3.47 -8.00 -29.39
N ARG GA 45 2.94 -7.09 -28.58
CA ARG GA 45 2.28 -5.87 -29.09
C ARG GA 45 3.25 -4.82 -29.60
N ARG GA 46 4.41 -4.76 -28.97
CA ARG GA 46 5.50 -3.88 -29.35
C ARG GA 46 6.21 -4.39 -30.61
N LYS GA 47 6.05 -5.68 -30.92
CA LYS GA 47 6.48 -6.33 -32.18
C LYS GA 47 8.00 -6.44 -32.28
N PHE GA 48 8.61 -7.11 -31.32
CA PHE GA 48 9.96 -7.65 -31.47
C PHE GA 48 9.97 -8.83 -32.44
N LYS GA 49 11.13 -9.10 -33.03
CA LYS GA 49 11.29 -10.29 -33.86
C LYS GA 49 11.49 -11.54 -33.01
N GLY GA 50 11.09 -12.68 -33.55
CA GLY GA 50 11.27 -13.97 -32.88
C GLY GA 50 10.26 -14.22 -31.78
N THR GA 51 9.00 -13.88 -32.06
CA THR GA 51 7.91 -13.94 -31.07
C THR GA 51 6.59 -14.20 -31.80
N ASN GA 52 5.51 -14.34 -31.03
CA ASN GA 52 4.17 -14.54 -31.58
C ASN GA 52 3.76 -13.41 -32.52
N THR GA 53 3.30 -13.76 -33.72
CA THR GA 53 2.71 -12.81 -34.65
C THR GA 53 1.32 -12.42 -34.20
N MET GA 54 0.94 -11.18 -34.46
CA MET GA 54 -0.40 -10.68 -34.19
C MET GA 54 -1.26 -10.85 -35.45
N PRO GA 55 -2.58 -11.00 -35.28
CA PRO GA 55 -3.47 -10.89 -36.44
C PRO GA 55 -3.66 -9.44 -36.89
N ASN GA 56 -3.34 -9.16 -38.15
CA ASN GA 56 -3.80 -7.98 -38.86
C ASN GA 56 -4.88 -8.36 -39.84
N ILE GA 57 -5.57 -7.36 -40.37
CA ILE GA 57 -6.43 -7.54 -41.55
C ILE GA 57 -5.65 -7.89 -42.82
N GLY GA 58 -4.37 -7.51 -42.89
CA GLY GA 58 -3.43 -8.01 -43.89
C GLY GA 58 -3.59 -9.48 -44.28
N TYR GA 59 -3.78 -10.34 -43.28
CA TYR GA 59 -3.87 -11.78 -43.49
C TYR GA 59 -5.22 -12.26 -44.08
N GLY GA 60 -6.14 -11.36 -44.37
CA GLY GA 60 -7.46 -11.72 -44.89
C GLY GA 60 -7.42 -12.45 -46.22
N SER GA 61 -8.12 -13.57 -46.31
CA SER GA 61 -8.19 -14.38 -47.52
C SER GA 61 -9.05 -13.71 -48.59
N ASN GA 62 -9.04 -14.27 -49.80
CA ASN GA 62 -9.64 -13.65 -50.99
C ASN GA 62 -11.16 -13.53 -50.85
N LYS GA 63 -11.72 -12.47 -51.45
CA LYS GA 63 -13.18 -12.27 -51.51
C LYS GA 63 -13.91 -13.40 -52.24
N LYS GA 64 -13.28 -13.92 -53.30
CA LYS GA 64 -13.88 -14.97 -54.11
C LYS GA 64 -13.97 -16.30 -53.37
N THR GA 65 -12.98 -16.56 -52.50
CA THR GA 65 -12.74 -17.89 -51.95
C THR GA 65 -12.87 -17.93 -50.41
N ARG GA 66 -13.53 -16.93 -49.82
CA ARG GA 66 -13.77 -16.90 -48.37
C ARG GA 66 -14.85 -17.93 -48.02
N HIS GA 67 -14.65 -18.63 -46.90
CA HIS GA 67 -15.51 -19.73 -46.45
C HIS GA 67 -15.62 -20.90 -47.44
N MET GA 68 -14.59 -21.08 -48.26
CA MET GA 68 -14.59 -22.09 -49.31
C MET GA 68 -13.92 -23.36 -48.80
N LEU GA 69 -14.60 -24.49 -48.97
CA LEU GA 69 -14.08 -25.79 -48.52
C LEU GA 69 -12.96 -26.27 -49.45
N PRO GA 70 -12.13 -27.23 -48.98
CA PRO GA 70 -11.21 -28.00 -49.84
C PRO GA 70 -11.87 -28.65 -51.08
N ASN GA 71 -13.10 -29.12 -50.93
CA ASN GA 71 -13.88 -29.67 -52.05
C ASN GA 71 -14.12 -28.70 -53.21
N GLY GA 72 -14.30 -27.41 -52.89
CA GLY GA 72 -14.79 -26.41 -53.84
C GLY GA 72 -16.04 -25.68 -53.38
N PHE GA 73 -16.82 -26.31 -52.50
CA PHE GA 73 -18.12 -25.79 -52.10
C PHE GA 73 -18.01 -24.76 -50.98
N PHE GA 74 -19.14 -24.11 -50.67
CA PHE GA 74 -19.39 -23.54 -49.34
C PHE GA 74 -20.36 -24.45 -48.60
N LYS GA 75 -20.07 -24.77 -47.34
CA LYS GA 75 -21.02 -25.53 -46.51
C LYS GA 75 -22.20 -24.67 -46.08
N PHE GA 76 -23.38 -25.25 -46.09
CA PHE GA 76 -24.59 -24.63 -45.53
C PHE GA 76 -25.35 -25.68 -44.73
N LEU GA 77 -25.30 -25.56 -43.40
CA LEU GA 77 -25.72 -26.67 -42.53
C LEU GA 77 -27.23 -26.64 -42.31
N VAL GA 78 -27.81 -27.82 -42.07
CA VAL GA 78 -29.21 -28.09 -42.40
C VAL GA 78 -29.82 -29.07 -41.40
N SER GA 79 -31.10 -28.86 -41.10
CA SER GA 79 -31.75 -29.48 -39.93
C SER GA 79 -32.79 -30.52 -40.34
N SER GA 80 -33.82 -30.09 -41.08
CA SER GA 80 -34.94 -30.96 -41.45
C SER GA 80 -34.78 -31.48 -42.90
N PRO GA 81 -35.69 -32.39 -43.33
CA PRO GA 81 -35.88 -32.69 -44.76
C PRO GA 81 -36.34 -31.50 -45.64
N LYS GA 82 -37.16 -30.62 -45.08
CA LYS GA 82 -37.65 -29.44 -45.81
C LYS GA 82 -36.55 -28.44 -46.21
N ASP GA 83 -35.51 -28.33 -45.37
CA ASP GA 83 -34.48 -27.29 -45.53
C ASP GA 83 -33.40 -27.61 -46.59
N ILE GA 84 -33.40 -28.83 -47.14
CA ILE GA 84 -32.50 -29.20 -48.24
C ILE GA 84 -33.03 -28.73 -49.58
N GLU GA 85 -34.35 -28.61 -49.68
CA GLU GA 85 -34.99 -28.16 -50.90
C GLU GA 85 -34.44 -26.79 -51.25
N LEU GA 86 -34.06 -26.03 -50.23
CA LEU GA 86 -33.52 -24.71 -50.46
C LEU GA 86 -32.27 -24.82 -51.31
N LEU GA 87 -31.44 -25.82 -51.04
CA LEU GA 87 -30.22 -26.02 -51.82
C LEU GA 87 -30.49 -26.87 -53.07
N LEU GA 88 -31.39 -26.41 -53.93
CA LEU GA 88 -31.67 -27.18 -55.14
C LEU GA 88 -30.97 -26.60 -56.36
N MET GA 89 -31.11 -25.30 -56.54
CA MET GA 89 -30.50 -24.59 -57.66
C MET GA 89 -29.07 -24.14 -57.34
N HIS GA 90 -28.71 -24.23 -56.06
CA HIS GA 90 -27.39 -23.84 -55.60
C HIS GA 90 -26.57 -25.05 -55.22
N ASN GA 91 -26.97 -26.21 -55.72
CA ASN GA 91 -26.28 -27.44 -55.41
C ASN GA 91 -24.82 -27.44 -55.84
N THR GA 92 -24.52 -26.89 -57.01
CA THR GA 92 -23.14 -26.87 -57.46
C THR GA 92 -22.32 -26.04 -56.49
N LYS GA 93 -22.85 -24.89 -56.12
CA LYS GA 93 -22.21 -23.98 -55.17
C LYS GA 93 -22.11 -24.44 -53.71
N PHE GA 94 -23.17 -25.07 -53.21
CA PHE GA 94 -23.24 -25.49 -51.80
C PHE GA 94 -23.26 -26.98 -51.44
N ALA GA 95 -22.48 -27.32 -50.43
CA ALA GA 95 -22.38 -28.68 -49.90
C ALA GA 95 -23.14 -28.65 -48.58
N ALA GA 96 -24.02 -29.61 -48.36
CA ALA GA 96 -24.81 -29.63 -47.14
C ALA GA 96 -24.32 -30.50 -45.99
N GLU GA 97 -24.11 -29.85 -44.86
CA GLU GA 97 -23.67 -30.50 -43.61
C GLU GA 97 -24.87 -30.79 -42.71
N ILE GA 98 -25.19 -32.08 -42.56
CA ILE GA 98 -26.29 -32.52 -41.70
C ILE GA 98 -25.88 -32.33 -40.25
N ALA GA 99 -26.82 -31.86 -39.43
CA ALA GA 99 -26.50 -31.16 -38.19
C ALA GA 99 -26.01 -32.10 -37.08
N HIS GA 100 -25.56 -31.48 -35.99
CA HIS GA 100 -25.08 -32.16 -34.78
C HIS GA 100 -26.09 -33.15 -34.22
N ASN GA 101 -27.36 -32.74 -34.17
CA ASN GA 101 -28.33 -33.26 -33.19
C ASN GA 101 -29.19 -34.41 -33.71
N ILE GA 102 -29.09 -34.72 -35.00
CA ILE GA 102 -30.22 -35.29 -35.74
C ILE GA 102 -30.24 -36.80 -35.53
N SER GA 103 -31.43 -37.40 -35.60
CA SER GA 103 -31.60 -38.84 -35.36
C SER GA 103 -30.96 -39.71 -36.45
N SER GA 104 -30.84 -41.00 -36.16
CA SER GA 104 -30.58 -42.02 -37.18
C SER GA 104 -31.71 -42.13 -38.21
N ARG GA 105 -32.95 -42.04 -37.75
CA ARG GA 105 -34.14 -42.05 -38.62
C ARG GA 105 -34.13 -40.87 -39.58
N LYS GA 106 -34.00 -39.67 -39.02
CA LYS GA 106 -34.18 -38.42 -39.77
C LYS GA 106 -32.96 -38.08 -40.64
N ARG GA 107 -31.80 -38.65 -40.31
CA ARG GA 107 -30.64 -38.67 -41.24
C ARG GA 107 -30.95 -39.46 -42.52
N ARG GA 108 -31.52 -40.65 -42.37
CA ARG GA 108 -31.82 -41.52 -43.51
C ARG GA 108 -33.06 -41.08 -44.32
N GLU GA 109 -33.83 -40.13 -43.78
CA GLU GA 109 -34.79 -39.35 -44.56
C GLU GA 109 -34.14 -38.18 -45.29
N ILE GA 110 -33.21 -37.50 -44.63
CA ILE GA 110 -32.43 -36.39 -45.23
C ILE GA 110 -31.52 -36.89 -46.34
N LEU GA 111 -30.66 -37.84 -46.00
CA LEU GA 111 -29.68 -38.42 -46.93
C LEU GA 111 -30.31 -39.00 -48.19
N GLU GA 112 -31.48 -39.63 -48.05
CA GLU GA 112 -32.22 -40.20 -49.19
C GLU GA 112 -32.91 -39.13 -50.04
N ARG GA 113 -33.44 -38.09 -49.40
CA ARG GA 113 -34.03 -36.95 -50.09
C ARG GA 113 -32.99 -36.07 -50.81
N ALA GA 114 -31.79 -35.98 -50.24
CA ALA GA 114 -30.69 -35.25 -50.87
C ALA GA 114 -30.25 -35.85 -52.21
N ASP GA 115 -30.20 -37.18 -52.28
CA ASP GA 115 -29.81 -37.88 -53.51
C ASP GA 115 -30.86 -37.79 -54.63
N GLN GA 116 -32.09 -37.51 -54.26
CA GLN GA 116 -33.15 -37.27 -55.22
C GLN GA 116 -32.85 -35.96 -55.92
N LEU GA 117 -32.35 -35.00 -55.14
CA LEU GA 117 -32.03 -33.65 -55.60
C LEU GA 117 -30.63 -33.45 -56.16
N ASN GA 118 -29.83 -34.49 -56.20
CA ASN GA 118 -28.49 -34.34 -56.74
C ASN GA 118 -27.68 -33.32 -55.96
N VAL GA 119 -27.87 -33.27 -54.64
CA VAL GA 119 -27.14 -32.31 -53.81
C VAL GA 119 -26.17 -33.05 -52.89
N LEU GA 120 -24.91 -32.67 -52.93
CA LEU GA 120 -23.88 -33.31 -52.12
C LEU GA 120 -24.05 -33.14 -50.61
N VAL GA 121 -23.87 -34.21 -49.86
CA VAL GA 121 -23.97 -34.17 -48.40
C VAL GA 121 -22.62 -34.53 -47.80
N LEU GA 122 -22.08 -33.61 -47.01
CA LEU GA 122 -20.78 -33.75 -46.38
C LEU GA 122 -20.57 -34.85 -45.33
N ASN GA 123 -21.57 -35.07 -44.48
CA ASN GA 123 -21.47 -36.05 -43.39
C ASN GA 123 -21.30 -37.57 -43.64
N ARG GA 124 -22.00 -38.12 -44.63
CA ARG GA 124 -22.00 -39.56 -45.03
C ARG GA 124 -21.55 -40.72 -44.10
N SER GA 125 -22.34 -41.79 -44.04
CA SER GA 125 -21.99 -42.93 -43.14
C SER GA 125 -21.89 -42.28 -41.78
N ALA GA 126 -22.86 -41.39 -41.61
CA ALA GA 126 -23.03 -40.44 -40.51
C ALA GA 126 -23.43 -41.13 -39.22
N ARG GA 127 -24.44 -42.01 -39.30
CA ARG GA 127 -24.82 -42.91 -38.21
C ARG GA 127 -25.34 -44.24 -38.77
N LEU GA 128 -24.52 -45.29 -38.69
CA LEU GA 128 -24.87 -46.62 -39.18
C LEU GA 128 -24.44 -47.70 -38.18
N THR HA 6 29.58 -53.61 -57.55
CA THR HA 6 29.28 -52.70 -58.70
C THR HA 6 29.19 -51.23 -58.25
N LYS HA 7 28.94 -50.34 -59.20
CA LYS HA 7 28.79 -48.91 -58.91
C LYS HA 7 27.98 -48.24 -60.04
N GLN HA 8 27.51 -47.02 -59.78
CA GLN HA 8 26.92 -46.15 -60.81
C GLN HA 8 27.84 -45.99 -62.03
N PRO HA 9 27.40 -46.41 -63.23
CA PRO HA 9 28.17 -46.17 -64.45
C PRO HA 9 27.85 -44.80 -65.04
N VAL HA 10 28.88 -44.00 -65.28
CA VAL HA 10 28.81 -42.87 -66.22
C VAL HA 10 27.91 -41.75 -65.70
N ARG HA 11 28.50 -40.84 -64.92
CA ARG HA 11 27.75 -39.72 -64.34
C ARG HA 11 27.70 -38.52 -65.29
N LEU HA 12 26.51 -37.92 -65.40
CA LEU HA 12 26.25 -36.79 -66.31
C LEU HA 12 25.84 -35.53 -65.54
N TYR HA 13 26.42 -35.36 -64.34
CA TYR HA 13 26.12 -34.22 -63.47
C TYR HA 13 27.37 -33.69 -62.80
N VAL HA 14 27.29 -32.46 -62.31
CA VAL HA 14 28.46 -31.64 -62.02
C VAL HA 14 28.90 -31.73 -60.56
N ARG HA 15 27.97 -32.06 -59.66
CA ARG HA 15 28.28 -32.31 -58.24
C ARG HA 15 28.49 -31.00 -57.47
N GLY HA 16 27.94 -30.94 -56.26
CA GLY HA 16 27.57 -29.68 -55.62
C GLY HA 16 27.26 -29.83 -54.14
N ILE HA 17 27.63 -28.81 -53.36
CA ILE HA 17 27.42 -28.81 -51.91
C ILE HA 17 26.40 -27.73 -51.53
N VAL HA 18 25.50 -28.08 -50.61
CA VAL HA 18 24.62 -27.11 -49.95
C VAL HA 18 25.39 -26.40 -48.84
N LEU HA 19 25.65 -25.12 -49.05
CA LEU HA 19 26.36 -24.29 -48.08
C LEU HA 19 25.45 -23.83 -46.94
N GLY HA 20 24.26 -23.35 -47.31
CA GLY HA 20 23.37 -22.73 -46.34
C GLY HA 20 22.14 -22.12 -47.00
N TYR HA 21 21.72 -20.96 -46.47
CA TYR HA 21 20.66 -20.16 -47.09
C TYR HA 21 21.15 -18.75 -47.33
N LYS HA 22 20.45 -18.04 -48.22
CA LYS HA 22 20.64 -16.61 -48.38
C LYS HA 22 20.37 -15.95 -47.06
N ARG HA 23 21.30 -15.13 -46.59
CA ARG HA 23 21.21 -14.61 -45.22
C ARG HA 23 21.93 -13.29 -45.02
N SER HA 24 21.71 -12.70 -43.85
CA SER HA 24 22.60 -11.71 -43.27
C SER HA 24 23.41 -12.36 -42.15
N LYS HA 25 23.98 -11.54 -41.27
CA LYS HA 25 24.43 -12.00 -39.96
C LYS HA 25 23.32 -12.66 -39.14
N VAL HA 26 22.12 -12.07 -39.17
CA VAL HA 26 21.08 -12.33 -38.15
C VAL HA 26 19.73 -12.83 -38.70
N ASN HA 27 19.66 -13.13 -40.00
CA ASN HA 27 18.40 -13.55 -40.63
C ASN HA 27 18.64 -14.54 -41.76
N GLN HA 28 18.09 -15.75 -41.62
CA GLN HA 28 17.88 -16.64 -42.75
C GLN HA 28 16.86 -16.08 -43.74
N TYR HA 29 16.97 -16.50 -44.99
CA TYR HA 29 15.89 -16.42 -45.96
C TYR HA 29 15.78 -17.76 -46.68
N PRO HA 30 15.21 -18.78 -46.01
CA PRO HA 30 15.39 -20.17 -46.45
C PRO HA 30 14.65 -20.55 -47.74
N SER HA 31 13.81 -19.64 -48.24
CA SER HA 31 13.41 -19.62 -49.66
C SER HA 31 14.58 -19.91 -50.61
N CYS HA 32 15.65 -19.13 -50.45
CA CYS HA 32 16.78 -19.13 -51.39
C CYS HA 32 17.97 -19.90 -50.82
N SER HA 33 18.20 -21.11 -51.36
CA SER HA 33 19.35 -21.92 -50.97
C SER HA 33 20.63 -21.42 -51.65
N LEU HA 34 21.78 -21.96 -51.20
CA LEU HA 34 23.10 -21.43 -51.57
C LEU HA 34 24.07 -22.58 -51.82
N LEU HA 35 24.78 -22.52 -52.95
CA LEU HA 35 25.26 -23.72 -53.64
C LEU HA 35 26.66 -23.51 -54.23
N GLN HA 36 27.58 -24.42 -53.90
CA GLN HA 36 28.93 -24.42 -54.46
C GLN HA 36 29.08 -25.64 -55.38
N LEU HA 37 29.78 -25.43 -56.51
CA LEU HA 37 29.92 -26.45 -57.56
C LEU HA 37 31.40 -26.74 -57.76
N GLU HA 38 31.72 -27.98 -58.16
CA GLU HA 38 33.11 -28.41 -58.28
C GLU HA 38 33.72 -27.84 -59.57
N GLY HA 39 34.89 -27.22 -59.45
CA GLY HA 39 35.52 -26.50 -60.56
C GLY HA 39 35.27 -25.01 -60.60
N VAL HA 40 34.05 -24.60 -60.27
CA VAL HA 40 33.51 -23.33 -60.72
C VAL HA 40 33.89 -22.25 -59.70
N ASN HA 41 34.53 -21.18 -60.16
CA ASN HA 41 35.33 -20.29 -59.29
C ASN HA 41 35.24 -18.76 -59.52
N ASP HA 42 34.46 -18.31 -60.51
CA ASP HA 42 34.13 -16.88 -60.69
C ASP HA 42 32.65 -16.71 -61.05
N ARG HA 43 32.21 -15.46 -61.17
CA ARG HA 43 30.94 -15.14 -61.85
C ARG HA 43 30.96 -15.47 -63.35
N LYS HA 44 32.12 -15.28 -63.99
CA LYS HA 44 32.27 -15.54 -65.42
C LYS HA 44 32.08 -17.01 -65.79
N ASP HA 45 32.58 -17.90 -64.93
CA ASP HA 45 32.39 -19.34 -65.09
C ASP HA 45 30.97 -19.81 -64.78
N THR HA 46 30.24 -19.06 -63.95
CA THR HA 46 28.90 -19.42 -63.49
C THR HA 46 27.84 -19.41 -64.61
N GLN HA 47 27.99 -18.53 -65.61
CA GLN HA 47 26.90 -18.25 -66.56
C GLN HA 47 26.55 -19.40 -67.53
N PHE HA 48 27.35 -20.46 -67.54
CA PHE HA 48 26.90 -21.78 -68.01
C PHE HA 48 25.71 -22.30 -67.20
N TYR HA 49 25.85 -22.30 -65.87
CA TYR HA 49 24.97 -23.09 -64.99
C TYR HA 49 23.62 -22.46 -64.68
N LEU HA 50 23.40 -21.22 -65.11
CA LEU HA 50 22.12 -20.54 -64.87
C LEU HA 50 20.99 -21.22 -65.64
N GLY HA 51 19.87 -21.44 -64.94
CA GLY HA 51 18.75 -22.21 -65.48
C GLY HA 51 18.77 -23.69 -65.16
N LYS HA 52 19.95 -24.25 -64.94
CA LYS HA 52 20.15 -25.68 -65.05
C LYS HA 52 19.71 -26.38 -63.78
N ARG HA 53 19.11 -27.55 -63.93
CA ARG HA 53 18.21 -28.10 -62.93
C ARG HA 53 18.95 -29.04 -61.98
N VAL HA 54 18.54 -29.02 -60.71
CA VAL HA 54 19.33 -29.51 -59.58
C VAL HA 54 18.50 -30.51 -58.80
N ALA HA 55 19.16 -31.43 -58.08
CA ALA HA 55 18.47 -32.37 -57.20
C ALA HA 55 19.25 -32.61 -55.90
N TYR HA 56 18.63 -32.30 -54.77
CA TYR HA 56 19.00 -32.92 -53.49
C TYR HA 56 18.32 -34.28 -53.40
N VAL HA 57 19.13 -35.34 -53.32
CA VAL HA 57 18.64 -36.67 -52.97
C VAL HA 57 18.99 -37.02 -51.52
N TYR HA 58 18.12 -37.80 -50.90
CA TYR HA 58 18.32 -38.31 -49.54
C TYR HA 58 17.42 -39.52 -49.31
N LYS HA 59 17.61 -40.18 -48.17
CA LYS HA 59 16.96 -41.47 -47.91
C LYS HA 59 16.30 -41.47 -46.53
N ALA HA 60 15.21 -42.22 -46.44
CA ALA HA 60 14.27 -42.15 -45.33
C ALA HA 60 13.87 -43.56 -44.88
N LYS HA 61 13.21 -43.63 -43.73
CA LYS HA 61 13.03 -44.91 -43.01
C LYS HA 61 11.88 -45.76 -43.57
N THR HA 62 10.84 -45.11 -44.08
CA THR HA 62 9.73 -45.79 -44.76
C THR HA 62 10.16 -46.28 -46.17
N LYS HA 64 8.91 -44.61 -49.97
CA LYS HA 64 7.48 -44.35 -49.78
C LYS HA 64 6.65 -44.96 -50.91
N GLN HA 65 6.95 -44.59 -52.15
CA GLN HA 65 6.30 -45.15 -53.34
C GLN HA 65 7.22 -46.18 -54.00
N GLY HA 66 7.46 -47.28 -53.28
CA GLY HA 66 8.23 -48.42 -53.80
C GLY HA 66 9.74 -48.27 -53.80
N SER HA 67 10.27 -47.27 -53.09
CA SER HA 67 11.73 -47.05 -53.01
C SER HA 67 12.11 -46.12 -51.86
N LYS HA 68 13.20 -46.44 -51.16
CA LYS HA 68 13.58 -45.73 -49.93
C LYS HA 68 14.05 -44.29 -50.13
N TYR HA 69 14.51 -43.95 -51.34
CA TYR HA 69 15.05 -42.62 -51.63
C TYR HA 69 13.96 -41.59 -51.93
N ARG HA 70 14.25 -40.33 -51.61
CA ARG HA 70 13.44 -39.18 -52.02
C ARG HA 70 14.29 -38.23 -52.85
N VAL HA 71 13.63 -37.27 -53.50
CA VAL HA 71 14.31 -36.12 -54.11
C VAL HA 71 13.59 -34.82 -53.82
N ILE HA 72 14.33 -33.72 -53.87
CA ILE HA 72 13.75 -32.39 -54.03
C ILE HA 72 14.39 -31.76 -55.26
N TRP HA 73 13.61 -31.63 -56.32
CA TRP HA 73 14.05 -30.94 -57.53
C TRP HA 73 14.06 -29.43 -57.33
N GLY HA 74 14.92 -28.76 -58.10
CA GLY HA 74 14.95 -27.29 -58.15
C GLY HA 74 15.55 -26.82 -59.44
N ARG HA 75 16.04 -25.57 -59.45
CA ARG HA 75 17.03 -25.15 -60.43
C ARG HA 75 17.87 -23.96 -59.98
N ILE HA 76 18.97 -23.76 -60.70
CA ILE HA 76 19.90 -22.67 -60.46
C ILE HA 76 19.27 -21.39 -60.99
N ARG HA 77 19.48 -20.29 -60.28
CA ARG HA 77 18.80 -19.02 -60.52
C ARG HA 77 19.77 -17.97 -61.03
N ARG HA 78 20.81 -17.71 -60.25
CA ARG HA 78 21.70 -16.57 -60.45
C ARG HA 78 22.96 -16.73 -59.59
N PRO HA 79 24.05 -16.05 -59.96
CA PRO HA 79 25.29 -16.16 -59.19
C PRO HA 79 25.25 -15.38 -57.87
N HIS HA 80 26.23 -15.66 -57.01
CA HIS HA 80 26.29 -15.11 -55.66
C HIS HA 80 27.71 -14.69 -55.31
N GLY HA 81 27.99 -13.40 -55.42
CA GLY HA 81 29.33 -12.87 -55.14
C GLY HA 81 30.36 -13.20 -56.19
N ASN HA 82 31.57 -12.66 -56.00
CA ASN HA 82 32.64 -12.74 -57.01
C ASN HA 82 33.28 -14.12 -57.11
N GLY HA 83 33.09 -14.96 -56.09
CA GLY HA 83 33.37 -16.39 -56.19
C GLY HA 83 32.39 -17.14 -57.08
N GLY HA 84 32.61 -18.45 -57.19
CA GLY HA 84 31.77 -19.32 -58.01
C GLY HA 84 30.34 -19.52 -57.53
N ILE HA 85 30.12 -19.35 -56.22
CA ILE HA 85 28.91 -19.78 -55.52
C ILE HA 85 27.64 -19.17 -56.15
N VAL HA 86 26.58 -19.96 -56.17
CA VAL HA 86 25.42 -19.71 -57.03
C VAL HA 86 24.12 -20.03 -56.28
N ARG HA 87 23.13 -19.14 -56.41
CA ARG HA 87 21.84 -19.29 -55.73
C ARG HA 87 20.96 -20.35 -56.41
N ALA HA 88 20.00 -20.88 -55.66
CA ALA HA 88 19.07 -21.91 -56.16
C ALA HA 88 17.68 -21.75 -55.56
N LYS HA 89 16.70 -22.35 -56.23
CA LYS HA 89 15.31 -22.42 -55.74
C LYS HA 89 14.80 -23.84 -55.93
N PHE HA 90 14.36 -24.44 -54.83
CA PHE HA 90 13.77 -25.78 -54.86
C PHE HA 90 12.24 -25.70 -54.70
N ARG HA 91 11.55 -26.79 -55.01
CA ARG HA 91 10.08 -26.86 -54.91
C ARG HA 91 9.60 -26.62 -53.49
N SER HA 92 10.11 -27.45 -52.57
CA SER HA 92 10.11 -27.13 -51.14
C SER HA 92 11.28 -26.22 -50.83
N ASN HA 93 11.21 -25.48 -49.73
CA ASN HA 93 12.43 -25.00 -49.07
C ASN HA 93 13.29 -26.19 -48.66
N LEU HA 94 14.60 -25.98 -48.64
CA LEU HA 94 15.53 -27.06 -48.34
C LEU HA 94 15.60 -27.25 -46.81
N PRO HA 95 15.62 -28.51 -46.33
CA PRO HA 95 15.74 -28.74 -44.88
C PRO HA 95 17.13 -28.39 -44.36
N PRO HA 96 17.23 -27.78 -43.15
CA PRO HA 96 18.56 -27.53 -42.57
C PRO HA 96 19.33 -28.77 -42.11
N SER HA 97 18.71 -29.95 -42.13
CA SER HA 97 19.48 -31.20 -42.19
C SER HA 97 20.40 -31.26 -43.40
N SER HA 98 19.89 -30.87 -44.57
CA SER HA 98 20.70 -30.67 -45.77
C SER HA 98 21.58 -29.42 -45.65
N ILE HA 99 22.75 -29.61 -45.05
CA ILE HA 99 23.78 -28.57 -45.01
C ILE HA 99 25.16 -29.22 -44.84
N ALA HA 100 26.13 -28.77 -45.65
CA ALA HA 100 27.30 -29.57 -46.03
C ALA HA 100 26.93 -30.89 -46.72
N GLY HA 101 25.86 -30.85 -47.52
CA GLY HA 101 25.24 -32.05 -48.08
C GLY HA 101 25.27 -32.02 -49.59
N ARG HA 102 25.57 -33.17 -50.18
CA ARG HA 102 25.87 -33.25 -51.62
C ARG HA 102 24.61 -33.14 -52.47
N VAL HA 103 24.78 -32.65 -53.69
CA VAL HA 103 23.68 -32.19 -54.54
C VAL HA 103 24.10 -32.32 -55.99
N ARG HA 104 23.23 -32.92 -56.81
CA ARG HA 104 23.51 -33.21 -58.21
C ARG HA 104 22.98 -32.09 -59.12
N VAL HA 105 23.89 -31.30 -59.70
CA VAL HA 105 23.54 -30.37 -60.77
C VAL HA 105 23.66 -31.07 -62.12
N PHE HA 106 22.51 -31.38 -62.70
CA PHE HA 106 22.45 -31.93 -64.07
C PHE HA 106 22.69 -30.80 -65.05
N LEU HA 107 23.22 -31.14 -66.22
CA LEU HA 107 23.54 -30.16 -67.28
C LEU HA 107 22.49 -30.20 -68.42
N TYR HA 108 21.22 -30.29 -68.02
CA TYR HA 108 20.08 -29.85 -68.82
C TYR HA 108 19.22 -28.91 -67.98
N PRO HA 109 18.62 -27.87 -68.57
CA PRO HA 109 18.44 -27.72 -70.02
C PRO HA 109 19.64 -27.08 -70.73
N SER HA 110 19.91 -27.53 -71.95
CA SER HA 110 21.20 -27.30 -72.61
C SER HA 110 21.19 -26.07 -73.53
N ASN HA 111 21.91 -25.03 -73.12
CA ASN HA 111 22.20 -23.84 -73.96
C ASN HA 111 20.95 -23.08 -74.39
N ALA IA 2 5.38 -45.13 60.64
CA ALA IA 2 4.82 -45.37 59.26
C ALA IA 2 3.43 -44.76 59.04
N PRO IA 3 2.39 -45.22 59.79
CA PRO IA 3 1.02 -45.11 59.29
C PRO IA 3 0.47 -43.69 59.43
N ARG IA 4 -0.14 -43.18 58.35
CA ARG IA 4 -0.55 -41.77 58.28
C ARG IA 4 -2.00 -41.63 57.83
N LEU IA 5 -2.63 -40.56 58.29
CA LEU IA 5 -4.09 -40.52 58.47
C LEU IA 5 -4.73 -39.40 57.66
N VAL IA 6 -6.06 -39.43 57.59
CA VAL IA 6 -6.86 -38.49 56.80
C VAL IA 6 -7.97 -37.92 57.67
N TYR IA 7 -8.25 -36.62 57.51
CA TYR IA 7 -9.42 -35.99 58.13
C TYR IA 7 -10.70 -36.72 57.74
N ARG IA 8 -11.58 -36.91 58.72
CA ARG IA 8 -12.83 -37.65 58.53
C ARG IA 8 -14.03 -36.75 58.26
N ARG IA 9 -14.05 -35.55 58.86
CA ARG IA 9 -15.17 -34.61 58.72
C ARG IA 9 -15.08 -33.85 57.39
N HIS IA 10 -16.03 -32.95 57.16
CA HIS IA 10 -16.09 -32.15 55.92
C HIS IA 10 -14.97 -31.11 55.81
N ASN IA 11 -14.60 -30.50 56.94
CA ASN IA 11 -13.54 -29.48 56.99
C ASN IA 11 -12.17 -30.13 56.95
N HIS IA 12 -11.41 -29.86 55.89
CA HIS IA 12 -10.06 -30.40 55.71
C HIS IA 12 -8.98 -29.33 55.91
N TYR IA 13 -9.22 -28.40 56.84
CA TYR IA 13 -8.32 -27.28 57.13
C TYR IA 13 -8.02 -27.24 58.62
N ALA IA 14 -7.03 -26.44 58.99
CA ALA IA 14 -6.41 -26.51 60.31
C ALA IA 14 -6.91 -25.39 61.24
N THR IA 15 -8.23 -25.20 61.30
CA THR IA 15 -8.82 -24.12 62.09
C THR IA 15 -8.98 -24.54 63.55
N GLY IA 16 -9.62 -23.69 64.36
CA GLY IA 16 -9.99 -24.03 65.73
C GLY IA 16 -10.99 -25.18 65.83
N SER IA 17 -12.10 -25.05 65.11
CA SER IA 17 -13.17 -26.06 65.11
C SER IA 17 -12.68 -27.46 64.72
N ASN IA 18 -11.82 -27.51 63.71
CA ASN IA 18 -11.29 -28.77 63.18
C ASN IA 18 -9.98 -29.18 63.88
N ARG IA 19 -10.01 -29.15 65.22
CA ARG IA 19 -8.95 -29.75 66.03
C ARG IA 19 -9.16 -31.25 66.16
N VAL IA 20 -8.07 -31.99 66.19
CA VAL IA 20 -8.12 -33.45 66.04
C VAL IA 20 -7.13 -34.12 66.98
N ARG IA 21 -7.33 -35.43 67.17
CA ARG IA 21 -6.68 -36.19 68.22
C ARG IA 21 -6.41 -37.60 67.71
N ARG IA 22 -5.13 -37.97 67.60
CA ARG IA 22 -4.75 -39.29 67.09
C ARG IA 22 -5.08 -40.39 68.09
N VAL IA 23 -5.96 -41.29 67.67
CA VAL IA 23 -6.30 -42.49 68.44
C VAL IA 23 -5.83 -43.69 67.64
N ARG IA 24 -5.60 -44.81 68.33
CA ARG IA 24 -5.58 -46.13 67.70
C ARG IA 24 -6.68 -47.04 68.22
N THR IA 25 -7.16 -47.91 67.33
CA THR IA 25 -8.45 -48.57 67.47
C THR IA 25 -8.23 -50.05 67.82
N PRO IA 26 -9.31 -50.79 68.09
CA PRO IA 26 -9.31 -52.25 68.07
C PRO IA 26 -8.87 -52.91 66.75
N GLY IA 27 -8.94 -52.18 65.63
CA GLY IA 27 -8.32 -52.62 64.39
C GLY IA 27 -6.80 -52.73 64.38
N ALA IA 28 -6.13 -52.09 65.35
CA ALA IA 28 -4.77 -51.58 65.19
C ALA IA 28 -4.64 -50.67 63.96
N LYS IA 29 -5.50 -49.67 63.93
CA LYS IA 29 -5.57 -48.69 62.85
C LYS IA 29 -5.63 -47.29 63.47
N VAL IA 30 -4.74 -46.40 63.02
CA VAL IA 30 -4.56 -45.09 63.63
C VAL IA 30 -5.38 -44.06 62.83
N VAL IA 31 -6.09 -43.20 63.56
CA VAL IA 31 -7.27 -42.55 63.03
C VAL IA 31 -7.58 -41.30 63.87
N PHE IA 32 -8.12 -40.26 63.23
CA PHE IA 32 -8.49 -39.02 63.94
C PHE IA 32 -9.79 -39.16 64.70
N HIS IA 33 -9.96 -38.34 65.73
CA HIS IA 33 -11.27 -37.95 66.24
C HIS IA 33 -11.33 -36.43 66.39
N ASN IA 34 -12.40 -35.82 65.88
CA ASN IA 34 -12.64 -34.39 66.08
C ASN IA 34 -13.12 -34.11 67.51
N VAL IA 35 -12.14 -33.82 68.38
CA VAL IA 35 -12.40 -33.12 69.64
C VAL IA 35 -12.48 -31.63 69.31
N GLY IA 36 -13.45 -30.93 69.92
CA GLY IA 36 -13.66 -29.52 69.61
C GLY IA 36 -12.63 -28.58 70.21
N LYS IA 37 -13.02 -27.33 70.42
CA LYS IA 37 -12.18 -26.32 71.06
C LYS IA 37 -12.24 -26.49 72.57
N GLN IA 38 -11.17 -26.08 73.26
CA GLN IA 38 -11.09 -26.23 74.72
C GLN IA 38 -11.98 -25.17 75.39
N PRO IA 39 -13.00 -25.60 76.16
CA PRO IA 39 -13.92 -24.61 76.71
C PRO IA 39 -13.28 -23.73 77.80
N SER IA 40 -13.50 -22.41 77.69
CA SER IA 40 -13.13 -21.48 78.76
C SER IA 40 -14.13 -21.62 79.91
N ARG IA 41 -13.59 -21.77 81.13
CA ARG IA 41 -14.43 -21.96 82.31
C ARG IA 41 -14.80 -20.59 82.87
N PRO IA 42 -15.95 -20.49 83.57
CA PRO IA 42 -16.59 -19.18 83.75
C PRO IA 42 -15.77 -18.25 84.64
N LYS IA 43 -14.93 -17.43 83.99
CA LYS IA 43 -14.43 -16.19 84.58
C LYS IA 43 -15.63 -15.31 84.83
N CYS IA 44 -15.79 -14.82 86.05
CA CYS IA 44 -16.98 -14.05 86.41
C CYS IA 44 -16.68 -12.85 87.30
N GLY IA 45 -17.46 -11.80 87.10
CA GLY IA 45 -17.03 -10.43 87.35
C GLY IA 45 -17.06 -10.05 88.83
N ASN IA 46 -16.85 -8.77 89.14
CA ASN IA 46 -16.01 -7.85 88.32
C ASN IA 46 -14.48 -8.06 88.46
N CYS IA 47 -14.06 -8.97 89.34
CA CYS IA 47 -12.68 -9.47 89.41
C CYS IA 47 -12.15 -10.12 88.12
N HIS IA 48 -13.00 -10.85 87.41
CA HIS IA 48 -12.62 -11.74 86.27
C HIS IA 48 -11.67 -12.89 86.64
N ARG IA 49 -11.77 -13.38 87.87
CA ARG IA 49 -11.23 -14.69 88.24
C ARG IA 49 -12.16 -15.80 87.78
N ALA IA 50 -11.60 -16.96 87.50
CA ALA IA 50 -12.39 -18.19 87.28
C ALA IA 50 -13.04 -18.66 88.58
N LEU IA 51 -14.25 -19.21 88.47
CA LEU IA 51 -15.05 -19.62 89.64
C LEU IA 51 -14.76 -21.07 90.02
N PRO IA 52 -14.48 -21.33 91.31
CA PRO IA 52 -14.44 -22.72 91.78
C PRO IA 52 -15.83 -23.35 91.92
N GLY IA 53 -15.91 -24.66 91.69
CA GLY IA 53 -17.13 -25.46 91.89
C GLY IA 53 -17.83 -25.93 90.62
N ILE IA 54 -17.42 -25.38 89.47
CA ILE IA 54 -18.29 -25.28 88.30
C ILE IA 54 -17.43 -25.42 87.03
N PRO IA 55 -17.69 -26.47 86.22
CA PRO IA 55 -16.68 -26.98 85.30
C PRO IA 55 -16.63 -26.24 83.96
N ALA IA 56 -15.49 -26.37 83.27
CA ALA IA 56 -15.38 -25.97 81.87
C ALA IA 56 -16.19 -26.93 80.98
N VAL IA 57 -17.28 -26.41 80.42
CA VAL IA 57 -17.95 -27.03 79.27
C VAL IA 57 -18.27 -25.97 78.23
N ALA IA 58 -18.38 -26.38 76.97
CA ALA IA 58 -18.97 -25.53 75.94
C ALA IA 58 -20.46 -25.33 76.27
N PRO IA 59 -20.98 -24.12 76.02
CA PRO IA 59 -22.11 -23.58 76.79
C PRO IA 59 -23.45 -24.26 76.54
N HIS IA 60 -23.62 -24.93 75.40
CA HIS IA 60 -24.80 -25.78 75.16
C HIS IA 60 -24.84 -27.03 76.06
N ARG IA 61 -23.69 -27.60 76.40
CA ARG IA 61 -23.63 -28.75 77.33
C ARG IA 61 -23.84 -28.37 78.80
N LEU IA 62 -23.84 -27.08 79.09
CA LEU IA 62 -24.29 -26.56 80.39
C LEU IA 62 -25.78 -26.79 80.66
N ARG IA 63 -26.55 -27.00 79.59
CA ARG IA 63 -27.93 -27.53 79.64
C ARG IA 63 -28.04 -28.93 80.26
N LEU IA 64 -27.15 -29.83 79.86
CA LEU IA 64 -27.20 -31.25 80.23
C LEU IA 64 -27.05 -31.43 81.74
N LEU IA 65 -26.09 -30.70 82.31
CA LEU IA 65 -25.78 -30.77 83.74
C LEU IA 65 -27.02 -30.44 84.60
N LYS IA 66 -26.98 -30.89 85.85
CA LYS IA 66 -28.03 -30.58 86.81
C LYS IA 66 -27.79 -29.19 87.40
N LYS IA 67 -28.83 -28.60 87.98
CA LYS IA 67 -28.82 -27.18 88.32
C LYS IA 67 -27.82 -26.87 89.46
N ARG IA 68 -27.88 -27.70 90.49
CA ARG IA 68 -26.74 -27.97 91.40
C ARG IA 68 -25.34 -27.68 90.84
N GLU IA 69 -25.01 -28.28 89.70
CA GLU IA 69 -23.64 -28.25 89.15
C GLU IA 69 -23.24 -26.92 88.50
N ARG IA 70 -24.21 -26.10 88.10
CA ARG IA 70 -23.94 -24.87 87.34
C ARG IA 70 -23.72 -23.61 88.20
N THR IA 71 -23.69 -23.77 89.53
CA THR IA 71 -23.68 -22.64 90.46
C THR IA 71 -22.68 -22.89 91.59
N VAL IA 72 -22.74 -22.03 92.59
CA VAL IA 72 -22.38 -22.37 93.95
C VAL IA 72 -23.53 -21.94 94.84
N HIS IA 73 -23.87 -22.76 95.84
CA HIS IA 73 -24.99 -22.47 96.74
C HIS IA 73 -24.61 -21.35 97.72
N ARG IA 74 -24.90 -20.12 97.30
CA ARG IA 74 -24.61 -18.91 98.07
C ARG IA 74 -25.52 -17.78 97.53
N ALA IA 75 -25.18 -16.54 97.85
CA ALA IA 75 -25.89 -15.40 97.31
C ALA IA 75 -25.01 -14.93 96.15
N TYR IA 76 -25.55 -14.84 94.95
CA TYR IA 76 -24.77 -14.42 93.79
C TYR IA 76 -23.79 -15.53 93.43
N GLY IA 77 -24.09 -16.74 93.84
CA GLY IA 77 -23.19 -17.86 93.62
C GLY IA 77 -22.82 -18.23 92.20
N GLY IA 78 -23.78 -18.19 91.30
CA GLY IA 78 -23.49 -18.56 89.93
C GLY IA 78 -22.47 -17.67 89.24
N SER IA 79 -22.57 -16.36 89.46
CA SER IA 79 -21.67 -15.40 88.83
C SER IA 79 -20.76 -14.56 89.73
N ARG IA 80 -20.52 -14.99 90.97
CA ARG IA 80 -19.66 -14.18 91.85
C ARG IA 80 -18.47 -14.88 92.50
N CYS IA 81 -17.45 -14.09 92.73
CA CYS IA 81 -16.18 -14.51 93.31
C CYS IA 81 -16.24 -14.91 94.78
N HIS IA 82 -17.32 -14.57 95.46
CA HIS IA 82 -17.48 -14.84 96.89
C HIS IA 82 -16.70 -13.79 97.65
N ALA IA 83 -15.41 -13.69 97.36
CA ALA IA 83 -14.58 -12.68 98.01
C ALA IA 83 -15.21 -11.37 97.62
N CYS IA 84 -15.63 -11.30 96.35
CA CYS IA 84 -16.28 -10.11 95.84
C CYS IA 84 -17.58 -9.89 96.58
N VAL IA 85 -18.26 -10.99 96.89
CA VAL IA 85 -19.53 -10.92 97.59
C VAL IA 85 -19.38 -10.30 98.97
N ARG IA 86 -18.28 -10.57 99.66
CA ARG IA 86 -18.10 -9.98 100.98
C ARG IA 86 -18.10 -8.47 100.79
N GLU IA 87 -17.43 -7.98 99.77
CA GLU IA 87 -17.46 -6.54 99.48
C GLU IA 87 -18.89 -6.00 99.41
N ARG IA 88 -19.78 -6.69 98.69
CA ARG IA 88 -21.18 -6.26 98.52
C ARG IA 88 -21.90 -6.05 99.86
N ILE IA 89 -21.65 -6.95 100.81
CA ILE IA 89 -22.37 -6.94 102.10
C ILE IA 89 -21.79 -5.83 102.99
N VAL IA 90 -20.47 -5.74 103.03
CA VAL IA 90 -19.78 -4.76 103.87
C VAL IA 90 -19.99 -3.33 103.36
N ARG IA 91 -20.16 -3.15 102.05
CA ARG IA 91 -20.72 -1.91 101.50
C ARG IA 91 -22.12 -1.68 102.07
N ALA IA 92 -23.02 -2.59 101.76
CA ALA IA 92 -24.46 -2.37 101.93
C ALA IA 92 -24.89 -2.34 103.40
N PHE IA 93 -24.10 -2.95 104.27
CA PHE IA 93 -24.23 -2.77 105.71
C PHE IA 93 -23.86 -1.35 106.15
N LEU IA 94 -22.66 -0.90 105.75
CA LEU IA 94 -22.10 0.39 106.19
C LEU IA 94 -22.78 1.59 105.53
N VAL IA 95 -23.06 1.47 104.24
CA VAL IA 95 -23.67 2.56 103.47
C VAL IA 95 -25.15 2.77 103.86
N GLU IA 96 -25.79 1.74 104.43
CA GLU IA 96 -27.06 1.93 105.14
C GLU IA 96 -26.87 2.55 106.53
N GLU IA 97 -25.86 2.09 107.27
CA GLU IA 97 -25.61 2.58 108.64
C GLU IA 97 -25.19 4.06 108.70
N GLN IA 98 -24.28 4.48 107.82
CA GLN IA 98 -23.89 5.89 107.72
C GLN IA 98 -25.04 6.79 107.24
N LYS IA 99 -25.84 6.27 106.31
CA LYS IA 99 -27.06 6.95 105.85
C LYS IA 99 -28.15 7.03 106.92
N CYS IA 100 -28.25 6.00 107.77
CA CYS IA 100 -29.21 6.01 108.89
C CYS IA 100 -28.80 6.95 110.02
N VAL IA 101 -27.51 6.96 110.37
CA VAL IA 101 -26.97 7.80 111.46
C VAL IA 101 -27.19 9.29 111.21
N LYS IA 102 -27.08 9.72 109.95
CA LYS IA 102 -27.42 11.10 109.55
C LYS IA 102 -28.90 11.43 109.73
N GLN IA 103 -29.78 10.50 109.35
CA GLN IA 103 -31.24 10.75 109.36
C GLN IA 103 -31.89 10.70 110.75
N VAL IA 104 -31.18 10.18 111.75
CA VAL IA 104 -31.52 10.40 113.17
C VAL IA 104 -30.95 11.74 113.68
N LEU IA 105 -29.75 12.10 113.22
CA LEU IA 105 -29.16 13.43 113.49
C LEU IA 105 -29.87 14.59 112.78
N GLN IA 106 -30.63 14.30 111.72
CA GLN IA 106 -31.42 15.30 110.99
C GLN IA 106 -32.81 15.61 111.62
N VAL IA 107 -33.10 15.03 112.78
CA VAL IA 107 -34.33 15.35 113.54
C VAL IA 107 -34.25 16.76 114.17
N LYS IA 108 -33.05 17.17 114.58
CA LYS IA 108 -32.82 18.52 115.13
C LYS IA 108 -33.03 19.61 114.10
N LYS JA 3 -62.13 -52.52 27.65
CA LYS JA 3 -62.09 -51.53 26.54
C LYS JA 3 -63.09 -50.41 26.77
N ILE JA 4 -62.60 -49.15 26.73
CA ILE JA 4 -63.36 -47.97 27.15
C ILE JA 4 -63.75 -47.15 25.92
N ARG JA 5 -64.98 -46.64 25.93
CA ARG JA 5 -65.40 -45.54 25.05
C ARG JA 5 -66.11 -44.46 25.86
N ALA JA 6 -65.86 -43.20 25.50
CA ALA JA 6 -66.21 -42.06 26.36
C ALA JA 6 -67.71 -41.80 26.47
N TYR JA 7 -68.49 -42.17 25.46
CA TYR JA 7 -69.96 -42.08 25.53
C TYR JA 7 -70.59 -43.03 26.56
N GLU JA 8 -69.96 -44.19 26.77
CA GLU JA 8 -70.41 -45.16 27.78
C GLU JA 8 -70.20 -44.65 29.20
N LEU JA 9 -69.10 -43.93 29.42
CA LEU JA 9 -68.80 -43.33 30.73
C LEU JA 9 -69.69 -42.16 31.13
N ARG JA 10 -70.35 -41.51 30.16
CA ARG JA 10 -71.34 -40.46 30.46
C ARG JA 10 -72.65 -41.00 31.05
N GLY JA 11 -72.88 -42.30 30.94
CA GLY JA 11 -73.89 -43.00 31.74
C GLY JA 11 -73.56 -43.09 33.22
N LYS JA 12 -72.32 -43.48 33.51
CA LYS JA 12 -71.95 -44.05 34.82
C LYS JA 12 -71.75 -42.96 35.89
N SER JA 13 -71.93 -43.36 37.14
CA SER JA 13 -72.12 -42.43 38.25
C SER JA 13 -70.81 -41.85 38.77
N GLN JA 14 -70.91 -40.86 39.65
CA GLN JA 14 -69.73 -40.22 40.26
C GLN JA 14 -69.02 -41.09 41.31
N LYS JA 15 -69.71 -42.11 41.81
CA LYS JA 15 -69.08 -43.21 42.55
C LYS JA 15 -68.38 -44.21 41.61
N GLU JA 16 -69.08 -44.62 40.57
CA GLU JA 16 -68.60 -45.59 39.60
C GLU JA 16 -67.39 -45.15 38.79
N LEU JA 17 -67.36 -43.88 38.40
CA LEU JA 17 -66.24 -43.39 37.63
C LEU JA 17 -64.96 -43.52 38.44
N VAL JA 18 -65.04 -43.21 39.71
CA VAL JA 18 -63.87 -43.28 40.59
C VAL JA 18 -63.33 -44.69 40.72
N LYS JA 19 -64.23 -45.67 40.83
CA LYS JA 19 -63.80 -47.06 40.97
C LYS JA 19 -63.07 -47.52 39.71
N GLN JA 20 -63.61 -47.17 38.55
CA GLN JA 20 -62.97 -47.55 37.30
C GLN JA 20 -61.61 -46.90 37.13
N LEU JA 21 -61.50 -45.65 37.55
CA LEU JA 21 -60.24 -44.94 37.41
C LEU JA 21 -59.18 -45.69 38.20
N GLU JA 22 -59.56 -46.13 39.40
CA GLU JA 22 -58.67 -46.89 40.26
C GLU JA 22 -58.32 -48.26 39.67
N ASP JA 23 -59.29 -48.89 39.04
CA ASP JA 23 -59.07 -50.20 38.44
C ASP JA 23 -58.01 -50.16 37.36
N LEU JA 24 -58.04 -49.13 36.51
CA LEU JA 24 -57.06 -49.00 35.44
C LEU JA 24 -55.64 -48.80 35.95
N LYS JA 25 -55.50 -47.98 36.98
CA LYS JA 25 -54.20 -47.65 37.57
C LYS JA 25 -53.50 -48.86 38.20
N LYS JA 26 -54.27 -49.80 38.74
CA LYS JA 26 -53.74 -51.13 39.12
C LYS JA 26 -53.15 -51.88 37.91
N GLU JA 27 -53.93 -51.94 36.83
CA GLU JA 27 -53.50 -52.63 35.61
C GLU JA 27 -52.33 -51.94 34.91
N LEU JA 28 -52.27 -50.62 35.00
CA LEU JA 28 -51.11 -49.87 34.53
C LEU JA 28 -49.85 -50.13 35.37
N ALA JA 29 -50.03 -50.30 36.68
CA ALA JA 29 -48.91 -50.62 37.58
C ALA JA 29 -48.36 -52.03 37.37
N GLN JA 30 -49.25 -53.02 37.24
CA GLN JA 30 -48.86 -54.41 36.99
C GLN JA 30 -48.25 -54.65 35.61
N LEU JA 31 -48.47 -53.71 34.68
CA LEU JA 31 -47.75 -53.68 33.40
C LEU JA 31 -46.32 -53.15 33.53
N ARG JA 32 -46.11 -52.13 34.37
CA ARG JA 32 -44.76 -51.59 34.61
C ARG JA 32 -43.83 -52.62 35.25
N VAL JA 33 -44.39 -53.46 36.13
CA VAL JA 33 -43.65 -54.58 36.74
C VAL JA 33 -43.17 -55.57 35.68
N ALA JA 34 -44.03 -55.88 34.71
CA ALA JA 34 -43.71 -56.84 33.65
C ALA JA 34 -42.69 -56.32 32.63
N LYS JA 35 -42.74 -55.01 32.35
CA LYS JA 35 -41.69 -54.33 31.59
C LYS JA 35 -40.30 -54.48 32.24
N VAL JA 36 -40.26 -54.37 33.58
CA VAL JA 36 -39.01 -54.43 34.33
C VAL JA 36 -38.45 -55.86 34.36
N THR JA 37 -39.28 -56.82 34.78
CA THR JA 37 -38.82 -58.19 35.03
C THR JA 37 -38.60 -58.99 33.74
N GLY JA 38 -39.68 -59.31 33.04
CA GLY JA 38 -39.62 -60.21 31.90
C GLY JA 38 -40.95 -60.31 31.17
N SER JA 39 -40.90 -60.22 29.84
CA SER JA 39 -42.11 -60.09 29.01
C SER JA 39 -41.79 -60.35 27.53
N ALA JA 40 -42.80 -60.21 26.67
CA ALA JA 40 -42.61 -60.00 25.24
C ALA JA 40 -43.30 -58.71 24.78
N ALA JA 41 -43.10 -58.37 23.51
CA ALA JA 41 -43.75 -57.20 22.90
C ALA JA 41 -45.27 -57.37 22.67
N SER JA 42 -45.78 -58.60 22.80
CA SER JA 42 -47.22 -58.87 22.89
C SER JA 42 -47.90 -58.16 24.08
N LYS JA 43 -47.21 -58.12 25.21
CA LYS JA 43 -47.74 -57.49 26.43
C LYS JA 43 -47.62 -55.96 26.41
N LEU JA 44 -46.47 -55.45 25.97
CA LEU JA 44 -46.11 -54.04 26.18
C LEU JA 44 -46.84 -53.04 25.27
N SER JA 45 -47.61 -53.54 24.30
CA SER JA 45 -48.59 -52.71 23.57
C SER JA 45 -49.85 -52.39 24.39
N LYS JA 46 -50.21 -53.24 25.35
CA LYS JA 46 -51.41 -53.04 26.17
C LYS JA 46 -51.35 -51.83 27.11
N VAL JA 47 -50.14 -51.34 27.39
CA VAL JA 47 -49.96 -50.09 28.14
C VAL JA 47 -50.53 -48.86 27.41
N THR JA 48 -50.50 -48.87 26.08
CA THR JA 48 -50.96 -47.72 25.28
C THR JA 48 -52.48 -47.59 25.31
N GLU JA 49 -53.18 -48.72 25.21
CA GLU JA 49 -54.65 -48.77 25.38
C GLU JA 49 -55.09 -48.18 26.73
N VAL JA 50 -54.46 -48.63 27.81
CA VAL JA 50 -54.95 -48.38 29.15
C VAL JA 50 -54.69 -46.95 29.65
N ARG JA 51 -53.56 -46.35 29.28
CA ARG JA 51 -53.25 -44.97 29.68
C ARG JA 51 -54.02 -43.90 28.90
N LYS JA 52 -54.52 -44.26 27.71
CA LYS JA 52 -55.57 -43.49 27.04
C LYS JA 52 -56.94 -43.73 27.65
N GLY JA 53 -57.19 -44.95 28.12
CA GLY JA 53 -58.35 -45.24 28.96
C GLY JA 53 -58.46 -44.39 30.22
N ILE JA 54 -57.34 -44.21 30.91
CA ILE JA 54 -57.28 -43.36 32.11
C ILE JA 54 -57.62 -41.92 31.78
N ALA JA 55 -57.05 -41.40 30.71
CA ALA JA 55 -57.27 -40.01 30.31
C ALA JA 55 -58.70 -39.71 29.84
N ARG JA 56 -59.38 -40.73 29.30
CA ARG JA 56 -60.84 -40.62 29.04
C ARG JA 56 -61.67 -40.42 30.29
N VAL JA 57 -61.32 -41.15 31.35
CA VAL JA 57 -62.10 -41.20 32.58
C VAL JA 57 -61.93 -39.92 33.40
N LEU JA 58 -60.72 -39.33 33.34
CA LEU JA 58 -60.49 -37.98 33.86
C LEU JA 58 -61.25 -36.91 33.08
N THR JA 59 -61.29 -37.02 31.76
CA THR JA 59 -62.05 -36.08 30.92
C THR JA 59 -63.53 -36.08 31.28
N VAL JA 60 -64.13 -37.27 31.28
CA VAL JA 60 -65.56 -37.46 31.53
C VAL JA 60 -65.97 -37.03 32.94
N TYR JA 61 -65.14 -37.38 33.93
CA TYR JA 61 -65.35 -36.93 35.31
C TYR JA 61 -65.37 -35.40 35.42
N THR JA 62 -64.36 -34.76 34.86
CA THR JA 62 -64.25 -33.30 34.87
C THR JA 62 -65.33 -32.62 34.03
N GLN JA 63 -65.81 -33.32 33.00
CA GLN JA 63 -66.91 -32.84 32.15
C GLN JA 63 -68.23 -32.78 32.92
N LYS JA 64 -68.50 -33.80 33.73
CA LYS JA 64 -69.69 -33.83 34.60
C LYS JA 64 -69.60 -32.84 35.76
N GLN JA 65 -68.40 -32.68 36.30
CA GLN JA 65 -68.11 -31.67 37.34
C GLN JA 65 -68.51 -30.26 36.91
N ARG JA 66 -68.24 -29.91 35.66
CA ARG JA 66 -68.51 -28.57 35.13
C ARG JA 66 -69.95 -28.37 34.67
N GLU JA 67 -70.63 -29.46 34.26
CA GLU JA 67 -72.03 -29.36 33.83
C GLU JA 67 -72.99 -29.05 35.00
N GLU JA 68 -72.70 -29.64 36.17
CA GLU JA 68 -73.47 -29.35 37.40
C GLU JA 68 -73.23 -27.95 37.95
N ALA JA 69 -72.00 -27.45 37.82
CA ALA JA 69 -71.69 -26.06 38.18
C ALA JA 69 -72.41 -25.06 37.28
N ARG JA 70 -72.31 -25.24 35.97
CA ARG JA 70 -73.00 -24.39 35.00
C ARG JA 70 -74.52 -24.52 35.03
N ALA JA 71 -75.02 -25.65 35.52
CA ALA JA 71 -76.45 -25.82 35.67
C ALA JA 71 -76.93 -24.94 36.81
N ALA JA 72 -76.18 -25.00 37.91
CA ALA JA 72 -76.45 -24.26 39.15
C ALA JA 72 -76.30 -22.75 39.13
N PHE JA 73 -75.25 -22.27 38.47
CA PHE JA 73 -74.97 -20.85 38.41
C PHE JA 73 -75.58 -20.18 37.20
N LYS JA 74 -76.39 -20.93 36.46
CA LYS JA 74 -77.02 -20.38 35.27
C LYS JA 74 -77.90 -19.21 35.64
N GLY JA 75 -77.78 -18.14 34.85
CA GLY JA 75 -78.54 -16.92 35.04
C GLY JA 75 -78.33 -16.27 36.40
N LYS JA 76 -77.11 -16.34 36.90
CA LYS JA 76 -76.81 -15.75 38.20
C LYS JA 76 -75.50 -14.95 38.19
N LYS JA 77 -75.47 -13.90 39.01
CA LYS JA 77 -74.30 -13.05 39.14
C LYS JA 77 -73.25 -13.70 40.03
N PHE JA 78 -72.03 -13.17 40.01
CA PHE JA 78 -70.97 -13.74 40.83
C PHE JA 78 -70.65 -15.20 40.53
N ILE JA 79 -70.60 -15.53 39.25
CA ILE JA 79 -70.26 -16.88 38.82
C ILE JA 79 -68.83 -17.16 39.26
N PRO JA 80 -68.54 -18.46 39.62
CA PRO JA 80 -67.15 -18.67 40.06
C PRO JA 80 -66.13 -18.40 38.96
N ASN JA 81 -64.93 -18.02 39.37
CA ASN JA 81 -63.85 -17.71 38.44
C ASN JA 81 -63.44 -18.90 37.60
N ASP JA 82 -63.69 -20.11 38.08
CA ASP JA 82 -63.30 -21.30 37.34
C ASP JA 82 -63.98 -21.28 35.98
N LEU JA 83 -65.26 -20.93 35.94
CA LEU JA 83 -65.95 -20.85 34.66
C LEU JA 83 -66.27 -19.38 34.51
N ARG JA 84 -65.75 -18.74 33.47
CA ARG JA 84 -66.03 -17.30 33.33
C ARG JA 84 -65.58 -16.68 32.00
N ALA JA 85 -65.57 -17.46 30.92
CA ALA JA 85 -65.53 -16.94 29.54
C ALA JA 85 -64.26 -16.13 29.21
N LYS JA 86 -63.23 -16.80 28.69
CA LYS JA 86 -61.88 -16.22 28.66
C LYS JA 86 -61.75 -15.10 27.62
N LYS JA 87 -61.84 -15.44 26.33
CA LYS JA 87 -61.60 -14.51 25.22
C LYS JA 87 -60.19 -13.88 25.31
N THR JA 88 -60.00 -12.66 24.82
CA THR JA 88 -58.76 -11.90 25.10
C THR JA 88 -58.91 -11.05 26.34
N ARG JA 89 -57.80 -10.49 26.79
CA ARG JA 89 -57.77 -9.50 27.86
C ARG JA 89 -58.47 -8.22 27.40
N ALA JA 90 -58.11 -7.76 26.21
CA ALA JA 90 -58.68 -6.54 25.64
C ALA JA 90 -60.17 -6.69 25.37
N ILE JA 91 -60.59 -7.84 24.88
CA ILE JA 91 -61.99 -8.08 24.60
C ILE JA 91 -62.80 -8.02 25.88
N ARG JA 92 -62.25 -8.55 26.97
CA ARG JA 92 -62.94 -8.54 28.25
C ARG JA 92 -63.17 -7.12 28.72
N ARG JA 93 -62.18 -6.27 28.49
CA ARG JA 93 -62.26 -4.86 28.82
C ARG JA 93 -63.17 -4.31 27.76
N ARG JA 94 -63.57 -3.05 27.91
CA ARG JA 94 -64.47 -2.29 27.03
C ARG JA 94 -65.78 -2.04 27.75
N LEU JA 95 -66.76 -1.56 27.00
CA LEU JA 95 -68.06 -1.30 27.52
C LEU JA 95 -69.02 -2.09 26.65
N THR JA 96 -70.18 -2.40 27.21
CA THR JA 96 -71.18 -3.18 26.53
C THR JA 96 -71.67 -2.41 25.33
N ALA JA 97 -72.25 -3.13 24.37
CA ALA JA 97 -72.74 -2.50 23.17
C ALA JA 97 -73.73 -1.45 23.60
N SER JA 98 -74.49 -1.74 24.64
CA SER JA 98 -75.47 -0.78 25.12
C SER JA 98 -74.80 0.52 25.56
N GLN JA 99 -73.71 0.44 26.32
CA GLN JA 99 -73.04 1.67 26.75
C GLN JA 99 -72.40 2.47 25.62
N THR JA 100 -71.73 1.81 24.69
CA THR JA 100 -71.11 2.53 23.59
C THR JA 100 -72.19 3.15 22.75
N ARG JA 101 -73.24 2.36 22.52
CA ARG JA 101 -74.40 2.77 21.73
C ARG JA 101 -75.24 3.89 22.34
N LYS JA 102 -75.39 3.87 23.65
CA LYS JA 102 -76.22 4.84 24.35
C LYS JA 102 -75.82 6.29 24.15
N MET JA 103 -76.82 7.14 23.97
CA MET JA 103 -76.64 8.58 23.76
C MET JA 103 -77.22 9.37 24.93
N THR JA 104 -76.91 10.67 24.96
CA THR JA 104 -77.48 11.61 25.93
C THR JA 104 -78.94 11.90 25.59
N VAL JA 105 -79.61 12.63 26.48
CA VAL JA 105 -80.98 13.10 26.23
C VAL JA 105 -80.98 14.18 25.15
N ARG JA 106 -79.90 14.97 25.08
CA ARG JA 106 -79.72 15.99 24.04
C ARG JA 106 -79.57 15.39 22.65
N LYS JA 107 -78.60 14.49 22.48
CA LYS JA 107 -78.30 13.87 21.18
C LYS JA 107 -79.37 12.88 20.71
N MET JA 108 -80.17 12.37 21.64
CA MET JA 108 -81.41 11.66 21.29
C MET JA 108 -82.33 12.55 20.45
N LYS JA 109 -82.58 13.76 20.94
CA LYS JA 109 -83.54 14.68 20.31
C LYS JA 109 -83.11 15.14 18.92
N ARG JA 110 -81.82 15.37 18.71
CA ARG JA 110 -81.27 15.73 17.40
C ARG JA 110 -81.28 14.57 16.40
N THR JA 111 -81.05 13.35 16.90
CA THR JA 111 -81.15 12.13 16.09
C THR JA 111 -82.59 11.80 15.72
N GLN JA 112 -83.46 11.78 16.74
CA GLN JA 112 -84.87 11.42 16.58
C GLN JA 112 -85.58 12.31 15.56
N ASN JA 113 -85.49 13.61 15.76
CA ASN JA 113 -86.33 14.58 15.04
C ASN JA 113 -85.86 14.87 13.61
N VAL JA 114 -84.58 14.60 13.33
CA VAL JA 114 -84.07 14.58 11.96
C VAL JA 114 -83.77 13.13 11.57
N PRO JA 115 -84.77 12.40 11.06
CA PRO JA 115 -84.56 11.00 10.71
C PRO JA 115 -83.84 10.82 9.38
N LYS JA 116 -83.40 9.59 9.12
CA LYS JA 116 -82.81 9.22 7.84
C LYS JA 116 -83.90 9.07 6.79
N ARG JA 117 -83.87 9.93 5.77
CA ARG JA 117 -84.90 9.98 4.73
C ARG JA 117 -84.42 9.27 3.48
N LYS JA 118 -85.23 8.34 2.98
CA LYS JA 118 -85.07 7.82 1.61
C LYS JA 118 -85.48 8.88 0.59
N PHE JA 119 -84.50 9.47 -0.08
CA PHE JA 119 -84.73 10.43 -1.15
C PHE JA 119 -84.08 9.94 -2.44
N ALA JA 120 -84.55 10.45 -3.56
CA ALA JA 120 -83.98 10.12 -4.87
C ALA JA 120 -83.95 11.32 -5.79
N LEU JA 121 -83.16 11.21 -6.85
CA LEU JA 121 -83.15 12.19 -7.92
C LEU JA 121 -83.95 11.68 -9.12
N ILE JA 122 -84.73 12.56 -9.72
CA ILE JA 122 -85.56 12.22 -10.89
C ILE JA 122 -84.68 12.04 -12.14
N ALA JA 123 -85.14 11.18 -13.05
CA ALA JA 123 -84.45 10.93 -14.32
C ALA JA 123 -84.31 12.20 -15.17
N SER KA 2 -67.56 45.69 -15.92
CA SER KA 2 -67.01 47.08 -15.88
C SER KA 2 -66.13 47.28 -14.64
N GLY KA 3 -65.79 48.54 -14.35
CA GLY KA 3 -64.82 48.86 -13.31
C GLY KA 3 -63.39 48.76 -13.83
N ILE KA 4 -62.43 49.03 -12.94
CA ILE KA 4 -61.01 49.06 -13.30
C ILE KA 4 -60.18 48.26 -12.31
N ALA KA 5 -59.03 47.76 -12.77
CA ALA KA 5 -58.17 46.90 -11.96
C ALA KA 5 -57.43 47.69 -10.87
N VAL KA 6 -56.92 48.86 -11.25
CA VAL KA 6 -56.10 49.70 -10.37
C VAL KA 6 -56.92 50.84 -9.78
N GLY KA 7 -56.58 51.25 -8.56
CA GLY KA 7 -56.95 52.56 -8.02
C GLY KA 7 -57.60 52.49 -6.65
N LEU KA 8 -58.02 53.64 -6.15
CA LEU KA 8 -58.77 53.73 -4.89
C LEU KA 8 -60.19 53.18 -5.01
N LYS KA 9 -60.77 53.26 -6.21
CA LYS KA 9 -62.17 52.89 -6.45
C LYS KA 9 -62.28 51.59 -7.27
N ARG KA 10 -61.36 50.66 -7.01
CA ARG KA 10 -61.08 49.55 -7.95
C ARG KA 10 -62.03 48.37 -7.76
N GLY KA 11 -61.88 47.39 -8.65
CA GLY KA 11 -62.55 46.09 -8.51
C GLY KA 11 -63.69 45.90 -9.49
N TYR KA 12 -64.25 44.70 -9.47
CA TYR KA 12 -65.35 44.30 -10.35
C TYR KA 12 -66.64 44.93 -9.83
N VAL KA 13 -67.42 45.54 -10.73
CA VAL KA 13 -68.68 46.18 -10.35
C VAL KA 13 -69.74 45.13 -9.97
N VAL KA 14 -70.15 45.16 -8.70
CA VAL KA 14 -71.15 44.23 -8.16
C VAL KA 14 -72.04 44.96 -7.16
N THR KA 15 -73.34 44.61 -7.16
CA THR KA 15 -74.30 45.21 -6.24
C THR KA 15 -74.12 44.66 -4.82
N LYS KA 16 -73.50 45.46 -3.95
CA LYS KA 16 -73.13 45.02 -2.61
C LYS KA 16 -74.35 44.95 -1.69
N LYS KA 17 -74.33 43.98 -0.78
CA LYS KA 17 -75.54 43.44 -0.16
C LYS KA 17 -75.85 44.04 1.22
N ALA KA 18 -74.83 44.50 1.93
CA ALA KA 18 -74.90 44.80 3.38
C ALA KA 18 -75.23 43.55 4.21
N THR KA 19 -74.18 42.88 4.70
CA THR KA 19 -74.29 41.59 5.38
C THR KA 19 -74.84 41.75 6.80
N PRO KA 20 -75.50 40.70 7.35
CA PRO KA 20 -76.18 40.84 8.64
C PRO KA 20 -75.21 40.84 9.82
N ALA KA 21 -75.72 41.24 10.99
CA ALA KA 21 -74.93 41.27 12.22
C ALA KA 21 -74.67 39.85 12.74
N ARG KA 22 -73.41 39.46 12.82
CA ARG KA 22 -73.02 38.13 13.29
C ARG KA 22 -73.21 38.03 14.83
N SER KA 24 -71.30 35.82 17.04
CA SER KA 24 -69.89 36.18 17.30
C SER KA 24 -69.67 37.56 16.73
N ARG KA 25 -68.60 38.23 17.18
CA ARG KA 25 -68.34 39.61 16.75
C ARG KA 25 -69.34 40.61 17.35
N ARG KA 26 -69.99 40.22 18.46
CA ARG KA 26 -70.95 41.06 19.16
C ARG KA 26 -70.19 41.76 20.30
N PRO KA 27 -70.30 43.10 20.40
CA PRO KA 27 -69.27 43.87 21.11
C PRO KA 27 -69.30 43.62 22.61
N ARG KA 28 -68.15 43.23 23.17
CA ARG KA 28 -68.10 42.65 24.52
C ARG KA 28 -68.09 43.75 25.59
N LYS KA 29 -69.26 44.38 25.77
CA LYS KA 29 -69.38 45.54 26.66
C LYS KA 29 -69.43 45.13 28.12
N LEU KA 30 -69.25 46.11 29.00
CA LEU KA 30 -69.04 45.86 30.43
C LEU KA 30 -70.31 45.42 31.15
N SER KA 31 -71.44 46.07 30.83
CA SER KA 31 -72.78 45.70 31.33
C SER KA 31 -73.02 46.17 32.79
N PRO KA 32 -74.29 46.36 33.18
CA PRO KA 32 -74.59 46.81 34.54
C PRO KA 32 -74.47 45.72 35.61
N ARG KA 33 -74.65 44.45 35.23
CA ARG KA 33 -74.37 43.32 36.11
C ARG KA 33 -72.88 43.22 36.47
N MET KA 34 -72.03 43.25 35.45
CA MET KA 34 -70.61 42.89 35.62
C MET KA 34 -69.72 44.07 36.04
N SER KA 35 -70.27 45.29 36.04
CA SER KA 35 -69.75 46.37 36.88
C SER KA 35 -69.86 46.01 38.37
N SER KA 36 -71.04 45.56 38.77
CA SER KA 36 -71.32 45.22 40.18
C SER KA 36 -70.58 43.98 40.67
N ILE KA 37 -70.12 43.12 39.76
CA ILE KA 37 -69.21 42.02 40.12
C ILE KA 37 -67.84 42.58 40.49
N ARG KA 38 -67.29 43.45 39.65
CA ARG KA 38 -65.89 43.89 39.77
C ARG KA 38 -65.68 44.98 40.82
N GLU KA 39 -66.65 45.88 40.96
CA GLU KA 39 -66.60 46.92 42.01
C GLU KA 39 -66.79 46.37 43.43
N ILE KA 40 -67.38 45.18 43.56
CA ILE KA 40 -67.27 44.38 44.78
C ILE KA 40 -65.83 43.89 44.98
N ILE KA 41 -65.29 43.21 43.97
CA ILE KA 41 -64.00 42.52 44.09
C ILE KA 41 -62.81 43.50 44.14
N ARG KA 42 -62.99 44.72 43.63
CA ARG KA 42 -62.05 45.81 43.88
C ARG KA 42 -61.97 46.19 45.36
N GLN KA 43 -63.08 46.16 46.08
CA GLN KA 43 -63.10 46.40 47.53
C GLN KA 43 -62.54 45.23 48.35
N VAL KA 44 -62.85 44.00 47.92
CA VAL KA 44 -62.38 42.80 48.63
C VAL KA 44 -60.88 42.62 48.43
N ALA KA 45 -60.47 42.52 47.16
CA ALA KA 45 -59.07 42.29 46.80
C ALA KA 45 -58.22 43.53 47.07
N GLY KA 46 -58.67 44.68 46.59
CA GLY KA 46 -57.88 45.90 46.59
C GLY KA 46 -56.98 45.98 45.37
N PHE KA 47 -56.11 46.99 45.38
CA PHE KA 47 -55.15 47.21 44.31
C PHE KA 47 -53.88 46.41 44.57
N ALA KA 48 -53.20 46.03 43.48
CA ALA KA 48 -51.88 45.41 43.55
C ALA KA 48 -50.81 46.44 43.93
N PRO KA 49 -49.63 45.97 44.38
CA PRO KA 49 -48.52 46.89 44.69
C PRO KA 49 -48.08 47.82 43.54
N TYR KA 50 -48.02 47.30 42.32
CA TYR KA 50 -47.64 48.11 41.16
C TYR KA 50 -48.68 49.20 40.82
N GLU KA 51 -49.96 48.90 41.04
CA GLU KA 51 -51.03 49.89 40.83
C GLU KA 51 -50.96 51.05 41.82
N ARG KA 52 -50.73 50.74 43.10
CA ARG KA 52 -50.60 51.77 44.14
C ARG KA 52 -49.55 52.84 43.80
N ARG KA 53 -48.41 52.42 43.27
CA ARG KA 53 -47.35 53.35 42.87
C ARG KA 53 -47.74 54.22 41.67
N ILE KA 54 -48.53 53.68 40.74
CA ILE KA 54 -49.12 54.49 39.67
C ILE KA 54 -50.16 55.50 40.21
N ILE KA 55 -50.97 55.07 41.16
CA ILE KA 55 -52.06 55.92 41.69
C ILE KA 55 -51.52 57.13 42.47
N GLU KA 56 -50.44 56.95 43.24
CA GLU KA 56 -49.79 58.10 43.90
C GLU KA 56 -49.11 59.08 42.93
N LEU KA 57 -48.58 58.57 41.81
CA LEU KA 57 -48.01 59.42 40.76
C LEU KA 57 -49.05 60.28 40.02
N LEU KA 58 -50.29 59.79 39.92
CA LEU KA 58 -51.41 60.59 39.38
C LEU KA 58 -52.07 61.51 40.42
N LYS KA 59 -51.94 61.18 41.71
CA LYS KA 59 -52.38 62.08 42.79
C LYS KA 59 -51.53 63.35 42.94
N ILE KA 60 -50.28 63.30 42.49
CA ILE KA 60 -49.44 64.51 42.37
C ILE KA 60 -50.01 65.49 41.33
N GLY KA 61 -50.55 64.97 40.24
CA GLY KA 61 -50.78 65.76 39.02
C GLY KA 61 -49.46 65.95 38.29
N THR KA 62 -49.35 67.05 37.55
CA THR KA 62 -48.08 67.51 36.93
C THR KA 62 -47.56 66.58 35.83
N ALA KA 63 -47.54 67.07 34.59
CA ALA KA 63 -47.29 66.22 33.41
C ALA KA 63 -45.85 65.71 33.28
N ALA KA 64 -44.93 66.18 34.14
CA ALA KA 64 -43.65 65.51 34.35
C ALA KA 64 -43.82 64.08 34.89
N THR KA 65 -44.41 63.96 36.07
CA THR KA 65 -44.52 62.68 36.77
C THR KA 65 -45.70 61.82 36.28
N THR KA 66 -46.66 62.43 35.58
CA THR KA 66 -47.70 61.70 34.85
C THR KA 66 -47.15 60.90 33.66
N LYS KA 67 -46.15 61.45 32.98
CA LYS KA 67 -45.42 60.72 31.93
C LYS KA 67 -44.68 59.50 32.47
N ARG KA 68 -44.14 59.62 33.68
CA ARG KA 68 -43.39 58.52 34.32
C ARG KA 68 -44.30 57.37 34.79
N ALA KA 69 -45.59 57.63 34.97
CA ALA KA 69 -46.58 56.57 35.13
C ALA KA 69 -46.70 55.68 33.89
N LEU KA 70 -46.66 56.29 32.71
CA LEU KA 70 -46.72 55.55 31.44
C LEU KA 70 -45.44 54.78 31.13
N LYS KA 71 -44.30 55.36 31.50
CA LYS KA 71 -43.01 54.65 31.48
C LYS KA 71 -42.99 53.45 32.41
N PHE KA 72 -43.55 53.64 33.61
CA PHE KA 72 -43.64 52.57 34.61
C PHE KA 72 -44.58 51.45 34.16
N ALA KA 73 -45.78 51.81 33.73
CA ALA KA 73 -46.80 50.84 33.33
C ALA KA 73 -46.61 50.25 31.92
N LYS KA 74 -45.59 50.70 31.19
CA LYS KA 74 -45.09 49.98 30.01
C LYS KA 74 -43.97 49.00 30.37
N LYS KA 75 -43.13 49.34 31.33
CA LYS KA 75 -42.18 48.39 31.91
C LYS KA 75 -42.89 47.18 32.51
N ARG KA 76 -44.00 47.45 33.20
CA ARG KA 76 -44.57 46.53 34.18
C ARG KA 76 -45.58 45.60 33.51
N LEU KA 77 -46.54 46.18 32.80
CA LEU KA 77 -47.29 45.48 31.76
C LEU KA 77 -46.62 45.80 30.43
N GLY KA 78 -46.16 44.77 29.72
CA GLY KA 78 -45.02 44.94 28.82
C GLY KA 78 -45.25 45.57 27.45
N THR KA 79 -46.40 46.22 27.23
CA THR KA 79 -46.74 46.82 25.93
C THR KA 79 -47.32 48.23 26.11
N HIS KA 80 -47.16 49.07 25.09
CA HIS KA 80 -47.66 50.46 25.14
C HIS KA 80 -49.18 50.53 25.20
N ARG KA 81 -49.86 49.68 24.43
CA ARG KA 81 -51.32 49.61 24.46
C ARG KA 81 -51.86 49.10 25.79
N ARG KA 82 -51.13 48.18 26.42
CA ARG KA 82 -51.47 47.70 27.77
C ARG KA 82 -51.30 48.81 28.80
N GLY KA 83 -50.22 49.59 28.67
CA GLY KA 83 -49.89 50.67 29.60
C GLY KA 83 -50.80 51.88 29.50
N LYS KA 84 -51.10 52.31 28.28
CA LYS KA 84 -52.07 53.40 28.03
C LYS KA 84 -53.45 53.10 28.61
N GLY KA 85 -53.92 51.87 28.45
CA GLY KA 85 -55.18 51.42 29.02
C GLY KA 85 -55.23 51.43 30.54
N LYS KA 86 -54.11 51.12 31.19
CA LYS KA 86 -54.06 50.96 32.65
C LYS KA 86 -54.06 52.30 33.38
N ARG KA 87 -53.23 53.25 32.92
CA ARG KA 87 -53.23 54.61 33.49
C ARG KA 87 -54.51 55.38 33.17
N GLU KA 88 -55.14 55.11 32.03
CA GLU KA 88 -56.44 55.68 31.69
C GLU KA 88 -57.57 55.17 32.60
N GLU KA 89 -57.49 53.92 33.02
CA GLU KA 89 -58.41 53.36 34.03
C GLU KA 89 -58.18 53.98 35.41
N LEU KA 90 -56.92 54.00 35.86
CA LEU KA 90 -56.57 54.50 37.19
C LEU KA 90 -56.56 56.03 37.30
N GLN KA 91 -56.55 56.74 36.17
CA GLN KA 91 -56.94 58.15 36.13
C GLN KA 91 -58.41 58.35 36.51
N ASN KA 92 -59.27 57.46 36.01
CA ASN KA 92 -60.69 57.47 36.34
C ASN KA 92 -61.01 57.10 37.80
N VAL KA 93 -60.14 56.31 38.42
CA VAL KA 93 -60.20 56.03 39.88
C VAL KA 93 -59.86 57.27 40.71
N VAL KA 94 -58.82 57.99 40.32
CA VAL KA 94 -58.38 59.21 41.02
C VAL KA 94 -59.42 60.35 40.89
N SER KA 95 -60.08 60.42 39.73
CA SER KA 95 -61.18 61.37 39.51
C SER KA 95 -62.34 61.18 40.49
N ALA KA 96 -62.74 59.93 40.72
CA ALA KA 96 -63.79 59.58 41.69
C ALA KA 96 -63.34 59.74 43.14
N GLN KA 97 -62.08 59.39 43.43
CA GLN KA 97 -61.53 59.42 44.79
C GLN KA 97 -61.35 60.85 45.34
N ARG KA 98 -61.07 61.81 44.45
CA ARG KA 98 -60.83 63.20 44.84
C ARG KA 98 -62.08 63.91 45.39
N ARG KA 99 -63.27 63.49 44.93
CA ARG KA 99 -64.54 64.06 45.39
C ARG KA 99 -64.92 63.55 46.78
N GLY LA 2 9.43 -16.40 36.27
CA GLY LA 2 8.11 -15.70 36.23
C GLY LA 2 7.04 -16.62 35.65
N LYS LA 3 6.28 -17.25 36.53
CA LYS LA 3 5.44 -18.41 36.18
C LYS LA 3 3.96 -18.31 36.56
N ALA LA 4 3.58 -17.32 37.36
CA ALA LA 4 2.21 -16.77 37.32
C ALA LA 4 1.86 -16.24 35.92
N GLY LA 5 2.85 -15.72 35.19
CA GLY LA 5 2.81 -15.66 33.73
C GLY LA 5 1.90 -14.59 33.16
N LYS LA 6 1.97 -14.41 31.85
CA LYS LA 6 1.04 -13.55 31.10
C LYS LA 6 0.04 -14.41 30.33
N GLY LA 7 0.57 -15.40 29.60
CA GLY LA 7 -0.22 -16.48 29.02
C GLY LA 7 -0.22 -17.70 29.93
N THR LA 8 0.51 -18.74 29.54
CA THR LA 8 0.25 -20.11 30.00
C THR LA 8 0.15 -20.28 31.50
N GLY LA 9 1.02 -19.57 32.23
CA GLY LA 9 1.03 -19.59 33.70
C GLY LA 9 -0.23 -19.02 34.33
N SER LA 10 -0.69 -17.88 33.83
CA SER LA 10 -1.91 -17.23 34.33
C SER LA 10 -3.18 -17.99 33.98
N PHE LA 11 -3.19 -18.68 32.83
CA PHE LA 11 -4.31 -19.53 32.46
C PHE LA 11 -4.46 -20.73 33.39
N GLY LA 12 -3.37 -21.18 34.00
CA GLY LA 12 -3.43 -22.13 35.10
C GLY LA 12 -4.16 -21.67 36.34
N LYS LA 13 -4.08 -20.38 36.63
CA LYS LA 13 -4.69 -19.83 37.83
C LYS LA 13 -6.20 -19.70 37.74
N ARG LA 14 -6.74 -19.52 36.53
CA ARG LA 14 -8.15 -19.20 36.38
C ARG LA 14 -9.04 -20.46 36.48
N HIS LA 15 -9.69 -20.56 37.63
CA HIS LA 15 -10.74 -21.56 37.88
C HIS LA 15 -11.88 -20.92 38.68
N GLY LA 16 -12.28 -19.71 38.29
CA GLY LA 16 -13.44 -19.04 38.87
C GLY LA 16 -14.69 -19.26 38.03
N LYS LA 17 -15.80 -18.72 38.53
CA LYS LA 17 -17.01 -18.54 37.74
C LYS LA 17 -17.59 -17.17 38.03
N THR LA 18 -17.41 -16.24 37.09
CA THR LA 18 -18.17 -14.99 37.09
C THR LA 18 -19.64 -15.26 36.90
N HIS LA 19 -19.94 -16.07 35.89
CA HIS LA 19 -21.29 -16.24 35.40
C HIS LA 19 -21.77 -17.66 35.68
N PHE LA 20 -23.04 -17.78 36.07
CA PHE LA 20 -23.75 -19.04 36.16
C PHE LA 20 -25.09 -18.89 35.44
N LEU LA 21 -25.86 -19.97 35.25
CA LEU LA 21 -27.16 -19.89 34.56
C LEU LA 21 -28.12 -18.90 35.23
N CYS LA 22 -28.80 -18.05 34.43
CA CYS LA 22 -29.96 -17.31 34.95
C CYS LA 22 -31.23 -18.11 34.75
N ILE LA 23 -32.21 -17.86 35.61
CA ILE LA 23 -33.46 -18.60 35.64
C ILE LA 23 -34.36 -18.19 34.46
N ARG LA 24 -34.18 -16.95 34.00
CA ARG LA 24 -35.07 -16.35 33.03
C ARG LA 24 -34.47 -16.45 31.61
N CYS LA 25 -33.25 -15.92 31.44
CA CYS LA 25 -32.51 -15.94 30.16
C CYS LA 25 -32.26 -17.39 29.74
N ARG LA 27 -29.19 -18.79 30.29
CA ARG LA 27 -28.10 -18.62 29.32
C ARG LA 27 -26.70 -18.92 29.86
N ARG LA 28 -26.41 -18.51 31.10
CA ARG LA 28 -25.04 -18.33 31.63
C ARG LA 28 -24.54 -16.91 31.41
N ALA LA 29 -25.38 -15.97 31.80
CA ALA LA 29 -24.97 -14.60 31.96
C ALA LA 29 -24.99 -14.16 33.42
N TYR LA 30 -25.59 -14.95 34.31
CA TYR LA 30 -25.93 -14.46 35.64
C TYR LA 30 -24.67 -14.23 36.48
N HIS LA 31 -24.23 -12.97 36.52
CA HIS LA 31 -23.12 -12.54 37.37
C HIS LA 31 -23.46 -12.83 38.84
N THR LA 32 -22.67 -13.67 39.48
CA THR LA 32 -22.97 -14.17 40.82
C THR LA 32 -22.75 -13.10 41.90
N GLN LA 33 -21.61 -12.40 41.86
CA GLN LA 33 -21.34 -11.25 42.73
C GLN LA 33 -22.37 -10.14 42.51
N LYS LA 34 -22.48 -9.69 41.26
CA LYS LA 34 -23.31 -8.54 40.92
C LYS LA 34 -24.82 -8.84 40.99
N LYS LA 35 -25.18 -10.12 40.80
CA LYS LA 35 -26.57 -10.60 40.81
C LYS LA 35 -27.44 -9.94 39.72
N THR LA 36 -27.01 -10.05 38.48
CA THR LA 36 -27.77 -9.47 37.39
C THR LA 36 -27.35 -10.26 36.20
N CYS LA 37 -28.15 -10.23 35.14
CA CYS LA 37 -27.82 -10.99 33.97
C CYS LA 37 -27.36 -10.16 32.78
N GLY LA 38 -26.33 -10.64 32.09
CA GLY LA 38 -25.80 -9.93 30.95
C GLY LA 38 -26.83 -9.81 29.84
N ALA LA 39 -27.59 -10.87 29.58
CA ALA LA 39 -28.59 -10.79 28.52
C ALA LA 39 -29.99 -10.52 29.04
N CYS LA 40 -30.49 -11.35 29.93
CA CYS LA 40 -31.83 -11.14 30.47
C CYS LA 40 -32.00 -9.89 31.32
N GLY LA 41 -30.99 -9.52 32.10
CA GLY LA 41 -31.12 -8.40 33.03
C GLY LA 41 -32.25 -8.80 33.95
N PRO LA 43 -32.80 -9.23 37.44
CA PRO LA 43 -33.48 -8.59 38.56
C PRO LA 43 -34.50 -7.59 38.01
N ASN LA 44 -34.15 -6.82 36.98
CA ASN LA 44 -35.08 -5.86 36.40
C ASN LA 44 -36.30 -6.52 35.81
N ALA LA 45 -37.47 -5.90 35.98
CA ALA LA 45 -38.74 -6.43 35.46
C ALA LA 45 -38.76 -6.48 33.94
N LYS LA 46 -38.25 -5.43 33.31
CA LYS LA 46 -38.13 -5.37 31.86
C LYS LA 46 -36.97 -6.22 31.33
N LYS LA 47 -37.18 -6.79 30.16
CA LYS LA 47 -36.19 -7.65 29.51
C LYS LA 47 -35.22 -6.79 28.73
N ARG LA 48 -33.94 -7.09 28.88
CA ARG LA 48 -32.85 -6.27 28.33
C ARG LA 48 -32.67 -6.55 26.84
N THR LA 49 -32.80 -5.50 26.03
CA THR LA 49 -32.78 -5.63 24.57
C THR LA 49 -32.46 -4.26 23.94
N TYR LA 50 -31.70 -4.28 22.86
CA TYR LA 50 -31.09 -3.07 22.31
C TYR LA 50 -31.12 -3.08 20.80
N ASN LA 51 -31.43 -1.93 20.22
CA ASN LA 51 -31.53 -1.77 18.78
C ASN LA 51 -30.17 -1.72 18.08
N TRP LA 52 -29.09 -1.48 18.83
CA TRP LA 52 -27.75 -1.63 18.26
C TRP LA 52 -27.38 -3.06 17.87
N SER LA 53 -28.06 -4.08 18.43
CA SER LA 53 -27.92 -5.45 17.91
C SER LA 53 -29.26 -6.01 17.46
N GLU LA 54 -29.42 -6.11 16.15
CA GLU LA 54 -30.62 -6.68 15.53
C GLU LA 54 -30.58 -8.22 15.51
N LYS LA 55 -29.39 -8.80 15.36
CA LYS LA 55 -29.20 -10.25 15.52
C LYS LA 55 -29.49 -10.75 16.93
N ALA LA 56 -29.23 -9.91 17.93
CA ALA LA 56 -29.54 -10.25 19.31
C ALA LA 56 -31.04 -10.38 19.55
N LYS LA 57 -31.82 -9.47 18.96
CA LYS LA 57 -33.29 -9.50 19.03
C LYS LA 57 -33.82 -10.72 18.31
N ARG LA 58 -33.38 -10.89 17.07
CA ARG LA 58 -33.66 -12.06 16.22
C ARG LA 58 -33.58 -13.43 16.93
N ARG LA 59 -32.60 -13.60 17.80
CA ARG LA 59 -32.38 -14.89 18.50
C ARG LA 59 -33.48 -15.26 19.50
N HIS LA 60 -34.15 -14.26 20.08
CA HIS LA 60 -34.90 -14.45 21.34
C HIS LA 60 -36.35 -13.96 21.34
N THR LA 61 -36.91 -13.70 20.15
CA THR LA 61 -38.23 -13.06 20.05
C THR LA 61 -39.37 -14.06 19.88
N THR LA 62 -40.59 -13.56 20.02
CA THR LA 62 -41.83 -14.30 19.75
C THR LA 62 -41.70 -15.27 18.58
N GLY LA 63 -42.07 -16.53 18.80
CA GLY LA 63 -42.00 -17.56 17.75
C GLY LA 63 -40.77 -18.43 17.78
N THR LA 64 -39.66 -17.94 18.35
CA THR LA 64 -38.44 -18.73 18.49
C THR LA 64 -38.61 -19.90 19.46
N GLY LA 65 -39.47 -19.68 20.44
CA GLY LA 65 -39.87 -20.64 21.45
C GLY LA 65 -41.15 -21.37 21.07
N ARG LA 66 -41.74 -22.04 22.04
CA ARG LA 66 -42.98 -22.80 21.87
C ARG LA 66 -44.27 -22.06 21.49
N CYS LA 67 -44.50 -20.87 22.02
CA CYS LA 67 -45.72 -20.15 21.67
C CYS LA 67 -46.98 -20.94 22.05
N ARG LA 68 -47.05 -21.46 23.26
CA ARG LA 68 -48.21 -22.25 23.63
C ARG LA 68 -49.53 -21.49 23.57
N HIS LA 69 -49.59 -20.29 24.13
CA HIS LA 69 -50.83 -19.53 24.06
C HIS LA 69 -51.13 -18.97 22.68
N LEU LA 70 -50.09 -18.38 22.08
CA LEU LA 70 -50.14 -17.72 20.76
C LEU LA 70 -50.37 -18.52 19.48
N LYS LA 71 -49.85 -19.72 19.39
CA LYS LA 71 -50.01 -20.50 18.17
C LYS LA 71 -51.48 -20.75 17.87
N ASP LA 72 -52.26 -21.00 18.91
CA ASP LA 72 -53.68 -21.26 18.77
C ASP LA 72 -54.54 -20.05 18.44
N MET LA 73 -53.97 -18.85 18.58
CA MET LA 73 -54.70 -17.61 18.36
C MET LA 73 -55.29 -17.35 16.98
N PRO LA 74 -54.50 -17.68 15.88
CA PRO LA 74 -55.12 -17.37 14.59
C PRO LA 74 -56.41 -18.13 14.37
N ARG LA 75 -56.42 -19.40 14.72
CA ARG LA 75 -57.61 -20.22 14.56
C ARG LA 75 -58.76 -19.71 15.42
N ARG LA 76 -58.42 -19.29 16.63
CA ARG LA 76 -59.39 -18.80 17.59
C ARG LA 76 -60.12 -17.53 17.17
N ALA LA 77 -59.38 -16.58 16.61
CA ALA LA 77 -59.90 -15.28 16.14
C ALA LA 77 -60.65 -15.36 14.81
N LYS LA 78 -60.29 -16.33 13.97
CA LYS LA 78 -61.03 -16.67 12.75
C LYS LA 78 -62.52 -16.92 13.00
N ASN LA 79 -62.84 -17.59 14.12
CA ASN LA 79 -64.22 -17.93 14.48
C ASN LA 79 -64.90 -16.92 15.44
N ASN LA 80 -64.29 -15.75 15.63
CA ASN LA 80 -64.74 -14.75 16.61
C ASN LA 80 -64.96 -15.32 18.00
N PHE LA 81 -63.93 -15.99 18.52
CA PHE LA 81 -63.80 -16.31 19.94
C PHE LA 81 -65.05 -16.95 20.55
N ARG LA 82 -65.63 -17.91 19.82
CA ARG LA 82 -66.82 -18.61 20.28
C ARG LA 82 -66.54 -19.38 21.58
N GLU LA 83 -67.53 -19.38 22.49
CA GLU LA 83 -67.34 -19.83 23.87
C GLU LA 83 -68.60 -20.55 24.34
N GLY LA 84 -68.42 -21.61 25.12
CA GLY LA 84 -69.50 -22.25 25.87
C GLY LA 84 -70.53 -22.96 25.00
N THR LA 85 -70.03 -23.65 23.98
CA THR LA 85 -70.86 -24.32 22.97
C THR LA 85 -70.20 -25.63 22.55
N LYS LA 86 -70.89 -26.40 21.71
CA LYS LA 86 -70.30 -27.58 21.08
C LYS LA 86 -70.64 -27.63 19.59
N ALA LA 87 -69.92 -28.47 18.86
CA ALA LA 87 -70.37 -28.95 17.56
C ALA LA 87 -71.60 -29.83 17.69
N THR LA 88 -72.56 -29.65 16.79
CA THR LA 88 -73.81 -30.41 16.78
C THR LA 88 -73.61 -31.73 16.04
N PRO LA 89 -74.16 -32.83 16.59
CA PRO LA 89 -74.42 -34.01 15.76
C PRO LA 89 -75.50 -33.77 14.69
N VAL LA 90 -75.24 -34.20 13.46
CA VAL LA 90 -76.25 -34.14 12.38
C VAL LA 90 -77.30 -35.24 12.53
N ALA MA 2 -22.80 -50.71 78.54
CA ALA MA 2 -22.04 -49.55 79.07
C ALA MA 2 -21.88 -49.63 80.58
N LYS MA 3 -22.99 -49.54 81.31
CA LYS MA 3 -22.96 -49.41 82.77
C LYS MA 3 -22.63 -50.73 83.46
N GLU MA 4 -22.12 -50.63 84.69
CA GLU MA 4 -21.90 -51.78 85.57
C GLU MA 4 -22.97 -51.87 86.66
N ILE MA 5 -23.02 -53.03 87.30
CA ILE MA 5 -23.62 -53.20 88.61
C ILE MA 5 -22.54 -53.79 89.53
N ARG MA 6 -22.58 -53.41 90.81
CA ARG MA 6 -21.57 -53.86 91.78
C ARG MA 6 -22.07 -54.82 92.88
N ASP MA 7 -23.39 -55.00 93.01
CA ASP MA 7 -23.96 -55.87 94.05
C ASP MA 7 -25.18 -56.68 93.57
N LEU MA 8 -25.55 -57.68 94.36
CA LEU MA 8 -26.63 -58.62 94.03
C LEU MA 8 -28.04 -58.07 94.28
N ARG MA 9 -28.16 -56.97 95.03
CA ARG MA 9 -29.44 -56.27 95.21
C ARG MA 9 -29.95 -55.68 93.90
N LYS MA 10 -29.08 -54.94 93.22
CA LYS MA 10 -29.43 -54.27 91.97
C LYS MA 10 -29.61 -55.22 90.78
N PHE MA 11 -28.80 -56.27 90.72
CA PHE MA 11 -28.83 -57.22 89.59
C PHE MA 11 -30.13 -58.03 89.52
N LEU MA 12 -30.69 -58.35 90.69
CA LEU MA 12 -32.01 -59.01 90.76
C LEU MA 12 -33.17 -58.10 90.32
N LEU MA 13 -33.04 -56.79 90.57
CA LEU MA 13 -34.03 -55.81 90.12
C LEU MA 13 -34.01 -55.59 88.60
N THR MA 14 -32.81 -55.41 88.04
CA THR MA 14 -32.66 -55.11 86.60
C THR MA 14 -33.04 -56.29 85.69
N ALA MA 15 -32.89 -57.52 86.18
CA ALA MA 15 -33.37 -58.71 85.49
C ALA MA 15 -34.90 -58.79 85.48
N ARG MA 16 -35.50 -58.63 86.66
CA ARG MA 16 -36.96 -58.70 86.83
C ARG MA 16 -37.73 -57.58 86.12
N ARG MA 17 -37.06 -56.45 85.88
CA ARG MA 17 -37.66 -55.30 85.19
C ARG MA 17 -38.04 -55.67 83.75
N PRO MA 18 -39.29 -55.37 83.34
CA PRO MA 18 -39.92 -56.14 82.28
C PRO MA 18 -39.43 -55.84 80.84
N ASP MA 19 -38.69 -54.74 80.66
CA ASP MA 19 -38.10 -54.39 79.36
C ASP MA 19 -36.70 -54.98 79.12
N ALA MA 20 -36.19 -55.76 80.07
CA ALA MA 20 -34.93 -56.50 79.88
C ALA MA 20 -35.10 -57.64 78.89
N LYS MA 21 -34.36 -57.60 77.78
CA LYS MA 21 -34.56 -58.52 76.66
C LYS MA 21 -33.92 -59.87 76.95
N ARG MA 22 -32.59 -59.87 77.11
CA ARG MA 22 -31.80 -61.10 77.14
C ARG MA 22 -30.72 -61.05 78.22
N VAL MA 23 -30.11 -62.20 78.49
CA VAL MA 23 -28.93 -62.29 79.33
C VAL MA 23 -27.86 -63.15 78.64
N THR MA 24 -27.05 -62.52 77.80
CA THR MA 24 -25.76 -63.09 77.41
C THR MA 24 -24.85 -63.28 78.63
N ILE MA 25 -24.17 -64.43 78.71
CA ILE MA 25 -23.31 -64.80 79.84
C ILE MA 25 -21.96 -65.24 79.31
N VAL MA 26 -20.89 -64.56 79.74
CA VAL MA 26 -19.54 -64.79 79.21
C VAL MA 26 -18.67 -65.48 80.27
N ARG MA 27 -17.86 -66.45 79.83
CA ARG MA 27 -16.93 -67.18 80.69
C ARG MA 27 -15.56 -67.26 80.01
N GLN MA 28 -14.49 -67.12 80.79
CA GLN MA 28 -13.12 -67.10 80.25
C GLN MA 28 -12.09 -67.68 81.20
N HIS MA 29 -11.11 -68.40 80.64
CA HIS MA 29 -10.08 -69.12 81.41
C HIS MA 29 -8.81 -68.29 81.55
N LYS MA 30 -8.22 -68.30 82.75
CA LYS MA 30 -6.97 -67.59 83.04
C LYS MA 30 -5.90 -68.59 83.47
N SER MA 40 -9.62 -68.67 88.44
CA SER MA 40 -9.29 -68.82 87.02
C SER MA 40 -10.49 -68.51 86.13
N THR MA 41 -11.58 -69.26 86.34
CA THR MA 41 -12.83 -69.04 85.59
C THR MA 41 -13.58 -67.81 86.09
N VAL MA 42 -13.19 -66.64 85.56
CA VAL MA 42 -13.88 -65.37 85.81
C VAL MA 42 -14.98 -65.17 84.76
N THR MA 43 -16.14 -64.71 85.21
CA THR MA 43 -17.37 -64.74 84.42
C THR MA 43 -18.12 -63.40 84.48
N LYS MA 44 -18.85 -63.09 83.41
CA LYS MA 44 -19.68 -61.89 83.32
C LYS MA 44 -21.10 -62.27 82.91
N PHE MA 45 -22.08 -61.72 83.62
CA PHE MA 45 -23.45 -61.60 83.12
C PHE MA 45 -23.61 -60.22 82.49
N LYS MA 46 -24.38 -60.14 81.42
CA LYS MA 46 -24.78 -58.86 80.82
C LYS MA 46 -26.27 -58.86 80.48
N ILE MA 47 -27.03 -58.00 81.14
CA ILE MA 47 -28.44 -57.76 80.79
C ILE MA 47 -28.53 -56.63 79.76
N ARG MA 48 -28.93 -56.97 78.55
CA ARG MA 48 -29.39 -55.97 77.57
C ARG MA 48 -30.77 -55.48 77.97
N CYS MA 49 -30.82 -54.37 78.68
CA CYS MA 49 -32.04 -53.59 78.81
C CYS MA 49 -32.14 -52.56 77.66
N SER MA 50 -32.94 -51.50 77.85
CA SER MA 50 -33.50 -50.74 76.74
C SER MA 50 -32.61 -49.55 76.35
N ARG MA 51 -32.12 -48.83 77.35
CA ARG MA 51 -31.14 -47.74 77.15
C ARG MA 51 -29.70 -48.25 77.27
N TYR MA 52 -29.43 -49.01 78.34
CA TYR MA 52 -28.07 -49.44 78.68
C TYR MA 52 -27.92 -50.96 78.72
N LEU MA 53 -26.68 -51.42 78.50
CA LEU MA 53 -26.28 -52.80 78.74
C LEU MA 53 -25.62 -52.91 80.10
N TYR MA 54 -26.38 -53.37 81.09
CA TYR MA 54 -25.87 -53.55 82.44
C TYR MA 54 -25.08 -54.85 82.49
N THR MA 55 -24.02 -54.88 83.32
CA THR MA 55 -23.15 -56.06 83.44
C THR MA 55 -22.59 -56.21 84.86
N PHE MA 56 -22.35 -57.46 85.26
CA PHE MA 56 -22.11 -57.82 86.65
C PHE MA 56 -21.03 -58.89 86.72
N VAL MA 57 -19.84 -58.49 87.16
CA VAL MA 57 -18.68 -59.38 87.22
C VAL MA 57 -18.76 -60.24 88.49
N VAL MA 58 -18.60 -61.55 88.34
CA VAL MA 58 -18.38 -62.47 89.46
C VAL MA 58 -17.15 -63.31 89.17
N GLU MA 59 -16.34 -63.55 90.22
CA GLU MA 59 -15.06 -64.25 90.08
C GLU MA 59 -15.18 -65.75 90.37
N ASP MA 60 -15.90 -66.10 91.44
CA ASP MA 60 -16.10 -67.50 91.82
C ASP MA 60 -17.12 -68.18 90.90
N ARG MA 61 -16.78 -69.38 90.41
CA ARG MA 61 -17.67 -70.15 89.53
C ARG MA 61 -18.86 -70.78 90.26
N GLU MA 62 -18.65 -71.20 91.50
CA GLU MA 62 -19.68 -71.91 92.28
C GLU MA 62 -20.83 -70.99 92.73
N LYS MA 63 -20.51 -69.72 92.99
CA LYS MA 63 -21.53 -68.67 93.17
C LYS MA 63 -22.28 -68.33 91.88
N ALA MA 64 -21.56 -68.31 90.76
CA ALA MA 64 -22.14 -68.01 89.45
C ALA MA 64 -23.04 -69.12 88.90
N GLN MA 65 -22.73 -70.38 89.22
CA GLN MA 65 -23.63 -71.51 88.94
C GLN MA 65 -24.94 -71.43 89.73
N LYS MA 66 -24.83 -71.06 91.00
CA LYS MA 66 -26.00 -70.78 91.86
C LYS MA 66 -26.83 -69.59 91.35
N LEU MA 67 -26.17 -68.58 90.78
CA LEU MA 67 -26.84 -67.37 90.30
C LEU MA 67 -27.71 -67.60 89.07
N GLU MA 68 -27.29 -68.50 88.18
CA GLU MA 68 -28.06 -68.81 86.96
C GLU MA 68 -29.43 -69.44 87.23
N GLY MA 69 -29.55 -70.18 88.33
CA GLY MA 69 -30.85 -70.60 88.86
C GLY MA 69 -31.73 -69.44 89.33
N SER MA 70 -31.10 -68.47 90.00
CA SER MA 70 -31.81 -67.29 90.52
C SER MA 70 -32.39 -66.35 89.45
N LEU MA 71 -31.88 -66.42 88.22
CA LEU MA 71 -32.52 -65.74 87.08
C LEU MA 71 -33.87 -66.36 86.75
N PRO MA 72 -34.83 -65.55 86.26
CA PRO MA 72 -36.20 -66.06 86.05
C PRO MA 72 -36.34 -66.83 84.73
N PRO MA 73 -37.19 -67.87 84.70
CA PRO MA 73 -37.41 -68.64 83.46
C PRO MA 73 -38.27 -67.93 82.43
N SER MA 74 -39.20 -67.07 82.88
CA SER MA 74 -40.10 -66.33 81.97
C SER MA 74 -39.38 -65.23 81.18
N LEU MA 75 -38.25 -64.72 81.72
CA LEU MA 75 -37.26 -64.00 80.93
C LEU MA 75 -36.75 -64.87 79.77
N GLU MA 76 -36.60 -64.25 78.60
CA GLU MA 76 -36.47 -64.99 77.35
C GLU MA 76 -35.12 -65.69 77.25
N LYS MA 77 -34.10 -64.95 76.82
CA LYS MA 77 -32.95 -65.57 76.15
C LYS MA 77 -31.83 -65.86 77.14
N VAL MA 78 -30.93 -66.75 76.73
CA VAL MA 78 -29.57 -66.81 77.27
C VAL MA 78 -28.60 -67.22 76.15
N SER MA 79 -27.42 -66.62 76.16
CA SER MA 79 -26.37 -66.87 75.16
C SER MA 79 -25.02 -67.05 75.84
N ILE MA 80 -24.21 -67.99 75.33
CA ILE MA 80 -22.95 -68.40 75.97
C ILE MA 80 -21.88 -68.59 74.88
N PRO MA 81 -20.63 -68.15 75.14
CA PRO MA 81 -19.49 -68.60 74.34
C PRO MA 81 -18.95 -69.95 74.81
N GLY MA 82 -19.11 -70.97 73.98
CA GLY MA 82 -19.08 -72.36 74.41
C GLY MA 82 -20.46 -72.87 74.81
N SER NA 3 -18.24 -34.15 44.98
CA SER NA 3 -18.61 -32.76 44.60
C SER NA 3 -19.89 -32.37 45.33
N ILE NA 4 -20.18 -31.06 45.30
CA ILE NA 4 -21.01 -30.39 46.29
C ILE NA 4 -22.06 -29.56 45.53
N LYS NA 5 -22.72 -30.17 44.57
CA LYS NA 5 -23.59 -29.43 43.64
C LYS NA 5 -24.99 -29.22 44.22
N GLY NA 6 -25.68 -28.19 43.72
CA GLY NA 6 -27.10 -28.02 43.93
C GLY NA 6 -27.93 -28.98 43.10
N LEU NA 7 -29.19 -29.15 43.47
CA LEU NA 7 -30.09 -30.06 42.76
C LEU NA 7 -30.44 -29.57 41.35
N SER NA 8 -30.55 -28.25 41.18
CA SER NA 8 -30.73 -27.68 39.85
C SER NA 8 -29.60 -28.06 38.90
N LEU NA 9 -28.35 -27.84 39.31
CA LEU NA 9 -27.19 -28.16 38.47
C LEU NA 9 -27.03 -29.66 38.21
N LYS NA 10 -27.44 -30.48 39.17
CA LYS NA 10 -27.47 -31.94 38.98
C LYS NA 10 -28.37 -32.36 37.81
N LYS NA 11 -29.53 -31.72 37.69
CA LYS NA 11 -30.49 -32.07 36.63
C LYS NA 11 -30.08 -31.60 35.24
N HIS NA 12 -29.41 -30.45 35.16
CA HIS NA 12 -28.87 -29.95 33.89
C HIS NA 12 -27.78 -30.86 33.37
N LEU NA 13 -26.88 -31.26 34.27
CA LEU NA 13 -25.92 -32.34 34.00
C LEU NA 13 -26.61 -33.63 33.60
N GLY NA 14 -27.61 -34.01 34.39
CA GLY NA 14 -28.38 -35.23 34.16
C GLY NA 14 -28.95 -35.32 32.76
N ARG NA 15 -29.60 -34.26 32.31
CA ARG NA 15 -30.21 -34.21 30.98
C ARG NA 15 -29.20 -34.45 29.87
N LYS NA 16 -28.00 -33.89 30.01
CA LYS NA 16 -27.00 -33.92 28.93
C LYS NA 16 -26.14 -35.19 28.90
N GLN NA 17 -26.28 -36.06 29.89
CA GLN NA 17 -25.98 -37.50 29.70
C GLN NA 17 -26.94 -38.13 28.71
N LYS NA 18 -28.23 -37.88 28.93
CA LYS NA 18 -29.30 -38.58 28.19
C LYS NA 18 -29.43 -38.14 26.72
N GLN NA 19 -28.85 -36.99 26.36
CA GLN NA 19 -28.73 -36.55 24.97
C GLN NA 19 -27.42 -36.97 24.30
N ASN NA 20 -26.64 -37.84 24.93
CA ASN NA 20 -25.30 -38.18 24.47
C ASN NA 20 -25.20 -39.67 24.11
N ARG NA 21 -26.20 -40.16 23.39
CA ARG NA 21 -26.22 -41.55 22.99
C ARG NA 21 -26.47 -41.73 21.51
N PRO NA 22 -25.97 -42.90 20.96
CA PRO NA 22 -26.21 -43.03 19.51
C PRO NA 22 -27.67 -43.12 19.12
N ILE NA 23 -28.00 -42.57 17.96
CA ILE NA 23 -29.37 -42.56 17.47
C ILE NA 23 -29.85 -43.99 17.24
N PRO NA 24 -31.21 -44.21 17.42
CA PRO NA 24 -31.64 -45.61 17.24
C PRO NA 24 -31.37 -46.14 15.84
N PRO NA 25 -31.08 -47.43 15.74
CA PRO NA 25 -30.78 -48.06 14.46
C PRO NA 25 -31.97 -48.03 13.50
N TRP NA 26 -33.16 -48.26 14.03
CA TRP NA 26 -34.39 -48.29 13.24
C TRP NA 26 -34.79 -46.96 12.60
N ILE NA 27 -34.35 -45.85 13.16
CA ILE NA 27 -34.72 -44.55 12.60
C ILE NA 27 -34.25 -44.33 11.17
N ARG NA 28 -33.02 -44.69 10.84
CA ARG NA 28 -32.54 -44.51 9.47
C ARG NA 28 -33.32 -45.33 8.46
N MET NA 29 -33.72 -46.52 8.88
CA MET NA 29 -34.47 -47.45 8.03
C MET NA 29 -35.77 -46.85 7.54
N ARG NA 30 -36.42 -46.05 8.39
CA ARG NA 30 -37.70 -45.45 8.02
C ARG NA 30 -37.61 -44.51 6.82
N THR NA 31 -38.75 -44.44 6.12
CA THR NA 31 -38.91 -43.68 4.89
C THR NA 31 -38.62 -42.19 4.93
N GLY NA 32 -37.98 -41.72 3.85
CA GLY NA 32 -37.64 -40.33 3.64
C GLY NA 32 -36.78 -39.62 4.68
N SER NA 33 -35.79 -40.32 5.24
CA SER NA 33 -34.93 -39.71 6.23
C SER NA 33 -33.49 -39.64 5.75
N LYS NA 34 -32.91 -38.45 5.80
CA LYS NA 34 -31.54 -38.21 5.40
C LYS NA 34 -30.57 -38.35 6.56
N ILE NA 35 -31.09 -38.60 7.76
CA ILE NA 35 -30.25 -38.69 8.94
C ILE NA 35 -29.21 -39.80 8.95
N ARG NA 36 -28.00 -39.42 9.36
CA ARG NA 36 -26.87 -40.32 9.52
C ARG NA 36 -26.27 -39.79 10.80
N TYR NA 37 -25.73 -40.68 11.64
CA TYR NA 37 -25.08 -40.36 12.92
C TYR NA 37 -25.41 -39.01 13.54
N ASN NA 38 -25.61 -39.02 14.87
CA ASN NA 38 -25.96 -37.82 15.61
C ASN NA 38 -24.90 -36.72 15.55
N ALA NA 39 -25.37 -35.55 15.13
CA ALA NA 39 -24.57 -34.32 14.99
C ALA NA 39 -24.08 -33.67 16.28
N LYS NA 40 -24.90 -33.74 17.32
CA LYS NA 40 -24.62 -33.10 18.60
C LYS NA 40 -23.84 -33.90 19.64
N ARG NA 41 -23.34 -35.07 19.30
CA ARG NA 41 -22.60 -35.86 20.28
C ARG NA 41 -21.36 -35.12 20.78
N ARG NA 42 -21.13 -35.23 22.08
CA ARG NA 42 -20.02 -34.55 22.73
C ARG NA 42 -19.12 -35.45 23.58
N HIS NA 43 -17.82 -35.19 23.55
CA HIS NA 43 -16.85 -35.94 24.35
C HIS NA 43 -16.55 -35.06 25.55
N TRP NA 44 -16.57 -35.64 26.74
CA TRP NA 44 -16.40 -34.85 27.98
C TRP NA 44 -15.08 -34.08 28.12
N ARG NA 45 -14.02 -34.56 27.47
CA ARG NA 45 -12.74 -33.82 27.39
C ARG NA 45 -12.82 -32.70 26.38
N ARG NA 46 -13.27 -33.03 25.16
CA ARG NA 46 -13.06 -32.18 23.99
C ARG NA 46 -13.81 -30.86 24.09
N THR NA 47 -15.08 -30.95 24.48
CA THR NA 47 -15.97 -29.79 24.43
C THR NA 47 -16.89 -29.77 25.67
N LYS NA 48 -17.08 -28.57 26.20
CA LYS NA 48 -17.43 -28.37 27.61
C LYS NA 48 -18.79 -27.67 27.73
N LEU NA 49 -19.42 -27.85 28.89
CA LEU NA 49 -20.80 -27.43 29.10
C LEU NA 49 -20.90 -26.05 29.77
N GLY NA 50 -20.22 -25.90 30.90
CA GLY NA 50 -20.43 -24.77 31.81
C GLY NA 50 -21.80 -24.73 32.48
N MET NA 51 -22.33 -25.90 32.83
CA MET NA 51 -23.68 -25.99 33.41
C MET NA 51 -23.91 -27.31 34.12
N ILE OA 77 99.53 -2.43 -3.74
CA ILE OA 77 100.27 -1.85 -4.91
C ILE OA 77 99.30 -1.62 -6.08
N ILE OA 78 99.34 -0.42 -6.63
CA ILE OA 78 98.49 -0.04 -7.76
C ILE OA 78 99.11 -0.53 -9.08
N GLU OA 79 100.40 -0.20 -9.28
CA GLU OA 79 101.06 -0.21 -10.59
C GLU OA 79 100.43 0.81 -11.57
N PRO OA 80 101.09 1.97 -11.80
CA PRO OA 80 100.60 3.04 -12.70
C PRO OA 80 100.27 2.62 -14.14
N SER OA 81 101.03 1.70 -14.72
CA SER OA 81 100.79 1.22 -16.09
C SER OA 81 99.51 0.39 -16.19
N LEU OA 82 99.32 -0.52 -15.23
CA LEU OA 82 98.12 -1.37 -15.17
C LEU OA 82 96.86 -0.60 -14.75
N ALA OA 83 97.03 0.49 -14.00
CA ALA OA 83 95.90 1.30 -13.52
C ALA OA 83 95.17 2.03 -14.65
N LEU OA 84 95.90 2.41 -15.71
CA LEU OA 84 95.28 2.87 -16.96
C LEU OA 84 94.33 1.84 -17.56
N LEU OA 85 94.78 0.58 -17.62
CA LEU OA 85 93.99 -0.53 -18.16
C LEU OA 85 92.78 -0.86 -17.29
N ALA OA 86 92.98 -0.86 -15.97
CA ALA OA 86 91.92 -1.20 -15.02
C ALA OA 86 90.84 -0.12 -14.94
N GLN OA 87 91.26 1.14 -14.94
CA GLN OA 87 90.33 2.29 -14.94
C GLN OA 87 89.53 2.44 -16.24
N LYS OA 88 90.05 1.91 -17.35
CA LYS OA 88 89.34 1.94 -18.65
C LYS OA 88 87.96 1.27 -18.61
N TYR OA 89 87.88 0.11 -17.96
CA TYR OA 89 86.62 -0.65 -17.86
C TYR OA 89 85.69 -0.14 -16.76
N ASN OA 90 86.27 0.48 -15.72
CA ASN OA 90 85.55 0.84 -14.50
C ASN OA 90 85.15 2.32 -14.48
N CYS OA 91 86.14 3.19 -14.61
CA CYS OA 91 86.00 4.64 -14.33
C CYS OA 91 85.69 5.46 -15.59
N GLU OA 92 86.45 5.24 -16.66
CA GLU OA 92 86.37 6.06 -17.87
C GLU OA 92 85.11 5.71 -18.69
N LYS OA 93 83.97 6.19 -18.20
CA LYS OA 93 82.65 5.86 -18.74
C LYS OA 93 81.77 7.10 -18.73
N LYS OA 94 80.58 6.97 -19.31
CA LYS OA 94 79.49 7.90 -19.04
C LYS OA 94 78.32 7.18 -18.36
N VAL OA 95 77.39 7.98 -17.85
CA VAL OA 95 76.24 7.49 -17.09
C VAL OA 95 74.98 8.17 -17.60
N CYS OA 96 73.90 7.40 -17.77
CA CYS OA 96 72.58 7.97 -18.08
C CYS OA 96 72.08 8.72 -16.86
N ARG OA 97 71.53 9.91 -17.08
CA ARG OA 97 70.96 10.72 -16.00
C ARG OA 97 69.68 10.09 -15.44
N LYS OA 98 68.92 9.44 -16.31
CA LYS OA 98 67.54 9.03 -16.02
C LYS OA 98 67.44 7.60 -15.50
N CYS OA 99 68.18 6.68 -16.13
CA CYS OA 99 68.15 5.25 -15.77
C CYS OA 99 69.47 4.68 -15.19
N TYR OA 100 70.47 5.54 -15.00
CA TYR OA 100 71.76 5.18 -14.37
C TYR OA 100 72.63 4.16 -15.13
N ALA OA 101 72.31 3.88 -16.39
CA ALA OA 101 73.06 2.88 -17.16
C ALA OA 101 74.49 3.35 -17.42
N ARG OA 102 75.44 2.45 -17.19
CA ARG OA 102 76.85 2.68 -17.49
C ARG OA 102 77.08 2.58 -19.01
N LEU OA 103 77.72 3.61 -19.57
CA LEU OA 103 77.80 3.81 -21.03
C LEU OA 103 79.26 3.91 -21.48
N PRO OA 104 79.51 3.90 -22.81
CA PRO OA 104 80.85 4.22 -23.32
C PRO OA 104 81.24 5.69 -23.12
N PRO OA 105 82.55 6.01 -23.24
CA PRO OA 105 83.02 7.38 -23.00
C PRO OA 105 82.53 8.41 -24.05
N ARG OA 106 82.46 8.00 -25.31
CA ARG OA 106 81.90 8.85 -26.38
C ARG OA 106 80.60 8.27 -26.91
N ALA OA 107 79.59 8.22 -26.05
CA ALA OA 107 78.19 8.11 -26.47
C ALA OA 107 77.60 9.51 -26.68
N THR OA 108 76.50 9.56 -27.42
CA THR OA 108 75.57 10.69 -27.40
C THR OA 108 74.29 10.37 -26.64
N ASN OA 109 73.68 9.23 -26.95
CA ASN OA 109 72.44 8.77 -26.34
C ASN OA 109 72.66 7.51 -25.50
N CYS OA 110 71.75 7.29 -24.55
CA CYS OA 110 71.63 6.00 -23.87
C CYS OA 110 71.09 4.92 -24.80
N ARG OA 111 71.46 3.68 -24.52
CA ARG OA 111 71.09 2.54 -25.37
C ARG OA 111 69.76 1.87 -24.99
N LYS OA 112 69.17 2.28 -23.87
CA LYS OA 112 68.11 1.50 -23.21
C LYS OA 112 66.72 1.91 -23.69
N LYS OA 113 65.76 1.00 -23.55
CA LYS OA 113 64.36 1.25 -23.92
C LYS OA 113 63.67 2.23 -22.96
N LYS OA 114 63.90 2.06 -21.66
CA LYS OA 114 63.01 2.62 -20.63
C LYS OA 114 63.24 4.12 -20.33
N CYS OA 115 64.47 4.60 -20.48
CA CYS OA 115 64.74 6.04 -20.47
C CYS OA 115 64.38 6.77 -21.77
N GLY OA 116 64.08 6.00 -22.82
CA GLY OA 116 63.60 6.56 -24.09
C GLY OA 116 64.74 6.97 -25.01
N HIS OA 117 65.83 6.21 -24.96
CA HIS OA 117 67.09 6.54 -25.63
C HIS OA 117 67.54 8.00 -25.35
N SER OA 118 67.52 8.37 -24.07
CA SER OA 118 67.70 9.77 -23.68
C SER OA 118 69.13 10.24 -23.92
N ASN OA 119 69.28 11.54 -24.21
CA ASN OA 119 70.58 12.14 -24.53
C ASN OA 119 71.13 13.04 -23.40
N GLN OA 120 70.50 12.96 -22.22
CA GLN OA 120 71.02 13.60 -21.02
C GLN OA 120 71.96 12.63 -20.30
N LEU OA 121 73.26 12.84 -20.48
CA LEU OA 121 74.30 11.99 -19.89
C LEU OA 121 75.11 12.77 -18.84
N ARG OA 122 76.07 12.09 -18.22
CA ARG OA 122 77.13 12.75 -17.48
C ARG OA 122 78.40 11.88 -17.41
N PRO OA 123 79.53 12.47 -17.00
CA PRO OA 123 80.70 11.64 -16.65
C PRO OA 123 80.49 10.86 -15.35
N LYS OA 124 80.93 9.60 -15.33
CA LYS OA 124 81.03 8.82 -14.11
C LYS OA 124 82.09 9.43 -13.20
N LYS OA 125 81.70 9.70 -11.96
CA LYS OA 125 82.59 10.35 -11.01
C LYS OA 125 83.78 9.50 -10.64
N LYS OA 126 84.89 10.16 -10.35
CA LYS OA 126 86.11 9.48 -10.00
C LYS OA 126 86.67 10.03 -8.70
N PRO OA 127 87.27 9.10 -7.87
CA PRO OA 127 87.81 9.66 -6.62
C PRO OA 127 89.00 10.55 -6.95
N LYS OA 128 89.20 11.63 -6.20
CA LYS OA 128 90.32 12.53 -6.44
C LYS OA 128 91.60 11.74 -6.66
N VAL PA 2 2.28 65.86 3.77
CA VAL PA 2 1.28 66.46 2.84
C VAL PA 2 0.59 67.67 3.50
N ASN PA 3 0.27 68.68 2.69
CA ASN PA 3 -0.49 69.85 3.12
C ASN PA 3 -1.53 70.25 2.06
N VAL PA 4 -2.72 70.64 2.51
CA VAL PA 4 -3.85 70.96 1.62
C VAL PA 4 -4.57 72.23 2.09
N PRO PA 5 -4.88 73.17 1.16
CA PRO PA 5 -5.72 74.32 1.53
C PRO PA 5 -7.17 73.97 1.88
N LYS PA 6 -7.83 74.85 2.63
CA LYS PA 6 -9.23 74.67 3.03
C LYS PA 6 -10.20 75.15 1.95
N LEU PA 7 -9.96 76.34 1.42
CA LEU PA 7 -10.66 76.81 0.22
C LEU PA 7 -10.11 76.11 -1.02
N ARG PA 8 -10.99 75.86 -1.99
CA ARG PA 8 -10.67 75.06 -3.17
C ARG PA 8 -11.78 75.19 -4.22
N ASN PA 9 -11.46 75.81 -5.35
CA ASN PA 9 -12.36 75.79 -6.51
C ASN PA 9 -12.39 74.41 -7.14
N THR PA 10 -13.58 73.84 -7.28
CA THR PA 10 -13.79 72.59 -8.01
C THR PA 10 -15.24 72.48 -8.50
N PHE PA 11 -15.50 71.47 -9.32
CA PHE PA 11 -16.81 71.28 -9.95
C PHE PA 11 -17.87 70.93 -8.90
N CYS PA 12 -19.09 71.43 -9.11
CA CYS PA 12 -20.21 71.17 -8.21
C CYS PA 12 -21.25 70.29 -8.91
N LYS PA 13 -21.10 68.98 -8.72
CA LYS PA 13 -22.10 68.00 -9.17
C LYS PA 13 -23.39 68.15 -8.34
N GLY PA 14 -24.22 69.10 -8.74
CA GLY PA 14 -25.49 69.37 -8.06
C GLY PA 14 -26.45 70.18 -8.92
N PRO PA 15 -27.74 70.18 -8.56
CA PRO PA 15 -28.84 70.50 -9.49
C PRO PA 15 -28.84 71.95 -9.97
N LYS PA 16 -28.49 72.89 -9.09
CA LYS PA 16 -28.49 74.32 -9.39
C LYS PA 16 -27.26 74.72 -10.20
N CYS PA 17 -26.08 74.38 -9.69
CA CYS PA 17 -24.81 74.93 -10.19
C CYS PA 17 -24.41 74.28 -11.52
N ARG PA 18 -24.00 73.02 -11.47
CA ARG PA 18 -23.28 72.34 -12.57
C ARG PA 18 -22.13 73.16 -13.16
N LYS PA 19 -21.31 73.74 -12.28
CA LYS PA 19 -20.10 74.45 -12.69
C LYS PA 19 -19.12 74.61 -11.51
N HIS PA 20 -17.95 75.18 -11.78
CA HIS PA 20 -16.96 75.45 -10.74
C HIS PA 20 -17.45 76.51 -9.74
N GLN PA 21 -17.71 76.06 -8.50
CA GLN PA 21 -17.80 76.94 -7.33
C GLN PA 21 -16.58 76.76 -6.44
N PRO PA 22 -16.43 77.61 -5.40
CA PRO PA 22 -15.54 77.29 -4.27
C PRO PA 22 -16.15 76.29 -3.29
N HIS PA 23 -15.28 75.52 -2.63
CA HIS PA 23 -15.67 74.47 -1.67
C HIS PA 23 -14.85 74.57 -0.38
N LYS PA 24 -15.37 73.99 0.69
CA LYS PA 24 -14.68 73.88 1.97
C LYS PA 24 -14.16 72.46 2.17
N VAL PA 25 -12.84 72.33 2.36
CA VAL PA 25 -12.18 71.02 2.45
C VAL PA 25 -12.07 70.61 3.92
N SER PA 26 -12.93 69.70 4.34
CA SER PA 26 -12.75 68.92 5.56
C SER PA 26 -12.10 67.57 5.26
N GLN PA 27 -11.60 66.92 6.31
CA GLN PA 27 -11.30 65.49 6.27
C GLN PA 27 -12.56 64.66 6.52
N TYR PA 28 -12.58 63.44 5.99
CA TYR PA 28 -13.65 62.47 6.25
C TYR PA 28 -13.15 61.43 7.26
N LYS PA 29 -13.85 61.35 8.40
CA LYS PA 29 -13.77 60.21 9.31
C LYS PA 29 -14.96 59.29 9.12
N LYS PA 30 -14.90 58.10 9.70
CA LYS PA 30 -15.89 57.04 9.45
C LYS PA 30 -17.24 57.36 10.10
N GLY PA 31 -17.26 57.52 11.42
CA GLY PA 31 -18.50 57.59 12.20
C GLY PA 31 -18.91 56.23 12.71
N LYS PA 32 -19.72 56.24 13.78
CA LYS PA 32 -19.86 55.07 14.65
C LYS PA 32 -20.71 53.96 14.03
N ASP PA 33 -20.36 52.71 14.35
CA ASP PA 33 -20.86 51.55 13.62
C ASP PA 33 -22.33 51.23 13.91
N SER PA 34 -22.81 51.63 15.09
CA SER PA 34 -24.25 51.61 15.43
C SER PA 34 -24.83 50.18 15.58
N LEU PA 35 -26.02 50.13 16.16
CA LEU PA 35 -26.80 48.89 16.24
C LEU PA 35 -27.96 48.97 15.26
N VAL PA 36 -28.85 47.98 15.29
CA VAL PA 36 -30.07 47.93 14.46
C VAL PA 36 -29.87 47.97 12.93
N VAL PA 37 -28.65 47.67 12.47
CA VAL PA 37 -28.34 47.53 11.05
C VAL PA 37 -28.24 46.04 10.78
N GLN PA 38 -28.69 45.62 9.60
CA GLN PA 38 -29.04 44.21 9.36
C GLN PA 38 -27.86 43.26 9.62
N GLY PA 39 -26.67 43.66 9.19
CA GLY PA 39 -25.46 42.87 9.44
C GLY PA 39 -25.03 42.81 10.89
N LYS PA 40 -25.24 43.89 11.63
CA LYS PA 40 -25.03 43.91 13.08
C LYS PA 40 -26.07 43.09 13.84
N ARG PA 41 -27.33 43.13 13.39
CA ARG PA 41 -28.39 42.28 13.94
C ARG PA 41 -28.19 40.79 13.64
N ARG PA 42 -27.78 40.47 12.42
CA ARG PA 42 -27.45 39.09 12.04
C ARG PA 42 -26.21 38.56 12.77
N TYR PA 43 -25.25 39.45 13.05
CA TYR PA 43 -24.06 39.10 13.84
C TYR PA 43 -24.38 38.87 15.32
N ASP PA 44 -25.38 39.57 15.84
CA ASP PA 44 -25.73 39.48 17.26
C ASP PA 44 -26.56 38.23 17.60
N ARG PA 45 -27.56 37.91 16.79
CA ARG PA 45 -28.31 36.65 16.92
C ARG PA 45 -27.44 35.42 16.72
N LYS PA 46 -26.47 35.51 15.81
CA LYS PA 46 -25.58 34.42 15.46
C LYS PA 46 -24.59 34.08 16.59
N GLN PA 47 -24.11 35.11 17.30
CA GLN PA 47 -23.15 34.93 18.39
C GLN PA 47 -23.79 34.66 19.76
N LYS PA 48 -25.08 34.94 19.90
CA LYS PA 48 -25.86 34.42 21.05
C LYS PA 48 -25.94 32.90 21.01
N GLY PA 49 -25.98 32.30 22.20
CA GLY PA 49 -25.92 30.86 22.35
C GLY PA 49 -24.53 30.36 22.67
N PHE PA 50 -24.39 29.04 22.59
CA PHE PA 50 -23.07 28.39 22.62
C PHE PA 50 -22.55 28.26 21.19
N GLY PA 51 -21.34 27.71 21.07
CA GLY PA 51 -20.65 27.62 19.78
C GLY PA 51 -19.66 28.73 19.55
N GLY PA 52 -19.09 29.28 20.62
CA GLY PA 52 -17.88 30.08 20.54
C GLY PA 52 -18.17 31.44 19.93
N GLN PA 53 -17.51 31.72 18.80
CA GLN PA 53 -17.98 32.76 17.90
C GLN PA 53 -17.81 32.38 16.43
N THR PA 54 -18.69 32.96 15.61
CA THR PA 54 -18.96 32.45 14.27
C THR PA 54 -17.93 33.00 13.28
N LYS PA 55 -17.88 34.33 13.17
CA LYS PA 55 -17.19 34.97 12.05
C LYS PA 55 -15.68 34.95 12.28
N PRO PA 56 -14.89 35.18 11.21
CA PRO PA 56 -13.47 35.43 11.39
C PRO PA 56 -13.19 36.78 12.05
N ILE PA 57 -12.34 36.77 13.08
CA ILE PA 57 -11.63 37.96 13.55
C ILE PA 57 -10.34 38.11 12.75
N PHE PA 58 -10.19 39.22 12.03
CA PHE PA 58 -8.97 39.49 11.27
C PHE PA 58 -7.82 39.91 12.20
N ARG PA 59 -6.64 39.33 11.97
CA ARG PA 59 -5.49 39.45 12.88
C ARG PA 59 -4.42 40.38 12.32
N LYS PA 60 -3.88 40.03 11.16
CA LYS PA 60 -2.51 40.40 10.79
C LYS PA 60 -2.48 41.49 9.70
N LYS PA 61 -2.44 42.74 10.15
CA LYS PA 61 -2.35 43.89 9.24
C LYS PA 61 -0.95 44.05 8.66
N ALA PA 62 -0.90 44.44 7.39
CA ALA PA 62 0.34 44.81 6.70
C ALA PA 62 0.51 46.32 6.57
N LYS PA 63 -0.56 47.02 6.19
CA LYS PA 63 -0.49 48.46 5.91
C LYS PA 63 -0.27 49.29 7.17
N THR PA 64 0.63 50.26 7.08
CA THR PA 64 0.72 51.36 8.04
C THR PA 64 -0.38 52.40 7.79
N THR PA 65 -0.63 52.73 6.53
CA THR PA 65 -1.43 53.90 6.16
C THR PA 65 -2.88 53.57 5.85
N LYS PA 66 -3.70 54.61 5.76
CA LYS PA 66 -5.01 54.56 5.09
C LYS PA 66 -5.08 55.65 4.03
N LYS PA 67 -5.97 55.46 3.05
CA LYS PA 67 -6.20 56.47 2.01
C LYS PA 67 -6.90 57.69 2.60
N ILE PA 68 -6.38 58.87 2.31
CA ILE PA 68 -6.93 60.12 2.82
C ILE PA 68 -8.07 60.55 1.92
N VAL PA 69 -9.28 60.55 2.47
CA VAL PA 69 -10.45 61.13 1.82
C VAL PA 69 -10.56 62.61 2.21
N LEU PA 70 -10.78 63.47 1.21
CA LEU PA 70 -11.28 64.83 1.43
C LEU PA 70 -12.79 64.87 1.29
N LYS PA 71 -13.48 65.28 2.35
CA LYS PA 71 -14.87 65.73 2.27
C LYS PA 71 -14.92 67.17 1.77
N LEU PA 72 -15.35 67.35 0.52
CA LEU PA 72 -15.67 68.67 -0.01
C LEU PA 72 -17.08 69.09 0.41
N GLU PA 73 -17.32 70.40 0.39
CA GLU PA 73 -18.59 70.99 0.82
C GLU PA 73 -18.78 72.33 0.11
N CYS PA 74 -19.78 72.42 -0.77
CA CYS PA 74 -20.01 73.63 -1.57
C CYS PA 74 -20.43 74.78 -0.69
N THR PA 75 -20.01 75.99 -1.06
CA THR PA 75 -20.30 77.20 -0.29
C THR PA 75 -21.78 77.59 -0.42
N LYS PA 76 -22.27 77.61 -1.67
CA LYS PA 76 -23.57 78.23 -1.99
C LYS PA 76 -24.73 77.26 -1.76
N CYS PA 77 -24.71 76.13 -2.48
CA CYS PA 77 -25.82 75.16 -2.46
C CYS PA 77 -25.69 74.07 -1.36
N LYS PA 78 -24.50 73.93 -0.78
CA LYS PA 78 -24.21 72.94 0.28
C LYS PA 78 -24.27 71.47 -0.18
N THR PA 79 -23.95 71.24 -1.45
CA THR PA 79 -23.61 69.90 -1.94
C THR PA 79 -22.28 69.45 -1.34
N LYS PA 80 -22.15 68.13 -1.13
CA LYS PA 80 -20.91 67.53 -0.65
C LYS PA 80 -20.52 66.35 -1.54
N ARG PA 81 -19.24 66.00 -1.55
CA ARG PA 81 -18.80 64.69 -2.04
C ARG PA 81 -17.45 64.29 -1.44
N LEU PA 82 -17.00 63.08 -1.81
CA LEU PA 82 -15.74 62.50 -1.33
C LEU PA 82 -14.72 62.37 -2.47
N LEU PA 83 -13.69 63.20 -2.44
CA LEU PA 83 -12.45 62.95 -3.19
C LEU PA 83 -11.53 62.05 -2.38
N PRO PA 84 -11.10 60.89 -2.95
CA PRO PA 84 -9.93 60.21 -2.39
C PRO PA 84 -8.61 60.86 -2.81
N ILE PA 85 -7.60 60.73 -1.97
CA ILE PA 85 -6.21 61.11 -2.31
C ILE PA 85 -5.29 59.95 -1.95
N LYS PA 86 -4.14 59.88 -2.63
CA LYS PA 86 -3.08 58.89 -2.36
C LYS PA 86 -2.68 58.79 -0.89
N ARG PA 87 -2.07 57.65 -0.53
CA ARG PA 87 -1.79 57.32 0.87
C ARG PA 87 -0.64 58.13 1.43
N CYS PA 88 -0.73 58.45 2.72
CA CYS PA 88 0.38 59.08 3.44
C CYS PA 88 0.24 58.93 4.95
N LYS PA 89 1.38 59.02 5.63
CA LYS PA 89 1.43 58.96 7.09
C LYS PA 89 1.13 60.35 7.66
N SER PA 90 1.91 61.34 7.24
CA SER PA 90 1.67 62.74 7.61
C SER PA 90 0.53 63.30 6.76
N PHE PA 91 -0.56 63.71 7.43
CA PHE PA 91 -1.56 64.57 6.81
C PHE PA 91 -1.86 65.77 7.71
N GLU PA 92 -2.04 66.93 7.08
CA GLU PA 92 -2.76 68.05 7.70
C GLU PA 92 -3.38 68.95 6.63
N LEU PA 93 -4.29 69.83 7.07
CA LEU PA 93 -4.77 70.94 6.23
C LEU PA 93 -4.75 72.30 6.95
N GLY PA 94 -3.84 72.44 7.92
CA GLY PA 94 -3.37 73.75 8.35
C GLY PA 94 -2.44 74.38 7.34
N ALA PA 95 -2.20 75.68 7.49
CA ALA PA 95 -1.52 76.49 6.47
C ALA PA 95 0.01 76.35 6.59
N GLU PA 96 0.75 77.45 6.84
CA GLU PA 96 2.21 77.48 6.79
C GLU PA 96 2.78 76.99 5.45
N LYS PA 97 2.79 77.90 4.47
CA LYS PA 97 3.38 77.63 3.15
C LYS PA 97 4.90 77.81 3.19
N LYS PA 98 5.56 77.41 2.10
CA LYS PA 98 7.02 77.43 2.01
C LYS PA 98 7.52 78.85 1.73
N ALA QA 2 28.63 -8.91 84.42
CA ALA QA 2 29.24 -7.96 83.46
C ALA QA 2 28.20 -6.94 82.97
N LYS QA 3 28.63 -5.68 82.85
CA LYS QA 3 28.02 -4.74 81.90
C LYS QA 3 28.62 -4.99 80.52
N ARG QA 4 27.75 -5.23 79.54
CA ARG QA 4 28.13 -5.89 78.28
C ARG QA 4 28.00 -4.99 77.04
N THR QA 5 27.55 -3.74 77.23
CA THR QA 5 27.85 -2.65 76.29
C THR QA 5 28.38 -1.40 77.02
N LYS QA 6 29.11 -0.58 76.28
CA LYS QA 6 29.62 0.70 76.77
C LYS QA 6 28.52 1.71 77.04
N LYS QA 7 27.79 2.12 75.98
CA LYS QA 7 26.84 3.24 76.06
C LYS QA 7 25.38 2.90 75.66
N VAL QA 8 25.20 2.18 74.54
CA VAL QA 8 23.89 2.15 73.84
C VAL QA 8 22.77 1.46 74.62
N GLY QA 9 23.13 0.52 75.48
CA GLY QA 9 22.25 0.05 76.55
C GLY QA 9 21.06 -0.74 76.03
N VAL QA 10 19.86 -0.23 76.26
CA VAL QA 10 18.62 -0.90 75.82
C VAL QA 10 18.43 -0.90 74.28
N VAL QA 11 19.13 -0.02 73.58
CA VAL QA 11 18.96 0.16 72.14
C VAL QA 11 20.09 -0.48 71.32
N GLY QA 12 20.75 -1.50 71.87
CA GLY QA 12 21.58 -2.41 71.07
C GLY QA 12 20.76 -3.24 70.10
N LYS QA 13 19.57 -3.63 70.57
CA LYS QA 13 18.40 -3.96 69.74
C LYS QA 13 18.47 -3.44 68.31
N TYR QA 14 18.44 -2.12 68.16
CA TYR QA 14 18.29 -1.48 66.84
C TYR QA 14 19.58 -1.48 66.01
N GLY QA 15 20.69 -1.93 66.61
CA GLY QA 15 21.81 -2.48 65.85
C GLY QA 15 22.73 -1.38 65.35
N THR QA 16 23.02 -1.40 64.05
CA THR QA 16 23.98 -0.47 63.43
C THR QA 16 23.30 0.39 62.37
N ARG QA 17 22.10 0.89 62.69
CA ARG QA 17 21.29 1.63 61.73
C ARG QA 17 20.33 2.63 62.40
N TYR QA 18 19.76 3.52 61.58
CA TYR QA 18 18.83 4.60 61.96
C TYR QA 18 19.50 5.93 62.34
N GLY QA 19 20.75 5.89 62.80
CA GLY QA 19 21.53 7.10 63.03
C GLY QA 19 21.49 7.54 64.49
N ALA QA 20 22.64 7.97 65.00
CA ALA QA 20 22.92 7.93 66.43
C ALA QA 20 22.15 8.98 67.23
N SER QA 21 21.78 10.09 66.58
CA SER QA 21 20.95 11.12 67.20
C SER QA 21 19.52 10.64 67.42
N LEU QA 22 18.93 10.08 66.37
CA LEU QA 22 17.60 9.45 66.45
C LEU QA 22 17.57 8.29 67.44
N ARG QA 23 18.63 7.51 67.45
CA ARG QA 23 18.74 6.35 68.34
C ARG QA 23 18.78 6.77 69.82
N LYS QA 24 19.35 7.94 70.10
CA LYS QA 24 19.46 8.48 71.46
C LYS QA 24 18.13 9.06 71.97
N GLN QA 25 17.37 9.73 71.09
CA GLN QA 25 16.00 10.17 71.39
C GLN QA 25 15.12 9.02 71.86
N VAL QA 26 15.24 7.89 71.16
CA VAL QA 26 14.51 6.68 71.50
C VAL QA 26 14.98 6.16 72.87
N LYS QA 27 16.29 6.07 73.06
CA LYS QA 27 16.89 5.49 74.28
C LYS QA 27 16.30 6.08 75.56
N LYS QA 28 16.16 7.40 75.60
CA LYS QA 28 15.76 8.10 76.84
C LYS QA 28 14.29 7.93 77.21
N ILE QA 29 13.40 7.81 76.21
CA ILE QA 29 11.95 7.58 76.44
C ILE QA 29 11.54 6.11 76.39
N GLU QA 30 12.33 5.27 75.70
CA GLU QA 30 12.23 3.82 75.84
C GLU QA 30 12.62 3.35 77.25
N LEU QA 31 13.63 3.99 77.82
CA LEU QA 31 13.99 3.79 79.24
C LEU QA 31 12.86 4.16 80.21
N GLN QA 32 12.09 5.18 79.89
CA GLN QA 32 10.92 5.56 80.69
C GLN QA 32 9.79 4.52 80.66
N GLN QA 33 9.40 4.10 79.46
CA GLN QA 33 8.15 3.31 79.30
C GLN QA 33 8.29 1.86 79.80
N HIS QA 34 9.46 1.26 79.62
CA HIS QA 34 9.75 -0.08 80.16
C HIS QA 34 10.00 -0.11 81.67
N ALA QA 35 10.07 1.05 82.32
CA ALA QA 35 10.14 1.12 83.79
C ALA QA 35 8.85 0.66 84.45
N LYS QA 36 8.99 0.11 85.66
CA LYS QA 36 7.91 0.09 86.65
C LYS QA 36 7.79 1.45 87.32
N TYR QA 37 6.56 1.86 87.60
CA TYR QA 37 6.28 3.07 88.37
C TYR QA 37 5.52 2.69 89.63
N SER QA 38 5.56 3.55 90.64
CA SER QA 38 4.80 3.33 91.87
C SER QA 38 3.32 3.54 91.61
N CYS QA 39 2.50 2.63 92.15
CA CYS QA 39 1.05 2.76 92.11
C CYS QA 39 0.61 3.82 93.12
N PRO QA 40 -0.34 4.71 92.73
CA PRO QA 40 -1.02 5.56 93.71
C PRO QA 40 -1.76 4.79 94.81
N PHE QA 41 -2.39 3.68 94.45
CA PHE QA 41 -3.53 3.15 95.21
C PHE QA 41 -3.13 2.04 96.19
N CYS QA 42 -2.24 1.14 95.76
CA CYS QA 42 -1.70 0.10 96.64
C CYS QA 42 -0.36 0.48 97.29
N GLY QA 43 0.48 1.19 96.55
CA GLY QA 43 1.83 1.56 97.00
C GLY QA 43 2.94 0.87 96.24
N LYS QA 44 2.71 -0.38 95.84
CA LYS QA 44 3.78 -1.24 95.33
C LYS QA 44 4.26 -0.76 93.95
N MET QA 45 5.57 -0.77 93.73
CA MET QA 45 6.07 -0.28 92.47
C MET QA 45 5.95 -1.34 91.39
N ALA QA 46 4.71 -1.62 91.02
CA ALA QA 46 4.44 -2.59 89.97
C ALA QA 46 3.41 -2.05 89.00
N THR QA 47 3.78 -1.03 88.23
CA THR QA 47 2.89 -0.45 87.25
C THR QA 47 3.54 -0.62 85.90
N LYS QA 48 2.80 -1.13 84.93
CA LYS QA 48 3.35 -1.36 83.61
C LYS QA 48 2.46 -0.72 82.57
N ARG QA 49 3.03 -0.39 81.42
CA ARG QA 49 2.25 0.26 80.37
C ARG QA 49 1.59 -0.73 79.45
N GLN QA 50 0.28 -0.88 79.61
CA GLN QA 50 -0.51 -1.78 78.80
C GLN QA 50 -0.61 -1.38 77.33
N ALA QA 51 -0.80 -0.09 77.11
CA ALA QA 51 -0.92 0.48 75.78
C ALA QA 51 -0.59 1.94 75.94
N VAL QA 52 -0.34 2.64 74.84
CA VAL QA 52 -0.02 4.05 74.97
C VAL QA 52 -1.21 4.71 75.64
N GLY QA 53 -0.92 5.46 76.69
CA GLY QA 53 -1.92 6.17 77.46
C GLY QA 53 -2.64 5.35 78.51
N ILE QA 54 -2.31 4.06 78.63
CA ILE QA 54 -2.94 3.19 79.62
C ILE QA 54 -1.90 2.47 80.46
N TRP QA 55 -2.08 2.50 81.78
CA TRP QA 55 -1.13 1.85 82.68
C TRP QA 55 -1.86 0.94 83.67
N LYS QA 56 -1.27 -0.22 83.96
CA LYS QA 56 -1.86 -1.16 84.90
C LYS QA 56 -0.94 -1.51 86.06
N CYS QA 57 -1.48 -1.47 87.27
CA CYS QA 57 -0.71 -1.81 88.45
C CYS QA 57 -0.86 -3.31 88.53
N ARG QA 58 0.23 -4.04 88.39
CA ARG QA 58 0.15 -5.49 88.41
C ARG QA 58 -0.35 -6.09 89.71
N GLY QA 59 0.18 -5.62 90.84
CA GLY QA 59 -0.27 -6.14 92.11
C GLY QA 59 -1.71 -5.76 92.45
N CYS QA 60 -2.01 -4.49 92.24
CA CYS QA 60 -3.33 -3.91 92.52
C CYS QA 60 -4.49 -4.40 91.65
N SER QA 61 -4.22 -4.52 90.35
CA SER QA 61 -5.17 -4.93 89.32
C SER QA 61 -5.88 -3.73 88.69
N LYS QA 62 -5.80 -2.58 89.35
CA LYS QA 62 -6.37 -1.33 88.81
C LYS QA 62 -5.65 -0.90 87.55
N VAL QA 63 -6.41 -0.32 86.64
CA VAL QA 63 -5.88 0.33 85.44
C VAL QA 63 -6.15 1.84 85.59
N MET QA 64 -5.25 2.65 85.04
CA MET QA 64 -5.39 4.11 85.04
C MET QA 64 -4.82 4.73 83.78
N THR QA 65 -5.27 5.96 83.49
CA THR QA 65 -4.76 6.75 82.38
C THR QA 65 -3.56 7.58 82.80
N GLY QA 66 -2.73 7.87 81.81
CA GLY QA 66 -1.46 8.55 82.02
C GLY QA 66 -0.91 9.07 80.71
N GLY QA 67 0.40 9.26 80.69
CA GLY QA 67 1.11 9.62 79.46
C GLY QA 67 1.18 8.48 78.46
N ALA QA 68 1.67 8.81 77.28
CA ALA QA 68 2.17 7.80 76.35
C ALA QA 68 3.26 6.97 77.01
N TRP QA 69 4.30 7.63 77.48
CA TRP QA 69 5.56 6.97 77.84
C TRP QA 69 6.05 7.20 79.27
N THR QA 70 5.26 7.87 80.10
CA THR QA 70 5.38 7.75 81.54
C THR QA 70 4.00 7.84 82.20
N LEU QA 71 3.91 7.36 83.43
CA LEU QA 71 2.64 7.34 84.17
C LEU QA 71 2.05 8.73 84.33
N GLN QA 72 2.91 9.69 84.72
CA GLN QA 72 2.50 11.06 84.97
C GLN QA 72 3.29 12.00 84.06
N THR QA 73 2.63 12.53 83.04
CA THR QA 73 3.18 13.66 82.27
C THR QA 73 3.16 14.94 83.12
N ALA QA 74 4.20 15.76 82.98
CA ALA QA 74 4.44 16.89 83.88
C ALA QA 74 3.42 18.00 83.71
N ALA QA 75 2.94 18.19 82.47
CA ALA QA 75 1.82 19.07 82.18
C ALA QA 75 0.56 18.71 82.98
N ALA QA 76 0.27 17.41 83.05
CA ALA QA 76 -0.88 16.91 83.81
C ALA QA 76 -0.71 17.04 85.32
N ALA QA 77 0.53 16.96 85.80
CA ALA QA 77 0.85 17.25 87.21
C ALA QA 77 0.62 18.71 87.58
N THR QA 78 0.86 19.63 86.64
CA THR QA 78 0.57 21.05 86.83
C THR QA 78 -0.92 21.36 86.94
N VAL QA 79 -1.75 20.64 86.17
CA VAL QA 79 -3.20 20.82 86.19
C VAL QA 79 -3.83 20.29 87.48
N ARG QA 80 -3.30 19.18 88.00
CA ARG QA 80 -3.76 18.65 89.28
C ARG QA 80 -3.46 19.59 90.45
N SER QA 81 -2.37 20.33 90.36
CA SER QA 81 -2.06 21.42 91.29
C SER QA 81 -3.04 22.59 91.17
N THR QA 82 -3.23 23.08 89.94
CA THR QA 82 -3.94 24.34 89.70
C THR QA 82 -5.46 24.23 89.87
N VAL QA 83 -6.02 23.05 89.60
CA VAL QA 83 -7.46 22.81 89.79
C VAL QA 83 -7.81 22.63 91.27
N ALA QA 84 -6.92 22.02 92.05
CA ALA QA 84 -7.02 22.00 93.52
C ALA QA 84 -7.01 23.41 94.14
N ARG QA 85 -6.23 24.31 93.54
CA ARG QA 85 -6.18 25.72 93.95
C ARG QA 85 -7.45 26.49 93.57
N LEU QA 86 -7.86 26.35 92.30
CA LEU QA 86 -9.08 27.00 91.79
C LEU QA 86 -10.37 26.58 92.50
N ARG QA 87 -10.42 25.34 93.00
CA ARG QA 87 -11.53 24.87 93.82
C ARG QA 87 -11.55 25.50 95.22
N LYS QA 88 -10.36 25.72 95.79
CA LYS QA 88 -10.23 26.25 97.15
C LYS QA 88 -10.64 27.73 97.27
N GLN QA 89 -10.18 28.54 96.31
CA GLN QA 89 -10.51 29.98 96.29
C GLN QA 89 -11.99 30.27 95.98
N ALA QA 90 -12.63 29.41 95.18
CA ALA QA 90 -14.07 29.48 94.93
C ALA QA 90 -14.89 29.14 96.19
N GLY QA 91 -14.41 28.18 96.97
CA GLY QA 91 -14.94 27.93 98.32
C GLY QA 91 -16.13 26.98 98.29
N VAL RA 2 -49.36 -2.85 -51.44
CA VAL RA 2 -49.37 -2.64 -52.91
C VAL RA 2 -47.94 -2.48 -53.44
N SER RA 3 -47.26 -1.44 -52.97
CA SER RA 3 -45.90 -1.13 -53.43
C SER RA 3 -44.93 -2.26 -53.08
N SER RA 4 -44.10 -2.64 -54.06
CA SER RA 4 -43.11 -3.70 -53.86
C SER RA 4 -41.98 -3.25 -52.94
N GLU RA 5 -41.51 -2.01 -53.13
CA GLU RA 5 -40.38 -1.49 -52.36
C GLU RA 5 -40.73 -1.17 -50.91
N LEU RA 6 -41.96 -0.75 -50.65
CA LEU RA 6 -42.42 -0.46 -49.28
C LEU RA 6 -42.58 -1.73 -48.45
N LEU RA 7 -43.21 -2.75 -49.02
CA LEU RA 7 -43.27 -4.08 -48.40
C LEU RA 7 -41.90 -4.71 -48.15
N TRP RA 8 -40.95 -4.43 -49.04
CA TRP RA 8 -39.58 -4.91 -48.88
C TRP RA 8 -38.88 -4.26 -47.69
N GLN RA 9 -39.02 -2.94 -47.55
CA GLN RA 9 -38.40 -2.20 -46.44
C GLN RA 9 -39.00 -2.52 -45.05
N CYS RA 10 -40.15 -3.19 -45.01
CA CYS RA 10 -40.57 -3.93 -43.81
C CYS RA 10 -39.78 -5.21 -43.64
N VAL RA 11 -39.90 -6.12 -44.60
CA VAL RA 11 -39.63 -7.55 -44.39
C VAL RA 11 -38.29 -8.05 -44.95
N ARG RA 12 -37.44 -7.13 -45.42
CA ARG RA 12 -36.10 -7.50 -45.93
C ARG RA 12 -35.21 -8.16 -44.87
N ARG RA 13 -35.19 -7.57 -43.67
CA ARG RA 13 -34.30 -8.01 -42.60
C ARG RA 13 -34.84 -9.22 -41.86
N ASN RA 14 -36.16 -9.26 -41.69
CA ASN RA 14 -36.82 -10.34 -40.95
C ASN RA 14 -38.16 -10.82 -41.51
N HIS RA 15 -38.31 -12.13 -41.55
CA HIS RA 15 -39.53 -12.81 -41.96
C HIS RA 15 -39.38 -14.26 -41.55
N CYS RA 16 -40.44 -15.05 -41.66
CA CYS RA 16 -40.35 -16.44 -41.24
C CYS RA 16 -39.31 -17.25 -42.00
N PHE RA 17 -39.26 -17.03 -43.31
CA PHE RA 17 -38.37 -17.74 -44.21
C PHE RA 17 -36.84 -17.65 -44.11
N ILE RA 18 -36.31 -16.45 -43.86
CA ILE RA 18 -34.85 -16.26 -43.85
C ILE RA 18 -34.18 -17.40 -43.08
N ARG RA 19 -33.13 -17.98 -43.66
CA ARG RA 19 -32.37 -19.07 -43.05
C ARG RA 19 -30.86 -18.93 -43.29
N LYS RA 20 -30.16 -18.45 -42.26
CA LYS RA 20 -28.77 -17.99 -42.38
C LYS RA 20 -27.76 -19.04 -41.95
N PHE RA 21 -26.57 -19.00 -42.54
CA PHE RA 21 -25.37 -19.62 -41.96
C PHE RA 21 -24.12 -18.96 -42.54
N ASN RA 22 -23.29 -18.40 -41.65
CA ASN RA 22 -22.24 -17.45 -42.03
C ASN RA 22 -22.81 -16.29 -42.88
N GLY RA 23 -22.12 -15.89 -43.96
CA GLY RA 23 -22.61 -14.82 -44.83
C GLY RA 23 -23.82 -15.16 -45.69
N ILE RA 24 -24.09 -16.46 -45.86
CA ILE RA 24 -25.18 -16.93 -46.71
C ILE RA 24 -26.53 -16.59 -46.06
N THR RA 25 -27.52 -16.28 -46.90
CA THR RA 25 -28.93 -16.28 -46.50
C THR RA 25 -29.82 -16.79 -47.64
N LEU RA 26 -30.84 -17.57 -47.29
CA LEU RA 26 -31.75 -18.17 -48.27
C LEU RA 26 -33.20 -18.09 -47.77
N SER RA 27 -34.14 -18.32 -48.69
CA SER RA 27 -35.55 -17.96 -48.50
C SER RA 27 -36.49 -19.08 -48.94
N ALA RA 28 -37.15 -19.71 -47.97
CA ALA RA 28 -37.84 -21.00 -48.17
C ALA RA 28 -39.25 -20.94 -48.81
N GLU RA 29 -39.70 -19.76 -49.25
CA GLU RA 29 -41.06 -19.63 -49.83
C GLU RA 29 -41.24 -20.35 -51.17
N ARG RA 30 -42.49 -20.56 -51.55
CA ARG RA 30 -42.84 -21.18 -52.84
C ARG RA 30 -42.48 -20.29 -54.03
N MET RA 31 -42.79 -19.00 -53.92
CA MET RA 31 -42.94 -18.12 -55.07
C MET RA 31 -41.61 -17.44 -55.42
N ASN RA 32 -40.57 -18.26 -55.62
CA ASN RA 32 -39.18 -17.81 -55.50
C ASN RA 32 -38.22 -18.76 -56.23
N LEU RA 33 -37.84 -18.38 -57.44
CA LEU RA 33 -36.66 -18.95 -58.10
C LEU RA 33 -35.40 -18.50 -57.37
N THR RA 34 -34.37 -19.34 -57.38
CA THR RA 34 -33.14 -19.20 -56.56
C THR RA 34 -33.27 -19.64 -55.10
N ASN RA 35 -34.32 -19.17 -54.42
CA ASN RA 35 -34.34 -19.02 -52.96
C ASN RA 35 -33.18 -18.14 -52.44
N LYS RA 36 -33.08 -16.94 -53.02
CA LYS RA 36 -32.28 -15.85 -52.45
C LYS RA 36 -33.19 -14.74 -51.94
N ASN RA 37 -32.71 -14.00 -50.94
CA ASN RA 37 -33.46 -12.91 -50.34
C ASN RA 37 -33.09 -11.58 -50.99
N THR RA 38 -33.76 -11.27 -52.10
CA THR RA 38 -33.67 -9.95 -52.75
C THR RA 38 -35.07 -9.42 -53.06
N LEU RA 39 -35.13 -8.17 -53.51
CA LEU RA 39 -36.38 -7.56 -53.97
C LEU RA 39 -36.96 -8.27 -55.20
N LYS RA 40 -36.09 -8.68 -56.12
CA LYS RA 40 -36.50 -9.23 -57.41
C LYS RA 40 -37.13 -10.60 -57.26
N TYR RA 41 -36.37 -11.54 -56.70
CA TYR RA 41 -36.72 -12.96 -56.73
C TYR RA 41 -37.85 -13.32 -55.76
N SER RA 42 -37.94 -12.61 -54.63
CA SER RA 42 -38.70 -13.08 -53.47
C SER RA 42 -40.21 -12.99 -53.67
N GLY RA 43 -40.94 -13.85 -52.95
CA GLY RA 43 -42.37 -14.05 -53.16
C GLY RA 43 -43.21 -12.96 -52.52
N ILE RA 44 -43.46 -13.12 -51.23
CA ILE RA 44 -43.90 -12.05 -50.30
C ILE RA 44 -44.01 -10.62 -50.88
N ALA RA 45 -42.88 -10.04 -51.27
CA ALA RA 45 -42.78 -8.59 -51.46
C ALA RA 45 -43.27 -8.15 -52.85
N HIS RA 46 -42.83 -8.85 -53.88
CA HIS RA 46 -42.91 -8.34 -55.26
C HIS RA 46 -44.32 -8.48 -55.84
N LYS RA 47 -44.65 -7.60 -56.79
CA LYS RA 47 -45.80 -7.80 -57.68
C LYS RA 47 -45.48 -8.83 -58.75
N GLN RA 48 -46.43 -9.74 -59.01
CA GLN RA 48 -46.20 -10.92 -59.86
C GLN RA 48 -44.89 -11.64 -59.51
N PRO RA 49 -44.88 -12.36 -58.37
CA PRO RA 49 -43.85 -13.37 -58.15
C PRO RA 49 -44.17 -14.66 -58.89
N LEU RA 50 -43.19 -15.54 -59.00
CA LEU RA 50 -43.43 -16.91 -59.45
C LEU RA 50 -42.36 -17.89 -58.98
N GLY RA 51 -42.74 -19.17 -58.93
CA GLY RA 51 -41.85 -20.26 -58.54
C GLY RA 51 -41.85 -21.37 -59.58
N LEU RA 52 -40.73 -22.07 -59.70
CA LEU RA 52 -40.71 -23.41 -60.30
C LEU RA 52 -40.32 -24.43 -59.24
N ASN RA 53 -41.27 -25.30 -58.90
CA ASN RA 53 -41.08 -26.30 -57.85
C ASN RA 53 -41.47 -27.68 -58.35
N ARG RA 54 -40.73 -28.71 -57.97
CA ARG RA 54 -41.13 -30.02 -58.40
C ARG RA 54 -42.49 -30.15 -57.70
N HIS RA 55 -43.49 -30.65 -58.39
CA HIS RA 55 -44.83 -30.76 -57.79
C HIS RA 55 -44.89 -31.74 -56.62
N GLY RA 56 -45.69 -31.39 -55.62
CA GLY RA 56 -45.81 -32.22 -54.44
C GLY RA 56 -46.78 -33.38 -54.49
N ALA RA 57 -46.48 -34.35 -55.35
CA ALA RA 57 -47.27 -35.56 -55.47
C ALA RA 57 -46.21 -36.63 -55.60
N ASN RA 58 -45.37 -36.74 -54.59
CA ASN RA 58 -44.25 -37.67 -54.62
C ASN RA 58 -43.16 -37.10 -55.53
N ASN RA 59 -43.33 -35.83 -55.90
CA ASN RA 59 -42.38 -35.11 -56.75
C ASN RA 59 -42.15 -35.70 -58.14
N GLY RA 60 -43.21 -36.21 -58.77
CA GLY RA 60 -43.12 -36.80 -60.10
C GLY RA 60 -43.06 -35.79 -61.23
N CYS RA 61 -43.59 -34.59 -60.99
CA CYS RA 61 -43.74 -33.58 -62.04
C CYS RA 61 -43.57 -32.16 -61.50
N ILE RA 62 -43.45 -31.20 -62.42
CA ILE RA 62 -43.09 -29.82 -62.11
C ILE RA 62 -44.36 -28.96 -62.01
N ALA RA 63 -44.35 -27.99 -61.09
CA ALA RA 63 -45.33 -26.90 -61.07
C ALA RA 63 -44.67 -25.57 -61.47
N LEU RA 64 -45.38 -24.78 -62.28
CA LEU RA 64 -45.17 -23.33 -62.33
C LEU RA 64 -46.24 -22.63 -61.50
N VAL RA 65 -45.80 -22.02 -60.40
CA VAL RA 65 -46.70 -21.35 -59.44
C VAL RA 65 -46.62 -19.85 -59.68
N THR RA 66 -47.78 -19.20 -59.79
CA THR RA 66 -47.87 -17.79 -60.23
C THR RA 66 -49.00 -17.05 -59.52
N VAL RA 67 -49.06 -15.74 -59.76
CA VAL RA 67 -50.22 -14.90 -59.40
C VAL RA 67 -50.88 -14.36 -60.67
N GLN RA 68 -52.17 -14.05 -60.58
CA GLN RA 68 -52.89 -13.34 -61.64
C GLN RA 68 -52.29 -11.96 -61.92
N LYS RA 69 -52.21 -11.59 -63.20
CA LYS RA 69 -51.39 -10.45 -63.63
C LYS RA 69 -52.08 -9.11 -63.37
N CYS RA 70 -51.27 -8.06 -63.23
CA CYS RA 70 -51.69 -6.76 -62.71
C CYS RA 70 -52.32 -6.84 -61.30
N SER RA 71 -51.81 -7.77 -60.50
CA SER RA 71 -52.29 -8.04 -59.14
C SER RA 71 -53.82 -7.97 -58.97
N ARG RA 72 -54.52 -8.92 -59.59
CA ARG RA 72 -55.98 -8.84 -59.72
C ARG RA 72 -56.69 -9.16 -58.41
N ALA RA 73 -56.47 -10.38 -57.90
CA ALA RA 73 -57.18 -10.86 -56.72
C ALA RA 73 -56.27 -10.84 -55.49
N MET RA 74 -55.53 -9.74 -55.30
CA MET RA 74 -54.39 -9.70 -54.38
C MET RA 74 -54.78 -9.91 -52.91
N ARG RA 75 -55.97 -9.46 -52.54
CA ARG RA 75 -56.49 -9.65 -51.18
C ARG RA 75 -57.09 -11.05 -50.92
N LYS RA 76 -57.27 -11.86 -51.96
CA LYS RA 76 -57.91 -13.17 -51.85
C LYS RA 76 -56.91 -14.28 -52.18
N PRO RA 77 -56.16 -14.77 -51.18
CA PRO RA 77 -54.98 -15.61 -51.47
C PRO RA 77 -55.28 -17.05 -51.92
N THR RA 78 -56.51 -17.54 -51.72
CA THR RA 78 -57.01 -18.73 -52.41
C THR RA 78 -57.06 -18.52 -53.92
N ARG RA 79 -57.70 -17.42 -54.32
CA ARG RA 79 -57.99 -17.13 -55.73
C ARG RA 79 -56.75 -16.61 -56.50
N ALA RA 80 -55.87 -15.89 -55.81
CA ALA RA 80 -54.70 -15.27 -56.44
C ALA RA 80 -53.71 -16.30 -56.99
N VAL RA 81 -53.36 -17.28 -56.15
CA VAL RA 81 -52.27 -18.21 -56.45
C VAL RA 81 -52.75 -19.28 -57.43
N GLN RA 82 -52.22 -19.23 -58.65
CA GLN RA 82 -52.49 -20.23 -59.69
C GLN RA 82 -51.36 -21.25 -59.80
N VAL RA 83 -51.67 -22.39 -60.42
CA VAL RA 83 -50.69 -23.44 -60.69
C VAL RA 83 -50.83 -23.94 -62.13
N ARG RA 84 -49.71 -24.32 -62.74
CA ARG RA 84 -49.68 -25.11 -63.97
C ARG RA 84 -48.73 -26.28 -63.80
N LYS RA 85 -49.25 -27.51 -63.90
CA LYS RA 85 -48.40 -28.70 -63.91
C LYS RA 85 -47.70 -28.89 -65.25
N PHE RA 86 -46.48 -29.40 -65.18
CA PHE RA 86 -45.66 -29.68 -66.37
C PHE RA 86 -44.88 -30.97 -66.19
N LYS RA 87 -44.72 -31.71 -67.29
CA LYS RA 87 -43.93 -32.93 -67.34
C LYS RA 87 -42.43 -32.59 -67.38
N LYS RA 88 -41.62 -33.45 -66.77
CA LYS RA 88 -40.15 -33.27 -66.77
C LYS RA 88 -39.54 -33.64 -68.11
N SER RA 89 -39.23 -32.65 -68.95
CA SER RA 89 -38.54 -32.89 -70.23
C SER RA 89 -37.85 -31.64 -70.78
N LYS RA 90 -36.95 -31.87 -71.73
CA LYS RA 90 -36.40 -30.78 -72.57
C LYS RA 90 -37.44 -30.21 -73.54
N LYS RA 91 -38.40 -31.04 -73.95
CA LYS RA 91 -39.47 -30.61 -74.86
C LYS RA 91 -40.41 -29.59 -74.22
N GLU RA 92 -40.85 -29.87 -73.00
CA GLU RA 92 -41.75 -28.96 -72.26
C GLU RA 92 -41.01 -27.84 -71.50
N MET RA 93 -39.72 -27.66 -71.76
CA MET RA 93 -39.05 -26.37 -71.55
C MET RA 93 -39.66 -25.23 -72.38
N SER RA 94 -40.06 -25.52 -73.62
CA SER RA 94 -40.56 -24.49 -74.55
C SER RA 94 -41.92 -23.89 -74.14
N LYS RA 95 -42.79 -24.72 -73.56
CA LYS RA 95 -44.05 -24.25 -72.97
C LYS RA 95 -43.84 -23.41 -71.71
N VAL RA 96 -42.88 -23.80 -70.88
CA VAL RA 96 -42.54 -23.07 -69.65
C VAL RA 96 -41.86 -21.74 -69.97
N MET RA 97 -40.90 -21.78 -70.90
CA MET RA 97 -40.19 -20.58 -71.39
C MET RA 97 -41.15 -19.50 -71.91
N LYS RA 98 -42.20 -19.91 -72.61
CA LYS RA 98 -43.27 -19.00 -73.05
C LYS RA 98 -44.10 -18.45 -71.89
N ALA RA 99 -44.52 -19.34 -70.99
CA ALA RA 99 -45.41 -18.98 -69.88
C ALA RA 99 -44.78 -18.01 -68.88
N VAL RA 100 -43.47 -18.10 -68.69
CA VAL RA 100 -42.73 -17.19 -67.81
C VAL RA 100 -42.67 -15.77 -68.39
N ALA RA 101 -42.32 -15.66 -69.68
CA ALA RA 101 -42.09 -14.35 -70.31
C ALA RA 101 -43.35 -13.50 -70.49
N GLU RA 102 -44.53 -14.15 -70.47
CA GLU RA 102 -45.81 -13.44 -70.33
C GLU RA 102 -45.95 -12.72 -69.00
N ARG RA 103 -45.57 -13.38 -67.91
CA ARG RA 103 -45.63 -12.80 -66.56
C ARG RA 103 -44.46 -11.84 -66.36
N ARG RA 104 -43.24 -12.36 -66.54
CA ARG RA 104 -42.00 -11.63 -66.30
C ARG RA 104 -40.97 -11.97 -67.38
N PRO RA 105 -40.63 -10.99 -68.24
CA PRO RA 105 -39.55 -11.24 -69.22
C PRO RA 105 -38.15 -11.32 -68.61
N ASP RA 106 -37.92 -10.58 -67.52
CA ASP RA 106 -36.59 -10.46 -66.90
C ASP RA 106 -36.08 -11.72 -66.20
N LEU RA 107 -37.00 -12.61 -65.81
CA LEU RA 107 -36.67 -13.79 -65.00
C LEU RA 107 -36.41 -15.04 -65.85
N LEU RA 108 -36.09 -14.85 -67.14
CA LEU RA 108 -36.25 -15.91 -68.14
C LEU RA 108 -35.01 -16.80 -68.26
N LYS RA 109 -33.83 -16.17 -68.20
CA LYS RA 109 -32.55 -16.91 -68.14
C LYS RA 109 -32.44 -17.84 -66.93
N VAL RA 110 -32.95 -17.39 -65.77
CA VAL RA 110 -32.84 -18.13 -64.51
C VAL RA 110 -33.90 -19.23 -64.43
N ALA RA 111 -35.05 -19.02 -65.07
CA ALA RA 111 -36.02 -20.10 -65.32
C ALA RA 111 -35.43 -21.23 -66.16
N ASN RA 112 -34.70 -20.87 -67.22
CA ASN RA 112 -33.99 -21.84 -68.06
C ASN RA 112 -32.86 -22.55 -67.31
N LYS RA 113 -32.20 -21.83 -66.41
CA LYS RA 113 -31.20 -22.40 -65.50
C LYS RA 113 -31.81 -23.44 -64.55
N LYS RA 114 -32.94 -23.09 -63.94
CA LYS RA 114 -33.60 -23.95 -62.94
C LYS RA 114 -34.32 -25.13 -63.59
N MET RA 115 -35.06 -24.87 -64.67
CA MET RA 115 -35.85 -25.91 -65.35
C MET RA 115 -34.98 -27.07 -65.83
N LYS RA 116 -33.81 -26.75 -66.38
CA LYS RA 116 -32.75 -27.72 -66.69
C LYS RA 116 -32.35 -28.57 -65.48
N LYS RA 117 -32.12 -27.90 -64.35
CA LYS RA 117 -31.77 -28.57 -63.08
C LYS RA 117 -32.92 -29.41 -62.52
N LEU RA 118 -34.13 -28.89 -62.65
CA LEU RA 118 -35.34 -29.51 -62.14
C LEU RA 118 -35.69 -30.86 -62.75
N ILE RA 119 -35.47 -31.01 -64.04
CA ILE RA 119 -35.81 -32.24 -64.73
C ILE RA 119 -35.07 -33.43 -64.15
N ARG RA 120 -33.83 -33.18 -63.73
CA ARG RA 120 -32.97 -34.20 -63.15
C ARG RA 120 -33.45 -34.70 -61.80
N THR RA 121 -34.42 -34.02 -61.20
CA THR RA 121 -34.91 -34.41 -59.88
C THR RA 121 -35.45 -35.85 -59.82
N ASN RA 123 -37.80 -38.03 -57.66
CA ASN RA 123 -38.97 -38.88 -57.41
C ASN RA 123 -39.00 -39.60 -56.04
N SER RA 124 -39.84 -39.13 -55.14
CA SER RA 124 -39.97 -39.76 -53.83
C SER RA 124 -40.93 -40.95 -53.91
#